data_8JW0
#
_entry.id   8JW0
#
_cell.length_a   1.00
_cell.length_b   1.00
_cell.length_c   1.00
_cell.angle_alpha   90.00
_cell.angle_beta   90.00
_cell.angle_gamma   90.00
#
_symmetry.space_group_name_H-M   'P 1'
#
loop_
_entity.id
_entity.type
_entity.pdbx_description
1 polymer 'Photosystem I PsaA'
2 polymer 'Photosystem I PsaB'
3 polymer 'Photosystem I PsaC'
4 polymer 'Photosystem I PsaD'
5 polymer 'Photosystem I PsaE'
6 polymer 'Photosystem I PsaF'
7 polymer 'Photosystem I PsaR'
8 polymer 'Photosystem I PsaI'
9 polymer 'Photosystem I PsaJ'
10 polymer 'Photosystem I PsaL'
11 polymer 'Photosystem I PsaM'
12 polymer 'Chlorophyll a-chlorophyll c-peridinin-protein-complex I-10, acpPCI-10'
13 polymer 'Chlorophyll a-chlorophyll c-peridinin-protein-complex I-8, acpPCI-8'
14 polymer 'Chlorophyll a-chlorophyll c-peridinin-protein-complex I-7, acpPCI-7'
15 polymer 'Chlorophyll a-chlorophyll c-peridinin-protein-complex I-6, acpPCI-6'
16 polymer 'Chlorophyll a-chlorophyll c-peridinin-protein-complex I-2, acpPCI-2'
17 polymer 'Chlorophyll a-chlorophyll c-peridinin-protein-complex I-3, acpPCI-3'
18 polymer 'Chlorophyll a-chlorophyll c-peridinin-protein-complex I-4, acpPCI-4'
19 polymer 'Chlorophyll a-chlorophyll c-peridinin-protein-complex I-5, acpPCI-5'
20 polymer 'Chlorophyll a-chlorophyll c-peridinin-protein-complex I-9, acpPCI-9'
21 polymer 'Chlorophyll a-chlorophyll c-peridinin-protein-complex I-11, acpPCI-11'
22 polymer 'Chlorophyll a-chlorophyll c-peridinin-protein-complex I-12, acpPCI-12'
23 polymer 'Chlorophyll a-chlorophyll c-peridinin-protein-complex I-13, acpPCI-13'
24 polymer 'Chlorophyll a-chlorophyll c-peridinin-protein-complex I-15, acpPCI-15'
25 polymer 'Chlorophyll a-chlorophyll c-peridinin-protein-complex I-16, acpPCI-16'
26 polymer 'Chlorophyll a-chlorophyll c-peridinin-protein-complex I-17, acpPCI-17'
27 polymer 'Chlorophyll a-chlorophyll c-peridinin-protein-complex I-14, acpPCI-14'
28 polymer 'Chlorophyll a-chlorophyll c-peridinin-protein-complex I-1, acpPCI-1'
29 non-polymer 'CHLOROPHYLL A'
30 non-polymer PHYLLOQUINONE
31 non-polymer 1,2-DIPALMITOYL-PHOSPHATIDYL-GLYCEROLE
32 non-polymer BETA-CAROTENE
33 non-polymer 'IRON/SULFUR CLUSTER'
34 non-polymer 1,2-DISTEAROYL-MONOGALACTOSYL-DIGLYCERIDE
35 non-polymer 'DIGALACTOSYL DIACYL GLYCEROL (DGDG)'
36 non-polymer "(3S,3'R,5R,6S,7cis)-7',8'-didehydro-5,6-dihydro-5,6-epoxy-beta,beta-carotene-3,3'-diol"
37 non-polymer PERIDININ
38 non-polymer '[(1~{S},5~{R})-3,3,5-trimethyl-5-oxidanyl-4-[(3~{E},5~{E},7~{E},9~{E},11~{E},13~{E},15~{E},17~{E})-3,7,12,16-tetramethyl-18-[(1~{S},4~{S},6~{R})-2,2,6-trimethyl-4-oxidanyl-7-oxabicyclo[4.1.0]heptan-1-yl]octadeca-1,3,5,7,9,11,13,15,17-nonaenylidene]cyclohexyl] ethanoate'
39 non-polymer 'Chlorophyll c1'
40 non-polymer 1,2-DI-O-ACYL-3-O-[6-DEOXY-6-SULFO-ALPHA-D-GLUCOPYRANOSYL]-SN-GLYCEROL
#
loop_
_entity_poly.entity_id
_entity_poly.type
_entity_poly.pdbx_seq_one_letter_code
_entity_poly.pdbx_strand_id
1 'polypeptide(L)'
;DFSKAAFGSATGLVAKAASQTTTAIWNLHADAHDFSNSSYLSKQVFAANLAHIGVVFIWLSGMHFHGAYFSNYLDWLQDP
SIAPTAQQVSNIANQSVLNPIRVTSGFFNLWLAEGITSTYQLKVIAAFGLIASALCFLGSYFHMHSSTSFTRVLNTKLTS
LSTHHLVGLLGLGSLAWAGHLIHISLPVNILLNAGVAVPSPHSLLSSKAVATIVEQLSFSALTSSDGYVWQPLVYSAMHH
FALALVLIVGSIFLSTASNPLMSFTVGSSWHLVLGVQLFVTGTASVLYAQMSNAYPVYPYLLTDHPTVVSLFVHHMWIGG
FFLVGAFAHLSIGLVRDTLPQSFSVVLTQRDIILGHLTWVVAFLGVHSFGLYVHNDTMQALGRPDDMFSDNAISLLPVFA
RWSTLTLNSTGSAVSVLGVELSTADFMVTHIHAFTIHTTVLILVKGFLYARSSRLVNDKYKLDFRYPCDGPGRGGTCQIS
PWDHVFLGLFWMYNSISVVIFHFFWEYQSNLASIKASAGGSIRALASDFELNSINTNGWLRNFLWSGAAQVIQSYGSPLA
AYGLTFLASHFVWALSLMFLFSGRGYWQELIESVLWAHHKLYVVPHIQPRALSITSGRAVGLTHYLLGGIGTTWSFFLAR
IVATA
;
a
2 'polypeptide(L)'
;YGRCATQRYFQVLGNIHDIELNESLNSPQAIQALSFGQLSVILLWLAAYTFHIGWSGNFEAFIDNPLGVQPINHFVLDPH
YSQYKVDTTIAALTNHPIYHWLMTVGFTSNAQIYRFTLGLEITAAVMLVLSLAPSVGLLSMGGLEVVSWISICWAGHLVN
FAPGAANLTNVVMEGPGSLGNLMNVLTFNGGIQLGTQALAVSDVAHHHVAIGIVGLWISALLRVSKYAWNFNTQSSYHLD
LSLSLTVGGILTSLLAQQAYVYPALSYLPYDYLTTTSLYVHHQYIGAFLATGGFVHGGIFLVRDYTLSNDLVGKLLATKA
TVISTLSWITLFLGFHATGLYMHNDAMAAFGVPQKQIIIEPVFAEFIQQVFFLGTPVYGLGSAAVSSTPTLSFLPIISGG
DFLVHHAIALGLHTTVLVLIKGALDSQGSYLFPDKQSFGYGFACDGPGRGGTCDISTWDSFYLAFFWVNNTVAWFTYYFH
WKVLSLWQSSTAVFDENSLYLMGWFRDYLWQNCAALLSGYDSLGSNDLAVWAWAFLLAHLAWATGFMFLISWRGYWQELI
DTVIYMHLKAPFFNEIWSADVVTPVALSIVQARFIGLAHYVAGFILTYLAFVVGATS
;
b
3 'polypeptide(L)'
;AHAVKIYDTCIGCTLCVRACPTDVIEMVPATVNAAKQVASTPRVEDCVGCKRCETACPTDFLSIRVYLQENEETQYSLGL
DLADWS
;
c
4 'polypeptide(L)'
;AVPNTPKSSPDTLAGNRTEASAVSRPYDKFNVNYPLSSPDQARTEVTTKEIPRPEDLVDSPKFPLFGGSANGYMSKATRE
RHAITWTAKEETTFEMPTSGWAMMNKGENLCYFRKKEQCIALCKQLRSMKINDVKIYRLSKDGTVTFLHPSDGVFPEKVN
KGRVPVNFRPFTVCQNAKQGELKFTEYWTKPYEADALTTLFVKARVAAYNDVVNLFPLPNPKLTSGPAEPTSVDYDALTK
EAMEGQKKRIEAAMASV
;
d
5 'polypeptide(L)' AWVGPKKGSQVRILRPESYWFQQRGTVVNVNQKTNIKYPVTVKFDFVNYANVNTNGFALWEVDELKEGEYDPDL e
6 'polypeptide(L)'
;IDTAPVTKMKNLKTGTVEVDQTKLSVKSWGHMEPCGQNKKFQKRIKDEAFKLKKRQDKYAKGSAAYAGVQEVIDQAKDTA
KAYEGRWCGKKDGLPRVIATGEVTRGGIVTPALMFLYTTGWIGYAGRSYLLRTKDAAKEIKIDVPLALTCMTSAFAWPVY
SWQDITNGRFVAKDTEIRVQRMHMA
;
f
7 'polypeptide(L)'
;YTESAQDAKLFETVFSTYTAEYLKGPMYETPEKMIGRRPFNPGEPLWGEDKKLTSNVLGPLKRVSSNELAFLTMICLAIG
AWGEAQFLWFDPQFAAIDRGEYFNPIYIIAASLLPVSFWAHIACYIQKANGK
;
h
8 'polypeptide(L)'
;AYGDGPKKWGAVLLPLTIFGVGITAMGTFVLYTFSEDFFWAFVPGSKRSMELEKKKKEMAEKYPSPVVQHPADPLAGLVN
RADYEKGLEEAWDKVKPKGSTVTVEEKLKELSTQNNPHYWRNAIKS
;
i
9 'polypeptide(L)' RKIPAGPYSVSVEPLRDGATNEVSIVTPPISSEGVQEYLSLAPVFFMALAIFTSGFAIEVLRFFPDTRYW j
10 'polypeptide(L)'
;VLPYMENIPRAIVEKEALEGVLAMTPREQWEDPPEDSVLYTLKVYAETYGEGKATKMPWWDWLYMRFELPDANEVSAEKI
KLMEDDAKIQRRMMEGKIPLYVPILGVPIYTGMTLDWKPEAELFAGDQIRSPISDSRFAKNFIGNTAFYREGLENWQRGL
EIGMAHGYFLVGPFTTLGPLRNTPEAATVGLLSACAVIGIVSVGGLLFGATVKPRAFDKDGATAGSGFTEIINWHAVGGL
GGAGFCHLLLTLF
;
l
11 'polypeptide(L)'
;ERIPGGKFTKAQGKIVATPDEDGFTDSEVALALIIAAVVLYLAIEVTKSLFYGEDPETTAKGPMTPFEKRVVEKGLFGSR
GDSYSPFRP
;
m
12 'polypeptide(L)'
;EFAGGLIGGQSAFASQEYNFDPLGLAEKFPEQLPFFREAELKHGRIAMLAWVGLVVPEFVRIPGPEKCWQASAVDAHSAC
VETGALTQVFIFCGTLEICGTWAKMNPMPYLPLSQSGSTGGLTMENAGDYRLGVNFLPDEPEKVKEMKLKELKNGRLAML
AFGGAITQATLTGSGFPWLY
;
A
13 'polypeptide(L)'
;AHPKHMLVAGVRGYEMEWQPIPGDAVKYPKPNSEEMFKTMIGADVETGGEAWDPLGFHKLFDRNFDFNMLPVYPHVQWLR
EAEIKHGRVCMLAFIGCFAQAGYHIGSYPVQPDWSKALAECYASPTGAVGLFQISVLIGWIEGKNYNGDAWVGMSEKEPG
DLGFDPAGFTKNPDFDLKKAQLQEIKNGRLAMVGCASIAANHFIPGSVPLLTGFY
;
G
14 'polypeptide(L)'
;KETSASVPFLPKPKNLAGWVGGETEFDPIGFSNWFDMKWLREAELKHGRVCMMATVGFVLQPYIGAYPGVEMPADSLQAV
YAAPSEAWFAFIFAAGYIESSSYNGKITQLNMFEDSDRVPGNLGWGSTRLEGMSKEESELMQLKELKNGRLAMLAFSGMV
HHNIVVKGALFPLVPDGWTGPEPWAVGSIMNNMG
;
I
15 'polypeptide(L)'
;GGYKMSKAVPFLPMSPALEGYVGAEEEGFDPMGFSLALDIRWLREAELKHGRICMLATVGWIATDLGMRLPGPAYQVSTL
EAHDAMVKFGPMAQILIWLGIIEVFSFLAITNMMEGTTDRQPGDYGLRRLYPKDEEGQYEMQLKELRNGRLAMLAFSGIV
TTAVLTGRTWPF
;
K
16 'polypeptide(L)'
;FEGELGVTPPMGYFDPLGLSSDGDKKTFIRRRKSELKNGRVAMWACMGWIVPEWYRFPGELSPSSGLKFSEIPNGMAALK
ALPTEAWAQMGAFVALLELGPLWQDESRAPGDFKTCAKYGFPMFFVGGREGSDSDPVKNQYSLNSEINNGRLAMMAITGM
VFQNGITGTTGPEMWA
;
F
17 'polypeptide(L)'
;REAPKVLAGTGGPLPESFWDPAGFTNNKTDEELLFYRAAELKHGRIAMAAVVGWFTNASGFHYLGDLWLKKPASDNPIEA
FNQLSLLGVFQMVFFIGCLEWLTTVPCPPPKDAPWDVIGMSDVLEEDTDENPMAEYKKIQMQELNNSRLAMVAIIGLIVQ
ATTTG
;
J
18 'polypeptide(L)'
;FAGGLTGSDYGGFGGKYEWDPVGFSTRWPEHLAWYREAELKHGRIAMLAFAGLLAPDLFRLPWAEFQDSSLDFANAHDKF
VAGFGPMWWGFIACGGIEYQRFRKLGLGMEGLTLENAGNLGWFDLPKNSEERLFYETAELKNGRLAMLAVSGIFTAGIFW
DQHHFPFI
;
M
19 'polypeptide(L)'
;ARRELAVAYEDAGIDLMDNGKFAQGLVGAEAAFGRYEFDPIGFSKYTELVPWFREAELKHGRIAMLAWLGLVVPDFVRIP
GEAYSFEAVPRVIDAHDALNADAGPNFQIILFISIVELCCAKKVFEWNSVETAGDYNLTRLFPEDDEAQKQMRIAELKNG
RLAMIAFGGAVTQAVITGKPFPWTF
;
L
20 'polypeptide(L)'
;FENELGVQAPTGFFDPLGLSSDGSIDNFKRRRASEIKHGRVAMLATMGYMTPEITGKFPGYLSYSQSIKFADVPNGLAAM
SKVPVLGWAQVAAYGAVCELSQDQSPGTPGAAGDFGFKVITSEDEETLKRKLNSELANGRLAMMAIIGLFFQDGLTGGAY
;
D
21 'polypeptide(L)'
;VKMSPSVPYLPYPERLEGWVGGEKGFDPLRTSDIIDVYWLREAELKHGRICMLATLGWISVDAGWRFEAEMFQGVSVINA
HNKMVEMGVMQQMLSIVGVCEIFSLYLIKEGLLGKIQRKAGDYFIGKNFLPKEEDKAKDMQLKELENGRLAMLAFSGICT
QANLFPESHFPY
;
B
22 'polypeptide(L)'
;FESELGVQAPTGFWDPLGFAKDGSMKAFKRRRASEIKHGRIAMLATMGYITPEITGKFPGYLSPSTLLKYDDIPNGLGAI
SKVPALGWAQIFVYCGYAELSQDQTPGSPGAEGNFGFKVLTSSDPDSLEKKLASEIANGRLAMMAFTGMATQDGLTGSAW
;
H
23 'polypeptide(L)'
;FENELGVQAPVGFWDPVGFTADGNVASFRRRRTVELKHGRISMLAAMGYMTPEITGKFPGYLSPSTLLKYDDIPNGLGAI
SKVPALGWAQIFVYCGYAELSQDQTPGSPGAEGNFGFKVLTSSDPDSLEKKLASEIANGRLAMMAFTGMATQDGLTGSAW
;
N
24 'polypeptide(L)'
;ESERGAQPPFGFWDPLGLSADGDVATFKRRRASEIKHGRIAMLAAMGYMTPEITGKFPGYLSPSTGVKYADIPNGLAAIS
KVPVVGWLQIFAWTAVCELWEDQVPGTPGHEGEFCFKAFKVTSDAPETRETKLASELANGRLAMMAIIGLFFQDGLTGSA
Y
;
O
25 'polypeptide(L)'
;FESELGAQAPLGFFDPLKLTGDGSVEAFKRRRQSEIKHGRISMLAAMGYMTPEITGKFPGYLSPSLNLKFADVPNGLAAV
SKVPAAGWAQILGYMAYCETSQDQSAGTPGAAGEFGFKVITSDDDEVLKRKLASELANGRLAMMAIIGMFYQDGLTGSAW
;
T,C
26 'polypeptide(L)'
;FENERGVQAPVGYWDPLGFARDGNVALFKIRRATEIKHGRISMLAAMGYITPEVTGKFPGYLSPSMGLKFADIPNGLAAI
SKVPGYGWAQILGWMAFCEISVDQSPGKPGAAGDMGFKAFKVTADAPETTEKKLASELANGRLAMMAIIGMFFQDGLTGS
AW
;
Q
27 'polypeptide(L)'
;FENELGVQAPTGFWDPLGFAKDGSMKAFKRRRASEIKHGRIAMLATMGYITPELTGKFPGLLSPSMGLKYEDIPNGLGAI
SKVPAVGWAQILAYTFYCEQSQDQSEGSAGEAGDFGFKVLTSKDEEGLKRKLNSELANGRLAMMAIIGMFFQDGLTGSAW
;
P
28 'polypeptide(L)'
;VAGVCAPLTEKFDPLGLGTEEKMEQFTAAEIKHGRCAMIACLGYVLPEWFRFPGCESYESGLGALGSLPAEGWFQLVALI
GAHEVLVKPREGGLGAFDFGLGSELLEGQSAEEVERKQTVERNNGRLAMVGFAGLVSQELMF
;
E
#
# COMPACT_ATOMS: atom_id res chain seq x y z
N ASP A 1 -4.78 -2.67 -38.18
CA ASP A 1 -6.19 -2.62 -37.78
C ASP A 1 -6.35 -3.17 -36.37
N PHE A 2 -6.18 -4.49 -36.23
CA PHE A 2 -6.23 -5.09 -34.90
C PHE A 2 -5.08 -4.62 -34.04
N SER A 3 -3.88 -4.52 -34.63
CA SER A 3 -2.75 -3.98 -33.89
C SER A 3 -2.99 -2.54 -33.49
N LYS A 4 -3.64 -1.76 -34.37
CA LYS A 4 -4.00 -0.40 -34.03
C LYS A 4 -4.96 -0.36 -32.84
N ALA A 5 -5.91 -1.28 -32.81
CA ALA A 5 -6.88 -1.35 -31.71
C ALA A 5 -6.30 -1.96 -30.45
N ALA A 6 -5.14 -2.62 -30.54
CA ALA A 6 -4.52 -3.19 -29.35
C ALA A 6 -4.16 -2.11 -28.34
N PHE A 7 -3.60 -1.00 -28.81
CA PHE A 7 -3.37 0.17 -27.98
C PHE A 7 -4.50 1.17 -28.06
N GLY A 8 -5.70 0.73 -28.43
CA GLY A 8 -6.83 1.65 -28.55
C GLY A 8 -7.17 2.33 -27.25
N SER A 9 -7.01 1.63 -26.13
CA SER A 9 -7.25 2.25 -24.84
C SER A 9 -6.29 3.42 -24.60
N ALA A 10 -5.01 3.23 -24.95
CA ALA A 10 -4.05 4.32 -24.79
C ALA A 10 -4.35 5.46 -25.76
N THR A 11 -4.78 5.14 -26.97
CA THR A 11 -5.13 6.18 -27.93
C THR A 11 -6.30 7.00 -27.43
N GLY A 12 -7.32 6.34 -26.86
CA GLY A 12 -8.42 7.07 -26.25
C GLY A 12 -7.99 7.86 -25.04
N LEU A 13 -7.02 7.33 -24.28
CA LEU A 13 -6.50 8.04 -23.12
C LEU A 13 -5.84 9.35 -23.54
N VAL A 14 -5.06 9.32 -24.62
CA VAL A 14 -4.37 10.54 -25.07
C VAL A 14 -5.24 11.41 -25.96
N ALA A 15 -6.36 10.90 -26.45
CA ALA A 15 -7.21 11.69 -27.35
C ALA A 15 -7.83 12.88 -26.64
N LYS A 16 -8.32 12.68 -25.42
CA LYS A 16 -8.99 13.73 -24.67
C LYS A 16 -8.05 14.27 -23.59
N ALA A 17 -8.07 15.59 -23.41
CA ALA A 17 -7.23 16.20 -22.39
C ALA A 17 -7.64 15.77 -20.99
N ALA A 18 -8.91 15.43 -20.80
CA ALA A 18 -9.38 14.99 -19.49
C ALA A 18 -8.77 13.66 -19.07
N SER A 19 -8.30 12.86 -20.02
CA SER A 19 -7.69 11.58 -19.73
C SER A 19 -6.18 11.61 -19.83
N GLN A 20 -5.58 12.80 -19.88
CA GLN A 20 -4.12 12.91 -19.88
C GLN A 20 -3.57 13.09 -18.47
N THR A 21 -3.94 12.18 -17.58
CA THR A 21 -3.47 12.18 -16.20
C THR A 21 -3.08 10.76 -15.81
N THR A 22 -2.25 10.64 -14.78
CA THR A 22 -1.89 9.33 -14.28
C THR A 22 -3.11 8.59 -13.72
N THR A 23 -4.08 9.34 -13.21
CA THR A 23 -5.33 8.73 -12.78
C THR A 23 -5.99 7.99 -13.93
N ALA A 24 -5.87 8.52 -15.15
CA ALA A 24 -6.41 7.82 -16.31
C ALA A 24 -5.71 6.48 -16.51
N ILE A 25 -4.40 6.44 -16.29
CA ILE A 25 -3.65 5.19 -16.41
C ILE A 25 -4.13 4.18 -15.36
N TRP A 26 -4.28 4.64 -14.12
CA TRP A 26 -4.74 3.74 -13.08
C TRP A 26 -6.17 3.26 -13.33
N ASN A 27 -7.02 4.12 -13.90
CA ASN A 27 -8.35 3.69 -14.29
C ASN A 27 -8.30 2.68 -15.43
N LEU A 28 -7.40 2.89 -16.38
CA LEU A 28 -7.22 1.95 -17.48
C LEU A 28 -6.83 0.58 -16.97
N HIS A 29 -6.01 0.53 -15.93
CA HIS A 29 -5.65 -0.75 -15.32
C HIS A 29 -6.81 -1.32 -14.50
N ALA A 30 -7.48 -0.47 -13.72
CA ALA A 30 -8.56 -0.95 -12.86
C ALA A 30 -9.75 -1.44 -13.68
N ASP A 31 -10.04 -0.77 -14.79
CA ASP A 31 -11.14 -1.15 -15.67
C ASP A 31 -10.67 -2.05 -16.81
N ALA A 32 -9.61 -2.82 -16.59
CA ALA A 32 -9.08 -3.67 -17.66
C ALA A 32 -10.04 -4.81 -17.98
N HIS A 33 -10.33 -5.65 -16.99
CA HIS A 33 -11.21 -6.79 -17.18
C HIS A 33 -12.67 -6.48 -16.90
N ASP A 34 -12.99 -5.25 -16.51
CA ASP A 34 -14.38 -4.86 -16.26
C ASP A 34 -15.07 -4.71 -17.61
N PHE A 35 -15.39 -5.85 -18.22
CA PHE A 35 -16.01 -5.86 -19.54
C PHE A 35 -17.38 -5.22 -19.48
N SER A 36 -17.52 -4.06 -20.12
CA SER A 36 -18.77 -3.31 -20.06
C SER A 36 -19.88 -4.05 -20.78
N ASN A 37 -21.11 -3.77 -20.37
CA ASN A 37 -22.28 -4.40 -20.97
C ASN A 37 -22.37 -4.03 -22.45
N SER A 38 -22.40 -5.05 -23.31
CA SER A 38 -22.51 -4.83 -24.74
C SER A 38 -22.98 -6.13 -25.39
N SER A 39 -23.14 -6.09 -26.70
CA SER A 39 -23.60 -7.26 -27.44
C SER A 39 -22.58 -8.39 -27.43
N TYR A 40 -21.31 -8.08 -27.16
CA TYR A 40 -20.24 -9.07 -27.19
C TYR A 40 -19.68 -9.35 -25.80
N LEU A 41 -20.44 -9.07 -24.75
CA LEU A 41 -19.95 -9.30 -23.40
C LEU A 41 -19.68 -10.77 -23.14
N SER A 42 -20.59 -11.65 -23.59
CA SER A 42 -20.41 -13.07 -23.34
C SER A 42 -19.23 -13.63 -24.13
N LYS A 43 -19.06 -13.18 -25.37
CA LYS A 43 -17.87 -13.55 -26.14
C LYS A 43 -16.61 -13.16 -25.39
N GLN A 44 -16.57 -11.92 -24.87
CA GLN A 44 -15.41 -11.44 -24.16
C GLN A 44 -15.14 -12.29 -22.92
N VAL A 45 -16.19 -12.61 -22.18
CA VAL A 45 -16.02 -13.39 -20.96
C VAL A 45 -15.49 -14.78 -21.27
N PHE A 46 -16.09 -15.46 -22.25
CA PHE A 46 -15.67 -16.81 -22.57
C PHE A 46 -14.24 -16.82 -23.11
N ALA A 47 -13.90 -15.86 -23.97
CA ALA A 47 -12.55 -15.80 -24.50
C ALA A 47 -11.54 -15.52 -23.40
N ALA A 48 -11.90 -14.66 -22.44
CA ALA A 48 -11.00 -14.41 -21.31
C ALA A 48 -10.81 -15.67 -20.47
N ASN A 49 -11.89 -16.43 -20.26
CA ASN A 49 -11.76 -17.68 -19.53
C ASN A 49 -10.83 -18.65 -20.26
N LEU A 50 -10.98 -18.77 -21.57
CA LEU A 50 -10.13 -19.67 -22.33
C LEU A 50 -8.67 -19.20 -22.31
N ALA A 51 -8.45 -17.89 -22.37
CA ALA A 51 -7.09 -17.37 -22.26
C ALA A 51 -6.49 -17.68 -20.90
N HIS A 52 -7.28 -17.58 -19.84
CA HIS A 52 -6.79 -17.95 -18.52
C HIS A 52 -6.47 -19.44 -18.45
N ILE A 53 -7.28 -20.27 -19.10
CA ILE A 53 -6.98 -21.70 -19.16
C ILE A 53 -5.64 -21.91 -19.85
N GLY A 54 -5.39 -21.18 -20.93
CA GLY A 54 -4.09 -21.27 -21.59
C GLY A 54 -2.95 -20.84 -20.68
N VAL A 55 -3.17 -19.80 -19.88
CA VAL A 55 -2.14 -19.35 -18.93
C VAL A 55 -1.85 -20.43 -17.91
N VAL A 56 -2.89 -21.07 -17.38
CA VAL A 56 -2.71 -22.15 -16.41
C VAL A 56 -2.00 -23.32 -17.06
N PHE A 57 -2.28 -23.58 -18.33
CA PHE A 57 -1.56 -24.63 -19.04
C PHE A 57 -0.09 -24.29 -19.20
N ILE A 58 0.23 -23.03 -19.46
CA ILE A 58 1.63 -22.60 -19.47
C ILE A 58 2.27 -22.87 -18.12
N TRP A 59 1.56 -22.57 -17.04
CA TRP A 59 2.10 -22.81 -15.70
C TRP A 59 2.34 -24.30 -15.45
N LEU A 60 1.38 -25.15 -15.83
CA LEU A 60 1.56 -26.59 -15.65
C LEU A 60 2.72 -27.11 -16.48
N SER A 61 2.84 -26.62 -17.72
CA SER A 61 3.96 -27.04 -18.56
C SER A 61 5.29 -26.62 -17.95
N GLY A 62 5.36 -25.42 -17.40
CA GLY A 62 6.58 -24.99 -16.74
C GLY A 62 6.92 -25.83 -15.53
N MET A 63 5.90 -26.20 -14.75
CA MET A 63 6.14 -27.04 -13.58
C MET A 63 6.64 -28.42 -13.98
N HIS A 64 6.03 -29.01 -15.01
CA HIS A 64 6.52 -30.30 -15.48
C HIS A 64 7.91 -30.18 -16.10
N PHE A 65 8.20 -29.05 -16.75
CA PHE A 65 9.54 -28.84 -17.29
C PHE A 65 10.58 -28.76 -16.19
N HIS A 66 10.27 -28.06 -15.11
CA HIS A 66 11.18 -28.01 -13.97
C HIS A 66 11.35 -29.38 -13.34
N GLY A 67 10.26 -30.15 -13.24
CA GLY A 67 10.37 -31.51 -12.75
C GLY A 67 11.25 -32.37 -13.63
N ALA A 68 11.19 -32.15 -14.94
CA ALA A 68 11.97 -32.95 -15.87
C ALA A 68 13.45 -32.59 -15.82
N TYR A 69 13.76 -31.30 -15.82
CA TYR A 69 15.12 -30.84 -16.01
C TYR A 69 15.78 -30.31 -14.74
N PHE A 70 15.05 -29.58 -13.90
CA PHE A 70 15.65 -28.92 -12.75
C PHE A 70 15.19 -29.52 -11.43
N SER A 71 14.91 -30.83 -11.40
CA SER A 71 14.42 -31.46 -10.19
C SER A 71 15.16 -32.77 -9.96
N ASN A 72 15.24 -33.16 -8.69
CA ASN A 72 15.73 -34.48 -8.31
C ASN A 72 14.58 -35.47 -8.16
N TYR A 73 13.73 -35.53 -9.19
CA TYR A 73 12.55 -36.39 -9.11
C TYR A 73 12.94 -37.86 -9.08
N LEU A 74 13.95 -38.25 -9.86
CA LEU A 74 14.38 -39.64 -9.87
C LEU A 74 14.97 -40.04 -8.53
N ASP A 75 15.79 -39.18 -7.94
CA ASP A 75 16.35 -39.45 -6.62
C ASP A 75 15.25 -39.54 -5.58
N TRP A 76 14.23 -38.69 -5.69
CA TRP A 76 13.09 -38.77 -4.78
C TRP A 76 12.33 -40.06 -4.97
N LEU A 77 12.22 -40.54 -6.21
CA LEU A 77 11.60 -41.84 -6.44
C LEU A 77 12.40 -42.95 -5.77
N GLN A 78 13.72 -42.91 -5.86
CA GLN A 78 14.55 -43.92 -5.21
C GLN A 78 14.53 -43.79 -3.69
N ASP A 79 14.24 -42.60 -3.17
CA ASP A 79 14.21 -42.38 -1.72
C ASP A 79 13.24 -41.23 -1.45
N PRO A 80 11.98 -41.54 -1.13
CA PRO A 80 11.01 -40.46 -0.89
C PRO A 80 11.36 -39.57 0.29
N SER A 81 12.21 -40.03 1.20
CA SER A 81 12.52 -39.25 2.39
C SER A 81 13.40 -38.03 2.10
N ILE A 82 14.00 -37.94 0.91
CA ILE A 82 14.88 -36.82 0.60
C ILE A 82 14.05 -35.59 0.33
N ALA A 83 14.69 -34.43 0.32
CA ALA A 83 13.99 -33.17 0.12
C ALA A 83 13.63 -32.99 -1.34
N PRO A 84 12.36 -32.84 -1.68
CA PRO A 84 11.98 -32.58 -3.08
C PRO A 84 12.36 -31.18 -3.53
N THR A 85 13.34 -31.07 -4.43
CA THR A 85 13.76 -29.79 -4.97
C THR A 85 13.50 -29.78 -6.46
N ALA A 86 12.86 -28.72 -6.96
CA ALA A 86 12.53 -28.62 -8.37
C ALA A 86 12.77 -27.21 -8.90
N GLN A 87 13.75 -26.50 -8.36
CA GLN A 87 14.06 -25.16 -8.83
C GLN A 87 15.56 -24.91 -8.62
N GLN A 88 16.33 -25.09 -9.68
CA GLN A 88 17.74 -24.74 -9.63
C GLN A 88 17.90 -23.22 -9.60
N VAL A 89 18.94 -22.76 -8.91
CA VAL A 89 19.21 -21.34 -8.75
C VAL A 89 20.63 -21.06 -9.22
N SER A 90 20.76 -20.24 -10.26
CA SER A 90 22.07 -19.98 -10.84
C SER A 90 22.92 -19.14 -9.91
N ASN A 91 24.24 -19.24 -10.10
CA ASN A 91 25.22 -18.50 -9.29
C ASN A 91 25.36 -17.09 -9.86
N ILE A 92 24.41 -16.24 -9.48
CA ILE A 92 24.49 -14.82 -9.77
C ILE A 92 24.45 -14.08 -8.44
N ALA A 93 25.05 -12.89 -8.42
CA ALA A 93 25.23 -12.16 -7.18
C ALA A 93 25.94 -13.05 -6.15
N ASN A 94 25.22 -13.44 -5.10
CA ASN A 94 25.78 -14.38 -4.13
C ASN A 94 24.74 -15.40 -3.68
N GLN A 95 23.70 -15.64 -4.48
CA GLN A 95 22.57 -16.46 -4.10
C GLN A 95 22.85 -17.95 -4.12
N SER A 96 24.12 -18.36 -4.25
CA SER A 96 24.44 -19.77 -4.40
C SER A 96 24.10 -20.59 -3.17
N VAL A 97 23.83 -19.95 -2.03
CA VAL A 97 23.55 -20.69 -0.80
C VAL A 97 22.26 -21.47 -0.94
N LEU A 98 21.26 -20.90 -1.62
CA LEU A 98 19.94 -21.49 -1.74
C LEU A 98 19.74 -22.24 -3.06
N ASN A 99 20.82 -22.75 -3.66
CA ASN A 99 20.73 -23.33 -4.99
C ASN A 99 19.70 -24.44 -5.12
N PRO A 100 19.64 -25.44 -4.24
CA PRO A 100 18.49 -26.34 -4.28
C PRO A 100 17.37 -25.81 -3.41
N ILE A 101 16.22 -25.48 -4.01
CA ILE A 101 15.08 -24.97 -3.28
C ILE A 101 14.08 -26.11 -3.11
N ARG A 102 13.81 -26.47 -1.87
CA ARG A 102 12.87 -27.54 -1.57
C ARG A 102 11.46 -27.10 -1.96
N VAL A 103 10.95 -27.62 -3.06
CA VAL A 103 9.60 -27.28 -3.50
C VAL A 103 8.60 -28.02 -2.64
N THR A 104 7.56 -27.30 -2.19
CA THR A 104 6.55 -27.87 -1.32
C THR A 104 5.18 -27.91 -1.97
N SER A 105 5.14 -27.90 -3.30
CA SER A 105 3.87 -27.93 -4.02
C SER A 105 3.29 -29.31 -4.18
N GLY A 106 4.03 -30.36 -3.80
CA GLY A 106 3.51 -31.71 -3.89
C GLY A 106 3.49 -32.29 -5.28
N PHE A 107 4.23 -31.71 -6.22
CA PHE A 107 4.23 -32.23 -7.58
C PHE A 107 4.88 -33.61 -7.65
N PHE A 108 5.87 -33.87 -6.80
CA PHE A 108 6.49 -35.19 -6.83
C PHE A 108 5.50 -36.27 -6.43
N ASN A 109 4.76 -36.03 -5.34
CA ASN A 109 3.75 -36.98 -4.90
C ASN A 109 2.64 -37.12 -5.93
N LEU A 110 2.24 -36.00 -6.55
CA LEU A 110 1.22 -36.06 -7.59
C LEU A 110 1.67 -36.91 -8.77
N TRP A 111 2.90 -36.67 -9.25
CA TRP A 111 3.41 -37.42 -10.39
C TRP A 111 3.56 -38.89 -10.05
N LEU A 112 3.99 -39.20 -8.83
CA LEU A 112 4.04 -40.60 -8.41
C LEU A 112 2.65 -41.21 -8.39
N ALA A 113 1.64 -40.43 -8.00
CA ALA A 113 0.26 -40.90 -8.07
C ALA A 113 -0.22 -41.04 -9.50
N GLU A 114 0.46 -40.40 -10.46
CA GLU A 114 0.09 -40.50 -11.86
C GLU A 114 0.88 -41.59 -12.58
N GLY A 115 1.76 -42.30 -11.90
CA GLY A 115 2.55 -43.34 -12.53
C GLY A 115 3.75 -42.85 -13.30
N ILE A 116 4.17 -41.61 -13.08
CA ILE A 116 5.30 -41.05 -13.79
C ILE A 116 6.58 -41.48 -13.10
N THR A 117 7.46 -42.18 -13.83
CA THR A 117 8.72 -42.66 -13.29
C THR A 117 9.94 -42.12 -14.01
N SER A 118 9.79 -41.58 -15.21
CA SER A 118 10.91 -41.08 -16.00
C SER A 118 10.74 -39.60 -16.27
N THR A 119 11.86 -38.88 -16.28
CA THR A 119 11.82 -37.46 -16.62
C THR A 119 11.43 -37.23 -18.06
N TYR A 120 11.56 -38.24 -18.92
CA TYR A 120 11.06 -38.13 -20.29
C TYR A 120 9.55 -37.94 -20.30
N GLN A 121 8.85 -38.63 -19.41
CA GLN A 121 7.41 -38.44 -19.30
C GLN A 121 7.08 -37.01 -18.89
N LEU A 122 7.86 -36.44 -17.98
CA LEU A 122 7.65 -35.05 -17.59
C LEU A 122 7.93 -34.11 -18.75
N LYS A 123 8.96 -34.39 -19.54
CA LYS A 123 9.21 -33.58 -20.73
C LYS A 123 8.04 -33.65 -21.70
N VAL A 124 7.49 -34.84 -21.90
CA VAL A 124 6.35 -35.00 -22.80
C VAL A 124 5.14 -34.24 -22.27
N ILE A 125 4.91 -34.30 -20.95
CA ILE A 125 3.78 -33.59 -20.37
C ILE A 125 3.97 -32.09 -20.50
N ALA A 126 5.21 -31.60 -20.32
CA ALA A 126 5.46 -30.17 -20.51
C ALA A 126 5.21 -29.76 -21.96
N ALA A 127 5.66 -30.56 -22.92
CA ALA A 127 5.43 -30.24 -24.32
C ALA A 127 3.94 -30.24 -24.65
N PHE A 128 3.21 -31.24 -24.16
CA PHE A 128 1.77 -31.28 -24.42
C PHE A 128 1.04 -30.18 -23.68
N GLY A 129 1.56 -29.73 -22.53
CA GLY A 129 0.98 -28.58 -21.86
C GLY A 129 1.17 -27.32 -22.66
N LEU A 130 2.34 -27.14 -23.26
CA LEU A 130 2.55 -26.00 -24.15
C LEU A 130 1.62 -26.09 -25.36
N ILE A 131 1.45 -27.29 -25.92
CA ILE A 131 0.53 -27.46 -27.04
C ILE A 131 -0.90 -27.12 -26.63
N ALA A 132 -1.32 -27.58 -25.46
CA ALA A 132 -2.66 -27.29 -24.98
C ALA A 132 -2.84 -25.80 -24.71
N SER A 133 -1.82 -25.14 -24.18
CA SER A 133 -1.89 -23.71 -23.99
C SER A 133 -2.01 -22.97 -25.31
N ALA A 134 -1.26 -23.42 -26.33
CA ALA A 134 -1.39 -22.82 -27.64
C ALA A 134 -2.79 -23.02 -28.20
N LEU A 135 -3.35 -24.21 -28.02
CA LEU A 135 -4.71 -24.47 -28.49
C LEU A 135 -5.72 -23.61 -27.75
N CYS A 136 -5.54 -23.43 -26.44
CA CYS A 136 -6.44 -22.58 -25.68
C CYS A 136 -6.36 -21.13 -26.12
N PHE A 137 -5.14 -20.66 -26.40
CA PHE A 137 -4.99 -19.30 -26.91
C PHE A 137 -5.63 -19.15 -28.28
N LEU A 138 -5.46 -20.15 -29.15
CA LEU A 138 -6.12 -20.10 -30.46
C LEU A 138 -7.64 -20.07 -30.30
N GLY A 139 -8.18 -20.90 -29.40
CA GLY A 139 -9.61 -20.91 -29.18
C GLY A 139 -10.13 -19.61 -28.59
N SER A 140 -9.38 -19.03 -27.66
CA SER A 140 -9.79 -17.75 -27.08
C SER A 140 -9.78 -16.65 -28.12
N TYR A 141 -8.79 -16.66 -28.99
CA TYR A 141 -8.74 -15.69 -30.06
C TYR A 141 -9.96 -15.88 -30.87
N PHE A 142 -10.17 -17.08 -31.33
CA PHE A 142 -11.27 -17.38 -32.23
C PHE A 142 -12.60 -16.91 -31.63
N HIS A 143 -12.84 -17.26 -30.36
CA HIS A 143 -14.12 -16.93 -29.74
C HIS A 143 -14.27 -15.42 -29.58
N MET A 144 -13.20 -14.72 -29.23
CA MET A 144 -13.31 -13.27 -29.12
C MET A 144 -13.57 -12.63 -30.49
N HIS A 145 -12.92 -13.15 -31.54
CA HIS A 145 -12.97 -12.48 -32.83
C HIS A 145 -13.88 -13.13 -33.84
N SER A 146 -14.09 -14.45 -33.78
CA SER A 146 -14.96 -15.10 -34.77
C SER A 146 -15.61 -16.32 -34.12
N SER A 147 -16.80 -16.13 -33.57
CA SER A 147 -17.58 -17.24 -33.01
C SER A 147 -18.97 -16.71 -32.66
N THR A 148 -19.75 -17.55 -32.00
CA THR A 148 -21.09 -17.17 -31.57
C THR A 148 -21.02 -16.15 -30.43
N SER A 149 -22.13 -15.43 -30.26
CA SER A 149 -22.17 -14.36 -29.27
C SER A 149 -22.13 -14.87 -27.84
N PHE A 150 -22.50 -16.13 -27.60
CA PHE A 150 -22.52 -16.76 -26.29
C PHE A 150 -23.50 -16.11 -25.32
N THR A 151 -24.34 -15.19 -25.79
CA THR A 151 -25.25 -14.50 -24.88
C THR A 151 -26.38 -15.39 -24.37
N ARG A 152 -26.57 -16.57 -24.96
CA ARG A 152 -27.64 -17.48 -24.57
C ARG A 152 -27.20 -18.53 -23.57
N VAL A 153 -25.94 -18.53 -23.15
CA VAL A 153 -25.44 -19.65 -22.37
C VAL A 153 -25.90 -19.60 -20.92
N LEU A 154 -26.18 -18.41 -20.39
CA LEU A 154 -26.56 -18.29 -18.98
C LEU A 154 -28.07 -18.26 -18.78
N ASN A 155 -28.85 -17.88 -19.79
CA ASN A 155 -30.30 -17.81 -19.68
C ASN A 155 -31.00 -18.84 -20.54
N THR A 156 -30.68 -18.90 -21.82
CA THR A 156 -31.36 -19.81 -22.74
C THR A 156 -30.72 -21.19 -22.74
N LYS A 157 -29.41 -21.28 -22.99
CA LYS A 157 -28.71 -22.54 -23.05
C LYS A 157 -28.10 -22.95 -21.71
N LEU A 158 -28.65 -22.48 -20.60
CA LEU A 158 -28.13 -22.87 -19.29
C LEU A 158 -28.36 -24.35 -19.03
N THR A 159 -29.48 -24.89 -19.51
CA THR A 159 -29.72 -26.32 -19.35
C THR A 159 -28.65 -27.13 -20.08
N SER A 160 -28.33 -26.74 -21.31
CA SER A 160 -27.30 -27.46 -22.06
C SER A 160 -25.94 -27.33 -21.41
N LEU A 161 -25.60 -26.12 -20.95
CA LEU A 161 -24.31 -25.92 -20.30
C LEU A 161 -24.20 -26.76 -19.03
N SER A 162 -25.23 -26.71 -18.18
CA SER A 162 -25.20 -27.46 -16.94
C SER A 162 -25.17 -28.96 -17.19
N THR A 163 -25.96 -29.45 -18.15
CA THR A 163 -25.97 -30.88 -18.44
C THR A 163 -24.63 -31.33 -19.00
N HIS A 164 -24.03 -30.53 -19.89
CA HIS A 164 -22.72 -30.89 -20.40
C HIS A 164 -21.68 -30.93 -19.31
N HIS A 165 -21.67 -29.92 -18.43
CA HIS A 165 -20.72 -29.93 -17.33
C HIS A 165 -20.95 -31.13 -16.41
N LEU A 166 -22.22 -31.46 -16.12
CA LEU A 166 -22.51 -32.59 -15.25
C LEU A 166 -22.05 -33.89 -15.87
N VAL A 167 -22.44 -34.17 -17.10
CA VAL A 167 -22.14 -35.47 -17.69
C VAL A 167 -20.73 -35.44 -18.26
N GLY A 168 -20.54 -34.69 -19.35
CA GLY A 168 -19.30 -34.78 -20.09
C GLY A 168 -18.12 -34.40 -19.24
N LEU A 169 -17.98 -33.11 -18.92
CA LEU A 169 -16.80 -32.64 -18.21
C LEU A 169 -16.58 -33.43 -16.93
N LEU A 170 -17.49 -33.28 -15.96
CA LEU A 170 -17.25 -33.86 -14.64
C LEU A 170 -17.26 -35.39 -14.70
N GLY A 171 -18.37 -36.00 -15.12
CA GLY A 171 -18.47 -37.44 -15.05
C GLY A 171 -17.46 -38.15 -15.93
N LEU A 172 -17.33 -37.71 -17.19
CA LEU A 172 -16.39 -38.36 -18.08
C LEU A 172 -14.95 -38.12 -17.66
N GLY A 173 -14.63 -36.96 -17.09
CA GLY A 173 -13.29 -36.76 -16.58
C GLY A 173 -12.99 -37.64 -15.39
N SER A 174 -13.96 -37.80 -14.48
CA SER A 174 -13.77 -38.70 -13.35
C SER A 174 -13.62 -40.15 -13.82
N LEU A 175 -14.44 -40.55 -14.80
CA LEU A 175 -14.34 -41.91 -15.32
C LEU A 175 -13.01 -42.14 -16.02
N ALA A 176 -12.55 -41.17 -16.80
CA ALA A 176 -11.27 -41.29 -17.48
C ALA A 176 -10.13 -41.32 -16.47
N TRP A 177 -10.22 -40.54 -15.40
CA TRP A 177 -9.18 -40.61 -14.38
C TRP A 177 -9.21 -41.93 -13.64
N ALA A 178 -10.40 -42.49 -13.42
CA ALA A 178 -10.47 -43.82 -12.81
C ALA A 178 -9.83 -44.85 -13.72
N GLY A 179 -10.07 -44.76 -15.02
CA GLY A 179 -9.41 -45.66 -15.95
C GLY A 179 -7.89 -45.50 -15.93
N HIS A 180 -7.42 -44.25 -15.92
CA HIS A 180 -5.99 -44.00 -15.85
C HIS A 180 -5.39 -44.60 -14.58
N LEU A 181 -6.06 -44.37 -13.44
CA LEU A 181 -5.60 -44.96 -12.19
C LEU A 181 -5.49 -46.46 -12.32
N ILE A 182 -6.63 -47.13 -12.55
CA ILE A 182 -6.69 -48.59 -12.60
C ILE A 182 -5.68 -49.17 -13.58
N HIS A 183 -5.37 -48.46 -14.66
CA HIS A 183 -4.58 -49.06 -15.72
C HIS A 183 -3.09 -48.75 -15.66
N ILE A 184 -2.70 -47.53 -15.30
CA ILE A 184 -1.28 -47.19 -15.26
C ILE A 184 -0.84 -46.63 -13.91
N SER A 185 -1.73 -46.10 -13.08
CA SER A 185 -1.28 -45.54 -11.81
C SER A 185 -1.24 -46.59 -10.71
N LEU A 186 -2.17 -47.55 -10.72
CA LEU A 186 -2.05 -48.67 -9.79
C LEU A 186 -0.91 -49.61 -10.18
N PRO A 187 -0.81 -50.13 -11.41
CA PRO A 187 0.28 -51.07 -11.71
C PRO A 187 1.66 -50.47 -11.55
N VAL A 188 1.86 -49.20 -11.90
CA VAL A 188 3.18 -48.60 -11.77
C VAL A 188 3.56 -48.49 -10.31
N ASN A 189 2.62 -48.07 -9.46
CA ASN A 189 2.90 -48.02 -8.03
C ASN A 189 3.12 -49.40 -7.44
N ILE A 190 2.45 -50.42 -7.98
CA ILE A 190 2.70 -51.79 -7.54
C ILE A 190 4.12 -52.20 -7.86
N LEU A 191 4.55 -51.94 -9.10
CA LEU A 191 5.88 -52.36 -9.52
C LEU A 191 6.99 -51.50 -8.94
N LEU A 192 6.65 -50.29 -8.46
CA LEU A 192 7.64 -49.47 -7.78
C LEU A 192 7.75 -49.85 -6.30
N ASN A 193 6.61 -50.07 -5.64
CA ASN A 193 6.65 -50.47 -4.24
C ASN A 193 7.31 -51.83 -4.07
N ALA A 194 7.04 -52.75 -4.99
CA ALA A 194 7.68 -54.07 -4.98
C ALA A 194 9.11 -54.03 -5.50
N GLY A 195 9.51 -52.94 -6.15
CA GLY A 195 10.87 -52.84 -6.66
C GLY A 195 11.19 -53.86 -7.72
N VAL A 196 10.28 -54.05 -8.68
CA VAL A 196 10.45 -55.07 -9.72
C VAL A 196 10.49 -54.43 -11.08
N ALA A 197 10.94 -53.17 -11.14
CA ALA A 197 11.06 -52.39 -12.37
C ALA A 197 9.70 -52.09 -13.00
N VAL A 198 9.62 -51.00 -13.75
CA VAL A 198 8.36 -50.53 -14.34
C VAL A 198 8.52 -50.54 -15.85
N PRO A 199 7.65 -51.21 -16.59
CA PRO A 199 7.72 -51.17 -18.05
C PRO A 199 7.11 -49.88 -18.58
N SER A 200 7.03 -49.78 -19.89
CA SER A 200 6.38 -48.64 -20.50
C SER A 200 4.89 -48.64 -20.11
N PRO A 201 4.31 -47.48 -19.83
CA PRO A 201 2.91 -47.47 -19.40
C PRO A 201 1.96 -48.06 -20.42
N HIS A 202 2.25 -47.91 -21.72
CA HIS A 202 1.37 -48.47 -22.73
C HIS A 202 1.38 -49.99 -22.71
N SER A 203 2.48 -50.59 -22.27
CA SER A 203 2.55 -52.04 -22.17
C SER A 203 1.59 -52.59 -21.12
N LEU A 204 1.12 -51.75 -20.21
CA LEU A 204 0.07 -52.17 -19.28
C LEU A 204 -1.28 -52.30 -19.98
N LEU A 205 -1.46 -51.64 -21.12
CA LEU A 205 -2.68 -51.78 -21.91
C LEU A 205 -2.47 -52.82 -23.01
N SER A 206 -2.22 -54.06 -22.59
CA SER A 206 -1.93 -55.14 -23.52
C SER A 206 -2.86 -56.32 -23.41
N SER A 207 -3.71 -56.37 -22.37
CA SER A 207 -4.64 -57.48 -22.13
C SER A 207 -3.90 -58.78 -21.83
N LYS A 208 -2.57 -58.72 -21.83
CA LYS A 208 -1.73 -59.84 -21.44
C LYS A 208 -0.95 -59.57 -20.16
N ALA A 209 -1.00 -58.34 -19.65
CA ALA A 209 -0.35 -57.98 -18.40
C ALA A 209 -1.20 -58.43 -17.22
N VAL A 210 -0.92 -57.88 -16.03
CA VAL A 210 -1.60 -58.25 -14.79
C VAL A 210 -3.12 -58.15 -14.93
N ALA A 211 -3.59 -57.45 -15.98
CA ALA A 211 -5.02 -57.42 -16.27
C ALA A 211 -5.56 -58.82 -16.51
N THR A 212 -4.77 -59.68 -17.16
CA THR A 212 -5.17 -61.07 -17.38
C THR A 212 -4.16 -62.07 -16.84
N ILE A 213 -3.05 -61.62 -16.25
CA ILE A 213 -2.15 -62.55 -15.57
C ILE A 213 -2.87 -63.25 -14.43
N VAL A 214 -3.62 -62.48 -13.64
CA VAL A 214 -4.51 -63.04 -12.62
C VAL A 214 -5.82 -62.27 -12.69
N GLU A 215 -6.94 -63.00 -12.61
CA GLU A 215 -8.26 -62.40 -12.66
C GLU A 215 -8.83 -62.13 -11.27
N GLN A 216 -8.08 -62.41 -10.21
CA GLN A 216 -8.56 -62.15 -8.86
C GLN A 216 -8.73 -60.65 -8.65
N LEU A 217 -9.88 -60.27 -8.08
CA LEU A 217 -10.30 -58.87 -8.01
C LEU A 217 -10.31 -58.35 -6.58
N SER A 218 -9.40 -58.83 -5.73
CA SER A 218 -9.29 -58.34 -4.36
C SER A 218 -7.81 -58.14 -4.05
N PHE A 219 -7.50 -57.93 -2.76
CA PHE A 219 -6.14 -57.61 -2.34
C PHE A 219 -5.32 -58.90 -2.27
N SER A 220 -4.92 -59.38 -3.45
CA SER A 220 -4.08 -60.57 -3.55
C SER A 220 -3.43 -60.57 -4.93
N ALA A 221 -2.11 -60.59 -4.99
CA ALA A 221 -1.38 -60.50 -6.25
C ALA A 221 -0.08 -61.27 -6.11
N LEU A 222 0.87 -61.01 -7.02
CA LEU A 222 2.15 -61.69 -7.00
C LEU A 222 2.89 -61.42 -5.71
N THR A 223 3.58 -62.46 -5.21
CA THR A 223 4.29 -62.42 -3.93
C THR A 223 3.36 -62.00 -2.80
N SER A 224 3.42 -60.73 -2.40
CA SER A 224 2.57 -60.22 -1.32
C SER A 224 2.30 -58.75 -1.61
N SER A 225 1.10 -58.48 -2.15
CA SER A 225 0.69 -57.10 -2.45
C SER A 225 0.09 -56.47 -1.19
N ASP A 226 0.98 -56.13 -0.26
CA ASP A 226 0.58 -55.55 1.02
C ASP A 226 1.01 -54.09 1.13
N GLY A 227 1.23 -53.42 0.00
CA GLY A 227 1.66 -52.03 0.04
C GLY A 227 0.53 -51.13 0.47
N TYR A 228 0.72 -50.41 1.57
CA TYR A 228 -0.26 -49.46 2.05
C TYR A 228 -0.09 -48.07 1.45
N VAL A 229 0.99 -47.83 0.72
CA VAL A 229 1.10 -46.63 -0.10
C VAL A 229 0.23 -46.75 -1.34
N TRP A 230 -0.16 -47.96 -1.69
CA TRP A 230 -0.91 -48.24 -2.91
C TRP A 230 -2.42 -48.21 -2.71
N GLN A 231 -2.89 -48.60 -1.51
CA GLN A 231 -4.33 -48.64 -1.27
C GLN A 231 -5.05 -47.31 -1.46
N PRO A 232 -4.49 -46.15 -1.07
CA PRO A 232 -5.20 -44.89 -1.36
C PRO A 232 -5.51 -44.69 -2.82
N LEU A 233 -4.63 -45.15 -3.72
CA LEU A 233 -4.93 -45.06 -5.15
C LEU A 233 -6.08 -45.97 -5.54
N VAL A 234 -6.17 -47.15 -4.92
CA VAL A 234 -7.31 -48.03 -5.17
C VAL A 234 -8.60 -47.37 -4.74
N TYR A 235 -8.58 -46.74 -3.56
CA TYR A 235 -9.76 -46.05 -3.06
C TYR A 235 -10.12 -44.87 -3.96
N SER A 236 -9.10 -44.16 -4.46
CA SER A 236 -9.35 -43.04 -5.36
C SER A 236 -9.98 -43.52 -6.67
N ALA A 237 -9.49 -44.63 -7.20
CA ALA A 237 -10.07 -45.17 -8.43
C ALA A 237 -11.53 -45.59 -8.22
N MET A 238 -11.80 -46.27 -7.10
CA MET A 238 -13.18 -46.65 -6.81
C MET A 238 -14.06 -45.42 -6.64
N HIS A 239 -13.54 -44.39 -5.96
CA HIS A 239 -14.29 -43.16 -5.77
C HIS A 239 -14.60 -42.48 -7.09
N HIS A 240 -13.62 -42.41 -7.99
CA HIS A 240 -13.85 -41.77 -9.27
C HIS A 240 -14.85 -42.54 -10.11
N PHE A 241 -14.76 -43.88 -10.11
CA PHE A 241 -15.72 -44.67 -10.86
C PHE A 241 -17.14 -44.47 -10.31
N ALA A 242 -17.28 -44.53 -8.99
CA ALA A 242 -18.60 -44.34 -8.39
C ALA A 242 -19.13 -42.93 -8.66
N LEU A 243 -18.26 -41.92 -8.57
CA LEU A 243 -18.68 -40.55 -8.81
C LEU A 243 -19.11 -40.34 -10.25
N ALA A 244 -18.37 -40.93 -11.20
CA ALA A 244 -18.78 -40.84 -12.59
C ALA A 244 -20.14 -41.49 -12.80
N LEU A 245 -20.34 -42.68 -12.22
CA LEU A 245 -21.62 -43.36 -12.38
C LEU A 245 -22.76 -42.52 -11.81
N VAL A 246 -22.58 -41.99 -10.59
CA VAL A 246 -23.67 -41.27 -9.95
C VAL A 246 -23.94 -39.95 -10.68
N LEU A 247 -22.89 -39.28 -11.16
CA LEU A 247 -23.08 -38.05 -11.92
C LEU A 247 -23.86 -38.32 -13.19
N ILE A 248 -23.45 -39.34 -13.95
CA ILE A 248 -24.12 -39.63 -15.21
C ILE A 248 -25.58 -40.02 -14.97
N VAL A 249 -25.83 -40.84 -13.95
CA VAL A 249 -27.19 -41.28 -13.69
C VAL A 249 -28.06 -40.13 -13.20
N GLY A 250 -27.54 -39.34 -12.26
CA GLY A 250 -28.34 -38.27 -11.68
C GLY A 250 -28.57 -37.10 -12.62
N SER A 251 -27.67 -36.91 -13.59
CA SER A 251 -27.86 -35.82 -14.54
C SER A 251 -29.11 -36.04 -15.38
N ILE A 252 -29.34 -37.28 -15.82
CA ILE A 252 -30.56 -37.59 -16.56
C ILE A 252 -31.75 -37.83 -15.62
N PHE A 253 -31.51 -37.95 -14.32
CA PHE A 253 -32.55 -38.08 -13.32
C PHE A 253 -32.72 -36.81 -12.51
N LEU A 254 -32.48 -35.65 -13.13
CA LEU A 254 -32.61 -34.36 -12.47
C LEU A 254 -33.44 -33.43 -13.36
N SER A 255 -34.17 -32.53 -12.71
CA SER A 255 -35.02 -31.60 -13.45
C SER A 255 -34.19 -30.62 -14.27
N THR A 256 -33.37 -29.82 -13.61
CA THR A 256 -32.51 -28.81 -14.21
C THR A 256 -33.28 -27.75 -14.99
N ALA A 257 -34.61 -27.78 -14.93
CA ALA A 257 -35.45 -26.81 -15.63
C ALA A 257 -35.83 -25.64 -14.73
N SER A 258 -34.83 -24.98 -14.15
CA SER A 258 -35.08 -23.84 -13.26
C SER A 258 -33.86 -22.92 -13.35
N ASN A 259 -33.98 -21.88 -14.16
CA ASN A 259 -32.90 -20.90 -14.29
C ASN A 259 -33.29 -19.64 -13.53
N PRO A 260 -32.67 -19.35 -12.39
CA PRO A 260 -33.04 -18.16 -11.62
C PRO A 260 -32.53 -16.84 -12.20
N LEU A 261 -31.98 -16.85 -13.41
CA LEU A 261 -31.36 -15.67 -14.00
C LEU A 261 -32.24 -15.05 -15.09
N MET A 262 -33.52 -15.41 -15.15
CA MET A 262 -34.41 -14.81 -16.14
C MET A 262 -34.59 -13.32 -15.87
N SER A 263 -34.63 -12.93 -14.60
CA SER A 263 -34.93 -11.56 -14.21
C SER A 263 -33.69 -10.66 -14.15
N PHE A 264 -32.51 -11.18 -14.50
CA PHE A 264 -31.27 -10.43 -14.42
C PHE A 264 -30.74 -10.14 -15.81
N THR A 265 -30.14 -8.96 -15.96
CA THR A 265 -29.48 -8.62 -17.22
C THR A 265 -28.26 -9.52 -17.44
N VAL A 266 -27.76 -9.50 -18.67
CA VAL A 266 -26.68 -10.42 -19.03
C VAL A 266 -25.43 -10.13 -18.21
N GLY A 267 -25.10 -8.85 -18.02
CA GLY A 267 -23.95 -8.52 -17.19
C GLY A 267 -24.14 -8.94 -15.73
N SER A 268 -25.31 -8.62 -15.18
CA SER A 268 -25.59 -9.03 -13.81
C SER A 268 -25.71 -10.54 -13.69
N SER A 269 -26.24 -11.20 -14.72
CA SER A 269 -26.27 -12.66 -14.72
C SER A 269 -24.85 -13.23 -14.67
N TRP A 270 -23.95 -12.68 -15.48
CA TRP A 270 -22.57 -13.13 -15.46
C TRP A 270 -21.94 -12.90 -14.10
N HIS A 271 -22.19 -11.75 -13.50
CA HIS A 271 -21.59 -11.46 -12.19
C HIS A 271 -22.15 -12.38 -11.11
N LEU A 272 -23.45 -12.67 -11.15
CA LEU A 272 -24.02 -13.58 -10.15
C LEU A 272 -23.50 -15.00 -10.33
N VAL A 273 -23.38 -15.46 -11.58
CA VAL A 273 -22.81 -16.77 -11.83
C VAL A 273 -21.37 -16.82 -11.36
N LEU A 274 -20.62 -15.75 -11.59
CA LEU A 274 -19.24 -15.71 -11.11
C LEU A 274 -19.19 -15.74 -9.59
N GLY A 275 -20.12 -15.04 -8.93
CA GLY A 275 -20.14 -15.05 -7.48
C GLY A 275 -20.44 -16.42 -6.91
N VAL A 276 -21.45 -17.09 -7.44
CA VAL A 276 -21.79 -18.42 -6.94
C VAL A 276 -20.68 -19.41 -7.27
N GLN A 277 -20.07 -19.27 -8.45
CA GLN A 277 -18.95 -20.14 -8.82
C GLN A 277 -17.76 -19.92 -7.90
N LEU A 278 -17.48 -18.66 -7.56
CA LEU A 278 -16.40 -18.37 -6.63
C LEU A 278 -16.70 -18.94 -5.24
N PHE A 279 -17.96 -18.87 -4.81
CA PHE A 279 -18.31 -19.46 -3.53
C PHE A 279 -18.06 -20.97 -3.54
N VAL A 280 -18.49 -21.64 -4.62
CA VAL A 280 -18.30 -23.08 -4.70
C VAL A 280 -16.82 -23.43 -4.76
N THR A 281 -16.04 -22.70 -5.56
CA THR A 281 -14.62 -23.00 -5.67
C THR A 281 -13.89 -22.73 -4.36
N GLY A 282 -14.26 -21.66 -3.66
CA GLY A 282 -13.62 -21.37 -2.38
C GLY A 282 -13.94 -22.42 -1.33
N THR A 283 -15.20 -22.81 -1.21
CA THR A 283 -15.53 -23.85 -0.24
C THR A 283 -14.91 -25.18 -0.63
N ALA A 284 -14.77 -25.44 -1.93
CA ALA A 284 -14.08 -26.65 -2.37
C ALA A 284 -12.60 -26.60 -2.00
N SER A 285 -11.97 -25.43 -2.14
CA SER A 285 -10.58 -25.29 -1.76
C SER A 285 -10.39 -25.51 -0.26
N VAL A 286 -11.29 -24.95 0.55
CA VAL A 286 -11.21 -25.16 1.99
C VAL A 286 -11.42 -26.63 2.34
N LEU A 287 -12.40 -27.27 1.69
CA LEU A 287 -12.65 -28.68 1.93
C LEU A 287 -11.44 -29.53 1.55
N TYR A 288 -10.80 -29.23 0.42
CA TYR A 288 -9.61 -29.98 0.05
C TYR A 288 -8.47 -29.72 1.03
N ALA A 289 -8.33 -28.49 1.51
CA ALA A 289 -7.30 -28.21 2.49
C ALA A 289 -7.49 -29.05 3.73
N GLN A 290 -8.73 -29.17 4.20
CA GLN A 290 -9.01 -30.02 5.35
C GLN A 290 -8.74 -31.49 5.03
N MET A 291 -9.20 -31.96 3.86
CA MET A 291 -9.11 -33.37 3.54
C MET A 291 -7.70 -33.82 3.19
N SER A 292 -6.81 -32.90 2.83
CA SER A 292 -5.45 -33.28 2.47
C SER A 292 -4.73 -33.94 3.64
N ASN A 293 -4.82 -33.33 4.82
CA ASN A 293 -4.29 -33.94 6.02
C ASN A 293 -5.32 -34.80 6.76
N ALA A 294 -6.60 -34.65 6.44
CA ALA A 294 -7.61 -35.53 7.04
C ALA A 294 -7.51 -36.94 6.47
N TYR A 295 -7.22 -37.06 5.17
CA TYR A 295 -7.16 -38.38 4.53
C TYR A 295 -5.94 -38.46 3.61
N PRO A 296 -5.14 -39.50 3.70
CA PRO A 296 -3.99 -39.64 2.80
C PRO A 296 -4.42 -40.13 1.43
N VAL A 297 -4.03 -39.38 0.40
CA VAL A 297 -4.37 -39.75 -0.97
C VAL A 297 -3.16 -39.78 -1.90
N TYR A 298 -2.07 -39.08 -1.60
CA TYR A 298 -0.91 -39.11 -2.48
C TYR A 298 0.20 -39.95 -1.87
N PRO A 299 0.98 -40.65 -2.69
CA PRO A 299 2.06 -41.48 -2.16
C PRO A 299 3.12 -40.63 -1.46
N TYR A 300 3.49 -41.06 -0.26
CA TYR A 300 4.54 -40.40 0.53
C TYR A 300 4.24 -38.92 0.73
N LEU A 301 2.96 -38.60 0.91
CA LEU A 301 2.56 -37.21 1.11
C LEU A 301 2.63 -36.80 2.57
N LEU A 302 2.04 -37.61 3.46
CA LEU A 302 2.06 -37.26 4.88
C LEU A 302 3.47 -37.25 5.44
N THR A 303 4.37 -38.05 4.87
CA THR A 303 5.76 -38.05 5.33
C THR A 303 6.42 -36.70 5.07
N ASP A 304 6.14 -36.08 3.94
CA ASP A 304 6.71 -34.78 3.59
C ASP A 304 5.87 -33.71 4.27
N HIS A 305 6.28 -33.35 5.49
CA HIS A 305 5.53 -32.37 6.26
C HIS A 305 5.46 -30.99 5.61
N PRO A 306 6.55 -30.42 5.07
CA PRO A 306 6.41 -29.11 4.41
C PRO A 306 5.38 -29.11 3.30
N THR A 307 5.29 -30.20 2.53
CA THR A 307 4.28 -30.29 1.49
C THR A 307 2.88 -30.24 2.06
N VAL A 308 2.64 -30.99 3.15
CA VAL A 308 1.31 -31.01 3.76
C VAL A 308 0.94 -29.62 4.25
N VAL A 309 1.88 -28.97 4.96
CA VAL A 309 1.61 -27.63 5.48
C VAL A 309 1.34 -26.66 4.35
N SER A 310 2.16 -26.71 3.29
CA SER A 310 1.99 -25.78 2.19
C SER A 310 0.66 -25.99 1.48
N LEU A 311 0.29 -27.24 1.23
CA LEU A 311 -0.99 -27.51 0.58
C LEU A 311 -2.15 -26.99 1.42
N PHE A 312 -2.14 -27.31 2.71
CA PHE A 312 -3.22 -26.84 3.59
C PHE A 312 -3.32 -25.32 3.57
N VAL A 313 -2.20 -24.64 3.80
CA VAL A 313 -2.23 -23.19 3.95
C VAL A 313 -2.60 -22.52 2.63
N HIS A 314 -2.01 -22.98 1.53
CA HIS A 314 -2.31 -22.39 0.23
C HIS A 314 -3.78 -22.54 -0.11
N HIS A 315 -4.33 -23.73 0.07
CA HIS A 315 -5.72 -23.93 -0.31
C HIS A 315 -6.67 -23.23 0.64
N MET A 316 -6.30 -23.09 1.91
CA MET A 316 -7.10 -22.27 2.81
C MET A 316 -7.12 -20.82 2.37
N TRP A 317 -5.96 -20.28 1.98
CA TRP A 317 -5.92 -18.90 1.52
C TRP A 317 -6.74 -18.71 0.25
N ILE A 318 -6.61 -19.63 -0.70
CA ILE A 318 -7.35 -19.52 -1.95
C ILE A 318 -8.85 -19.64 -1.68
N GLY A 319 -9.24 -20.54 -0.79
CA GLY A 319 -10.65 -20.65 -0.44
C GLY A 319 -11.19 -19.40 0.20
N GLY A 320 -10.43 -18.79 1.11
CA GLY A 320 -10.87 -17.54 1.72
C GLY A 320 -11.00 -16.43 0.71
N PHE A 321 -10.01 -16.29 -0.17
CA PHE A 321 -10.06 -15.25 -1.20
C PHE A 321 -11.27 -15.44 -2.11
N PHE A 322 -11.51 -16.68 -2.54
CA PHE A 322 -12.63 -16.92 -3.44
C PHE A 322 -13.97 -16.78 -2.74
N LEU A 323 -14.04 -17.12 -1.44
CA LEU A 323 -15.27 -16.89 -0.70
C LEU A 323 -15.57 -15.41 -0.58
N VAL A 324 -14.54 -14.59 -0.39
CA VAL A 324 -14.76 -13.14 -0.36
C VAL A 324 -15.18 -12.64 -1.75
N GLY A 325 -14.51 -13.12 -2.79
CA GLY A 325 -14.87 -12.71 -4.14
C GLY A 325 -16.27 -13.12 -4.53
N ALA A 326 -16.78 -14.20 -3.94
CA ALA A 326 -18.15 -14.61 -4.18
C ALA A 326 -19.12 -13.50 -3.80
N PHE A 327 -18.99 -13.00 -2.58
CA PHE A 327 -19.85 -11.90 -2.14
C PHE A 327 -19.54 -10.63 -2.90
N ALA A 328 -18.27 -10.43 -3.28
CA ALA A 328 -17.93 -9.26 -4.09
C ALA A 328 -18.73 -9.24 -5.38
N HIS A 329 -18.75 -10.36 -6.10
CA HIS A 329 -19.47 -10.39 -7.37
C HIS A 329 -20.97 -10.49 -7.19
N LEU A 330 -21.45 -11.05 -6.09
CA LEU A 330 -22.87 -10.95 -5.79
C LEU A 330 -23.28 -9.48 -5.62
N SER A 331 -22.46 -8.70 -4.90
CA SER A 331 -22.72 -7.28 -4.76
C SER A 331 -22.67 -6.57 -6.10
N ILE A 332 -21.69 -6.91 -6.94
CA ILE A 332 -21.57 -6.28 -8.25
C ILE A 332 -22.81 -6.57 -9.08
N GLY A 333 -23.26 -7.83 -9.08
CA GLY A 333 -24.44 -8.18 -9.85
C GLY A 333 -25.70 -7.51 -9.33
N LEU A 334 -25.84 -7.41 -8.01
CA LEU A 334 -27.02 -6.77 -7.45
C LEU A 334 -27.05 -5.28 -7.77
N VAL A 335 -25.92 -4.59 -7.58
CA VAL A 335 -25.93 -3.14 -7.74
C VAL A 335 -25.95 -2.72 -9.21
N ARG A 336 -25.50 -3.58 -10.12
CA ARG A 336 -25.43 -3.23 -11.53
C ARG A 336 -26.63 -3.75 -12.32
N ASP A 337 -27.62 -4.33 -11.66
CA ASP A 337 -28.82 -4.79 -12.34
C ASP A 337 -29.88 -3.70 -12.33
N THR A 338 -30.62 -3.59 -13.43
CA THR A 338 -31.66 -2.58 -13.52
C THR A 338 -32.82 -2.90 -12.58
N LEU A 339 -33.31 -4.14 -12.61
CA LEU A 339 -34.43 -4.57 -11.78
C LEU A 339 -34.06 -5.88 -11.09
N PRO A 340 -33.26 -5.82 -10.04
CA PRO A 340 -32.90 -7.04 -9.28
C PRO A 340 -33.94 -7.39 -8.23
N GLN A 341 -35.19 -7.55 -8.68
CA GLN A 341 -36.29 -7.82 -7.76
C GLN A 341 -36.21 -9.19 -7.11
N SER A 342 -35.32 -10.06 -7.59
CA SER A 342 -35.23 -11.41 -7.06
C SER A 342 -34.86 -11.40 -5.58
N PHE A 343 -33.95 -10.51 -5.18
CA PHE A 343 -33.55 -10.46 -3.78
C PHE A 343 -34.44 -9.51 -2.98
N SER A 344 -35.75 -9.64 -3.17
CA SER A 344 -36.66 -8.70 -2.51
C SER A 344 -36.81 -9.03 -1.03
N VAL A 345 -36.89 -10.32 -0.69
CA VAL A 345 -37.07 -10.71 0.70
C VAL A 345 -35.86 -10.31 1.54
N VAL A 346 -34.66 -10.39 0.96
CA VAL A 346 -33.47 -10.06 1.73
C VAL A 346 -33.20 -8.56 1.72
N LEU A 347 -33.58 -7.85 0.65
CA LEU A 347 -33.44 -6.41 0.67
C LEU A 347 -34.53 -5.73 1.50
N THR A 348 -35.62 -6.44 1.81
CA THR A 348 -36.64 -5.92 2.71
C THR A 348 -36.43 -6.34 4.16
N GLN A 349 -35.69 -7.43 4.40
CA GLN A 349 -35.22 -7.78 5.73
C GLN A 349 -33.79 -7.30 5.96
N ARG A 350 -33.38 -6.27 5.25
CA ARG A 350 -32.01 -5.76 5.32
C ARG A 350 -31.54 -5.61 6.77
N ASP A 351 -32.24 -4.76 7.52
CA ASP A 351 -31.81 -4.45 8.87
C ASP A 351 -31.97 -5.64 9.80
N ILE A 352 -33.01 -6.45 9.60
CA ILE A 352 -33.21 -7.61 10.46
C ILE A 352 -32.03 -8.58 10.34
N ILE A 353 -31.71 -8.96 9.11
CA ILE A 353 -30.61 -9.90 8.88
C ILE A 353 -29.29 -9.30 9.35
N LEU A 354 -29.04 -8.05 8.99
CA LEU A 354 -27.77 -7.42 9.34
C LEU A 354 -27.63 -7.29 10.85
N GLY A 355 -28.70 -6.93 11.55
CA GLY A 355 -28.60 -6.75 12.98
C GLY A 355 -28.47 -8.06 13.74
N HIS A 356 -29.16 -9.09 13.28
CA HIS A 356 -28.97 -10.40 13.91
C HIS A 356 -27.56 -10.91 13.69
N LEU A 357 -27.03 -10.73 12.49
CA LEU A 357 -25.63 -11.09 12.25
C LEU A 357 -24.70 -10.23 13.08
N THR A 358 -25.04 -8.96 13.30
CA THR A 358 -24.24 -8.09 14.15
C THR A 358 -24.20 -8.60 15.57
N TRP A 359 -25.35 -9.00 16.11
CA TRP A 359 -25.37 -9.57 17.45
C TRP A 359 -24.57 -10.86 17.51
N VAL A 360 -24.70 -11.71 16.48
CA VAL A 360 -23.95 -12.96 16.48
C VAL A 360 -22.45 -12.68 16.51
N VAL A 361 -22.00 -11.74 15.69
CA VAL A 361 -20.58 -11.41 15.64
C VAL A 361 -20.13 -10.83 16.97
N ALA A 362 -20.92 -9.93 17.56
CA ALA A 362 -20.56 -9.34 18.85
C ALA A 362 -20.46 -10.41 19.92
N PHE A 363 -21.45 -11.29 19.99
CA PHE A 363 -21.47 -12.37 20.98
C PHE A 363 -20.27 -13.27 20.81
N LEU A 364 -20.02 -13.72 19.59
CA LEU A 364 -18.90 -14.62 19.34
C LEU A 364 -17.57 -13.96 19.67
N GLY A 365 -17.40 -12.71 19.28
CA GLY A 365 -16.14 -12.03 19.53
C GLY A 365 -15.89 -11.85 21.03
N VAL A 366 -16.88 -11.29 21.73
CA VAL A 366 -16.69 -11.07 23.16
C VAL A 366 -16.43 -12.40 23.85
N HIS A 367 -17.19 -13.45 23.52
CA HIS A 367 -17.03 -14.71 24.22
C HIS A 367 -15.68 -15.36 23.94
N SER A 368 -15.32 -15.51 22.67
CA SER A 368 -14.08 -16.20 22.33
C SER A 368 -12.87 -15.42 22.84
N PHE A 369 -12.77 -14.14 22.47
CA PHE A 369 -11.59 -13.41 22.92
C PHE A 369 -11.63 -13.14 24.41
N GLY A 370 -12.79 -13.23 25.05
CA GLY A 370 -12.83 -13.12 26.49
C GLY A 370 -12.37 -14.37 27.18
N LEU A 371 -12.66 -15.54 26.60
CA LEU A 371 -12.04 -16.75 27.11
C LEU A 371 -10.52 -16.63 27.03
N TYR A 372 -10.02 -16.14 25.89
CA TYR A 372 -8.57 -16.01 25.74
C TYR A 372 -7.98 -14.99 26.72
N VAL A 373 -8.60 -13.81 26.83
CA VAL A 373 -8.08 -12.79 27.73
C VAL A 373 -8.25 -13.21 29.19
N HIS A 374 -9.31 -13.94 29.51
CA HIS A 374 -9.49 -14.44 30.87
C HIS A 374 -8.40 -15.44 31.22
N ASN A 375 -8.06 -16.32 30.29
CA ASN A 375 -6.94 -17.23 30.54
C ASN A 375 -5.64 -16.46 30.71
N ASP A 376 -5.42 -15.44 29.87
CA ASP A 376 -4.23 -14.61 30.01
C ASP A 376 -4.16 -13.96 31.38
N THR A 377 -5.27 -13.36 31.82
CA THR A 377 -5.30 -12.67 33.10
C THR A 377 -5.10 -13.65 34.26
N MET A 378 -5.78 -14.79 34.22
CA MET A 378 -5.65 -15.75 35.32
C MET A 378 -4.24 -16.31 35.39
N GLN A 379 -3.61 -16.59 34.24
CA GLN A 379 -2.24 -17.07 34.27
C GLN A 379 -1.29 -16.00 34.74
N ALA A 380 -1.54 -14.74 34.36
CA ALA A 380 -0.72 -13.64 34.84
C ALA A 380 -0.86 -13.45 36.35
N LEU A 381 -2.10 -13.53 36.85
CA LEU A 381 -2.35 -13.40 38.27
C LEU A 381 -1.96 -14.63 39.07
N GLY A 382 -1.40 -15.64 38.43
CA GLY A 382 -1.06 -16.87 39.12
C GLY A 382 -2.28 -17.64 39.59
N ARG A 383 -3.30 -17.76 38.75
CA ARG A 383 -4.52 -18.49 39.06
C ARG A 383 -4.79 -19.50 37.96
N PRO A 384 -3.95 -20.54 37.84
CA PRO A 384 -4.13 -21.51 36.76
C PRO A 384 -5.39 -22.36 36.91
N ASP A 385 -5.95 -22.47 38.12
CA ASP A 385 -7.16 -23.25 38.31
C ASP A 385 -8.41 -22.48 37.94
N ASP A 386 -8.32 -21.17 37.76
CA ASP A 386 -9.44 -20.36 37.31
C ASP A 386 -9.46 -20.16 35.80
N MET A 387 -8.49 -20.72 35.08
CA MET A 387 -8.41 -20.56 33.64
C MET A 387 -9.43 -21.45 32.95
N PHE A 388 -9.42 -21.42 31.63
CA PHE A 388 -10.24 -22.30 30.80
C PHE A 388 -9.30 -23.33 30.17
N SER A 389 -9.11 -24.45 30.86
CA SER A 389 -8.23 -25.50 30.39
C SER A 389 -8.73 -26.83 30.94
N ASP A 390 -8.00 -27.90 30.61
CA ASP A 390 -8.40 -29.23 31.06
C ASP A 390 -8.19 -29.39 32.56
N ASN A 391 -7.14 -28.79 33.10
CA ASN A 391 -6.85 -28.83 34.53
C ASN A 391 -7.62 -27.76 35.30
N ALA A 392 -8.61 -27.15 34.69
CA ALA A 392 -9.35 -26.03 35.23
C ALA A 392 -10.77 -26.13 34.68
N ILE A 393 -11.49 -25.01 34.68
CA ILE A 393 -12.80 -24.96 34.02
C ILE A 393 -12.64 -25.48 32.61
N SER A 394 -13.30 -26.59 32.29
CA SER A 394 -13.06 -27.31 31.05
C SER A 394 -14.18 -26.99 30.06
N LEU A 395 -13.81 -26.42 28.93
CA LEU A 395 -14.75 -26.18 27.83
C LEU A 395 -14.65 -27.31 26.81
N LEU A 396 -15.00 -28.51 27.26
CA LEU A 396 -14.87 -29.68 26.41
C LEU A 396 -15.87 -29.61 25.26
N PRO A 397 -15.42 -29.72 24.02
CA PRO A 397 -16.37 -29.71 22.89
C PRO A 397 -17.12 -31.03 22.78
N VAL A 398 -18.21 -31.16 23.55
CA VAL A 398 -18.94 -32.42 23.60
C VAL A 398 -19.52 -32.77 22.24
N PHE A 399 -20.03 -31.77 21.51
CA PHE A 399 -20.62 -32.04 20.21
C PHE A 399 -19.61 -32.60 19.22
N ALA A 400 -18.32 -32.39 19.48
CA ALA A 400 -17.30 -33.00 18.64
C ALA A 400 -17.11 -34.48 18.94
N ARG A 401 -17.23 -34.87 20.21
CA ARG A 401 -16.89 -36.22 20.64
C ARG A 401 -18.07 -37.18 20.53
N TRP A 402 -18.69 -37.25 19.35
CA TRP A 402 -19.73 -38.24 19.11
C TRP A 402 -19.98 -38.35 17.61
N SER A 403 -19.80 -39.55 17.06
CA SER A 403 -20.26 -39.86 15.71
C SER A 403 -20.79 -41.28 15.62
N THR A 404 -21.13 -41.89 16.76
CA THR A 404 -21.59 -43.28 16.75
C THR A 404 -22.95 -43.39 16.07
N LEU A 405 -23.12 -44.47 15.30
CA LEU A 405 -24.32 -44.67 14.50
C LEU A 405 -24.40 -46.15 14.15
N THR A 406 -25.58 -46.56 13.70
CA THR A 406 -25.75 -47.93 13.22
C THR A 406 -24.77 -48.22 12.10
N LEU A 407 -24.13 -49.39 12.18
CA LEU A 407 -23.02 -49.69 11.27
C LEU A 407 -23.50 -49.82 9.84
N ASN A 408 -24.36 -50.80 9.56
CA ASN A 408 -24.83 -51.09 8.21
C ASN A 408 -23.67 -51.21 7.23
N SER A 409 -22.68 -52.01 7.64
CA SER A 409 -21.49 -52.30 6.83
C SER A 409 -20.72 -51.02 6.47
N THR A 410 -20.20 -50.37 7.51
CA THR A 410 -19.36 -49.20 7.36
C THR A 410 -18.14 -49.34 8.28
N GLY A 411 -17.25 -48.36 8.20
CA GLY A 411 -16.06 -48.39 9.03
C GLY A 411 -15.30 -47.09 8.90
N SER A 412 -14.17 -47.03 9.61
CA SER A 412 -13.29 -45.87 9.61
C SER A 412 -14.02 -44.61 10.04
N ALA A 413 -14.52 -43.84 9.07
CA ALA A 413 -15.16 -42.56 9.37
C ALA A 413 -16.55 -42.75 9.98
N VAL A 414 -16.59 -43.31 11.19
CA VAL A 414 -17.84 -43.49 11.93
C VAL A 414 -17.62 -42.93 13.33
N SER A 415 -16.63 -42.05 13.46
CA SER A 415 -16.17 -41.59 14.77
C SER A 415 -15.70 -40.15 14.62
N VAL A 416 -14.89 -39.70 15.58
CA VAL A 416 -14.38 -38.33 15.60
C VAL A 416 -13.05 -38.32 14.85
N LEU A 417 -12.84 -39.32 14.01
CA LEU A 417 -11.61 -39.51 13.25
C LEU A 417 -10.43 -39.87 14.15
N GLY A 418 -10.72 -40.52 15.28
CA GLY A 418 -9.68 -41.02 16.15
C GLY A 418 -8.85 -39.96 16.84
N VAL A 419 -9.36 -38.73 16.94
CA VAL A 419 -8.64 -37.63 17.57
C VAL A 419 -9.51 -37.08 18.68
N GLU A 420 -8.92 -36.87 19.86
CA GLU A 420 -9.62 -36.28 20.98
C GLU A 420 -9.39 -34.77 21.00
N LEU A 421 -10.45 -34.03 21.31
CA LEU A 421 -10.40 -32.58 21.38
C LEU A 421 -10.47 -32.11 22.83
N SER A 422 -9.97 -30.92 23.07
CA SER A 422 -9.83 -30.39 24.42
C SER A 422 -10.33 -28.95 24.43
N THR A 423 -10.05 -28.24 25.52
CA THR A 423 -10.50 -26.87 25.68
C THR A 423 -9.87 -25.96 24.62
N ALA A 424 -8.59 -26.17 24.33
CA ALA A 424 -7.92 -25.32 23.36
C ALA A 424 -8.55 -25.44 21.99
N ASP A 425 -8.91 -26.66 21.59
CA ASP A 425 -9.60 -26.85 20.31
C ASP A 425 -10.94 -26.15 20.31
N PHE A 426 -11.69 -26.24 21.40
CA PHE A 426 -12.97 -25.55 21.50
C PHE A 426 -12.81 -24.05 21.32
N MET A 427 -11.86 -23.45 22.05
CA MET A 427 -11.70 -22.01 22.00
C MET A 427 -11.21 -21.54 20.63
N VAL A 428 -10.26 -22.28 20.03
CA VAL A 428 -9.77 -21.85 18.73
C VAL A 428 -10.82 -22.06 17.65
N THR A 429 -11.65 -23.11 17.77
CA THR A 429 -12.73 -23.30 16.82
C THR A 429 -13.76 -22.19 16.93
N HIS A 430 -14.05 -21.73 18.15
CA HIS A 430 -14.96 -20.61 18.30
C HIS A 430 -14.34 -19.31 17.78
N ILE A 431 -13.03 -19.15 17.92
CA ILE A 431 -12.36 -18.01 17.30
C ILE A 431 -12.54 -18.06 15.79
N HIS A 432 -12.35 -19.25 15.20
CA HIS A 432 -12.54 -19.41 13.76
C HIS A 432 -13.97 -19.05 13.36
N ALA A 433 -14.94 -19.54 14.13
CA ALA A 433 -16.34 -19.27 13.83
C ALA A 433 -16.62 -17.78 13.91
N PHE A 434 -16.09 -17.11 14.92
CA PHE A 434 -16.31 -15.67 15.06
C PHE A 434 -15.69 -14.90 13.91
N THR A 435 -14.46 -15.23 13.53
CA THR A 435 -13.82 -14.50 12.44
C THR A 435 -14.54 -14.73 11.12
N ILE A 436 -14.97 -15.97 10.88
CA ILE A 436 -15.75 -16.26 9.68
C ILE A 436 -17.06 -15.48 9.70
N HIS A 437 -17.71 -15.42 10.85
CA HIS A 437 -18.96 -14.68 10.96
C HIS A 437 -18.75 -13.20 10.71
N THR A 438 -17.63 -12.64 11.17
CA THR A 438 -17.39 -11.23 10.95
C THR A 438 -17.10 -10.93 9.48
N THR A 439 -16.31 -11.80 8.83
CA THR A 439 -16.10 -11.63 7.39
C THR A 439 -17.42 -11.71 6.64
N VAL A 440 -18.25 -12.69 6.98
CA VAL A 440 -19.56 -12.82 6.35
C VAL A 440 -20.43 -11.62 6.65
N LEU A 441 -20.32 -11.05 7.86
CA LEU A 441 -21.09 -9.87 8.21
C LEU A 441 -20.73 -8.72 7.30
N ILE A 442 -19.44 -8.47 7.12
CA ILE A 442 -19.03 -7.36 6.27
C ILE A 442 -19.49 -7.59 4.84
N LEU A 443 -19.31 -8.81 4.34
CA LEU A 443 -19.69 -9.09 2.95
C LEU A 443 -21.20 -9.00 2.74
N VAL A 444 -21.98 -9.55 3.67
CA VAL A 444 -23.43 -9.50 3.57
C VAL A 444 -23.93 -8.08 3.72
N LYS A 445 -23.30 -7.30 4.59
CA LYS A 445 -23.67 -5.89 4.71
C LYS A 445 -23.39 -5.15 3.40
N GLY A 446 -22.26 -5.43 2.77
CA GLY A 446 -21.98 -4.82 1.48
C GLY A 446 -23.00 -5.21 0.43
N PHE A 447 -23.41 -6.48 0.43
CA PHE A 447 -24.43 -6.91 -0.51
C PHE A 447 -25.77 -6.20 -0.25
N LEU A 448 -26.22 -6.20 1.01
CA LEU A 448 -27.54 -5.68 1.32
C LEU A 448 -27.60 -4.18 1.17
N TYR A 449 -26.64 -3.46 1.74
CA TYR A 449 -26.58 -2.00 1.60
C TYR A 449 -25.81 -1.61 0.34
N ALA A 450 -26.18 -2.19 -0.79
CA ALA A 450 -25.53 -1.91 -2.06
C ALA A 450 -26.33 -0.96 -2.94
N ARG A 451 -27.65 -1.11 -2.95
CA ARG A 451 -28.50 -0.23 -3.75
C ARG A 451 -29.00 0.96 -2.94
N SER A 452 -29.23 0.80 -1.65
CA SER A 452 -29.71 1.89 -0.81
C SER A 452 -29.40 1.55 0.64
N SER A 453 -29.39 2.59 1.47
CA SER A 453 -29.17 2.42 2.89
C SER A 453 -29.84 3.56 3.64
N ARG A 454 -29.89 3.43 4.97
CA ARG A 454 -30.49 4.49 5.78
C ARG A 454 -29.67 5.76 5.71
N LEU A 455 -28.36 5.65 5.49
CA LEU A 455 -27.51 6.83 5.39
C LEU A 455 -27.63 7.47 4.01
N VAL A 456 -27.26 6.74 2.97
CA VAL A 456 -27.36 7.20 1.59
C VAL A 456 -28.45 6.39 0.89
N ASN A 457 -29.40 7.07 0.28
CA ASN A 457 -30.61 6.45 -0.23
C ASN A 457 -30.59 6.21 -1.73
N ASP A 458 -29.49 6.49 -2.41
CA ASP A 458 -29.39 6.26 -3.84
C ASP A 458 -28.06 5.61 -4.18
N LYS A 459 -27.63 4.65 -3.37
CA LYS A 459 -26.34 4.01 -3.57
C LYS A 459 -26.30 3.17 -4.85
N TYR A 460 -27.45 2.80 -5.40
CA TYR A 460 -27.44 2.09 -6.68
C TYR A 460 -27.05 3.01 -7.82
N LYS A 461 -27.34 4.31 -7.69
CA LYS A 461 -26.89 5.28 -8.68
C LYS A 461 -25.38 5.47 -8.65
N LEU A 462 -24.73 5.08 -7.56
CA LEU A 462 -23.29 5.26 -7.41
C LEU A 462 -22.49 4.05 -7.91
N ASP A 463 -23.16 3.04 -8.47
CA ASP A 463 -22.52 1.84 -8.99
C ASP A 463 -21.89 1.04 -7.85
N PHE A 464 -20.93 0.17 -8.18
CA PHE A 464 -20.34 -0.75 -7.22
C PHE A 464 -19.14 -0.17 -6.50
N ARG A 465 -18.27 0.54 -7.22
CA ARG A 465 -16.99 0.98 -6.67
C ARG A 465 -16.94 2.51 -6.70
N TYR A 466 -17.15 3.13 -5.54
CA TYR A 466 -17.03 4.56 -5.38
C TYR A 466 -16.34 4.84 -4.05
N PRO A 467 -15.60 5.94 -3.95
CA PRO A 467 -14.85 6.21 -2.73
C PRO A 467 -15.74 6.49 -1.54
N CYS A 468 -16.76 7.32 -1.74
CA CYS A 468 -17.65 7.77 -0.69
C CYS A 468 -18.83 8.48 -1.33
N ASP A 469 -19.68 9.08 -0.50
CA ASP A 469 -20.67 10.03 -0.95
C ASP A 469 -20.36 11.45 -0.49
N GLY A 470 -19.40 11.62 0.40
CA GLY A 470 -19.00 12.92 0.88
C GLY A 470 -18.82 12.91 2.39
N PRO A 471 -18.28 14.00 2.93
CA PRO A 471 -18.16 14.14 4.38
C PRO A 471 -19.45 14.50 5.09
N GLY A 472 -20.57 14.51 4.37
CA GLY A 472 -21.83 14.85 4.97
C GLY A 472 -22.43 13.71 5.76
N ARG A 473 -23.56 14.01 6.41
CA ARG A 473 -24.23 13.07 7.30
C ARG A 473 -23.28 12.56 8.37
N GLY A 474 -22.37 13.43 8.81
CA GLY A 474 -21.30 13.05 9.70
C GLY A 474 -20.09 12.46 9.00
N GLY A 475 -20.25 11.96 7.78
CA GLY A 475 -19.18 11.29 7.06
C GLY A 475 -19.67 10.00 6.45
N THR A 476 -19.46 9.83 5.16
CA THR A 476 -19.96 8.66 4.50
C THR A 476 -18.90 7.89 3.79
N CYS A 477 -17.71 7.83 4.36
CA CYS A 477 -16.64 7.14 3.72
C CYS A 477 -16.81 5.67 3.80
N GLN A 478 -16.32 4.96 2.82
CA GLN A 478 -16.42 3.53 2.82
C GLN A 478 -17.80 2.94 2.94
N ILE A 479 -18.76 3.48 2.22
CA ILE A 479 -20.10 2.90 2.17
C ILE A 479 -20.28 1.96 0.98
N SER A 480 -19.38 2.01 0.00
CA SER A 480 -19.60 1.28 -1.23
C SER A 480 -19.49 -0.22 -1.00
N PRO A 481 -20.17 -1.03 -1.82
CA PRO A 481 -19.94 -2.48 -1.76
C PRO A 481 -18.50 -2.85 -1.98
N TRP A 482 -17.79 -2.09 -2.81
CA TRP A 482 -16.37 -2.31 -2.98
C TRP A 482 -15.62 -2.13 -1.67
N ASP A 483 -15.96 -1.09 -0.91
CA ASP A 483 -15.30 -0.86 0.37
C ASP A 483 -15.66 -1.95 1.37
N HIS A 484 -16.88 -2.49 1.29
CA HIS A 484 -17.23 -3.61 2.15
C HIS A 484 -16.42 -4.86 1.80
N VAL A 485 -16.19 -5.11 0.51
CA VAL A 485 -15.29 -6.19 0.13
C VAL A 485 -13.88 -5.88 0.58
N PHE A 486 -13.50 -4.60 0.56
CA PHE A 486 -12.17 -4.19 0.99
C PHE A 486 -11.95 -4.49 2.47
N LEU A 487 -12.95 -4.25 3.31
CA LEU A 487 -12.84 -4.58 4.72
C LEU A 487 -12.98 -6.09 4.95
N GLY A 488 -13.85 -6.74 4.19
CA GLY A 488 -14.01 -8.17 4.31
C GLY A 488 -12.76 -8.93 3.92
N LEU A 489 -11.93 -8.35 3.04
CA LEU A 489 -10.67 -8.97 2.70
C LEU A 489 -9.70 -8.93 3.88
N PHE A 490 -9.67 -7.81 4.61
CA PHE A 490 -8.89 -7.77 5.85
C PHE A 490 -9.39 -8.81 6.84
N TRP A 491 -10.71 -8.92 7.00
CA TRP A 491 -11.21 -9.87 7.99
C TRP A 491 -11.03 -11.30 7.54
N MET A 492 -11.08 -11.56 6.23
CA MET A 492 -10.71 -12.87 5.71
C MET A 492 -9.24 -13.16 5.99
N TYR A 493 -8.39 -12.17 5.81
CA TYR A 493 -6.98 -12.35 6.15
C TYR A 493 -6.81 -12.73 7.61
N ASN A 494 -7.53 -12.03 8.50
CA ASN A 494 -7.45 -12.35 9.92
C ASN A 494 -7.95 -13.77 10.18
N SER A 495 -9.10 -14.12 9.61
CA SER A 495 -9.69 -15.43 9.84
C SER A 495 -8.78 -16.54 9.35
N ILE A 496 -8.31 -16.45 8.11
CA ILE A 496 -7.47 -17.50 7.54
C ILE A 496 -6.12 -17.54 8.24
N SER A 497 -5.59 -16.39 8.67
CA SER A 497 -4.35 -16.39 9.42
C SER A 497 -4.49 -17.15 10.73
N VAL A 498 -5.60 -16.92 11.44
CA VAL A 498 -5.83 -17.66 12.67
C VAL A 498 -6.05 -19.14 12.38
N VAL A 499 -6.74 -19.45 11.29
CA VAL A 499 -6.99 -20.85 10.93
C VAL A 499 -5.69 -21.58 10.65
N ILE A 500 -4.82 -20.97 9.85
CA ILE A 500 -3.56 -21.62 9.51
C ILE A 500 -2.62 -21.64 10.71
N PHE A 501 -2.71 -20.66 11.60
CA PHE A 501 -1.95 -20.72 12.85
C PHE A 501 -2.40 -21.90 13.69
N HIS A 502 -3.70 -22.09 13.81
CA HIS A 502 -4.23 -23.22 14.55
C HIS A 502 -3.76 -24.54 13.94
N PHE A 503 -3.88 -24.65 12.61
CA PHE A 503 -3.45 -25.88 11.95
C PHE A 503 -1.95 -26.13 12.12
N PHE A 504 -1.14 -25.09 11.95
CA PHE A 504 0.30 -25.27 12.03
C PHE A 504 0.74 -25.64 13.43
N TRP A 505 0.17 -24.99 14.45
CA TRP A 505 0.55 -25.33 15.81
C TRP A 505 0.06 -26.73 16.18
N GLU A 506 -1.14 -27.11 15.74
CA GLU A 506 -1.61 -28.46 15.99
C GLU A 506 -0.74 -29.48 15.29
N TYR A 507 -0.31 -29.18 14.05
CA TYR A 507 0.52 -30.09 13.29
C TYR A 507 1.87 -30.28 13.97
N GLN A 508 2.50 -29.18 14.38
CA GLN A 508 3.79 -29.27 15.06
C GLN A 508 3.65 -29.98 16.40
N SER A 509 2.55 -29.73 17.12
CA SER A 509 2.32 -30.40 18.38
C SER A 509 2.17 -31.90 18.19
N ASN A 510 1.42 -32.31 17.16
CA ASN A 510 1.28 -33.73 16.87
C ASN A 510 2.60 -34.34 16.45
N LEU A 511 3.40 -33.63 15.67
CA LEU A 511 4.70 -34.14 15.27
C LEU A 511 5.61 -34.33 16.48
N ALA A 512 5.61 -33.37 17.40
CA ALA A 512 6.39 -33.52 18.61
C ALA A 512 5.88 -34.66 19.48
N SER A 513 4.55 -34.82 19.55
CA SER A 513 3.97 -35.86 20.39
C SER A 513 4.26 -37.26 19.85
N ILE A 514 4.16 -37.43 18.52
CA ILE A 514 4.49 -38.73 17.94
C ILE A 514 5.99 -38.98 18.01
N LYS A 515 6.79 -37.93 18.24
CA LYS A 515 8.20 -38.06 18.54
C LYS A 515 8.44 -38.28 20.01
N ALA A 516 7.46 -38.86 20.69
CA ALA A 516 7.63 -39.32 22.06
C ALA A 516 8.87 -40.19 22.16
N SER A 517 8.97 -41.16 21.26
CA SER A 517 10.05 -42.14 21.07
C SER A 517 9.41 -43.43 20.61
N ALA A 518 8.67 -44.06 21.55
CA ALA A 518 8.02 -45.34 21.39
C ALA A 518 7.54 -45.79 22.77
N GLY A 519 8.43 -45.71 23.76
CA GLY A 519 8.09 -46.01 25.14
C GLY A 519 7.22 -44.97 25.81
N GLY A 520 7.60 -43.70 25.66
CA GLY A 520 6.78 -42.62 26.18
C GLY A 520 5.38 -42.65 25.60
N SER A 521 4.42 -43.00 26.44
CA SER A 521 3.04 -43.20 26.03
C SER A 521 2.06 -42.37 26.86
N ILE A 522 2.54 -41.74 27.93
CA ILE A 522 1.74 -40.73 28.60
C ILE A 522 2.19 -39.38 28.04
N ARG A 523 1.44 -38.89 27.07
CA ARG A 523 1.67 -37.57 26.53
C ARG A 523 1.14 -36.49 27.45
N ALA A 524 0.64 -36.90 28.63
CA ALA A 524 -0.10 -36.04 29.54
C ALA A 524 -0.96 -35.06 28.77
N LEU A 525 -0.74 -33.77 29.00
CA LEU A 525 -1.05 -32.79 27.98
C LEU A 525 0.06 -32.73 26.97
N ALA A 526 1.24 -32.30 27.42
CA ALA A 526 2.36 -31.99 26.53
C ALA A 526 1.78 -31.19 25.39
N SER A 527 1.67 -31.83 24.22
CA SER A 527 0.86 -31.34 23.11
C SER A 527 0.90 -29.83 22.99
N ASP A 528 2.10 -29.27 22.86
CA ASP A 528 2.41 -27.86 23.14
C ASP A 528 1.24 -26.95 22.82
N PHE A 529 0.58 -27.20 21.69
CA PHE A 529 -0.64 -26.48 21.36
C PHE A 529 -1.68 -26.60 22.47
N GLU A 530 -2.03 -27.83 22.85
CA GLU A 530 -3.13 -28.02 23.80
C GLU A 530 -2.81 -27.40 25.16
N LEU A 531 -1.54 -27.36 25.53
CA LEU A 531 -1.13 -26.82 26.82
C LEU A 531 -0.94 -25.32 26.80
N ASN A 532 -0.60 -24.73 25.65
CA ASN A 532 -0.27 -23.33 25.58
C ASN A 532 -1.18 -22.48 24.70
N SER A 533 -1.93 -23.08 23.78
CA SER A 533 -2.80 -22.29 22.92
C SER A 533 -4.11 -21.96 23.62
N ILE A 534 -4.02 -21.38 24.82
CA ILE A 534 -5.20 -20.99 25.57
C ILE A 534 -5.06 -19.53 25.97
N ASN A 535 -3.86 -18.99 25.82
CA ASN A 535 -3.58 -17.59 26.11
C ASN A 535 -3.13 -16.90 24.84
N THR A 536 -3.37 -15.59 24.77
CA THR A 536 -2.71 -14.79 23.73
C THR A 536 -1.21 -14.78 23.97
N ASN A 537 -0.78 -14.70 25.23
CA ASN A 537 0.63 -14.83 25.55
C ASN A 537 1.15 -16.21 25.18
N GLY A 538 0.34 -17.25 25.40
CA GLY A 538 0.75 -18.58 25.01
C GLY A 538 1.06 -18.67 23.53
N TRP A 539 0.19 -18.12 22.69
CA TRP A 539 0.47 -18.06 21.27
C TRP A 539 1.73 -17.25 21.00
N LEU A 540 1.76 -16.00 21.50
CA LEU A 540 2.86 -15.09 21.19
C LEU A 540 4.21 -15.67 21.58
N ARG A 541 4.25 -16.49 22.61
CA ARG A 541 5.52 -17.05 23.07
C ARG A 541 5.83 -18.38 22.39
N ASN A 542 4.92 -19.36 22.50
CA ASN A 542 5.23 -20.71 22.10
C ASN A 542 4.97 -21.00 20.63
N PHE A 543 4.33 -20.09 19.88
CA PHE A 543 4.15 -20.30 18.46
C PHE A 543 4.92 -19.27 17.62
N LEU A 544 4.60 -17.99 17.75
CA LEU A 544 5.24 -16.99 16.91
C LEU A 544 6.70 -16.82 17.27
N TRP A 545 6.97 -16.40 18.51
CA TRP A 545 8.35 -16.18 18.94
C TRP A 545 9.14 -17.48 18.94
N SER A 546 8.50 -18.59 19.30
CA SER A 546 9.21 -19.86 19.37
C SER A 546 9.63 -20.35 17.99
N GLY A 547 8.71 -20.35 17.03
CA GLY A 547 9.05 -20.82 15.71
C GLY A 547 9.76 -19.82 14.84
N ALA A 548 9.82 -18.54 15.25
CA ALA A 548 10.53 -17.56 14.45
C ALA A 548 12.03 -17.75 14.48
N ALA A 549 12.54 -18.61 15.36
CA ALA A 549 13.97 -18.85 15.40
C ALA A 549 14.46 -19.42 14.08
N GLN A 550 13.68 -20.30 13.47
CA GLN A 550 14.08 -20.89 12.20
C GLN A 550 14.18 -19.85 11.10
N VAL A 551 13.23 -18.92 11.06
CA VAL A 551 13.21 -17.98 9.94
C VAL A 551 14.18 -16.81 10.17
N ILE A 552 14.47 -16.47 11.42
CA ILE A 552 15.40 -15.37 11.67
C ILE A 552 16.84 -15.82 11.77
N GLN A 553 17.09 -17.11 12.03
CA GLN A 553 18.43 -17.67 12.06
C GLN A 553 18.78 -18.40 10.77
N SER A 554 18.12 -18.04 9.67
CA SER A 554 18.29 -18.71 8.39
C SER A 554 19.41 -18.12 7.55
N TYR A 555 20.03 -17.04 8.01
CA TYR A 555 21.09 -16.41 7.23
C TYR A 555 22.30 -17.32 7.11
N GLY A 556 22.85 -17.40 5.90
CA GLY A 556 23.92 -18.32 5.61
C GLY A 556 23.48 -19.74 5.35
N SER A 557 22.18 -20.01 5.37
CA SER A 557 21.64 -21.34 5.13
C SER A 557 20.73 -21.28 3.90
N PRO A 558 20.28 -22.41 3.37
CA PRO A 558 19.37 -22.36 2.21
C PRO A 558 18.06 -21.65 2.49
N LEU A 559 17.69 -21.46 3.74
CA LEU A 559 16.46 -20.76 4.11
C LEU A 559 16.68 -19.25 4.26
N ALA A 560 17.86 -18.76 3.88
CA ALA A 560 18.09 -17.32 3.88
C ALA A 560 17.11 -16.61 2.96
N ALA A 561 16.67 -17.27 1.89
CA ALA A 561 15.65 -16.68 1.05
C ALA A 561 14.34 -16.51 1.81
N TYR A 562 13.99 -17.49 2.65
CA TYR A 562 12.80 -17.35 3.48
C TYR A 562 12.97 -16.19 4.46
N GLY A 563 14.17 -16.04 5.03
CA GLY A 563 14.41 -14.91 5.92
C GLY A 563 14.25 -13.57 5.21
N LEU A 564 14.81 -13.47 4.02
CA LEU A 564 14.71 -12.22 3.25
C LEU A 564 13.27 -11.93 2.84
N THR A 565 12.51 -12.96 2.47
CA THR A 565 11.10 -12.75 2.15
C THR A 565 10.30 -12.39 3.39
N PHE A 566 10.69 -12.92 4.55
CA PHE A 566 10.10 -12.49 5.82
C PHE A 566 10.28 -10.98 6.02
N LEU A 567 11.51 -10.51 5.84
CA LEU A 567 11.77 -9.08 5.98
C LEU A 567 11.00 -8.27 4.95
N ALA A 568 11.00 -8.72 3.69
CA ALA A 568 10.31 -7.99 2.64
C ALA A 568 8.81 -7.96 2.87
N SER A 569 8.26 -9.04 3.43
CA SER A 569 6.84 -9.07 3.74
C SER A 569 6.51 -8.07 4.84
N HIS A 570 7.36 -7.98 5.87
CA HIS A 570 7.15 -6.95 6.88
C HIS A 570 7.20 -5.55 6.27
N PHE A 571 8.16 -5.33 5.37
CA PHE A 571 8.29 -4.03 4.70
C PHE A 571 7.04 -3.69 3.91
N VAL A 572 6.54 -4.64 3.12
CA VAL A 572 5.36 -4.41 2.31
C VAL A 572 4.14 -4.18 3.20
N TRP A 573 4.08 -4.86 4.33
CA TRP A 573 2.97 -4.69 5.23
C TRP A 573 2.96 -3.35 5.90
N ALA A 574 4.10 -2.81 6.25
CA ALA A 574 4.14 -1.46 6.79
C ALA A 574 3.88 -0.42 5.70
N LEU A 575 4.30 -0.68 4.47
CA LEU A 575 3.94 0.19 3.36
C LEU A 575 2.42 0.20 3.15
N SER A 576 1.78 -0.89 3.48
CA SER A 576 0.37 -0.94 3.34
C SER A 576 -0.19 -0.04 4.36
N LEU A 577 0.32 -0.14 5.58
CA LEU A 577 -0.13 0.77 6.61
C LEU A 577 -0.03 2.21 6.13
N MET A 578 1.06 2.53 5.43
CA MET A 578 1.20 3.87 4.85
C MET A 578 0.03 4.21 3.95
N PHE A 579 -0.30 3.30 3.04
CA PHE A 579 -1.36 3.59 2.08
C PHE A 579 -2.74 3.64 2.74
N LEU A 580 -2.98 2.78 3.74
CA LEU A 580 -4.30 2.68 4.34
C LEU A 580 -4.58 3.83 5.30
N PHE A 581 -3.57 4.25 6.07
CA PHE A 581 -3.81 5.28 7.07
C PHE A 581 -3.91 6.67 6.46
N SER A 582 -3.25 6.91 5.33
CA SER A 582 -3.17 8.24 4.76
C SER A 582 -4.33 8.50 3.82
N GLY A 583 -4.33 9.69 3.21
CA GLY A 583 -5.42 10.10 2.35
C GLY A 583 -4.90 10.77 1.10
N ARG A 584 -5.81 10.90 0.12
CA ARG A 584 -5.41 11.33 -1.22
C ARG A 584 -4.99 12.80 -1.25
N GLY A 585 -5.63 13.65 -0.44
CA GLY A 585 -5.39 15.08 -0.56
C GLY A 585 -3.99 15.50 -0.16
N TYR A 586 -3.48 14.88 0.84
CA TYR A 586 -2.20 15.28 1.24
C TYR A 586 -1.25 14.97 0.14
N TRP A 587 -1.25 13.74 -0.35
CA TRP A 587 -0.35 13.34 -1.41
C TRP A 587 -0.54 14.21 -2.65
N GLN A 588 -1.76 14.66 -2.92
CA GLN A 588 -1.96 15.56 -4.05
C GLN A 588 -1.21 16.86 -3.83
N GLU A 589 -1.27 17.43 -2.63
CA GLU A 589 -0.56 18.67 -2.38
C GLU A 589 0.96 18.47 -2.44
N LEU A 590 1.44 17.34 -1.91
CA LEU A 590 2.87 17.03 -2.02
C LEU A 590 3.28 16.92 -3.48
N ILE A 591 2.46 16.27 -4.30
CA ILE A 591 2.74 16.17 -5.72
C ILE A 591 2.68 17.54 -6.38
N GLU A 592 1.83 18.44 -5.88
CA GLU A 592 1.82 19.80 -6.40
C GLU A 592 3.14 20.49 -6.18
N SER A 593 3.69 20.36 -4.97
CA SER A 593 5.00 20.96 -4.69
C SER A 593 6.08 20.33 -5.55
N VAL A 594 6.08 19.00 -5.67
CA VAL A 594 7.07 18.31 -6.49
C VAL A 594 6.94 18.72 -7.96
N LEU A 595 5.71 18.92 -8.43
CA LEU A 595 5.49 19.31 -9.81
C LEU A 595 5.90 20.76 -10.04
N TRP A 596 5.77 21.61 -9.02
CA TRP A 596 6.38 22.94 -9.13
C TRP A 596 7.88 22.83 -9.29
N ALA A 597 8.50 21.95 -8.50
CA ALA A 597 9.94 21.73 -8.64
C ALA A 597 10.30 21.29 -10.05
N HIS A 598 9.48 20.43 -10.64
CA HIS A 598 9.70 19.99 -12.01
C HIS A 598 9.55 21.15 -12.99
N HIS A 599 8.46 21.90 -12.89
CA HIS A 599 8.22 23.02 -13.80
C HIS A 599 9.33 24.06 -13.71
N LYS A 600 9.90 24.23 -12.51
CA LYS A 600 10.98 25.19 -12.36
C LYS A 600 12.17 24.85 -13.23
N LEU A 601 12.35 23.57 -13.57
CA LEU A 601 13.46 23.13 -14.40
C LEU A 601 13.01 22.75 -15.81
N TYR A 602 11.88 23.29 -16.27
CA TYR A 602 11.39 23.09 -17.63
C TYR A 602 11.13 21.62 -17.94
N VAL A 603 10.81 20.83 -16.91
CA VAL A 603 10.56 19.40 -17.13
C VAL A 603 9.13 19.19 -17.61
N VAL A 604 8.15 19.67 -16.85
CA VAL A 604 6.74 19.77 -17.20
C VAL A 604 6.21 18.51 -17.90
N PRO A 605 5.98 17.42 -17.17
CA PRO A 605 5.26 16.29 -17.76
C PRO A 605 3.82 16.66 -18.10
N HIS A 606 3.34 16.15 -19.23
CA HIS A 606 1.96 16.48 -19.67
C HIS A 606 0.98 15.46 -19.10
N ILE A 607 1.36 14.20 -18.95
CA ILE A 607 0.46 13.27 -18.23
C ILE A 607 0.50 13.78 -16.80
N GLN A 608 -0.39 14.71 -16.46
CA GLN A 608 -0.33 15.40 -15.15
C GLN A 608 -0.26 14.41 -13.99
N PRO A 609 0.79 14.49 -13.14
CA PRO A 609 0.89 13.70 -11.95
C PRO A 609 -0.23 13.84 -10.96
N ARG A 610 -1.09 12.85 -10.84
CA ARG A 610 -2.13 12.82 -9.82
C ARG A 610 -1.88 11.65 -8.89
N ALA A 611 -2.04 11.88 -7.59
CA ALA A 611 -1.89 10.79 -6.64
C ALA A 611 -3.04 9.81 -6.78
N LEU A 612 -2.84 8.61 -6.24
CA LEU A 612 -3.83 7.55 -6.39
C LEU A 612 -5.18 7.99 -5.84
N SER A 613 -6.25 7.66 -6.56
CA SER A 613 -7.57 8.00 -6.09
C SER A 613 -7.87 7.28 -4.76
N ILE A 614 -8.95 7.72 -4.11
CA ILE A 614 -9.27 7.19 -2.79
C ILE A 614 -9.44 5.69 -2.84
N THR A 615 -10.25 5.21 -3.79
CA THR A 615 -10.43 3.76 -3.94
C THR A 615 -9.13 3.10 -4.39
N SER A 616 -8.38 3.76 -5.28
CA SER A 616 -7.10 3.20 -5.70
C SER A 616 -6.12 3.11 -4.53
N GLY A 617 -6.09 4.14 -3.69
CA GLY A 617 -5.25 4.09 -2.51
C GLY A 617 -5.64 2.98 -1.56
N ARG A 618 -6.94 2.82 -1.31
CA ARG A 618 -7.40 1.73 -0.47
C ARG A 618 -7.03 0.37 -1.07
N ALA A 619 -7.19 0.22 -2.38
CA ALA A 619 -6.87 -1.05 -3.02
C ALA A 619 -5.38 -1.35 -2.96
N VAL A 620 -4.53 -0.34 -3.17
CA VAL A 620 -3.09 -0.55 -3.07
C VAL A 620 -2.72 -0.92 -1.64
N GLY A 621 -3.30 -0.24 -0.66
CA GLY A 621 -3.02 -0.58 0.72
C GLY A 621 -3.46 -1.99 1.07
N LEU A 622 -4.63 -2.40 0.61
CA LEU A 622 -5.10 -3.75 0.87
C LEU A 622 -4.24 -4.79 0.18
N THR A 623 -3.83 -4.52 -1.06
CA THR A 623 -2.96 -5.45 -1.76
C THR A 623 -1.64 -5.62 -1.03
N HIS A 624 -1.05 -4.52 -0.58
CA HIS A 624 0.20 -4.61 0.16
C HIS A 624 0.01 -5.28 1.50
N TYR A 625 -1.14 -5.05 2.15
CA TYR A 625 -1.40 -5.66 3.45
C TYR A 625 -1.51 -7.17 3.32
N LEU A 626 -2.30 -7.62 2.36
CA LEU A 626 -2.43 -9.05 2.11
C LEU A 626 -1.09 -9.66 1.71
N LEU A 627 -0.36 -8.99 0.82
CA LEU A 627 0.93 -9.51 0.39
C LEU A 627 1.88 -9.63 1.56
N GLY A 628 1.98 -8.58 2.39
CA GLY A 628 2.90 -8.62 3.50
C GLY A 628 2.54 -9.66 4.53
N GLY A 629 1.28 -9.71 4.94
CA GLY A 629 0.89 -10.69 5.94
C GLY A 629 1.02 -12.12 5.44
N ILE A 630 0.53 -12.38 4.23
CA ILE A 630 0.59 -13.73 3.67
C ILE A 630 2.02 -14.13 3.40
N GLY A 631 2.87 -13.20 2.96
CA GLY A 631 4.27 -13.52 2.74
C GLY A 631 5.02 -13.77 4.04
N THR A 632 4.70 -13.01 5.09
CA THR A 632 5.30 -13.27 6.39
C THR A 632 4.93 -14.66 6.88
N THR A 633 3.64 -15.01 6.79
CA THR A 633 3.24 -16.34 7.19
C THR A 633 3.85 -17.40 6.30
N TRP A 634 3.99 -17.12 5.01
CA TRP A 634 4.59 -18.06 4.07
C TRP A 634 6.04 -18.35 4.44
N SER A 635 6.83 -17.28 4.61
CA SER A 635 8.22 -17.45 4.98
C SER A 635 8.35 -18.15 6.32
N PHE A 636 7.55 -17.73 7.31
CA PHE A 636 7.64 -18.31 8.64
C PHE A 636 7.31 -19.80 8.61
N PHE A 637 6.16 -20.16 8.02
CA PHE A 637 5.76 -21.55 7.96
C PHE A 637 6.78 -22.40 7.22
N LEU A 638 7.23 -21.92 6.05
CA LEU A 638 8.12 -22.74 5.24
C LEU A 638 9.47 -22.92 5.92
N ALA A 639 10.05 -21.85 6.48
CA ALA A 639 11.32 -21.99 7.18
C ALA A 639 11.19 -22.91 8.38
N ARG A 640 10.13 -22.72 9.17
CA ARG A 640 9.94 -23.53 10.37
C ARG A 640 9.74 -25.00 10.03
N ILE A 641 8.97 -25.30 8.98
CA ILE A 641 8.64 -26.68 8.68
C ILE A 641 9.70 -27.37 7.83
N VAL A 642 10.57 -26.60 7.16
CA VAL A 642 11.66 -27.22 6.41
C VAL A 642 12.88 -27.44 7.31
N ALA A 643 13.22 -26.45 8.14
CA ALA A 643 14.35 -26.63 9.04
C ALA A 643 14.08 -27.73 10.06
N THR A 644 12.88 -27.77 10.63
CA THR A 644 12.54 -28.73 11.67
C THR A 644 11.86 -29.98 11.14
N ALA A 645 11.62 -30.07 9.84
CA ALA A 645 10.99 -31.26 9.25
C ALA A 645 11.21 -31.30 7.75
N TYR B 1 -33.04 16.81 29.06
CA TYR B 1 -32.49 17.45 27.87
C TYR B 1 -31.61 16.46 27.11
N GLY B 2 -30.45 16.94 26.68
CA GLY B 2 -29.49 16.07 26.02
C GLY B 2 -29.97 15.47 24.72
N ARG B 3 -30.70 16.25 23.92
CA ARG B 3 -31.12 15.80 22.59
C ARG B 3 -30.06 16.09 21.55
N CYS B 4 -28.84 15.66 21.83
CA CYS B 4 -27.71 15.74 20.91
C CYS B 4 -27.34 14.31 20.49
N ALA B 5 -26.25 14.20 19.73
CA ALA B 5 -25.73 12.91 19.33
C ALA B 5 -24.46 12.60 20.11
N THR B 6 -24.01 11.35 20.02
CA THR B 6 -22.73 10.99 20.60
C THR B 6 -21.59 11.73 19.93
N GLN B 7 -21.82 12.26 18.73
CA GLN B 7 -20.82 13.09 18.06
C GLN B 7 -20.51 14.34 18.86
N ARG B 8 -21.45 14.80 19.69
CA ARG B 8 -21.23 15.98 20.51
C ARG B 8 -20.05 15.78 21.46
N TYR B 9 -19.96 14.59 22.06
CA TYR B 9 -18.85 14.28 22.95
C TYR B 9 -17.52 14.51 22.27
N PHE B 10 -17.25 13.75 21.21
CA PHE B 10 -15.96 13.81 20.53
C PHE B 10 -15.77 15.12 19.76
N GLN B 11 -16.84 15.89 19.55
CA GLN B 11 -16.66 17.19 18.92
C GLN B 11 -16.21 18.23 19.93
N VAL B 12 -16.79 18.23 21.12
CA VAL B 12 -16.41 19.23 22.12
C VAL B 12 -15.16 18.79 22.86
N LEU B 13 -15.04 17.50 23.19
CA LEU B 13 -13.86 17.02 23.88
C LEU B 13 -12.59 17.22 23.08
N GLY B 14 -12.69 17.30 21.75
CA GLY B 14 -11.53 17.63 20.95
C GLY B 14 -11.13 19.09 21.00
N ASN B 15 -12.03 19.95 21.44
CA ASN B 15 -11.76 21.38 21.59
C ASN B 15 -12.05 21.86 23.00
N ILE B 16 -12.16 20.94 23.96
CA ILE B 16 -12.56 21.30 25.31
C ILE B 16 -11.54 22.23 25.96
N HIS B 17 -10.28 22.15 25.53
CA HIS B 17 -9.24 23.04 26.02
C HIS B 17 -8.83 24.09 24.98
N ASP B 18 -9.56 24.18 23.87
CA ASP B 18 -9.34 25.25 22.89
C ASP B 18 -10.01 26.51 23.43
N ILE B 19 -9.39 27.06 24.47
CA ILE B 19 -9.99 28.15 25.23
C ILE B 19 -10.19 29.40 24.39
N GLU B 20 -9.41 29.57 23.32
CA GLU B 20 -9.67 30.68 22.41
C GLU B 20 -11.08 30.61 21.83
N LEU B 21 -11.60 29.40 21.62
CA LEU B 21 -12.99 29.23 21.22
C LEU B 21 -13.95 29.32 22.40
N ASN B 22 -13.46 29.24 23.63
CA ASN B 22 -14.28 29.36 24.83
C ASN B 22 -14.34 30.83 25.19
N GLU B 23 -15.42 31.50 24.78
CA GLU B 23 -15.52 32.94 24.95
C GLU B 23 -15.55 33.36 26.41
N SER B 24 -15.94 32.47 27.31
CA SER B 24 -16.02 32.83 28.73
C SER B 24 -14.66 33.19 29.30
N LEU B 25 -13.78 32.21 29.41
CA LEU B 25 -12.44 32.44 29.94
C LEU B 25 -11.42 32.63 28.82
N ASN B 26 -11.71 33.53 27.87
CA ASN B 26 -10.84 33.73 26.72
C ASN B 26 -9.65 34.64 27.04
N SER B 27 -9.68 35.34 28.15
CA SER B 27 -8.62 36.29 28.47
C SER B 27 -7.33 35.55 28.83
N PRO B 28 -6.17 36.19 28.63
CA PRO B 28 -4.91 35.53 28.98
C PRO B 28 -4.75 35.24 30.46
N GLN B 29 -5.46 35.97 31.32
CA GLN B 29 -5.44 35.65 32.74
C GLN B 29 -5.98 34.25 32.99
N ALA B 30 -7.02 33.87 32.25
CA ALA B 30 -7.57 32.52 32.38
C ALA B 30 -6.56 31.47 31.92
N ILE B 31 -5.79 31.78 30.88
CA ILE B 31 -4.78 30.84 30.41
C ILE B 31 -3.66 30.68 31.42
N GLN B 32 -3.27 31.78 32.08
CA GLN B 32 -2.32 31.66 33.16
C GLN B 32 -2.90 30.85 34.32
N ALA B 33 -4.19 31.01 34.58
CA ALA B 33 -4.84 30.20 35.62
C ALA B 33 -4.82 28.73 35.25
N LEU B 34 -5.00 28.42 33.97
CA LEU B 34 -4.87 27.04 33.51
C LEU B 34 -3.45 26.53 33.73
N SER B 35 -2.45 27.38 33.49
CA SER B 35 -1.08 26.98 33.79
C SER B 35 -0.89 26.70 35.26
N PHE B 36 -1.49 27.53 36.13
CA PHE B 36 -1.39 27.31 37.57
C PHE B 36 -2.04 25.99 37.95
N GLY B 37 -3.21 25.69 37.40
CA GLY B 37 -3.87 24.42 37.68
C GLY B 37 -3.06 23.23 37.20
N GLN B 38 -2.45 23.35 36.03
CA GLN B 38 -1.61 22.29 35.50
C GLN B 38 -0.40 22.07 36.41
N LEU B 39 0.21 23.14 36.89
CA LEU B 39 1.34 23.00 37.79
C LEU B 39 0.91 22.40 39.13
N SER B 40 -0.30 22.71 39.58
CA SER B 40 -0.82 22.05 40.77
C SER B 40 -0.97 20.56 40.54
N VAL B 41 -1.45 20.17 39.36
CA VAL B 41 -1.57 18.75 39.04
C VAL B 41 -0.19 18.09 39.01
N ILE B 42 0.81 18.77 38.45
CA ILE B 42 2.16 18.23 38.42
C ILE B 42 2.69 18.06 39.84
N LEU B 43 2.46 19.05 40.69
CA LEU B 43 2.91 18.98 42.08
C LEU B 43 2.24 17.83 42.81
N LEU B 44 0.94 17.61 42.56
CA LEU B 44 0.26 16.49 43.20
C LEU B 44 0.74 15.15 42.67
N TRP B 45 1.10 15.08 41.39
CA TRP B 45 1.67 13.85 40.84
C TRP B 45 3.03 13.53 41.47
N LEU B 46 3.89 14.55 41.61
CA LEU B 46 5.15 14.34 42.29
C LEU B 46 4.93 13.99 43.76
N ALA B 47 3.90 14.58 44.38
CA ALA B 47 3.55 14.22 45.74
C ALA B 47 3.10 12.77 45.82
N ALA B 48 2.36 12.31 44.82
CA ALA B 48 1.99 10.90 44.74
C ALA B 48 3.23 10.02 44.78
N TYR B 49 4.19 10.31 43.91
CA TYR B 49 5.38 9.47 43.84
C TYR B 49 6.16 9.51 45.14
N THR B 50 6.38 10.69 45.69
CA THR B 50 7.14 10.80 46.93
C THR B 50 6.41 10.14 48.09
N PHE B 51 5.08 10.29 48.16
CA PHE B 51 4.31 9.70 49.24
C PHE B 51 4.36 8.19 49.19
N HIS B 52 4.21 7.60 48.00
CA HIS B 52 4.25 6.16 47.94
C HIS B 52 5.66 5.61 48.07
N ILE B 53 6.68 6.41 47.76
CA ILE B 53 8.05 5.96 48.00
C ILE B 53 8.37 5.99 49.48
N GLY B 54 7.95 7.04 50.19
CA GLY B 54 8.19 7.13 51.62
C GLY B 54 7.28 6.27 52.46
N TRP B 55 6.10 5.91 51.95
CA TRP B 55 5.14 5.13 52.71
C TRP B 55 5.50 3.65 52.69
N SER B 56 5.52 3.05 51.50
CA SER B 56 5.93 1.67 51.31
C SER B 56 7.10 1.69 50.34
N GLY B 57 8.30 1.87 50.86
CA GLY B 57 9.51 1.95 50.04
C GLY B 57 10.72 1.79 50.91
N ASN B 58 11.85 1.53 50.26
CA ASN B 58 13.10 1.22 50.94
C ASN B 58 14.17 2.28 50.72
N PHE B 59 13.77 3.56 50.75
CA PHE B 59 14.75 4.63 50.56
C PHE B 59 15.77 4.66 51.69
N GLU B 60 15.33 4.42 52.92
CA GLU B 60 16.28 4.32 54.02
C GLU B 60 17.22 3.15 53.83
N ALA B 61 16.73 2.06 53.25
CA ALA B 61 17.60 0.95 52.85
C ALA B 61 18.30 1.21 51.53
N PHE B 62 17.86 2.19 50.76
CA PHE B 62 18.50 2.49 49.48
C PHE B 62 19.74 3.36 49.68
N ILE B 63 19.67 4.34 50.58
CA ILE B 63 20.83 5.20 50.79
C ILE B 63 22.00 4.42 51.36
N ASP B 64 21.73 3.35 52.12
CA ASP B 64 22.80 2.56 52.71
C ASP B 64 23.54 1.75 51.64
N ASN B 65 22.79 1.07 50.77
CA ASN B 65 23.36 0.20 49.75
C ASN B 65 22.68 0.49 48.42
N PRO B 66 23.00 1.62 47.79
CA PRO B 66 22.33 1.97 46.52
C PRO B 66 22.58 0.99 45.40
N LEU B 67 23.65 0.19 45.48
CA LEU B 67 23.95 -0.78 44.43
C LEU B 67 23.29 -2.12 44.65
N GLY B 68 23.05 -2.50 45.91
CA GLY B 68 22.58 -3.84 46.20
C GLY B 68 21.09 -3.96 46.47
N VAL B 69 20.37 -2.83 46.46
CA VAL B 69 18.90 -2.80 46.75
C VAL B 69 18.12 -2.28 45.54
N GLN B 70 16.90 -2.79 45.32
CA GLN B 70 16.06 -2.34 44.19
C GLN B 70 15.00 -1.41 44.74
N PRO B 71 14.88 -0.18 44.21
CA PRO B 71 13.95 0.76 44.76
C PRO B 71 12.49 0.31 44.65
N ILE B 72 11.68 0.52 45.69
CA ILE B 72 10.26 0.14 45.71
C ILE B 72 9.43 1.38 45.44
N ASN B 73 8.50 1.28 44.49
CA ASN B 73 7.65 2.41 44.16
C ASN B 73 6.44 2.50 45.07
N HIS B 74 5.63 1.45 45.14
CA HIS B 74 4.43 1.47 45.97
C HIS B 74 4.05 0.04 46.31
N PHE B 75 3.16 -0.08 47.29
CA PHE B 75 2.69 -1.39 47.73
C PHE B 75 1.55 -1.87 46.83
N VAL B 76 1.61 -3.13 46.45
CA VAL B 76 0.62 -3.72 45.56
C VAL B 76 -0.46 -4.41 46.40
N LEU B 77 -1.71 -4.05 46.17
CA LEU B 77 -2.83 -4.61 46.90
C LEU B 77 -3.97 -4.96 45.94
N ASP B 78 -3.63 -5.64 44.85
CA ASP B 78 -4.63 -6.04 43.88
C ASP B 78 -5.44 -7.20 44.42
N PRO B 79 -6.77 -7.07 44.56
CA PRO B 79 -7.56 -8.20 45.06
C PRO B 79 -7.57 -9.40 44.14
N HIS B 80 -7.25 -9.21 42.86
CA HIS B 80 -7.29 -10.30 41.89
C HIS B 80 -6.11 -11.25 42.03
N TYR B 81 -5.07 -10.87 42.75
CA TYR B 81 -3.92 -11.74 42.95
C TYR B 81 -4.33 -13.01 43.68
N SER B 82 -3.58 -14.04 43.35
CA SER B 82 -3.75 -15.34 44.02
C SER B 82 -2.77 -15.37 45.18
N GLN B 83 -3.09 -16.08 46.24
CA GLN B 83 -2.19 -16.04 47.42
C GLN B 83 -0.76 -16.19 46.94
N TYR B 84 -0.52 -17.05 45.97
CA TYR B 84 0.89 -17.24 45.60
C TYR B 84 1.39 -15.92 45.06
N LYS B 85 0.74 -15.41 44.03
CA LYS B 85 1.13 -14.08 43.51
C LYS B 85 1.19 -13.12 44.68
N VAL B 86 0.35 -13.23 45.71
CA VAL B 86 0.54 -12.27 46.80
C VAL B 86 1.85 -12.53 47.52
N ASP B 87 2.14 -13.81 47.81
CA ASP B 87 3.42 -14.14 48.41
C ASP B 87 4.57 -13.85 47.45
N THR B 88 4.34 -14.03 46.15
CA THR B 88 5.38 -13.76 45.16
C THR B 88 5.75 -12.30 45.14
N THR B 89 4.77 -11.41 45.03
CA THR B 89 5.05 -9.99 44.91
C THR B 89 5.35 -9.39 46.29
N ILE B 90 6.36 -8.53 46.32
CA ILE B 90 6.70 -7.80 47.53
C ILE B 90 6.00 -6.44 47.46
N ALA B 91 6.33 -5.67 46.44
CA ALA B 91 5.70 -4.38 46.19
C ALA B 91 6.07 -3.96 44.77
N ALA B 92 5.38 -2.96 44.27
CA ALA B 92 5.66 -2.47 42.93
C ALA B 92 7.03 -1.81 42.89
N LEU B 93 7.93 -2.37 42.10
CA LEU B 93 9.29 -1.87 42.03
C LEU B 93 9.31 -0.53 41.30
N THR B 94 10.50 0.04 41.17
CA THR B 94 10.67 1.40 40.69
C THR B 94 11.27 1.40 39.30
N ASN B 95 10.66 2.16 38.39
CA ASN B 95 11.13 2.29 37.02
C ASN B 95 11.53 3.73 36.69
N HIS B 96 11.73 4.56 37.72
CA HIS B 96 12.06 5.96 37.55
C HIS B 96 13.19 6.32 38.51
N PRO B 97 13.98 7.34 38.20
CA PRO B 97 15.10 7.68 39.08
C PRO B 97 14.72 8.62 40.21
N ILE B 98 13.60 8.36 40.89
CA ILE B 98 13.24 9.26 41.98
C ILE B 98 14.04 8.91 43.24
N TYR B 99 14.33 7.64 43.46
CA TYR B 99 15.23 7.28 44.56
C TYR B 99 16.60 7.92 44.36
N HIS B 100 17.13 7.85 43.14
CA HIS B 100 18.42 8.44 42.87
C HIS B 100 18.38 9.95 42.99
N TRP B 101 17.31 10.58 42.53
CA TRP B 101 17.18 12.03 42.65
C TRP B 101 17.10 12.45 44.10
N LEU B 102 16.29 11.75 44.90
CA LEU B 102 16.18 12.08 46.32
C LEU B 102 17.51 11.89 47.03
N MET B 103 18.23 10.81 46.70
CA MET B 103 19.54 10.60 47.30
C MET B 103 20.50 11.71 46.91
N THR B 104 20.45 12.16 45.66
CA THR B 104 21.34 13.21 45.19
C THR B 104 21.06 14.53 45.88
N VAL B 105 19.78 14.88 46.05
CA VAL B 105 19.41 16.21 46.53
C VAL B 105 19.40 16.25 48.05
N GLY B 106 19.89 15.19 48.68
CA GLY B 106 20.15 15.21 50.10
C GLY B 106 19.15 14.53 51.00
N PHE B 107 18.17 13.81 50.45
CA PHE B 107 17.25 13.06 51.29
C PHE B 107 17.96 11.88 51.92
N THR B 108 17.85 11.74 53.24
CA THR B 108 18.46 10.64 53.96
C THR B 108 17.49 9.92 54.88
N SER B 109 16.20 10.22 54.80
CA SER B 109 15.23 9.61 55.71
C SER B 109 13.85 9.67 55.08
N ASN B 110 12.95 8.83 55.59
CA ASN B 110 11.56 8.89 55.17
C ASN B 110 10.83 10.07 55.77
N ALA B 111 11.33 10.62 56.89
CA ALA B 111 10.73 11.84 57.44
C ALA B 111 10.92 13.01 56.49
N GLN B 112 12.09 13.13 55.89
CA GLN B 112 12.31 14.18 54.90
C GLN B 112 11.41 13.98 53.70
N ILE B 113 11.20 12.74 53.27
CA ILE B 113 10.31 12.47 52.15
C ILE B 113 8.88 12.85 52.50
N TYR B 114 8.45 12.55 53.73
CA TYR B 114 7.10 12.92 54.14
C TYR B 114 6.93 14.43 54.18
N ARG B 115 7.92 15.14 54.71
CA ARG B 115 7.87 16.60 54.68
C ARG B 115 7.83 17.11 53.25
N PHE B 116 8.54 16.44 52.34
CA PHE B 116 8.50 16.81 50.94
C PHE B 116 7.11 16.62 50.35
N THR B 117 6.43 15.52 50.71
CA THR B 117 5.06 15.32 50.22
C THR B 117 4.13 16.39 50.75
N LEU B 118 4.26 16.73 52.03
CA LEU B 118 3.44 17.80 52.59
C LEU B 118 3.71 19.12 51.89
N GLY B 119 4.98 19.42 51.62
CA GLY B 119 5.30 20.64 50.91
C GLY B 119 4.76 20.66 49.49
N LEU B 120 4.80 19.51 48.82
CA LEU B 120 4.24 19.43 47.48
C LEU B 120 2.74 19.65 47.49
N GLU B 121 2.03 19.07 48.46
CA GLU B 121 0.60 19.30 48.57
C GLU B 121 0.29 20.75 48.88
N ILE B 122 1.07 21.36 49.77
CA ILE B 122 0.86 22.77 50.10
C ILE B 122 1.14 23.66 48.90
N THR B 123 2.17 23.32 48.11
CA THR B 123 2.46 24.11 46.92
C THR B 123 1.39 23.94 45.85
N ALA B 124 0.81 22.73 45.75
CA ALA B 124 -0.33 22.54 44.86
C ALA B 124 -1.51 23.37 45.31
N ALA B 125 -1.74 23.46 46.63
CA ALA B 125 -2.78 24.33 47.15
C ALA B 125 -2.50 25.78 46.81
N VAL B 126 -1.24 26.20 46.89
CA VAL B 126 -0.86 27.56 46.52
C VAL B 126 -1.15 27.81 45.04
N MET B 127 -0.83 26.84 44.19
CA MET B 127 -1.10 26.97 42.76
C MET B 127 -2.59 27.08 42.50
N LEU B 128 -3.40 26.28 43.20
CA LEU B 128 -4.85 26.38 43.05
C LEU B 128 -5.36 27.73 43.52
N VAL B 129 -4.80 28.25 44.61
CA VAL B 129 -5.18 29.59 45.09
C VAL B 129 -4.86 30.64 44.03
N LEU B 130 -3.67 30.54 43.43
CA LEU B 130 -3.30 31.50 42.39
C LEU B 130 -4.23 31.38 41.19
N SER B 131 -4.60 30.16 40.82
CA SER B 131 -5.55 29.96 39.73
C SER B 131 -6.95 30.46 40.08
N LEU B 132 -7.28 30.55 41.38
CA LEU B 132 -8.58 31.05 41.78
C LEU B 132 -8.79 32.50 41.37
N ALA B 133 -7.71 33.27 41.26
CA ALA B 133 -7.80 34.72 41.05
C ALA B 133 -6.93 35.12 39.87
N PRO B 134 -7.38 34.81 38.64
CA PRO B 134 -6.67 35.24 37.46
C PRO B 134 -6.63 36.77 37.51
N SER B 135 -5.59 37.39 36.98
CA SER B 135 -5.47 38.86 37.10
C SER B 135 -4.23 39.33 36.36
N VAL B 136 -4.30 40.48 35.71
CA VAL B 136 -3.11 41.04 35.02
C VAL B 136 -1.96 41.15 36.02
N GLY B 137 -2.23 41.32 37.30
CA GLY B 137 -1.12 41.31 38.23
C GLY B 137 -0.36 40.00 38.21
N LEU B 138 -1.08 38.88 38.18
CA LEU B 138 -0.42 37.58 38.13
C LEU B 138 0.29 37.34 36.81
N LEU B 139 -0.09 38.05 35.75
CA LEU B 139 0.63 37.95 34.49
C LEU B 139 2.06 38.46 34.61
N SER B 140 2.34 39.27 35.63
CA SER B 140 3.71 39.70 35.86
C SER B 140 4.60 38.54 36.28
N MET B 141 4.05 37.57 37.03
CA MET B 141 4.82 36.43 37.44
C MET B 141 5.29 35.63 36.23
N GLY B 142 6.52 35.16 36.28
CA GLY B 142 7.13 34.46 35.18
C GLY B 142 8.19 35.31 34.49
N GLY B 143 8.73 34.75 33.42
CA GLY B 143 9.82 35.37 32.71
C GLY B 143 11.11 34.58 32.87
N LEU B 144 12.05 34.84 31.97
CA LEU B 144 13.34 34.17 32.05
C LEU B 144 14.08 34.56 33.31
N GLU B 145 13.83 35.77 33.83
CA GLU B 145 14.42 36.15 35.11
C GLU B 145 13.90 35.26 36.22
N VAL B 146 12.60 34.95 36.21
CA VAL B 146 12.03 34.11 37.25
C VAL B 146 12.60 32.70 37.19
N VAL B 147 12.71 32.12 35.99
CA VAL B 147 13.24 30.77 35.90
C VAL B 147 14.73 30.74 36.24
N SER B 148 15.46 31.80 35.90
CA SER B 148 16.86 31.86 36.32
C SER B 148 16.99 31.99 37.83
N TRP B 149 16.07 32.72 38.46
CA TRP B 149 16.06 32.79 39.92
C TRP B 149 15.75 31.43 40.52
N ILE B 150 14.84 30.67 39.89
CA ILE B 150 14.57 29.31 40.34
C ILE B 150 15.83 28.46 40.24
N SER B 151 16.58 28.63 39.16
CA SER B 151 17.84 27.91 39.01
C SER B 151 18.83 28.30 40.09
N ILE B 152 18.91 29.58 40.43
CA ILE B 152 19.82 30.03 41.48
C ILE B 152 19.41 29.43 42.82
N CYS B 153 18.11 29.41 43.11
CA CYS B 153 17.64 28.82 44.36
C CYS B 153 17.93 27.33 44.41
N TRP B 154 17.78 26.64 43.28
CA TRP B 154 18.12 25.22 43.25
C TRP B 154 19.62 25.02 43.48
N ALA B 155 20.44 25.93 42.94
CA ALA B 155 21.87 25.88 43.23
C ALA B 155 22.13 26.04 44.72
N GLY B 156 21.40 26.95 45.36
CA GLY B 156 21.55 27.10 46.80
C GLY B 156 21.16 25.83 47.55
N HIS B 157 20.08 25.19 47.13
CA HIS B 157 19.69 23.93 47.76
C HIS B 157 20.77 22.89 47.61
N LEU B 158 21.31 22.74 46.41
CA LEU B 158 22.32 21.72 46.16
C LEU B 158 23.61 22.02 46.93
N VAL B 159 23.95 23.30 47.07
CA VAL B 159 25.08 23.68 47.91
C VAL B 159 24.82 23.28 49.35
N ASN B 160 23.60 23.51 49.83
CA ASN B 160 23.29 23.17 51.22
C ASN B 160 23.35 21.67 51.47
N PHE B 161 23.12 20.85 50.43
CA PHE B 161 23.08 19.41 50.60
C PHE B 161 24.18 18.69 49.82
N ALA B 162 25.21 19.40 49.40
CA ALA B 162 26.34 18.74 48.78
C ALA B 162 27.06 17.87 49.81
N PRO B 163 27.65 16.75 49.38
CA PRO B 163 28.38 15.89 50.33
C PRO B 163 29.49 16.61 51.06
N GLY B 164 30.16 17.56 50.40
CA GLY B 164 31.20 18.33 51.01
C GLY B 164 30.76 19.54 51.79
N ALA B 165 29.44 19.74 51.93
CA ALA B 165 28.95 20.91 52.67
C ALA B 165 29.34 20.85 54.13
N ALA B 166 29.56 19.65 54.67
CA ALA B 166 30.00 19.53 56.06
C ALA B 166 31.37 20.16 56.26
N ASN B 167 32.29 19.94 55.32
CA ASN B 167 33.61 20.53 55.38
C ASN B 167 33.61 22.01 54.99
N LEU B 168 32.51 22.52 54.48
CA LEU B 168 32.45 23.90 54.03
C LEU B 168 32.49 24.86 55.21
N THR B 169 33.39 25.83 55.15
CA THR B 169 33.39 26.92 56.11
C THR B 169 32.40 27.98 55.66
N ASN B 170 31.62 28.49 56.60
CA ASN B 170 30.54 29.42 56.27
C ASN B 170 31.08 30.64 55.55
N VAL B 171 30.76 30.77 54.27
CA VAL B 171 31.34 31.84 53.45
C VAL B 171 30.76 33.20 53.86
N VAL B 172 29.45 33.27 54.05
CA VAL B 172 28.80 34.56 54.33
C VAL B 172 29.14 35.11 55.70
N MET B 173 29.77 34.31 56.57
CA MET B 173 30.10 34.72 57.92
C MET B 173 31.60 34.80 58.17
N GLU B 174 32.38 33.84 57.68
CA GLU B 174 33.83 33.85 57.85
C GLU B 174 34.55 34.25 56.57
N GLY B 175 33.84 34.82 55.60
CA GLY B 175 34.46 35.22 54.35
C GLY B 175 34.61 34.07 53.39
N PRO B 176 34.98 34.37 52.15
CA PRO B 176 35.13 33.29 51.15
C PRO B 176 36.19 32.27 51.52
N GLY B 177 37.27 32.68 52.19
CA GLY B 177 38.29 31.75 52.58
C GLY B 177 39.10 31.24 51.40
N SER B 178 39.78 30.11 51.63
CA SER B 178 40.60 29.50 50.60
C SER B 178 39.73 28.95 49.48
N LEU B 179 40.37 28.68 48.34
CA LEU B 179 39.63 28.18 47.19
C LEU B 179 39.05 26.80 47.46
N GLY B 180 39.77 25.96 48.19
CA GLY B 180 39.25 24.64 48.53
C GLY B 180 37.97 24.71 49.35
N ASN B 181 37.84 25.73 50.19
CA ASN B 181 36.62 25.91 50.96
C ASN B 181 35.41 26.04 50.03
N LEU B 182 35.53 26.85 48.98
CA LEU B 182 34.47 26.93 47.99
C LEU B 182 34.36 25.64 47.18
N MET B 183 35.50 24.98 46.93
CA MET B 183 35.48 23.72 46.19
C MET B 183 34.74 22.62 46.95
N ASN B 184 34.53 22.80 48.26
CA ASN B 184 33.71 21.84 48.99
C ASN B 184 32.29 21.77 48.43
N VAL B 185 31.78 22.88 47.88
CA VAL B 185 30.41 22.92 47.39
C VAL B 185 30.30 23.39 45.95
N LEU B 186 31.31 24.02 45.37
CA LEU B 186 31.25 24.52 43.99
C LEU B 186 32.47 24.02 43.24
N THR B 187 32.26 23.11 42.29
CA THR B 187 33.35 22.55 41.51
C THR B 187 32.98 22.57 40.03
N PHE B 188 34.01 22.46 39.19
CA PHE B 188 33.88 22.26 37.75
C PHE B 188 34.80 21.15 37.31
N ASN B 189 34.75 20.03 38.02
CA ASN B 189 35.61 18.90 37.69
C ASN B 189 35.35 18.41 36.27
N GLY B 190 34.09 18.29 35.88
CA GLY B 190 33.74 17.88 34.54
C GLY B 190 33.60 16.39 34.40
N GLY B 191 32.41 15.93 34.06
CA GLY B 191 32.19 14.53 33.80
C GLY B 191 31.96 13.70 35.05
N ILE B 192 31.90 12.38 34.82
CA ILE B 192 31.61 11.43 35.89
C ILE B 192 32.67 11.50 36.97
N GLN B 193 32.24 11.47 38.23
CA GLN B 193 33.14 11.64 39.36
C GLN B 193 33.59 10.32 39.98
N LEU B 194 33.19 9.18 39.42
CA LEU B 194 33.59 7.86 39.92
C LEU B 194 33.00 7.59 41.30
N GLY B 195 32.79 6.33 41.64
CA GLY B 195 32.10 6.03 42.89
C GLY B 195 30.61 6.02 42.64
N THR B 196 29.97 7.16 42.89
CA THR B 196 28.57 7.32 42.51
C THR B 196 28.37 7.21 41.00
N GLN B 197 29.44 7.33 40.22
CA GLN B 197 29.39 7.25 38.76
C GLN B 197 28.41 8.28 38.19
N ALA B 198 28.42 9.48 38.78
CA ALA B 198 27.56 10.56 38.33
C ALA B 198 28.25 11.89 38.59
N LEU B 199 27.71 12.93 37.99
CA LEU B 199 28.25 14.27 38.21
C LEU B 199 28.16 14.65 39.68
N ALA B 200 29.19 15.29 40.18
CA ALA B 200 29.21 15.70 41.58
C ALA B 200 28.10 16.70 41.85
N VAL B 201 27.53 16.62 43.05
CA VAL B 201 26.50 17.57 43.46
C VAL B 201 27.07 18.99 43.46
N SER B 202 28.36 19.13 43.76
CA SER B 202 29.00 20.43 43.65
C SER B 202 28.98 20.92 42.21
N ASP B 203 29.22 20.02 41.25
CA ASP B 203 29.15 20.41 39.85
C ASP B 203 27.76 20.90 39.48
N VAL B 204 26.72 20.20 39.95
CA VAL B 204 25.36 20.57 39.59
C VAL B 204 24.98 21.91 40.23
N ALA B 205 25.35 22.12 41.49
CA ALA B 205 25.06 23.38 42.15
C ALA B 205 25.77 24.54 41.45
N HIS B 206 27.05 24.35 41.13
CA HIS B 206 27.81 25.38 40.43
C HIS B 206 27.21 25.66 39.06
N HIS B 207 26.82 24.60 38.35
CA HIS B 207 26.14 24.75 37.07
C HIS B 207 24.91 25.63 37.23
N HIS B 208 24.11 25.35 38.25
CA HIS B 208 22.84 26.05 38.38
C HIS B 208 23.02 27.51 38.76
N VAL B 209 23.98 27.81 39.63
CA VAL B 209 24.21 29.22 39.96
C VAL B 209 24.73 29.96 38.73
N ALA B 210 25.63 29.34 37.96
CA ALA B 210 26.12 29.97 36.75
C ALA B 210 24.98 30.18 35.75
N ILE B 211 24.14 29.17 35.57
CA ILE B 211 23.04 29.27 34.61
C ILE B 211 22.05 30.35 35.04
N GLY B 212 21.75 30.43 36.33
CA GLY B 212 20.84 31.46 36.80
C GLY B 212 21.37 32.86 36.59
N ILE B 213 22.65 33.08 36.91
CA ILE B 213 23.23 34.40 36.73
C ILE B 213 23.27 34.77 35.25
N VAL B 214 23.71 33.83 34.42
CA VAL B 214 23.76 34.07 32.98
C VAL B 214 22.37 34.32 32.42
N GLY B 215 21.37 33.61 32.95
CA GLY B 215 20.00 33.82 32.49
C GLY B 215 19.46 35.18 32.88
N LEU B 216 19.78 35.65 34.09
CA LEU B 216 19.42 37.01 34.47
C LEU B 216 20.05 38.01 33.50
N TRP B 217 21.34 37.84 33.21
CA TRP B 217 22.00 38.76 32.30
C TRP B 217 21.40 38.70 30.90
N ILE B 218 21.09 37.50 30.41
CA ILE B 218 20.53 37.34 29.08
C ILE B 218 19.14 37.95 29.00
N SER B 219 18.34 37.78 30.05
CA SER B 219 17.02 38.39 30.07
C SER B 219 17.11 39.91 30.04
N ALA B 220 18.05 40.46 30.82
CA ALA B 220 18.24 41.91 30.79
C ALA B 220 18.68 42.38 29.39
N LEU B 221 19.57 41.62 28.75
CA LEU B 221 20.02 41.98 27.41
C LEU B 221 18.88 41.90 26.40
N LEU B 222 18.04 40.88 26.51
CA LEU B 222 16.90 40.76 25.61
C LEU B 222 15.91 41.90 25.83
N ARG B 223 15.72 42.32 27.08
CA ARG B 223 14.77 43.40 27.31
C ARG B 223 15.32 44.75 26.87
N VAL B 224 16.63 44.99 26.97
CA VAL B 224 17.15 46.21 26.37
C VAL B 224 17.12 46.13 24.85
N SER B 225 17.27 44.93 24.30
CA SER B 225 17.04 44.77 22.86
C SER B 225 15.59 45.00 22.50
N LYS B 226 14.68 44.88 23.47
CA LYS B 226 13.30 45.31 23.28
C LYS B 226 13.12 46.79 23.54
N TYR B 227 14.07 47.44 24.20
CA TYR B 227 14.01 48.88 24.40
C TYR B 227 14.02 49.61 23.06
N ALA B 228 15.13 49.49 22.32
CA ALA B 228 15.19 49.90 20.93
C ALA B 228 14.80 48.71 20.06
N TRP B 229 14.11 48.98 18.96
CA TRP B 229 13.46 47.94 18.15
C TRP B 229 12.42 47.19 18.99
N ASN B 230 11.38 47.94 19.37
CA ASN B 230 10.25 47.40 20.12
C ASN B 230 9.14 47.11 19.12
N PHE B 231 8.98 45.83 18.76
CA PHE B 231 8.03 45.43 17.72
C PHE B 231 7.38 44.10 18.11
N ASN B 232 6.20 44.18 18.70
CA ASN B 232 5.37 42.99 18.92
C ASN B 232 4.29 42.89 17.84
N THR B 233 4.75 42.73 16.59
CA THR B 233 3.83 42.82 15.46
C THR B 233 2.89 41.63 15.38
N GLN B 234 3.37 40.44 15.75
CA GLN B 234 2.59 39.21 15.67
C GLN B 234 2.56 38.59 17.06
N SER B 235 1.47 38.85 17.76
CA SER B 235 1.30 38.23 19.05
C SER B 235 0.20 37.23 18.90
N SER B 236 0.43 36.01 19.34
CA SER B 236 -0.56 34.97 19.26
C SER B 236 -0.23 33.96 20.29
N TYR B 237 -1.24 33.32 20.85
CA TYR B 237 -0.98 32.39 21.91
C TYR B 237 -0.35 31.19 21.29
N HIS B 238 -0.61 30.96 20.02
CA HIS B 238 -0.08 29.81 19.33
C HIS B 238 1.32 30.05 18.85
N LEU B 239 1.65 31.27 18.51
CA LEU B 239 3.03 31.55 18.16
C LEU B 239 3.96 31.37 19.36
N ASP B 240 3.61 32.00 20.49
CA ASP B 240 4.40 31.84 21.69
C ASP B 240 4.37 30.40 22.19
N LEU B 241 3.23 29.73 22.03
CA LEU B 241 3.14 28.32 22.42
C LEU B 241 4.05 27.46 21.56
N SER B 242 4.12 27.74 20.25
CA SER B 242 5.03 27.02 19.39
C SER B 242 6.48 27.27 19.78
N LEU B 243 6.82 28.51 20.08
CA LEU B 243 8.17 28.82 20.55
C LEU B 243 8.51 28.02 21.81
N SER B 244 7.60 28.05 22.79
CA SER B 244 7.84 27.34 24.04
C SER B 244 7.95 25.85 23.82
N LEU B 245 7.09 25.29 22.95
CA LEU B 245 7.10 23.86 22.73
C LEU B 245 8.35 23.41 22.00
N THR B 246 8.80 24.17 21.01
CA THR B 246 10.03 23.80 20.31
C THR B 246 11.24 23.91 21.21
N VAL B 247 11.34 24.98 21.99
CA VAL B 247 12.45 25.10 22.92
C VAL B 247 12.41 23.99 23.96
N GLY B 248 11.21 23.67 24.46
CA GLY B 248 11.09 22.60 25.43
C GLY B 248 11.43 21.24 24.86
N GLY B 249 11.07 21.00 23.61
CA GLY B 249 11.43 19.74 22.98
C GLY B 249 12.93 19.62 22.78
N ILE B 250 13.57 20.70 22.35
CA ILE B 250 15.02 20.69 22.22
C ILE B 250 15.66 20.44 23.58
N LEU B 251 15.16 21.13 24.62
CA LEU B 251 15.74 20.97 25.95
C LEU B 251 15.51 19.56 26.48
N THR B 252 14.36 18.96 26.21
CA THR B 252 14.08 17.61 26.73
C THR B 252 14.91 16.56 26.00
N SER B 253 15.05 16.69 24.67
CA SER B 253 15.92 15.77 23.95
C SER B 253 17.36 15.90 24.42
N LEU B 254 17.83 17.15 24.57
CA LEU B 254 19.15 17.38 25.11
C LEU B 254 19.29 16.80 26.52
N LEU B 255 18.22 16.88 27.30
CA LEU B 255 18.22 16.30 28.64
C LEU B 255 18.42 14.81 28.57
N ALA B 256 17.71 14.13 27.66
CA ALA B 256 17.90 12.70 27.51
C ALA B 256 19.34 12.37 27.15
N GLN B 257 19.88 13.06 26.14
CA GLN B 257 21.24 12.76 25.69
C GLN B 257 22.24 13.00 26.80
N GLN B 258 22.22 14.19 27.40
CA GLN B 258 23.22 14.58 28.38
C GLN B 258 22.98 13.99 29.75
N ALA B 259 21.81 13.39 30.00
CA ALA B 259 21.59 12.65 31.23
C ALA B 259 22.00 11.20 31.10
N TYR B 260 21.96 10.64 29.89
CA TYR B 260 22.61 9.36 29.69
C TYR B 260 24.13 9.52 29.72
N VAL B 261 24.65 10.51 29.01
CA VAL B 261 26.10 10.59 28.86
C VAL B 261 26.75 11.27 30.07
N TYR B 262 26.03 12.15 30.76
CA TYR B 262 26.51 12.80 31.98
C TYR B 262 25.45 12.66 33.06
N PRO B 263 25.27 11.47 33.62
CA PRO B 263 24.28 11.30 34.69
C PRO B 263 24.59 12.21 35.86
N ALA B 264 23.55 12.86 36.39
CA ALA B 264 23.69 13.76 37.52
C ALA B 264 23.17 13.16 38.81
N LEU B 265 22.57 11.97 38.77
CA LEU B 265 22.00 11.32 39.94
C LEU B 265 22.92 10.20 40.39
N SER B 266 23.23 10.18 41.68
CA SER B 266 24.21 9.23 42.20
C SER B 266 23.73 7.79 42.00
N TYR B 267 24.67 6.94 41.57
CA TYR B 267 24.44 5.50 41.42
C TYR B 267 23.33 5.21 40.42
N LEU B 268 23.14 6.08 39.44
CA LEU B 268 22.14 5.88 38.41
C LEU B 268 22.63 4.91 37.33
N PRO B 269 23.86 5.05 36.81
CA PRO B 269 24.29 4.12 35.74
C PRO B 269 24.31 2.67 36.17
N TYR B 270 24.43 2.38 37.46
CA TYR B 270 24.35 0.99 37.91
C TYR B 270 22.98 0.40 37.72
N ASP B 271 21.94 1.23 37.62
CA ASP B 271 20.58 0.78 37.39
C ASP B 271 20.30 0.91 35.90
N TYR B 272 20.36 -0.22 35.18
CA TYR B 272 20.24 -0.19 33.72
C TYR B 272 18.83 0.15 33.28
N LEU B 273 17.84 -0.48 33.91
CA LEU B 273 16.45 -0.29 33.50
C LEU B 273 16.01 1.16 33.65
N THR B 274 16.34 1.77 34.79
CA THR B 274 15.94 3.16 35.00
C THR B 274 16.62 4.09 34.01
N THR B 275 17.89 3.82 33.69
CA THR B 275 18.60 4.65 32.72
C THR B 275 17.94 4.55 31.34
N THR B 276 17.65 3.33 30.90
CA THR B 276 17.03 3.15 29.60
C THR B 276 15.64 3.79 29.55
N SER B 277 14.85 3.60 30.61
CA SER B 277 13.52 4.19 30.67
C SER B 277 13.61 5.71 30.68
N LEU B 278 14.57 6.27 31.43
CA LEU B 278 14.77 7.71 31.43
C LEU B 278 15.02 8.22 30.02
N TYR B 279 15.98 7.62 29.32
CA TYR B 279 16.33 8.11 27.99
C TYR B 279 15.14 8.01 27.05
N VAL B 280 14.47 6.86 27.04
CA VAL B 280 13.36 6.65 26.12
C VAL B 280 12.23 7.63 26.43
N HIS B 281 11.89 7.77 27.70
CA HIS B 281 10.80 8.64 28.11
C HIS B 281 11.09 10.09 27.73
N HIS B 282 12.29 10.57 28.03
CA HIS B 282 12.58 11.96 27.74
C HIS B 282 12.69 12.21 26.24
N GLN B 283 13.19 11.24 25.47
CA GLN B 283 13.20 11.44 24.03
C GLN B 283 11.79 11.49 23.46
N TYR B 284 10.90 10.63 23.95
CA TYR B 284 9.51 10.69 23.50
C TYR B 284 8.89 12.04 23.87
N ILE B 285 9.14 12.53 25.09
CA ILE B 285 8.58 13.80 25.49
C ILE B 285 9.12 14.94 24.62
N GLY B 286 10.42 14.91 24.34
CA GLY B 286 11.01 15.95 23.51
C GLY B 286 10.47 15.94 22.09
N ALA B 287 10.32 14.75 21.51
CA ALA B 287 9.75 14.66 20.17
C ALA B 287 8.32 15.14 20.16
N PHE B 288 7.54 14.79 21.19
CA PHE B 288 6.17 15.26 21.27
C PHE B 288 6.12 16.78 21.38
N LEU B 289 7.02 17.37 22.17
CA LEU B 289 7.03 18.82 22.32
C LEU B 289 7.42 19.52 21.02
N ALA B 290 8.38 18.96 20.28
CA ALA B 290 8.74 19.55 18.99
C ALA B 290 7.58 19.44 18.00
N THR B 291 6.90 18.30 17.99
CA THR B 291 5.74 18.13 17.13
C THR B 291 4.65 19.13 17.51
N GLY B 292 4.48 19.38 18.81
CA GLY B 292 3.51 20.37 19.24
C GLY B 292 3.88 21.77 18.83
N GLY B 293 5.18 22.08 18.86
CA GLY B 293 5.63 23.36 18.34
C GLY B 293 5.26 23.54 16.88
N PHE B 294 5.48 22.50 16.07
CA PHE B 294 5.08 22.58 14.67
C PHE B 294 3.57 22.68 14.52
N VAL B 295 2.83 21.94 15.33
CA VAL B 295 1.37 21.98 15.26
C VAL B 295 0.84 23.36 15.57
N HIS B 296 1.37 23.99 16.63
CA HIS B 296 0.88 25.30 16.99
C HIS B 296 1.37 26.37 16.04
N GLY B 297 2.52 26.16 15.40
CA GLY B 297 2.88 27.02 14.29
C GLY B 297 1.86 26.94 13.17
N GLY B 298 1.44 25.72 12.83
CA GLY B 298 0.40 25.56 11.82
C GLY B 298 -0.90 26.22 12.22
N ILE B 299 -1.27 26.11 13.50
CA ILE B 299 -2.50 26.73 13.97
C ILE B 299 -2.41 28.25 13.89
N PHE B 300 -1.27 28.81 14.29
CA PHE B 300 -1.05 30.24 14.16
C PHE B 300 -1.17 30.68 12.70
N LEU B 301 -0.65 29.88 11.78
CA LEU B 301 -0.86 30.17 10.37
C LEU B 301 -2.33 30.11 10.01
N VAL B 302 -3.05 29.12 10.55
CA VAL B 302 -4.44 28.91 10.16
C VAL B 302 -5.31 30.09 10.56
N ARG B 303 -5.23 30.50 11.83
CA ARG B 303 -6.24 31.41 12.34
C ARG B 303 -5.69 32.61 13.12
N ASP B 304 -4.39 32.88 13.07
CA ASP B 304 -3.91 34.09 13.78
C ASP B 304 -2.96 34.91 12.92
N TYR B 305 -2.56 34.43 11.75
CA TYR B 305 -1.54 35.15 10.95
C TYR B 305 -2.18 36.01 9.87
N THR B 306 -1.58 37.16 9.59
CA THR B 306 -2.07 38.05 8.49
C THR B 306 -0.90 38.16 7.51
N LEU B 307 -1.12 37.90 6.23
CA LEU B 307 0.03 37.85 5.29
C LEU B 307 0.78 39.17 5.24
N SER B 308 2.10 39.10 5.31
CA SER B 308 2.94 40.32 5.21
C SER B 308 4.22 39.94 4.49
N ASN B 309 5.14 40.89 4.35
CA ASN B 309 6.45 40.62 3.71
C ASN B 309 7.42 40.20 4.80
N ASP B 310 6.97 39.48 5.83
CA ASP B 310 7.86 39.19 6.94
C ASP B 310 8.51 37.82 6.76
N LEU B 311 9.12 37.32 7.84
CA LEU B 311 9.75 36.01 7.83
C LEU B 311 8.78 34.92 7.38
N VAL B 312 7.57 34.91 7.97
CA VAL B 312 6.60 33.88 7.63
C VAL B 312 6.08 34.08 6.21
N GLY B 313 5.90 35.33 5.78
CA GLY B 313 5.50 35.57 4.42
C GLY B 313 6.51 35.06 3.41
N LYS B 314 7.79 35.28 3.69
CA LYS B 314 8.84 34.75 2.81
C LYS B 314 8.83 33.24 2.82
N LEU B 315 8.63 32.62 3.98
CA LEU B 315 8.54 31.16 4.02
C LEU B 315 7.36 30.65 3.20
N LEU B 316 6.22 31.34 3.29
CA LEU B 316 5.03 30.89 2.56
C LEU B 316 5.18 31.08 1.06
N ALA B 317 5.81 32.16 0.62
CA ALA B 317 5.91 32.43 -0.81
C ALA B 317 6.70 31.35 -1.52
N THR B 318 7.79 30.88 -0.91
CA THR B 318 8.61 29.81 -1.47
C THR B 318 8.37 28.48 -0.76
N LYS B 319 7.12 28.22 -0.37
CA LYS B 319 6.82 26.96 0.31
C LYS B 319 7.00 25.78 -0.62
N ALA B 320 6.80 25.98 -1.93
CA ALA B 320 7.03 24.90 -2.88
C ALA B 320 8.49 24.45 -2.85
N THR B 321 9.42 25.40 -2.79
CA THR B 321 10.83 25.05 -2.71
C THR B 321 11.14 24.28 -1.45
N VAL B 322 10.60 24.73 -0.31
CA VAL B 322 10.86 24.06 0.96
C VAL B 322 10.36 22.63 0.92
N ILE B 323 9.12 22.45 0.47
CA ILE B 323 8.53 21.11 0.45
C ILE B 323 9.27 20.22 -0.54
N SER B 324 9.62 20.75 -1.71
CA SER B 324 10.30 19.95 -2.71
C SER B 324 11.68 19.51 -2.24
N THR B 325 12.43 20.43 -1.62
CA THR B 325 13.77 20.07 -1.16
C THR B 325 13.71 19.11 0.02
N LEU B 326 12.75 19.30 0.93
CA LEU B 326 12.59 18.34 2.00
C LEU B 326 12.20 16.98 1.46
N SER B 327 11.35 16.94 0.44
CA SER B 327 10.99 15.69 -0.21
C SER B 327 12.20 15.03 -0.84
N TRP B 328 13.07 15.82 -1.47
CA TRP B 328 14.28 15.25 -2.04
C TRP B 328 15.18 14.68 -0.96
N ILE B 329 15.35 15.41 0.16
CA ILE B 329 16.19 14.92 1.24
C ILE B 329 15.65 13.62 1.79
N THR B 330 14.34 13.57 2.03
CA THR B 330 13.74 12.35 2.57
C THR B 330 13.85 11.21 1.58
N LEU B 331 13.63 11.46 0.29
CA LEU B 331 13.75 10.40 -0.71
C LEU B 331 15.16 9.87 -0.76
N PHE B 332 16.15 10.75 -0.78
CA PHE B 332 17.54 10.31 -0.81
C PHE B 332 17.88 9.49 0.42
N LEU B 333 17.55 10.01 1.60
CA LEU B 333 17.89 9.33 2.84
C LEU B 333 17.20 7.98 2.94
N GLY B 334 15.90 7.93 2.63
CA GLY B 334 15.19 6.67 2.69
C GLY B 334 15.70 5.67 1.67
N PHE B 335 15.86 6.11 0.42
CA PHE B 335 16.39 5.24 -0.61
C PHE B 335 17.72 4.63 -0.18
N HIS B 336 18.64 5.47 0.27
CA HIS B 336 19.99 4.97 0.54
C HIS B 336 20.05 4.16 1.83
N ALA B 337 19.40 4.61 2.90
CA ALA B 337 19.41 3.83 4.13
C ALA B 337 18.74 2.48 3.92
N THR B 338 17.57 2.47 3.30
CA THR B 338 16.87 1.22 3.05
C THR B 338 17.67 0.33 2.11
N GLY B 339 18.27 0.90 1.07
CA GLY B 339 19.02 0.09 0.13
C GLY B 339 20.28 -0.50 0.74
N LEU B 340 21.01 0.28 1.53
CA LEU B 340 22.18 -0.26 2.20
C LEU B 340 21.79 -1.32 3.21
N TYR B 341 20.71 -1.11 3.96
CA TYR B 341 20.26 -2.13 4.90
C TYR B 341 19.84 -3.40 4.18
N MET B 342 19.14 -3.26 3.05
CA MET B 342 18.75 -4.45 2.28
C MET B 342 19.96 -5.14 1.68
N HIS B 343 20.95 -4.38 1.23
CA HIS B 343 22.18 -4.97 0.71
C HIS B 343 22.90 -5.75 1.79
N ASN B 344 22.99 -5.19 3.00
CA ASN B 344 23.60 -5.90 4.10
C ASN B 344 22.79 -7.14 4.48
N ASP B 345 21.46 -7.05 4.41
CA ASP B 345 20.61 -8.20 4.66
C ASP B 345 20.90 -9.31 3.66
N ALA B 346 21.00 -8.95 2.38
CA ALA B 346 21.29 -9.95 1.35
C ALA B 346 22.67 -10.56 1.53
N MET B 347 23.67 -9.73 1.84
CA MET B 347 25.01 -10.24 2.03
C MET B 347 25.10 -11.17 3.22
N ALA B 348 24.49 -10.79 4.34
CA ALA B 348 24.50 -11.65 5.52
C ALA B 348 23.71 -12.92 5.28
N ALA B 349 22.58 -12.81 4.56
CA ALA B 349 21.77 -13.98 4.24
C ALA B 349 22.53 -14.93 3.34
N PHE B 350 23.21 -14.41 2.34
CA PHE B 350 23.94 -15.22 1.37
C PHE B 350 25.30 -15.68 1.90
N GLY B 351 25.51 -15.62 3.21
CA GLY B 351 26.75 -16.09 3.79
C GLY B 351 27.98 -15.30 3.39
N VAL B 352 27.81 -14.05 2.99
CA VAL B 352 28.94 -13.23 2.59
C VAL B 352 28.89 -11.91 3.36
N PRO B 353 29.08 -11.94 4.68
CA PRO B 353 28.98 -10.68 5.46
C PRO B 353 30.06 -9.67 5.13
N GLN B 354 31.16 -10.09 4.50
CA GLN B 354 32.21 -9.13 4.18
C GLN B 354 31.78 -8.17 3.09
N LYS B 355 30.93 -8.61 2.17
CA LYS B 355 30.55 -7.80 1.03
C LYS B 355 29.44 -6.79 1.35
N GLN B 356 29.17 -6.55 2.62
CA GLN B 356 28.23 -5.52 3.00
C GLN B 356 28.83 -4.14 2.76
N ILE B 357 27.95 -3.15 2.57
CA ILE B 357 28.38 -1.76 2.41
C ILE B 357 28.39 -1.14 3.80
N ILE B 358 29.57 -1.10 4.42
CA ILE B 358 29.73 -0.50 5.73
C ILE B 358 30.47 0.82 5.59
N ILE B 359 29.73 1.92 5.47
CA ILE B 359 30.34 3.23 5.38
C ILE B 359 30.70 3.67 6.79
N GLU B 360 31.99 3.82 7.07
CA GLU B 360 32.43 4.17 8.40
C GLU B 360 31.97 5.59 8.74
N PRO B 361 31.36 5.79 9.91
CA PRO B 361 30.96 7.16 10.28
C PRO B 361 32.17 8.02 10.60
N VAL B 362 32.94 8.36 9.57
CA VAL B 362 34.22 9.01 9.79
C VAL B 362 34.04 10.45 10.27
N PHE B 363 32.93 11.09 9.93
CA PHE B 363 32.73 12.48 10.36
C PHE B 363 32.42 12.54 11.85
N ALA B 364 31.51 11.70 12.31
CA ALA B 364 31.21 11.65 13.73
C ALA B 364 32.40 11.11 14.52
N GLU B 365 33.14 10.16 13.95
CA GLU B 365 34.36 9.69 14.60
C GLU B 365 35.39 10.81 14.69
N PHE B 366 35.51 11.62 13.64
CA PHE B 366 36.43 12.75 13.67
C PHE B 366 36.03 13.74 14.76
N ILE B 367 34.73 14.07 14.84
CA ILE B 367 34.26 14.96 15.89
C ILE B 367 34.56 14.38 17.25
N GLN B 368 34.24 13.09 17.45
CA GLN B 368 34.43 12.46 18.75
C GLN B 368 35.89 12.48 19.15
N GLN B 369 36.78 12.08 18.25
CA GLN B 369 38.20 12.00 18.58
C GLN B 369 38.81 13.37 18.81
N VAL B 370 38.47 14.35 17.98
CA VAL B 370 39.10 15.66 18.07
C VAL B 370 38.55 16.45 19.25
N PHE B 371 37.25 16.37 19.52
CA PHE B 371 36.61 17.25 20.46
C PHE B 371 36.27 16.60 21.79
N PHE B 372 35.94 15.31 21.83
CA PHE B 372 35.42 14.67 23.03
C PHE B 372 36.42 13.70 23.65
N LEU B 373 36.88 12.71 22.90
CA LEU B 373 37.68 11.64 23.47
C LEU B 373 39.05 12.13 23.94
N GLY B 374 39.48 11.62 25.08
CA GLY B 374 40.78 11.93 25.64
C GLY B 374 41.85 10.91 25.37
N THR B 375 41.53 9.81 24.68
CA THR B 375 42.49 8.80 24.29
C THR B 375 42.30 8.46 22.82
N PRO B 376 43.34 8.01 22.14
CA PRO B 376 43.16 7.61 20.75
C PRO B 376 42.39 6.31 20.64
N VAL B 377 41.11 6.42 20.26
CA VAL B 377 40.26 5.26 20.04
C VAL B 377 40.18 4.91 18.57
N TYR B 378 39.98 5.91 17.72
CA TYR B 378 40.00 5.73 16.28
C TYR B 378 41.26 6.24 15.61
N GLY B 379 41.87 7.30 16.14
CA GLY B 379 43.11 7.81 15.63
C GLY B 379 42.99 8.78 14.47
N LEU B 380 41.79 9.09 14.02
CA LEU B 380 41.59 10.03 12.93
C LEU B 380 41.35 11.42 13.48
N GLY B 381 41.88 12.42 12.80
CA GLY B 381 41.81 13.80 13.29
C GLY B 381 42.84 14.12 14.34
N SER B 382 42.93 13.31 15.38
CA SER B 382 43.92 13.49 16.42
C SER B 382 44.22 12.15 17.05
N ALA B 383 45.41 12.05 17.65
CA ALA B 383 45.80 10.85 18.38
C ALA B 383 46.36 11.18 19.76
N ALA B 384 46.26 12.42 20.19
CA ALA B 384 46.78 12.81 21.50
C ALA B 384 45.97 12.14 22.61
N VAL B 385 46.66 11.76 23.68
CA VAL B 385 46.04 11.17 24.86
C VAL B 385 46.09 12.20 25.98
N SER B 386 44.96 12.40 26.65
CA SER B 386 44.87 13.40 27.70
C SER B 386 45.60 12.93 28.95
N SER B 387 46.43 13.82 29.51
CA SER B 387 47.17 13.48 30.72
C SER B 387 46.22 13.28 31.90
N THR B 388 45.20 14.12 32.01
CA THR B 388 44.23 14.05 33.10
C THR B 388 42.82 14.00 32.49
N PRO B 389 42.43 12.84 31.99
CA PRO B 389 41.11 12.72 31.35
C PRO B 389 39.98 12.76 32.37
N THR B 390 38.81 13.14 31.88
CA THR B 390 37.58 13.09 32.65
C THR B 390 36.69 11.97 32.13
N LEU B 391 35.79 11.51 32.99
CA LEU B 391 35.01 10.31 32.73
C LEU B 391 33.59 10.67 32.32
N SER B 392 33.00 9.83 31.47
CA SER B 392 31.61 9.95 31.04
C SER B 392 31.20 8.63 30.40
N PHE B 393 30.00 8.61 29.83
CA PHE B 393 29.43 7.41 29.22
C PHE B 393 29.14 7.60 27.75
N LEU B 394 30.03 8.29 27.04
CA LEU B 394 29.87 8.48 25.61
C LEU B 394 30.13 7.17 24.88
N PRO B 395 29.19 6.65 24.10
CA PRO B 395 29.42 5.39 23.40
C PRO B 395 30.45 5.54 22.31
N ILE B 396 31.10 4.42 21.98
CA ILE B 396 32.07 4.34 20.91
C ILE B 396 31.36 3.82 19.67
N ILE B 397 31.35 4.63 18.60
CA ILE B 397 30.56 4.30 17.42
C ILE B 397 31.29 3.34 16.50
N SER B 398 30.57 2.75 15.56
CA SER B 398 31.12 1.80 14.61
C SER B 398 30.32 1.91 13.32
N GLY B 399 30.45 0.90 12.46
CA GLY B 399 29.87 0.99 11.12
C GLY B 399 28.35 1.06 11.11
N GLY B 400 27.71 0.29 11.98
CA GLY B 400 26.25 0.27 11.99
C GLY B 400 25.65 1.60 12.40
N ASP B 401 26.35 2.35 13.25
CA ASP B 401 25.84 3.62 13.73
C ASP B 401 25.69 4.64 12.60
N PHE B 402 26.50 4.51 11.54
CA PHE B 402 26.31 5.36 10.37
C PHE B 402 24.93 5.18 9.78
N LEU B 403 24.56 3.92 9.50
CA LEU B 403 23.25 3.64 8.93
C LEU B 403 22.14 4.03 9.88
N VAL B 404 22.34 3.80 11.18
CA VAL B 404 21.30 4.15 12.14
C VAL B 404 21.08 5.66 12.19
N HIS B 405 22.17 6.42 12.17
CA HIS B 405 22.03 7.88 12.17
C HIS B 405 21.41 8.37 10.87
N HIS B 406 21.67 7.70 9.75
CA HIS B 406 20.99 8.09 8.53
C HIS B 406 19.51 7.77 8.59
N ALA B 407 19.15 6.67 9.25
CA ALA B 407 17.74 6.39 9.48
C ALA B 407 17.11 7.47 10.36
N ILE B 408 17.84 7.91 11.39
CA ILE B 408 17.35 8.97 12.26
C ILE B 408 17.15 10.25 11.47
N ALA B 409 18.11 10.59 10.61
CA ALA B 409 17.98 11.77 9.77
C ALA B 409 16.79 11.66 8.83
N LEU B 410 16.58 10.47 8.26
CA LEU B 410 15.42 10.25 7.41
C LEU B 410 14.13 10.47 8.18
N GLY B 411 14.05 9.93 9.40
CA GLY B 411 12.84 10.09 10.18
C GLY B 411 12.57 11.54 10.56
N LEU B 412 13.62 12.23 11.02
CA LEU B 412 13.46 13.63 11.39
C LEU B 412 13.08 14.48 10.20
N HIS B 413 13.75 14.26 9.06
CA HIS B 413 13.45 15.06 7.88
C HIS B 413 12.06 14.77 7.34
N THR B 414 11.61 13.51 7.40
CA THR B 414 10.27 13.20 6.93
C THR B 414 9.22 13.80 7.85
N THR B 415 9.43 13.75 9.16
CA THR B 415 8.51 14.38 10.09
C THR B 415 8.44 15.88 9.84
N VAL B 416 9.60 16.52 9.69
CA VAL B 416 9.62 17.95 9.41
C VAL B 416 8.96 18.24 8.07
N LEU B 417 9.15 17.36 7.09
CA LEU B 417 8.53 17.54 5.79
C LEU B 417 7.01 17.54 5.92
N VAL B 418 6.47 16.55 6.61
CA VAL B 418 5.01 16.47 6.75
C VAL B 418 4.49 17.69 7.51
N LEU B 419 5.14 18.05 8.61
CA LEU B 419 4.66 19.14 9.43
C LEU B 419 4.74 20.48 8.70
N ILE B 420 5.87 20.75 8.06
CA ILE B 420 6.05 21.99 7.31
C ILE B 420 5.10 22.04 6.13
N LYS B 421 4.96 20.92 5.41
CA LYS B 421 4.07 20.87 4.27
C LYS B 421 2.64 21.18 4.70
N GLY B 422 2.17 20.55 5.77
CA GLY B 422 0.82 20.82 6.24
C GLY B 422 0.64 22.25 6.71
N ALA B 423 1.60 22.77 7.47
CA ALA B 423 1.49 24.13 7.97
C ALA B 423 1.47 25.14 6.83
N LEU B 424 2.34 24.96 5.84
CA LEU B 424 2.41 25.92 4.74
C LEU B 424 1.27 25.75 3.75
N ASP B 425 0.70 24.56 3.64
CA ASP B 425 -0.48 24.35 2.80
C ASP B 425 -1.77 24.66 3.53
N SER B 426 -1.71 24.92 4.83
CA SER B 426 -2.87 25.49 5.52
C SER B 426 -3.29 26.80 4.88
N GLN B 427 -2.36 27.51 4.24
CA GLN B 427 -2.68 28.69 3.47
C GLN B 427 -3.28 28.35 2.11
N GLY B 428 -3.26 27.09 1.71
CA GLY B 428 -3.92 26.69 0.48
C GLY B 428 -3.02 25.96 -0.50
N SER B 429 -3.58 24.94 -1.14
CA SER B 429 -2.96 24.24 -2.25
C SER B 429 -3.85 24.39 -3.48
N TYR B 430 -3.37 23.89 -4.61
CA TYR B 430 -4.19 24.00 -5.82
C TYR B 430 -5.33 23.00 -5.82
N LEU B 431 -5.28 21.98 -4.96
CA LEU B 431 -6.46 21.14 -4.72
C LEU B 431 -7.43 21.78 -3.74
N PHE B 432 -6.95 22.69 -2.89
CA PHE B 432 -7.78 23.31 -1.86
C PHE B 432 -7.34 24.77 -1.69
N PRO B 433 -7.64 25.62 -2.66
CA PRO B 433 -7.13 27.00 -2.62
C PRO B 433 -7.62 27.83 -1.44
N ASP B 434 -8.72 27.47 -0.80
CA ASP B 434 -9.33 28.27 0.24
C ASP B 434 -9.26 27.61 1.61
N LYS B 435 -8.12 26.98 1.92
CA LYS B 435 -7.97 26.35 3.23
C LYS B 435 -7.89 27.35 4.36
N GLN B 436 -7.67 28.63 4.06
CA GLN B 436 -7.64 29.64 5.10
C GLN B 436 -9.00 29.93 5.70
N SER B 437 -10.07 29.41 5.10
CA SER B 437 -11.43 29.64 5.59
C SER B 437 -12.09 28.38 6.13
N PHE B 438 -11.33 27.31 6.35
CA PHE B 438 -11.90 26.05 6.79
C PHE B 438 -11.42 25.60 8.16
N GLY B 439 -10.55 26.36 8.82
CA GLY B 439 -10.09 26.00 10.14
C GLY B 439 -8.96 24.99 10.11
N TYR B 440 -8.36 24.79 11.28
CA TYR B 440 -7.20 23.91 11.37
C TYR B 440 -7.56 22.46 11.07
N GLY B 441 -8.70 22.00 11.56
CA GLY B 441 -9.08 20.62 11.37
C GLY B 441 -10.44 20.44 10.75
N PHE B 442 -10.52 19.60 9.72
CA PHE B 442 -11.78 19.27 9.09
C PHE B 442 -11.65 17.90 8.44
N ALA B 443 -12.80 17.30 8.14
CA ALA B 443 -12.81 15.95 7.58
C ALA B 443 -12.11 15.88 6.24
N CYS B 444 -12.67 16.55 5.24
CA CYS B 444 -12.17 16.52 3.87
C CYS B 444 -12.95 17.56 3.07
N ASP B 445 -12.73 17.59 1.77
CA ASP B 445 -13.52 18.41 0.86
C ASP B 445 -14.40 17.56 -0.05
N GLY B 446 -14.62 16.30 0.30
CA GLY B 446 -15.50 15.44 -0.46
C GLY B 446 -14.77 14.64 -1.51
N PRO B 447 -15.51 13.80 -2.23
CA PRO B 447 -14.91 13.00 -3.30
C PRO B 447 -14.61 13.79 -4.56
N GLY B 448 -15.05 15.03 -4.65
CA GLY B 448 -14.83 15.82 -5.85
C GLY B 448 -13.38 16.21 -6.03
N ARG B 449 -13.09 16.72 -7.23
CA ARG B 449 -11.73 17.09 -7.63
C ARG B 449 -10.77 15.90 -7.47
N GLY B 450 -11.28 14.70 -7.71
CA GLY B 450 -10.50 13.49 -7.61
C GLY B 450 -10.42 12.88 -6.22
N GLY B 451 -10.83 13.61 -5.19
CA GLY B 451 -10.71 13.14 -3.83
C GLY B 451 -9.92 14.12 -2.99
N THR B 452 -10.28 14.27 -1.72
CA THR B 452 -9.60 15.22 -0.83
C THR B 452 -9.43 14.65 0.57
N CYS B 453 -9.17 13.35 0.65
CA CYS B 453 -8.98 12.73 1.96
C CYS B 453 -7.71 13.25 2.61
N ASP B 454 -7.78 13.46 3.93
CA ASP B 454 -6.63 13.88 4.74
C ASP B 454 -6.01 15.17 4.22
N ILE B 455 -6.82 16.07 3.67
CA ILE B 455 -6.31 17.31 3.12
C ILE B 455 -6.23 18.42 4.17
N SER B 456 -6.76 18.18 5.37
CA SER B 456 -6.75 19.19 6.41
C SER B 456 -5.35 19.38 6.98
N THR B 457 -5.14 20.54 7.60
CA THR B 457 -3.88 20.80 8.26
C THR B 457 -3.71 19.93 9.50
N TRP B 458 -4.80 19.64 10.20
CA TRP B 458 -4.72 18.71 11.33
C TRP B 458 -4.34 17.32 10.85
N ASP B 459 -4.83 16.93 9.68
CA ASP B 459 -4.44 15.65 9.12
C ASP B 459 -2.95 15.58 8.83
N SER B 460 -2.30 16.73 8.60
CA SER B 460 -0.86 16.73 8.46
C SER B 460 -0.19 16.28 9.75
N PHE B 461 -0.63 16.80 10.89
CA PHE B 461 -0.12 16.29 12.16
C PHE B 461 -0.48 14.84 12.35
N TYR B 462 -1.69 14.45 11.97
CA TYR B 462 -2.11 13.07 12.13
C TYR B 462 -1.19 12.13 11.38
N LEU B 463 -0.78 12.52 10.17
CA LEU B 463 0.14 11.71 9.39
C LEU B 463 1.56 11.78 9.94
N ALA B 464 1.97 12.96 10.42
CA ALA B 464 3.33 13.14 10.90
C ALA B 464 3.56 12.54 12.27
N PHE B 465 2.51 12.25 13.02
CA PHE B 465 2.71 11.66 14.34
C PHE B 465 3.13 10.20 14.24
N PHE B 466 2.64 9.49 13.23
CA PHE B 466 3.19 8.17 12.94
C PHE B 466 4.69 8.27 12.69
N TRP B 467 5.12 9.27 11.94
CA TRP B 467 6.54 9.43 11.68
C TRP B 467 7.31 9.85 12.92
N VAL B 468 6.71 10.66 13.78
CA VAL B 468 7.34 11.00 15.05
C VAL B 468 7.60 9.73 15.86
N ASN B 469 6.57 8.90 16.00
CA ASN B 469 6.72 7.66 16.75
C ASN B 469 7.72 6.73 16.10
N ASN B 470 7.71 6.67 14.77
CA ASN B 470 8.64 5.80 14.06
C ASN B 470 10.08 6.25 14.25
N THR B 471 10.34 7.56 14.16
CA THR B 471 11.69 8.07 14.35
C THR B 471 12.17 7.83 15.77
N VAL B 472 11.30 8.08 16.75
CA VAL B 472 11.68 7.84 18.13
C VAL B 472 11.92 6.36 18.36
N ALA B 473 11.11 5.50 17.75
CA ALA B 473 11.34 4.07 17.85
C ALA B 473 12.69 3.70 17.25
N TRP B 474 13.05 4.29 16.12
CA TRP B 474 14.31 3.97 15.49
C TRP B 474 15.48 4.33 16.40
N PHE B 475 15.53 5.57 16.88
CA PHE B 475 16.72 5.92 17.66
C PHE B 475 16.66 5.39 19.09
N THR B 476 15.48 5.06 19.60
CA THR B 476 15.42 4.39 20.90
C THR B 476 15.81 2.91 20.79
N TYR B 477 15.47 2.25 19.68
CA TYR B 477 16.06 0.95 19.41
C TYR B 477 17.57 1.05 19.35
N TYR B 478 18.07 2.09 18.67
CA TYR B 478 19.51 2.31 18.60
C TYR B 478 20.12 2.43 19.99
N PHE B 479 19.58 3.33 20.81
CA PHE B 479 20.12 3.55 22.15
C PHE B 479 20.02 2.30 23.00
N HIS B 480 18.86 1.64 22.96
CA HIS B 480 18.62 0.49 23.82
C HIS B 480 19.54 -0.66 23.44
N TRP B 481 19.71 -0.93 22.14
CA TRP B 481 20.61 -2.01 21.75
C TRP B 481 22.06 -1.65 22.04
N LYS B 482 22.44 -0.39 21.84
CA LYS B 482 23.80 0.02 22.14
C LYS B 482 24.12 -0.17 23.62
N VAL B 483 23.22 0.27 24.49
CA VAL B 483 23.49 0.15 25.93
C VAL B 483 23.36 -1.30 26.38
N LEU B 484 22.48 -2.08 25.76
CA LEU B 484 22.40 -3.50 26.10
C LEU B 484 23.68 -4.22 25.74
N SER B 485 24.25 -3.93 24.56
CA SER B 485 25.52 -4.51 24.19
C SER B 485 26.63 -4.06 25.11
N LEU B 486 26.64 -2.78 25.49
CA LEU B 486 27.67 -2.29 26.39
C LEU B 486 27.58 -2.94 27.76
N TRP B 487 26.36 -3.08 28.29
CA TRP B 487 26.18 -3.68 29.61
C TRP B 487 26.44 -5.17 29.59
N GLN B 488 26.03 -5.84 28.52
CA GLN B 488 26.30 -7.27 28.35
C GLN B 488 27.69 -7.54 27.82
N SER B 489 28.48 -6.50 27.59
CA SER B 489 29.88 -6.56 27.16
C SER B 489 30.04 -7.13 25.76
N SER B 490 28.96 -7.29 25.01
CA SER B 490 29.09 -7.80 23.65
C SER B 490 29.88 -6.81 22.80
N THR B 491 29.29 -5.66 22.50
CA THR B 491 29.90 -4.54 21.78
C THR B 491 30.47 -4.94 20.43
N ALA B 492 30.26 -6.19 20.01
CA ALA B 492 30.73 -6.68 18.73
C ALA B 492 29.58 -7.37 18.02
N VAL B 493 28.67 -7.94 18.81
CA VAL B 493 27.41 -8.41 18.25
C VAL B 493 26.63 -7.23 17.69
N PHE B 494 26.60 -6.12 18.42
CA PHE B 494 25.97 -4.92 17.90
C PHE B 494 26.71 -4.41 16.67
N ASP B 495 28.03 -4.21 16.80
CA ASP B 495 28.80 -3.57 15.74
C ASP B 495 28.80 -4.36 14.44
N GLU B 496 28.47 -5.64 14.49
CA GLU B 496 28.40 -6.46 13.28
C GLU B 496 26.97 -6.70 12.82
N ASN B 497 26.06 -7.03 13.73
CA ASN B 497 24.71 -7.40 13.38
C ASN B 497 23.77 -6.21 13.22
N SER B 498 24.17 -5.00 13.60
CA SER B 498 23.35 -3.84 13.34
C SER B 498 23.50 -3.32 11.92
N LEU B 499 24.44 -3.88 11.15
CA LEU B 499 24.59 -3.49 9.76
C LEU B 499 23.41 -3.97 8.92
N TYR B 500 22.84 -5.12 9.25
CA TYR B 500 21.71 -5.67 8.53
C TYR B 500 20.52 -5.81 9.45
N LEU B 501 19.32 -5.63 8.88
CA LEU B 501 18.12 -5.49 9.70
C LEU B 501 17.67 -6.80 10.33
N MET B 502 18.03 -7.94 9.72
CA MET B 502 17.75 -9.20 10.38
C MET B 502 18.50 -9.31 11.70
N GLY B 503 19.65 -8.64 11.81
CA GLY B 503 20.28 -8.50 13.11
C GLY B 503 19.41 -7.74 14.08
N TRP B 504 18.86 -6.60 13.63
CA TRP B 504 17.96 -5.82 14.45
C TRP B 504 16.76 -6.64 14.92
N PHE B 505 16.32 -7.61 14.12
CA PHE B 505 15.25 -8.49 14.60
C PHE B 505 15.80 -9.51 15.58
N ARG B 506 16.67 -10.40 15.10
CA ARG B 506 17.07 -11.57 15.85
C ARG B 506 17.76 -11.20 17.15
N ASP B 507 18.79 -10.36 17.08
CA ASP B 507 19.61 -10.12 18.25
C ASP B 507 19.02 -9.08 19.19
N TYR B 508 18.17 -8.17 18.69
CA TYR B 508 17.56 -7.17 19.55
C TYR B 508 16.15 -7.58 20.01
N LEU B 509 15.21 -7.69 19.07
CA LEU B 509 13.82 -7.84 19.45
C LEU B 509 13.51 -9.27 19.87
N TRP B 510 13.81 -10.24 19.00
CA TRP B 510 13.56 -11.64 19.34
C TRP B 510 14.41 -12.08 20.53
N GLN B 511 15.65 -11.59 20.60
CA GLN B 511 16.53 -12.01 21.68
C GLN B 511 16.10 -11.43 23.01
N ASN B 512 15.74 -10.15 23.04
CA ASN B 512 15.45 -9.49 24.31
C ASN B 512 14.02 -9.73 24.79
N CYS B 513 13.21 -10.46 24.03
CA CYS B 513 11.86 -10.80 24.46
C CYS B 513 11.77 -12.14 25.16
N ALA B 514 12.88 -12.86 25.31
CA ALA B 514 12.84 -14.20 25.86
C ALA B 514 12.32 -14.20 27.29
N ALA B 515 12.84 -13.30 28.12
CA ALA B 515 12.42 -13.25 29.52
C ALA B 515 11.05 -12.62 29.69
N LEU B 516 10.72 -11.63 28.86
CA LEU B 516 9.43 -10.95 28.99
C LEU B 516 8.27 -11.92 28.74
N LEU B 517 8.39 -12.77 27.72
CA LEU B 517 7.30 -13.69 27.41
C LEU B 517 7.10 -14.72 28.51
N SER B 518 8.17 -15.06 29.23
CA SER B 518 8.08 -16.00 30.34
C SER B 518 7.57 -15.34 31.62
N GLY B 519 6.96 -14.15 31.50
CA GLY B 519 6.37 -13.53 32.67
C GLY B 519 5.32 -14.39 33.32
N TYR B 520 4.54 -15.09 32.50
CA TYR B 520 3.59 -16.07 33.02
C TYR B 520 3.36 -17.13 31.95
N ASP B 521 3.36 -18.39 32.37
CA ASP B 521 3.13 -19.51 31.48
C ASP B 521 2.48 -20.62 32.30
N SER B 522 2.46 -21.83 31.75
CA SER B 522 1.84 -22.95 32.45
C SER B 522 2.57 -23.26 33.75
N LEU B 523 3.89 -23.10 33.76
CA LEU B 523 4.67 -23.37 34.97
C LEU B 523 4.28 -22.43 36.10
N GLY B 524 4.08 -21.15 35.79
CA GLY B 524 3.71 -20.19 36.81
C GLY B 524 3.86 -18.78 36.30
N SER B 525 3.94 -17.83 37.23
CA SER B 525 4.11 -16.44 36.91
C SER B 525 5.14 -15.82 37.84
N ASN B 526 5.99 -14.96 37.29
CA ASN B 526 6.99 -14.24 38.06
C ASN B 526 6.73 -12.74 37.97
N ASP B 527 7.69 -11.95 38.46
CA ASP B 527 7.50 -10.51 38.53
C ASP B 527 7.31 -9.86 37.18
N LEU B 528 7.68 -10.54 36.09
CA LEU B 528 7.50 -10.01 34.75
C LEU B 528 6.13 -10.32 34.16
N ALA B 529 5.25 -10.97 34.92
CA ALA B 529 3.92 -11.28 34.40
C ALA B 529 3.14 -10.03 34.05
N VAL B 530 3.24 -9.00 34.89
CA VAL B 530 2.53 -7.75 34.63
C VAL B 530 2.98 -7.15 33.31
N TRP B 531 4.27 -7.26 33.00
CA TRP B 531 4.78 -6.65 31.79
C TRP B 531 4.44 -7.46 30.54
N ALA B 532 4.38 -8.79 30.63
CA ALA B 532 3.86 -9.57 29.51
C ALA B 532 2.39 -9.24 29.26
N TRP B 533 1.62 -9.10 30.34
CA TRP B 533 0.21 -8.73 30.19
C TRP B 533 0.07 -7.35 29.56
N ALA B 534 0.90 -6.39 29.98
CA ALA B 534 0.87 -5.07 29.37
C ALA B 534 1.34 -5.10 27.92
N PHE B 535 2.29 -5.97 27.60
CA PHE B 535 2.71 -6.17 26.22
C PHE B 535 1.52 -6.58 25.36
N LEU B 536 0.77 -7.58 25.81
CA LEU B 536 -0.41 -8.01 25.06
C LEU B 536 -1.46 -6.92 24.99
N LEU B 537 -1.69 -6.22 26.10
CA LEU B 537 -2.67 -5.13 26.12
C LEU B 537 -2.30 -4.04 25.13
N ALA B 538 -1.02 -3.71 25.05
CA ALA B 538 -0.56 -2.68 24.12
C ALA B 538 -0.73 -3.13 22.68
N HIS B 539 -0.45 -4.41 22.39
CA HIS B 539 -0.70 -4.91 21.05
C HIS B 539 -2.18 -4.79 20.70
N LEU B 540 -3.05 -5.11 21.66
CA LEU B 540 -4.48 -5.01 21.43
C LEU B 540 -4.90 -3.57 21.15
N ALA B 541 -4.36 -2.62 21.91
CA ALA B 541 -4.67 -1.21 21.67
C ALA B 541 -4.16 -0.76 20.31
N TRP B 542 -2.98 -1.21 19.93
CA TRP B 542 -2.41 -0.87 18.62
C TRP B 542 -3.30 -1.37 17.49
N ALA B 543 -3.80 -2.60 17.61
CA ALA B 543 -4.64 -3.13 16.55
C ALA B 543 -6.03 -2.49 16.56
N THR B 544 -6.52 -2.06 17.72
CA THR B 544 -7.76 -1.28 17.71
C THR B 544 -7.54 0.07 17.00
N GLY B 545 -6.38 0.67 17.19
CA GLY B 545 -6.03 1.84 16.40
C GLY B 545 -6.01 1.52 14.92
N PHE B 546 -5.51 0.34 14.57
CA PHE B 546 -5.61 -0.11 13.18
C PHE B 546 -7.05 -0.12 12.70
N MET B 547 -7.97 -0.59 13.55
CA MET B 547 -9.38 -0.60 13.19
C MET B 547 -9.87 0.82 12.89
N PHE B 548 -9.57 1.75 13.79
CA PHE B 548 -10.07 3.11 13.62
C PHE B 548 -9.39 3.84 12.47
N LEU B 549 -8.20 3.39 12.06
CA LEU B 549 -7.49 4.06 10.96
C LEU B 549 -7.84 3.48 9.60
N ILE B 550 -7.98 2.16 9.49
CA ILE B 550 -8.24 1.53 8.21
C ILE B 550 -9.69 1.69 7.81
N SER B 551 -10.61 1.15 8.60
CA SER B 551 -12.03 1.28 8.32
C SER B 551 -12.50 2.69 8.63
N TRP B 552 -13.25 3.28 7.71
CA TRP B 552 -13.69 4.66 7.84
C TRP B 552 -15.18 4.70 8.17
N ARG B 553 -15.74 5.91 8.20
CA ARG B 553 -16.99 6.13 8.92
C ARG B 553 -18.17 5.41 8.30
N GLY B 554 -18.49 5.74 7.05
CA GLY B 554 -19.73 5.31 6.42
C GLY B 554 -20.20 3.90 6.71
N TYR B 555 -19.25 2.99 6.73
CA TYR B 555 -19.56 1.60 7.02
C TYR B 555 -20.07 1.56 8.38
N TRP B 556 -19.32 2.10 9.30
CA TRP B 556 -19.67 2.04 10.70
C TRP B 556 -20.95 2.80 11.00
N GLN B 557 -21.21 3.88 10.28
CA GLN B 557 -22.48 4.60 10.47
C GLN B 557 -23.66 3.74 10.05
N GLU B 558 -23.54 3.04 8.92
CA GLU B 558 -24.61 2.12 8.53
C GLU B 558 -24.78 0.99 9.53
N LEU B 559 -23.67 0.44 10.02
CA LEU B 559 -23.75 -0.63 11.01
C LEU B 559 -24.42 -0.14 12.30
N ILE B 560 -24.08 1.06 12.74
CA ILE B 560 -24.68 1.62 13.94
C ILE B 560 -26.16 1.92 13.70
N ASP B 561 -26.51 2.33 12.49
CA ASP B 561 -27.93 2.49 12.17
C ASP B 561 -28.69 1.19 12.30
N THR B 562 -28.09 0.10 11.80
CA THR B 562 -28.74 -1.20 11.95
C THR B 562 -28.84 -1.63 13.41
N VAL B 563 -27.81 -1.32 14.20
CA VAL B 563 -27.85 -1.64 15.63
C VAL B 563 -28.94 -0.83 16.33
N ILE B 564 -29.10 0.44 15.96
CA ILE B 564 -30.20 1.25 16.48
C ILE B 564 -31.53 0.64 16.09
N TYR B 565 -31.62 0.11 14.86
CA TYR B 565 -32.86 -0.57 14.46
C TYR B 565 -33.14 -1.76 15.36
N MET B 566 -32.10 -2.53 15.67
CA MET B 566 -32.28 -3.68 16.57
C MET B 566 -32.75 -3.23 17.94
N HIS B 567 -32.18 -2.14 18.46
CA HIS B 567 -32.60 -1.65 19.76
C HIS B 567 -34.04 -1.15 19.75
N LEU B 568 -34.42 -0.39 18.72
CA LEU B 568 -35.77 0.16 18.65
C LEU B 568 -36.80 -0.93 18.40
N LYS B 569 -36.39 -2.03 17.77
CA LYS B 569 -37.28 -3.15 17.54
C LYS B 569 -37.20 -4.20 18.65
N ALA B 570 -36.28 -4.04 19.60
CA ALA B 570 -36.12 -5.02 20.66
C ALA B 570 -37.25 -4.90 21.67
N PRO B 571 -37.70 -6.01 22.26
CA PRO B 571 -38.73 -5.94 23.30
C PRO B 571 -38.18 -5.36 24.60
N PHE B 572 -39.09 -4.87 25.42
CA PHE B 572 -38.80 -4.41 26.78
C PHE B 572 -37.89 -3.20 26.79
N PHE B 573 -37.51 -2.69 25.63
CA PHE B 573 -36.58 -1.58 25.55
C PHE B 573 -37.03 -0.47 24.61
N ASN B 574 -37.91 -0.75 23.65
CA ASN B 574 -38.46 0.32 22.83
C ASN B 574 -39.35 1.26 23.65
N GLU B 575 -39.92 0.78 24.75
CA GLU B 575 -40.68 1.63 25.65
C GLU B 575 -39.79 2.60 26.42
N ILE B 576 -38.49 2.31 26.48
CA ILE B 576 -37.59 3.05 27.33
C ILE B 576 -36.60 3.90 26.53
N TRP B 577 -36.14 3.42 25.38
CA TRP B 577 -35.11 4.09 24.59
C TRP B 577 -35.63 4.34 23.19
N SER B 578 -35.78 5.60 22.83
CA SER B 578 -36.24 5.99 21.50
C SER B 578 -35.12 6.56 20.64
N ALA B 579 -33.86 6.42 21.06
CA ALA B 579 -32.68 6.91 20.38
C ALA B 579 -32.66 8.44 20.26
N ASP B 580 -33.62 9.13 20.86
CA ASP B 580 -33.61 10.58 20.83
C ASP B 580 -32.58 11.17 21.78
N VAL B 581 -32.29 10.47 22.87
CA VAL B 581 -31.36 10.96 23.89
C VAL B 581 -29.97 10.45 23.55
N VAL B 582 -29.04 11.38 23.34
CA VAL B 582 -27.66 11.06 22.97
C VAL B 582 -27.68 10.05 21.83
N THR B 583 -28.07 10.50 20.65
CA THR B 583 -28.26 9.59 19.53
C THR B 583 -26.94 8.93 19.16
N PRO B 584 -26.90 7.60 19.10
CA PRO B 584 -25.65 6.93 18.73
C PRO B 584 -25.32 7.09 17.25
N VAL B 585 -24.31 7.88 16.96
CA VAL B 585 -23.84 8.04 15.58
C VAL B 585 -22.37 7.66 15.53
N ALA B 586 -21.92 7.29 14.33
CA ALA B 586 -20.54 6.92 14.16
C ALA B 586 -19.63 8.12 14.38
N LEU B 587 -18.40 7.83 14.81
CA LEU B 587 -17.42 8.88 15.04
C LEU B 587 -17.15 9.66 13.76
N SER B 588 -17.07 10.98 13.88
CA SER B 588 -16.73 11.79 12.73
C SER B 588 -15.34 11.41 12.21
N ILE B 589 -15.07 11.83 10.98
CA ILE B 589 -13.84 11.40 10.31
C ILE B 589 -12.61 11.88 11.07
N VAL B 590 -12.62 13.15 11.48
CA VAL B 590 -11.50 13.69 12.25
C VAL B 590 -11.40 12.99 13.59
N GLN B 591 -12.53 12.79 14.26
CA GLN B 591 -12.53 12.10 15.54
C GLN B 591 -12.02 10.68 15.39
N ALA B 592 -12.45 9.99 14.33
CA ALA B 592 -11.99 8.63 14.10
C ALA B 592 -10.49 8.58 13.85
N ARG B 593 -9.98 9.51 13.03
CA ARG B 593 -8.54 9.54 12.78
C ARG B 593 -7.77 9.80 14.06
N PHE B 594 -8.23 10.74 14.88
CA PHE B 594 -7.54 11.02 16.12
C PHE B 594 -7.59 9.84 17.08
N ILE B 595 -8.74 9.17 17.18
CA ILE B 595 -8.83 8.06 18.12
C ILE B 595 -8.00 6.87 17.65
N GLY B 596 -7.95 6.64 16.34
CA GLY B 596 -7.06 5.62 15.82
C GLY B 596 -5.60 5.94 16.07
N LEU B 597 -5.22 7.20 15.88
CA LEU B 597 -3.85 7.61 16.18
C LEU B 597 -3.56 7.46 17.67
N ALA B 598 -4.54 7.77 18.52
CA ALA B 598 -4.35 7.66 19.96
C ALA B 598 -4.16 6.21 20.38
N HIS B 599 -4.98 5.30 19.86
CA HIS B 599 -4.75 3.88 20.15
C HIS B 599 -3.42 3.41 19.61
N TYR B 600 -3.05 3.84 18.41
CA TYR B 600 -1.79 3.45 17.82
C TYR B 600 -0.62 3.86 18.71
N VAL B 601 -0.61 5.12 19.14
CA VAL B 601 0.51 5.61 19.95
C VAL B 601 0.45 5.07 21.37
N ALA B 602 -0.75 4.82 21.92
CA ALA B 602 -0.84 4.21 23.24
C ALA B 602 -0.26 2.80 23.22
N GLY B 603 -0.63 2.01 22.22
CA GLY B 603 -0.03 0.70 22.06
C GLY B 603 1.46 0.79 21.81
N PHE B 604 1.88 1.78 21.02
CA PHE B 604 3.30 2.02 20.78
C PHE B 604 4.06 2.22 22.08
N ILE B 605 3.60 3.17 22.89
CA ILE B 605 4.30 3.54 24.11
C ILE B 605 4.29 2.36 25.10
N LEU B 606 3.13 1.74 25.29
CA LEU B 606 3.04 0.67 26.27
C LEU B 606 3.83 -0.55 25.82
N THR B 607 3.80 -0.88 24.53
CA THR B 607 4.59 -1.99 24.02
C THR B 607 6.07 -1.75 24.25
N TYR B 608 6.56 -0.55 23.91
CA TYR B 608 7.99 -0.32 24.07
C TYR B 608 8.38 -0.23 25.54
N LEU B 609 7.51 0.30 26.39
CA LEU B 609 7.80 0.34 27.82
C LEU B 609 7.89 -1.07 28.40
N ALA B 610 6.92 -1.92 28.04
CA ALA B 610 6.96 -3.30 28.52
C ALA B 610 8.19 -4.03 28.00
N PHE B 611 8.55 -3.80 26.74
CA PHE B 611 9.74 -4.44 26.18
C PHE B 611 11.00 -3.96 26.86
N VAL B 612 11.11 -2.66 27.13
CA VAL B 612 12.28 -2.13 27.80
C VAL B 612 12.40 -2.71 29.19
N VAL B 613 11.28 -2.80 29.92
CA VAL B 613 11.31 -3.36 31.26
C VAL B 613 11.71 -4.83 31.21
N GLY B 614 11.13 -5.59 30.29
CA GLY B 614 11.44 -7.01 30.20
C GLY B 614 12.83 -7.30 29.68
N ALA B 615 13.44 -6.36 28.97
CA ALA B 615 14.78 -6.57 28.44
C ALA B 615 15.87 -6.10 29.39
N THR B 616 15.66 -4.99 30.07
CA THR B 616 16.67 -4.43 30.97
C THR B 616 16.37 -4.70 32.44
N SER B 617 15.44 -5.59 32.74
CA SER B 617 15.13 -5.94 34.12
C SER B 617 16.35 -6.53 34.80
N ALA C 1 -25.90 23.15 10.99
CA ALA C 1 -26.23 23.38 9.59
C ALA C 1 -25.01 23.82 8.81
N HIS C 2 -24.51 22.93 7.94
CA HIS C 2 -23.35 23.24 7.13
C HIS C 2 -23.63 24.41 6.19
N ALA C 3 -22.98 25.54 6.41
CA ALA C 3 -23.22 26.72 5.58
C ALA C 3 -22.74 26.47 4.15
N VAL C 4 -23.58 26.80 3.19
CA VAL C 4 -23.28 26.66 1.76
C VAL C 4 -23.39 28.03 1.12
N LYS C 5 -22.38 28.42 0.37
CA LYS C 5 -22.30 29.75 -0.21
C LYS C 5 -22.18 29.67 -1.73
N ILE C 6 -22.60 30.76 -2.38
CA ILE C 6 -22.50 30.90 -3.83
C ILE C 6 -21.70 32.16 -4.12
N TYR C 7 -20.85 32.09 -5.13
CA TYR C 7 -19.92 33.17 -5.45
C TYR C 7 -20.15 33.66 -6.87
N ASP C 8 -19.47 34.75 -7.21
CA ASP C 8 -19.67 35.41 -8.51
C ASP C 8 -19.31 34.48 -9.66
N THR C 9 -18.38 33.56 -9.45
CA THR C 9 -17.90 32.72 -10.54
C THR C 9 -18.96 31.75 -11.05
N CYS C 10 -20.09 31.62 -10.36
CA CYS C 10 -21.16 30.76 -10.85
C CYS C 10 -21.62 31.20 -12.23
N ILE C 11 -21.84 30.23 -13.11
CA ILE C 11 -22.21 30.50 -14.49
C ILE C 11 -23.55 29.87 -14.86
N GLY C 12 -24.40 29.60 -13.86
CA GLY C 12 -25.73 29.10 -14.14
C GLY C 12 -25.77 27.74 -14.81
N CYS C 13 -24.96 26.79 -14.34
CA CYS C 13 -24.94 25.46 -14.93
C CYS C 13 -26.21 24.68 -14.61
N THR C 14 -26.78 24.91 -13.44
CA THR C 14 -27.84 24.13 -12.80
C THR C 14 -27.39 22.72 -12.43
N LEU C 15 -26.11 22.39 -12.61
CA LEU C 15 -25.64 21.07 -12.25
C LEU C 15 -25.62 20.89 -10.74
N CYS C 16 -25.26 21.93 -9.99
CA CYS C 16 -25.27 21.85 -8.54
C CYS C 16 -26.68 21.61 -8.01
N VAL C 17 -27.69 22.19 -8.68
CA VAL C 17 -29.07 21.95 -8.28
C VAL C 17 -29.43 20.48 -8.49
N ARG C 18 -29.08 19.94 -9.65
CA ARG C 18 -29.42 18.56 -9.97
C ARG C 18 -28.64 17.56 -9.13
N ALA C 19 -27.48 17.95 -8.60
CA ALA C 19 -26.67 17.04 -7.81
C ALA C 19 -27.07 17.00 -6.34
N CYS C 20 -27.91 17.91 -5.88
CA CYS C 20 -28.23 17.98 -4.46
C CYS C 20 -29.24 16.91 -4.10
N PRO C 21 -28.93 16.01 -3.17
CA PRO C 21 -29.88 14.99 -2.75
C PRO C 21 -30.92 15.46 -1.75
N THR C 22 -30.96 16.74 -1.41
CA THR C 22 -31.91 17.24 -0.42
C THR C 22 -32.55 18.57 -0.81
N ASP C 23 -32.39 19.02 -2.06
CA ASP C 23 -32.99 20.25 -2.56
C ASP C 23 -32.59 21.45 -1.68
N VAL C 24 -31.30 21.74 -1.70
CA VAL C 24 -30.76 22.91 -1.04
C VAL C 24 -30.49 24.03 -2.02
N ILE C 25 -29.85 23.72 -3.14
CA ILE C 25 -29.50 24.74 -4.13
C ILE C 25 -30.71 25.06 -4.98
N GLU C 26 -30.78 26.30 -5.46
CA GLU C 26 -31.95 26.81 -6.15
C GLU C 26 -31.50 27.92 -7.09
N MET C 27 -32.12 28.00 -8.27
CA MET C 27 -31.66 28.86 -9.35
C MET C 27 -32.43 30.18 -9.34
N VAL C 28 -31.72 31.27 -9.02
CA VAL C 28 -32.33 32.59 -8.98
C VAL C 28 -31.88 33.40 -10.19
N PRO C 29 -32.69 34.32 -10.70
CA PRO C 29 -32.22 35.20 -11.77
C PRO C 29 -31.14 36.15 -11.28
N ALA C 30 -30.22 36.47 -12.19
CA ALA C 30 -29.13 37.38 -11.87
C ALA C 30 -28.59 37.97 -13.15
N THR C 31 -27.80 39.04 -13.00
CA THR C 31 -27.21 39.76 -14.12
C THR C 31 -25.70 39.77 -14.02
N VAL C 32 -25.11 38.65 -13.64
CA VAL C 32 -23.65 38.55 -13.52
C VAL C 32 -23.03 37.57 -14.50
N ASN C 33 -23.80 36.65 -15.07
CA ASN C 33 -23.28 35.66 -15.99
C ASN C 33 -24.13 35.64 -17.24
N ALA C 34 -23.58 35.05 -18.30
CA ALA C 34 -24.29 34.99 -19.58
C ALA C 34 -25.58 34.19 -19.48
N ALA C 35 -25.63 33.22 -18.56
CA ALA C 35 -26.84 32.43 -18.38
C ALA C 35 -27.97 33.21 -17.73
N LYS C 36 -27.67 34.39 -17.17
CA LYS C 36 -28.67 35.22 -16.48
C LYS C 36 -29.37 34.46 -15.37
N GLN C 37 -28.64 33.57 -14.70
CA GLN C 37 -29.16 32.81 -13.58
C GLN C 37 -27.98 32.39 -12.70
N VAL C 38 -28.21 32.37 -11.39
CA VAL C 38 -27.16 32.07 -10.43
C VAL C 38 -27.74 31.17 -9.35
N ALA C 39 -26.95 30.18 -8.92
CA ALA C 39 -27.39 29.29 -7.87
C ALA C 39 -27.55 30.04 -6.56
N SER C 40 -28.50 29.58 -5.74
CA SER C 40 -28.66 30.07 -4.38
C SER C 40 -29.02 28.90 -3.50
N THR C 41 -28.77 29.05 -2.20
CA THR C 41 -28.97 27.99 -1.21
C THR C 41 -29.91 28.49 -0.13
N PRO C 42 -31.21 28.58 -0.41
CA PRO C 42 -32.17 29.05 0.60
C PRO C 42 -32.60 27.98 1.58
N ARG C 43 -32.26 26.72 1.35
CA ARG C 43 -32.66 25.63 2.23
C ARG C 43 -31.45 24.92 2.80
N VAL C 44 -30.48 25.69 3.30
CA VAL C 44 -29.25 25.12 3.83
C VAL C 44 -29.54 24.17 4.99
N GLU C 45 -30.65 24.37 5.69
CA GLU C 45 -30.99 23.50 6.81
C GLU C 45 -31.15 22.04 6.38
N ASP C 46 -31.39 21.79 5.10
CA ASP C 46 -31.48 20.44 4.56
C ASP C 46 -30.14 19.92 4.05
N CYS C 47 -29.10 20.74 4.07
CA CYS C 47 -27.81 20.33 3.53
C CYS C 47 -27.18 19.28 4.43
N VAL C 48 -26.97 18.07 3.89
CA VAL C 48 -26.29 17.03 4.65
C VAL C 48 -24.78 17.24 4.67
N GLY C 49 -24.23 17.98 3.70
CA GLY C 49 -22.81 18.14 3.57
C GLY C 49 -22.11 17.19 2.64
N CYS C 50 -22.86 16.47 1.80
CA CYS C 50 -22.28 15.46 0.93
C CYS C 50 -21.33 16.04 -0.12
N LYS C 51 -21.44 17.34 -0.41
CA LYS C 51 -20.58 18.02 -1.37
C LYS C 51 -20.71 17.43 -2.77
N ARG C 52 -21.89 16.87 -3.09
CA ARG C 52 -22.16 16.49 -4.48
C ARG C 52 -22.27 17.72 -5.36
N CYS C 53 -22.77 18.82 -4.81
CA CYS C 53 -22.84 20.07 -5.56
C CYS C 53 -21.45 20.55 -5.96
N GLU C 54 -20.47 20.35 -5.09
CA GLU C 54 -19.11 20.74 -5.43
C GLU C 54 -18.50 19.81 -6.47
N THR C 55 -18.94 18.55 -6.51
CA THR C 55 -18.42 17.64 -7.52
C THR C 55 -18.90 18.00 -8.92
N ALA C 56 -20.03 18.71 -9.03
CA ALA C 56 -20.64 19.00 -10.31
C ALA C 56 -20.40 20.42 -10.79
N CYS C 57 -19.61 21.22 -10.09
CA CYS C 57 -19.39 22.60 -10.47
C CYS C 57 -18.20 22.70 -11.42
N PRO C 58 -18.39 23.20 -12.64
CA PRO C 58 -17.32 23.14 -13.65
C PRO C 58 -16.30 24.26 -13.57
N THR C 59 -16.47 25.25 -12.69
CA THR C 59 -15.58 26.38 -12.67
C THR C 59 -14.20 25.96 -12.16
N ASP C 60 -13.21 26.86 -12.35
CA ASP C 60 -11.83 26.53 -12.01
C ASP C 60 -11.72 26.10 -10.55
N PHE C 61 -12.37 26.82 -9.66
CA PHE C 61 -12.64 26.33 -8.31
C PHE C 61 -14.11 26.55 -8.01
N LEU C 62 -14.53 25.99 -6.87
CA LEU C 62 -15.93 25.75 -6.59
C LEU C 62 -16.68 27.06 -6.43
N SER C 63 -17.49 27.42 -7.42
CA SER C 63 -18.38 28.57 -7.28
C SER C 63 -19.41 28.36 -6.17
N ILE C 64 -19.65 27.11 -5.78
CA ILE C 64 -20.47 26.79 -4.62
C ILE C 64 -19.59 26.06 -3.62
N ARG C 65 -19.56 26.57 -2.39
CA ARG C 65 -18.67 26.04 -1.37
C ARG C 65 -19.50 25.56 -0.18
N VAL C 66 -19.25 24.33 0.25
CA VAL C 66 -19.93 23.75 1.41
C VAL C 66 -18.94 23.77 2.57
N TYR C 67 -19.24 24.54 3.60
CA TYR C 67 -18.39 24.66 4.78
C TYR C 67 -18.99 23.80 5.88
N LEU C 68 -18.37 22.67 6.17
CA LEU C 68 -18.85 21.78 7.21
C LEU C 68 -18.70 22.44 8.58
N GLN C 69 -19.74 22.34 9.39
CA GLN C 69 -19.76 22.93 10.72
C GLN C 69 -20.12 21.81 11.70
N GLU C 70 -19.08 21.09 12.16
CA GLU C 70 -19.29 19.93 13.01
C GLU C 70 -19.82 20.30 14.38
N ASN C 71 -19.65 21.55 14.81
CA ASN C 71 -20.16 21.97 16.11
C ASN C 71 -21.63 22.37 16.05
N GLU C 72 -22.26 22.30 14.89
CA GLU C 72 -23.65 22.65 14.71
C GLU C 72 -24.37 21.57 13.90
N GLU C 73 -24.16 20.32 14.29
CA GLU C 73 -24.80 19.21 13.60
C GLU C 73 -26.31 19.21 13.88
N THR C 74 -27.06 18.81 12.87
CA THR C 74 -28.51 18.73 12.92
C THR C 74 -28.95 17.37 12.41
N GLN C 75 -30.13 16.92 12.85
CA GLN C 75 -30.65 15.65 12.35
C GLN C 75 -30.78 15.66 10.83
N TYR C 76 -31.03 16.83 10.25
CA TYR C 76 -31.03 16.95 8.79
C TYR C 76 -29.61 16.96 8.24
N SER C 77 -28.68 17.59 8.96
CA SER C 77 -27.29 17.60 8.54
C SER C 77 -26.59 16.28 8.82
N LEU C 78 -26.97 15.60 9.91
CA LEU C 78 -26.40 14.29 10.23
C LEU C 78 -27.07 13.16 9.45
N GLY C 79 -28.16 13.44 8.74
CA GLY C 79 -28.86 12.39 8.01
C GLY C 79 -29.43 11.31 8.90
N LEU C 80 -29.97 11.69 10.06
CA LEU C 80 -30.53 10.72 10.98
C LEU C 80 -31.79 10.11 10.39
N ASP C 81 -31.89 8.78 10.47
CA ASP C 81 -33.04 8.06 9.97
C ASP C 81 -33.87 7.40 11.07
N LEU C 82 -33.24 7.01 12.17
CA LEU C 82 -33.95 6.31 13.23
C LEU C 82 -34.14 7.16 14.49
N ALA C 83 -33.52 8.32 14.56
CA ALA C 83 -33.64 9.20 15.72
C ALA C 83 -34.26 10.52 15.28
N ASP C 84 -35.24 11.00 16.03
CA ASP C 84 -35.90 12.26 15.75
C ASP C 84 -35.61 13.24 16.89
N TRP C 85 -35.25 14.47 16.52
CA TRP C 85 -35.00 15.52 17.49
C TRP C 85 -36.03 16.64 17.44
N SER C 86 -36.93 16.62 16.46
CA SER C 86 -37.96 17.65 16.35
C SER C 86 -38.99 17.51 17.46
N ALA D 1 -49.85 -4.22 17.98
CA ALA D 1 -49.17 -5.27 18.74
C ALA D 1 -48.10 -4.67 19.65
N VAL D 2 -47.99 -5.20 20.87
CA VAL D 2 -47.01 -4.73 21.83
C VAL D 2 -45.61 -5.27 21.55
N PRO D 3 -45.40 -6.52 21.05
CA PRO D 3 -44.02 -6.93 20.76
C PRO D 3 -43.52 -6.37 19.43
N ASN D 4 -44.45 -6.18 18.49
CA ASN D 4 -44.08 -5.64 17.19
C ASN D 4 -43.67 -4.17 17.30
N THR D 5 -44.48 -3.37 17.98
CA THR D 5 -44.21 -1.97 18.20
C THR D 5 -44.45 -1.63 19.66
N PRO D 6 -43.75 -0.62 20.19
CA PRO D 6 -43.99 -0.23 21.58
C PRO D 6 -45.44 0.18 21.81
N LYS D 7 -45.95 -0.15 23.00
CA LYS D 7 -47.36 0.09 23.27
C LYS D 7 -47.68 1.57 23.43
N SER D 8 -46.71 2.37 23.83
CA SER D 8 -46.95 3.78 24.08
C SER D 8 -46.96 4.56 22.77
N SER D 9 -47.64 5.71 22.80
CA SER D 9 -47.76 6.55 21.62
C SER D 9 -46.41 7.17 21.27
N PRO D 10 -46.23 7.59 20.01
CA PRO D 10 -44.97 8.25 19.65
C PRO D 10 -44.68 9.49 20.49
N ASP D 11 -45.72 10.23 20.86
CA ASP D 11 -45.52 11.41 21.69
C ASP D 11 -45.06 11.02 23.09
N THR D 12 -45.60 9.94 23.64
CA THR D 12 -45.16 9.49 24.96
C THR D 12 -43.71 9.06 24.94
N LEU D 13 -43.29 8.33 23.90
CA LEU D 13 -41.90 7.91 23.80
C LEU D 13 -40.98 9.08 23.50
N ALA D 14 -41.48 10.10 22.81
CA ALA D 14 -40.67 11.27 22.54
C ALA D 14 -40.30 12.01 23.81
N GLY D 15 -41.16 11.97 24.82
CA GLY D 15 -40.91 12.75 26.01
C GLY D 15 -40.87 14.22 25.66
N ASN D 16 -39.84 14.90 26.16
CA ASN D 16 -39.62 16.31 25.81
C ASN D 16 -38.55 16.43 24.72
N ARG D 17 -38.85 15.88 23.55
CA ARG D 17 -37.97 16.10 22.40
C ARG D 17 -37.91 17.57 22.06
N THR D 18 -39.06 18.23 22.01
CA THR D 18 -39.09 19.68 22.01
C THR D 18 -38.83 20.18 23.43
N GLU D 19 -38.43 21.44 23.53
CA GLU D 19 -37.95 22.09 24.75
C GLU D 19 -36.64 21.49 25.23
N ALA D 20 -36.13 20.46 24.58
CA ALA D 20 -34.77 19.98 24.78
C ALA D 20 -33.90 20.18 23.55
N SER D 21 -34.48 20.06 22.35
CA SER D 21 -33.77 20.47 21.15
C SER D 21 -33.48 21.97 21.18
N ALA D 22 -34.42 22.76 21.72
CA ALA D 22 -34.17 24.18 21.90
C ALA D 22 -33.07 24.44 22.92
N VAL D 23 -32.76 23.46 23.76
CA VAL D 23 -31.69 23.58 24.75
C VAL D 23 -30.43 22.85 24.29
N SER D 24 -30.57 21.60 23.84
CA SER D 24 -29.42 20.85 23.38
C SER D 24 -28.82 21.47 22.12
N ARG D 25 -29.67 21.88 21.18
CA ARG D 25 -29.23 22.46 19.92
C ARG D 25 -29.96 23.77 19.68
N PRO D 26 -29.54 24.86 20.36
CA PRO D 26 -30.16 26.16 20.18
C PRO D 26 -29.89 26.74 18.79
N TYR D 27 -28.89 26.22 18.10
CA TYR D 27 -28.52 26.70 16.74
C TYR D 27 -29.48 26.11 15.72
N ASP D 28 -29.99 24.90 16.00
CA ASP D 28 -30.88 24.20 15.05
C ASP D 28 -32.22 24.92 14.97
N LYS D 29 -32.36 25.85 14.03
CA LYS D 29 -33.65 26.54 13.84
C LYS D 29 -33.83 26.80 12.35
N PHE D 30 -35.06 26.89 11.89
CA PHE D 30 -35.32 27.25 10.50
C PHE D 30 -35.49 28.75 10.37
N ASN D 31 -35.11 29.28 9.21
CA ASN D 31 -35.31 30.69 8.96
C ASN D 31 -36.79 31.00 8.81
N VAL D 32 -37.11 32.29 8.73
CA VAL D 32 -38.51 32.73 8.78
C VAL D 32 -39.29 32.19 7.58
N ASN D 33 -38.63 31.97 6.46
CA ASN D 33 -39.26 31.41 5.26
C ASN D 33 -38.45 30.18 4.86
N TYR D 34 -38.78 29.03 5.46
CA TYR D 34 -37.94 27.85 5.25
C TYR D 34 -37.98 27.34 3.81
N PRO D 35 -39.12 26.91 3.27
CA PRO D 35 -39.09 26.33 1.93
C PRO D 35 -38.73 27.32 0.84
N LEU D 36 -38.86 28.62 1.10
CA LEU D 36 -38.68 29.65 0.08
C LEU D 36 -37.44 30.48 0.38
N SER D 37 -37.24 31.52 -0.43
CA SER D 37 -36.09 32.41 -0.30
C SER D 37 -36.44 33.84 0.03
N SER D 38 -37.65 34.29 -0.28
CA SER D 38 -38.06 35.66 0.02
C SER D 38 -39.40 35.64 0.74
N PRO D 39 -39.64 36.62 1.62
CA PRO D 39 -40.94 36.66 2.32
C PRO D 39 -42.13 36.83 1.39
N ASP D 40 -41.96 37.56 0.29
CA ASP D 40 -43.06 37.81 -0.65
C ASP D 40 -42.98 36.81 -1.80
N GLN D 41 -43.22 35.55 -1.47
CA GLN D 41 -43.09 34.45 -2.43
C GLN D 41 -44.27 33.48 -2.30
N ALA D 42 -45.49 34.04 -2.27
CA ALA D 42 -46.72 33.26 -2.26
C ALA D 42 -46.86 32.39 -1.01
N ARG D 43 -45.97 31.43 -0.84
CA ARG D 43 -45.95 30.54 0.32
C ARG D 43 -47.26 29.75 0.44
N THR D 44 -47.46 28.88 -0.54
CA THR D 44 -48.63 28.02 -0.55
C THR D 44 -48.71 27.20 0.72
N GLU D 45 -49.92 27.14 1.31
CA GLU D 45 -50.13 26.50 2.59
C GLU D 45 -50.99 25.25 2.41
N VAL D 46 -50.57 24.15 3.02
CA VAL D 46 -51.32 22.90 3.00
C VAL D 46 -51.50 22.43 4.45
N THR D 47 -52.52 21.62 4.66
CA THR D 47 -52.90 21.16 5.99
C THR D 47 -52.94 19.64 6.01
N THR D 48 -53.24 19.10 7.19
CA THR D 48 -53.34 17.65 7.36
C THR D 48 -54.47 17.06 6.53
N LYS D 49 -55.48 17.85 6.19
CA LYS D 49 -56.56 17.35 5.35
C LYS D 49 -56.05 16.94 3.97
N GLU D 50 -55.11 17.72 3.42
CA GLU D 50 -54.53 17.39 2.13
C GLU D 50 -53.55 16.23 2.25
N ILE D 51 -52.55 16.37 3.10
CA ILE D 51 -51.54 15.33 3.31
C ILE D 51 -51.56 14.90 4.77
N PRO D 52 -52.31 13.87 5.12
CA PRO D 52 -52.39 13.46 6.52
C PRO D 52 -51.15 12.72 6.98
N ARG D 53 -50.97 12.69 8.30
CA ARG D 53 -49.86 11.96 8.88
C ARG D 53 -50.03 10.48 8.62
N PRO D 54 -48.94 9.74 8.44
CA PRO D 54 -49.06 8.32 8.04
C PRO D 54 -49.82 7.46 9.02
N GLU D 55 -49.76 7.76 10.32
CA GLU D 55 -50.50 6.96 11.28
C GLU D 55 -52.01 7.13 11.15
N ASP D 56 -52.47 8.15 10.43
CA ASP D 56 -53.88 8.35 10.18
C ASP D 56 -54.35 7.75 8.86
N LEU D 57 -53.45 7.15 8.08
CA LEU D 57 -53.79 6.52 6.81
C LEU D 57 -53.55 5.02 6.92
N VAL D 58 -54.59 4.23 6.67
CA VAL D 58 -54.49 2.78 6.60
C VAL D 58 -55.12 2.33 5.29
N ASP D 59 -54.35 1.64 4.47
CA ASP D 59 -54.82 1.13 3.18
C ASP D 59 -55.40 2.24 2.32
N SER D 60 -54.70 3.37 2.28
CA SER D 60 -55.15 4.48 1.46
C SER D 60 -55.06 4.13 -0.02
N PRO D 61 -56.04 4.55 -0.83
CA PRO D 61 -55.96 4.27 -2.27
C PRO D 61 -54.77 4.92 -2.95
N LYS D 62 -54.24 6.00 -2.38
CA LYS D 62 -53.11 6.70 -2.99
C LYS D 62 -51.78 6.05 -2.68
N PHE D 63 -51.73 5.07 -1.78
CA PHE D 63 -50.49 4.36 -1.53
C PHE D 63 -50.11 3.53 -2.75
N PRO D 64 -48.83 3.41 -3.07
CA PRO D 64 -48.42 2.55 -4.18
C PRO D 64 -48.50 1.08 -3.81
N LEU D 65 -48.20 0.21 -4.76
CA LEU D 65 -48.23 -1.23 -4.52
C LEU D 65 -46.94 -1.63 -3.81
N PHE D 66 -46.92 -1.43 -2.50
CA PHE D 66 -45.74 -1.67 -1.68
C PHE D 66 -46.07 -2.75 -0.65
N GLY D 67 -45.15 -3.71 -0.50
CA GLY D 67 -45.34 -4.83 0.39
C GLY D 67 -44.76 -4.65 1.78
N GLY D 68 -44.27 -3.47 2.14
CA GLY D 68 -43.70 -3.25 3.44
C GLY D 68 -42.28 -3.77 3.55
N SER D 69 -41.45 -3.10 4.35
CA SER D 69 -40.06 -3.52 4.51
C SER D 69 -39.55 -3.03 5.85
N ALA D 70 -38.47 -3.64 6.31
CA ALA D 70 -37.83 -3.23 7.55
C ALA D 70 -37.07 -1.92 7.43
N ASN D 71 -36.94 -1.40 6.22
CA ASN D 71 -36.11 -0.22 5.97
C ASN D 71 -36.89 1.08 6.03
N GLY D 72 -38.17 1.05 6.36
CA GLY D 72 -38.95 2.26 6.43
C GLY D 72 -38.60 3.08 7.67
N TYR D 73 -39.40 4.11 7.89
CA TYR D 73 -39.16 5.00 9.02
C TYR D 73 -39.50 4.29 10.33
N MET D 74 -39.11 4.93 11.43
CA MET D 74 -39.34 4.38 12.77
C MET D 74 -40.64 4.95 13.32
N SER D 75 -41.72 4.19 13.19
CA SER D 75 -42.96 4.55 13.84
C SER D 75 -42.80 4.43 15.34
N LYS D 76 -43.35 5.40 16.07
CA LYS D 76 -43.36 5.42 17.53
C LYS D 76 -41.97 5.72 18.10
N ALA D 77 -40.95 5.77 17.25
CA ALA D 77 -39.62 6.19 17.65
C ALA D 77 -39.20 7.51 17.03
N THR D 78 -39.80 7.87 15.89
CA THR D 78 -39.62 9.16 15.27
C THR D 78 -40.99 9.72 14.92
N ARG D 79 -41.10 11.05 14.94
CA ARG D 79 -42.36 11.70 14.63
C ARG D 79 -42.34 12.51 13.35
N GLU D 80 -41.16 12.81 12.81
CA GLU D 80 -41.06 13.59 11.59
C GLU D 80 -41.21 12.68 10.38
N ARG D 81 -42.04 13.09 9.42
CA ARG D 81 -42.28 12.33 8.22
C ARG D 81 -42.19 13.24 7.02
N HIS D 82 -41.73 12.69 5.90
CA HIS D 82 -41.73 13.38 4.62
C HIS D 82 -42.59 12.60 3.64
N ALA D 83 -43.46 13.30 2.93
CA ALA D 83 -44.42 12.68 2.03
C ALA D 83 -44.20 13.16 0.60
N ILE D 84 -44.40 12.26 -0.35
CA ILE D 84 -44.34 12.58 -1.77
C ILE D 84 -45.73 12.39 -2.36
N THR D 85 -46.19 13.37 -3.14
CA THR D 85 -47.47 13.30 -3.82
C THR D 85 -47.20 13.53 -5.31
N TRP D 86 -47.19 12.45 -6.09
CA TRP D 86 -46.97 12.54 -7.52
C TRP D 86 -48.06 11.78 -8.26
N THR D 87 -48.38 12.26 -9.45
CA THR D 87 -49.44 11.69 -10.28
C THR D 87 -48.82 10.94 -11.44
N ALA D 88 -49.25 9.70 -11.64
CA ALA D 88 -48.69 8.85 -12.67
C ALA D 88 -49.54 8.88 -13.94
N LYS D 89 -48.92 8.47 -15.05
CA LYS D 89 -49.64 8.23 -16.29
C LYS D 89 -49.94 6.76 -16.51
N GLU D 90 -49.16 5.87 -15.90
CA GLU D 90 -49.39 4.43 -16.02
C GLU D 90 -48.78 3.74 -14.81
N GLU D 91 -49.19 2.49 -14.61
CA GLU D 91 -48.79 1.70 -13.45
C GLU D 91 -47.52 0.95 -13.78
N THR D 92 -46.39 1.40 -13.22
CA THR D 92 -45.10 0.78 -13.47
C THR D 92 -44.34 0.62 -12.15
N THR D 93 -43.26 -0.13 -12.21
CA THR D 93 -42.45 -0.45 -11.05
C THR D 93 -41.36 0.61 -10.85
N PHE D 94 -41.04 0.87 -9.58
CA PHE D 94 -39.97 1.80 -9.25
C PHE D 94 -39.28 1.32 -7.98
N GLU D 95 -38.05 1.77 -7.79
CA GLU D 95 -37.30 1.43 -6.59
C GLU D 95 -37.66 2.37 -5.45
N MET D 96 -38.00 1.80 -4.31
CA MET D 96 -38.17 2.61 -3.11
C MET D 96 -36.82 3.13 -2.66
N PRO D 97 -36.76 4.35 -2.14
CA PRO D 97 -35.48 4.86 -1.61
C PRO D 97 -34.96 4.06 -0.44
N THR D 98 -35.82 3.30 0.23
CA THR D 98 -35.44 2.41 1.33
C THR D 98 -35.27 0.98 0.86
N SER D 99 -34.76 0.79 -0.37
CA SER D 99 -34.65 -0.51 -1.00
C SER D 99 -36.02 -1.16 -1.18
N GLY D 100 -36.06 -2.30 -1.84
CA GLY D 100 -37.31 -2.91 -2.21
C GLY D 100 -37.95 -2.19 -3.38
N TRP D 101 -39.02 -2.77 -3.90
CA TRP D 101 -39.68 -2.25 -5.08
C TRP D 101 -41.17 -2.10 -4.84
N ALA D 102 -41.72 -1.00 -5.33
CA ALA D 102 -43.15 -0.74 -5.29
C ALA D 102 -43.63 -0.44 -6.70
N MET D 103 -44.94 -0.56 -6.90
CA MET D 103 -45.55 -0.30 -8.19
C MET D 103 -46.50 0.88 -8.06
N MET D 104 -46.35 1.86 -8.94
CA MET D 104 -47.12 3.09 -8.87
C MET D 104 -48.57 2.84 -9.26
N ASN D 105 -49.46 3.67 -8.71
CA ASN D 105 -50.86 3.61 -9.08
C ASN D 105 -51.07 4.29 -10.43
N LYS D 106 -52.23 4.04 -11.02
CA LYS D 106 -52.56 4.65 -12.31
C LYS D 106 -52.66 6.16 -12.19
N GLY D 107 -53.27 6.65 -11.11
CA GLY D 107 -53.43 8.08 -10.92
C GLY D 107 -52.56 8.65 -9.82
N GLU D 108 -53.18 9.13 -8.76
CA GLU D 108 -52.46 9.74 -7.66
C GLU D 108 -51.64 8.70 -6.90
N ASN D 109 -50.49 9.12 -6.39
CA ASN D 109 -49.64 8.28 -5.57
C ASN D 109 -49.18 9.07 -4.35
N LEU D 110 -48.86 8.34 -3.27
CA LEU D 110 -48.45 8.97 -2.03
C LEU D 110 -47.56 8.02 -1.25
N CYS D 111 -46.36 8.48 -0.90
CA CYS D 111 -45.42 7.71 -0.10
C CYS D 111 -45.00 8.53 1.10
N TYR D 112 -44.58 7.82 2.16
CA TYR D 112 -44.09 8.46 3.37
C TYR D 112 -42.68 7.99 3.68
N PHE D 113 -41.83 8.93 4.06
CA PHE D 113 -40.44 8.63 4.39
C PHE D 113 -40.02 9.46 5.58
N ARG D 114 -38.91 9.05 6.21
CA ARG D 114 -38.41 9.81 7.35
C ARG D 114 -37.55 10.98 6.91
N LYS D 115 -36.54 10.72 6.10
CA LYS D 115 -35.61 11.75 5.66
C LYS D 115 -36.08 12.37 4.35
N LYS D 116 -35.77 13.67 4.20
CA LYS D 116 -36.06 14.35 2.93
C LYS D 116 -35.18 13.82 1.81
N GLU D 117 -34.01 13.28 2.15
CA GLU D 117 -33.12 12.76 1.12
C GLU D 117 -33.76 11.61 0.37
N GLN D 118 -34.48 10.74 1.08
CA GLN D 118 -35.20 9.66 0.43
C GLN D 118 -36.24 10.20 -0.54
N CYS D 119 -36.98 11.22 -0.11
CA CYS D 119 -37.99 11.81 -0.98
C CYS D 119 -37.37 12.44 -2.23
N ILE D 120 -36.23 13.12 -2.06
CA ILE D 120 -35.58 13.74 -3.21
C ILE D 120 -35.02 12.69 -4.14
N ALA D 121 -34.49 11.59 -3.60
CA ALA D 121 -34.02 10.50 -4.45
C ALA D 121 -35.17 9.90 -5.24
N LEU D 122 -36.31 9.69 -4.58
CA LEU D 122 -37.47 9.17 -5.30
C LEU D 122 -37.96 10.15 -6.36
N CYS D 123 -37.90 11.45 -6.05
CA CYS D 123 -38.29 12.46 -7.04
C CYS D 123 -37.36 12.43 -8.24
N LYS D 124 -36.05 12.28 -8.00
CA LYS D 124 -35.11 12.18 -9.11
C LYS D 124 -35.42 10.95 -9.96
N GLN D 125 -35.71 9.81 -9.31
CA GLN D 125 -36.05 8.61 -10.06
C GLN D 125 -37.31 8.81 -10.89
N LEU D 126 -38.34 9.44 -10.30
CA LEU D 126 -39.60 9.62 -11.00
C LEU D 126 -39.45 10.59 -12.17
N ARG D 127 -38.74 11.70 -11.95
CA ARG D 127 -38.53 12.65 -13.04
C ARG D 127 -37.69 12.04 -14.15
N SER D 128 -36.77 11.13 -13.80
CA SER D 128 -36.06 10.39 -14.83
C SER D 128 -37.01 9.49 -15.62
N MET D 129 -38.15 9.11 -15.04
CA MET D 129 -39.16 8.33 -15.73
C MET D 129 -40.29 9.21 -16.28
N LYS D 130 -40.00 10.49 -16.54
CA LYS D 130 -40.93 11.42 -17.16
C LYS D 130 -42.20 11.58 -16.32
N ILE D 131 -42.01 12.12 -15.11
CA ILE D 131 -43.11 12.40 -14.19
C ILE D 131 -42.95 13.82 -13.67
N ASN D 132 -43.99 14.63 -13.86
CA ASN D 132 -44.01 16.00 -13.37
C ASN D 132 -44.68 16.02 -12.00
N ASP D 133 -45.04 17.21 -11.54
CA ASP D 133 -45.84 17.49 -10.34
C ASP D 133 -45.50 16.63 -9.13
N VAL D 134 -44.23 16.27 -8.99
CA VAL D 134 -43.76 15.54 -7.81
C VAL D 134 -43.64 16.56 -6.68
N LYS D 135 -44.59 16.53 -5.75
CA LYS D 135 -44.61 17.46 -4.62
C LYS D 135 -44.18 16.72 -3.37
N ILE D 136 -43.27 17.33 -2.62
CA ILE D 136 -42.71 16.72 -1.41
C ILE D 136 -43.10 17.58 -0.21
N TYR D 137 -43.70 16.94 0.79
CA TYR D 137 -44.17 17.61 1.99
C TYR D 137 -43.42 17.08 3.20
N ARG D 138 -43.46 17.84 4.28
CA ARG D 138 -42.86 17.46 5.55
C ARG D 138 -43.92 17.45 6.63
N LEU D 139 -43.98 16.36 7.38
CA LEU D 139 -44.95 16.21 8.47
C LEU D 139 -44.25 16.39 9.80
N SER D 140 -44.75 17.31 10.61
CA SER D 140 -44.15 17.60 11.90
C SER D 140 -44.80 16.76 12.99
N LYS D 141 -44.32 16.91 14.22
CA LYS D 141 -44.84 16.14 15.34
C LYS D 141 -46.32 16.44 15.58
N ASP D 142 -46.70 17.72 15.52
CA ASP D 142 -48.07 18.13 15.79
C ASP D 142 -48.98 18.05 14.57
N GLY D 143 -48.43 17.70 13.41
CA GLY D 143 -49.23 17.56 12.21
C GLY D 143 -49.18 18.72 11.24
N THR D 144 -48.40 19.76 11.54
CA THR D 144 -48.26 20.87 10.61
C THR D 144 -47.49 20.42 9.37
N VAL D 145 -48.03 20.72 8.20
CA VAL D 145 -47.47 20.25 6.93
C VAL D 145 -46.77 21.41 6.25
N THR D 146 -45.52 21.20 5.87
CA THR D 146 -44.73 22.19 5.14
C THR D 146 -44.46 21.67 3.74
N PHE D 147 -44.81 22.47 2.75
CA PHE D 147 -44.65 22.07 1.35
C PHE D 147 -43.23 22.38 0.89
N LEU D 148 -42.55 21.37 0.34
CA LEU D 148 -41.15 21.52 -0.04
C LEU D 148 -40.91 21.14 -1.49
N HIS D 149 -39.64 21.10 -1.88
CA HIS D 149 -39.11 20.71 -3.18
C HIS D 149 -39.59 21.67 -4.29
N PRO D 150 -40.75 21.47 -4.98
CA PRO D 150 -41.06 22.62 -5.86
C PRO D 150 -41.79 23.71 -5.08
N SER D 151 -41.05 24.36 -4.18
CA SER D 151 -41.66 25.22 -3.17
C SER D 151 -42.43 26.37 -3.82
N ASP D 152 -41.86 26.99 -4.85
CA ASP D 152 -42.55 28.04 -5.59
C ASP D 152 -43.24 27.51 -6.83
N GLY D 153 -43.48 26.20 -6.90
CA GLY D 153 -44.15 25.59 -8.01
C GLY D 153 -43.23 25.18 -9.15
N VAL D 154 -42.10 25.84 -9.30
CA VAL D 154 -41.14 25.55 -10.35
C VAL D 154 -39.96 24.82 -9.75
N PHE D 155 -39.52 23.75 -10.40
CA PHE D 155 -38.42 22.95 -9.88
C PHE D 155 -37.15 23.81 -9.83
N PRO D 156 -36.29 23.58 -8.84
CA PRO D 156 -35.12 24.44 -8.68
C PRO D 156 -34.14 24.40 -9.84
N GLU D 157 -34.19 23.36 -10.68
CA GLU D 157 -33.32 23.31 -11.84
C GLU D 157 -33.63 24.42 -12.82
N LYS D 158 -34.87 24.88 -12.84
CA LYS D 158 -35.30 25.93 -13.76
C LYS D 158 -35.43 27.25 -13.00
N VAL D 159 -34.81 28.30 -13.53
CA VAL D 159 -34.85 29.61 -12.88
C VAL D 159 -36.26 30.17 -12.97
N ASN D 160 -36.73 30.75 -11.87
CA ASN D 160 -38.07 31.31 -11.79
C ASN D 160 -38.01 32.68 -11.12
N LYS D 161 -38.98 33.51 -11.45
CA LYS D 161 -39.02 34.86 -10.90
C LYS D 161 -39.43 34.83 -9.42
N GLY D 162 -39.13 35.91 -8.72
CA GLY D 162 -39.47 36.03 -7.32
C GLY D 162 -38.56 35.27 -6.39
N ARG D 163 -37.45 34.73 -6.88
CA ARG D 163 -36.52 33.97 -6.06
C ARG D 163 -35.32 34.85 -5.75
N VAL D 164 -35.25 35.34 -4.52
CA VAL D 164 -34.13 36.19 -4.11
C VAL D 164 -32.90 35.32 -3.88
N PRO D 165 -31.73 35.73 -4.36
CA PRO D 165 -30.52 34.95 -4.08
C PRO D 165 -30.24 34.87 -2.58
N VAL D 166 -29.79 33.70 -2.14
CA VAL D 166 -29.52 33.44 -0.74
C VAL D 166 -28.09 32.90 -0.63
N ASN D 167 -27.35 33.40 0.36
CA ASN D 167 -25.97 33.00 0.59
C ASN D 167 -25.10 33.26 -0.63
N PHE D 168 -25.34 34.38 -1.29
CA PHE D 168 -24.56 34.79 -2.46
C PHE D 168 -23.50 35.78 -2.02
N ARG D 169 -22.25 35.45 -2.28
CA ARG D 169 -21.11 36.29 -1.89
C ARG D 169 -20.53 36.97 -3.11
N PRO D 170 -20.54 38.29 -3.19
CA PRO D 170 -20.14 39.00 -4.41
C PRO D 170 -18.63 39.11 -4.59
N PHE D 171 -17.97 37.95 -4.67
CA PHE D 171 -16.55 37.87 -5.01
C PHE D 171 -16.22 36.41 -5.25
N THR D 172 -14.93 36.15 -5.51
CA THR D 172 -14.44 34.80 -5.70
C THR D 172 -14.26 34.10 -4.36
N VAL D 173 -14.14 32.77 -4.40
CA VAL D 173 -14.08 31.98 -3.18
C VAL D 173 -12.86 32.35 -2.34
N CYS D 174 -11.72 32.54 -2.99
CA CYS D 174 -10.50 32.87 -2.28
C CYS D 174 -10.37 34.36 -1.96
N GLN D 175 -11.38 35.15 -2.33
CA GLN D 175 -11.42 36.55 -1.92
C GLN D 175 -12.08 36.75 -0.57
N ASN D 176 -12.44 35.66 0.11
CA ASN D 176 -12.89 35.76 1.49
C ASN D 176 -11.75 36.25 2.37
N ALA D 177 -12.11 36.93 3.45
CA ALA D 177 -11.12 37.38 4.42
C ALA D 177 -10.47 36.19 5.10
N LYS D 178 -9.20 36.35 5.47
CA LYS D 178 -8.50 35.31 6.20
C LYS D 178 -8.91 35.35 7.66
N GLN D 179 -8.77 34.21 8.34
CA GLN D 179 -9.19 34.11 9.73
C GLN D 179 -8.39 35.06 10.61
N GLY D 180 -7.09 35.18 10.37
CA GLY D 180 -6.29 36.11 11.13
C GLY D 180 -6.74 37.55 10.95
N GLU D 181 -7.20 37.90 9.76
CA GLU D 181 -7.70 39.25 9.51
C GLU D 181 -9.00 39.51 10.24
N LEU D 182 -9.85 38.50 10.38
CA LEU D 182 -11.13 38.62 11.07
C LEU D 182 -11.04 38.21 12.53
N LYS D 183 -9.85 38.22 13.11
CA LYS D 183 -9.69 37.83 14.51
C LYS D 183 -10.40 38.82 15.42
N PHE D 184 -10.89 38.31 16.54
CA PHE D 184 -11.62 39.04 17.57
C PHE D 184 -12.97 39.56 17.09
N THR D 185 -13.42 39.15 15.92
CA THR D 185 -14.74 39.47 15.41
C THR D 185 -15.62 38.22 15.46
N GLU D 186 -16.92 38.43 15.23
CA GLU D 186 -17.84 37.30 15.21
C GLU D 186 -17.57 36.35 14.06
N TYR D 187 -16.85 36.81 13.03
CA TYR D 187 -16.55 35.99 11.86
C TYR D 187 -15.14 35.42 11.89
N TRP D 188 -14.55 35.29 13.09
CA TRP D 188 -13.17 34.81 13.18
C TRP D 188 -13.06 33.38 12.66
N THR D 189 -13.90 32.48 13.17
CA THR D 189 -13.88 31.09 12.75
C THR D 189 -14.72 30.83 11.51
N LYS D 190 -15.53 31.80 11.09
CA LYS D 190 -16.39 31.66 9.92
C LYS D 190 -16.20 32.88 9.02
N PRO D 191 -15.04 32.98 8.37
CA PRO D 191 -14.83 34.13 7.46
C PRO D 191 -15.74 34.12 6.26
N TYR D 192 -16.30 32.97 5.89
CA TYR D 192 -17.24 32.88 4.78
C TYR D 192 -18.58 33.51 5.10
N GLU D 193 -18.84 33.86 6.35
CA GLU D 193 -20.08 34.52 6.73
C GLU D 193 -19.93 36.03 6.86
N ALA D 194 -18.73 36.57 6.67
CA ALA D 194 -18.52 38.00 6.78
C ALA D 194 -19.13 38.73 5.57
N ASP D 195 -19.43 39.99 5.77
CA ASP D 195 -19.96 40.82 4.70
C ASP D 195 -18.85 41.15 3.70
N ALA D 196 -19.27 41.52 2.49
CA ALA D 196 -18.30 41.98 1.50
C ALA D 196 -17.60 43.24 2.00
N LEU D 197 -18.34 44.15 2.62
CA LEU D 197 -17.74 45.35 3.19
C LEU D 197 -16.72 44.99 4.27
N THR D 198 -17.07 44.07 5.16
CA THR D 198 -16.15 43.68 6.22
C THR D 198 -14.91 43.01 5.67
N THR D 199 -15.07 42.11 4.68
CA THR D 199 -13.91 41.44 4.11
C THR D 199 -12.99 42.44 3.42
N LEU D 200 -13.55 43.35 2.63
CA LEU D 200 -12.73 44.37 1.99
C LEU D 200 -12.04 45.25 3.02
N PHE D 201 -12.76 45.61 4.09
CA PHE D 201 -12.19 46.49 5.10
C PHE D 201 -11.01 45.82 5.80
N VAL D 202 -11.15 44.54 6.17
CA VAL D 202 -10.04 43.88 6.86
C VAL D 202 -8.89 43.60 5.89
N LYS D 203 -9.18 43.31 4.62
CA LYS D 203 -8.11 43.11 3.66
C LYS D 203 -7.35 44.39 3.39
N ALA D 204 -8.01 45.55 3.51
CA ALA D 204 -7.29 46.81 3.45
C ALA D 204 -6.58 47.12 4.76
N ARG D 205 -7.16 46.67 5.89
CA ARG D 205 -6.55 46.92 7.19
C ARG D 205 -5.21 46.21 7.33
N VAL D 206 -5.13 44.97 6.84
CA VAL D 206 -3.86 44.25 6.93
C VAL D 206 -2.78 44.95 6.12
N ALA D 207 -3.16 45.50 4.95
CA ALA D 207 -2.21 46.28 4.16
C ALA D 207 -1.82 47.56 4.89
N ALA D 208 -2.77 48.19 5.55
CA ALA D 208 -2.47 49.40 6.31
C ALA D 208 -1.49 49.12 7.44
N TYR D 209 -1.62 47.96 8.09
CA TYR D 209 -0.71 47.61 9.16
C TYR D 209 0.73 47.47 8.67
N ASN D 210 0.92 47.04 7.42
CA ASN D 210 2.24 46.75 6.89
C ASN D 210 2.92 47.96 6.27
N ASP D 211 2.57 49.16 6.71
CA ASP D 211 3.14 50.40 6.21
C ASP D 211 3.58 51.27 7.37
N VAL D 212 4.36 50.70 8.29
CA VAL D 212 4.74 51.37 9.53
C VAL D 212 5.46 52.68 9.29
N VAL D 213 5.96 52.93 8.08
CA VAL D 213 6.53 54.23 7.79
C VAL D 213 5.48 55.32 7.94
N ASN D 214 4.22 55.00 7.68
CA ASN D 214 3.13 55.95 7.83
C ASN D 214 2.10 55.52 8.88
N LEU D 215 2.28 54.39 9.53
CA LEU D 215 1.34 53.95 10.55
C LEU D 215 1.40 54.85 11.77
N PHE D 216 0.26 55.02 12.43
CA PHE D 216 0.31 55.98 13.52
C PHE D 216 0.62 55.30 14.84
N PRO D 217 1.44 55.93 15.68
CA PRO D 217 1.85 55.29 16.95
C PRO D 217 0.71 55.03 17.93
N LEU D 218 -0.41 55.74 17.83
CA LEU D 218 -1.56 55.55 18.72
C LEU D 218 -1.14 55.66 20.18
N PRO D 219 -0.96 56.88 20.70
CA PRO D 219 -0.36 57.08 22.03
C PRO D 219 -0.96 56.26 23.16
N ASN D 220 -0.17 56.06 24.21
CA ASN D 220 -0.58 55.24 25.33
C ASN D 220 -1.73 55.88 26.09
N PRO D 221 -2.60 55.07 26.69
CA PRO D 221 -3.68 55.62 27.52
C PRO D 221 -3.13 56.19 28.82
N LYS D 222 -3.92 57.06 29.44
CA LYS D 222 -3.57 57.64 30.73
C LYS D 222 -4.38 56.89 31.79
N LEU D 223 -3.78 55.83 32.33
CA LEU D 223 -4.44 55.00 33.33
C LEU D 223 -4.00 55.33 34.75
N THR D 224 -2.75 55.70 34.96
CA THR D 224 -2.26 55.99 36.29
C THR D 224 -2.96 57.22 36.86
N SER D 225 -3.16 57.20 38.18
CA SER D 225 -3.86 58.29 38.86
C SER D 225 -3.00 59.54 39.03
N GLY D 226 -1.70 59.47 38.75
CA GLY D 226 -0.84 60.59 38.93
C GLY D 226 -0.98 61.60 37.80
N PRO D 227 -0.18 62.65 37.87
CA PRO D 227 -0.21 63.68 36.82
C PRO D 227 0.32 63.14 35.51
N ALA D 228 -0.10 63.78 34.42
CA ALA D 228 0.33 63.37 33.10
C ALA D 228 1.84 63.53 32.95
N GLU D 229 2.46 62.51 32.35
CA GLU D 229 3.90 62.54 32.16
C GLU D 229 4.26 63.64 31.16
N PRO D 230 5.24 64.50 31.47
CA PRO D 230 5.61 65.56 30.52
C PRO D 230 6.11 65.02 29.19
N THR D 231 6.81 63.89 29.19
CA THR D 231 7.36 63.27 28.00
C THR D 231 8.25 64.24 27.22
N SER D 232 8.53 63.91 25.96
CA SER D 232 9.35 64.78 25.12
C SER D 232 8.81 64.86 23.69
N VAL D 233 7.63 64.33 23.42
CA VAL D 233 7.06 64.30 22.08
C VAL D 233 5.69 64.94 22.11
N ASP D 234 5.41 65.81 21.15
CA ASP D 234 4.13 66.49 21.06
C ASP D 234 3.18 65.66 20.22
N TYR D 235 2.12 65.14 20.84
CA TYR D 235 1.15 64.34 20.10
C TYR D 235 0.33 65.19 19.14
N ASP D 236 0.16 66.48 19.44
CA ASP D 236 -0.62 67.35 18.55
C ASP D 236 0.10 67.58 17.23
N ALA D 237 1.40 67.87 17.29
CA ALA D 237 2.17 68.06 16.07
C ALA D 237 2.24 66.77 15.26
N LEU D 238 2.41 65.63 15.94
CA LEU D 238 2.41 64.35 15.25
C LEU D 238 1.07 64.09 14.58
N THR D 239 -0.03 64.40 15.27
CA THR D 239 -1.34 64.20 14.67
C THR D 239 -1.55 65.10 13.45
N LYS D 240 -1.09 66.34 13.54
CA LYS D 240 -1.23 67.25 12.40
C LYS D 240 -0.41 66.76 11.20
N GLU D 241 0.84 66.36 11.45
CA GLU D 241 1.66 65.87 10.34
C GLU D 241 1.13 64.56 9.81
N ALA D 242 0.49 63.75 10.65
CA ALA D 242 -0.13 62.52 10.18
C ALA D 242 -1.37 62.81 9.34
N MET D 243 -2.13 63.84 9.70
CA MET D 243 -3.23 64.27 8.85
C MET D 243 -2.71 64.70 7.49
N GLU D 244 -1.63 65.48 7.46
CA GLU D 244 -1.06 65.90 6.20
C GLU D 244 -0.56 64.71 5.38
N GLY D 245 0.11 63.76 6.04
CA GLY D 245 0.58 62.58 5.34
C GLY D 245 -0.56 61.74 4.80
N GLN D 246 -1.63 61.59 5.58
CA GLN D 246 -2.79 60.84 5.11
C GLN D 246 -3.43 61.51 3.91
N LYS D 247 -3.58 62.84 3.95
CA LYS D 247 -4.15 63.56 2.83
C LYS D 247 -3.31 63.38 1.57
N LYS D 248 -1.99 63.59 1.69
CA LYS D 248 -1.13 63.47 0.52
C LYS D 248 -1.07 62.04 0.00
N ARG D 249 -1.04 61.06 0.90
CA ARG D 249 -1.03 59.66 0.47
C ARG D 249 -2.32 59.29 -0.25
N ILE D 250 -3.46 59.74 0.25
CA ILE D 250 -4.72 59.45 -0.42
C ILE D 250 -4.76 60.12 -1.79
N GLU D 251 -4.27 61.36 -1.87
CA GLU D 251 -4.23 62.04 -3.16
C GLU D 251 -3.37 61.29 -4.16
N ALA D 252 -2.18 60.86 -3.73
CA ALA D 252 -1.29 60.13 -4.63
C ALA D 252 -1.90 58.79 -5.04
N ALA D 253 -2.51 58.09 -4.10
CA ALA D 253 -3.11 56.79 -4.39
C ALA D 253 -4.26 56.93 -5.38
N MET D 254 -5.09 57.95 -5.21
CA MET D 254 -6.19 58.16 -6.16
C MET D 254 -5.68 58.64 -7.50
N ALA D 255 -4.56 59.37 -7.53
CA ALA D 255 -3.93 59.71 -8.80
C ALA D 255 -3.43 58.46 -9.51
N SER D 256 -2.92 57.49 -8.75
CA SER D 256 -2.42 56.26 -9.36
C SER D 256 -3.55 55.50 -10.04
N VAL D 257 -4.71 55.42 -9.42
CA VAL D 257 -5.84 54.69 -9.99
C VAL D 257 -6.76 55.66 -10.73
N ALA E 1 -16.70 48.50 -30.15
CA ALA E 1 -15.32 48.04 -30.15
C ALA E 1 -15.15 46.79 -29.29
N TRP E 2 -14.08 46.04 -29.56
CA TRP E 2 -13.80 44.81 -28.82
C TRP E 2 -12.99 45.14 -27.58
N VAL E 3 -13.41 44.59 -26.44
CA VAL E 3 -12.73 44.78 -25.17
C VAL E 3 -12.32 43.42 -24.64
N GLY E 4 -11.08 43.34 -24.13
CA GLY E 4 -10.55 42.10 -23.63
C GLY E 4 -9.58 41.47 -24.60
N PRO E 5 -9.04 40.31 -24.24
CA PRO E 5 -8.07 39.64 -25.11
C PRO E 5 -8.70 39.21 -26.43
N LYS E 6 -7.88 39.20 -27.48
CA LYS E 6 -8.33 38.77 -28.79
C LYS E 6 -8.60 37.26 -28.78
N LYS E 7 -9.57 36.85 -29.58
CA LYS E 7 -9.90 35.44 -29.70
C LYS E 7 -8.70 34.64 -30.18
N GLY E 8 -8.46 33.49 -29.54
CA GLY E 8 -7.38 32.62 -29.93
C GLY E 8 -6.01 33.06 -29.48
N SER E 9 -5.90 34.14 -28.73
CA SER E 9 -4.61 34.63 -28.27
C SER E 9 -4.27 34.04 -26.90
N GLN E 10 -3.00 33.68 -26.74
CA GLN E 10 -2.54 33.14 -25.47
C GLN E 10 -2.60 34.20 -24.39
N VAL E 11 -3.11 33.83 -23.22
CA VAL E 11 -3.15 34.73 -22.07
C VAL E 11 -2.60 33.99 -20.86
N ARG E 12 -2.01 34.76 -19.94
CA ARG E 12 -1.53 34.23 -18.68
C ARG E 12 -2.52 34.55 -17.58
N ILE E 13 -2.84 33.54 -16.78
CA ILE E 13 -3.88 33.67 -15.76
C ILE E 13 -3.31 34.37 -14.54
N LEU E 14 -3.96 35.45 -14.12
CA LEU E 14 -3.55 36.21 -12.95
C LEU E 14 -4.43 35.93 -11.74
N ARG E 15 -5.33 34.96 -11.84
CA ARG E 15 -6.16 34.59 -10.70
C ARG E 15 -5.37 33.70 -9.76
N PRO E 16 -5.09 34.15 -8.52
CA PRO E 16 -4.17 33.39 -7.67
C PRO E 16 -4.62 31.98 -7.37
N GLU E 17 -5.92 31.74 -7.26
CA GLU E 17 -6.43 30.45 -6.86
C GLU E 17 -6.72 29.51 -8.01
N SER E 18 -6.62 30.00 -9.25
CA SER E 18 -6.94 29.15 -10.40
C SER E 18 -5.91 28.04 -10.54
N TYR E 19 -6.38 26.88 -11.00
CA TYR E 19 -5.48 25.74 -11.19
C TYR E 19 -4.39 26.06 -12.20
N TRP E 20 -4.64 26.98 -13.13
CA TRP E 20 -3.68 27.38 -14.14
C TRP E 20 -3.07 28.73 -13.83
N PHE E 21 -2.82 29.03 -12.55
CA PHE E 21 -2.30 30.33 -12.18
C PHE E 21 -0.90 30.53 -12.74
N GLN E 22 -0.68 31.70 -13.35
CA GLN E 22 0.59 32.07 -13.97
C GLN E 22 0.94 31.15 -15.13
N GLN E 23 0.08 30.20 -15.45
CA GLN E 23 0.25 29.37 -16.64
C GLN E 23 -0.38 30.08 -17.83
N ARG E 24 -0.48 29.39 -18.96
CA ARG E 24 -0.89 30.00 -20.21
C ARG E 24 -2.08 29.25 -20.78
N GLY E 25 -3.01 29.99 -21.39
CA GLY E 25 -4.18 29.39 -21.99
C GLY E 25 -4.65 30.20 -23.18
N THR E 26 -5.46 29.57 -24.01
CA THR E 26 -5.95 30.17 -25.24
C THR E 26 -7.36 30.71 -25.01
N VAL E 27 -7.58 31.96 -25.42
CA VAL E 27 -8.89 32.58 -25.25
C VAL E 27 -9.84 32.02 -26.30
N VAL E 28 -10.98 31.50 -25.85
CA VAL E 28 -12.00 31.00 -26.76
C VAL E 28 -12.93 32.11 -27.21
N ASN E 29 -13.46 32.87 -26.26
CA ASN E 29 -14.38 33.95 -26.57
C ASN E 29 -14.47 34.86 -25.35
N VAL E 30 -14.69 36.15 -25.62
CA VAL E 30 -14.87 37.15 -24.56
C VAL E 30 -16.25 37.75 -24.73
N ASN E 31 -17.07 37.65 -23.69
CA ASN E 31 -18.43 38.16 -23.76
C ASN E 31 -18.42 39.67 -23.76
N GLN E 32 -18.89 40.28 -24.85
CA GLN E 32 -18.87 41.72 -25.00
C GLN E 32 -20.09 42.37 -24.35
N LYS E 33 -20.34 42.02 -23.09
CA LYS E 33 -21.40 42.62 -22.29
C LYS E 33 -20.78 43.16 -21.01
N THR E 34 -21.07 44.41 -20.70
CA THR E 34 -20.45 45.05 -19.55
C THR E 34 -20.89 44.44 -18.23
N ASN E 35 -22.04 43.78 -18.19
CA ASN E 35 -22.55 43.23 -16.94
C ASN E 35 -21.91 41.90 -16.58
N ILE E 36 -21.22 41.25 -17.50
CA ILE E 36 -20.62 39.95 -17.23
C ILE E 36 -19.32 40.17 -16.45
N LYS E 37 -19.23 39.56 -15.27
CA LYS E 37 -18.06 39.76 -14.43
C LYS E 37 -16.86 38.95 -14.91
N TYR E 38 -17.09 37.77 -15.48
CA TYR E 38 -16.02 36.89 -15.95
C TYR E 38 -16.31 36.48 -17.38
N PRO E 39 -16.09 37.38 -18.34
CA PRO E 39 -16.43 37.08 -19.73
C PRO E 39 -15.37 36.26 -20.45
N VAL E 40 -14.11 36.45 -20.06
CA VAL E 40 -12.99 35.88 -20.82
C VAL E 40 -12.98 34.38 -20.61
N THR E 41 -13.40 33.62 -21.63
CA THR E 41 -13.39 32.17 -21.58
C THR E 41 -12.07 31.67 -22.14
N VAL E 42 -11.29 30.99 -21.30
CA VAL E 42 -9.94 30.55 -21.66
C VAL E 42 -9.89 29.03 -21.62
N LYS E 43 -9.27 28.44 -22.63
CA LYS E 43 -9.10 27.00 -22.72
C LYS E 43 -7.63 26.65 -22.50
N PHE E 44 -7.40 25.63 -21.69
CA PHE E 44 -6.05 25.20 -21.33
C PHE E 44 -5.82 23.77 -21.79
N ASP E 45 -4.57 23.46 -22.12
CA ASP E 45 -4.23 22.09 -22.47
C ASP E 45 -4.33 21.17 -21.26
N PHE E 46 -3.92 21.65 -20.10
CA PHE E 46 -4.02 20.87 -18.88
C PHE E 46 -5.43 20.93 -18.31
N VAL E 47 -5.93 19.80 -17.84
CA VAL E 47 -7.18 19.75 -17.11
C VAL E 47 -6.88 19.85 -15.62
N ASN E 48 -7.78 20.48 -14.88
CA ASN E 48 -7.62 20.60 -13.44
C ASN E 48 -8.04 19.29 -12.78
N TYR E 49 -8.19 19.31 -11.44
CA TYR E 49 -8.57 18.11 -10.74
C TYR E 49 -10.00 17.71 -11.02
N ALA E 50 -10.82 18.61 -11.56
CA ALA E 50 -12.19 18.30 -11.95
C ALA E 50 -12.27 17.79 -13.37
N ASN E 51 -11.13 17.59 -14.04
CA ASN E 51 -11.07 17.14 -15.42
C ASN E 51 -11.81 18.09 -16.35
N VAL E 52 -11.71 19.39 -16.07
CA VAL E 52 -12.24 20.43 -16.94
C VAL E 52 -11.12 21.40 -17.24
N ASN E 53 -10.99 21.77 -18.52
CA ASN E 53 -9.90 22.62 -18.96
C ASN E 53 -10.38 23.95 -19.53
N THR E 54 -11.65 24.30 -19.36
CA THR E 54 -12.20 25.55 -19.84
C THR E 54 -12.82 26.30 -18.67
N ASN E 55 -12.47 27.57 -18.54
CA ASN E 55 -13.00 28.39 -17.47
C ASN E 55 -13.11 29.84 -17.94
N GLY E 56 -14.04 30.57 -17.34
CA GLY E 56 -14.20 31.99 -17.61
C GLY E 56 -13.46 32.81 -16.56
N PHE E 57 -12.82 33.89 -17.02
CA PHE E 57 -12.04 34.75 -16.16
C PHE E 57 -12.45 36.20 -16.37
N ALA E 58 -12.19 37.02 -15.36
CA ALA E 58 -12.44 38.44 -15.45
C ALA E 58 -11.40 39.10 -16.36
N LEU E 59 -11.70 40.34 -16.77
CA LEU E 59 -10.78 41.06 -17.65
C LEU E 59 -9.45 41.34 -16.96
N TRP E 60 -9.47 41.60 -15.65
CA TRP E 60 -8.26 41.91 -14.91
C TRP E 60 -7.52 40.68 -14.44
N GLU E 61 -8.06 39.49 -14.63
CA GLU E 61 -7.41 38.25 -14.21
C GLU E 61 -6.66 37.55 -15.33
N VAL E 62 -6.58 38.15 -16.51
CA VAL E 62 -5.87 37.57 -17.64
C VAL E 62 -4.93 38.62 -18.23
N ASP E 63 -3.72 38.19 -18.58
CA ASP E 63 -2.72 39.04 -19.21
C ASP E 63 -2.52 38.55 -20.64
N GLU E 64 -2.94 39.36 -21.60
CA GLU E 64 -2.75 39.00 -23.00
C GLU E 64 -1.27 38.99 -23.34
N LEU E 65 -0.83 37.93 -24.02
CA LEU E 65 0.57 37.75 -24.37
C LEU E 65 0.75 37.85 -25.87
N LYS E 66 1.84 38.50 -26.29
CA LYS E 66 2.13 38.60 -27.71
C LYS E 66 2.54 37.24 -28.26
N GLU E 67 2.68 37.19 -29.59
CA GLU E 67 2.91 35.92 -30.26
C GLU E 67 4.26 35.30 -29.94
N GLY E 68 5.21 36.09 -29.46
CA GLY E 68 6.53 35.56 -29.18
C GLY E 68 7.17 36.10 -27.92
N GLU E 69 6.38 36.72 -27.04
CA GLU E 69 6.90 37.27 -25.81
C GLU E 69 6.71 36.34 -24.62
N TYR E 70 6.17 35.14 -24.83
CA TYR E 70 6.05 34.15 -23.77
C TYR E 70 7.00 33.00 -24.03
N ASP E 71 6.97 32.01 -23.13
CA ASP E 71 7.86 30.87 -23.22
C ASP E 71 7.11 29.68 -23.81
N PRO E 72 7.48 29.19 -24.99
CA PRO E 72 6.77 28.05 -25.56
C PRO E 72 6.90 26.77 -24.76
N ASP E 73 7.93 26.66 -23.91
CA ASP E 73 8.14 25.49 -23.09
C ASP E 73 7.42 25.56 -21.75
N LEU E 74 6.38 26.38 -21.66
CA LEU E 74 5.62 26.57 -20.43
C LEU E 74 6.51 27.03 -19.28
N ILE F 1 28.10 -6.08 39.82
CA ILE F 1 27.66 -4.69 39.93
C ILE F 1 28.67 -3.77 39.25
N ASP F 2 28.34 -3.33 38.05
CA ASP F 2 29.19 -2.41 37.30
C ASP F 2 28.34 -1.68 36.28
N THR F 3 28.88 -0.58 35.77
CA THR F 3 28.19 0.24 34.79
C THR F 3 28.74 -0.05 33.40
N ALA F 4 28.26 0.72 32.43
CA ALA F 4 28.76 0.61 31.07
C ALA F 4 30.22 1.04 31.03
N PRO F 5 30.99 0.58 30.04
CA PRO F 5 32.39 0.99 29.94
C PRO F 5 32.55 2.50 29.90
N VAL F 6 33.17 3.05 30.95
CA VAL F 6 33.33 4.49 31.06
C VAL F 6 34.40 4.96 30.09
N THR F 7 34.07 5.92 29.25
CA THR F 7 35.02 6.51 28.32
C THR F 7 35.70 7.72 28.95
N LYS F 8 36.91 8.00 28.48
CA LYS F 8 37.73 9.07 29.03
C LYS F 8 37.74 10.25 28.07
N MET F 9 37.35 11.42 28.58
CA MET F 9 37.30 12.64 27.79
C MET F 9 38.63 13.37 27.83
N LYS F 10 38.78 14.35 26.94
CA LYS F 10 39.94 15.22 26.93
C LYS F 10 39.59 16.47 27.73
N ASN F 11 40.24 16.66 28.87
CA ASN F 11 40.02 17.85 29.68
C ASN F 11 40.69 19.03 28.98
N LEU F 12 40.18 19.41 27.82
CA LEU F 12 40.87 20.36 26.94
C LEU F 12 40.66 21.78 27.45
N LYS F 13 41.44 22.13 28.46
CA LYS F 13 41.43 23.47 29.03
C LYS F 13 42.53 24.35 28.45
N THR F 14 43.29 23.86 27.47
CA THR F 14 44.38 24.63 26.90
C THR F 14 43.89 25.81 26.08
N GLY F 15 42.63 25.81 25.67
CA GLY F 15 42.10 26.88 24.85
C GLY F 15 42.35 26.74 23.37
N THR F 16 42.88 25.61 22.91
CA THR F 16 43.08 25.35 21.50
C THR F 16 42.66 23.93 21.19
N VAL F 17 42.14 23.72 19.98
CA VAL F 17 41.76 22.41 19.48
C VAL F 17 42.74 22.05 18.38
N GLU F 18 43.55 21.02 18.61
CA GLU F 18 44.60 20.63 17.68
C GLU F 18 44.10 19.49 16.82
N VAL F 19 44.10 19.70 15.50
CA VAL F 19 43.75 18.68 14.52
C VAL F 19 45.04 18.25 13.85
N ASP F 20 45.38 16.96 13.98
CA ASP F 20 46.61 16.44 13.42
C ASP F 20 46.44 16.25 11.91
N GLN F 21 47.28 16.95 11.13
CA GLN F 21 47.21 16.83 9.69
C GLN F 21 47.62 15.43 9.21
N THR F 22 48.57 14.80 9.91
CA THR F 22 49.02 13.49 9.51
C THR F 22 47.98 12.41 9.76
N LYS F 23 46.98 12.68 10.59
CA LYS F 23 45.91 11.72 10.84
C LYS F 23 44.75 11.88 9.87
N LEU F 24 44.86 12.77 8.89
CA LEU F 24 43.83 12.95 7.87
C LEU F 24 44.10 12.04 6.68
N SER F 25 44.05 10.74 6.92
CA SER F 25 44.25 9.72 5.90
C SER F 25 43.93 8.37 6.51
N VAL F 26 43.40 7.47 5.67
CA VAL F 26 42.95 6.17 6.18
C VAL F 26 44.12 5.37 6.71
N LYS F 27 45.28 5.46 6.06
CA LYS F 27 46.43 4.68 6.46
C LYS F 27 46.96 5.07 7.83
N SER F 28 46.58 6.23 8.35
CA SER F 28 47.08 6.72 9.62
C SER F 28 46.09 6.54 10.76
N TRP F 29 44.99 5.82 10.54
CA TRP F 29 43.95 5.64 11.54
C TRP F 29 44.17 4.32 12.27
N GLY F 30 44.14 4.37 13.60
CA GLY F 30 44.47 3.23 14.42
C GLY F 30 43.36 2.23 14.64
N HIS F 31 42.18 2.44 14.05
CA HIS F 31 41.07 1.53 14.23
C HIS F 31 40.70 0.79 12.95
N MET F 32 41.36 1.10 11.83
CA MET F 32 41.15 0.39 10.57
C MET F 32 42.49 0.07 9.94
N GLU F 33 42.64 -1.16 9.49
CA GLU F 33 43.85 -1.64 8.85
C GLU F 33 43.50 -2.37 7.56
N PRO F 34 44.45 -2.49 6.64
CA PRO F 34 44.17 -3.22 5.39
C PRO F 34 43.73 -4.65 5.66
N CYS F 35 42.80 -5.13 4.83
CA CYS F 35 42.25 -6.45 5.01
C CYS F 35 43.29 -7.56 4.86
N GLY F 36 44.41 -7.27 4.20
CA GLY F 36 45.38 -8.32 3.92
C GLY F 36 45.93 -8.97 5.17
N GLN F 37 46.25 -8.17 6.19
CA GLN F 37 46.82 -8.67 7.42
C GLN F 37 45.85 -8.57 8.59
N ASN F 38 44.56 -8.37 8.31
CA ASN F 38 43.56 -8.34 9.37
C ASN F 38 43.22 -9.78 9.75
N LYS F 39 43.57 -10.16 10.98
CA LYS F 39 43.37 -11.55 11.39
C LYS F 39 41.89 -11.93 11.38
N LYS F 40 41.03 -11.02 11.80
CA LYS F 40 39.59 -11.31 11.78
C LYS F 40 39.08 -11.49 10.36
N PHE F 41 39.55 -10.66 9.43
CA PHE F 41 39.15 -10.83 8.03
C PHE F 41 39.64 -12.15 7.46
N GLN F 42 40.88 -12.52 7.79
CA GLN F 42 41.39 -13.81 7.33
C GLN F 42 40.59 -14.96 7.91
N LYS F 43 40.19 -14.85 9.17
CA LYS F 43 39.34 -15.88 9.77
C LYS F 43 37.99 -15.93 9.08
N ARG F 44 37.42 -14.78 8.73
CA ARG F 44 36.16 -14.77 7.98
C ARG F 44 36.31 -15.47 6.64
N ILE F 45 37.40 -15.20 5.94
CA ILE F 45 37.64 -15.84 4.65
C ILE F 45 37.80 -17.34 4.82
N LYS F 46 38.54 -17.77 5.84
CA LYS F 46 38.71 -19.20 6.09
C LYS F 46 37.38 -19.86 6.41
N ASP F 47 36.55 -19.22 7.23
CA ASP F 47 35.23 -19.79 7.55
C ASP F 47 34.36 -19.88 6.31
N GLU F 48 34.39 -18.86 5.46
CA GLU F 48 33.61 -18.90 4.22
C GLU F 48 34.07 -20.04 3.33
N ALA F 49 35.39 -20.19 3.18
CA ALA F 49 35.92 -21.27 2.34
C ALA F 49 35.57 -22.63 2.91
N PHE F 50 35.65 -22.78 4.24
CA PHE F 50 35.29 -24.05 4.86
C PHE F 50 33.82 -24.37 4.66
N LYS F 51 32.94 -23.37 4.80
CA LYS F 51 31.52 -23.61 4.57
C LYS F 51 31.25 -23.97 3.12
N LEU F 52 31.92 -23.30 2.18
CA LEU F 52 31.75 -23.64 0.77
C LEU F 52 32.22 -25.05 0.48
N LYS F 53 33.35 -25.45 1.07
CA LYS F 53 33.84 -26.82 0.87
C LYS F 53 32.88 -27.84 1.48
N LYS F 54 32.32 -27.53 2.64
CA LYS F 54 31.35 -28.43 3.25
C LYS F 54 30.11 -28.57 2.38
N ARG F 55 29.64 -27.45 1.82
CA ARG F 55 28.51 -27.51 0.90
C ARG F 55 28.86 -28.34 -0.34
N GLN F 56 30.07 -28.19 -0.84
CA GLN F 56 30.50 -28.93 -2.02
C GLN F 56 30.55 -30.43 -1.74
N ASP F 57 30.99 -30.81 -0.53
CA ASP F 57 31.15 -32.23 -0.21
C ASP F 57 29.83 -32.99 -0.27
N LYS F 58 28.70 -32.31 -0.19
CA LYS F 58 27.42 -33.00 -0.28
C LYS F 58 27.25 -33.66 -1.64
N TYR F 59 27.68 -32.99 -2.70
CA TYR F 59 27.52 -33.50 -4.05
C TYR F 59 28.76 -34.28 -4.48
N ALA F 60 28.53 -35.38 -5.19
CA ALA F 60 29.63 -36.27 -5.58
C ALA F 60 30.54 -35.59 -6.60
N LYS F 61 31.75 -36.14 -6.71
CA LYS F 61 32.75 -35.58 -7.61
C LYS F 61 32.27 -35.66 -9.06
N GLY F 62 32.48 -34.58 -9.81
CA GLY F 62 32.19 -34.54 -11.22
C GLY F 62 30.77 -34.18 -11.57
N SER F 63 29.87 -34.08 -10.60
CA SER F 63 28.49 -33.72 -10.89
C SER F 63 28.39 -32.24 -11.23
N ALA F 64 27.26 -31.87 -11.84
CA ALA F 64 27.04 -30.47 -12.18
C ALA F 64 26.98 -29.60 -10.93
N ALA F 65 26.36 -30.11 -9.86
CA ALA F 65 26.32 -29.37 -8.61
C ALA F 65 27.71 -29.17 -8.04
N TYR F 66 28.56 -30.20 -8.14
CA TYR F 66 29.94 -30.07 -7.70
C TYR F 66 30.65 -28.96 -8.47
N ALA F 67 30.45 -28.91 -9.78
CA ALA F 67 31.07 -27.87 -10.59
C ALA F 67 30.55 -26.49 -10.22
N GLY F 68 29.25 -26.38 -9.94
CA GLY F 68 28.70 -25.10 -9.53
C GLY F 68 29.30 -24.61 -8.22
N VAL F 69 29.38 -25.49 -7.23
CA VAL F 69 29.97 -25.08 -5.96
C VAL F 69 31.46 -24.80 -6.13
N GLN F 70 32.13 -25.51 -7.03
CA GLN F 70 33.55 -25.23 -7.27
C GLN F 70 33.73 -23.85 -7.89
N GLU F 71 32.86 -23.48 -8.83
CA GLU F 71 32.93 -22.12 -9.37
C GLU F 71 32.63 -21.08 -8.29
N VAL F 72 31.71 -21.40 -7.38
CA VAL F 72 31.45 -20.49 -6.26
C VAL F 72 32.70 -20.34 -5.40
N ILE F 73 33.42 -21.44 -5.17
CA ILE F 73 34.64 -21.39 -4.37
C ILE F 73 35.70 -20.55 -5.06
N ASP F 74 35.85 -20.72 -6.38
CA ASP F 74 36.81 -19.91 -7.11
C ASP F 74 36.44 -18.43 -7.06
N GLN F 75 35.15 -18.13 -7.20
CA GLN F 75 34.69 -16.75 -7.07
C GLN F 75 35.02 -16.18 -5.70
N ALA F 76 34.80 -16.98 -4.65
CA ALA F 76 35.10 -16.52 -3.30
C ALA F 76 36.59 -16.27 -3.11
N LYS F 77 37.43 -17.15 -3.66
CA LYS F 77 38.88 -16.96 -3.55
C LYS F 77 39.31 -15.68 -4.26
N ASP F 78 38.81 -15.46 -5.48
CA ASP F 78 39.17 -14.25 -6.20
C ASP F 78 38.67 -13.01 -5.49
N THR F 79 37.45 -13.08 -4.93
CA THR F 79 36.90 -11.96 -4.18
C THR F 79 37.75 -11.65 -2.95
N ALA F 80 38.19 -12.69 -2.24
CA ALA F 80 39.06 -12.48 -1.08
C ALA F 80 40.37 -11.83 -1.50
N LYS F 81 40.97 -12.32 -2.58
CA LYS F 81 42.22 -11.73 -3.05
C LYS F 81 42.03 -10.27 -3.42
N ALA F 82 40.92 -9.93 -4.07
CA ALA F 82 40.65 -8.54 -4.40
C ALA F 82 40.43 -7.70 -3.14
N TYR F 83 39.67 -8.22 -2.18
CA TYR F 83 39.37 -7.47 -0.97
C TYR F 83 40.54 -7.34 -0.03
N GLU F 84 41.62 -8.10 -0.24
CA GLU F 84 42.79 -7.95 0.63
C GLU F 84 43.32 -6.53 0.63
N GLY F 85 43.07 -5.76 -0.43
CA GLY F 85 43.48 -4.37 -0.47
C GLY F 85 42.54 -3.39 0.18
N ARG F 86 41.36 -3.84 0.60
CA ARG F 86 40.39 -2.95 1.22
C ARG F 86 40.83 -2.58 2.63
N TRP F 87 40.01 -1.75 3.29
CA TRP F 87 40.22 -1.38 4.68
C TRP F 87 39.09 -1.97 5.52
N CYS F 88 39.45 -2.79 6.50
CA CYS F 88 38.43 -3.45 7.34
C CYS F 88 38.84 -3.41 8.80
N GLY F 89 38.47 -2.31 9.48
CA GLY F 89 38.50 -2.22 10.92
C GLY F 89 39.73 -2.78 11.61
N LYS F 90 39.56 -3.18 12.87
CA LYS F 90 40.54 -4.03 13.54
C LYS F 90 39.90 -5.15 14.34
N LYS F 91 38.59 -5.10 14.60
CA LYS F 91 37.91 -6.14 15.35
C LYS F 91 36.77 -6.79 14.59
N ASP F 92 36.34 -6.21 13.47
CA ASP F 92 35.26 -6.77 12.67
C ASP F 92 35.76 -7.55 11.46
N GLY F 93 36.73 -7.01 10.74
CA GLY F 93 37.21 -7.65 9.54
C GLY F 93 36.35 -7.41 8.31
N LEU F 94 35.24 -6.69 8.44
CA LEU F 94 34.37 -6.41 7.31
C LEU F 94 34.90 -5.18 6.58
N PRO F 95 35.17 -5.25 5.28
CA PRO F 95 35.73 -4.09 4.58
C PRO F 95 34.81 -2.88 4.67
N ARG F 96 35.43 -1.72 4.83
CA ARG F 96 34.70 -0.47 5.07
C ARG F 96 34.72 0.40 3.83
N VAL F 97 33.78 1.34 3.77
CA VAL F 97 33.71 2.35 2.73
C VAL F 97 34.14 3.67 3.34
N ILE F 98 35.14 4.30 2.74
CA ILE F 98 35.68 5.56 3.24
C ILE F 98 35.01 6.69 2.48
N ALA F 99 34.14 7.43 3.17
CA ALA F 99 33.38 8.51 2.56
C ALA F 99 33.95 9.88 2.91
N THR F 100 35.19 9.95 3.38
CA THR F 100 35.81 11.24 3.64
C THR F 100 35.94 12.06 2.37
N GLY F 101 36.33 11.41 1.28
CA GLY F 101 36.68 12.08 0.04
C GLY F 101 38.05 11.72 -0.48
N GLU F 102 38.85 11.00 0.30
CA GLU F 102 40.13 10.52 -0.17
C GLU F 102 39.93 9.46 -1.23
N VAL F 103 40.71 9.54 -2.30
CA VAL F 103 40.67 8.53 -3.35
C VAL F 103 41.48 7.33 -2.89
N THR F 104 40.80 6.35 -2.30
CA THR F 104 41.46 5.18 -1.71
C THR F 104 40.72 3.93 -2.17
N ARG F 105 41.25 2.77 -1.76
CA ARG F 105 40.61 1.51 -2.05
C ARG F 105 39.30 1.41 -1.27
N GLY F 106 38.18 1.27 -1.98
CA GLY F 106 36.89 1.30 -1.33
C GLY F 106 36.39 2.68 -1.00
N GLY F 107 36.85 3.69 -1.72
CA GLY F 107 36.42 5.06 -1.48
C GLY F 107 35.06 5.35 -2.08
N ILE F 108 34.70 6.63 -2.05
CA ILE F 108 33.38 7.04 -2.51
C ILE F 108 33.43 8.04 -3.66
N VAL F 109 34.56 8.70 -3.90
CA VAL F 109 34.59 9.78 -4.89
C VAL F 109 34.34 9.23 -6.29
N THR F 110 35.05 8.18 -6.68
CA THR F 110 34.84 7.61 -8.01
C THR F 110 33.45 7.02 -8.17
N PRO F 111 32.92 6.20 -7.24
CA PRO F 111 31.54 5.76 -7.39
C PRO F 111 30.55 6.90 -7.42
N ALA F 112 30.78 7.94 -6.62
CA ALA F 112 29.89 9.09 -6.63
C ALA F 112 29.89 9.77 -7.99
N LEU F 113 31.08 9.97 -8.58
CA LEU F 113 31.16 10.60 -9.88
C LEU F 113 30.48 9.74 -10.95
N MET F 114 30.71 8.42 -10.91
CA MET F 114 30.10 7.55 -11.90
C MET F 114 28.58 7.58 -11.80
N PHE F 115 28.05 7.47 -10.58
CA PHE F 115 26.60 7.51 -10.41
C PHE F 115 26.03 8.85 -10.82
N LEU F 116 26.67 9.94 -10.41
CA LEU F 116 26.13 11.25 -10.73
C LEU F 116 26.13 11.49 -12.23
N TYR F 117 27.18 11.06 -12.92
CA TYR F 117 27.18 11.19 -14.39
C TYR F 117 26.06 10.35 -14.99
N THR F 118 25.91 9.11 -14.54
CA THR F 118 24.90 8.23 -15.13
C THR F 118 23.49 8.78 -14.91
N THR F 119 23.21 9.27 -13.70
CA THR F 119 21.85 9.73 -13.43
C THR F 119 21.58 11.13 -13.95
N GLY F 120 22.60 11.98 -14.04
CA GLY F 120 22.42 13.20 -14.81
C GLY F 120 22.15 12.90 -16.26
N TRP F 121 22.80 11.86 -16.80
CA TRP F 121 22.48 11.40 -18.15
C TRP F 121 21.01 10.99 -18.24
N ILE F 122 20.53 10.20 -17.28
CA ILE F 122 19.14 9.76 -17.30
C ILE F 122 18.19 10.94 -17.23
N GLY F 123 18.42 11.83 -16.26
CA GLY F 123 17.53 12.97 -16.07
C GLY F 123 17.54 13.92 -17.24
N TYR F 124 18.73 14.17 -17.81
CA TYR F 124 18.81 15.06 -18.96
C TYR F 124 18.18 14.44 -20.20
N ALA F 125 18.30 13.12 -20.36
CA ALA F 125 17.62 12.46 -21.46
C ALA F 125 16.11 12.60 -21.33
N GLY F 126 15.60 12.35 -20.13
CA GLY F 126 14.16 12.51 -19.91
C GLY F 126 13.69 13.94 -20.11
N ARG F 127 14.46 14.90 -19.59
CA ARG F 127 14.11 16.31 -19.74
C ARG F 127 14.16 16.74 -21.21
N SER F 128 15.16 16.28 -21.94
CA SER F 128 15.25 16.61 -23.36
C SER F 128 14.08 16.00 -24.13
N TYR F 129 13.70 14.77 -23.81
CA TYR F 129 12.55 14.18 -24.46
C TYR F 129 11.28 14.97 -24.16
N LEU F 130 11.09 15.36 -22.89
CA LEU F 130 9.91 16.14 -22.55
C LEU F 130 9.91 17.51 -23.21
N LEU F 131 11.09 18.09 -23.41
CA LEU F 131 11.16 19.40 -24.06
C LEU F 131 10.93 19.30 -25.56
N ARG F 132 11.36 18.21 -26.19
CA ARG F 132 11.16 18.03 -27.61
C ARG F 132 9.90 17.27 -27.96
N THR F 133 9.13 16.85 -26.96
CA THR F 133 7.87 16.13 -27.14
C THR F 133 6.80 16.73 -26.25
N LYS F 134 6.61 18.05 -26.34
CA LYS F 134 5.67 18.72 -25.47
C LYS F 134 4.25 18.31 -25.85
N ASP F 135 3.89 17.07 -25.50
CA ASP F 135 2.64 16.45 -25.89
C ASP F 135 2.40 15.21 -25.06
N ALA F 136 1.21 15.07 -24.48
CA ALA F 136 0.91 13.88 -23.70
C ALA F 136 0.83 12.64 -24.58
N ALA F 137 0.48 12.81 -25.85
CA ALA F 137 0.47 11.68 -26.76
C ALA F 137 1.84 11.06 -26.89
N LYS F 138 2.86 11.89 -27.12
CA LYS F 138 4.22 11.39 -27.21
C LYS F 138 4.78 10.97 -25.85
N GLU F 139 4.09 11.28 -24.76
CA GLU F 139 4.51 10.77 -23.46
C GLU F 139 3.99 9.37 -23.23
N ILE F 140 2.69 9.15 -23.48
CA ILE F 140 2.14 7.80 -23.39
C ILE F 140 2.67 6.93 -24.53
N LYS F 141 2.80 7.50 -25.72
CA LYS F 141 3.33 6.79 -26.88
C LYS F 141 4.75 7.28 -27.13
N ILE F 142 5.73 6.50 -26.69
CA ILE F 142 7.11 6.91 -26.78
C ILE F 142 7.53 6.96 -28.25
N ASP F 143 8.09 8.10 -28.67
CA ASP F 143 8.68 8.22 -29.99
C ASP F 143 10.07 7.60 -29.92
N VAL F 144 10.14 6.31 -30.25
CA VAL F 144 11.35 5.54 -29.98
C VAL F 144 12.58 6.12 -30.67
N PRO F 145 12.54 6.49 -31.96
CA PRO F 145 13.73 7.15 -32.52
C PRO F 145 14.12 8.41 -31.80
N LEU F 146 13.15 9.28 -31.49
CA LEU F 146 13.47 10.51 -30.77
C LEU F 146 13.87 10.23 -29.33
N ALA F 147 13.22 9.26 -28.70
CA ALA F 147 13.58 8.91 -27.32
C ALA F 147 15.02 8.42 -27.25
N LEU F 148 15.40 7.52 -28.15
CA LEU F 148 16.76 7.01 -28.14
C LEU F 148 17.76 8.06 -28.60
N THR F 149 17.34 8.98 -29.48
CA THR F 149 18.18 10.11 -29.83
C THR F 149 18.50 10.93 -28.59
N CYS F 150 17.49 11.26 -27.80
CA CYS F 150 17.72 12.01 -26.56
C CYS F 150 18.56 11.21 -25.58
N MET F 151 18.30 9.91 -25.46
CA MET F 151 19.04 9.08 -24.51
C MET F 151 20.53 9.03 -24.85
N THR F 152 20.86 8.83 -26.12
CA THR F 152 22.25 8.79 -26.52
C THR F 152 22.87 10.17 -26.66
N SER F 153 22.05 11.21 -26.73
CA SER F 153 22.57 12.57 -26.83
C SER F 153 22.74 13.23 -25.48
N ALA F 154 22.20 12.64 -24.42
CA ALA F 154 22.37 13.18 -23.07
C ALA F 154 23.74 12.87 -22.48
N PHE F 155 24.67 12.30 -23.25
CA PHE F 155 25.99 12.00 -22.71
C PHE F 155 26.73 13.28 -22.34
N ALA F 156 26.40 14.40 -22.99
CA ALA F 156 27.01 15.69 -22.70
C ALA F 156 26.20 16.48 -21.69
N TRP F 157 25.49 15.80 -20.79
CA TRP F 157 24.67 16.50 -19.82
C TRP F 157 25.45 17.44 -18.89
N PRO F 158 26.61 17.07 -18.34
CA PRO F 158 27.23 17.95 -17.33
C PRO F 158 27.57 19.33 -17.86
N VAL F 159 27.92 19.45 -19.14
CA VAL F 159 28.30 20.74 -19.70
C VAL F 159 27.12 21.46 -20.32
N TYR F 160 26.26 20.74 -21.04
CA TYR F 160 25.06 21.36 -21.60
C TYR F 160 24.14 21.88 -20.52
N SER F 161 23.98 21.11 -19.43
CA SER F 161 23.14 21.55 -18.34
C SER F 161 23.67 22.82 -17.70
N TRP F 162 24.99 22.92 -17.50
CA TRP F 162 25.54 24.13 -16.89
C TRP F 162 25.45 25.31 -17.85
N GLN F 163 25.63 25.07 -19.15
CA GLN F 163 25.46 26.15 -20.11
C GLN F 163 24.03 26.67 -20.11
N ASP F 164 23.06 25.76 -20.04
CA ASP F 164 21.66 26.19 -19.98
C ASP F 164 21.37 26.91 -18.67
N ILE F 165 21.96 26.45 -17.57
CA ILE F 165 21.76 27.09 -16.28
C ILE F 165 22.27 28.52 -16.31
N THR F 166 23.47 28.72 -16.83
CA THR F 166 24.07 30.04 -16.88
C THR F 166 23.46 30.93 -17.96
N ASN F 167 22.83 30.34 -18.98
CA ASN F 167 22.21 31.11 -20.04
C ASN F 167 20.71 31.29 -19.88
N GLY F 168 20.12 30.75 -18.82
CA GLY F 168 18.72 30.99 -18.54
C GLY F 168 17.76 30.08 -19.25
N ARG F 169 18.23 29.08 -19.99
CA ARG F 169 17.36 28.14 -20.69
C ARG F 169 17.10 26.87 -19.88
N PHE F 170 17.62 26.77 -18.66
CA PHE F 170 17.44 25.58 -17.84
C PHE F 170 16.33 25.79 -16.81
N VAL F 171 16.46 26.81 -15.98
CA VAL F 171 15.45 27.12 -14.99
C VAL F 171 14.39 28.01 -15.61
N ALA F 172 13.22 28.06 -14.96
CA ALA F 172 12.11 28.87 -15.41
C ALA F 172 11.88 30.02 -14.45
N LYS F 173 11.55 31.18 -15.00
CA LYS F 173 11.24 32.34 -14.17
C LYS F 173 10.05 32.03 -13.28
N ASP F 174 10.15 32.40 -12.00
CA ASP F 174 9.09 32.07 -11.05
C ASP F 174 7.77 32.71 -11.42
N THR F 175 7.78 33.77 -12.21
CA THR F 175 6.55 34.44 -12.63
C THR F 175 5.92 33.80 -13.85
N GLU F 176 6.51 32.74 -14.39
CA GLU F 176 6.00 32.09 -15.59
C GLU F 176 5.54 30.66 -15.36
N ILE F 177 5.63 30.15 -14.13
CA ILE F 177 5.23 28.79 -13.82
C ILE F 177 4.14 28.81 -12.76
N ARG F 178 3.47 27.67 -12.62
CA ARG F 178 2.39 27.54 -11.65
C ARG F 178 2.98 27.44 -10.26
N VAL F 179 3.04 28.57 -9.56
CA VAL F 179 3.56 28.63 -8.21
C VAL F 179 2.40 28.91 -7.26
N GLN F 180 2.54 28.42 -6.03
CA GLN F 180 1.44 28.45 -5.06
C GLN F 180 1.32 29.84 -4.47
N ARG F 181 0.31 30.59 -4.90
CA ARG F 181 0.03 31.93 -4.40
C ARG F 181 -1.43 32.05 -3.98
N MET F 182 -2.04 30.95 -3.55
CA MET F 182 -3.45 30.99 -3.15
C MET F 182 -3.70 31.87 -1.95
N HIS F 183 -2.68 32.12 -1.14
CA HIS F 183 -2.81 33.07 -0.04
C HIS F 183 -2.82 34.52 -0.52
N MET F 184 -2.89 34.70 -1.83
CA MET F 184 -2.94 36.03 -2.46
C MET F 184 -1.72 36.86 -2.06
N ALA F 185 -0.55 36.30 -2.29
CA ALA F 185 0.70 37.00 -2.01
C ALA F 185 0.89 38.14 -2.99
N TYR G 1 -26.93 54.03 -15.15
CA TYR G 1 -26.11 54.22 -16.34
C TYR G 1 -25.57 52.87 -16.83
N THR G 2 -26.20 51.78 -16.37
CA THR G 2 -25.79 50.42 -16.69
C THR G 2 -24.33 50.19 -16.24
N GLU G 3 -24.15 50.24 -14.91
CA GLU G 3 -22.84 50.07 -14.32
C GLU G 3 -22.20 48.77 -14.78
N SER G 4 -20.95 48.86 -15.21
CA SER G 4 -20.24 47.69 -15.70
C SER G 4 -19.68 46.89 -14.53
N ALA G 5 -19.44 45.60 -14.80
CA ALA G 5 -18.76 44.77 -13.82
C ALA G 5 -17.35 45.29 -13.57
N GLN G 6 -16.69 45.78 -14.63
CA GLN G 6 -15.40 46.42 -14.46
C GLN G 6 -15.51 47.68 -13.63
N ASP G 7 -16.63 48.41 -13.73
CA ASP G 7 -16.84 49.56 -12.86
C ASP G 7 -17.01 49.14 -11.41
N ALA G 8 -17.69 48.03 -11.16
CA ALA G 8 -17.80 47.53 -9.81
C ALA G 8 -16.43 47.13 -9.26
N LYS G 9 -15.62 46.48 -10.08
CA LYS G 9 -14.26 46.14 -9.66
C LYS G 9 -13.44 47.40 -9.40
N LEU G 10 -13.64 48.44 -10.22
CA LEU G 10 -12.96 49.70 -9.99
C LEU G 10 -13.35 50.31 -8.66
N PHE G 11 -14.64 50.26 -8.32
CA PHE G 11 -15.07 50.77 -7.01
C PHE G 11 -14.47 49.94 -5.88
N GLU G 12 -14.41 48.62 -6.04
CA GLU G 12 -13.79 47.79 -5.01
C GLU G 12 -12.33 48.16 -4.82
N THR G 13 -11.62 48.37 -5.93
CA THR G 13 -10.22 48.77 -5.85
C THR G 13 -10.07 50.13 -5.17
N VAL G 14 -10.95 51.06 -5.52
CA VAL G 14 -10.90 52.40 -4.90
C VAL G 14 -11.16 52.30 -3.41
N PHE G 15 -12.16 51.51 -3.02
CA PHE G 15 -12.47 51.35 -1.60
C PHE G 15 -11.29 50.73 -0.86
N SER G 16 -10.70 49.68 -1.42
CA SER G 16 -9.57 49.03 -0.77
C SER G 16 -8.40 49.98 -0.63
N THR G 17 -8.07 50.72 -1.69
CA THR G 17 -6.95 51.65 -1.65
C THR G 17 -7.18 52.77 -0.65
N TYR G 18 -8.39 53.35 -0.65
CA TYR G 18 -8.70 54.43 0.28
C TYR G 18 -8.65 53.93 1.71
N THR G 19 -9.24 52.77 1.96
CA THR G 19 -9.22 52.22 3.33
C THR G 19 -7.76 52.03 3.73
N ALA G 20 -6.97 51.36 2.89
CA ALA G 20 -5.58 51.06 3.24
C ALA G 20 -4.83 52.34 3.58
N GLU G 21 -5.01 53.39 2.78
CA GLU G 21 -4.32 54.63 3.05
C GLU G 21 -4.92 55.43 4.20
N TYR G 22 -6.14 55.09 4.62
CA TYR G 22 -6.81 55.83 5.68
C TYR G 22 -6.60 55.21 7.05
N LEU G 23 -6.56 53.88 7.14
CA LEU G 23 -6.41 53.23 8.43
C LEU G 23 -5.00 53.41 9.01
N LYS G 24 -4.03 53.79 8.18
CA LYS G 24 -2.68 54.03 8.70
C LYS G 24 -2.67 55.20 9.65
N GLY G 25 -3.40 56.27 9.34
CA GLY G 25 -3.40 57.46 10.14
C GLY G 25 -4.15 57.30 11.44
N PRO G 26 -4.11 58.32 12.30
CA PRO G 26 -4.77 58.26 13.61
C PRO G 26 -6.29 58.44 13.55
N MET G 27 -6.93 57.68 12.68
CA MET G 27 -8.38 57.70 12.56
C MET G 27 -8.98 56.30 12.61
N TYR G 28 -8.22 55.29 13.00
CA TYR G 28 -8.74 53.94 13.14
C TYR G 28 -8.64 53.39 14.55
N GLU G 29 -7.54 53.64 15.26
CA GLU G 29 -7.45 53.43 16.70
C GLU G 29 -7.76 51.98 17.08
N THR G 30 -6.87 51.09 16.64
CA THR G 30 -6.94 49.66 16.90
C THR G 30 -5.81 49.22 17.83
N PRO G 31 -5.99 48.13 18.59
CA PRO G 31 -4.92 47.70 19.50
C PRO G 31 -3.60 47.41 18.82
N GLU G 32 -3.62 46.97 17.56
CA GLU G 32 -2.37 46.70 16.86
C GLU G 32 -1.51 47.94 16.76
N LYS G 33 -2.13 49.10 16.52
CA LYS G 33 -1.40 50.35 16.32
C LYS G 33 -0.88 50.95 17.61
N MET G 34 -1.13 50.30 18.75
CA MET G 34 -0.71 50.85 20.06
C MET G 34 0.82 50.79 20.16
N ILE G 35 1.43 51.73 20.87
CA ILE G 35 2.92 51.82 20.93
C ILE G 35 3.47 50.50 21.44
N GLY G 36 4.44 49.94 20.74
CA GLY G 36 5.09 48.70 21.21
C GLY G 36 4.37 47.48 20.69
N ARG G 37 3.57 47.65 19.65
CA ARG G 37 2.87 46.49 19.03
C ARG G 37 3.23 46.46 17.55
N ARG G 38 2.76 47.42 16.77
CA ARG G 38 3.16 47.49 15.34
C ARG G 38 3.82 48.82 15.03
N PRO G 39 3.31 49.98 15.50
CA PRO G 39 3.85 51.28 15.14
C PRO G 39 5.35 51.46 15.41
N PHE G 40 5.90 52.62 15.03
CA PHE G 40 7.36 52.86 15.14
C PHE G 40 7.72 53.66 16.39
N ASN G 41 6.87 53.67 17.42
CA ASN G 41 7.14 54.54 18.60
C ASN G 41 6.93 55.97 18.13
N PRO G 42 6.26 56.83 18.91
CA PRO G 42 5.92 58.16 18.43
C PRO G 42 7.01 58.95 17.70
N GLY G 43 7.87 59.63 18.44
CA GLY G 43 8.85 60.53 17.87
C GLY G 43 10.12 59.89 17.36
N GLU G 44 10.15 58.56 17.23
CA GLU G 44 11.37 57.84 16.89
C GLU G 44 11.12 56.91 15.72
N PRO G 45 10.97 57.44 14.50
CA PRO G 45 10.85 56.56 13.33
C PRO G 45 12.16 55.83 13.09
N LEU G 46 12.08 54.50 13.03
CA LEU G 46 13.30 53.71 12.88
C LEU G 46 13.85 53.78 11.47
N TRP G 47 12.98 53.75 10.46
CA TRP G 47 13.42 53.88 9.08
C TRP G 47 12.37 54.61 8.28
N GLY G 48 12.80 55.27 7.22
CA GLY G 48 11.93 56.04 6.35
C GLY G 48 11.42 55.24 5.18
N GLU G 49 11.08 55.94 4.10
CA GLU G 49 10.59 55.28 2.89
C GLU G 49 11.63 54.30 2.38
N ASP G 50 12.87 54.75 2.20
CA ASP G 50 13.97 53.83 2.01
C ASP G 50 14.24 53.10 3.31
N LYS G 51 14.58 51.82 3.20
CA LYS G 51 14.69 50.99 4.40
C LYS G 51 16.01 51.22 5.12
N LYS G 52 16.33 52.48 5.42
CA LYS G 52 17.58 52.85 6.06
C LYS G 52 17.31 53.15 7.52
N LEU G 53 18.02 52.47 8.40
CA LEU G 53 17.83 52.67 9.84
C LEU G 53 18.20 54.09 10.24
N THR G 54 17.34 54.71 11.03
CA THR G 54 17.64 56.02 11.58
C THR G 54 18.37 55.88 12.92
N SER G 55 18.84 57.01 13.44
CA SER G 55 19.55 56.99 14.72
C SER G 55 18.65 56.55 15.87
N ASN G 56 17.34 56.57 15.68
CA ASN G 56 16.42 56.18 16.74
C ASN G 56 16.51 54.70 17.06
N VAL G 57 17.13 53.89 16.19
CA VAL G 57 17.25 52.46 16.44
C VAL G 57 18.24 52.13 17.53
N LEU G 58 19.02 53.11 17.99
CA LEU G 58 20.03 52.84 19.00
C LEU G 58 19.51 52.95 20.43
N GLY G 59 18.39 53.62 20.64
CA GLY G 59 17.82 53.73 21.96
C GLY G 59 18.44 54.85 22.77
N PRO G 60 18.95 54.53 23.96
CA PRO G 60 19.50 55.58 24.82
C PRO G 60 20.66 56.31 24.18
N LEU G 61 21.52 55.61 23.46
CA LEU G 61 22.65 56.24 22.78
C LEU G 61 22.31 56.59 21.33
N LYS G 62 21.18 57.28 21.16
CA LYS G 62 20.75 57.68 19.82
C LYS G 62 21.43 58.95 19.33
N ARG G 63 22.16 59.64 20.20
CA ARG G 63 22.86 60.86 19.82
C ARG G 63 24.34 60.82 20.13
N VAL G 64 24.88 59.66 20.50
CA VAL G 64 26.32 59.51 20.62
C VAL G 64 26.93 59.52 19.23
N SER G 65 27.94 60.35 19.04
CA SER G 65 28.47 60.59 17.70
C SER G 65 29.17 59.35 17.16
N SER G 66 29.33 59.34 15.83
CA SER G 66 29.97 58.21 15.18
C SER G 66 31.41 58.03 15.63
N ASN G 67 32.14 59.14 15.79
CA ASN G 67 33.53 59.04 16.25
C ASN G 67 33.61 58.46 17.65
N GLU G 68 32.72 58.88 18.55
CA GLU G 68 32.74 58.37 19.91
C GLU G 68 32.39 56.88 19.94
N LEU G 69 31.41 56.46 19.13
CA LEU G 69 31.09 55.04 19.09
C LEU G 69 32.20 54.23 18.47
N ALA G 70 32.90 54.79 17.47
CA ALA G 70 34.06 54.10 16.91
C ALA G 70 35.16 53.92 17.96
N PHE G 71 35.44 54.98 18.72
CA PHE G 71 36.41 54.86 19.80
C PHE G 71 35.97 53.85 20.82
N LEU G 72 34.69 53.87 21.19
CA LEU G 72 34.17 52.93 22.18
C LEU G 72 34.32 51.50 21.71
N THR G 73 33.94 51.21 20.46
CA THR G 73 34.02 49.86 19.97
C THR G 73 35.46 49.41 19.78
N MET G 74 36.36 50.31 19.37
CA MET G 74 37.75 49.90 19.22
C MET G 74 38.40 49.63 20.57
N ILE G 75 38.13 50.48 21.57
CA ILE G 75 38.68 50.23 22.90
C ILE G 75 38.11 48.95 23.49
N CYS G 76 36.80 48.74 23.32
CA CYS G 76 36.20 47.52 23.83
C CYS G 76 36.78 46.29 23.11
N LEU G 77 36.97 46.37 21.80
CA LEU G 77 37.56 45.25 21.07
C LEU G 77 38.98 44.96 21.55
N ALA G 78 39.79 46.00 21.73
CA ALA G 78 41.16 45.78 22.17
C ALA G 78 41.20 45.18 23.57
N ILE G 79 40.42 45.74 24.49
CA ILE G 79 40.40 45.25 25.87
C ILE G 79 39.85 43.83 25.93
N GLY G 80 38.79 43.55 25.17
CA GLY G 80 38.24 42.22 25.16
C GLY G 80 39.17 41.19 24.55
N ALA G 81 39.87 41.56 23.47
CA ALA G 81 40.84 40.66 22.88
C ALA G 81 41.98 40.39 23.85
N TRP G 82 42.46 41.43 24.55
CA TRP G 82 43.50 41.23 25.55
C TRP G 82 43.02 40.30 26.66
N GLY G 83 41.79 40.52 27.14
CA GLY G 83 41.28 39.66 28.20
C GLY G 83 41.09 38.23 27.76
N GLU G 84 40.54 38.03 26.55
CA GLU G 84 40.36 36.68 26.03
C GLU G 84 41.69 35.97 25.85
N ALA G 85 42.68 36.67 25.28
CA ALA G 85 44.00 36.06 25.09
C ALA G 85 44.65 35.75 26.43
N GLN G 86 44.53 36.64 27.40
CA GLN G 86 45.12 36.42 28.71
C GLN G 86 44.35 35.40 29.54
N PHE G 87 43.12 35.08 29.14
CA PHE G 87 42.36 34.06 29.84
C PHE G 87 42.56 32.67 29.25
N LEU G 88 42.64 32.58 27.93
CA LEU G 88 42.66 31.27 27.27
C LEU G 88 44.07 30.74 27.06
N TRP G 89 44.97 31.57 26.53
CA TRP G 89 46.27 31.09 26.06
C TRP G 89 47.43 31.66 26.88
N PHE G 90 47.55 32.98 26.98
CA PHE G 90 48.66 33.61 27.67
C PHE G 90 48.31 33.77 29.14
N ASP G 91 49.06 33.09 30.00
CA ASP G 91 48.72 32.99 31.42
C ASP G 91 47.30 32.46 31.56
N PRO G 92 47.06 31.21 31.19
CA PRO G 92 45.69 30.69 31.23
C PRO G 92 45.13 30.70 32.64
N GLN G 93 43.84 31.00 32.76
CA GLN G 93 43.20 31.12 34.06
C GLN G 93 42.65 29.80 34.57
N PHE G 94 42.22 28.91 33.69
CA PHE G 94 41.82 27.58 34.13
C PHE G 94 42.98 26.83 34.74
N ALA G 95 44.16 26.90 34.09
CA ALA G 95 45.36 26.31 34.67
C ALA G 95 45.70 26.97 36.00
N ALA G 96 45.37 28.26 36.16
CA ALA G 96 45.54 28.90 37.45
C ALA G 96 44.60 28.29 38.48
N ILE G 97 43.38 27.95 38.08
CA ILE G 97 42.46 27.25 38.98
C ILE G 97 43.05 25.91 39.38
N ASP G 98 43.63 25.18 38.42
CA ASP G 98 44.31 23.93 38.74
C ASP G 98 45.44 24.13 39.72
N ARG G 99 46.01 25.33 39.79
CA ARG G 99 47.05 25.64 40.76
C ARG G 99 46.49 25.96 42.14
N GLY G 100 45.17 25.98 42.30
CA GLY G 100 44.55 26.27 43.57
C GLY G 100 44.28 27.74 43.84
N GLU G 101 44.64 28.63 42.92
CA GLU G 101 44.40 30.06 43.09
C GLU G 101 43.20 30.49 42.26
N TYR G 102 42.58 31.58 42.71
CA TYR G 102 41.36 32.07 42.08
C TYR G 102 41.65 32.63 40.69
N PHE G 103 40.57 32.97 39.97
CA PHE G 103 40.70 33.65 38.70
C PHE G 103 41.26 35.06 38.90
N ASN G 104 41.70 35.66 37.81
CA ASN G 104 42.06 37.07 37.83
C ASN G 104 40.87 37.86 37.32
N PRO G 105 40.20 38.65 38.17
CA PRO G 105 38.98 39.34 37.73
C PRO G 105 39.19 40.27 36.57
N ILE G 106 40.41 40.82 36.42
CA ILE G 106 40.68 41.75 35.35
C ILE G 106 40.46 41.09 33.99
N TYR G 107 40.93 39.84 33.84
CA TYR G 107 40.79 39.15 32.58
C TYR G 107 39.32 38.92 32.22
N ILE G 108 38.51 38.51 33.19
CA ILE G 108 37.11 38.25 32.92
C ILE G 108 36.38 39.55 32.58
N ILE G 109 36.63 40.60 33.36
CA ILE G 109 35.99 41.89 33.09
C ILE G 109 36.38 42.41 31.72
N ALA G 110 37.65 42.23 31.33
CA ALA G 110 38.09 42.65 30.02
C ALA G 110 37.41 41.86 28.92
N ALA G 111 37.43 40.52 29.04
CA ALA G 111 36.86 39.66 28.01
C ALA G 111 35.36 39.84 27.88
N SER G 112 34.69 40.36 28.91
CA SER G 112 33.26 40.60 28.82
C SER G 112 32.90 41.68 27.80
N LEU G 113 33.86 42.44 27.31
CA LEU G 113 33.58 43.61 26.48
C LEU G 113 33.60 43.33 24.98
N LEU G 114 33.77 42.07 24.56
CA LEU G 114 33.80 41.79 23.13
C LEU G 114 32.44 41.94 22.47
N PRO G 115 31.35 41.32 22.98
CA PRO G 115 30.03 41.61 22.39
C PRO G 115 29.63 43.07 22.52
N VAL G 116 30.10 43.73 23.58
CA VAL G 116 29.93 45.17 23.67
C VAL G 116 30.54 45.84 22.46
N SER G 117 31.75 45.43 22.08
CA SER G 117 32.41 46.00 20.90
C SER G 117 31.64 45.68 19.64
N PHE G 118 31.08 44.48 19.55
CA PHE G 118 30.29 44.09 18.38
C PHE G 118 29.12 45.04 18.17
N TRP G 119 28.22 45.10 19.16
CA TRP G 119 27.06 45.97 19.03
C TRP G 119 27.47 47.43 18.96
N ALA G 120 28.59 47.79 19.57
CA ALA G 120 29.05 49.18 19.52
C ALA G 120 29.50 49.57 18.13
N HIS G 121 30.17 48.68 17.41
CA HIS G 121 30.58 49.01 16.05
C HIS G 121 29.39 48.99 15.10
N ILE G 122 28.41 48.12 15.33
CA ILE G 122 27.20 48.16 14.53
C ILE G 122 26.49 49.50 14.72
N ALA G 123 26.35 49.93 15.98
CA ALA G 123 25.76 51.24 16.25
C ALA G 123 26.62 52.37 15.69
N CYS G 124 27.93 52.21 15.70
CA CYS G 124 28.82 53.22 15.14
C CYS G 124 28.58 53.40 13.66
N TYR G 125 28.45 52.30 12.92
CA TYR G 125 28.15 52.44 11.51
C TYR G 125 26.76 53.01 11.28
N ILE G 126 25.80 52.67 12.14
CA ILE G 126 24.47 53.26 12.01
C ILE G 126 24.55 54.77 12.17
N GLN G 127 25.30 55.24 13.17
CA GLN G 127 25.46 56.68 13.38
C GLN G 127 26.20 57.32 12.21
N LYS G 128 27.25 56.66 11.70
CA LYS G 128 28.02 57.23 10.60
C LYS G 128 27.17 57.37 9.34
N ALA G 129 26.36 56.36 9.05
CA ALA G 129 25.50 56.42 7.88
C ALA G 129 24.41 57.47 8.02
N ASN G 130 24.07 57.87 9.24
CA ASN G 130 23.08 58.91 9.47
C ASN G 130 23.69 60.29 9.58
N GLY G 131 25.01 60.41 9.44
CA GLY G 131 25.67 61.70 9.55
C GLY G 131 25.93 62.17 10.96
N LYS G 132 25.59 61.38 11.97
CA LYS G 132 25.86 61.74 13.36
C LYS G 132 27.34 61.56 13.67
N ALA H 1 3.82 -4.33 60.77
CA ALA H 1 4.65 -4.93 59.74
C ALA H 1 4.69 -4.03 58.50
N TYR H 2 5.46 -4.44 57.50
CA TYR H 2 5.55 -3.68 56.25
C TYR H 2 4.21 -3.69 55.52
N GLY H 3 3.54 -4.84 55.48
CA GLY H 3 2.27 -4.91 54.79
C GLY H 3 1.22 -4.02 55.41
N ASP H 4 1.08 -4.06 56.73
CA ASP H 4 0.14 -3.21 57.43
C ASP H 4 0.42 -1.75 57.11
N GLY H 5 -0.61 -0.92 57.24
CA GLY H 5 -0.55 0.41 56.69
C GLY H 5 -1.30 0.46 55.37
N PRO H 6 -0.58 0.32 54.27
CA PRO H 6 -1.25 0.29 52.95
C PRO H 6 -2.33 -0.76 52.84
N LYS H 7 -2.29 -1.83 53.66
CA LYS H 7 -3.34 -2.82 53.61
C LYS H 7 -4.67 -2.25 54.10
N LYS H 8 -4.69 -1.68 55.31
CA LYS H 8 -5.93 -1.16 55.86
C LYS H 8 -6.38 0.10 55.13
N TRP H 9 -5.46 1.05 54.93
CA TRP H 9 -5.80 2.25 54.18
C TRP H 9 -6.27 1.89 52.78
N GLY H 10 -5.63 0.91 52.15
CA GLY H 10 -6.07 0.47 50.83
C GLY H 10 -7.45 -0.13 50.85
N ALA H 11 -7.71 -1.04 51.80
CA ALA H 11 -9.02 -1.66 51.90
C ALA H 11 -10.11 -0.62 52.11
N VAL H 12 -9.77 0.50 52.74
CA VAL H 12 -10.76 1.56 52.90
C VAL H 12 -10.88 2.39 51.62
N LEU H 13 -9.76 2.81 51.04
CA LEU H 13 -9.75 3.84 50.02
C LEU H 13 -9.86 3.31 48.60
N LEU H 14 -9.08 2.28 48.25
CA LEU H 14 -9.09 1.74 46.89
C LEU H 14 -10.48 1.34 46.42
N PRO H 15 -11.29 0.63 47.21
CA PRO H 15 -12.71 0.51 46.82
C PRO H 15 -13.37 1.86 46.63
N LEU H 16 -13.23 2.78 47.58
CA LEU H 16 -13.75 4.12 47.40
C LEU H 16 -13.18 4.76 46.14
N THR H 17 -11.87 4.96 46.11
CA THR H 17 -11.25 5.77 45.07
C THR H 17 -11.52 5.23 43.67
N ILE H 18 -11.58 3.91 43.51
CA ILE H 18 -11.87 3.40 42.18
C ILE H 18 -13.38 3.30 41.99
N PHE H 19 -14.03 2.40 42.73
CA PHE H 19 -15.45 2.15 42.51
C PHE H 19 -16.27 3.42 42.71
N GLY H 20 -16.30 3.95 43.92
CA GLY H 20 -17.21 5.05 44.21
C GLY H 20 -16.88 6.28 43.40
N VAL H 21 -15.60 6.66 43.34
CA VAL H 21 -15.23 7.89 42.66
C VAL H 21 -15.44 7.77 41.16
N GLY H 22 -15.00 6.67 40.54
CA GLY H 22 -15.19 6.53 39.10
C GLY H 22 -16.65 6.38 38.71
N ILE H 23 -17.42 5.60 39.47
CA ILE H 23 -18.83 5.45 39.17
C ILE H 23 -19.57 6.77 39.35
N THR H 24 -19.24 7.51 40.40
CA THR H 24 -19.84 8.82 40.60
C THR H 24 -19.46 9.77 39.47
N ALA H 25 -18.21 9.71 39.01
CA ALA H 25 -17.78 10.55 37.90
C ALA H 25 -18.55 10.20 36.63
N MET H 26 -18.72 8.90 36.35
CA MET H 26 -19.46 8.48 35.17
C MET H 26 -20.92 8.93 35.26
N GLY H 27 -21.55 8.72 36.41
CA GLY H 27 -22.94 9.11 36.56
C GLY H 27 -23.13 10.60 36.48
N THR H 28 -22.24 11.37 37.11
CA THR H 28 -22.33 12.81 37.04
C THR H 28 -22.05 13.33 35.64
N PHE H 29 -21.20 12.63 34.87
CA PHE H 29 -20.97 13.04 33.50
C PHE H 29 -22.19 12.74 32.63
N VAL H 30 -22.87 11.63 32.89
CA VAL H 30 -24.11 11.35 32.17
C VAL H 30 -25.16 12.40 32.51
N LEU H 31 -25.24 12.78 33.79
CA LEU H 31 -26.15 13.84 34.19
C LEU H 31 -25.78 15.17 33.52
N TYR H 32 -24.48 15.47 33.47
CA TYR H 32 -24.02 16.68 32.82
C TYR H 32 -24.35 16.67 31.34
N THR H 33 -24.39 15.49 30.72
CA THR H 33 -24.83 15.40 29.33
C THR H 33 -26.26 15.88 29.18
N PHE H 34 -27.14 15.50 30.12
CA PHE H 34 -28.52 15.92 30.10
C PHE H 34 -28.74 17.23 30.85
N SER H 35 -27.68 17.84 31.37
CA SER H 35 -27.79 19.13 32.02
C SER H 35 -28.02 20.23 30.98
N GLU H 36 -28.58 21.35 31.44
CA GLU H 36 -28.82 22.47 30.55
C GLU H 36 -27.51 23.12 30.11
N ASP H 37 -26.50 23.13 30.99
CA ASP H 37 -25.20 23.72 30.67
C ASP H 37 -24.22 22.71 30.12
N PHE H 38 -24.70 21.69 29.42
CA PHE H 38 -23.83 20.67 28.84
C PHE H 38 -22.96 21.30 27.76
N PHE H 39 -21.67 21.45 28.04
CA PHE H 39 -20.73 22.06 27.11
C PHE H 39 -21.25 23.41 26.63
N TRP H 40 -21.76 24.20 27.57
CA TRP H 40 -22.43 25.45 27.21
C TRP H 40 -21.50 26.40 26.46
N ALA H 41 -20.22 26.40 26.80
CA ALA H 41 -19.28 27.33 26.17
C ALA H 41 -18.93 26.92 24.75
N PHE H 42 -19.18 25.67 24.37
CA PHE H 42 -18.81 25.18 23.05
C PHE H 42 -20.00 24.85 22.18
N VAL H 43 -21.22 24.98 22.69
CA VAL H 43 -22.44 24.82 21.89
C VAL H 43 -22.89 26.21 21.44
N PRO H 44 -22.88 26.50 20.15
CA PRO H 44 -23.26 27.85 19.69
C PRO H 44 -24.70 28.18 20.08
N GLY H 45 -24.89 29.42 20.54
CA GLY H 45 -26.21 29.89 20.89
C GLY H 45 -26.76 29.37 22.20
N SER H 46 -25.94 28.70 23.02
CA SER H 46 -26.42 28.17 24.28
C SER H 46 -26.84 29.29 25.21
N LYS H 47 -27.82 29.00 26.08
CA LYS H 47 -28.42 30.05 26.90
C LYS H 47 -27.39 30.71 27.80
N ARG H 48 -26.54 29.93 28.45
CA ARG H 48 -25.52 30.51 29.32
C ARG H 48 -24.54 31.36 28.52
N SER H 49 -24.11 30.87 27.36
CA SER H 49 -23.18 31.63 26.54
C SER H 49 -23.80 32.91 26.02
N MET H 50 -25.06 32.86 25.59
CA MET H 50 -25.72 34.06 25.08
C MET H 50 -25.94 35.08 26.19
N GLU H 51 -26.33 34.61 27.38
CA GLU H 51 -26.47 35.53 28.51
C GLU H 51 -25.14 36.15 28.89
N LEU H 52 -24.05 35.36 28.85
CA LEU H 52 -22.73 35.89 29.12
C LEU H 52 -22.34 36.95 28.09
N GLU H 53 -22.64 36.70 26.82
CA GLU H 53 -22.33 37.68 25.78
C GLU H 53 -23.13 38.96 25.98
N LYS H 54 -24.41 38.83 26.33
CA LYS H 54 -25.23 40.00 26.59
C LYS H 54 -24.70 40.79 27.78
N LYS H 55 -24.30 40.10 28.84
CA LYS H 55 -23.77 40.80 30.01
C LYS H 55 -22.42 41.43 29.72
N LYS H 56 -21.59 40.79 28.90
CA LYS H 56 -20.35 41.41 28.47
C LYS H 56 -20.61 42.70 27.70
N LYS H 57 -21.60 42.67 26.80
CA LYS H 57 -21.96 43.88 26.06
C LYS H 57 -22.46 44.97 27.00
N GLU H 58 -23.28 44.58 27.98
CA GLU H 58 -23.79 45.56 28.94
C GLU H 58 -22.67 46.18 29.76
N MET H 59 -21.71 45.36 30.21
CA MET H 59 -20.59 45.89 30.97
C MET H 59 -19.71 46.79 30.12
N ALA H 60 -19.50 46.41 28.85
CA ALA H 60 -18.69 47.24 27.96
C ALA H 60 -19.36 48.58 27.72
N GLU H 61 -20.67 48.59 27.53
CA GLU H 61 -21.38 49.86 27.28
C GLU H 61 -21.66 50.63 28.55
N LYS H 62 -21.49 50.03 29.73
CA LYS H 62 -21.70 50.74 30.99
C LYS H 62 -20.40 51.19 31.63
N TYR H 63 -19.32 50.43 31.48
CA TYR H 63 -17.99 50.80 31.99
C TYR H 63 -17.04 50.90 30.80
N PRO H 64 -16.98 52.05 30.14
CA PRO H 64 -16.05 52.20 29.01
C PRO H 64 -14.61 51.99 29.46
N SER H 65 -13.83 51.35 28.60
CA SER H 65 -12.45 51.05 28.92
C SER H 65 -11.52 52.10 28.33
N PRO H 66 -10.67 52.72 29.13
CA PRO H 66 -9.75 53.73 28.57
C PRO H 66 -8.83 53.17 27.50
N VAL H 67 -8.40 51.93 27.62
CA VAL H 67 -7.55 51.31 26.60
C VAL H 67 -8.41 50.87 25.43
N VAL H 68 -7.84 50.95 24.23
CA VAL H 68 -8.57 50.59 23.02
C VAL H 68 -8.60 49.08 22.88
N GLN H 69 -9.76 48.55 22.51
CA GLN H 69 -9.97 47.12 22.39
C GLN H 69 -10.14 46.74 20.92
N HIS H 70 -9.94 45.46 20.63
CA HIS H 70 -10.14 44.98 19.28
C HIS H 70 -11.61 45.13 18.91
N PRO H 71 -11.93 45.85 17.83
CA PRO H 71 -13.33 46.10 17.51
C PRO H 71 -14.02 44.83 17.03
N ALA H 72 -15.16 44.52 17.65
CA ALA H 72 -15.96 43.40 17.19
C ALA H 72 -16.43 43.62 15.76
N ASP H 73 -16.85 44.84 15.45
CA ASP H 73 -17.06 45.26 14.08
C ASP H 73 -15.81 45.99 13.60
N PRO H 74 -15.10 45.48 12.61
CA PRO H 74 -13.83 46.13 12.21
C PRO H 74 -13.99 47.59 11.84
N LEU H 75 -15.14 47.98 11.30
CA LEU H 75 -15.38 49.38 10.97
C LEU H 75 -15.69 50.21 12.20
N ALA H 76 -16.05 49.59 13.33
CA ALA H 76 -16.34 50.33 14.54
C ALA H 76 -15.11 50.93 15.18
N GLY H 77 -13.91 50.54 14.73
CA GLY H 77 -12.70 51.15 15.23
C GLY H 77 -12.58 52.62 14.88
N LEU H 78 -13.08 53.01 13.71
CA LEU H 78 -12.92 54.37 13.21
C LEU H 78 -13.44 55.37 14.23
N VAL H 79 -12.62 56.39 14.53
CA VAL H 79 -13.02 57.42 15.47
C VAL H 79 -14.12 58.29 14.88
N ASN H 80 -14.12 58.47 13.56
CA ASN H 80 -15.14 59.27 12.88
C ASN H 80 -15.46 58.56 11.56
N ARG H 81 -16.44 57.66 11.59
CA ARG H 81 -16.77 56.86 10.39
C ARG H 81 -17.37 57.82 9.36
N ALA H 82 -17.97 58.89 9.84
CA ALA H 82 -18.52 59.91 8.93
C ALA H 82 -17.40 60.42 8.04
N ASP H 83 -16.28 60.82 8.64
CA ASP H 83 -15.13 61.36 7.85
C ASP H 83 -14.63 60.29 6.89
N TYR H 84 -14.55 59.04 7.34
CA TYR H 84 -14.14 57.94 6.44
C TYR H 84 -14.98 57.99 5.19
N GLU H 85 -16.30 57.89 5.37
CA GLU H 85 -17.17 57.82 4.17
C GLU H 85 -17.04 59.10 3.36
N LYS H 86 -16.93 60.27 4.01
CA LYS H 86 -16.90 61.54 3.25
C LYS H 86 -15.68 61.51 2.35
N GLY H 87 -14.54 61.11 2.89
CA GLY H 87 -13.34 60.97 2.06
C GLY H 87 -13.60 60.00 0.93
N LEU H 88 -14.01 58.78 1.25
CA LEU H 88 -14.36 57.83 0.16
C LEU H 88 -15.16 58.60 -0.88
N GLU H 89 -16.23 59.28 -0.45
CA GLU H 89 -17.08 59.93 -1.45
C GLU H 89 -16.26 60.88 -2.32
N GLU H 90 -15.40 61.68 -1.70
CA GLU H 90 -14.58 62.62 -2.47
C GLU H 90 -13.66 61.89 -3.44
N ALA H 91 -13.00 60.83 -2.96
CA ALA H 91 -12.11 60.07 -3.83
C ALA H 91 -12.86 59.41 -4.97
N TRP H 92 -14.02 58.81 -4.67
CA TRP H 92 -14.81 58.17 -5.70
C TRP H 92 -15.27 59.17 -6.74
N ASP H 93 -15.75 60.34 -6.31
CA ASP H 93 -16.11 61.39 -7.26
C ASP H 93 -14.92 61.82 -8.09
N LYS H 94 -13.72 61.81 -7.50
CA LYS H 94 -12.53 62.12 -8.29
C LYS H 94 -12.28 61.07 -9.36
N VAL H 95 -12.53 59.79 -9.05
CA VAL H 95 -12.21 58.73 -9.99
C VAL H 95 -13.46 58.01 -10.49
N LYS H 96 -14.60 58.68 -10.45
CA LYS H 96 -15.83 58.09 -10.96
C LYS H 96 -15.75 57.91 -12.47
N PRO H 97 -16.23 56.80 -13.00
CA PRO H 97 -16.29 56.64 -14.46
C PRO H 97 -17.36 57.53 -15.06
N LYS H 98 -16.94 58.56 -15.79
CA LYS H 98 -17.79 59.60 -16.40
C LYS H 98 -18.83 60.04 -15.37
N GLY H 99 -20.01 60.46 -15.82
CA GLY H 99 -21.10 60.76 -14.92
C GLY H 99 -21.81 59.52 -14.43
N SER H 100 -21.14 58.72 -13.62
CA SER H 100 -21.74 57.51 -13.08
C SER H 100 -22.87 57.87 -12.11
N THR H 101 -23.91 57.05 -12.11
CA THR H 101 -25.04 57.26 -11.22
C THR H 101 -24.89 56.51 -9.90
N VAL H 102 -23.78 55.83 -9.69
CA VAL H 102 -23.57 55.04 -8.48
C VAL H 102 -22.89 55.90 -7.43
N THR H 103 -23.47 55.93 -6.23
CA THR H 103 -22.95 56.73 -5.14
C THR H 103 -22.32 55.83 -4.09
N VAL H 104 -21.52 56.45 -3.21
CA VAL H 104 -20.73 55.69 -2.25
C VAL H 104 -21.60 55.06 -1.18
N GLU H 105 -22.58 55.80 -0.66
CA GLU H 105 -23.39 55.28 0.44
C GLU H 105 -24.22 54.09 -0.01
N GLU H 106 -24.75 54.13 -1.24
CA GLU H 106 -25.47 52.98 -1.76
C GLU H 106 -24.56 51.77 -1.90
N LYS H 107 -23.34 51.97 -2.36
CA LYS H 107 -22.40 50.86 -2.47
C LYS H 107 -22.04 50.29 -1.10
N LEU H 108 -21.86 51.16 -0.11
CA LEU H 108 -21.57 50.68 1.24
C LEU H 108 -22.74 49.90 1.81
N LYS H 109 -23.96 50.36 1.57
CA LYS H 109 -25.14 49.61 2.00
C LYS H 109 -25.22 48.26 1.29
N GLU H 110 -24.92 48.23 -0.01
CA GLU H 110 -24.97 46.99 -0.76
C GLU H 110 -23.92 46.00 -0.29
N LEU H 111 -22.71 46.48 0.01
CA LEU H 111 -21.66 45.58 0.49
C LEU H 111 -21.93 45.12 1.92
N SER H 112 -22.47 46.00 2.76
CA SER H 112 -22.72 45.63 4.15
C SER H 112 -23.89 44.68 4.27
N THR H 113 -24.92 44.85 3.45
CA THR H 113 -26.06 43.94 3.51
C THR H 113 -25.68 42.56 2.98
N GLN H 114 -26.27 41.54 3.57
CA GLN H 114 -25.99 40.17 3.19
C GLN H 114 -27.16 39.29 3.61
N ASN H 115 -27.51 38.35 2.75
CA ASN H 115 -28.64 37.45 2.98
C ASN H 115 -28.08 36.07 3.33
N ASN H 116 -27.86 35.85 4.62
CA ASN H 116 -27.40 34.56 5.14
C ASN H 116 -28.28 34.16 6.31
N PRO H 117 -29.55 33.82 6.04
CA PRO H 117 -30.46 33.47 7.14
C PRO H 117 -30.06 32.21 7.89
N HIS H 118 -29.29 31.32 7.27
CA HIS H 118 -28.94 30.05 7.89
C HIS H 118 -27.75 30.17 8.83
N TYR H 119 -27.01 31.28 8.77
CA TYR H 119 -25.97 31.53 9.75
C TYR H 119 -26.59 31.80 11.11
N TRP H 120 -26.08 31.16 12.15
CA TRP H 120 -26.56 31.46 13.49
C TRP H 120 -26.25 32.91 13.84
N ARG H 121 -26.92 33.39 14.90
CA ARG H 121 -27.11 34.81 15.21
C ARG H 121 -28.15 35.40 14.25
N ASN H 122 -28.54 34.62 13.25
CA ASN H 122 -29.68 34.94 12.41
C ASN H 122 -30.80 33.91 12.51
N ALA H 123 -30.47 32.67 12.88
CA ALA H 123 -31.47 31.64 13.13
C ALA H 123 -32.04 31.73 14.54
N ILE H 124 -31.48 32.59 15.39
CA ILE H 124 -31.96 32.80 16.75
C ILE H 124 -32.86 34.03 16.73
N LYS H 125 -33.35 34.37 15.54
CA LYS H 125 -34.20 35.56 15.33
C LYS H 125 -33.48 36.82 15.79
N SER H 126 -32.18 36.90 15.51
CA SER H 126 -31.38 38.05 15.89
C SER H 126 -30.74 38.71 14.67
N ARG I 1 -23.88 -6.07 -40.52
CA ARG I 1 -23.62 -6.89 -39.35
C ARG I 1 -24.86 -6.94 -38.46
N LYS I 2 -25.90 -7.62 -38.93
CA LYS I 2 -27.11 -7.77 -38.12
C LYS I 2 -26.88 -8.76 -36.98
N ILE I 3 -26.14 -9.83 -37.24
CA ILE I 3 -25.78 -10.77 -36.16
C ILE I 3 -24.84 -10.06 -35.19
N PRO I 4 -25.12 -10.06 -33.90
CA PRO I 4 -24.26 -9.33 -32.96
C PRO I 4 -22.90 -9.97 -32.79
N ALA I 5 -21.87 -9.34 -33.36
CA ALA I 5 -20.50 -9.79 -33.25
C ALA I 5 -19.65 -8.67 -32.68
N GLY I 6 -18.60 -9.04 -31.96
CA GLY I 6 -17.75 -8.07 -31.30
C GLY I 6 -16.99 -7.21 -32.27
N PRO I 7 -16.54 -6.05 -31.82
CA PRO I 7 -15.71 -5.20 -32.66
C PRO I 7 -14.38 -5.88 -32.94
N TYR I 8 -13.81 -5.57 -34.10
CA TYR I 8 -12.59 -6.20 -34.57
C TYR I 8 -12.78 -7.72 -34.66
N SER I 9 -13.67 -8.09 -35.57
CA SER I 9 -14.05 -9.47 -35.81
C SER I 9 -13.58 -9.92 -37.18
N VAL I 10 -12.98 -11.11 -37.25
CA VAL I 10 -12.54 -11.69 -38.51
C VAL I 10 -13.58 -12.66 -39.01
N SER I 11 -14.79 -12.58 -38.47
CA SER I 11 -15.86 -13.51 -38.80
C SER I 11 -16.67 -13.00 -39.97
N VAL I 12 -16.95 -13.88 -40.93
CA VAL I 12 -17.88 -13.55 -42.00
C VAL I 12 -19.28 -13.46 -41.42
N GLU I 13 -20.14 -12.70 -42.09
CA GLU I 13 -21.51 -12.56 -41.63
C GLU I 13 -22.21 -13.91 -41.68
N PRO I 14 -22.75 -14.40 -40.57
CA PRO I 14 -23.34 -15.75 -40.56
C PRO I 14 -24.61 -15.89 -41.39
N LEU I 15 -25.09 -14.82 -42.03
CA LEU I 15 -26.31 -14.87 -42.81
C LEU I 15 -25.95 -15.06 -44.28
N ARG I 16 -25.58 -16.29 -44.63
CA ARG I 16 -25.14 -16.63 -45.96
C ARG I 16 -26.07 -17.66 -46.60
N ASP I 17 -26.07 -17.68 -47.92
CA ASP I 17 -26.84 -18.66 -48.69
C ASP I 17 -26.10 -19.99 -48.72
N GLY I 18 -26.48 -20.89 -49.62
CA GLY I 18 -25.86 -22.20 -49.75
C GLY I 18 -24.35 -22.16 -49.74
N ALA I 19 -23.74 -23.27 -49.31
CA ALA I 19 -22.32 -23.36 -48.97
C ALA I 19 -21.45 -22.56 -49.93
N THR I 20 -20.66 -21.66 -49.38
CA THR I 20 -19.85 -20.72 -50.16
C THR I 20 -18.39 -21.14 -50.12
N ASN I 21 -17.77 -21.22 -51.29
CA ASN I 21 -16.33 -21.48 -51.38
C ASN I 21 -15.62 -20.12 -51.36
N GLU I 22 -15.54 -19.55 -50.17
CA GLU I 22 -14.95 -18.23 -49.99
C GLU I 22 -13.74 -18.31 -49.07
N VAL I 23 -12.88 -17.32 -49.18
CA VAL I 23 -11.64 -17.24 -48.41
C VAL I 23 -11.89 -16.27 -47.25
N SER I 24 -11.85 -16.79 -46.03
CA SER I 24 -12.07 -16.00 -44.81
C SER I 24 -10.89 -16.25 -43.89
N ILE I 25 -9.87 -15.43 -44.03
CA ILE I 25 -8.64 -15.63 -43.27
C ILE I 25 -8.82 -15.31 -41.82
N VAL I 26 -8.67 -16.31 -40.98
CA VAL I 26 -8.79 -16.11 -39.56
C VAL I 26 -7.41 -15.79 -39.02
N THR I 27 -6.96 -14.57 -39.19
CA THR I 27 -5.69 -14.23 -38.60
C THR I 27 -5.89 -12.79 -38.36
N PRO I 28 -5.27 -12.25 -37.34
CA PRO I 28 -5.57 -10.87 -37.06
C PRO I 28 -5.10 -9.93 -38.16
N PRO I 29 -5.95 -9.03 -38.72
CA PRO I 29 -5.40 -8.06 -39.68
C PRO I 29 -4.52 -7.01 -39.00
N ILE I 30 -3.33 -7.44 -38.57
CA ILE I 30 -2.41 -6.53 -37.91
C ILE I 30 -1.66 -5.72 -38.96
N SER I 31 -0.98 -4.67 -38.52
CA SER I 31 -0.22 -3.79 -39.40
C SER I 31 1.17 -3.60 -38.83
N SER I 32 2.17 -3.56 -39.73
CA SER I 32 3.54 -3.35 -39.30
C SER I 32 3.70 -2.00 -38.61
N GLU I 33 3.09 -0.96 -39.18
CA GLU I 33 3.05 0.33 -38.51
C GLU I 33 2.34 0.23 -37.17
N GLY I 34 1.22 -0.50 -37.14
CA GLY I 34 0.50 -0.67 -35.88
C GLY I 34 1.29 -1.46 -34.86
N VAL I 35 1.99 -2.51 -35.29
CA VAL I 35 2.81 -3.29 -34.36
C VAL I 35 3.94 -2.45 -33.79
N GLN I 36 4.62 -1.69 -34.66
CA GLN I 36 5.69 -0.82 -34.18
C GLN I 36 5.15 0.25 -33.23
N GLU I 37 3.96 0.78 -33.53
CA GLU I 37 3.35 1.75 -32.62
C GLU I 37 3.03 1.12 -31.27
N TYR I 38 2.54 -0.12 -31.28
CA TYR I 38 2.21 -0.79 -30.03
C TYR I 38 3.45 -1.07 -29.20
N LEU I 39 4.53 -1.53 -29.84
CA LEU I 39 5.76 -1.79 -29.11
C LEU I 39 6.44 -0.52 -28.64
N SER I 40 5.98 0.65 -29.10
CA SER I 40 6.50 1.92 -28.64
C SER I 40 5.69 2.51 -27.49
N LEU I 41 4.73 1.74 -26.95
CA LEU I 41 3.94 2.21 -25.83
C LEU I 41 4.81 2.45 -24.61
N ALA I 42 4.42 3.43 -23.79
CA ALA I 42 5.14 3.68 -22.55
C ALA I 42 5.27 2.44 -21.67
N PRO I 43 4.23 1.66 -21.42
CA PRO I 43 4.45 0.40 -20.67
C PRO I 43 5.42 -0.52 -21.37
N VAL I 44 5.22 -0.77 -22.67
CA VAL I 44 6.08 -1.70 -23.38
C VAL I 44 7.50 -1.17 -23.46
N PHE I 45 7.65 0.10 -23.86
CA PHE I 45 8.98 0.67 -24.02
C PHE I 45 9.73 0.71 -22.70
N PHE I 46 9.07 1.14 -21.63
CA PHE I 46 9.77 1.26 -20.36
C PHE I 46 10.00 -0.09 -19.68
N MET I 47 9.11 -1.07 -19.88
CA MET I 47 9.39 -2.40 -19.38
C MET I 47 10.54 -3.04 -20.15
N ALA I 48 10.61 -2.79 -21.46
CA ALA I 48 11.75 -3.28 -22.24
C ALA I 48 13.04 -2.61 -21.78
N LEU I 49 12.98 -1.31 -21.48
CA LEU I 49 14.14 -0.61 -20.96
C LEU I 49 14.57 -1.18 -19.61
N ALA I 50 13.60 -1.47 -18.74
CA ALA I 50 13.90 -2.05 -17.45
C ALA I 50 14.49 -3.44 -17.59
N ILE I 51 13.95 -4.25 -18.51
CA ILE I 51 14.50 -5.58 -18.75
C ILE I 51 15.92 -5.48 -19.29
N PHE I 52 16.17 -4.55 -20.22
CA PHE I 52 17.51 -4.38 -20.75
C PHE I 52 18.49 -3.96 -19.67
N THR I 53 18.08 -3.00 -18.84
CA THR I 53 18.95 -2.55 -17.75
C THR I 53 19.21 -3.67 -16.75
N SER I 54 18.17 -4.42 -16.39
CA SER I 54 18.34 -5.51 -15.45
C SER I 54 19.28 -6.58 -16.02
N GLY I 55 19.10 -6.93 -17.28
CA GLY I 55 19.97 -7.93 -17.89
C GLY I 55 21.40 -7.45 -18.02
N PHE I 56 21.59 -6.17 -18.33
CA PHE I 56 22.93 -5.60 -18.37
C PHE I 56 23.59 -5.69 -17.00
N ALA I 57 22.84 -5.37 -15.95
CA ALA I 57 23.36 -5.52 -14.60
C ALA I 57 23.67 -6.97 -14.28
N ILE I 58 22.82 -7.89 -14.74
CA ILE I 58 23.05 -9.32 -14.51
C ILE I 58 24.36 -9.74 -15.14
N GLU I 59 24.60 -9.32 -16.39
CA GLU I 59 25.81 -9.72 -17.08
C GLU I 59 27.04 -9.09 -16.45
N VAL I 60 26.94 -7.83 -16.02
CA VAL I 60 28.06 -7.19 -15.34
C VAL I 60 28.38 -7.91 -14.04
N LEU I 61 27.35 -8.31 -13.29
CA LEU I 61 27.59 -9.07 -12.06
C LEU I 61 28.17 -10.44 -12.36
N ARG I 62 27.74 -11.08 -13.45
CA ARG I 62 28.26 -12.40 -13.78
C ARG I 62 29.74 -12.34 -14.16
N PHE I 63 30.09 -11.44 -15.08
CA PHE I 63 31.46 -11.39 -15.56
C PHE I 63 32.38 -10.61 -14.66
N PHE I 64 31.83 -9.81 -13.74
CA PHE I 64 32.63 -9.09 -12.74
C PHE I 64 31.97 -9.27 -11.38
N PRO I 65 32.07 -10.48 -10.82
CA PRO I 65 31.38 -10.76 -9.55
C PRO I 65 31.87 -9.84 -8.44
N ASP I 66 30.93 -9.39 -7.61
CA ASP I 66 31.22 -8.50 -6.49
C ASP I 66 31.87 -7.20 -6.97
N THR I 67 32.21 -6.33 -6.04
CA THR I 67 32.94 -5.11 -6.39
C THR I 67 34.42 -5.32 -6.07
N ARG I 68 35.06 -6.10 -6.95
CA ARG I 68 36.46 -6.42 -6.77
C ARG I 68 37.38 -5.27 -7.11
N TYR I 69 36.93 -4.33 -7.95
CA TYR I 69 37.75 -3.23 -8.43
C TYR I 69 37.41 -1.91 -7.74
N TRP I 70 36.94 -1.97 -6.50
CA TRP I 70 36.57 -0.77 -5.76
C TRP I 70 37.82 -0.01 -5.32
N VAL J 1 -50.09 -12.05 -36.09
CA VAL J 1 -48.75 -11.75 -35.59
C VAL J 1 -47.97 -10.94 -36.62
N LEU J 2 -46.69 -10.75 -36.37
CA LEU J 2 -45.85 -9.97 -37.27
C LEU J 2 -45.58 -10.75 -38.56
N PRO J 3 -45.36 -10.04 -39.67
CA PRO J 3 -45.18 -10.74 -40.95
C PRO J 3 -43.98 -11.68 -40.97
N TYR J 4 -42.88 -11.33 -40.30
CA TYR J 4 -41.70 -12.18 -40.36
C TYR J 4 -41.82 -13.42 -39.49
N MET J 5 -42.73 -13.43 -38.52
CA MET J 5 -43.03 -14.64 -37.76
C MET J 5 -44.20 -15.40 -38.37
N GLU J 6 -44.11 -15.65 -39.67
CA GLU J 6 -45.15 -16.35 -40.41
C GLU J 6 -44.51 -17.35 -41.35
N ASN J 7 -44.95 -18.61 -41.26
CA ASN J 7 -44.43 -19.68 -42.12
C ASN J 7 -42.91 -19.82 -41.98
N ILE J 8 -42.40 -19.63 -40.76
CA ILE J 8 -40.99 -19.87 -40.51
C ILE J 8 -40.69 -21.36 -40.61
N PRO J 9 -39.69 -21.78 -41.38
CA PRO J 9 -39.39 -23.21 -41.49
C PRO J 9 -38.98 -23.79 -40.14
N ARG J 10 -39.29 -25.08 -39.96
CA ARG J 10 -38.97 -25.75 -38.71
C ARG J 10 -37.47 -25.80 -38.46
N ALA J 11 -36.66 -25.74 -39.53
CA ALA J 11 -35.21 -25.83 -39.37
C ALA J 11 -34.67 -24.65 -38.57
N ILE J 12 -35.16 -23.43 -38.85
CA ILE J 12 -34.71 -22.27 -38.11
C ILE J 12 -35.14 -22.35 -36.65
N VAL J 13 -36.42 -22.66 -36.43
CA VAL J 13 -36.96 -22.73 -35.07
C VAL J 13 -38.23 -23.57 -35.12
N GLU J 14 -38.51 -24.30 -34.05
CA GLU J 14 -39.72 -25.08 -33.96
C GLU J 14 -40.93 -24.15 -33.78
N LYS J 15 -42.10 -24.65 -34.20
CA LYS J 15 -43.33 -23.90 -33.99
C LYS J 15 -43.59 -23.70 -32.50
N GLU J 16 -43.44 -24.77 -31.71
CA GLU J 16 -43.59 -24.64 -30.27
C GLU J 16 -42.52 -23.71 -29.69
N ALA J 17 -41.30 -23.80 -30.21
CA ALA J 17 -40.24 -22.91 -29.74
C ALA J 17 -40.56 -21.45 -30.04
N LEU J 18 -41.08 -21.17 -31.24
CA LEU J 18 -41.48 -19.81 -31.57
C LEU J 18 -42.60 -19.33 -30.68
N GLU J 19 -43.59 -20.18 -30.42
CA GLU J 19 -44.69 -19.81 -29.54
C GLU J 19 -44.19 -19.52 -28.14
N GLY J 20 -43.26 -20.34 -27.64
CA GLY J 20 -42.69 -20.09 -26.32
C GLY J 20 -41.89 -18.81 -26.26
N VAL J 21 -41.11 -18.52 -27.31
CA VAL J 21 -40.35 -17.27 -27.35
C VAL J 21 -41.30 -16.08 -27.32
N LEU J 22 -42.39 -16.15 -28.08
CA LEU J 22 -43.36 -15.06 -28.05
C LEU J 22 -44.04 -14.94 -26.69
N ALA J 23 -44.31 -16.07 -26.04
CA ALA J 23 -44.98 -16.04 -24.75
C ALA J 23 -44.11 -15.40 -23.68
N MET J 24 -42.82 -15.68 -23.70
CA MET J 24 -41.90 -15.17 -22.69
C MET J 24 -41.37 -13.77 -23.01
N THR J 25 -41.77 -13.21 -24.15
CA THR J 25 -41.33 -11.88 -24.55
C THR J 25 -42.48 -10.89 -24.46
N PRO J 26 -42.27 -9.71 -23.89
CA PRO J 26 -43.36 -8.74 -23.79
C PRO J 26 -43.89 -8.34 -25.16
N ARG J 27 -45.18 -8.03 -25.21
CA ARG J 27 -45.82 -7.72 -26.49
C ARG J 27 -45.23 -6.47 -27.12
N GLU J 28 -45.00 -5.42 -26.32
CA GLU J 28 -44.42 -4.21 -26.86
C GLU J 28 -42.97 -4.40 -27.28
N GLN J 29 -42.32 -5.47 -26.82
CA GLN J 29 -40.95 -5.74 -27.19
C GLN J 29 -40.81 -6.13 -28.67
N TRP J 30 -41.89 -6.59 -29.29
CA TRP J 30 -41.82 -7.05 -30.67
C TRP J 30 -41.55 -5.87 -31.61
N GLU J 31 -41.25 -6.21 -32.87
CA GLU J 31 -41.01 -5.27 -33.96
C GLU J 31 -39.68 -4.53 -33.79
N ASP J 32 -39.04 -4.67 -32.64
CA ASP J 32 -37.74 -4.06 -32.39
C ASP J 32 -37.08 -4.67 -31.17
N PRO J 33 -36.72 -5.96 -31.20
CA PRO J 33 -36.16 -6.59 -30.01
C PRO J 33 -34.76 -6.06 -29.72
N PRO J 34 -34.33 -6.10 -28.46
CA PRO J 34 -32.97 -5.66 -28.14
C PRO J 34 -31.93 -6.64 -28.66
N GLU J 35 -30.71 -6.13 -28.81
CA GLU J 35 -29.64 -6.91 -29.42
C GLU J 35 -29.35 -8.20 -28.65
N ASP J 36 -29.56 -8.19 -27.33
CA ASP J 36 -29.23 -9.34 -26.50
C ASP J 36 -30.42 -10.25 -26.26
N SER J 37 -31.57 -10.01 -26.89
CA SER J 37 -32.74 -10.82 -26.68
C SER J 37 -32.77 -11.99 -27.64
N VAL J 38 -33.47 -13.06 -27.24
CA VAL J 38 -33.66 -14.21 -28.11
C VAL J 38 -34.49 -13.83 -29.32
N LEU J 39 -35.49 -12.96 -29.13
CA LEU J 39 -36.37 -12.59 -30.21
C LEU J 39 -35.64 -11.85 -31.32
N TYR J 40 -34.59 -11.09 -30.97
CA TYR J 40 -33.85 -10.37 -32.00
C TYR J 40 -33.12 -11.32 -32.93
N THR J 41 -32.40 -12.30 -32.37
CA THR J 41 -31.72 -13.28 -33.21
C THR J 41 -32.72 -14.12 -33.98
N LEU J 42 -33.83 -14.48 -33.34
CA LEU J 42 -34.87 -15.23 -34.05
C LEU J 42 -35.43 -14.43 -35.22
N LYS J 43 -35.58 -13.12 -35.05
CA LYS J 43 -36.02 -12.26 -36.14
C LYS J 43 -34.97 -12.21 -37.25
N VAL J 44 -33.71 -11.99 -36.87
CA VAL J 44 -32.65 -11.87 -37.87
C VAL J 44 -32.56 -13.14 -38.72
N TYR J 45 -32.72 -14.30 -38.09
CA TYR J 45 -32.75 -15.54 -38.86
C TYR J 45 -34.09 -15.77 -39.53
N ALA J 46 -35.16 -15.10 -39.09
CA ALA J 46 -36.46 -15.26 -39.74
C ALA J 46 -36.43 -14.68 -41.15
N GLU J 47 -35.80 -13.53 -41.33
CA GLU J 47 -35.51 -13.05 -42.66
C GLU J 47 -34.27 -13.75 -43.21
N THR J 48 -34.04 -13.58 -44.51
CA THR J 48 -32.92 -14.18 -45.23
C THR J 48 -33.00 -15.70 -45.23
N TYR J 49 -34.05 -16.26 -44.64
CA TYR J 49 -34.23 -17.71 -44.61
C TYR J 49 -35.72 -18.02 -44.57
N GLY J 50 -36.15 -18.89 -45.47
CA GLY J 50 -37.55 -19.27 -45.56
C GLY J 50 -38.20 -18.71 -46.82
N GLU J 51 -39.36 -19.29 -47.15
CA GLU J 51 -40.14 -18.99 -48.35
C GLU J 51 -39.28 -18.63 -49.55
N GLY J 52 -39.49 -17.43 -50.11
CA GLY J 52 -38.73 -17.00 -51.27
C GLY J 52 -37.32 -16.54 -50.99
N LYS J 53 -36.93 -16.45 -49.73
CA LYS J 53 -35.58 -16.04 -49.35
C LYS J 53 -34.65 -17.25 -49.47
N ALA J 54 -33.43 -17.12 -48.94
CA ALA J 54 -32.44 -18.18 -49.07
C ALA J 54 -32.90 -19.44 -48.34
N THR J 55 -32.92 -20.55 -49.06
CA THR J 55 -33.40 -21.82 -48.52
C THR J 55 -32.27 -22.72 -48.03
N LYS J 56 -31.02 -22.31 -48.20
CA LYS J 56 -29.88 -23.10 -47.76
C LYS J 56 -28.90 -22.21 -47.02
N MET J 57 -28.00 -22.84 -46.27
CA MET J 57 -27.00 -22.12 -45.51
C MET J 57 -25.80 -23.04 -45.28
N PRO J 58 -24.61 -22.48 -45.08
CA PRO J 58 -23.44 -23.33 -44.85
C PRO J 58 -23.51 -24.01 -43.49
N TRP J 59 -22.75 -25.10 -43.38
CA TRP J 59 -22.80 -25.90 -42.16
C TRP J 59 -22.33 -25.11 -40.94
N TRP J 60 -21.27 -24.31 -41.10
CA TRP J 60 -20.80 -23.50 -39.98
C TRP J 60 -21.85 -22.48 -39.57
N ASP J 61 -22.50 -21.85 -40.54
CA ASP J 61 -23.58 -20.93 -40.22
C ASP J 61 -24.77 -21.64 -39.60
N TRP J 62 -25.04 -22.88 -40.03
CA TRP J 62 -26.10 -23.65 -39.37
C TRP J 62 -25.76 -23.93 -37.92
N LEU J 63 -24.50 -24.27 -37.64
CA LEU J 63 -24.08 -24.48 -36.26
C LEU J 63 -24.20 -23.20 -35.45
N TYR J 64 -23.82 -22.07 -36.05
CA TYR J 64 -23.99 -20.77 -35.41
C TYR J 64 -25.45 -20.53 -35.04
N MET J 65 -26.35 -20.74 -36.01
CA MET J 65 -27.76 -20.50 -35.77
C MET J 65 -28.32 -21.43 -34.70
N ARG J 66 -27.92 -22.70 -34.74
CA ARG J 66 -28.41 -23.65 -33.74
C ARG J 66 -27.92 -23.27 -32.35
N PHE J 67 -26.68 -22.81 -32.24
CA PHE J 67 -26.17 -22.37 -30.94
C PHE J 67 -26.90 -21.12 -30.47
N GLU J 68 -27.28 -20.24 -31.38
CA GLU J 68 -27.88 -18.96 -31.01
C GLU J 68 -29.40 -19.00 -30.91
N LEU J 69 -30.03 -20.15 -31.11
CA LEU J 69 -31.49 -20.21 -31.10
C LEU J 69 -31.98 -21.30 -30.17
N PRO J 70 -33.16 -21.13 -29.58
CA PRO J 70 -33.70 -22.13 -28.65
C PRO J 70 -34.17 -23.38 -29.39
N ASP J 71 -34.37 -24.44 -28.61
CA ASP J 71 -34.77 -25.74 -29.13
C ASP J 71 -36.02 -26.25 -28.42
N ALA J 72 -37.00 -25.36 -28.22
CA ALA J 72 -38.31 -25.71 -27.69
C ALA J 72 -38.24 -26.38 -26.33
N ASN J 73 -38.25 -27.71 -26.31
CA ASN J 73 -38.32 -28.45 -25.06
C ASN J 73 -37.12 -28.16 -24.18
N GLU J 74 -37.37 -28.05 -22.87
CA GLU J 74 -36.36 -27.89 -21.84
C GLU J 74 -35.72 -26.50 -21.88
N VAL J 75 -36.06 -25.70 -22.87
CA VAL J 75 -35.59 -24.32 -22.96
C VAL J 75 -36.75 -23.33 -23.10
N SER J 76 -37.73 -23.64 -23.94
CA SER J 76 -38.95 -22.85 -24.06
C SER J 76 -40.17 -23.75 -23.96
N ALA J 77 -40.13 -24.71 -23.04
CA ALA J 77 -41.28 -25.57 -22.83
C ALA J 77 -42.40 -24.80 -22.15
N GLU J 78 -43.63 -25.28 -22.32
CA GLU J 78 -44.78 -24.62 -21.71
C GLU J 78 -44.65 -24.58 -20.19
N LYS J 79 -43.99 -25.58 -19.60
CA LYS J 79 -43.75 -25.56 -18.17
C LYS J 79 -42.87 -24.38 -17.77
N ILE J 80 -41.94 -23.98 -18.64
CA ILE J 80 -41.08 -22.84 -18.32
C ILE J 80 -41.87 -21.54 -18.34
N LYS J 81 -42.79 -21.38 -19.31
CA LYS J 81 -43.64 -20.21 -19.29
C LYS J 81 -44.57 -20.23 -18.09
N LEU J 82 -45.06 -21.41 -17.69
CA LEU J 82 -45.87 -21.50 -16.49
C LEU J 82 -45.08 -21.07 -15.26
N MET J 83 -43.82 -21.50 -15.18
CA MET J 83 -42.98 -21.11 -14.04
C MET J 83 -42.68 -19.62 -14.05
N GLU J 84 -42.45 -19.04 -15.23
CA GLU J 84 -42.21 -17.59 -15.29
C GLU J 84 -43.46 -16.81 -14.91
N ASP J 85 -44.63 -17.26 -15.36
CA ASP J 85 -45.87 -16.60 -14.95
C ASP J 85 -46.09 -16.73 -13.45
N ASP J 86 -45.80 -17.92 -12.90
CA ASP J 86 -45.90 -18.10 -11.46
C ASP J 86 -44.95 -17.17 -10.73
N ALA J 87 -43.72 -17.02 -11.22
CA ALA J 87 -42.76 -16.15 -10.55
C ALA J 87 -43.19 -14.69 -10.62
N LYS J 88 -43.73 -14.25 -11.76
CA LYS J 88 -44.17 -12.85 -11.84
C LYS J 88 -45.40 -12.62 -10.98
N ILE J 89 -46.30 -13.60 -10.89
CA ILE J 89 -47.42 -13.48 -9.97
C ILE J 89 -46.94 -13.46 -8.53
N GLN J 90 -45.91 -14.26 -8.22
CA GLN J 90 -45.32 -14.24 -6.88
C GLN J 90 -44.78 -12.86 -6.55
N ARG J 91 -43.99 -12.28 -7.45
CA ARG J 91 -43.41 -10.97 -7.17
C ARG J 91 -44.49 -9.89 -7.12
N ARG J 92 -45.58 -10.06 -7.87
CA ARG J 92 -46.72 -9.17 -7.73
C ARG J 92 -47.34 -9.29 -6.33
N MET J 93 -47.45 -10.53 -5.83
CA MET J 93 -48.11 -10.77 -4.55
C MET J 93 -47.25 -10.33 -3.37
N MET J 94 -45.93 -10.49 -3.47
CA MET J 94 -45.04 -10.11 -2.37
C MET J 94 -45.12 -8.62 -2.08
N GLU J 95 -45.52 -7.82 -3.07
CA GLU J 95 -45.97 -6.46 -2.82
C GLU J 95 -47.37 -6.59 -2.21
N GLY J 96 -47.39 -6.91 -0.92
CA GLY J 96 -48.56 -7.47 -0.26
C GLY J 96 -48.15 -8.60 0.66
N LYS J 97 -48.61 -9.82 0.37
CA LYS J 97 -48.30 -10.99 1.18
C LYS J 97 -47.09 -11.72 0.61
N ILE J 98 -46.17 -12.10 1.49
CA ILE J 98 -44.88 -12.66 1.10
C ILE J 98 -44.84 -14.13 1.48
N PRO J 99 -44.45 -15.03 0.58
CA PRO J 99 -44.23 -16.42 0.97
C PRO J 99 -43.10 -16.53 1.97
N LEU J 100 -43.22 -17.50 2.87
CA LEU J 100 -42.28 -17.66 3.97
C LEU J 100 -41.30 -18.77 3.64
N TYR J 101 -40.04 -18.41 3.42
CA TYR J 101 -38.92 -19.33 3.37
C TYR J 101 -38.17 -19.27 4.69
N VAL J 102 -37.45 -20.34 4.98
CA VAL J 102 -36.56 -20.35 6.13
C VAL J 102 -35.20 -20.87 5.69
N PRO J 103 -34.11 -20.21 6.04
CA PRO J 103 -32.80 -20.70 5.63
C PRO J 103 -32.40 -21.94 6.40
N ILE J 104 -32.47 -23.10 5.77
CA ILE J 104 -32.12 -24.38 6.40
C ILE J 104 -30.84 -24.87 5.76
N LEU J 105 -29.83 -25.14 6.59
CA LEU J 105 -28.49 -25.51 6.13
C LEU J 105 -27.89 -24.43 5.24
N GLY J 106 -28.30 -23.18 5.44
CA GLY J 106 -27.77 -22.06 4.69
C GLY J 106 -28.49 -21.74 3.41
N VAL J 107 -29.46 -22.55 3.00
CA VAL J 107 -30.22 -22.33 1.78
C VAL J 107 -31.68 -22.10 2.18
N PRO J 108 -32.36 -21.11 1.62
CA PRO J 108 -33.77 -20.87 1.97
C PRO J 108 -34.64 -22.02 1.48
N ILE J 109 -35.35 -22.66 2.41
CA ILE J 109 -36.24 -23.76 2.12
C ILE J 109 -37.67 -23.26 2.30
N TYR J 110 -38.48 -23.39 1.25
CA TYR J 110 -39.87 -22.96 1.34
C TYR J 110 -40.64 -23.83 2.32
N THR J 111 -41.45 -23.18 3.15
CA THR J 111 -42.24 -23.88 4.17
C THR J 111 -43.60 -24.33 3.64
N GLY J 112 -44.27 -23.45 2.90
CA GLY J 112 -45.64 -23.68 2.48
C GLY J 112 -46.60 -22.64 2.98
N MET J 113 -46.19 -21.79 3.90
CA MET J 113 -47.00 -20.72 4.45
C MET J 113 -46.58 -19.39 3.84
N THR J 114 -47.54 -18.47 3.70
CA THR J 114 -47.28 -17.14 3.17
C THR J 114 -47.64 -16.12 4.23
N LEU J 115 -46.70 -15.21 4.50
CA LEU J 115 -46.80 -14.29 5.62
C LEU J 115 -47.64 -13.08 5.26
N ASP J 116 -47.88 -12.22 6.24
CA ASP J 116 -48.57 -10.94 6.05
C ASP J 116 -47.57 -9.81 6.31
N TRP J 117 -46.38 -9.94 5.72
CA TRP J 117 -45.28 -9.01 5.96
C TRP J 117 -45.70 -7.56 5.86
N LYS J 118 -46.74 -7.26 5.11
CA LYS J 118 -47.23 -5.89 5.00
C LYS J 118 -47.71 -5.40 6.36
N PRO J 119 -47.27 -4.23 6.81
CA PRO J 119 -47.68 -3.75 8.14
C PRO J 119 -49.18 -3.51 8.21
N GLU J 120 -49.73 -3.68 9.42
CA GLU J 120 -51.16 -3.50 9.62
C GLU J 120 -51.56 -2.03 9.51
N ALA J 121 -50.84 -1.14 10.18
CA ALA J 121 -51.26 0.24 10.33
C ALA J 121 -50.56 1.18 9.35
N GLU J 122 -49.24 1.26 9.41
CA GLU J 122 -48.46 2.19 8.60
C GLU J 122 -47.68 1.40 7.58
N LEU J 123 -48.00 1.60 6.30
CA LEU J 123 -47.41 0.79 5.24
C LEU J 123 -45.91 1.01 5.15
N PHE J 124 -45.45 2.26 5.27
CA PHE J 124 -44.05 2.58 5.09
C PHE J 124 -43.26 2.58 6.40
N ALA J 125 -43.87 2.15 7.49
CA ALA J 125 -43.16 2.07 8.75
C ALA J 125 -42.14 0.92 8.72
N GLY J 126 -40.93 1.19 9.18
CA GLY J 126 -39.90 0.18 9.18
C GLY J 126 -39.91 -0.78 10.33
N ASP J 127 -40.75 -0.52 11.35
CA ASP J 127 -40.83 -1.39 12.52
C ASP J 127 -42.23 -1.94 12.72
N GLN J 128 -43.15 -1.69 11.80
CA GLN J 128 -44.49 -2.27 11.88
C GLN J 128 -44.64 -3.51 11.01
N ILE J 129 -43.54 -3.99 10.43
CA ILE J 129 -43.60 -5.23 9.66
C ILE J 129 -44.07 -6.37 10.55
N ARG J 130 -44.68 -7.37 9.92
CA ARG J 130 -45.30 -8.47 10.65
C ARG J 130 -44.50 -9.75 10.45
N SER J 131 -44.15 -10.38 11.56
CA SER J 131 -43.46 -11.66 11.56
C SER J 131 -44.06 -12.53 12.66
N PRO J 132 -44.07 -13.85 12.48
CA PRO J 132 -44.62 -14.71 13.54
C PRO J 132 -43.90 -14.58 14.85
N ILE J 133 -42.61 -14.26 14.83
CA ILE J 133 -41.87 -14.08 16.08
C ILE J 133 -42.32 -12.82 16.80
N SER J 134 -42.76 -11.80 16.05
CA SER J 134 -43.13 -10.53 16.65
C SER J 134 -44.59 -10.13 16.45
N ASP J 135 -45.38 -10.90 15.70
CA ASP J 135 -46.76 -10.53 15.48
C ASP J 135 -47.75 -11.69 15.63
N SER J 136 -47.28 -12.91 15.85
CA SER J 136 -48.21 -13.99 16.13
C SER J 136 -48.88 -13.77 17.48
N ARG J 137 -50.02 -14.42 17.66
CA ARG J 137 -50.77 -14.24 18.90
C ARG J 137 -49.96 -14.66 20.11
N PHE J 138 -49.10 -15.67 19.97
CA PHE J 138 -48.26 -16.07 21.08
C PHE J 138 -47.32 -14.95 21.48
N ALA J 139 -46.69 -14.30 20.50
CA ALA J 139 -45.79 -13.19 20.82
C ALA J 139 -46.55 -12.04 21.46
N LYS J 140 -47.72 -11.69 20.91
CA LYS J 140 -48.48 -10.56 21.42
C LYS J 140 -48.92 -10.80 22.85
N ASN J 141 -49.37 -12.01 23.17
CA ASN J 141 -49.85 -12.33 24.50
C ASN J 141 -48.75 -12.79 25.43
N PHE J 142 -47.53 -13.01 24.93
CA PHE J 142 -46.40 -13.35 25.78
C PHE J 142 -45.67 -12.10 26.24
N ILE J 143 -45.25 -11.26 25.28
CA ILE J 143 -44.66 -9.99 25.66
C ILE J 143 -45.71 -9.11 26.35
N GLY J 144 -46.97 -9.21 25.92
CA GLY J 144 -48.02 -8.41 26.53
C GLY J 144 -48.38 -8.83 27.94
N ASN J 145 -48.13 -10.08 28.30
CA ASN J 145 -48.42 -10.56 29.65
C ASN J 145 -47.19 -10.57 30.55
N THR J 146 -46.04 -10.14 30.06
CA THR J 146 -44.88 -10.00 30.93
C THR J 146 -45.10 -8.85 31.90
N ALA J 147 -44.31 -8.84 32.98
CA ALA J 147 -44.48 -7.82 34.02
C ALA J 147 -44.34 -6.43 33.44
N PHE J 148 -43.47 -6.25 32.47
CA PHE J 148 -43.26 -4.94 31.86
C PHE J 148 -44.50 -4.45 31.11
N TYR J 149 -45.41 -5.35 30.72
CA TYR J 149 -46.57 -4.97 29.94
C TYR J 149 -47.89 -5.52 30.44
N ARG J 150 -47.90 -6.41 31.44
CA ARG J 150 -49.13 -7.06 31.83
C ARG J 150 -50.14 -6.05 32.36
N GLU J 151 -51.39 -6.20 31.92
CA GLU J 151 -52.45 -5.30 32.35
C GLU J 151 -52.82 -5.56 33.81
N GLY J 152 -53.24 -4.51 34.50
CA GLY J 152 -53.65 -4.60 35.87
C GLY J 152 -52.54 -4.58 36.89
N LEU J 153 -51.29 -4.48 36.45
CA LEU J 153 -50.16 -4.45 37.37
C LEU J 153 -49.80 -3.01 37.71
N GLU J 154 -49.64 -2.73 38.99
CA GLU J 154 -49.06 -1.47 39.40
C GLU J 154 -47.57 -1.47 39.07
N ASN J 155 -46.98 -0.28 39.04
CA ASN J 155 -45.56 -0.18 38.71
C ASN J 155 -44.71 -0.97 39.69
N TRP J 156 -45.08 -0.96 40.96
CA TRP J 156 -44.32 -1.70 41.96
C TRP J 156 -44.41 -3.20 41.71
N GLN J 157 -45.55 -3.69 41.24
CA GLN J 157 -45.67 -5.11 40.93
C GLN J 157 -44.75 -5.50 39.77
N ARG J 158 -44.72 -4.68 38.71
CA ARG J 158 -43.82 -4.96 37.60
C ARG J 158 -42.37 -4.96 38.06
N GLY J 159 -41.99 -3.95 38.83
CA GLY J 159 -40.63 -3.90 39.35
C GLY J 159 -40.29 -5.11 40.19
N LEU J 160 -41.21 -5.49 41.09
CA LEU J 160 -40.94 -6.61 41.99
C LEU J 160 -40.79 -7.91 41.20
N GLU J 161 -41.65 -8.14 40.21
CA GLU J 161 -41.57 -9.38 39.45
C GLU J 161 -40.29 -9.45 38.63
N ILE J 162 -39.98 -8.37 37.91
CA ILE J 162 -38.75 -8.36 37.11
C ILE J 162 -37.53 -8.52 38.01
N GLY J 163 -37.55 -7.87 39.17
CA GLY J 163 -36.43 -8.00 40.09
C GLY J 163 -36.28 -9.40 40.63
N MET J 164 -37.39 -10.05 40.98
CA MET J 164 -37.30 -11.41 41.47
C MET J 164 -36.70 -12.32 40.42
N ALA J 165 -37.15 -12.18 39.17
CA ALA J 165 -36.58 -12.98 38.10
C ALA J 165 -35.08 -12.72 37.96
N HIS J 166 -34.69 -11.45 37.89
CA HIS J 166 -33.28 -11.11 37.68
C HIS J 166 -32.42 -11.59 38.84
N GLY J 167 -32.88 -11.39 40.08
CA GLY J 167 -32.09 -11.78 41.23
C GLY J 167 -31.95 -13.28 41.35
N TYR J 168 -33.01 -14.03 41.08
CA TYR J 168 -32.90 -15.48 41.12
C TYR J 168 -31.99 -15.98 40.01
N PHE J 169 -31.98 -15.31 38.85
CA PHE J 169 -31.06 -15.70 37.80
C PHE J 169 -29.61 -15.39 38.17
N LEU J 170 -29.36 -14.21 38.75
CA LEU J 170 -28.00 -13.70 38.90
C LEU J 170 -27.18 -14.45 39.94
N VAL J 171 -27.83 -15.08 40.93
CA VAL J 171 -27.09 -15.84 41.91
C VAL J 171 -26.38 -17.02 41.25
N GLY J 172 -26.96 -17.54 40.17
CA GLY J 172 -26.43 -18.70 39.48
C GLY J 172 -24.98 -18.56 39.04
N PRO J 173 -24.72 -17.66 38.09
CA PRO J 173 -23.37 -17.59 37.50
C PRO J 173 -22.29 -17.13 38.46
N PHE J 174 -22.60 -16.84 39.71
CA PHE J 174 -21.61 -16.38 40.68
C PHE J 174 -21.22 -17.44 41.70
N THR J 175 -22.18 -18.22 42.20
CA THR J 175 -21.85 -19.25 43.18
C THR J 175 -20.90 -20.27 42.58
N THR J 176 -21.26 -20.82 41.43
CA THR J 176 -20.32 -21.54 40.59
C THR J 176 -19.85 -20.63 39.47
N LEU J 177 -18.68 -20.93 38.92
CA LEU J 177 -17.99 -20.03 38.00
C LEU J 177 -17.75 -18.68 38.67
N GLY J 178 -16.88 -18.73 39.67
CA GLY J 178 -16.48 -17.55 40.40
C GLY J 178 -15.14 -17.75 41.07
N PRO J 179 -14.61 -16.72 41.73
CA PRO J 179 -13.34 -16.90 42.43
C PRO J 179 -13.45 -17.87 43.60
N LEU J 180 -14.50 -17.76 44.40
CA LEU J 180 -14.72 -18.67 45.53
C LEU J 180 -15.74 -19.73 45.14
N ARG J 181 -15.35 -20.58 44.20
CA ARG J 181 -16.22 -21.68 43.77
C ARG J 181 -16.21 -22.81 44.78
N ASN J 182 -15.05 -23.42 45.00
CA ASN J 182 -14.93 -24.60 45.83
C ASN J 182 -14.74 -24.24 47.30
N THR J 183 -15.65 -23.44 47.82
CA THR J 183 -15.64 -23.01 49.21
C THR J 183 -17.03 -23.19 49.80
N PRO J 184 -17.11 -23.40 51.11
CA PRO J 184 -18.44 -23.52 51.74
C PRO J 184 -19.29 -22.28 51.58
N GLU J 185 -18.68 -21.10 51.48
CA GLU J 185 -19.41 -19.85 51.32
C GLU J 185 -19.57 -19.47 49.85
N ALA J 186 -19.56 -20.45 48.94
CA ALA J 186 -19.76 -20.13 47.54
C ALA J 186 -21.14 -19.54 47.29
N ALA J 187 -22.17 -20.12 47.93
CA ALA J 187 -23.52 -19.59 47.77
C ALA J 187 -23.64 -18.18 48.34
N THR J 188 -23.03 -17.93 49.49
CA THR J 188 -23.11 -16.59 50.08
C THR J 188 -22.37 -15.56 49.24
N VAL J 189 -21.20 -15.90 48.73
CA VAL J 189 -20.46 -14.99 47.87
C VAL J 189 -21.24 -14.73 46.58
N GLY J 190 -21.85 -15.77 46.02
CA GLY J 190 -22.68 -15.58 44.84
C GLY J 190 -23.87 -14.68 45.13
N LEU J 191 -24.48 -14.84 46.30
CA LEU J 191 -25.60 -13.98 46.69
C LEU J 191 -25.16 -12.53 46.81
N LEU J 192 -24.00 -12.31 47.44
CA LEU J 192 -23.50 -10.95 47.58
C LEU J 192 -23.20 -10.33 46.21
N SER J 193 -22.59 -11.11 45.31
CA SER J 193 -22.30 -10.59 43.98
C SER J 193 -23.57 -10.32 43.18
N ALA J 194 -24.57 -11.20 43.31
CA ALA J 194 -25.84 -10.97 42.62
C ALA J 194 -26.54 -9.74 43.15
N CYS J 195 -26.52 -9.53 44.47
CA CYS J 195 -27.09 -8.31 45.03
C CYS J 195 -26.34 -7.09 44.56
N ALA J 196 -25.01 -7.19 44.43
CA ALA J 196 -24.23 -6.07 43.92
C ALA J 196 -24.59 -5.75 42.47
N VAL J 197 -24.75 -6.79 41.64
CA VAL J 197 -25.13 -6.56 40.24
C VAL J 197 -26.52 -5.96 40.16
N ILE J 198 -27.45 -6.45 40.99
CA ILE J 198 -28.80 -5.90 41.02
C ILE J 198 -28.76 -4.44 41.43
N GLY J 199 -27.95 -4.10 42.44
CA GLY J 199 -27.83 -2.72 42.86
C GLY J 199 -27.22 -1.84 41.79
N ILE J 200 -26.22 -2.34 41.08
CA ILE J 200 -25.58 -1.54 40.03
C ILE J 200 -26.54 -1.29 38.88
N VAL J 201 -27.26 -2.32 38.44
CA VAL J 201 -28.21 -2.12 37.35
C VAL J 201 -29.39 -1.28 37.81
N SER J 202 -29.73 -1.33 39.10
CA SER J 202 -30.79 -0.47 39.61
C SER J 202 -30.34 0.98 39.66
N VAL J 203 -29.08 1.22 40.02
CA VAL J 203 -28.53 2.57 39.95
C VAL J 203 -28.52 3.06 38.51
N GLY J 204 -28.19 2.17 37.58
CA GLY J 204 -28.26 2.54 36.17
C GLY J 204 -29.67 2.88 35.72
N GLY J 205 -30.65 2.11 36.19
CA GLY J 205 -32.03 2.42 35.86
C GLY J 205 -32.49 3.72 36.48
N LEU J 206 -32.07 4.00 37.70
CA LEU J 206 -32.35 5.30 38.32
C LEU J 206 -31.71 6.42 37.51
N LEU J 207 -30.50 6.20 37.02
CA LEU J 207 -29.84 7.17 36.17
C LEU J 207 -30.63 7.40 34.88
N PHE J 208 -31.11 6.32 34.28
CA PHE J 208 -31.92 6.45 33.06
C PHE J 208 -33.20 7.22 33.33
N GLY J 209 -33.87 6.92 34.45
CA GLY J 209 -35.09 7.62 34.79
C GLY J 209 -34.87 9.08 35.12
N ALA J 210 -33.72 9.40 35.71
CA ALA J 210 -33.40 10.79 36.01
C ALA J 210 -33.01 11.57 34.77
N THR J 211 -32.37 10.92 33.80
CA THR J 211 -31.93 11.60 32.59
C THR J 211 -33.00 11.57 31.50
N VAL J 212 -33.42 10.38 31.10
CA VAL J 212 -34.33 10.25 29.97
C VAL J 212 -35.78 10.49 30.40
N LYS J 213 -36.15 10.00 31.59
CA LYS J 213 -37.53 10.06 32.07
C LYS J 213 -38.45 9.43 31.04
N PRO J 214 -38.45 8.10 30.94
CA PRO J 214 -39.12 7.44 29.80
C PRO J 214 -40.59 7.79 29.65
N ARG J 215 -41.31 8.04 30.75
CA ARG J 215 -42.69 8.52 30.75
C ARG J 215 -43.67 7.49 30.20
N ALA J 216 -43.22 6.29 29.86
CA ALA J 216 -44.11 5.28 29.29
C ALA J 216 -45.00 4.64 30.34
N PHE J 217 -44.68 4.76 31.62
CA PHE J 217 -45.44 4.12 32.68
C PHE J 217 -46.08 5.10 33.65
N ASP J 218 -45.90 6.40 33.47
CA ASP J 218 -46.43 7.38 34.41
C ASP J 218 -47.96 7.38 34.34
N LYS J 219 -48.58 7.48 35.52
CA LYS J 219 -50.03 7.62 35.60
C LYS J 219 -50.41 9.06 35.24
N ASP J 220 -51.68 9.39 35.39
CA ASP J 220 -52.13 10.74 35.06
C ASP J 220 -51.49 11.76 36.01
N GLY J 221 -51.25 12.95 35.48
CA GLY J 221 -50.54 13.95 36.25
C GLY J 221 -49.15 13.43 36.59
N ALA J 222 -48.85 13.38 37.88
CA ALA J 222 -47.59 12.86 38.40
C ALA J 222 -46.44 13.66 37.78
N THR J 223 -45.28 13.03 37.61
CA THR J 223 -44.13 13.67 37.00
C THR J 223 -43.52 12.74 35.97
N ALA J 224 -42.77 13.32 35.04
CA ALA J 224 -42.15 12.52 33.99
C ALA J 224 -41.15 11.55 34.59
N GLY J 225 -41.30 10.27 34.25
CA GLY J 225 -40.41 9.24 34.73
C GLY J 225 -40.71 8.71 36.11
N SER J 226 -41.81 9.14 36.73
CA SER J 226 -42.16 8.61 38.05
C SER J 226 -42.44 7.13 37.99
N GLY J 227 -43.21 6.68 36.99
CA GLY J 227 -43.51 5.27 36.87
C GLY J 227 -42.28 4.43 36.62
N PHE J 228 -41.39 4.88 35.73
CA PHE J 228 -40.18 4.12 35.45
C PHE J 228 -39.28 4.07 36.68
N THR J 229 -39.16 5.18 37.39
CA THR J 229 -38.33 5.19 38.60
C THR J 229 -38.89 4.25 39.65
N GLU J 230 -40.22 4.24 39.83
CA GLU J 230 -40.82 3.30 40.77
C GLU J 230 -40.57 1.87 40.33
N ILE J 231 -40.64 1.61 39.02
CA ILE J 231 -40.36 0.28 38.49
C ILE J 231 -38.94 -0.13 38.82
N ILE J 232 -37.98 0.79 38.66
CA ILE J 232 -36.59 0.44 38.92
C ILE J 232 -36.33 0.22 40.40
N ASN J 233 -36.93 1.05 41.25
CA ASN J 233 -36.76 0.87 42.69
C ASN J 233 -37.32 -0.48 43.15
N TRP J 234 -38.53 -0.81 42.69
CA TRP J 234 -39.07 -2.11 43.05
C TRP J 234 -38.36 -3.24 42.33
N HIS J 235 -37.68 -2.96 41.22
CA HIS J 235 -36.80 -3.96 40.63
C HIS J 235 -35.61 -4.24 41.53
N ALA J 236 -35.05 -3.20 42.15
CA ALA J 236 -33.99 -3.42 43.13
C ALA J 236 -34.48 -4.25 44.30
N VAL J 237 -35.67 -3.91 44.81
CA VAL J 237 -36.24 -4.66 45.94
C VAL J 237 -36.46 -6.12 45.55
N GLY J 238 -37.07 -6.34 44.38
CA GLY J 238 -37.30 -7.69 43.92
C GLY J 238 -36.03 -8.44 43.61
N GLY J 239 -34.99 -7.74 43.15
CA GLY J 239 -33.71 -8.39 42.92
C GLY J 239 -33.10 -8.89 44.20
N LEU J 240 -33.13 -8.05 45.24
CA LEU J 240 -32.67 -8.51 46.55
C LEU J 240 -33.49 -9.71 47.02
N GLY J 241 -34.81 -9.64 46.85
CA GLY J 241 -35.65 -10.75 47.30
C GLY J 241 -35.37 -12.04 46.55
N GLY J 242 -35.27 -11.97 45.23
CA GLY J 242 -35.01 -13.16 44.45
C GLY J 242 -33.63 -13.73 44.69
N ALA J 243 -32.63 -12.85 44.86
CA ALA J 243 -31.30 -13.33 45.19
C ALA J 243 -31.29 -14.02 46.55
N GLY J 244 -31.97 -13.45 47.53
CA GLY J 244 -32.07 -14.09 48.82
C GLY J 244 -32.78 -15.43 48.75
N PHE J 245 -33.84 -15.50 47.93
CA PHE J 245 -34.56 -16.77 47.76
C PHE J 245 -33.68 -17.82 47.11
N CYS J 246 -32.90 -17.44 46.10
CA CYS J 246 -31.98 -18.38 45.47
C CYS J 246 -30.92 -18.85 46.46
N HIS J 247 -30.38 -17.93 47.26
CA HIS J 247 -29.40 -18.32 48.27
C HIS J 247 -30.02 -19.25 49.30
N LEU J 248 -31.28 -19.00 49.67
CA LEU J 248 -31.97 -19.87 50.60
C LEU J 248 -32.14 -21.27 50.01
N LEU J 249 -32.55 -21.35 48.75
CA LEU J 249 -32.71 -22.65 48.11
C LEU J 249 -31.38 -23.34 47.84
N LEU J 250 -30.28 -22.60 47.81
CA LEU J 250 -28.97 -23.22 47.67
C LEU J 250 -28.47 -23.75 49.00
N THR J 251 -28.58 -22.96 50.07
CA THR J 251 -28.17 -23.43 51.38
C THR J 251 -28.99 -24.62 51.83
N LEU J 252 -30.31 -24.55 51.65
CA LEU J 252 -31.14 -25.71 51.87
C LEU J 252 -31.09 -26.64 50.66
N PHE J 253 -31.60 -27.85 50.84
CA PHE J 253 -31.75 -28.81 49.75
C PHE J 253 -30.46 -29.04 48.96
N GLU K 1 8.64 -12.88 49.17
CA GLU K 1 9.70 -13.50 48.35
C GLU K 1 9.30 -13.38 46.90
N ARG K 2 10.25 -13.05 46.02
CA ARG K 2 9.87 -12.82 44.62
C ARG K 2 10.55 -13.84 43.70
N ILE K 3 9.93 -14.15 42.56
CA ILE K 3 10.58 -15.03 41.56
C ILE K 3 11.29 -14.10 40.61
N PRO K 4 12.64 -14.04 40.52
CA PRO K 4 13.27 -13.00 39.71
C PRO K 4 13.09 -13.27 38.22
N GLY K 5 12.74 -12.21 37.49
CA GLY K 5 12.63 -12.25 36.05
C GLY K 5 13.48 -11.18 35.41
N GLY K 6 14.20 -11.55 34.36
CA GLY K 6 15.12 -10.63 33.73
C GLY K 6 16.56 -11.00 34.01
N LYS K 7 17.40 -10.95 32.99
CA LYS K 7 18.79 -11.39 33.15
C LYS K 7 19.56 -10.50 34.11
N PHE K 8 19.28 -9.20 34.12
CA PHE K 8 20.08 -8.27 34.92
C PHE K 8 19.74 -8.35 36.40
N THR K 9 18.48 -8.64 36.75
CA THR K 9 18.15 -8.83 38.17
C THR K 9 18.90 -10.01 38.75
N LYS K 10 18.96 -11.12 38.01
CA LYS K 10 19.71 -12.28 38.49
C LYS K 10 21.20 -12.02 38.48
N ALA K 11 21.72 -11.38 37.43
CA ALA K 11 23.16 -11.18 37.31
C ALA K 11 23.68 -10.24 38.38
N GLN K 12 23.04 -9.08 38.53
CA GLN K 12 23.51 -8.09 39.49
C GLN K 12 23.20 -8.48 40.92
N GLY K 13 22.23 -9.36 41.13
CA GLY K 13 21.90 -9.80 42.48
C GLY K 13 21.36 -8.72 43.38
N LYS K 14 20.60 -7.78 42.83
CA LYS K 14 19.94 -6.77 43.64
C LYS K 14 18.76 -7.38 44.37
N ILE K 15 18.66 -7.11 45.67
CA ILE K 15 17.62 -7.67 46.51
C ILE K 15 16.66 -6.55 46.92
N VAL K 16 15.36 -6.83 46.83
CA VAL K 16 14.34 -5.87 47.23
C VAL K 16 14.17 -5.95 48.74
N ALA K 17 14.89 -5.10 49.46
CA ALA K 17 14.88 -5.14 50.92
C ALA K 17 13.64 -4.42 51.43
N THR K 18 12.71 -5.17 51.99
CA THR K 18 11.51 -4.56 52.57
C THR K 18 11.89 -3.88 53.89
N PRO K 19 11.46 -2.65 54.12
CA PRO K 19 11.70 -2.03 55.42
C PRO K 19 10.99 -2.79 56.53
N ASP K 20 11.60 -2.81 57.70
CA ASP K 20 11.04 -3.57 58.82
C ASP K 20 9.69 -3.02 59.23
N GLU K 21 9.61 -1.70 59.43
CA GLU K 21 8.35 -1.04 59.72
C GLU K 21 7.74 -0.53 58.43
N ASP K 22 6.71 0.30 58.53
CA ASP K 22 6.04 0.82 57.34
C ASP K 22 6.79 2.02 56.77
N GLY K 23 6.88 3.10 57.55
CA GLY K 23 7.58 4.28 57.08
C GLY K 23 6.84 5.58 57.33
N PHE K 24 5.50 5.56 57.24
CA PHE K 24 4.69 6.74 57.47
C PHE K 24 3.71 6.59 58.62
N THR K 25 3.74 5.47 59.36
CA THR K 25 2.79 5.20 60.43
C THR K 25 1.36 5.35 59.93
N ASP K 26 0.49 5.93 60.76
CA ASP K 26 -0.88 6.15 60.37
C ASP K 26 -1.29 7.60 60.61
N SER K 27 -0.68 8.24 61.60
CA SER K 27 -1.02 9.63 61.90
C SER K 27 -0.58 10.55 60.78
N GLU K 28 0.65 10.38 60.29
CA GLU K 28 1.15 11.24 59.24
C GLU K 28 0.43 10.99 57.92
N VAL K 29 -0.01 9.75 57.67
CA VAL K 29 -0.85 9.49 56.52
C VAL K 29 -2.17 10.25 56.64
N ALA K 30 -2.73 10.30 57.85
CA ALA K 30 -3.95 11.07 58.06
C ALA K 30 -3.72 12.55 57.81
N LEU K 31 -2.58 13.07 58.24
CA LEU K 31 -2.28 14.48 57.99
C LEU K 31 -2.13 14.75 56.50
N ALA K 32 -1.48 13.85 55.78
CA ALA K 32 -1.38 14.00 54.33
C ALA K 32 -2.76 13.97 53.69
N LEU K 33 -3.64 13.09 54.16
CA LEU K 33 -4.99 13.04 53.62
C LEU K 33 -5.76 14.32 53.92
N ILE K 34 -5.56 14.90 55.10
CA ILE K 34 -6.24 16.15 55.44
C ILE K 34 -5.78 17.27 54.52
N ILE K 35 -4.47 17.38 54.31
CA ILE K 35 -3.94 18.42 53.43
C ILE K 35 -4.44 18.19 52.01
N ALA K 36 -4.51 16.94 51.58
CA ALA K 36 -5.06 16.64 50.27
C ALA K 36 -6.54 16.97 50.18
N ALA K 37 -7.27 16.86 51.30
CA ALA K 37 -8.67 17.26 51.31
C ALA K 37 -8.81 18.77 51.14
N VAL K 38 -7.93 19.53 51.79
CA VAL K 38 -7.93 20.97 51.60
C VAL K 38 -7.60 21.32 50.15
N VAL K 39 -6.61 20.63 49.58
CA VAL K 39 -6.27 20.83 48.18
C VAL K 39 -7.45 20.46 47.27
N LEU K 40 -8.19 19.42 47.64
CA LEU K 40 -9.37 19.03 46.88
C LEU K 40 -10.44 20.10 46.93
N TYR K 41 -10.64 20.70 48.10
CA TYR K 41 -11.61 21.79 48.22
C TYR K 41 -11.19 22.97 47.34
N LEU K 42 -9.90 23.31 47.35
CA LEU K 42 -9.42 24.37 46.48
C LEU K 42 -9.61 24.00 45.01
N ALA K 43 -9.40 22.72 44.67
CA ALA K 43 -9.59 22.28 43.29
C ALA K 43 -11.05 22.37 42.87
N ILE K 44 -11.97 22.06 43.78
CA ILE K 44 -13.39 22.21 43.48
C ILE K 44 -13.71 23.68 43.24
N GLU K 45 -13.14 24.57 44.07
CA GLU K 45 -13.35 26.00 43.86
C GLU K 45 -12.81 26.44 42.49
N VAL K 46 -11.62 25.96 42.12
CA VAL K 46 -11.03 26.33 40.84
C VAL K 46 -11.88 25.80 39.69
N THR K 47 -12.37 24.57 39.83
CA THR K 47 -13.21 23.99 38.77
C THR K 47 -14.49 24.77 38.61
N LYS K 48 -15.13 25.16 39.71
CA LYS K 48 -16.33 25.98 39.62
C LYS K 48 -16.02 27.33 38.98
N SER K 49 -14.88 27.92 39.32
CA SER K 49 -14.51 29.21 38.74
C SER K 49 -14.28 29.10 37.24
N LEU K 50 -13.59 28.05 36.80
CA LEU K 50 -13.24 27.93 35.40
C LEU K 50 -14.42 27.47 34.54
N PHE K 51 -15.25 26.57 35.05
CA PHE K 51 -16.35 26.06 34.25
C PHE K 51 -17.34 27.16 33.89
N TYR K 52 -17.70 28.00 34.86
CA TYR K 52 -18.58 29.12 34.59
C TYR K 52 -17.84 30.32 34.03
N GLY K 53 -16.53 30.23 33.87
CA GLY K 53 -15.74 31.29 33.28
C GLY K 53 -15.61 32.47 34.22
N GLU K 54 -14.99 33.52 33.70
CA GLU K 54 -14.89 34.78 34.42
C GLU K 54 -16.14 35.59 34.18
N ASP K 55 -16.75 36.09 35.25
CA ASP K 55 -17.94 36.92 35.08
C ASP K 55 -17.55 38.23 34.40
N PRO K 56 -18.47 38.85 33.67
CA PRO K 56 -18.11 40.08 32.94
C PRO K 56 -17.92 41.29 33.83
N GLU K 57 -18.51 41.33 35.02
CA GLU K 57 -18.37 42.52 35.85
C GLU K 57 -16.95 42.65 36.40
N THR K 58 -16.40 41.57 36.95
CA THR K 58 -15.01 41.59 37.37
C THR K 58 -14.12 41.79 36.15
N THR K 59 -13.03 42.52 36.34
CA THR K 59 -12.16 43.09 35.29
C THR K 59 -12.86 44.22 34.55
N ALA K 60 -14.11 44.54 34.89
CA ALA K 60 -14.81 45.69 34.36
C ALA K 60 -15.38 46.59 35.46
N LYS K 61 -15.91 46.00 36.53
CA LYS K 61 -16.39 46.81 37.66
C LYS K 61 -15.31 47.02 38.70
N GLY K 62 -14.45 46.04 38.92
CA GLY K 62 -13.34 46.18 39.83
C GLY K 62 -12.21 46.96 39.18
N PRO K 63 -11.93 48.14 39.70
CA PRO K 63 -10.85 48.96 39.12
C PRO K 63 -9.52 48.25 39.20
N MET K 64 -8.72 48.40 38.15
CA MET K 64 -7.41 47.77 38.11
C MET K 64 -6.52 48.36 39.19
N THR K 65 -5.66 47.52 39.75
CA THR K 65 -4.70 47.99 40.73
C THR K 65 -3.71 48.95 40.08
N PRO K 66 -3.12 49.86 40.85
CA PRO K 66 -2.16 50.81 40.25
C PRO K 66 -1.02 50.11 39.52
N PHE K 67 -0.59 48.96 40.03
CA PHE K 67 0.36 48.15 39.29
C PHE K 67 -0.22 47.76 37.93
N GLU K 68 -1.43 47.22 37.93
CA GLU K 68 -2.06 46.81 36.68
C GLU K 68 -2.32 48.01 35.78
N LYS K 69 -2.75 49.13 36.35
CA LYS K 69 -2.95 50.33 35.56
C LYS K 69 -1.67 50.73 34.84
N ARG K 70 -0.56 50.83 35.58
CA ARG K 70 0.69 51.27 34.96
C ARG K 70 1.23 50.23 33.98
N VAL K 71 1.01 48.95 34.26
CA VAL K 71 1.49 47.91 33.36
C VAL K 71 0.73 47.94 32.04
N VAL K 72 -0.59 48.08 32.10
CA VAL K 72 -1.37 48.17 30.86
C VAL K 72 -1.05 49.46 30.12
N GLU K 73 -0.85 50.56 30.86
CA GLU K 73 -0.50 51.82 30.21
C GLU K 73 0.83 51.73 29.50
N LYS K 74 1.84 51.14 30.14
CA LYS K 74 3.17 51.06 29.56
C LYS K 74 3.38 49.79 28.74
N GLY K 75 2.43 48.86 28.73
CA GLY K 75 2.57 47.66 27.95
C GLY K 75 3.66 46.73 28.43
N LEU K 76 3.47 46.14 29.61
CA LEU K 76 4.47 45.28 30.21
C LEU K 76 3.86 43.92 30.55
N PHE K 77 4.72 42.95 30.80
CA PHE K 77 4.33 41.65 31.35
C PHE K 77 3.26 40.97 30.50
N GLY K 78 3.46 40.98 29.19
CA GLY K 78 2.54 40.35 28.28
C GLY K 78 1.39 41.22 27.83
N SER K 79 1.14 42.35 28.51
CA SER K 79 0.20 43.32 27.99
C SER K 79 0.76 43.95 26.72
N ARG K 80 -0.05 44.80 26.10
CA ARG K 80 0.25 45.31 24.77
C ARG K 80 0.45 44.15 23.79
N GLY K 81 -0.35 43.10 23.97
CA GLY K 81 -0.22 41.90 23.18
C GLY K 81 -1.40 40.99 23.43
N ASP K 82 -1.38 39.84 22.75
CA ASP K 82 -2.45 38.86 22.83
C ASP K 82 -1.90 37.48 23.09
N SER K 83 -0.89 37.38 23.96
CA SER K 83 -0.22 36.13 24.24
C SER K 83 -0.03 35.97 25.75
N TYR K 84 0.28 34.74 26.15
CA TYR K 84 0.58 34.46 27.55
C TYR K 84 2.07 34.54 27.82
N SER K 85 2.86 33.69 27.17
CA SER K 85 4.32 33.72 27.18
C SER K 85 4.89 33.86 28.59
N PRO K 86 4.86 32.80 29.41
CA PRO K 86 5.49 32.88 30.73
C PRO K 86 6.99 33.13 30.66
N PHE K 87 7.65 32.69 29.59
CA PHE K 87 9.06 32.98 29.39
C PHE K 87 9.21 34.17 28.44
N ARG K 88 8.75 35.29 28.95
CA ARG K 88 8.66 36.47 28.10
C ARG K 88 10.00 36.99 27.66
N PRO K 89 10.81 37.57 28.55
CA PRO K 89 11.97 38.31 28.04
C PRO K 89 13.10 37.40 27.60
N GLU L 1 18.59 74.33 27.76
CA GLU L 1 19.96 74.82 27.85
C GLU L 1 20.91 73.72 28.27
N PHE L 2 22.03 74.10 28.87
CA PHE L 2 23.02 73.13 29.30
C PHE L 2 22.50 72.30 30.46
N ALA L 3 22.57 70.98 30.31
CA ALA L 3 22.22 70.04 31.37
C ALA L 3 20.81 70.26 31.91
N GLY L 4 19.89 70.61 31.01
CA GLY L 4 18.49 70.75 31.39
C GLY L 4 18.23 71.76 32.48
N GLY L 5 19.09 72.76 32.61
CA GLY L 5 18.92 73.75 33.67
C GLY L 5 19.24 73.25 35.05
N LEU L 6 20.06 72.21 35.18
CA LEU L 6 20.45 71.72 36.49
C LEU L 6 21.39 72.71 37.19
N ILE L 7 21.41 72.62 38.50
CA ILE L 7 22.28 73.46 39.32
C ILE L 7 23.61 72.74 39.50
N GLY L 8 24.70 73.51 39.46
CA GLY L 8 26.01 72.93 39.64
C GLY L 8 27.02 73.41 38.61
N GLY L 9 26.52 73.88 37.48
CA GLY L 9 27.39 74.38 36.43
C GLY L 9 27.89 75.79 36.62
N GLN L 10 27.46 76.46 37.68
CA GLN L 10 27.87 77.83 37.92
C GLN L 10 29.36 77.88 38.25
N SER L 11 30.04 78.89 37.69
CA SER L 11 31.45 79.12 37.97
C SER L 11 31.61 80.14 39.08
N ALA L 12 32.80 80.15 39.67
CA ALA L 12 33.05 81.03 40.80
C ALA L 12 33.18 82.48 40.38
N PHE L 13 33.77 82.73 39.22
CA PHE L 13 34.14 84.09 38.81
C PHE L 13 32.93 85.00 38.64
N ALA L 14 32.08 84.73 37.65
CA ALA L 14 31.01 85.63 37.29
C ALA L 14 29.96 84.85 36.52
N SER L 15 29.07 85.57 35.81
CA SER L 15 28.05 84.93 34.98
C SER L 15 28.65 84.02 33.91
N GLN L 16 29.96 84.05 33.71
CA GLN L 16 30.61 83.11 32.80
C GLN L 16 30.66 81.74 33.45
N GLU L 17 29.62 80.94 33.26
CA GLU L 17 29.49 79.67 33.96
C GLU L 17 30.53 78.66 33.50
N TYR L 18 30.83 77.71 34.39
CA TYR L 18 31.79 76.66 34.05
C TYR L 18 31.19 75.66 33.08
N ASN L 19 30.10 75.01 33.48
CA ASN L 19 29.43 74.00 32.68
C ASN L 19 30.41 72.92 32.22
N PHE L 20 31.01 72.25 33.20
CA PHE L 20 32.06 71.28 32.94
C PHE L 20 31.43 69.98 32.48
N ASP L 21 31.61 69.65 31.21
CA ASP L 21 31.21 68.37 30.66
C ASP L 21 32.02 68.10 29.40
N PRO L 22 33.33 67.86 29.53
CA PRO L 22 34.16 67.69 28.32
C PRO L 22 33.73 66.52 27.46
N LEU L 23 33.27 65.43 28.07
CA LEU L 23 32.79 64.29 27.31
C LEU L 23 31.35 64.44 26.88
N GLY L 24 30.66 65.49 27.34
CA GLY L 24 29.31 65.77 26.89
C GLY L 24 28.27 64.75 27.28
N LEU L 25 28.33 64.22 28.50
CA LEU L 25 27.33 63.24 28.93
C LEU L 25 25.97 63.86 29.12
N ALA L 26 25.92 65.12 29.55
CA ALA L 26 24.63 65.78 29.77
C ALA L 26 23.85 65.92 28.48
N GLU L 27 24.53 66.26 27.38
CA GLU L 27 23.84 66.39 26.11
C GLU L 27 23.45 65.03 25.53
N LYS L 28 24.31 64.03 25.71
CA LYS L 28 24.03 62.72 25.13
C LYS L 28 22.92 61.99 25.87
N PHE L 29 22.76 62.24 27.16
CA PHE L 29 21.78 61.54 27.98
C PHE L 29 20.96 62.56 28.77
N PRO L 30 20.11 63.33 28.09
CA PRO L 30 19.29 64.31 28.81
C PRO L 30 18.17 63.67 29.62
N GLU L 31 17.63 62.55 29.16
CA GLU L 31 16.60 61.86 29.91
C GLU L 31 17.16 61.00 31.04
N GLN L 32 18.46 60.73 31.03
CA GLN L 32 19.12 60.03 32.12
C GLN L 32 19.81 60.99 33.07
N LEU L 33 19.54 62.28 32.95
CA LEU L 33 20.22 63.32 33.71
C LEU L 33 19.74 63.41 35.17
N PRO L 34 18.44 63.25 35.46
CA PRO L 34 18.06 63.16 36.88
C PRO L 34 18.76 62.04 37.61
N PHE L 35 18.98 60.90 36.95
CA PHE L 35 19.75 59.82 37.55
C PHE L 35 21.19 60.25 37.79
N PHE L 36 21.77 61.00 36.85
CA PHE L 36 23.13 61.48 37.01
C PHE L 36 23.24 62.40 38.22
N ARG L 37 22.29 63.32 38.38
CA ARG L 37 22.34 64.22 39.54
C ARG L 37 22.07 63.47 40.83
N GLU L 38 21.19 62.47 40.80
CA GLU L 38 20.98 61.64 41.98
C GLU L 38 22.28 60.96 42.39
N ALA L 39 22.98 60.36 41.43
CA ALA L 39 24.23 59.70 41.72
C ALA L 39 25.27 60.69 42.23
N GLU L 40 25.34 61.87 41.61
CA GLU L 40 26.33 62.86 42.02
C GLU L 40 26.09 63.31 43.45
N LEU L 41 24.84 63.66 43.78
CA LEU L 41 24.56 64.12 45.13
C LEU L 41 24.74 63.01 46.16
N LYS L 42 24.36 61.78 45.80
CA LYS L 42 24.55 60.66 46.72
C LYS L 42 26.03 60.42 46.99
N HIS L 43 26.85 60.41 45.92
CA HIS L 43 28.28 60.24 46.11
C HIS L 43 28.86 61.38 46.93
N GLY L 44 28.41 62.60 46.69
CA GLY L 44 28.91 63.74 47.45
C GLY L 44 28.58 63.65 48.93
N ARG L 45 27.34 63.29 49.26
CA ARG L 45 26.96 63.16 50.66
C ARG L 45 27.72 62.03 51.34
N ILE L 46 27.80 60.88 50.67
CA ILE L 46 28.54 59.75 51.23
C ILE L 46 30.00 60.11 51.41
N ALA L 47 30.56 60.89 50.49
CA ALA L 47 31.97 61.26 50.59
C ALA L 47 32.21 62.27 51.68
N MET L 48 31.27 63.20 51.89
CA MET L 48 31.38 64.11 53.03
C MET L 48 31.42 63.31 54.33
N LEU L 49 30.43 62.44 54.52
CA LEU L 49 30.41 61.63 55.73
C LEU L 49 31.64 60.75 55.83
N ALA L 50 32.16 60.29 54.70
CA ALA L 50 33.30 59.38 54.72
C ALA L 50 34.59 60.11 55.08
N TRP L 51 34.79 61.31 54.55
CA TRP L 51 35.97 62.08 54.95
C TRP L 51 35.89 62.46 56.42
N VAL L 52 34.70 62.86 56.89
CA VAL L 52 34.57 63.17 58.32
C VAL L 52 34.83 61.93 59.16
N GLY L 53 34.40 60.75 58.69
CA GLY L 53 34.67 59.52 59.40
C GLY L 53 36.05 58.95 59.19
N LEU L 54 36.84 59.54 58.30
CA LEU L 54 38.26 59.27 58.24
C LEU L 54 39.04 60.18 59.18
N VAL L 55 38.55 61.40 59.40
CA VAL L 55 39.26 62.34 60.25
C VAL L 55 38.95 62.10 61.73
N VAL L 56 37.67 61.94 62.07
CA VAL L 56 37.27 61.90 63.48
C VAL L 56 37.90 60.75 64.26
N PRO L 57 37.88 59.50 63.78
CA PRO L 57 38.43 58.40 64.59
C PRO L 57 39.89 58.59 64.97
N GLU L 58 40.66 59.35 64.19
CA GLU L 58 42.02 59.66 64.62
C GLU L 58 42.05 60.48 65.90
N PHE L 59 40.92 61.09 66.27
CA PHE L 59 40.83 61.88 67.49
C PHE L 59 40.17 61.10 68.62
N VAL L 60 38.95 60.63 68.41
CA VAL L 60 38.20 59.88 69.41
C VAL L 60 37.57 58.66 68.75
N ARG L 61 37.57 57.54 69.46
CA ARG L 61 37.02 56.29 68.96
C ARG L 61 36.08 55.68 70.00
N ILE L 62 34.99 55.12 69.52
CA ILE L 62 34.00 54.48 70.41
C ILE L 62 34.61 53.24 71.02
N PRO L 63 34.31 52.90 72.28
CA PRO L 63 34.69 51.58 72.79
C PRO L 63 33.91 50.49 72.08
N GLY L 64 34.61 49.40 71.75
CA GLY L 64 33.99 48.31 71.03
C GLY L 64 34.75 47.00 71.17
N PRO L 65 34.55 46.09 70.21
CA PRO L 65 35.21 44.78 70.27
C PRO L 65 36.72 44.84 70.09
N GLU L 66 37.27 46.04 70.01
CA GLU L 66 38.72 46.32 70.02
C GLU L 66 39.42 45.85 68.75
N LYS L 67 38.74 45.18 67.83
CA LYS L 67 39.35 44.77 66.56
C LYS L 67 38.98 45.70 65.42
N CYS L 68 37.75 46.20 65.39
CA CYS L 68 37.32 47.16 64.38
C CYS L 68 37.53 48.60 64.83
N TRP L 69 37.24 48.89 66.10
CA TRP L 69 37.34 50.28 66.56
C TRP L 69 38.79 50.70 66.76
N GLN L 70 39.62 49.84 67.34
CA GLN L 70 41.02 50.17 67.54
C GLN L 70 41.85 49.73 66.34
N ALA L 71 41.57 50.38 65.21
CA ALA L 71 42.26 50.09 63.97
C ALA L 71 42.31 51.35 63.12
N SER L 72 43.28 51.38 62.21
CA SER L 72 43.41 52.51 61.31
C SER L 72 42.31 52.47 60.24
N ALA L 73 42.20 53.57 59.49
CA ALA L 73 41.12 53.70 58.52
C ALA L 73 41.23 52.65 57.41
N VAL L 74 42.44 52.42 56.91
CA VAL L 74 42.60 51.53 55.76
C VAL L 74 42.29 50.09 56.13
N ASP L 75 42.74 49.64 57.29
CA ASP L 75 42.50 48.27 57.72
C ASP L 75 41.26 48.14 58.60
N ALA L 76 40.52 49.23 58.80
CA ALA L 76 39.29 49.14 59.58
C ALA L 76 38.28 48.22 58.91
N HIS L 77 38.06 48.42 57.61
CA HIS L 77 36.87 47.87 56.95
C HIS L 77 36.80 46.35 57.08
N SER L 78 37.90 45.65 56.84
CA SER L 78 37.87 44.19 56.90
C SER L 78 37.52 43.71 58.30
N ALA L 79 38.21 44.25 59.31
CA ALA L 79 37.93 43.87 60.69
C ALA L 79 36.51 44.24 61.09
N CYS L 80 35.99 45.34 60.57
CA CYS L 80 34.64 45.77 60.95
C CYS L 80 33.58 44.88 60.30
N VAL L 81 33.83 44.44 59.08
CA VAL L 81 32.96 43.44 58.46
C VAL L 81 32.99 42.16 59.28
N GLU L 82 34.16 41.79 59.77
CA GLU L 82 34.24 40.57 60.58
C GLU L 82 33.54 40.72 61.93
N THR L 83 33.65 41.90 62.55
CA THR L 83 33.07 42.10 63.88
C THR L 83 31.56 42.20 63.86
N GLY L 84 30.94 42.36 62.70
CA GLY L 84 29.52 42.54 62.62
C GLY L 84 29.04 43.97 62.77
N ALA L 85 29.94 44.94 62.73
CA ALA L 85 29.52 46.34 62.75
C ALA L 85 29.09 46.81 61.37
N LEU L 86 29.96 46.61 60.38
CA LEU L 86 29.62 47.05 59.03
C LEU L 86 28.47 46.26 58.44
N THR L 87 28.18 45.06 58.93
CA THR L 87 26.99 44.37 58.44
C THR L 87 25.72 45.06 58.92
N GLN L 88 25.72 45.58 60.15
CA GLN L 88 24.56 46.33 60.62
C GLN L 88 24.49 47.70 59.96
N VAL L 89 25.65 48.31 59.73
CA VAL L 89 25.67 49.55 58.96
C VAL L 89 25.13 49.31 57.56
N PHE L 90 25.44 48.15 56.98
CA PHE L 90 24.91 47.82 55.66
C PHE L 90 23.42 47.56 55.72
N ILE L 91 22.93 46.94 56.79
CA ILE L 91 21.49 46.75 56.92
C ILE L 91 20.78 48.10 56.97
N PHE L 92 21.31 49.02 57.77
CA PHE L 92 20.72 50.36 57.89
C PHE L 92 20.76 51.09 56.55
N CYS L 93 21.94 51.13 55.91
CA CYS L 93 22.08 51.84 54.66
C CYS L 93 21.28 51.19 53.55
N GLY L 94 21.17 49.86 53.56
CA GLY L 94 20.38 49.18 52.56
C GLY L 94 18.90 49.44 52.71
N THR L 95 18.40 49.43 53.94
CA THR L 95 17.00 49.78 54.15
C THR L 95 16.74 51.20 53.70
N LEU L 96 17.59 52.14 54.10
CA LEU L 96 17.43 53.53 53.68
C LEU L 96 17.47 53.66 52.17
N GLU L 97 18.46 53.03 51.54
CA GLU L 97 18.63 53.17 50.10
C GLU L 97 17.46 52.54 49.35
N ILE L 98 17.13 51.29 49.68
CA ILE L 98 15.98 50.63 49.05
C ILE L 98 14.76 51.51 49.17
N CYS L 99 14.30 51.77 50.39
CA CYS L 99 13.08 52.55 50.54
C CYS L 99 13.21 53.88 49.81
N GLY L 100 14.08 54.76 50.29
CA GLY L 100 14.20 56.09 49.70
C GLY L 100 14.45 56.13 48.21
N THR L 101 15.65 55.73 47.77
CA THR L 101 15.97 55.90 46.37
C THR L 101 15.22 54.91 45.49
N TRP L 102 15.16 53.64 45.89
CA TRP L 102 14.52 52.65 45.06
C TRP L 102 13.01 52.86 44.95
N ALA L 103 12.40 53.65 45.85
CA ALA L 103 10.99 53.97 45.70
C ALA L 103 10.75 55.34 45.08
N LYS L 104 11.65 56.29 45.28
CA LYS L 104 11.55 57.56 44.59
C LYS L 104 11.91 57.42 43.12
N MET L 105 12.66 56.38 42.77
CA MET L 105 13.14 56.15 41.41
C MET L 105 12.27 55.18 40.64
N ASN L 106 12.01 54.01 41.20
CA ASN L 106 11.24 53.00 40.51
C ASN L 106 9.77 53.12 40.88
N PRO L 107 8.88 53.38 39.92
CA PRO L 107 7.44 53.40 40.25
C PRO L 107 6.91 52.06 40.74
N MET L 108 7.62 50.97 40.48
CA MET L 108 7.27 49.64 40.95
C MET L 108 8.46 49.11 41.73
N PRO L 109 8.66 49.55 42.97
CA PRO L 109 9.83 49.09 43.74
C PRO L 109 9.86 47.60 43.99
N TYR L 110 8.71 46.93 43.86
CA TYR L 110 8.63 45.47 43.94
C TYR L 110 9.10 44.79 42.66
N LEU L 111 9.76 45.51 41.76
CA LEU L 111 10.21 44.94 40.50
C LEU L 111 11.51 45.61 40.07
N PRO L 112 12.46 44.85 39.56
CA PRO L 112 13.69 45.45 39.04
C PRO L 112 13.39 46.30 37.81
N LEU L 113 14.31 47.22 37.52
CA LEU L 113 14.12 48.13 36.40
C LEU L 113 14.05 47.40 35.07
N SER L 114 14.58 46.17 34.98
CA SER L 114 14.43 45.40 33.76
C SER L 114 12.98 45.03 33.52
N GLN L 115 12.17 44.96 34.57
CA GLN L 115 10.77 44.61 34.45
C GLN L 115 9.84 45.80 34.57
N SER L 116 10.21 46.81 35.35
CA SER L 116 9.37 48.00 35.49
C SER L 116 9.74 49.10 34.51
N GLY L 117 11.03 49.25 34.22
CA GLY L 117 11.45 50.35 33.36
C GLY L 117 11.13 51.67 34.03
N SER L 118 10.37 52.50 33.31
CA SER L 118 9.83 53.74 33.86
C SER L 118 10.94 54.64 34.40
N THR L 119 11.20 54.56 35.70
CA THR L 119 12.19 55.40 36.37
C THR L 119 11.84 56.88 36.24
N GLY L 120 10.55 57.17 36.10
CA GLY L 120 10.08 58.53 36.00
C GLY L 120 9.89 59.24 37.31
N GLY L 121 10.11 58.54 38.43
CA GLY L 121 9.99 59.19 39.73
C GLY L 121 11.10 60.18 40.00
N LEU L 122 12.23 60.06 39.32
CA LEU L 122 13.34 61.01 39.47
C LEU L 122 13.17 62.08 38.41
N THR L 123 12.59 63.21 38.78
CA THR L 123 12.52 64.34 37.88
C THR L 123 13.70 65.27 38.11
N MET L 124 13.86 66.24 37.22
CA MET L 124 14.98 67.17 37.34
C MET L 124 14.84 68.03 38.60
N GLU L 125 13.62 68.41 38.94
CA GLU L 125 13.42 69.29 40.10
C GLU L 125 13.72 68.56 41.41
N ASN L 126 13.17 67.37 41.59
CA ASN L 126 13.36 66.61 42.83
C ASN L 126 14.53 65.64 42.72
N ALA L 127 15.69 66.14 42.32
CA ALA L 127 16.84 65.27 42.13
C ALA L 127 17.45 64.84 43.46
N GLY L 128 17.94 65.80 44.24
CA GLY L 128 18.42 65.50 45.56
C GLY L 128 17.42 65.70 46.66
N ASP L 129 16.16 65.97 46.31
CA ASP L 129 15.14 66.34 47.29
C ASP L 129 14.58 65.09 47.92
N TYR L 130 15.12 64.72 49.08
CA TYR L 130 14.53 63.69 49.93
C TYR L 130 13.67 64.28 51.03
N ARG L 131 13.32 65.57 50.92
CA ARG L 131 12.44 66.26 51.86
C ARG L 131 12.97 66.26 53.28
N LEU L 132 14.28 66.11 53.45
CA LEU L 132 14.88 66.04 54.78
C LEU L 132 15.44 67.39 55.15
N GLY L 133 14.91 67.98 56.23
CA GLY L 133 15.37 69.28 56.67
C GLY L 133 15.12 70.39 55.68
N VAL L 134 13.96 70.38 55.03
CA VAL L 134 13.65 71.43 54.06
C VAL L 134 13.24 72.72 54.75
N ASN L 135 12.90 72.68 56.04
CA ASN L 135 12.55 73.92 56.73
C ASN L 135 13.77 74.80 56.96
N PHE L 136 14.98 74.24 56.89
CA PHE L 136 16.19 75.01 57.03
C PHE L 136 16.57 75.77 55.76
N LEU L 137 15.87 75.53 54.67
CA LEU L 137 16.16 76.25 53.43
C LEU L 137 15.79 77.72 53.58
N PRO L 138 16.55 78.62 52.97
CA PRO L 138 16.12 80.02 52.91
C PRO L 138 14.83 80.16 52.11
N ASP L 139 14.02 81.13 52.49
CA ASP L 139 12.70 81.29 51.88
C ASP L 139 12.73 82.21 50.67
N GLU L 140 13.64 81.93 49.72
CA GLU L 140 13.69 82.65 48.46
C GLU L 140 14.42 81.80 47.45
N PRO L 141 13.99 81.77 46.19
CA PRO L 141 14.59 80.82 45.22
C PRO L 141 16.07 81.03 45.00
N GLU L 142 16.55 82.27 45.01
CA GLU L 142 17.96 82.52 44.71
C GLU L 142 18.86 81.87 45.75
N LYS L 143 18.53 82.02 47.02
CA LYS L 143 19.38 81.43 48.05
C LYS L 143 19.18 79.92 48.13
N VAL L 144 18.03 79.41 47.70
CA VAL L 144 17.86 77.96 47.57
C VAL L 144 18.82 77.42 46.51
N LYS L 145 18.89 78.10 45.37
CA LYS L 145 19.83 77.70 44.34
C LYS L 145 21.27 77.79 44.83
N GLU L 146 21.59 78.85 45.57
CA GLU L 146 22.94 78.99 46.10
C GLU L 146 23.27 77.89 47.10
N MET L 147 22.31 77.51 47.93
CA MET L 147 22.55 76.44 48.90
C MET L 147 22.71 75.10 48.21
N LYS L 148 21.92 74.84 47.17
CA LYS L 148 22.11 73.62 46.39
C LYS L 148 23.47 73.60 45.72
N LEU L 149 23.92 74.75 45.20
CA LEU L 149 25.25 74.83 44.62
C LEU L 149 26.33 74.59 45.66
N LYS L 150 26.13 75.11 46.87
CA LYS L 150 27.08 74.86 47.96
C LYS L 150 27.14 73.37 48.26
N GLU L 151 25.99 72.72 48.33
CA GLU L 151 25.96 71.28 48.57
C GLU L 151 26.71 70.52 47.49
N LEU L 152 26.48 70.89 46.23
CA LEU L 152 27.14 70.19 45.13
C LEU L 152 28.65 70.42 45.15
N LYS L 153 29.08 71.65 45.36
CA LYS L 153 30.52 71.94 45.39
C LYS L 153 31.20 71.21 46.53
N ASN L 154 30.59 71.24 47.72
CA ASN L 154 31.16 70.52 48.85
C ASN L 154 31.14 69.01 48.61
N GLY L 155 30.12 68.51 47.91
CA GLY L 155 30.08 67.08 47.62
C GLY L 155 31.17 66.65 46.66
N ARG L 156 31.40 67.42 45.60
CA ARG L 156 32.48 67.10 44.68
C ARG L 156 33.84 67.21 45.39
N LEU L 157 34.00 68.26 46.20
CA LEU L 157 35.23 68.41 46.98
C LEU L 157 35.42 67.22 47.91
N ALA L 158 34.33 66.72 48.51
CA ALA L 158 34.44 65.59 49.41
C ALA L 158 34.74 64.30 48.66
N MET L 159 34.19 64.14 47.45
CA MET L 159 34.56 62.98 46.65
C MET L 159 36.06 62.95 46.41
N LEU L 160 36.61 64.06 45.90
CA LEU L 160 38.04 64.10 45.61
C LEU L 160 38.85 63.99 46.90
N ALA L 161 38.38 64.62 47.97
CA ALA L 161 39.09 64.58 49.24
C ALA L 161 39.15 63.17 49.80
N PHE L 162 38.03 62.45 49.78
CA PHE L 162 38.04 61.09 50.28
C PHE L 162 38.92 60.20 49.41
N GLY L 163 38.86 60.37 48.09
CA GLY L 163 39.73 59.57 47.24
C GLY L 163 41.19 59.79 47.57
N GLY L 164 41.60 61.05 47.68
CA GLY L 164 42.97 61.34 48.04
C GLY L 164 43.34 60.84 49.41
N ALA L 165 42.44 61.02 50.39
CA ALA L 165 42.73 60.61 51.75
C ALA L 165 42.92 59.11 51.84
N ILE L 166 42.03 58.34 51.22
CA ILE L 166 42.14 56.89 51.32
C ILE L 166 43.36 56.39 50.54
N THR L 167 43.66 56.99 49.39
CA THR L 167 44.82 56.57 48.63
C THR L 167 46.11 56.87 49.39
N GLN L 168 46.23 58.07 49.95
CA GLN L 168 47.43 58.42 50.72
C GLN L 168 47.55 57.57 51.97
N ALA L 169 46.43 57.31 52.65
CA ALA L 169 46.48 56.48 53.84
C ALA L 169 46.94 55.06 53.51
N THR L 170 46.45 54.50 52.40
CA THR L 170 46.96 53.21 51.97
C THR L 170 48.44 53.26 51.64
N LEU L 171 48.87 54.32 50.95
CA LEU L 171 50.29 54.46 50.60
C LEU L 171 51.15 54.63 51.84
N THR L 172 50.71 55.46 52.80
CA THR L 172 51.55 55.82 53.94
C THR L 172 50.98 55.30 55.26
N GLY L 173 49.74 55.65 55.58
CA GLY L 173 49.19 55.35 56.89
C GLY L 173 48.85 56.62 57.64
N SER L 174 49.51 56.84 58.78
CA SER L 174 49.39 58.07 59.55
C SER L 174 47.95 58.35 59.96
N GLY L 175 47.68 59.58 60.39
CA GLY L 175 46.36 59.96 60.84
C GLY L 175 45.68 60.96 59.93
N PHE L 176 45.19 62.06 60.49
CA PHE L 176 44.54 63.09 59.68
C PHE L 176 45.48 63.66 58.62
N PRO L 177 46.73 64.02 58.91
CA PRO L 177 47.66 64.33 57.81
C PRO L 177 48.17 63.04 57.18
N TRP L 178 47.66 62.73 56.00
CA TRP L 178 48.02 61.49 55.33
C TRP L 178 49.32 61.59 54.54
N LEU L 179 50.15 62.58 54.86
CA LEU L 179 51.44 62.73 54.22
C LEU L 179 52.40 61.63 54.67
N TYR L 180 53.49 61.48 53.92
CA TYR L 180 54.52 60.51 54.25
C TYR L 180 55.21 60.88 55.56
N ALA M 1 -2.55 43.15 -10.14
CA ALA M 1 -1.56 42.22 -9.63
C ALA M 1 -1.62 42.15 -8.11
N HIS M 2 -0.59 41.57 -7.50
CA HIS M 2 -0.55 41.46 -6.05
C HIS M 2 -0.33 42.82 -5.41
N PRO M 3 -0.82 43.03 -4.19
CA PRO M 3 -0.70 44.35 -3.54
C PRO M 3 0.74 44.71 -3.27
N LYS M 4 0.93 45.95 -2.81
CA LYS M 4 2.27 46.46 -2.55
C LYS M 4 2.98 45.64 -1.48
N HIS M 5 2.28 45.32 -0.40
CA HIS M 5 2.84 44.41 0.59
C HIS M 5 2.69 42.98 0.07
N MET M 6 3.12 42.02 0.88
CA MET M 6 3.15 40.60 0.53
C MET M 6 4.05 40.30 -0.67
N LEU M 7 4.87 41.25 -1.09
CA LEU M 7 5.78 41.05 -2.22
C LEU M 7 7.13 40.60 -1.68
N VAL M 8 7.46 39.32 -1.89
CA VAL M 8 8.74 38.76 -1.46
C VAL M 8 9.25 37.81 -2.53
N ALA M 9 10.50 37.98 -2.92
CA ALA M 9 11.19 37.08 -3.84
C ALA M 9 10.41 36.78 -5.11
N GLY M 10 9.75 35.63 -5.15
CA GLY M 10 9.13 35.13 -6.36
C GLY M 10 7.76 35.69 -6.70
N VAL M 11 7.19 36.54 -5.85
CA VAL M 11 5.87 37.09 -6.13
C VAL M 11 5.97 38.07 -7.29
N ARG M 12 4.95 38.08 -8.15
CA ARG M 12 4.93 38.97 -9.29
C ARG M 12 4.97 40.42 -8.82
N GLY M 13 5.74 41.24 -9.55
CA GLY M 13 5.87 42.64 -9.21
C GLY M 13 6.87 42.95 -8.12
N TYR M 14 7.57 41.95 -7.59
CA TYR M 14 8.53 42.17 -6.53
C TYR M 14 9.84 42.68 -7.14
N GLU M 15 10.14 43.95 -6.90
CA GLU M 15 11.42 44.49 -7.32
C GLU M 15 12.54 43.91 -6.46
N MET M 16 13.64 43.54 -7.10
CA MET M 16 14.76 42.94 -6.38
C MET M 16 15.36 43.95 -5.41
N GLU M 17 15.77 43.46 -4.25
CA GLU M 17 16.28 44.31 -3.18
C GLU M 17 17.61 43.81 -2.70
N TRP M 18 18.44 44.73 -2.21
CA TRP M 18 19.77 44.39 -1.70
C TRP M 18 20.08 45.34 -0.54
N GLN M 19 19.99 44.85 0.68
CA GLN M 19 20.31 45.63 1.87
C GLN M 19 20.89 44.70 2.92
N PRO M 20 22.16 44.35 2.79
CA PRO M 20 22.76 43.41 3.75
C PRO M 20 23.23 44.08 5.02
N ILE M 21 23.58 45.35 4.94
CA ILE M 21 24.22 46.08 6.04
C ILE M 21 23.14 46.82 6.81
N PRO M 22 22.98 46.57 8.10
CA PRO M 22 22.02 47.35 8.90
C PRO M 22 22.48 48.78 9.06
N GLY M 23 21.80 49.72 8.39
CA GLY M 23 22.18 51.11 8.44
C GLY M 23 22.31 51.72 7.06
N ASP M 24 22.08 50.89 6.05
CA ASP M 24 22.24 51.36 4.65
C ASP M 24 20.91 51.24 3.92
N ALA M 25 20.60 52.19 3.06
CA ALA M 25 19.33 52.20 2.33
C ALA M 25 19.24 51.00 1.40
N VAL M 26 18.01 50.60 1.09
CA VAL M 26 17.79 49.47 0.21
C VAL M 26 18.17 49.85 -1.21
N LYS M 27 18.86 48.95 -1.89
CA LYS M 27 19.30 49.15 -3.26
C LYS M 27 18.63 48.11 -4.15
N TYR M 28 18.07 48.55 -5.27
CA TYR M 28 17.37 47.65 -6.17
C TYR M 28 18.23 47.39 -7.40
N PRO M 29 18.80 46.19 -7.55
CA PRO M 29 19.74 45.94 -8.65
C PRO M 29 19.08 45.45 -9.93
N LYS M 30 19.51 46.03 -11.03
CA LYS M 30 19.18 45.53 -12.36
C LYS M 30 20.08 44.35 -12.69
N PRO M 31 19.70 43.52 -13.67
CA PRO M 31 20.53 42.35 -14.02
C PRO M 31 21.97 42.71 -14.34
N ASN M 32 22.20 43.54 -15.36
CA ASN M 32 23.55 43.99 -15.76
C ASN M 32 24.42 42.75 -15.92
N SER M 33 25.58 42.68 -15.26
CA SER M 33 26.46 41.52 -15.24
C SER M 33 27.02 41.21 -16.61
N GLU M 34 26.19 40.66 -17.50
CA GLU M 34 26.64 40.42 -18.87
C GLU M 34 26.95 41.73 -19.58
N GLU M 35 26.10 42.74 -19.39
CA GLU M 35 26.33 44.03 -20.02
C GLU M 35 27.64 44.65 -19.53
N MET M 36 27.89 44.56 -18.22
CA MET M 36 29.17 45.04 -17.69
C MET M 36 30.32 44.17 -18.17
N PHE M 37 30.08 42.87 -18.34
CA PHE M 37 31.14 41.97 -18.80
C PHE M 37 31.57 42.30 -20.21
N LYS M 38 30.63 42.70 -21.07
CA LYS M 38 30.97 42.97 -22.47
C LYS M 38 31.92 44.16 -22.63
N THR M 39 31.98 45.05 -21.63
CA THR M 39 32.81 46.25 -21.68
C THR M 39 33.73 46.29 -20.48
N MET M 40 34.40 45.18 -20.23
CA MET M 40 35.14 44.96 -18.98
C MET M 40 36.62 44.76 -19.27
N ILE M 41 37.46 45.36 -18.42
CA ILE M 41 38.89 45.26 -18.60
C ILE M 41 39.36 43.83 -18.31
N GLY M 42 40.30 43.35 -19.12
CA GLY M 42 40.78 41.99 -19.13
C GLY M 42 40.79 41.47 -20.54
N ALA M 43 40.79 40.14 -20.66
CA ALA M 43 40.64 39.47 -21.95
C ALA M 43 41.74 39.88 -22.93
N ASP M 44 42.96 39.51 -22.58
CA ASP M 44 44.11 39.84 -23.40
C ASP M 44 44.34 38.74 -24.42
N VAL M 45 45.50 38.77 -25.10
CA VAL M 45 45.77 37.88 -26.22
C VAL M 45 45.89 36.43 -25.76
N GLU M 46 46.29 36.20 -24.51
CA GLU M 46 46.64 34.85 -24.07
C GLU M 46 45.48 33.87 -24.22
N THR M 47 44.24 34.36 -24.22
CA THR M 47 43.07 33.51 -24.41
C THR M 47 42.33 33.81 -25.71
N GLY M 48 43.01 34.40 -26.69
CA GLY M 48 42.40 34.69 -27.97
C GLY M 48 41.76 36.05 -28.10
N GLY M 49 42.03 36.97 -27.16
CA GLY M 49 41.48 38.30 -27.24
C GLY M 49 40.03 38.41 -26.83
N GLU M 50 39.44 37.35 -26.30
CA GLU M 50 38.06 37.35 -25.85
C GLU M 50 38.00 37.07 -24.36
N ALA M 51 36.89 37.49 -23.74
CA ALA M 51 36.72 37.35 -22.30
C ALA M 51 36.56 35.89 -21.94
N TRP M 52 37.62 35.27 -21.45
CA TRP M 52 37.63 33.84 -21.15
C TRP M 52 36.90 33.61 -19.84
N ASP M 53 35.61 33.31 -19.94
CA ASP M 53 34.80 32.92 -18.79
C ASP M 53 33.97 31.69 -19.13
N PRO M 54 34.60 30.52 -19.22
CA PRO M 54 33.81 29.27 -19.25
C PRO M 54 33.09 29.10 -17.93
N LEU M 55 32.13 28.17 -17.94
CA LEU M 55 31.26 27.88 -16.79
C LEU M 55 30.32 29.05 -16.51
N GLY M 56 30.47 30.15 -17.22
CA GLY M 56 29.54 31.27 -17.14
C GLY M 56 29.35 31.85 -15.75
N PHE M 57 30.44 32.03 -15.01
CA PHE M 57 30.31 32.55 -13.65
C PHE M 57 29.88 34.00 -13.61
N HIS M 58 30.10 34.76 -14.69
CA HIS M 58 29.67 36.15 -14.71
C HIS M 58 28.18 36.30 -15.03
N LYS M 59 27.54 35.24 -15.51
CA LYS M 59 26.13 35.31 -15.88
C LYS M 59 25.20 34.85 -14.75
N LEU M 60 25.74 34.38 -13.63
CA LEU M 60 24.90 33.84 -12.58
C LEU M 60 24.10 34.93 -11.88
N PHE M 61 24.63 36.15 -11.79
CA PHE M 61 23.85 37.23 -11.19
C PHE M 61 22.63 37.56 -12.03
N ASP M 62 22.76 37.50 -13.35
CA ASP M 62 21.58 37.63 -14.20
C ASP M 62 20.60 36.50 -13.95
N ARG M 63 21.11 35.30 -13.74
CA ARG M 63 20.26 34.15 -13.45
C ARG M 63 19.66 34.19 -12.06
N ASN M 64 20.11 35.10 -11.20
CA ASN M 64 19.45 35.27 -9.91
C ASN M 64 18.00 35.67 -10.08
N PHE M 65 17.71 36.52 -11.07
CA PHE M 65 16.35 36.95 -11.31
C PHE M 65 15.46 35.80 -11.73
N ASP M 66 16.04 34.76 -12.33
CA ASP M 66 15.28 33.58 -12.73
C ASP M 66 15.20 32.54 -11.63
N PHE M 67 16.23 32.44 -10.79
CA PHE M 67 16.24 31.41 -9.76
C PHE M 67 15.24 31.72 -8.65
N ASN M 68 15.48 32.81 -7.91
CA ASN M 68 14.58 33.18 -6.83
C ASN M 68 14.40 34.68 -6.66
N MET M 69 14.87 35.50 -7.61
CA MET M 69 14.84 36.95 -7.49
C MET M 69 15.54 37.41 -6.20
N LEU M 70 16.70 36.79 -5.92
CA LEU M 70 17.49 37.13 -4.75
C LEU M 70 18.96 37.15 -5.11
N PRO M 71 19.74 38.03 -4.51
CA PRO M 71 21.16 38.19 -4.85
C PRO M 71 22.03 37.07 -4.28
N VAL M 72 21.69 35.83 -4.62
CA VAL M 72 22.47 34.70 -4.15
C VAL M 72 23.85 34.68 -4.79
N TYR M 73 23.92 34.89 -6.10
CA TYR M 73 25.21 34.80 -6.76
C TYR M 73 25.79 36.18 -7.05
N PRO M 74 27.10 36.32 -6.97
CA PRO M 74 27.72 37.65 -7.08
C PRO M 74 27.60 38.23 -8.48
N HIS M 75 27.58 39.56 -8.53
CA HIS M 75 27.69 40.29 -9.78
C HIS M 75 29.12 40.21 -10.30
N VAL M 76 29.27 40.39 -11.61
CA VAL M 76 30.61 40.31 -12.21
C VAL M 76 31.50 41.41 -11.64
N GLN M 77 30.93 42.52 -11.20
CA GLN M 77 31.71 43.56 -10.54
C GLN M 77 32.31 43.03 -9.24
N TRP M 78 31.52 42.27 -8.47
CA TRP M 78 32.05 41.63 -7.28
C TRP M 78 33.12 40.61 -7.64
N LEU M 79 32.95 39.92 -8.77
CA LEU M 79 33.95 38.95 -9.19
C LEU M 79 35.26 39.64 -9.53
N ARG M 80 35.21 40.80 -10.19
CA ARG M 80 36.43 41.55 -10.47
C ARG M 80 37.04 42.10 -9.18
N GLU M 81 36.21 42.57 -8.25
CA GLU M 81 36.73 43.02 -6.97
C GLU M 81 37.46 41.91 -6.25
N ALA M 82 36.85 40.72 -6.22
CA ALA M 82 37.49 39.56 -5.59
C ALA M 82 38.77 39.17 -6.30
N GLU M 83 38.76 39.22 -7.64
CA GLU M 83 39.96 38.90 -8.40
C GLU M 83 41.08 39.87 -8.09
N ILE M 84 40.77 41.17 -8.03
CA ILE M 84 41.78 42.17 -7.72
C ILE M 84 42.33 41.98 -6.31
N LYS M 85 41.44 41.78 -5.35
CA LYS M 85 41.88 41.59 -3.96
C LYS M 85 42.71 40.32 -3.83
N HIS M 86 42.28 39.23 -4.45
CA HIS M 86 43.06 38.01 -4.44
C HIS M 86 44.42 38.21 -5.08
N GLY M 87 44.46 38.93 -6.19
CA GLY M 87 45.73 39.15 -6.86
C GLY M 87 46.70 39.93 -6.01
N ARG M 88 46.24 41.01 -5.39
CA ARG M 88 47.11 41.80 -4.52
C ARG M 88 47.57 40.98 -3.33
N VAL M 89 46.64 40.27 -2.68
CA VAL M 89 46.98 39.48 -1.51
C VAL M 89 47.96 38.37 -1.88
N CYS M 90 47.81 37.79 -3.07
CA CYS M 90 48.69 36.71 -3.49
C CYS M 90 50.06 37.23 -3.93
N MET M 91 50.13 38.41 -4.54
CA MET M 91 51.43 39.03 -4.77
C MET M 91 52.18 39.19 -3.46
N LEU M 92 51.52 39.78 -2.46
CA LEU M 92 52.15 39.95 -1.16
C LEU M 92 52.48 38.61 -0.53
N ALA M 93 51.61 37.61 -0.70
CA ALA M 93 51.84 36.31 -0.10
C ALA M 93 53.04 35.60 -0.72
N PHE M 94 53.18 35.69 -2.04
CA PHE M 94 54.32 35.09 -2.71
C PHE M 94 55.62 35.75 -2.26
N ILE M 95 55.63 37.09 -2.25
CA ILE M 95 56.83 37.80 -1.81
C ILE M 95 57.14 37.46 -0.35
N GLY M 96 56.11 37.32 0.48
CA GLY M 96 56.33 36.95 1.86
C GLY M 96 56.84 35.54 2.02
N CYS M 97 56.33 34.61 1.22
CA CYS M 97 56.79 33.23 1.29
C CYS M 97 58.26 33.14 0.93
N PHE M 98 58.70 33.93 -0.06
CA PHE M 98 60.10 33.88 -0.45
C PHE M 98 60.96 34.91 0.27
N ALA M 99 60.39 35.71 1.16
CA ALA M 99 61.17 36.64 1.97
C ALA M 99 61.32 36.20 3.43
N GLN M 100 60.32 35.51 3.98
CA GLN M 100 60.42 35.02 5.35
C GLN M 100 61.51 33.96 5.49
N ALA M 101 61.71 33.16 4.45
CA ALA M 101 62.74 32.11 4.50
C ALA M 101 64.13 32.68 4.61
N GLY M 102 64.33 33.94 4.22
CA GLY M 102 65.65 34.54 4.27
C GLY M 102 65.77 35.71 5.22
N TYR M 103 64.65 36.37 5.51
CA TYR M 103 64.65 37.57 6.34
C TYR M 103 63.81 37.35 7.60
N HIS M 104 64.12 38.15 8.62
CA HIS M 104 63.37 38.16 9.87
C HIS M 104 63.39 39.59 10.39
N ILE M 105 62.25 40.06 10.87
CA ILE M 105 62.07 41.46 11.21
C ILE M 105 61.88 41.67 12.72
N GLY M 106 60.79 41.16 13.28
CA GLY M 106 60.37 41.51 14.61
C GLY M 106 60.75 40.49 15.65
N SER M 107 60.13 40.61 16.83
CA SER M 107 60.31 39.66 17.92
C SER M 107 59.47 38.40 17.75
N TYR M 108 59.05 38.17 16.52
CA TYR M 108 58.29 37.01 16.23
C TYR M 108 59.19 35.77 16.35
N PRO M 109 58.61 34.57 16.62
CA PRO M 109 59.47 33.39 16.66
C PRO M 109 60.15 33.16 15.31
N VAL M 110 61.39 32.70 15.36
CA VAL M 110 62.17 32.47 14.15
C VAL M 110 61.57 31.25 13.44
N GLN M 111 60.85 31.48 12.35
CA GLN M 111 60.22 30.40 11.59
C GLN M 111 60.30 30.73 10.11
N PRO M 112 61.39 30.31 9.45
CA PRO M 112 61.49 30.55 8.00
C PRO M 112 60.39 29.90 7.19
N ASP M 113 59.88 28.76 7.65
CA ASP M 113 58.80 28.07 6.94
C ASP M 113 57.53 28.92 6.99
N TRP M 114 56.89 29.09 5.82
CA TRP M 114 55.71 29.93 5.76
C TRP M 114 54.49 29.23 6.36
N SER M 115 54.44 27.91 6.29
CA SER M 115 53.27 27.17 6.74
C SER M 115 53.15 27.09 8.26
N LYS M 116 54.20 27.46 8.99
CA LYS M 116 54.18 27.42 10.45
C LYS M 116 54.30 28.78 11.11
N ALA M 117 54.71 29.81 10.35
CA ALA M 117 54.95 31.13 10.94
C ALA M 117 53.66 31.71 11.51
N LEU M 118 52.54 31.51 10.83
CA LEU M 118 51.28 32.09 11.31
C LEU M 118 50.90 31.52 12.68
N ALA M 119 50.94 30.20 12.81
CA ALA M 119 50.60 29.59 14.09
C ALA M 119 51.60 29.96 15.18
N GLU M 120 52.90 29.97 14.83
CA GLU M 120 53.90 30.29 15.85
C GLU M 120 53.81 31.73 16.30
N CYS M 121 53.37 32.63 15.41
CA CYS M 121 53.13 34.01 15.81
C CYS M 121 51.83 34.16 16.58
N TYR M 122 50.85 33.29 16.32
CA TYR M 122 49.67 33.22 17.19
C TYR M 122 50.09 32.88 18.60
N ALA M 123 50.98 31.89 18.76
CA ALA M 123 51.38 31.45 20.08
C ALA M 123 52.29 32.44 20.80
N SER M 124 52.90 33.37 20.07
CA SER M 124 53.88 34.26 20.68
C SER M 124 53.18 35.34 21.49
N PRO M 125 53.53 35.52 22.77
CA PRO M 125 52.96 36.65 23.52
C PRO M 125 53.29 38.00 22.90
N THR M 126 54.49 38.15 22.34
CA THR M 126 54.87 39.34 21.60
C THR M 126 54.71 39.14 20.10
N GLY M 127 53.86 38.21 19.69
CA GLY M 127 53.49 38.09 18.30
C GLY M 127 52.00 38.24 18.12
N ALA M 128 51.25 37.87 19.17
CA ALA M 128 49.80 38.04 19.13
C ALA M 128 49.42 39.51 19.07
N VAL M 129 50.13 40.37 19.79
CA VAL M 129 49.84 41.80 19.74
C VAL M 129 50.09 42.34 18.34
N GLY M 130 51.19 41.94 17.72
CA GLY M 130 51.47 42.40 16.38
C GLY M 130 50.47 41.91 15.36
N LEU M 131 50.05 40.65 15.48
CA LEU M 131 49.04 40.13 14.56
C LEU M 131 47.69 40.79 14.81
N PHE M 132 47.37 41.14 16.05
CA PHE M 132 46.16 41.90 16.33
C PHE M 132 46.21 43.27 15.68
N GLN M 133 47.37 43.94 15.75
CA GLN M 133 47.51 45.24 15.10
C GLN M 133 47.38 45.10 13.59
N ILE M 134 47.99 44.07 13.00
CA ILE M 134 47.84 43.81 11.57
C ILE M 134 46.37 43.60 11.24
N SER M 135 45.67 42.82 12.06
CA SER M 135 44.27 42.51 11.79
C SER M 135 43.40 43.75 11.86
N VAL M 136 43.63 44.61 12.87
CA VAL M 136 42.79 45.80 12.97
C VAL M 136 43.10 46.78 11.85
N LEU M 137 44.37 46.88 11.44
CA LEU M 137 44.69 47.75 10.31
C LEU M 137 44.05 47.25 9.02
N ILE M 138 44.11 45.93 8.79
CA ILE M 138 43.48 45.35 7.61
C ILE M 138 41.98 45.55 7.65
N GLY M 139 41.38 45.35 8.83
CA GLY M 139 39.95 45.57 8.97
C GLY M 139 39.55 47.02 8.71
N TRP M 140 40.38 47.96 9.16
CA TRP M 140 40.10 49.37 8.87
C TRP M 140 40.15 49.63 7.37
N ILE M 141 41.25 49.24 6.72
CA ILE M 141 41.41 49.52 5.31
C ILE M 141 40.47 48.68 4.44
N GLU M 142 39.81 47.68 5.03
CA GLU M 142 38.86 46.85 4.32
C GLU M 142 37.41 47.30 4.49
N GLY M 143 37.04 47.73 5.70
CA GLY M 143 35.72 48.27 5.92
C GLY M 143 35.56 49.69 5.40
N LYS M 144 36.66 50.46 5.38
CA LYS M 144 36.62 51.76 4.73
C LYS M 144 36.35 51.60 3.24
N ASN M 145 37.05 50.68 2.60
CA ASN M 145 36.76 50.29 1.22
C ASN M 145 35.92 49.01 1.20
N TYR M 146 34.71 49.13 1.75
CA TYR M 146 33.87 47.97 1.98
C TYR M 146 33.41 47.32 0.68
N ASN M 147 33.41 48.07 -0.44
CA ASN M 147 32.73 47.67 -1.67
C ASN M 147 31.39 47.02 -1.32
N GLY M 148 31.32 45.69 -1.33
CA GLY M 148 30.14 45.01 -0.83
C GLY M 148 28.94 45.17 -1.74
N ASP M 149 28.59 46.42 -2.03
CA ASP M 149 27.53 46.71 -2.98
C ASP M 149 27.90 46.27 -4.39
N ALA M 150 29.16 45.95 -4.64
CA ALA M 150 29.53 45.34 -5.91
C ALA M 150 28.94 43.96 -6.09
N TRP M 151 28.44 43.35 -5.00
CA TRP M 151 27.76 42.07 -5.10
C TRP M 151 26.56 42.16 -6.03
N VAL M 152 25.93 43.34 -6.13
CA VAL M 152 24.80 43.55 -7.01
C VAL M 152 25.15 44.51 -8.14
N GLY M 153 26.43 44.80 -8.35
CA GLY M 153 26.84 45.57 -9.50
C GLY M 153 26.70 47.07 -9.39
N MET M 154 26.49 47.61 -8.19
CA MET M 154 26.45 49.05 -8.00
C MET M 154 27.42 49.41 -6.88
N SER M 155 28.68 49.58 -7.24
CA SER M 155 29.72 49.91 -6.26
C SER M 155 30.11 51.37 -6.29
N GLU M 156 29.73 52.11 -7.33
CA GLU M 156 30.04 53.52 -7.51
C GLU M 156 31.55 53.78 -7.60
N LYS M 157 32.35 52.72 -7.63
CA LYS M 157 33.80 52.82 -7.71
C LYS M 157 34.31 51.70 -8.60
N GLU M 158 35.30 52.01 -9.43
CA GLU M 158 35.89 50.97 -10.25
C GLU M 158 36.59 49.95 -9.36
N PRO M 159 36.64 48.69 -9.77
CA PRO M 159 37.18 47.65 -8.89
C PRO M 159 38.63 47.94 -8.49
N GLY M 160 38.94 47.65 -7.23
CA GLY M 160 40.27 47.88 -6.71
C GLY M 160 40.67 49.34 -6.69
N ASP M 161 39.80 50.19 -6.19
CA ASP M 161 40.04 51.64 -6.18
C ASP M 161 40.10 52.16 -4.76
N LEU M 162 40.86 51.50 -3.91
CA LEU M 162 41.09 52.00 -2.56
C LEU M 162 41.71 53.40 -2.60
N GLY M 163 41.61 54.10 -1.49
CA GLY M 163 42.21 55.43 -1.41
C GLY M 163 43.71 55.37 -1.26
N PHE M 164 44.41 54.91 -2.30
CA PHE M 164 45.85 54.69 -2.21
C PHE M 164 46.48 54.97 -3.56
N ASP M 165 47.20 56.08 -3.66
CA ASP M 165 47.99 56.41 -4.85
C ASP M 165 49.04 57.45 -4.49
N PRO M 166 50.07 57.08 -3.72
CA PRO M 166 51.08 58.08 -3.34
C PRO M 166 51.80 58.70 -4.52
N ALA M 167 52.02 57.96 -5.59
CA ALA M 167 52.68 58.50 -6.76
C ALA M 167 51.70 59.31 -7.60
N GLY M 168 52.18 59.77 -8.75
CA GLY M 168 51.38 60.58 -9.65
C GLY M 168 50.48 59.81 -10.59
N PHE M 169 50.41 58.49 -10.43
CA PHE M 169 49.59 57.67 -11.29
C PHE M 169 48.11 58.03 -11.15
N THR M 170 47.33 57.67 -12.18
CA THR M 170 45.90 57.95 -12.27
C THR M 170 45.66 59.45 -12.46
N LYS M 171 46.72 60.24 -12.43
CA LYS M 171 46.63 61.69 -12.60
C LYS M 171 47.48 62.23 -13.74
N ASN M 172 48.55 61.54 -14.13
CA ASN M 172 49.37 62.01 -15.23
C ASN M 172 48.59 61.91 -16.54
N PRO M 173 48.76 62.87 -17.45
CA PRO M 173 48.09 62.75 -18.76
C PRO M 173 48.52 61.50 -19.52
N ASP M 174 49.78 61.11 -19.42
CA ASP M 174 50.27 59.86 -19.99
C ASP M 174 49.95 58.73 -19.02
N PHE M 175 50.59 57.57 -19.24
CA PHE M 175 50.41 56.40 -18.38
C PHE M 175 48.94 55.96 -18.37
N ASP M 176 48.51 55.49 -19.54
CA ASP M 176 47.16 54.95 -19.70
C ASP M 176 46.84 53.95 -18.60
N LEU M 177 45.81 54.26 -17.81
CA LEU M 177 45.48 53.43 -16.67
C LEU M 177 44.88 52.10 -17.07
N LYS M 178 44.38 51.97 -18.30
CA LYS M 178 43.86 50.69 -18.76
C LYS M 178 44.96 49.64 -18.81
N LYS M 179 46.12 49.99 -19.36
CA LYS M 179 47.23 49.05 -19.40
C LYS M 179 47.72 48.71 -18.00
N ALA M 180 47.76 49.71 -17.10
CA ALA M 180 48.18 49.44 -15.74
C ALA M 180 47.21 48.49 -15.04
N GLN M 181 45.91 48.69 -15.25
CA GLN M 181 44.92 47.79 -14.66
C GLN M 181 45.05 46.39 -15.22
N LEU M 182 45.25 46.26 -16.54
CA LEU M 182 45.43 44.94 -17.13
C LEU M 182 46.67 44.26 -16.57
N GLN M 183 47.77 45.01 -16.42
CA GLN M 183 48.98 44.44 -15.84
C GLN M 183 48.73 44.00 -14.41
N GLU M 184 48.04 44.81 -13.63
CA GLU M 184 47.74 44.44 -12.24
C GLU M 184 46.92 43.16 -12.19
N ILE M 185 45.88 43.07 -13.03
CA ILE M 185 45.01 41.90 -13.02
C ILE M 185 45.77 40.65 -13.42
N LYS M 186 46.57 40.74 -14.49
CA LYS M 186 47.26 39.56 -14.98
C LYS M 186 48.38 39.14 -14.05
N ASN M 187 49.11 40.09 -13.48
CA ASN M 187 50.11 39.75 -12.48
C ASN M 187 49.46 39.18 -11.22
N GLY M 188 48.25 39.64 -10.89
CA GLY M 188 47.55 39.06 -9.76
C GLY M 188 47.15 37.62 -10.02
N ARG M 189 46.63 37.33 -11.21
CA ARG M 189 46.33 35.96 -11.57
C ARG M 189 47.58 35.10 -11.54
N LEU M 190 48.69 35.66 -12.02
CA LEU M 190 49.97 34.95 -12.00
C LEU M 190 50.41 34.67 -10.57
N ALA M 191 50.24 35.63 -9.67
CA ALA M 191 50.61 35.43 -8.28
C ALA M 191 49.71 34.39 -7.62
N MET M 192 48.44 34.37 -7.98
CA MET M 192 47.54 33.36 -7.44
C MET M 192 47.94 31.97 -7.93
N VAL M 193 48.32 31.85 -9.19
CA VAL M 193 48.85 30.58 -9.70
C VAL M 193 50.12 30.21 -8.94
N GLY M 194 50.98 31.18 -8.66
CA GLY M 194 52.20 30.90 -7.92
C GLY M 194 51.93 30.44 -6.51
N CYS M 195 50.96 31.05 -5.84
CA CYS M 195 50.60 30.62 -4.48
C CYS M 195 49.99 29.22 -4.50
N ALA M 196 49.17 28.91 -5.51
CA ALA M 196 48.65 27.56 -5.65
C ALA M 196 49.77 26.57 -5.88
N SER M 197 50.78 26.95 -6.67
CA SER M 197 51.94 26.09 -6.87
C SER M 197 52.71 25.88 -5.58
N ILE M 198 52.86 26.93 -4.78
CA ILE M 198 53.53 26.82 -3.49
C ILE M 198 52.78 25.84 -2.59
N ALA M 199 51.45 25.97 -2.54
CA ALA M 199 50.67 25.05 -1.72
C ALA M 199 50.80 23.61 -2.22
N ALA M 200 50.75 23.42 -3.53
CA ALA M 200 50.88 22.08 -4.09
C ALA M 200 52.24 21.48 -3.78
N ASN M 201 53.30 22.28 -3.90
CA ASN M 201 54.64 21.80 -3.56
C ASN M 201 54.74 21.45 -2.10
N HIS M 202 54.13 22.27 -1.23
CA HIS M 202 54.15 21.97 0.20
C HIS M 202 53.42 20.67 0.50
N PHE M 203 52.33 20.41 -0.21
CA PHE M 203 51.56 19.19 0.03
C PHE M 203 52.02 18.02 -0.84
N ILE M 204 52.23 18.26 -2.13
CA ILE M 204 52.67 17.20 -3.04
C ILE M 204 54.05 17.57 -3.57
N PRO M 205 55.12 17.07 -2.95
CA PRO M 205 56.47 17.45 -3.39
C PRO M 205 56.73 17.03 -4.83
N GLY M 206 57.51 17.86 -5.52
CA GLY M 206 57.81 17.62 -6.91
C GLY M 206 56.73 18.04 -7.88
N SER M 207 55.65 18.66 -7.40
CA SER M 207 54.59 19.11 -8.30
C SER M 207 55.10 20.19 -9.26
N VAL M 208 55.52 21.32 -8.70
CA VAL M 208 56.13 22.39 -9.49
C VAL M 208 57.64 22.12 -9.52
N PRO M 209 58.22 21.89 -10.69
CA PRO M 209 59.63 21.49 -10.72
C PRO M 209 60.58 22.67 -10.63
N LEU M 210 60.27 23.63 -9.76
CA LEU M 210 61.18 24.72 -9.47
C LEU M 210 61.25 25.05 -7.99
N LEU M 211 60.34 24.55 -7.16
CA LEU M 211 60.34 24.78 -5.72
C LEU M 211 60.50 23.47 -4.96
N THR M 212 61.24 22.52 -5.54
CA THR M 212 61.36 21.20 -4.92
C THR M 212 62.00 21.29 -3.54
N GLY M 213 63.05 22.08 -3.40
CA GLY M 213 63.67 22.28 -2.11
C GLY M 213 63.02 23.29 -1.21
N PHE M 214 61.98 23.97 -1.70
CA PHE M 214 61.30 24.99 -0.92
C PHE M 214 60.41 24.35 0.14
N TYR M 215 60.06 25.14 1.14
CA TYR M 215 59.21 24.67 2.25
C TYR M 215 57.84 24.25 1.75
N LYS N 1 7.16 -2.41 -57.89
CA LYS N 1 7.65 -1.04 -57.74
C LYS N 1 9.15 -1.02 -57.46
N GLU N 2 9.63 0.10 -56.92
CA GLU N 2 11.05 0.26 -56.68
C GLU N 2 11.54 -0.67 -55.59
N THR N 3 12.67 -1.33 -55.83
CA THR N 3 13.30 -2.22 -54.86
C THR N 3 14.77 -1.84 -54.71
N SER N 4 15.33 -2.16 -53.55
CA SER N 4 16.72 -1.83 -53.29
C SER N 4 17.64 -2.62 -54.21
N ALA N 5 18.67 -1.95 -54.73
CA ALA N 5 19.60 -2.61 -55.63
C ALA N 5 20.36 -3.73 -54.92
N SER N 6 20.81 -3.49 -53.70
CA SER N 6 21.53 -4.52 -52.96
C SER N 6 20.60 -5.66 -52.57
N VAL N 7 19.45 -5.34 -51.98
CA VAL N 7 18.53 -6.38 -51.53
C VAL N 7 17.31 -6.37 -52.44
N PRO N 8 17.27 -7.20 -53.47
CA PRO N 8 16.17 -7.13 -54.45
C PRO N 8 14.81 -7.51 -53.89
N PHE N 9 14.75 -8.18 -52.74
CA PHE N 9 13.48 -8.60 -52.16
C PHE N 9 12.98 -7.64 -51.10
N LEU N 10 13.54 -6.43 -51.04
CA LEU N 10 13.12 -5.43 -50.09
C LEU N 10 12.93 -4.09 -50.78
N PRO N 11 12.08 -3.22 -50.23
CA PRO N 11 11.82 -1.94 -50.89
C PRO N 11 13.06 -1.06 -50.92
N LYS N 12 13.12 -0.20 -51.92
CA LYS N 12 14.23 0.74 -52.03
C LYS N 12 14.15 1.74 -50.89
N PRO N 13 15.15 1.82 -50.01
CA PRO N 13 15.07 2.73 -48.87
C PRO N 13 15.30 4.17 -49.32
N LYS N 14 14.43 5.07 -48.85
CA LYS N 14 14.59 6.48 -49.12
C LYS N 14 15.69 7.06 -48.23
N ASN N 15 15.95 8.35 -48.39
CA ASN N 15 16.99 9.10 -47.68
C ASN N 15 18.39 8.64 -48.03
N LEU N 16 18.54 7.66 -48.93
CA LEU N 16 19.85 7.25 -49.42
C LEU N 16 20.12 7.77 -50.83
N ALA N 17 19.29 8.69 -51.32
CA ALA N 17 19.37 9.09 -52.72
C ALA N 17 20.66 9.83 -53.03
N GLY N 18 20.85 11.01 -52.45
CA GLY N 18 22.10 11.71 -52.66
C GLY N 18 23.10 11.47 -51.55
N TRP N 19 23.96 10.48 -51.72
CA TRP N 19 24.97 10.12 -50.73
C TRP N 19 26.04 9.31 -51.42
N VAL N 20 27.20 9.23 -50.78
CA VAL N 20 28.36 8.62 -51.41
C VAL N 20 28.13 7.13 -51.63
N GLY N 21 27.67 6.43 -50.60
CA GLY N 21 27.48 4.99 -50.71
C GLY N 21 26.04 4.60 -50.93
N GLY N 22 25.21 5.55 -51.32
CA GLY N 22 23.78 5.30 -51.45
C GLY N 22 23.34 4.62 -52.72
N GLU N 23 24.23 4.46 -53.69
CA GLU N 23 23.83 3.83 -54.95
C GLU N 23 23.51 2.35 -54.75
N THR N 24 24.17 1.69 -53.80
CA THR N 24 23.81 0.31 -53.48
C THR N 24 22.59 0.23 -52.58
N GLU N 25 22.17 1.34 -51.98
CA GLU N 25 20.93 1.48 -51.20
C GLU N 25 20.65 0.25 -50.35
N PHE N 26 21.59 -0.04 -49.46
CA PHE N 26 21.48 -1.16 -48.54
C PHE N 26 21.02 -0.65 -47.18
N ASP N 27 19.76 -0.90 -46.85
CA ASP N 27 19.23 -0.58 -45.53
C ASP N 27 17.99 -1.42 -45.27
N PRO N 28 18.14 -2.69 -44.93
CA PRO N 28 16.97 -3.56 -44.75
C PRO N 28 16.13 -3.16 -43.55
N ILE N 29 16.77 -2.98 -42.39
CA ILE N 29 16.03 -2.62 -41.17
C ILE N 29 15.40 -1.24 -41.34
N GLY N 30 16.15 -0.30 -41.88
CA GLY N 30 15.59 1.00 -42.19
C GLY N 30 15.82 2.05 -41.13
N PHE N 31 17.05 2.16 -40.63
CA PHE N 31 17.38 3.27 -39.75
C PHE N 31 17.36 4.60 -40.49
N SER N 32 17.33 4.58 -41.82
CA SER N 32 17.22 5.81 -42.59
C SER N 32 15.92 6.53 -42.29
N ASN N 33 14.82 5.79 -42.22
CA ASN N 33 13.52 6.39 -41.96
C ASN N 33 13.38 6.88 -40.53
N TRP N 34 14.16 6.33 -39.61
CA TRP N 34 14.03 6.68 -38.19
C TRP N 34 14.97 7.78 -37.76
N PHE N 35 16.19 7.81 -38.29
CA PHE N 35 17.21 8.73 -37.82
C PHE N 35 17.65 9.68 -38.92
N ASP N 36 18.26 10.78 -38.49
CA ASP N 36 18.85 11.73 -39.42
C ASP N 36 19.98 11.06 -40.18
N MET N 37 19.95 11.19 -41.51
CA MET N 37 20.98 10.54 -42.32
C MET N 37 22.34 11.18 -42.12
N LYS N 38 22.38 12.48 -41.81
CA LYS N 38 23.65 13.13 -41.54
C LYS N 38 24.35 12.49 -40.35
N TRP N 39 23.61 12.24 -39.27
CA TRP N 39 24.21 11.61 -38.11
C TRP N 39 24.66 10.18 -38.41
N LEU N 40 23.84 9.44 -39.17
CA LEU N 40 24.23 8.08 -39.52
C LEU N 40 25.50 8.05 -40.36
N ARG N 41 25.61 8.96 -41.32
CA ARG N 41 26.81 9.03 -42.14
C ARG N 41 28.02 9.44 -41.32
N GLU N 42 27.84 10.43 -40.43
CA GLU N 42 28.96 10.84 -39.57
C GLU N 42 29.41 9.68 -38.69
N ALA N 43 28.46 8.94 -38.12
CA ALA N 43 28.81 7.80 -37.29
C ALA N 43 29.51 6.71 -38.09
N GLU N 44 29.03 6.43 -39.30
CA GLU N 44 29.69 5.42 -40.13
C GLU N 44 31.10 5.83 -40.47
N LEU N 45 31.29 7.09 -40.88
CA LEU N 45 32.63 7.55 -41.22
C LEU N 45 33.55 7.51 -40.01
N LYS N 46 33.05 7.95 -38.85
CA LYS N 46 33.88 7.93 -37.64
C LYS N 46 34.23 6.52 -37.23
N HIS N 47 33.27 5.60 -37.29
CA HIS N 47 33.56 4.20 -36.99
C HIS N 47 34.59 3.64 -37.95
N GLY N 48 34.44 3.92 -39.24
CA GLY N 48 35.39 3.40 -40.20
C GLY N 48 36.79 3.93 -39.99
N ARG N 49 36.90 5.24 -39.73
CA ARG N 49 38.21 5.83 -39.49
C ARG N 49 38.84 5.28 -38.22
N VAL N 50 38.06 5.22 -37.13
CA VAL N 50 38.56 4.68 -35.87
C VAL N 50 39.02 3.25 -36.06
N CYS N 51 38.25 2.45 -36.81
CA CYS N 51 38.59 1.05 -36.99
C CYS N 51 39.74 0.84 -37.96
N MET N 52 39.94 1.73 -38.93
CA MET N 52 41.12 1.64 -39.78
C MET N 52 42.39 1.92 -38.98
N MET N 53 42.36 3.00 -38.20
CA MET N 53 43.49 3.27 -37.31
C MET N 53 43.67 2.15 -36.30
N ALA N 54 42.57 1.58 -35.81
CA ALA N 54 42.64 0.47 -34.87
C ALA N 54 43.21 -0.77 -35.52
N THR N 55 42.88 -1.02 -36.78
CA THR N 55 43.40 -2.19 -37.47
C THR N 55 44.90 -2.06 -37.69
N VAL N 56 45.36 -0.90 -38.16
CA VAL N 56 46.80 -0.77 -38.34
C VAL N 56 47.53 -0.80 -37.01
N GLY N 57 46.92 -0.25 -35.95
CA GLY N 57 47.54 -0.37 -34.64
C GLY N 57 47.61 -1.80 -34.15
N PHE N 58 46.50 -2.53 -34.27
CA PHE N 58 46.44 -3.93 -33.82
C PHE N 58 47.46 -4.78 -34.57
N VAL N 59 47.58 -4.55 -35.88
CA VAL N 59 48.55 -5.31 -36.67
C VAL N 59 49.98 -4.92 -36.30
N LEU N 60 50.25 -3.62 -36.20
CA LEU N 60 51.61 -3.13 -36.07
C LEU N 60 52.06 -2.93 -34.63
N GLN N 61 51.17 -3.10 -33.65
CA GLN N 61 51.61 -2.95 -32.26
C GLN N 61 52.65 -3.99 -31.86
N PRO N 62 52.44 -5.30 -32.04
CA PRO N 62 53.50 -6.26 -31.67
C PRO N 62 54.78 -6.06 -32.45
N TYR N 63 54.70 -5.27 -33.53
CA TYR N 63 55.93 -4.93 -34.28
C TYR N 63 56.49 -3.66 -33.65
N ILE N 64 56.27 -2.49 -34.26
CA ILE N 64 56.71 -1.23 -33.60
C ILE N 64 56.55 -1.48 -32.10
N GLY N 65 57.65 -1.65 -31.37
CA GLY N 65 57.58 -2.02 -29.95
C GLY N 65 56.57 -1.24 -29.13
N ALA N 66 57.04 -0.32 -28.30
CA ALA N 66 56.12 0.40 -27.40
C ALA N 66 56.84 1.60 -26.80
N TYR N 67 56.28 2.16 -25.73
CA TYR N 67 56.94 3.29 -25.04
C TYR N 67 58.14 2.72 -24.27
N PRO N 68 59.28 3.43 -24.20
CA PRO N 68 60.45 2.87 -23.55
C PRO N 68 60.04 2.38 -22.17
N GLY N 69 59.89 1.06 -22.00
CA GLY N 69 59.58 0.52 -20.66
C GLY N 69 58.44 -0.47 -20.72
N VAL N 70 57.39 -0.16 -21.50
CA VAL N 70 56.21 -1.06 -21.54
C VAL N 70 56.46 -2.13 -22.60
N GLU N 71 55.92 -3.33 -22.38
CA GLU N 71 56.16 -4.45 -23.31
C GLU N 71 54.93 -4.65 -24.18
N MET N 72 54.89 -4.03 -25.36
CA MET N 72 53.73 -4.26 -26.27
C MET N 72 53.53 -5.76 -26.38
N PRO N 73 52.45 -6.33 -25.80
CA PRO N 73 52.27 -7.76 -25.83
C PRO N 73 51.96 -8.18 -27.28
N ALA N 74 52.43 -9.36 -27.69
CA ALA N 74 52.13 -9.86 -29.05
C ALA N 74 50.62 -9.81 -29.23
N ASP N 75 49.87 -10.38 -28.30
CA ASP N 75 48.42 -10.23 -28.38
C ASP N 75 48.07 -8.80 -27.98
N SER N 76 47.54 -8.03 -28.92
CA SER N 76 47.28 -6.61 -28.70
C SER N 76 46.19 -6.36 -27.68
N LEU N 77 45.42 -7.37 -27.30
CA LEU N 77 44.36 -7.16 -26.32
C LEU N 77 44.91 -6.81 -24.94
N GLN N 78 46.08 -7.35 -24.59
CA GLN N 78 46.69 -7.06 -23.30
C GLN N 78 47.49 -5.77 -23.30
N ALA N 79 47.58 -5.07 -24.43
CA ALA N 79 48.27 -3.80 -24.46
C ALA N 79 47.58 -2.77 -23.58
N VAL N 80 46.27 -2.89 -23.39
CA VAL N 80 45.58 -1.98 -22.49
C VAL N 80 46.07 -2.16 -21.06
N TYR N 81 46.37 -3.41 -20.67
CA TYR N 81 46.93 -3.66 -19.36
C TYR N 81 48.38 -3.21 -19.29
N ALA N 82 49.12 -3.41 -20.38
CA ALA N 82 50.53 -3.02 -20.41
C ALA N 82 50.72 -1.52 -20.60
N ALA N 83 49.67 -0.77 -20.91
CA ALA N 83 49.81 0.65 -21.19
C ALA N 83 50.02 1.43 -19.89
N PRO N 84 50.91 2.42 -19.89
CA PRO N 84 51.08 3.27 -18.71
C PRO N 84 49.84 4.12 -18.47
N SER N 85 49.63 4.47 -17.20
CA SER N 85 48.51 5.33 -16.84
C SER N 85 48.64 6.70 -17.49
N GLU N 86 49.86 7.25 -17.51
CA GLU N 86 50.08 8.54 -18.15
C GLU N 86 49.76 8.48 -19.64
N ALA N 87 50.13 7.37 -20.29
CA ALA N 87 49.81 7.21 -21.71
C ALA N 87 48.30 7.17 -21.93
N TRP N 88 47.58 6.46 -21.09
CA TRP N 88 46.12 6.42 -21.20
C TRP N 88 45.51 7.80 -21.00
N PHE N 89 46.01 8.54 -20.00
CA PHE N 89 45.47 9.88 -19.76
C PHE N 89 45.76 10.80 -20.93
N ALA N 90 46.96 10.71 -21.50
CA ALA N 90 47.28 11.53 -22.67
C ALA N 90 46.40 11.16 -23.85
N PHE N 91 46.16 9.87 -24.06
CA PHE N 91 45.29 9.43 -25.15
C PHE N 91 43.86 9.93 -24.95
N ILE N 92 43.35 9.84 -23.72
CA ILE N 92 42.00 10.32 -23.44
C ILE N 92 41.91 11.82 -23.66
N PHE N 93 42.90 12.58 -23.18
CA PHE N 93 42.90 14.01 -23.37
C PHE N 93 42.93 14.38 -24.85
N ALA N 94 43.79 13.71 -25.61
CA ALA N 94 43.90 14.01 -27.04
C ALA N 94 42.60 13.69 -27.76
N ALA N 95 42.00 12.54 -27.47
CA ALA N 95 40.74 12.17 -28.11
C ALA N 95 39.65 13.16 -27.74
N GLY N 96 39.57 13.55 -26.47
CA GLY N 96 38.54 14.49 -26.07
C GLY N 96 38.70 15.84 -26.75
N TYR N 97 39.92 16.36 -26.78
CA TYR N 97 40.14 17.65 -27.45
C TYR N 97 39.82 17.55 -28.93
N ILE N 98 40.30 16.50 -29.60
CA ILE N 98 40.11 16.36 -31.03
C ILE N 98 38.63 16.25 -31.36
N GLU N 99 37.89 15.46 -30.59
CA GLU N 99 36.49 15.20 -30.91
C GLU N 99 35.56 16.28 -30.37
N SER N 100 36.03 17.13 -29.47
CA SER N 100 35.18 18.20 -28.95
C SER N 100 35.42 19.53 -29.64
N SER N 101 36.63 19.79 -30.13
CA SER N 101 36.87 20.98 -30.92
C SER N 101 36.44 20.81 -32.38
N SER N 102 36.20 19.58 -32.81
CA SER N 102 35.83 19.35 -34.20
C SER N 102 34.42 19.87 -34.50
N TYR N 103 33.54 19.86 -33.50
CA TYR N 103 32.16 20.26 -33.69
C TYR N 103 31.80 21.52 -32.92
N ASN N 104 32.79 22.19 -32.32
CA ASN N 104 32.57 23.43 -31.56
C ASN N 104 31.55 23.23 -30.44
N GLY N 105 31.58 22.04 -29.84
CA GLY N 105 30.70 21.73 -28.74
C GLY N 105 29.37 21.12 -29.13
N LYS N 106 28.95 21.28 -30.38
CA LYS N 106 27.74 20.63 -30.89
C LYS N 106 28.09 19.19 -31.24
N ILE N 107 28.33 18.41 -30.19
CA ILE N 107 28.90 17.08 -30.32
C ILE N 107 27.86 16.02 -29.98
N THR N 108 26.59 16.35 -30.15
CA THR N 108 25.52 15.48 -29.71
C THR N 108 24.55 15.25 -30.86
N GLN N 109 23.82 14.13 -30.78
CA GLN N 109 22.95 13.72 -31.88
C GLN N 109 21.83 14.74 -32.12
N LEU N 110 21.43 15.46 -31.09
CA LEU N 110 20.38 16.46 -31.25
C LEU N 110 20.89 17.79 -31.79
N ASN N 111 22.17 18.10 -31.60
CA ASN N 111 22.69 19.42 -31.92
C ASN N 111 23.82 19.44 -32.94
N MET N 112 24.37 18.29 -33.33
CA MET N 112 25.53 18.30 -34.22
C MET N 112 25.18 18.87 -35.59
N PHE N 113 24.25 18.22 -36.29
CA PHE N 113 23.84 18.69 -37.61
C PHE N 113 22.60 19.56 -37.53
N GLU N 114 22.66 20.60 -36.69
CA GLU N 114 21.57 21.56 -36.57
C GLU N 114 21.96 22.96 -37.02
N ASP N 115 23.25 23.28 -37.10
CA ASP N 115 23.69 24.61 -37.47
C ASP N 115 23.26 24.96 -38.90
N SER N 116 23.84 24.26 -39.88
CA SER N 116 23.57 24.54 -41.29
C SER N 116 24.42 23.66 -42.20
N ASP N 117 25.65 24.08 -42.47
CA ASP N 117 26.51 23.47 -43.48
C ASP N 117 27.49 22.46 -42.88
N ARG N 118 27.09 21.77 -41.81
CA ARG N 118 27.93 20.71 -41.25
C ARG N 118 27.92 19.50 -42.17
N VAL N 119 28.91 19.40 -43.05
CA VAL N 119 28.98 18.25 -43.95
C VAL N 119 29.27 17.00 -43.13
N PRO N 120 28.54 15.90 -43.34
CA PRO N 120 28.74 14.71 -42.51
C PRO N 120 30.12 14.09 -42.75
N GLY N 121 30.91 14.04 -41.69
CA GLY N 121 32.23 13.44 -41.76
C GLY N 121 33.32 14.34 -42.27
N ASN N 122 33.04 15.62 -42.47
CA ASN N 122 34.03 16.58 -42.98
C ASN N 122 34.53 17.40 -41.81
N LEU N 123 35.58 16.91 -41.15
CA LEU N 123 36.19 17.61 -40.04
C LEU N 123 37.23 18.63 -40.48
N GLY N 124 37.47 18.75 -41.79
CA GLY N 124 38.42 19.71 -42.29
C GLY N 124 39.86 19.22 -42.37
N TRP N 125 40.10 17.93 -42.14
CA TRP N 125 41.46 17.37 -42.21
C TRP N 125 41.76 17.03 -43.66
N GLY N 126 42.36 17.98 -44.38
CA GLY N 126 42.70 17.73 -45.76
C GLY N 126 41.53 17.71 -46.70
N SER N 127 40.46 18.44 -46.39
CA SER N 127 39.32 18.52 -47.29
C SER N 127 39.64 19.24 -48.59
N THR N 128 40.76 19.97 -48.63
CA THR N 128 41.12 20.70 -49.84
C THR N 128 41.40 19.78 -51.02
N ARG N 129 41.85 18.56 -50.74
CA ARG N 129 42.11 17.62 -51.83
C ARG N 129 40.82 17.31 -52.59
N LEU N 130 39.69 17.23 -51.87
CA LEU N 130 38.40 17.11 -52.53
C LEU N 130 37.90 18.44 -53.08
N GLU N 131 38.40 19.57 -52.56
CA GLU N 131 37.99 20.87 -53.09
C GLU N 131 38.34 21.01 -54.55
N GLY N 132 39.43 20.37 -54.99
CA GLY N 132 39.72 20.27 -56.40
C GLY N 132 38.98 19.09 -57.01
N MET N 133 39.67 18.33 -57.86
CA MET N 133 39.12 17.13 -58.48
C MET N 133 37.82 17.44 -59.23
N SER N 134 37.07 16.41 -59.62
CA SER N 134 35.87 16.61 -60.43
C SER N 134 34.76 15.70 -59.92
N LYS N 135 33.96 16.21 -58.99
CA LYS N 135 32.72 15.59 -58.50
C LYS N 135 32.76 14.07 -58.46
N GLU N 136 32.72 13.44 -59.63
CA GLU N 136 32.74 11.98 -59.70
C GLU N 136 34.01 11.41 -59.08
N GLU N 137 35.16 12.06 -59.32
CA GLU N 137 36.40 11.61 -58.71
C GLU N 137 36.37 11.82 -57.20
N SER N 138 35.85 12.95 -56.74
CA SER N 138 35.77 13.18 -55.29
C SER N 138 34.82 12.19 -54.63
N GLU N 139 33.66 11.93 -55.25
CA GLU N 139 32.75 10.93 -54.73
C GLU N 139 33.38 9.54 -54.75
N LEU N 140 34.21 9.26 -55.76
CA LEU N 140 34.91 7.99 -55.81
C LEU N 140 35.89 7.86 -54.65
N MET N 141 36.61 8.94 -54.34
CA MET N 141 37.52 8.92 -53.20
C MET N 141 36.76 8.71 -51.89
N GLN N 142 35.62 9.39 -51.73
CA GLN N 142 34.82 9.21 -50.53
C GLN N 142 34.29 7.79 -50.44
N LEU N 143 33.91 7.19 -51.57
CA LEU N 143 33.45 5.81 -51.57
C LEU N 143 34.57 4.85 -51.21
N LYS N 144 35.79 5.12 -51.70
CA LYS N 144 36.94 4.34 -51.28
C LYS N 144 37.11 4.40 -49.77
N GLU N 145 37.00 5.61 -49.20
CA GLU N 145 37.11 5.76 -47.76
C GLU N 145 36.03 4.97 -47.04
N LEU N 146 34.79 5.04 -47.53
CA LEU N 146 33.68 4.35 -46.87
C LEU N 146 33.87 2.83 -46.92
N LYS N 147 34.22 2.30 -48.09
CA LYS N 147 34.39 0.86 -48.21
C LYS N 147 35.55 0.37 -47.36
N ASN N 148 36.66 1.10 -47.35
CA ASN N 148 37.77 0.73 -46.48
C ASN N 148 37.36 0.81 -45.01
N GLY N 149 36.54 1.79 -44.66
CA GLY N 149 36.08 1.88 -43.28
C GLY N 149 35.24 0.70 -42.86
N ARG N 150 34.28 0.31 -43.70
CA ARG N 150 33.46 -0.86 -43.40
C ARG N 150 34.31 -2.12 -43.32
N LEU N 151 35.22 -2.29 -44.27
CA LEU N 151 36.10 -3.45 -44.27
C LEU N 151 36.93 -3.51 -43.00
N ALA N 152 37.47 -2.37 -42.56
CA ALA N 152 38.31 -2.36 -41.38
C ALA N 152 37.49 -2.53 -40.11
N MET N 153 36.24 -2.05 -40.08
CA MET N 153 35.38 -2.33 -38.93
C MET N 153 35.20 -3.83 -38.76
N LEU N 154 34.77 -4.49 -39.84
CA LEU N 154 34.58 -5.93 -39.76
C LEU N 154 35.89 -6.64 -39.45
N ALA N 155 36.99 -6.17 -40.03
CA ALA N 155 38.28 -6.80 -39.84
C ALA N 155 38.76 -6.67 -38.40
N PHE N 156 38.60 -5.49 -37.79
CA PHE N 156 39.03 -5.32 -36.42
C PHE N 156 38.18 -6.15 -35.47
N SER N 157 36.87 -6.23 -35.72
CA SER N 157 36.04 -7.13 -34.94
C SER N 157 36.56 -8.56 -35.06
N GLY N 158 36.89 -8.98 -36.27
CA GLY N 158 37.42 -10.32 -36.47
C GLY N 158 38.75 -10.53 -35.76
N MET N 159 39.62 -9.53 -35.78
CA MET N 159 40.91 -9.65 -35.10
C MET N 159 40.72 -9.82 -33.60
N VAL N 160 39.84 -8.99 -33.00
CA VAL N 160 39.61 -9.08 -31.57
C VAL N 160 39.07 -10.46 -31.21
N HIS N 161 38.07 -10.93 -31.96
CA HIS N 161 37.49 -12.21 -31.60
C HIS N 161 38.37 -13.40 -31.97
N HIS N 162 39.25 -13.25 -32.95
CA HIS N 162 40.26 -14.27 -33.18
C HIS N 162 41.22 -14.36 -32.00
N ASN N 163 41.68 -13.22 -31.49
CA ASN N 163 42.51 -13.25 -30.30
C ASN N 163 41.76 -13.80 -29.10
N ILE N 164 40.44 -13.65 -29.07
CA ILE N 164 39.65 -14.23 -27.99
C ILE N 164 39.61 -15.75 -28.10
N VAL N 165 39.30 -16.28 -29.29
CA VAL N 165 39.15 -17.72 -29.44
C VAL N 165 40.49 -18.43 -29.32
N VAL N 166 41.53 -17.88 -29.95
CA VAL N 166 42.85 -18.51 -29.89
C VAL N 166 43.53 -18.29 -28.55
N LYS N 167 43.14 -17.25 -27.82
CA LYS N 167 43.82 -16.85 -26.59
C LYS N 167 45.30 -16.58 -26.84
N GLY N 168 45.60 -15.97 -27.98
CA GLY N 168 46.97 -15.70 -28.34
C GLY N 168 47.07 -14.53 -29.30
N ALA N 169 48.18 -14.48 -30.02
CA ALA N 169 48.42 -13.39 -30.95
C ALA N 169 47.58 -13.55 -32.22
N LEU N 170 47.49 -12.47 -32.98
CA LEU N 170 46.65 -12.46 -34.17
C LEU N 170 47.27 -13.25 -35.31
N PHE N 171 48.55 -13.09 -35.54
CA PHE N 171 49.17 -13.58 -36.77
C PHE N 171 49.44 -15.08 -36.75
N PRO N 172 49.91 -15.69 -35.65
CA PRO N 172 50.01 -17.15 -35.63
C PRO N 172 48.63 -17.79 -35.64
N LEU N 173 47.93 -17.67 -36.76
CA LEU N 173 46.59 -18.20 -36.90
C LEU N 173 46.61 -19.72 -36.76
N VAL N 174 45.51 -20.25 -36.20
CA VAL N 174 45.24 -21.69 -36.07
C VAL N 174 46.52 -22.42 -35.62
N PRO N 175 46.91 -22.29 -34.36
CA PRO N 175 48.17 -22.91 -33.90
C PRO N 175 48.15 -24.42 -34.08
N ASP N 176 49.35 -25.00 -33.96
CA ASP N 176 49.51 -26.44 -34.15
C ASP N 176 48.65 -27.21 -33.17
N GLY N 177 48.03 -28.29 -33.66
CA GLY N 177 47.11 -29.07 -32.85
C GLY N 177 45.89 -28.28 -32.47
N TRP N 178 45.30 -27.59 -33.44
CA TRP N 178 44.16 -26.72 -33.16
C TRP N 178 42.91 -27.53 -32.85
N THR N 179 42.45 -28.32 -33.82
CA THR N 179 41.28 -29.19 -33.65
C THR N 179 40.05 -28.43 -33.17
N GLY N 180 39.92 -27.18 -33.58
CA GLY N 180 38.76 -26.39 -33.26
C GLY N 180 38.91 -25.60 -31.98
N PRO N 181 38.12 -24.53 -31.86
CA PRO N 181 38.17 -23.72 -30.64
C PRO N 181 37.65 -24.48 -29.42
N GLU N 182 38.16 -24.10 -28.27
CA GLU N 182 37.69 -24.68 -27.02
C GLU N 182 36.22 -24.29 -26.81
N PRO N 183 35.38 -25.21 -26.33
CA PRO N 183 33.98 -24.84 -26.08
C PRO N 183 33.88 -23.72 -25.07
N TRP N 184 32.89 -22.85 -25.28
CA TRP N 184 32.77 -21.64 -24.47
C TRP N 184 32.46 -21.98 -23.02
N ALA N 185 33.10 -21.28 -22.11
CA ALA N 185 32.88 -21.47 -20.68
C ALA N 185 31.62 -20.72 -20.26
N VAL N 186 31.43 -20.60 -18.94
CA VAL N 186 30.31 -19.95 -18.25
C VAL N 186 28.96 -20.54 -18.67
N GLY N 187 28.00 -20.50 -17.74
CA GLY N 187 26.74 -21.17 -17.95
C GLY N 187 25.79 -20.42 -18.87
N SER N 188 24.71 -21.10 -19.21
CA SER N 188 23.67 -20.55 -20.07
C SER N 188 22.40 -21.35 -19.83
N ILE N 189 21.32 -20.94 -20.50
CA ILE N 189 20.06 -21.67 -20.37
C ILE N 189 20.20 -23.08 -20.91
N MET N 190 21.05 -23.28 -21.91
CA MET N 190 21.31 -24.62 -22.43
C MET N 190 22.40 -25.37 -21.67
N ASN N 191 23.17 -24.67 -20.82
CA ASN N 191 24.19 -25.35 -20.04
C ASN N 191 23.58 -26.13 -18.88
N ASN N 192 22.48 -25.64 -18.31
CA ASN N 192 21.78 -26.34 -17.24
C ASN N 192 20.64 -27.20 -17.77
N MET N 193 20.81 -27.76 -18.97
CA MET N 193 19.83 -28.64 -19.60
C MET N 193 18.48 -27.93 -19.78
N GLY N 194 18.52 -26.91 -20.63
CA GLY N 194 17.32 -26.17 -20.97
C GLY N 194 16.40 -26.95 -21.90
N GLY O 1 -19.82 -26.31 -65.24
CA GLY O 1 -20.70 -25.16 -65.14
C GLY O 1 -20.26 -24.16 -64.09
N GLY O 2 -19.66 -24.66 -63.02
CA GLY O 2 -19.19 -23.81 -61.95
C GLY O 2 -18.45 -24.63 -60.92
N TYR O 3 -17.89 -23.93 -59.94
CA TYR O 3 -17.15 -24.53 -58.83
C TYR O 3 -15.99 -25.38 -59.34
N LYS O 4 -15.01 -24.68 -59.92
CA LYS O 4 -13.79 -25.32 -60.40
C LYS O 4 -13.23 -26.25 -59.35
N MET O 5 -13.21 -27.54 -59.66
CA MET O 5 -12.86 -28.57 -58.69
C MET O 5 -11.34 -28.73 -58.58
N SER O 6 -10.91 -29.29 -57.45
CA SER O 6 -9.51 -29.62 -57.28
C SER O 6 -9.17 -30.82 -58.16
N LYS O 7 -8.19 -30.64 -59.05
CA LYS O 7 -7.75 -31.76 -59.88
C LYS O 7 -7.12 -32.86 -59.05
N ALA O 8 -6.62 -32.55 -57.85
CA ALA O 8 -6.09 -33.57 -56.97
C ALA O 8 -7.22 -34.27 -56.22
N VAL O 9 -7.94 -33.53 -55.39
CA VAL O 9 -9.08 -34.08 -54.66
C VAL O 9 -10.34 -33.75 -55.45
N PRO O 10 -10.87 -34.68 -56.24
CA PRO O 10 -11.93 -34.34 -57.18
C PRO O 10 -13.30 -34.15 -56.55
N PHE O 11 -13.45 -34.34 -55.25
CA PHE O 11 -14.72 -34.15 -54.58
C PHE O 11 -14.76 -32.90 -53.70
N LEU O 12 -13.76 -32.02 -53.82
CA LEU O 12 -13.73 -30.78 -53.07
C LEU O 12 -13.41 -29.64 -54.03
N PRO O 13 -14.20 -28.58 -54.04
CA PRO O 13 -13.89 -27.43 -54.91
C PRO O 13 -12.55 -26.82 -54.54
N MET O 14 -11.81 -26.38 -55.56
CA MET O 14 -10.50 -25.79 -55.32
C MET O 14 -10.66 -24.48 -54.56
N SER O 15 -9.78 -24.26 -53.59
CA SER O 15 -9.83 -23.04 -52.80
C SER O 15 -9.53 -21.84 -53.69
N PRO O 16 -10.36 -20.80 -53.67
CA PRO O 16 -10.07 -19.61 -54.50
C PRO O 16 -8.78 -18.92 -54.13
N ALA O 17 -8.26 -19.14 -52.93
CA ALA O 17 -6.97 -18.56 -52.56
C ALA O 17 -5.83 -19.15 -53.39
N LEU O 18 -6.05 -20.30 -54.02
CA LEU O 18 -5.02 -20.94 -54.84
C LEU O 18 -4.88 -20.33 -56.22
N GLU O 19 -5.83 -19.51 -56.64
CA GLU O 19 -5.80 -18.97 -57.99
C GLU O 19 -4.55 -18.12 -58.22
N GLY O 20 -3.95 -18.29 -59.40
CA GLY O 20 -2.76 -17.55 -59.75
C GLY O 20 -1.47 -18.13 -59.24
N TYR O 21 -1.52 -19.24 -58.50
CA TYR O 21 -0.33 -19.86 -57.95
C TYR O 21 0.07 -21.06 -58.81
N VAL O 22 1.29 -21.53 -58.57
CA VAL O 22 1.92 -22.47 -59.51
C VAL O 22 1.21 -23.82 -59.48
N GLY O 23 0.96 -24.35 -58.28
CA GLY O 23 0.43 -25.69 -58.17
C GLY O 23 -1.07 -25.82 -58.21
N ALA O 24 -1.78 -24.78 -58.62
CA ALA O 24 -3.24 -24.82 -58.59
C ALA O 24 -3.84 -25.26 -59.93
N GLU O 25 -3.26 -24.82 -61.04
CA GLU O 25 -3.85 -25.11 -62.35
C GLU O 25 -3.79 -26.59 -62.71
N GLU O 26 -2.96 -27.37 -62.03
CA GLU O 26 -2.83 -28.79 -62.34
C GLU O 26 -3.13 -29.70 -61.17
N GLU O 27 -2.89 -29.26 -59.93
CA GLU O 27 -3.17 -30.09 -58.75
C GLU O 27 -4.22 -29.46 -57.85
N GLY O 28 -4.00 -28.24 -57.38
CA GLY O 28 -4.98 -27.57 -56.53
C GLY O 28 -5.34 -28.36 -55.29
N PHE O 29 -4.34 -28.92 -54.62
CA PHE O 29 -4.56 -29.85 -53.51
C PHE O 29 -4.60 -29.08 -52.20
N ASP O 30 -5.80 -28.67 -51.81
CA ASP O 30 -6.04 -28.10 -50.47
C ASP O 30 -7.33 -28.68 -49.92
N PRO O 31 -7.30 -29.93 -49.47
CA PRO O 31 -8.54 -30.53 -48.97
C PRO O 31 -8.97 -29.98 -47.63
N MET O 32 -8.03 -29.76 -46.70
CA MET O 32 -8.38 -29.20 -45.40
C MET O 32 -8.71 -27.71 -45.48
N GLY O 33 -8.45 -27.07 -46.62
CA GLY O 33 -8.76 -25.66 -46.77
C GLY O 33 -7.93 -24.75 -45.89
N PHE O 34 -6.62 -25.01 -45.78
CA PHE O 34 -5.76 -24.10 -45.03
C PHE O 34 -5.71 -22.73 -45.67
N SER O 35 -5.68 -22.68 -47.01
CA SER O 35 -5.68 -21.40 -47.71
C SER O 35 -6.98 -20.64 -47.51
N LEU O 36 -8.05 -21.32 -47.13
CA LEU O 36 -9.30 -20.62 -46.84
C LEU O 36 -9.24 -19.89 -45.51
N ALA O 37 -8.41 -20.37 -44.57
CA ALA O 37 -8.30 -19.77 -43.26
C ALA O 37 -6.97 -19.05 -43.03
N LEU O 38 -5.94 -19.37 -43.79
CA LEU O 38 -4.63 -18.75 -43.66
C LEU O 38 -4.27 -18.04 -44.96
N ASP O 39 -3.48 -16.97 -44.83
CA ASP O 39 -3.08 -16.21 -46.01
C ASP O 39 -2.25 -17.09 -46.94
N ILE O 40 -2.69 -17.17 -48.19
CA ILE O 40 -2.05 -18.08 -49.14
C ILE O 40 -0.61 -17.64 -49.42
N ARG O 41 -0.33 -16.34 -49.35
CA ARG O 41 1.03 -15.88 -49.53
C ARG O 41 1.94 -16.41 -48.44
N TRP O 42 1.48 -16.35 -47.19
CA TRP O 42 2.26 -16.91 -46.08
C TRP O 42 2.41 -18.41 -46.22
N LEU O 43 1.36 -19.10 -46.65
CA LEU O 43 1.44 -20.55 -46.82
C LEU O 43 2.45 -20.92 -47.90
N ARG O 44 2.46 -20.18 -49.01
CA ARG O 44 3.44 -20.45 -50.06
C ARG O 44 4.84 -20.15 -49.59
N GLU O 45 5.02 -19.07 -48.84
CA GLU O 45 6.33 -18.77 -48.28
C GLU O 45 6.81 -19.92 -47.39
N ALA O 46 5.93 -20.41 -46.51
CA ALA O 46 6.29 -21.51 -45.64
C ALA O 46 6.61 -22.77 -46.44
N GLU O 47 5.79 -23.07 -47.45
CA GLU O 47 6.01 -24.27 -48.25
C GLU O 47 7.34 -24.21 -48.97
N LEU O 48 7.67 -23.07 -49.58
CA LEU O 48 8.92 -22.98 -50.33
C LEU O 48 10.12 -22.97 -49.39
N LYS O 49 10.01 -22.30 -48.25
CA LYS O 49 11.10 -22.34 -47.28
C LYS O 49 11.34 -23.77 -46.79
N HIS O 50 10.26 -24.49 -46.49
CA HIS O 50 10.40 -25.89 -46.06
C HIS O 50 10.99 -26.73 -47.17
N GLY O 51 10.53 -26.55 -48.40
CA GLY O 51 11.05 -27.34 -49.50
C GLY O 51 12.51 -27.12 -49.74
N ARG O 52 12.96 -25.85 -49.71
CA ARG O 52 14.38 -25.56 -49.88
C ARG O 52 15.21 -26.12 -48.73
N ILE O 53 14.72 -25.95 -47.50
CA ILE O 53 15.43 -26.48 -46.34
C ILE O 53 15.56 -27.98 -46.43
N CYS O 54 14.48 -28.67 -46.82
CA CYS O 54 14.52 -30.13 -46.93
C CYS O 54 15.37 -30.59 -48.09
N MET O 55 15.39 -29.84 -49.19
CA MET O 55 16.25 -30.21 -50.31
C MET O 55 17.72 -30.07 -49.94
N LEU O 56 18.05 -29.08 -49.10
CA LEU O 56 19.42 -29.03 -48.58
C LEU O 56 19.67 -30.13 -47.57
N ALA O 57 18.68 -30.43 -46.72
CA ALA O 57 18.88 -31.39 -45.65
C ALA O 57 19.03 -32.81 -46.19
N THR O 58 18.29 -33.14 -47.25
CA THR O 58 18.39 -34.48 -47.82
C THR O 58 19.78 -34.75 -48.36
N VAL O 59 20.33 -33.83 -49.14
CA VAL O 59 21.67 -34.01 -49.66
C VAL O 59 22.71 -33.91 -48.55
N GLY O 60 22.43 -33.13 -47.50
CA GLY O 60 23.33 -33.12 -46.36
C GLY O 60 23.40 -34.48 -45.69
N TRP O 61 22.24 -35.12 -45.48
CA TRP O 61 22.22 -36.46 -44.92
C TRP O 61 22.91 -37.45 -45.85
N ILE O 62 22.67 -37.33 -47.16
CA ILE O 62 23.31 -38.20 -48.13
C ILE O 62 24.83 -38.10 -48.01
N ALA O 63 25.34 -36.87 -48.01
CA ALA O 63 26.78 -36.67 -47.91
C ALA O 63 27.33 -37.20 -46.60
N THR O 64 26.68 -36.86 -45.48
CA THR O 64 27.20 -37.24 -44.18
C THR O 64 27.22 -38.75 -44.00
N ASP O 65 26.20 -39.44 -44.51
CA ASP O 65 26.13 -40.89 -44.36
C ASP O 65 26.87 -41.64 -45.47
N LEU O 66 27.37 -40.95 -46.49
CA LEU O 66 28.18 -41.58 -47.52
C LEU O 66 29.67 -41.42 -47.29
N GLY O 67 30.07 -40.85 -46.16
CA GLY O 67 31.46 -40.62 -45.85
C GLY O 67 31.96 -39.22 -46.15
N MET O 68 31.14 -38.39 -46.79
CA MET O 68 31.53 -37.01 -47.06
C MET O 68 31.59 -36.27 -45.73
N ARG O 69 32.80 -35.99 -45.26
CA ARG O 69 33.00 -35.41 -43.93
C ARG O 69 34.09 -34.35 -43.99
N LEU O 70 33.88 -33.25 -43.26
CA LEU O 70 34.85 -32.17 -43.24
C LEU O 70 36.16 -32.65 -42.62
N PRO O 71 37.29 -32.06 -43.01
CA PRO O 71 38.59 -32.53 -42.49
C PRO O 71 38.84 -32.09 -41.06
N GLY O 72 38.22 -32.77 -40.10
CA GLY O 72 38.43 -32.45 -38.70
C GLY O 72 38.15 -33.64 -37.80
N PRO O 73 38.96 -33.80 -36.76
CA PRO O 73 38.71 -34.90 -35.81
C PRO O 73 37.37 -34.81 -35.12
N ALA O 74 36.89 -33.59 -34.84
CA ALA O 74 35.58 -33.42 -34.24
C ALA O 74 34.43 -33.75 -35.20
N TYR O 75 34.70 -33.78 -36.50
CA TYR O 75 33.68 -34.02 -37.50
C TYR O 75 33.47 -35.50 -37.81
N GLN O 76 34.22 -36.38 -37.17
CA GLN O 76 34.10 -37.82 -37.44
C GLN O 76 33.07 -38.46 -36.52
N VAL O 77 31.83 -38.03 -36.69
CA VAL O 77 30.69 -38.58 -35.97
C VAL O 77 29.61 -38.95 -36.97
N SER O 78 28.79 -39.93 -36.61
CA SER O 78 27.72 -40.35 -37.50
C SER O 78 26.62 -39.29 -37.55
N THR O 79 25.76 -39.43 -38.56
CA THR O 79 24.70 -38.44 -38.76
C THR O 79 23.73 -38.42 -37.57
N LEU O 80 23.49 -39.59 -36.97
CA LEU O 80 22.56 -39.66 -35.84
C LEU O 80 23.05 -38.81 -34.68
N GLU O 81 24.32 -38.93 -34.33
CA GLU O 81 24.91 -38.16 -33.25
C GLU O 81 25.58 -36.89 -33.75
N ALA O 82 25.45 -36.58 -35.05
CA ALA O 82 26.02 -35.37 -35.60
C ALA O 82 25.42 -34.14 -34.92
N HIS O 83 24.10 -34.11 -34.78
CA HIS O 83 23.47 -32.99 -34.08
C HIS O 83 23.31 -33.26 -32.59
N ASP O 84 24.35 -33.77 -31.99
CA ASP O 84 24.71 -33.60 -30.59
C ASP O 84 26.19 -33.26 -30.47
N ALA O 85 27.03 -33.91 -31.28
CA ALA O 85 28.46 -33.61 -31.26
C ALA O 85 28.73 -32.22 -31.79
N MET O 86 28.04 -31.82 -32.86
CA MET O 86 28.21 -30.47 -33.38
C MET O 86 27.53 -29.42 -32.52
N VAL O 87 26.44 -29.78 -31.82
CA VAL O 87 25.85 -28.86 -30.87
C VAL O 87 26.84 -28.55 -29.76
N LYS O 88 27.45 -29.58 -29.18
CA LYS O 88 28.44 -29.34 -28.13
C LYS O 88 29.69 -28.67 -28.68
N PHE O 89 30.06 -28.99 -29.93
CA PHE O 89 31.28 -28.44 -30.51
C PHE O 89 31.16 -26.94 -30.76
N GLY O 90 29.97 -26.45 -31.09
CA GLY O 90 29.80 -25.05 -31.38
C GLY O 90 29.18 -24.69 -32.72
N PRO O 91 29.54 -25.38 -33.82
CA PRO O 91 29.06 -24.95 -35.13
C PRO O 91 27.55 -24.95 -35.29
N MET O 92 26.82 -25.74 -34.49
CA MET O 92 25.36 -25.67 -34.59
C MET O 92 24.84 -24.30 -34.19
N ALA O 93 25.38 -23.73 -33.12
CA ALA O 93 25.00 -22.36 -32.75
C ALA O 93 25.46 -21.36 -33.79
N GLN O 94 26.57 -21.63 -34.47
CA GLN O 94 27.07 -20.72 -35.49
C GLN O 94 26.14 -20.71 -36.71
N ILE O 95 25.75 -21.90 -37.16
CA ILE O 95 24.76 -22.01 -38.23
C ILE O 95 23.46 -21.35 -37.79
N LEU O 96 23.08 -21.52 -36.52
CA LEU O 96 21.87 -20.89 -36.02
C LEU O 96 21.98 -19.37 -36.11
N ILE O 97 23.12 -18.80 -35.77
CA ILE O 97 23.30 -17.36 -35.83
C ILE O 97 23.17 -16.87 -37.27
N TRP O 98 23.86 -17.52 -38.20
CA TRP O 98 23.83 -17.03 -39.58
C TRP O 98 22.46 -17.22 -40.22
N LEU O 99 21.83 -18.38 -39.99
CA LEU O 99 20.48 -18.59 -40.48
C LEU O 99 19.50 -17.64 -39.79
N GLY O 100 19.79 -17.23 -38.56
CA GLY O 100 18.96 -16.24 -37.91
C GLY O 100 19.05 -14.88 -38.58
N ILE O 101 20.25 -14.50 -38.99
CA ILE O 101 20.40 -13.26 -39.76
C ILE O 101 19.61 -13.36 -41.06
N ILE O 102 19.78 -14.47 -41.78
CA ILE O 102 19.08 -14.66 -43.04
C ILE O 102 17.58 -14.65 -42.83
N GLU O 103 17.11 -15.26 -41.75
CA GLU O 103 15.68 -15.34 -41.47
C GLU O 103 15.12 -14.02 -40.96
N VAL O 104 15.93 -13.19 -40.30
CA VAL O 104 15.49 -11.84 -39.97
C VAL O 104 15.26 -11.05 -41.25
N PHE O 105 16.16 -11.19 -42.22
CA PHE O 105 15.94 -10.48 -43.48
C PHE O 105 14.78 -11.09 -44.26
N SER O 106 14.56 -12.41 -44.12
CA SER O 106 13.36 -13.01 -44.70
C SER O 106 12.10 -12.49 -44.03
N PHE O 107 12.15 -12.24 -42.72
CA PHE O 107 11.04 -11.63 -42.01
C PHE O 107 10.77 -10.24 -42.55
N LEU O 108 11.83 -9.47 -42.81
CA LEU O 108 11.65 -8.17 -43.45
C LEU O 108 11.00 -8.31 -44.82
N ALA O 109 11.42 -9.31 -45.59
CA ALA O 109 10.81 -9.55 -46.89
C ALA O 109 9.32 -9.84 -46.77
N ILE O 110 8.96 -10.70 -45.81
CA ILE O 110 7.55 -11.05 -45.63
C ILE O 110 6.75 -9.85 -45.16
N THR O 111 7.26 -9.09 -44.20
CA THR O 111 6.54 -7.95 -43.67
C THR O 111 6.66 -6.72 -44.56
N ASN O 112 7.34 -6.83 -45.69
CA ASN O 112 7.24 -5.83 -46.74
C ASN O 112 6.40 -6.26 -47.92
N MET O 113 6.27 -7.57 -48.18
CA MET O 113 5.42 -8.01 -49.28
C MET O 113 3.95 -7.92 -48.91
N MET O 114 3.61 -8.07 -47.63
CA MET O 114 2.21 -8.09 -47.23
C MET O 114 1.59 -6.70 -47.26
N GLU O 115 2.37 -5.66 -46.99
CA GLU O 115 1.88 -4.30 -46.99
C GLU O 115 1.94 -3.64 -48.36
N GLY O 116 2.41 -4.36 -49.37
CA GLY O 116 2.45 -3.81 -50.71
C GLY O 116 3.63 -2.92 -51.01
N THR O 117 4.59 -2.80 -50.08
CA THR O 117 5.78 -2.00 -50.35
C THR O 117 6.64 -2.62 -51.45
N THR O 118 6.44 -3.90 -51.76
CA THR O 118 7.12 -4.54 -52.88
C THR O 118 6.11 -5.42 -53.62
N ASP O 119 6.37 -5.61 -54.92
CA ASP O 119 5.63 -6.57 -55.72
C ASP O 119 6.21 -7.97 -55.62
N ARG O 120 6.94 -8.25 -54.55
CA ARG O 120 7.60 -9.54 -54.39
C ARG O 120 6.59 -10.67 -54.32
N GLN O 121 6.83 -11.73 -55.10
CA GLN O 121 6.06 -12.94 -55.01
C GLN O 121 6.48 -13.74 -53.80
N PRO O 122 5.60 -14.63 -53.29
CA PRO O 122 5.91 -15.32 -52.02
C PRO O 122 7.29 -15.96 -51.97
N GLY O 123 7.59 -16.88 -52.88
CA GLY O 123 8.89 -17.51 -52.81
C GLY O 123 10.04 -16.68 -53.34
N ASP O 124 9.76 -15.55 -53.99
CA ASP O 124 10.79 -14.79 -54.65
C ASP O 124 11.72 -14.13 -53.64
N TYR O 125 13.02 -14.21 -53.89
CA TYR O 125 14.02 -13.43 -53.18
C TYR O 125 14.90 -12.64 -54.13
N GLY O 126 14.67 -12.72 -55.43
CA GLY O 126 15.44 -11.99 -56.41
C GLY O 126 16.48 -12.80 -57.15
N LEU O 127 16.75 -14.03 -56.72
CA LEU O 127 17.72 -14.88 -57.40
C LEU O 127 17.18 -15.36 -58.72
N ARG O 128 17.47 -14.66 -59.81
CA ARG O 128 16.99 -15.11 -61.12
C ARG O 128 17.90 -16.19 -61.68
N ARG O 129 19.14 -15.83 -62.03
CA ARG O 129 20.13 -16.74 -62.58
C ARG O 129 19.54 -17.72 -63.60
N LEU O 130 19.38 -18.97 -63.20
CA LEU O 130 18.89 -20.01 -64.10
C LEU O 130 17.38 -19.93 -64.24
N TYR O 131 16.87 -18.75 -64.58
CA TYR O 131 15.45 -18.46 -64.60
C TYR O 131 15.03 -18.12 -66.01
N PRO O 132 14.11 -18.87 -66.62
CA PRO O 132 13.70 -18.57 -67.99
C PRO O 132 13.11 -17.18 -68.12
N LYS O 133 13.34 -16.57 -69.28
CA LYS O 133 12.73 -15.29 -69.58
C LYS O 133 11.26 -15.45 -69.95
N ASP O 134 10.93 -16.51 -70.68
CA ASP O 134 9.55 -16.75 -71.08
C ASP O 134 8.70 -17.11 -69.87
N GLU O 135 7.47 -16.58 -69.84
CA GLU O 135 6.60 -16.78 -68.69
C GLU O 135 6.27 -18.26 -68.49
N GLU O 136 6.04 -18.99 -69.58
CA GLU O 136 5.79 -20.42 -69.47
C GLU O 136 6.98 -21.14 -68.88
N GLY O 137 8.20 -20.77 -69.29
CA GLY O 137 9.37 -21.36 -68.69
C GLY O 137 9.49 -21.04 -67.21
N GLN O 138 9.15 -19.81 -66.82
CA GLN O 138 9.16 -19.44 -65.41
C GLN O 138 8.17 -20.29 -64.63
N TYR O 139 6.97 -20.48 -65.16
CA TYR O 139 5.97 -21.28 -64.47
C TYR O 139 6.43 -22.72 -64.33
N GLU O 140 6.99 -23.30 -65.40
CA GLU O 140 7.45 -24.67 -65.32
C GLU O 140 8.61 -24.81 -64.34
N MET O 141 9.52 -23.84 -64.31
CA MET O 141 10.61 -23.88 -63.35
C MET O 141 10.11 -23.78 -61.92
N GLN O 142 9.12 -22.92 -61.67
CA GLN O 142 8.55 -22.82 -60.33
C GLN O 142 7.85 -24.11 -59.94
N LEU O 143 7.15 -24.74 -60.88
CA LEU O 143 6.53 -26.03 -60.60
C LEU O 143 7.57 -27.09 -60.29
N LYS O 144 8.68 -27.09 -61.03
CA LYS O 144 9.76 -28.03 -60.72
C LYS O 144 10.33 -27.80 -59.34
N GLU O 145 10.52 -26.53 -58.97
CA GLU O 145 11.01 -26.21 -57.63
C GLU O 145 10.05 -26.74 -56.57
N LEU O 146 8.76 -26.49 -56.75
CA LEU O 146 7.78 -26.92 -55.76
C LEU O 146 7.72 -28.43 -55.64
N ARG O 147 7.69 -29.13 -56.78
CA ARG O 147 7.62 -30.58 -56.74
C ARG O 147 8.87 -31.19 -56.11
N ASN O 148 10.05 -30.66 -56.48
CA ASN O 148 11.28 -31.14 -55.85
C ASN O 148 11.28 -30.86 -54.36
N GLY O 149 10.79 -29.69 -53.96
CA GLY O 149 10.75 -29.38 -52.54
C GLY O 149 9.86 -30.34 -51.77
N ARG O 150 8.66 -30.59 -52.28
CA ARG O 150 7.75 -31.52 -51.60
C ARG O 150 8.33 -32.93 -51.56
N LEU O 151 8.90 -33.38 -52.69
CA LEU O 151 9.49 -34.71 -52.73
C LEU O 151 10.62 -34.84 -51.73
N ALA O 152 11.44 -33.81 -51.61
CA ALA O 152 12.56 -33.86 -50.67
C ALA O 152 12.09 -33.72 -49.23
N MET O 153 11.00 -33.01 -48.99
CA MET O 153 10.42 -32.99 -47.65
C MET O 153 10.04 -34.40 -47.21
N LEU O 154 9.28 -35.09 -48.06
CA LEU O 154 8.90 -36.46 -47.74
C LEU O 154 10.12 -37.37 -47.67
N ALA O 155 11.08 -37.17 -48.57
CA ALA O 155 12.26 -38.02 -48.61
C ALA O 155 13.10 -37.85 -47.35
N PHE O 156 13.31 -36.61 -46.92
CA PHE O 156 14.09 -36.39 -45.70
C PHE O 156 13.36 -36.91 -44.48
N SER O 157 12.03 -36.76 -44.44
CA SER O 157 11.27 -37.34 -43.34
C SER O 157 11.50 -38.84 -43.26
N GLY O 158 11.37 -39.52 -44.40
CA GLY O 158 11.61 -40.96 -44.41
C GLY O 158 13.04 -41.31 -44.06
N ILE O 159 14.00 -40.53 -44.55
CA ILE O 159 15.41 -40.81 -44.31
C ILE O 159 15.71 -40.73 -42.82
N VAL O 160 15.29 -39.64 -42.18
CA VAL O 160 15.59 -39.48 -40.75
C VAL O 160 14.84 -40.53 -39.93
N THR O 161 13.57 -40.80 -40.28
CA THR O 161 12.81 -41.78 -39.51
C THR O 161 13.44 -43.16 -39.59
N THR O 162 13.82 -43.59 -40.81
CA THR O 162 14.40 -44.92 -40.96
C THR O 162 15.79 -45.00 -40.36
N ALA O 163 16.57 -43.92 -40.47
CA ALA O 163 17.90 -43.91 -39.88
C ALA O 163 17.84 -44.01 -38.36
N VAL O 164 16.89 -43.30 -37.74
CA VAL O 164 16.74 -43.41 -36.29
C VAL O 164 16.23 -44.79 -35.92
N LEU O 165 15.27 -45.32 -36.67
CA LEU O 165 14.77 -46.66 -36.38
C LEU O 165 15.86 -47.71 -36.57
N THR O 166 16.37 -47.85 -37.78
CA THR O 166 17.43 -48.80 -38.09
C THR O 166 18.66 -48.01 -38.50
N GLY O 167 19.64 -47.95 -37.60
CA GLY O 167 20.85 -47.20 -37.88
C GLY O 167 21.61 -47.74 -39.06
N ARG O 168 21.54 -47.04 -40.18
CA ARG O 168 22.22 -47.43 -41.41
C ARG O 168 22.63 -46.15 -42.15
N THR O 169 23.20 -46.32 -43.34
CA THR O 169 23.72 -45.15 -44.05
C THR O 169 22.62 -44.42 -44.80
N TRP O 170 22.02 -45.06 -45.81
CA TRP O 170 20.97 -44.41 -46.57
C TRP O 170 20.19 -45.40 -47.43
N PRO O 171 20.83 -46.24 -48.25
CA PRO O 171 20.05 -47.23 -49.00
C PRO O 171 19.26 -48.16 -48.11
N PHE O 172 19.74 -48.40 -46.88
CA PHE O 172 19.02 -49.20 -45.89
C PHE O 172 18.75 -50.62 -46.37
N PHE P 1 -64.47 -1.49 53.15
CA PHE P 1 -65.00 -2.71 52.53
C PHE P 1 -65.85 -3.52 53.49
N GLU P 2 -66.47 -2.84 54.46
CA GLU P 2 -67.36 -3.54 55.37
C GLU P 2 -68.54 -4.11 54.59
N GLY P 3 -68.93 -5.33 54.95
CA GLY P 3 -69.90 -6.08 54.18
C GLY P 3 -69.29 -7.13 53.28
N GLU P 4 -67.97 -7.26 53.24
CA GLU P 4 -67.31 -8.33 52.52
C GLU P 4 -67.11 -9.53 53.46
N LEU P 5 -66.96 -10.70 52.84
CA LEU P 5 -66.72 -11.91 53.62
C LEU P 5 -65.41 -11.77 54.40
N GLY P 6 -65.46 -12.11 55.69
CA GLY P 6 -64.31 -11.96 56.54
C GLY P 6 -64.60 -11.10 57.76
N VAL P 7 -65.51 -10.14 57.61
CA VAL P 7 -65.90 -9.30 58.73
C VAL P 7 -66.70 -10.15 59.72
N THR P 8 -66.17 -10.27 60.94
CA THR P 8 -66.69 -11.16 61.96
C THR P 8 -66.86 -10.38 63.26
N PRO P 9 -67.87 -10.70 64.06
CA PRO P 9 -68.23 -9.88 65.23
C PRO P 9 -67.07 -9.62 66.19
N PRO P 10 -66.17 -10.58 66.44
CA PRO P 10 -65.12 -10.32 67.46
C PRO P 10 -64.32 -9.05 67.21
N MET P 11 -64.12 -8.63 65.97
CA MET P 11 -63.40 -7.40 65.71
C MET P 11 -64.17 -6.45 64.79
N GLY P 12 -64.95 -7.00 63.87
CA GLY P 12 -65.54 -6.19 62.84
C GLY P 12 -64.52 -5.84 61.77
N TYR P 13 -64.88 -4.87 60.94
CA TYR P 13 -63.95 -4.40 59.91
C TYR P 13 -62.70 -3.83 60.57
N PHE P 14 -61.58 -4.54 60.43
CA PHE P 14 -60.43 -4.27 61.29
C PHE P 14 -59.62 -3.09 60.80
N ASP P 15 -58.92 -3.25 59.66
CA ASP P 15 -58.14 -2.26 58.93
C ASP P 15 -57.56 -1.16 59.80
N PRO P 16 -56.75 -1.47 60.82
CA PRO P 16 -56.22 -0.40 61.69
C PRO P 16 -55.33 0.57 60.95
N LEU P 17 -54.31 0.08 60.24
CA LEU P 17 -53.42 0.95 59.49
C LEU P 17 -54.07 1.52 58.24
N GLY P 18 -55.27 1.07 57.88
CA GLY P 18 -55.93 1.57 56.70
C GLY P 18 -55.24 1.20 55.40
N LEU P 19 -54.76 -0.04 55.29
CA LEU P 19 -54.15 -0.49 54.04
C LEU P 19 -55.17 -0.46 52.90
N SER P 20 -56.40 -0.87 53.18
CA SER P 20 -57.49 -0.84 52.21
C SER P 20 -58.44 0.32 52.46
N SER P 21 -57.91 1.46 52.91
CA SER P 21 -58.77 2.61 53.20
C SER P 21 -59.44 3.14 51.94
N ASP P 22 -58.67 3.30 50.87
CA ASP P 22 -59.24 3.73 49.61
C ASP P 22 -59.98 2.58 48.94
N GLY P 23 -60.75 2.91 47.90
CA GLY P 23 -61.55 1.91 47.23
C GLY P 23 -60.71 0.86 46.52
N ASP P 24 -60.07 1.25 45.42
CA ASP P 24 -59.11 0.45 44.64
C ASP P 24 -59.44 -1.04 44.68
N LYS P 25 -60.65 -1.39 44.23
CA LYS P 25 -61.16 -2.76 44.35
C LYS P 25 -60.17 -3.80 43.88
N LYS P 26 -59.32 -3.46 42.91
CA LYS P 26 -58.31 -4.41 42.45
C LYS P 26 -57.37 -4.81 43.59
N THR P 27 -56.91 -3.82 44.36
CA THR P 27 -55.99 -4.12 45.45
C THR P 27 -56.69 -4.94 46.54
N PHE P 28 -57.94 -4.62 46.85
CA PHE P 28 -58.65 -5.41 47.86
C PHE P 28 -58.86 -6.84 47.38
N ILE P 29 -59.19 -7.04 46.11
CA ILE P 29 -59.37 -8.39 45.60
C ILE P 29 -58.04 -9.14 45.65
N ARG P 30 -56.94 -8.48 45.29
CA ARG P 30 -55.63 -9.12 45.36
C ARG P 30 -55.30 -9.51 46.79
N ARG P 31 -55.54 -8.61 47.75
CA ARG P 31 -55.24 -8.92 49.14
C ARG P 31 -56.18 -9.97 49.71
N ARG P 32 -57.42 -10.04 49.21
CA ARG P 32 -58.32 -11.09 49.65
C ARG P 32 -57.88 -12.44 49.13
N LYS P 33 -57.45 -12.51 47.87
CA LYS P 33 -56.89 -13.75 47.35
C LYS P 33 -55.65 -14.14 48.14
N SER P 34 -54.79 -13.17 48.46
CA SER P 34 -53.60 -13.47 49.25
C SER P 34 -53.97 -13.98 50.64
N GLU P 35 -54.96 -13.35 51.28
CA GLU P 35 -55.37 -13.78 52.61
C GLU P 35 -55.94 -15.18 52.57
N LEU P 36 -56.80 -15.47 51.60
CA LEU P 36 -57.38 -16.81 51.50
C LEU P 36 -56.32 -17.86 51.23
N LYS P 37 -55.39 -17.57 50.30
CA LYS P 37 -54.38 -18.55 49.97
C LYS P 37 -53.39 -18.75 51.11
N ASN P 38 -52.99 -17.67 51.78
CA ASN P 38 -52.12 -17.79 52.94
C ASN P 38 -52.81 -18.55 54.06
N GLY P 39 -54.11 -18.30 54.26
CA GLY P 39 -54.84 -19.04 55.27
C GLY P 39 -54.94 -20.51 54.96
N ARG P 40 -55.25 -20.85 53.71
CA ARG P 40 -55.31 -22.26 53.32
C ARG P 40 -53.95 -22.94 53.47
N VAL P 41 -52.88 -22.26 53.03
CA VAL P 41 -51.55 -22.84 53.14
C VAL P 41 -51.15 -22.98 54.61
N ALA P 42 -51.57 -22.04 55.45
CA ALA P 42 -51.20 -22.09 56.86
C ALA P 42 -52.00 -23.16 57.60
N MET P 43 -53.27 -23.36 57.24
CA MET P 43 -54.01 -24.49 57.80
C MET P 43 -53.38 -25.81 57.38
N TRP P 44 -52.98 -25.91 56.12
CA TRP P 44 -52.26 -27.09 55.65
C TRP P 44 -50.97 -27.29 56.42
N ALA P 45 -50.23 -26.21 56.68
CA ALA P 45 -48.95 -26.30 57.39
C ALA P 45 -49.15 -26.65 58.85
N CYS P 46 -50.20 -26.10 59.48
CA CYS P 46 -50.48 -26.46 60.86
C CYS P 46 -50.84 -27.93 60.98
N MET P 47 -51.62 -28.46 60.02
CA MET P 47 -51.85 -29.89 60.01
C MET P 47 -50.55 -30.67 59.80
N GLY P 48 -49.70 -30.18 58.91
CA GLY P 48 -48.43 -30.85 58.65
C GLY P 48 -47.44 -30.76 59.79
N TRP P 49 -47.69 -29.88 60.75
CA TRP P 49 -46.91 -29.82 61.98
C TRP P 49 -47.55 -30.61 63.11
N ILE P 50 -48.88 -30.72 63.14
CA ILE P 50 -49.56 -31.45 64.19
C ILE P 50 -49.49 -32.95 63.93
N VAL P 51 -50.00 -33.38 62.78
CA VAL P 51 -50.22 -34.82 62.54
C VAL P 51 -48.94 -35.65 62.62
N PRO P 52 -47.79 -35.23 62.05
CA PRO P 52 -46.60 -36.10 62.12
C PRO P 52 -46.19 -36.47 63.52
N GLU P 53 -46.56 -35.67 64.51
CA GLU P 53 -46.29 -36.04 65.89
C GLU P 53 -47.30 -37.04 66.43
N TRP P 54 -48.21 -37.54 65.59
CA TRP P 54 -49.14 -38.58 66.01
C TRP P 54 -49.20 -39.74 65.02
N TYR P 55 -48.99 -39.45 63.73
CA TYR P 55 -49.23 -40.43 62.66
C TYR P 55 -48.09 -40.43 61.65
N ARG P 56 -46.85 -40.59 62.11
CA ARG P 56 -45.77 -40.84 61.17
C ARG P 56 -46.18 -41.94 60.18
N PHE P 57 -46.22 -41.60 58.90
CA PHE P 57 -46.77 -42.45 57.84
C PHE P 57 -46.17 -43.85 57.89
N PRO P 58 -46.88 -44.87 57.42
CA PRO P 58 -46.39 -46.24 57.58
C PRO P 58 -45.11 -46.54 56.83
N GLY P 59 -45.08 -46.28 55.53
CA GLY P 59 -44.00 -46.73 54.66
C GLY P 59 -42.71 -45.94 54.83
N GLU P 60 -41.97 -45.84 53.72
CA GLU P 60 -40.70 -45.13 53.69
C GLU P 60 -40.69 -44.16 52.52
N LEU P 61 -40.04 -43.01 52.72
CA LEU P 61 -39.94 -42.01 51.66
C LEU P 61 -39.22 -42.56 50.45
N SER P 62 -37.94 -42.89 50.62
CA SER P 62 -37.12 -43.38 49.53
C SER P 62 -36.81 -44.86 49.77
N PRO P 63 -37.47 -45.77 49.04
CA PRO P 63 -37.15 -47.20 49.22
C PRO P 63 -35.70 -47.53 48.95
N SER P 64 -35.04 -46.81 48.04
CA SER P 64 -33.65 -47.06 47.70
C SER P 64 -32.69 -46.31 48.61
N SER P 65 -33.19 -45.65 49.65
CA SER P 65 -32.35 -45.04 50.66
C SER P 65 -32.76 -45.39 52.08
N GLY P 66 -33.85 -46.13 52.26
CA GLY P 66 -34.28 -46.56 53.58
C GLY P 66 -34.90 -45.50 54.44
N LEU P 67 -35.14 -44.30 53.90
CA LEU P 67 -35.69 -43.21 54.71
C LEU P 67 -37.17 -43.47 54.96
N LYS P 68 -37.50 -43.79 56.20
CA LYS P 68 -38.88 -44.06 56.58
C LYS P 68 -39.51 -42.80 57.19
N PHE P 69 -40.84 -42.71 57.08
CA PHE P 69 -41.55 -41.54 57.56
C PHE P 69 -41.40 -41.36 59.08
N SER P 70 -41.00 -42.40 59.79
CA SER P 70 -40.95 -42.38 61.24
C SER P 70 -39.65 -41.84 61.79
N GLU P 71 -38.76 -41.31 60.95
CA GLU P 71 -37.46 -40.83 61.42
C GLU P 71 -37.14 -39.40 60.99
N ILE P 72 -37.82 -38.84 60.01
CA ILE P 72 -37.56 -37.45 59.61
C ILE P 72 -37.99 -36.53 60.75
N PRO P 73 -37.12 -35.69 61.27
CA PRO P 73 -37.51 -34.79 62.35
C PRO P 73 -38.59 -33.82 61.91
N ASN P 74 -39.61 -33.66 62.74
CA ASN P 74 -40.73 -32.79 62.41
C ASN P 74 -40.32 -31.33 62.51
N GLY P 75 -41.13 -30.46 61.91
CA GLY P 75 -40.87 -29.04 61.97
C GLY P 75 -39.79 -28.62 60.99
N MET P 76 -39.06 -27.58 61.37
CA MET P 76 -38.04 -27.00 60.50
C MET P 76 -36.71 -27.70 60.66
N ALA P 77 -36.75 -29.03 60.59
CA ALA P 77 -35.56 -29.85 60.44
C ALA P 77 -35.65 -30.79 59.26
N ALA P 78 -36.86 -31.09 58.78
CA ALA P 78 -37.02 -31.81 57.53
C ALA P 78 -36.53 -31.02 56.33
N LEU P 79 -36.37 -29.71 56.48
CA LEU P 79 -35.81 -28.90 55.40
C LEU P 79 -34.40 -29.36 55.06
N LYS P 80 -33.63 -29.77 56.07
CA LYS P 80 -32.28 -30.26 55.87
C LYS P 80 -32.14 -31.74 56.19
N ALA P 81 -33.25 -32.46 56.35
CA ALA P 81 -33.22 -33.90 56.57
C ALA P 81 -33.87 -34.69 55.44
N LEU P 82 -35.02 -34.25 54.97
CA LEU P 82 -35.63 -34.88 53.80
C LEU P 82 -34.75 -34.64 52.58
N PRO P 83 -34.57 -35.64 51.72
CA PRO P 83 -33.70 -35.47 50.56
C PRO P 83 -34.23 -34.39 49.64
N THR P 84 -33.29 -33.70 48.97
CA THR P 84 -33.66 -32.58 48.12
C THR P 84 -34.57 -33.00 46.98
N GLU P 85 -34.50 -34.27 46.57
CA GLU P 85 -35.43 -34.75 45.56
C GLU P 85 -36.86 -34.65 46.04
N ALA P 86 -37.11 -35.04 47.30
CA ALA P 86 -38.46 -34.97 47.85
C ALA P 86 -38.96 -33.53 47.90
N TRP P 87 -38.12 -32.62 48.39
CA TRP P 87 -38.53 -31.22 48.47
C TRP P 87 -38.78 -30.63 47.09
N ALA P 88 -37.92 -30.96 46.13
CA ALA P 88 -38.13 -30.48 44.76
C ALA P 88 -39.42 -31.01 44.19
N GLN P 89 -39.74 -32.27 44.46
CA GLN P 89 -40.99 -32.85 43.96
C GLN P 89 -42.21 -32.17 44.61
N MET P 90 -42.11 -31.87 45.90
CA MET P 90 -43.21 -31.15 46.56
C MET P 90 -43.39 -29.76 45.97
N GLY P 91 -42.27 -29.05 45.74
CA GLY P 91 -42.36 -27.74 45.12
C GLY P 91 -42.93 -27.79 43.72
N ALA P 92 -42.52 -28.81 42.95
CA ALA P 92 -43.07 -28.98 41.60
C ALA P 92 -44.56 -29.29 41.64
N PHE P 93 -45.00 -30.09 42.60
CA PHE P 93 -46.42 -30.39 42.71
C PHE P 93 -47.21 -29.13 43.04
N VAL P 94 -46.70 -28.32 43.97
CA VAL P 94 -47.38 -27.06 44.27
C VAL P 94 -47.41 -26.15 43.05
N ALA P 95 -46.30 -26.13 42.30
CA ALA P 95 -46.23 -25.33 41.08
C ALA P 95 -47.28 -25.78 40.07
N LEU P 96 -47.41 -27.08 39.88
CA LEU P 96 -48.40 -27.59 38.93
C LEU P 96 -49.81 -27.31 39.42
N LEU P 97 -50.05 -27.39 40.74
CA LEU P 97 -51.35 -27.04 41.28
C LEU P 97 -51.71 -25.60 40.95
N GLU P 98 -50.79 -24.67 41.24
CA GLU P 98 -51.13 -23.27 41.07
C GLU P 98 -51.14 -22.85 39.60
N LEU P 99 -50.31 -23.47 38.76
CA LEU P 99 -50.35 -23.15 37.33
C LEU P 99 -51.46 -23.87 36.59
N GLY P 100 -52.04 -24.91 37.19
CA GLY P 100 -53.05 -25.69 36.53
C GLY P 100 -54.41 -25.59 37.18
N PRO P 101 -54.78 -26.63 37.93
CA PRO P 101 -56.14 -26.69 38.49
C PRO P 101 -56.47 -25.56 39.44
N LEU P 102 -55.47 -24.98 40.11
CA LEU P 102 -55.69 -23.97 41.13
C LEU P 102 -55.16 -22.60 40.70
N TRP P 103 -55.32 -22.26 39.43
CA TRP P 103 -55.00 -20.93 38.94
C TRP P 103 -56.26 -20.07 39.03
N GLN P 104 -56.16 -18.96 39.75
CA GLN P 104 -57.31 -18.11 39.98
C GLN P 104 -57.79 -17.48 38.68
N ASP P 105 -59.09 -17.58 38.42
CA ASP P 105 -59.69 -16.92 37.25
C ASP P 105 -60.19 -15.62 37.79
N GLU P 106 -59.89 -14.51 37.14
CA GLU P 106 -60.22 -13.19 37.67
C GLU P 106 -61.71 -12.92 37.66
N SER P 107 -62.46 -13.58 36.77
CA SER P 107 -63.91 -13.41 36.77
C SER P 107 -64.54 -14.08 37.98
N ARG P 108 -63.97 -15.18 38.45
CA ARG P 108 -64.51 -15.88 39.61
C ARG P 108 -64.19 -15.12 40.89
N ALA P 109 -64.73 -15.62 42.00
CA ALA P 109 -64.51 -15.00 43.29
C ALA P 109 -63.04 -15.14 43.69
N PRO P 110 -62.56 -14.29 44.61
CA PRO P 110 -61.14 -14.31 44.98
C PRO P 110 -60.58 -15.68 45.29
N GLY P 111 -61.16 -16.37 46.26
CA GLY P 111 -60.68 -17.68 46.63
C GLY P 111 -61.34 -18.84 45.90
N ASP P 112 -62.10 -18.55 44.86
CA ASP P 112 -62.90 -19.57 44.18
C ASP P 112 -62.08 -20.19 43.05
N PHE P 113 -61.83 -21.49 43.16
CA PHE P 113 -61.25 -22.29 42.08
C PHE P 113 -62.31 -23.28 41.61
N LYS P 114 -62.55 -23.30 40.30
CA LYS P 114 -63.64 -24.10 39.77
C LYS P 114 -63.42 -25.59 40.01
N THR P 115 -62.17 -26.02 40.14
CA THR P 115 -61.84 -27.43 40.24
C THR P 115 -62.05 -28.00 41.63
N CYS P 116 -62.40 -27.19 42.62
CA CYS P 116 -62.52 -27.64 44.00
C CYS P 116 -63.94 -27.51 44.51
N ALA P 117 -64.36 -28.48 45.34
CA ALA P 117 -65.68 -28.49 45.95
C ALA P 117 -65.71 -27.56 47.16
N LYS P 118 -66.74 -27.69 48.00
CA LYS P 118 -66.97 -26.66 49.02
C LYS P 118 -65.87 -26.64 50.07
N TYR P 119 -65.72 -27.71 50.84
CA TYR P 119 -64.83 -27.62 51.99
C TYR P 119 -63.37 -27.75 51.61
N GLY P 120 -63.03 -27.46 50.37
CA GLY P 120 -61.71 -27.65 49.85
C GLY P 120 -61.51 -28.96 49.16
N PHE P 121 -62.58 -29.73 48.97
CA PHE P 121 -62.47 -31.05 48.38
C PHE P 121 -61.93 -30.94 46.97
N PRO P 122 -60.86 -31.62 46.63
CA PRO P 122 -60.36 -31.59 45.26
C PRO P 122 -61.27 -32.40 44.35
N MET P 123 -62.31 -31.77 43.81
CA MET P 123 -63.16 -32.47 42.86
C MET P 123 -62.52 -32.60 41.49
N PHE P 124 -61.37 -31.95 41.27
CA PHE P 124 -60.44 -32.43 40.28
C PHE P 124 -59.75 -33.64 40.90
N PHE P 125 -58.67 -34.13 40.31
CA PHE P 125 -58.08 -35.39 40.77
C PHE P 125 -59.07 -36.53 40.62
N VAL P 126 -60.23 -36.26 40.03
CA VAL P 126 -61.21 -37.28 39.67
C VAL P 126 -61.53 -37.01 38.20
N GLY P 127 -60.73 -37.58 37.31
CA GLY P 127 -60.84 -37.29 35.89
C GLY P 127 -60.81 -35.82 35.53
N GLY P 128 -60.48 -34.96 36.51
CA GLY P 128 -60.59 -33.52 36.32
C GLY P 128 -62.00 -33.11 35.97
N ARG P 129 -62.94 -33.34 36.89
CA ARG P 129 -64.36 -33.24 36.60
C ARG P 129 -65.04 -32.09 37.32
N GLU P 130 -64.37 -30.93 37.38
CA GLU P 130 -64.89 -29.65 37.86
C GLU P 130 -65.46 -29.74 39.27
N GLY P 131 -65.94 -28.64 39.81
CA GLY P 131 -66.44 -28.61 41.19
C GLY P 131 -67.46 -27.53 41.39
N SER P 132 -67.40 -26.88 42.55
CA SER P 132 -68.36 -25.86 42.92
C SER P 132 -67.97 -24.51 42.31
N ASP P 133 -68.89 -23.56 42.39
CA ASP P 133 -68.59 -22.16 42.11
C ASP P 133 -69.14 -21.30 43.23
N SER P 134 -68.32 -20.37 43.70
CA SER P 134 -68.59 -19.59 44.91
C SER P 134 -70.00 -19.02 44.92
N ASP P 135 -70.72 -19.29 46.01
CA ASP P 135 -72.00 -18.66 46.30
C ASP P 135 -71.91 -18.08 47.71
N PRO P 136 -71.51 -16.82 47.84
CA PRO P 136 -71.29 -16.25 49.18
C PRO P 136 -72.54 -16.24 50.07
N VAL P 137 -73.73 -16.06 49.51
CA VAL P 137 -74.89 -15.79 50.36
C VAL P 137 -75.30 -17.02 51.16
N LYS P 138 -75.34 -18.20 50.52
CA LYS P 138 -75.81 -19.39 51.23
C LYS P 138 -74.76 -19.93 52.19
N ASN P 139 -73.51 -19.99 51.77
CA ASN P 139 -72.43 -20.55 52.58
C ASN P 139 -71.67 -19.50 53.36
N GLN P 140 -72.29 -18.33 53.60
CA GLN P 140 -71.59 -17.21 54.22
C GLN P 140 -70.93 -17.60 55.54
N TYR P 141 -71.62 -18.40 56.35
CA TYR P 141 -71.04 -18.86 57.60
C TYR P 141 -69.78 -19.67 57.35
N SER P 142 -69.83 -20.61 56.41
CA SER P 142 -68.65 -21.39 56.07
C SER P 142 -67.56 -20.52 55.48
N LEU P 143 -67.94 -19.52 54.67
CA LEU P 143 -66.95 -18.61 54.11
C LEU P 143 -66.16 -17.90 55.20
N ASN P 144 -66.87 -17.26 56.13
CA ASN P 144 -66.17 -16.54 57.19
C ASN P 144 -65.43 -17.49 58.12
N SER P 145 -65.97 -18.69 58.34
CA SER P 145 -65.26 -19.70 59.11
C SER P 145 -63.93 -20.02 58.48
N GLU P 146 -63.92 -20.27 57.17
CA GLU P 146 -62.66 -20.55 56.48
C GLU P 146 -61.72 -19.37 56.59
N ILE P 147 -62.23 -18.15 56.40
CA ILE P 147 -61.35 -16.98 56.35
C ILE P 147 -60.67 -16.77 57.70
N ASN P 148 -61.45 -16.74 58.79
CA ASN P 148 -60.81 -16.47 60.07
C ASN P 148 -60.08 -17.69 60.64
N ASN P 149 -60.48 -18.91 60.28
CA ASN P 149 -59.66 -20.06 60.62
C ASN P 149 -58.30 -19.98 59.93
N GLY P 150 -58.29 -19.52 58.68
CA GLY P 150 -57.02 -19.31 58.01
C GLY P 150 -56.19 -18.22 58.66
N ARG P 151 -56.84 -17.15 59.11
CA ARG P 151 -56.12 -16.11 59.85
C ARG P 151 -55.48 -16.70 61.11
N LEU P 152 -56.27 -17.44 61.88
CA LEU P 152 -55.77 -18.06 63.10
C LEU P 152 -54.63 -19.01 62.80
N ALA P 153 -54.75 -19.80 61.73
CA ALA P 153 -53.69 -20.75 61.40
C ALA P 153 -52.44 -20.06 60.88
N MET P 154 -52.59 -18.89 60.25
CA MET P 154 -51.40 -18.13 59.86
C MET P 154 -50.65 -17.65 61.09
N MET P 155 -51.37 -17.04 62.03
CA MET P 155 -50.72 -16.66 63.28
C MET P 155 -50.14 -17.87 63.99
N ALA P 156 -50.85 -19.00 63.93
CA ALA P 156 -50.41 -20.21 64.61
C ALA P 156 -49.12 -20.76 63.99
N ILE P 157 -49.06 -20.83 62.67
CA ILE P 157 -47.88 -21.39 62.02
C ILE P 157 -46.69 -20.47 62.21
N THR P 158 -46.91 -19.16 62.21
CA THR P 158 -45.81 -18.25 62.54
C THR P 158 -45.33 -18.49 63.97
N GLY P 159 -46.26 -18.62 64.91
CA GLY P 159 -45.87 -18.87 66.29
C GLY P 159 -45.12 -20.18 66.45
N MET P 160 -45.52 -21.21 65.72
CA MET P 160 -44.89 -22.50 65.86
C MET P 160 -43.54 -22.54 65.17
N VAL P 161 -43.38 -21.80 64.07
CA VAL P 161 -42.07 -21.63 63.47
C VAL P 161 -41.11 -20.96 64.44
N PHE P 162 -41.58 -19.90 65.11
CA PHE P 162 -40.72 -19.25 66.10
C PHE P 162 -40.49 -20.13 67.31
N GLN P 163 -41.46 -20.96 67.68
CA GLN P 163 -41.26 -21.93 68.75
C GLN P 163 -40.16 -22.92 68.40
N ASN P 164 -40.14 -23.39 67.16
CA ASN P 164 -39.07 -24.27 66.72
C ASN P 164 -37.74 -23.52 66.68
N GLY P 165 -37.76 -22.25 66.29
CA GLY P 165 -36.53 -21.47 66.26
C GLY P 165 -35.97 -21.20 67.64
N ILE P 166 -36.84 -21.10 68.65
CA ILE P 166 -36.40 -20.80 70.00
C ILE P 166 -35.99 -22.10 70.70
N THR P 167 -36.91 -23.03 70.82
CA THR P 167 -36.65 -24.22 71.60
C THR P 167 -35.78 -25.24 70.87
N GLY P 168 -35.67 -25.13 69.54
CA GLY P 168 -34.83 -26.02 68.76
C GLY P 168 -35.49 -27.35 68.44
N THR P 169 -36.52 -27.69 69.20
CA THR P 169 -37.19 -28.97 69.15
C THR P 169 -38.65 -28.76 68.74
N THR P 170 -39.36 -29.86 68.57
CA THR P 170 -40.79 -29.78 68.30
C THR P 170 -41.60 -30.68 69.24
N GLY P 171 -40.94 -31.38 70.16
CA GLY P 171 -41.65 -32.10 71.19
C GLY P 171 -42.31 -31.18 72.18
N PRO P 172 -42.74 -31.77 73.30
CA PRO P 172 -43.54 -31.06 74.31
C PRO P 172 -43.13 -29.63 74.65
N GLU P 173 -41.82 -29.36 74.69
CA GLU P 173 -41.27 -28.03 75.00
C GLU P 173 -41.78 -26.95 74.08
N MET P 174 -41.84 -27.23 72.78
CA MET P 174 -42.26 -26.25 71.78
C MET P 174 -43.67 -25.76 72.04
N TRP P 175 -44.56 -26.69 72.37
CA TRP P 175 -45.97 -26.45 72.61
C TRP P 175 -46.24 -25.97 74.04
N ALA P 176 -45.26 -26.07 74.93
CA ALA P 176 -45.33 -25.60 76.31
C ALA P 176 -46.32 -26.41 77.14
N ARG Q 1 -72.23 -40.68 5.94
CA ARG Q 1 -72.00 -39.61 6.91
C ARG Q 1 -70.79 -38.77 6.49
N GLU Q 2 -70.96 -37.45 6.52
CA GLU Q 2 -69.92 -36.52 6.10
C GLU Q 2 -69.27 -35.87 7.30
N ALA Q 3 -68.22 -35.09 7.02
CA ALA Q 3 -67.46 -34.43 8.07
C ALA Q 3 -68.33 -33.40 8.79
N PRO Q 4 -68.04 -33.11 10.07
CA PRO Q 4 -68.87 -32.16 10.82
C PRO Q 4 -68.63 -30.70 10.44
N LYS Q 5 -67.88 -30.46 9.37
CA LYS Q 5 -67.72 -29.16 8.74
C LYS Q 5 -66.85 -28.22 9.57
N VAL Q 6 -66.52 -28.60 10.80
CA VAL Q 6 -65.61 -27.81 11.61
C VAL Q 6 -64.23 -28.47 11.50
N LEU Q 7 -64.22 -29.77 11.22
CA LEU Q 7 -63.04 -30.47 10.75
C LEU Q 7 -62.93 -30.37 9.23
N ALA Q 8 -63.98 -30.75 8.52
CA ALA Q 8 -64.21 -30.35 7.12
C ALA Q 8 -63.06 -30.80 6.21
N GLY Q 9 -62.94 -32.10 6.06
CA GLY Q 9 -61.99 -32.65 5.11
C GLY Q 9 -60.56 -32.35 5.51
N THR Q 10 -60.14 -32.94 6.63
CA THR Q 10 -58.86 -32.62 7.25
C THR Q 10 -58.10 -33.87 7.66
N GLY Q 11 -58.40 -35.01 7.06
CA GLY Q 11 -57.74 -36.24 7.44
C GLY Q 11 -58.40 -37.42 6.76
N GLY Q 12 -57.88 -38.60 7.09
CA GLY Q 12 -58.31 -39.82 6.46
C GLY Q 12 -57.23 -40.35 5.54
N PRO Q 13 -57.50 -41.49 4.88
CA PRO Q 13 -56.56 -41.94 3.85
C PRO Q 13 -56.34 -40.88 2.78
N LEU Q 14 -57.39 -40.17 2.40
CA LEU Q 14 -57.33 -38.96 1.60
C LEU Q 14 -57.76 -37.77 2.43
N PRO Q 15 -57.48 -36.54 1.99
CA PRO Q 15 -57.88 -35.37 2.78
C PRO Q 15 -59.38 -35.32 3.08
N GLU Q 16 -60.24 -35.67 2.12
CA GLU Q 16 -61.68 -35.70 2.37
C GLU Q 16 -62.13 -37.15 2.59
N SER Q 17 -61.67 -37.70 3.71
CA SER Q 17 -61.91 -39.10 4.03
C SER Q 17 -62.37 -39.25 5.47
N PHE Q 18 -63.42 -38.52 5.85
CA PHE Q 18 -63.99 -38.61 7.17
C PHE Q 18 -64.16 -40.07 7.58
N TRP Q 19 -63.43 -40.48 8.62
CA TRP Q 19 -63.11 -41.88 8.83
C TRP Q 19 -63.65 -42.48 10.12
N ASP Q 20 -64.03 -41.63 11.06
CA ASP Q 20 -64.60 -42.06 12.33
C ASP Q 20 -65.46 -43.34 12.31
N PRO Q 21 -64.89 -44.53 12.67
CA PRO Q 21 -65.79 -45.68 12.74
C PRO Q 21 -66.26 -45.97 14.16
N ALA Q 22 -66.59 -44.95 14.92
CA ALA Q 22 -67.08 -45.20 16.28
C ALA Q 22 -68.14 -44.22 16.74
N GLY Q 23 -68.58 -43.28 15.91
CA GLY Q 23 -69.53 -42.28 16.38
C GLY Q 23 -68.98 -41.36 17.45
N PHE Q 24 -67.71 -41.00 17.34
CA PHE Q 24 -67.11 -40.02 18.24
C PHE Q 24 -67.25 -38.60 17.73
N THR Q 25 -67.98 -38.39 16.63
CA THR Q 25 -68.22 -37.07 16.07
C THR Q 25 -69.67 -36.63 16.15
N ASN Q 26 -70.62 -37.56 16.10
CA ASN Q 26 -72.03 -37.20 16.02
C ASN Q 26 -72.46 -36.46 17.28
N ASN Q 27 -73.59 -35.75 17.16
CA ASN Q 27 -74.23 -34.95 18.20
C ASN Q 27 -73.23 -34.28 19.13
N LYS Q 28 -72.20 -33.67 18.55
CA LYS Q 28 -71.16 -32.97 19.32
C LYS Q 28 -70.98 -31.59 18.75
N THR Q 29 -70.96 -30.59 19.64
CA THR Q 29 -70.87 -29.20 19.22
C THR Q 29 -69.50 -28.91 18.61
N ASP Q 30 -69.40 -27.78 17.92
CA ASP Q 30 -68.17 -27.43 17.22
C ASP Q 30 -67.01 -27.27 18.20
N GLU Q 31 -67.26 -26.78 19.41
CA GLU Q 31 -66.18 -26.61 20.38
C GLU Q 31 -65.57 -27.96 20.73
N GLU Q 32 -66.41 -28.99 20.91
CA GLU Q 32 -65.89 -30.31 21.26
C GLU Q 32 -65.06 -30.91 20.14
N LEU Q 33 -65.48 -30.72 18.88
CA LEU Q 33 -64.71 -31.25 17.77
C LEU Q 33 -63.41 -30.48 17.59
N LEU Q 34 -63.43 -29.17 17.82
CA LEU Q 34 -62.20 -28.40 17.82
C LEU Q 34 -61.27 -28.88 18.93
N PHE Q 35 -61.84 -29.23 20.10
CA PHE Q 35 -61.04 -29.80 21.16
C PHE Q 35 -60.43 -31.13 20.75
N TYR Q 36 -61.21 -31.95 20.04
CA TYR Q 36 -60.67 -33.22 19.55
C TYR Q 36 -59.51 -33.00 18.61
N ARG Q 37 -59.62 -32.04 17.70
CA ARG Q 37 -58.53 -31.76 16.78
C ARG Q 37 -57.32 -31.19 17.51
N ALA Q 38 -57.55 -30.32 18.49
CA ALA Q 38 -56.44 -29.78 19.26
C ALA Q 38 -55.73 -30.88 20.03
N ALA Q 39 -56.48 -31.79 20.63
CA ALA Q 39 -55.88 -32.92 21.33
C ALA Q 39 -55.11 -33.82 20.37
N GLU Q 40 -55.68 -34.08 19.20
CA GLU Q 40 -54.98 -34.90 18.21
C GLU Q 40 -53.68 -34.25 17.80
N LEU Q 41 -53.69 -32.94 17.53
CA LEU Q 41 -52.49 -32.27 17.07
C LEU Q 41 -51.45 -32.14 18.18
N LYS Q 42 -51.88 -31.92 19.42
CA LYS Q 42 -50.93 -31.89 20.52
C LYS Q 42 -50.31 -33.25 20.74
N HIS Q 43 -51.12 -34.30 20.79
CA HIS Q 43 -50.60 -35.66 20.89
C HIS Q 43 -49.64 -35.95 19.76
N GLY Q 44 -49.99 -35.55 18.54
CA GLY Q 44 -49.13 -35.73 17.40
C GLY Q 44 -47.80 -35.04 17.57
N ARG Q 45 -47.79 -33.72 17.68
CA ARG Q 45 -46.56 -32.95 17.84
C ARG Q 45 -45.69 -33.56 18.93
N ILE Q 46 -46.29 -33.93 20.06
CA ILE Q 46 -45.54 -34.59 21.12
C ILE Q 46 -44.95 -35.90 20.61
N ALA Q 47 -45.74 -36.70 19.90
CA ALA Q 47 -45.24 -37.97 19.37
C ALA Q 47 -44.11 -37.75 18.37
N MET Q 48 -44.40 -37.07 17.27
CA MET Q 48 -43.42 -36.67 16.26
C MET Q 48 -42.11 -36.19 16.86
N ALA Q 49 -42.18 -35.42 17.96
CA ALA Q 49 -40.94 -35.07 18.65
C ALA Q 49 -40.36 -36.27 19.39
N ALA Q 50 -41.22 -37.09 19.98
CA ALA Q 50 -40.75 -38.21 20.80
C ALA Q 50 -40.08 -39.28 19.96
N VAL Q 51 -40.56 -39.49 18.75
CA VAL Q 51 -39.96 -40.46 17.84
C VAL Q 51 -38.55 -40.03 17.47
N VAL Q 52 -38.37 -38.74 17.17
CA VAL Q 52 -37.04 -38.22 16.87
C VAL Q 52 -36.14 -38.33 18.09
N GLY Q 53 -36.67 -38.01 19.27
CA GLY Q 53 -35.88 -38.15 20.48
C GLY Q 53 -35.49 -39.58 20.77
N TRP Q 54 -36.40 -40.53 20.49
CA TRP Q 54 -36.12 -41.94 20.67
C TRP Q 54 -35.02 -42.39 19.72
N PHE Q 55 -35.14 -42.01 18.45
CA PHE Q 55 -34.17 -42.46 17.46
C PHE Q 55 -32.83 -41.77 17.59
N THR Q 56 -32.79 -40.57 18.19
CA THR Q 56 -31.52 -39.93 18.48
C THR Q 56 -30.94 -40.36 19.83
N ASN Q 57 -31.76 -40.98 20.68
CA ASN Q 57 -31.23 -41.61 21.88
C ASN Q 57 -30.76 -43.03 21.60
N ALA Q 58 -31.48 -43.75 20.73
CA ALA Q 58 -31.11 -45.11 20.35
C ALA Q 58 -30.01 -45.14 19.30
N SER Q 59 -29.51 -43.99 18.88
CA SER Q 59 -28.41 -43.91 17.93
C SER Q 59 -27.12 -43.39 18.56
N GLY Q 60 -27.08 -43.30 19.88
CA GLY Q 60 -25.88 -42.86 20.57
C GLY Q 60 -25.78 -41.37 20.80
N PHE Q 61 -26.68 -40.57 20.23
CA PHE Q 61 -26.65 -39.11 20.43
C PHE Q 61 -27.39 -38.77 21.73
N HIS Q 62 -26.74 -39.12 22.84
CA HIS Q 62 -27.35 -39.01 24.16
C HIS Q 62 -26.41 -38.26 25.11
N TYR Q 63 -26.04 -37.04 24.72
CA TYR Q 63 -25.27 -36.15 25.60
C TYR Q 63 -26.18 -35.69 26.72
N LEU Q 64 -25.82 -34.62 27.42
CA LEU Q 64 -26.72 -33.96 28.37
C LEU Q 64 -27.48 -35.00 29.18
N GLY Q 65 -26.72 -35.82 29.91
CA GLY Q 65 -27.23 -37.05 30.46
C GLY Q 65 -26.15 -38.10 30.35
N ASP Q 66 -25.34 -37.99 29.30
CA ASP Q 66 -24.00 -38.55 29.38
C ASP Q 66 -23.18 -37.83 30.44
N LEU Q 67 -23.30 -36.51 30.47
CA LEU Q 67 -22.61 -35.71 31.48
C LEU Q 67 -23.31 -35.78 32.84
N TRP Q 68 -24.65 -35.79 32.84
CA TRP Q 68 -25.39 -35.87 34.10
C TRP Q 68 -25.09 -37.17 34.83
N LEU Q 69 -25.18 -38.29 34.11
CA LEU Q 69 -24.88 -39.59 34.71
C LEU Q 69 -23.38 -39.79 34.92
N LYS Q 70 -22.55 -38.95 34.30
CA LYS Q 70 -21.10 -39.05 34.39
C LYS Q 70 -20.59 -40.40 33.88
N LYS Q 71 -21.33 -40.99 32.96
CA LYS Q 71 -20.99 -42.25 32.30
C LYS Q 71 -21.93 -42.42 31.11
N PRO Q 72 -21.54 -43.18 30.08
CA PRO Q 72 -22.39 -43.31 28.89
C PRO Q 72 -23.78 -43.84 29.24
N ALA Q 73 -24.79 -43.06 28.90
CA ALA Q 73 -26.16 -43.44 29.17
C ALA Q 73 -26.60 -44.56 28.22
N SER Q 74 -27.62 -45.29 28.66
CA SER Q 74 -28.11 -46.42 27.88
C SER Q 74 -28.72 -45.95 26.56
N ASP Q 75 -28.49 -46.73 25.50
CA ASP Q 75 -29.10 -46.41 24.21
C ASP Q 75 -30.60 -46.62 24.23
N ASN Q 76 -31.08 -47.60 25.00
CA ASN Q 76 -32.50 -47.84 25.14
C ASN Q 76 -33.15 -46.61 25.77
N PRO Q 77 -34.03 -45.91 25.06
CA PRO Q 77 -34.59 -44.66 25.60
C PRO Q 77 -35.36 -44.83 26.90
N ILE Q 78 -36.02 -45.97 27.10
CA ILE Q 78 -36.71 -46.18 28.37
C ILE Q 78 -35.71 -46.30 29.51
N GLU Q 79 -34.67 -47.11 29.33
CA GLU Q 79 -33.64 -47.22 30.35
C GLU Q 79 -32.89 -45.90 30.52
N ALA Q 80 -32.68 -45.17 29.42
CA ALA Q 80 -32.04 -43.87 29.51
C ALA Q 80 -32.87 -42.91 30.36
N PHE Q 81 -34.19 -42.92 30.16
CA PHE Q 81 -35.07 -42.08 30.98
C PHE Q 81 -35.04 -42.53 32.44
N ASN Q 82 -35.02 -43.84 32.67
CA ASN Q 82 -34.96 -44.34 34.04
C ASN Q 82 -33.65 -43.94 34.71
N GLN Q 83 -32.57 -43.79 33.95
CA GLN Q 83 -31.30 -43.39 34.53
C GLN Q 83 -31.33 -41.95 35.02
N LEU Q 84 -32.20 -41.11 34.46
CA LEU Q 84 -32.26 -39.72 34.88
C LEU Q 84 -32.68 -39.60 36.33
N SER Q 85 -32.09 -38.64 37.02
CA SER Q 85 -32.47 -38.36 38.40
C SER Q 85 -33.89 -37.81 38.45
N LEU Q 86 -34.56 -38.05 39.58
CA LEU Q 86 -35.91 -37.51 39.75
C LEU Q 86 -35.93 -35.99 39.65
N LEU Q 87 -34.82 -35.34 39.99
CA LEU Q 87 -34.73 -33.91 39.80
C LEU Q 87 -34.91 -33.55 38.34
N GLY Q 88 -34.23 -34.27 37.45
CA GLY Q 88 -34.38 -34.00 36.03
C GLY Q 88 -35.76 -34.32 35.50
N VAL Q 89 -36.33 -35.45 35.93
CA VAL Q 89 -37.67 -35.82 35.47
C VAL Q 89 -38.69 -34.79 35.90
N PHE Q 90 -38.62 -34.33 37.15
CA PHE Q 90 -39.56 -33.32 37.59
C PHE Q 90 -39.26 -31.95 36.99
N GLN Q 91 -38.01 -31.68 36.60
CA GLN Q 91 -37.76 -30.47 35.82
C GLN Q 91 -38.43 -30.54 34.46
N MET Q 92 -38.39 -31.71 33.82
CA MET Q 92 -39.11 -31.87 32.56
C MET Q 92 -40.61 -31.70 32.75
N VAL Q 93 -41.15 -32.28 33.82
CA VAL Q 93 -42.57 -32.13 34.12
C VAL Q 93 -42.91 -30.67 34.35
N PHE Q 94 -42.07 -29.96 35.11
CA PHE Q 94 -42.32 -28.55 35.41
C PHE Q 94 -42.24 -27.69 34.14
N PHE Q 95 -41.30 -27.99 33.26
CA PHE Q 95 -41.19 -27.22 32.02
C PHE Q 95 -42.39 -27.45 31.12
N ILE Q 96 -42.84 -28.70 30.99
CA ILE Q 96 -44.03 -28.95 30.18
C ILE Q 96 -45.26 -28.31 30.82
N GLY Q 97 -45.32 -28.31 32.16
CA GLY Q 97 -46.41 -27.64 32.82
C GLY Q 97 -46.40 -26.14 32.60
N CYS Q 98 -45.20 -25.53 32.61
CA CYS Q 98 -45.09 -24.11 32.32
C CYS Q 98 -45.50 -23.82 30.88
N LEU Q 99 -45.12 -24.70 29.94
CA LEU Q 99 -45.53 -24.51 28.55
C LEU Q 99 -47.05 -24.60 28.40
N GLU Q 100 -47.66 -25.59 29.07
CA GLU Q 100 -49.11 -25.71 29.01
C GLU Q 100 -49.79 -24.52 29.65
N TRP Q 101 -49.22 -24.00 30.74
CA TRP Q 101 -49.76 -22.80 31.35
C TRP Q 101 -49.66 -21.61 30.39
N LEU Q 102 -48.53 -21.49 29.69
CA LEU Q 102 -48.33 -20.38 28.77
C LEU Q 102 -49.43 -20.34 27.72
N THR Q 103 -49.76 -21.49 27.16
CA THR Q 103 -50.76 -21.57 26.10
C THR Q 103 -52.18 -21.62 26.62
N THR Q 104 -52.38 -21.45 27.93
CA THR Q 104 -53.74 -21.32 28.47
C THR Q 104 -53.99 -19.98 29.13
N VAL Q 105 -53.22 -19.61 30.14
CA VAL Q 105 -53.52 -18.40 30.91
C VAL Q 105 -53.04 -17.14 30.19
N PRO Q 106 -51.73 -16.96 29.90
CA PRO Q 106 -51.32 -15.68 29.32
C PRO Q 106 -51.48 -15.63 27.80
N CYS Q 107 -51.34 -16.77 27.13
CA CYS Q 107 -51.42 -16.84 25.68
C CYS Q 107 -52.43 -17.91 25.28
N PRO Q 108 -53.72 -17.66 25.51
CA PRO Q 108 -54.74 -18.64 25.12
C PRO Q 108 -54.74 -18.83 23.62
N PRO Q 109 -54.99 -20.04 23.15
CA PRO Q 109 -55.01 -20.28 21.70
C PRO Q 109 -56.25 -19.67 21.08
N PRO Q 110 -56.26 -19.46 19.77
CA PRO Q 110 -57.46 -18.91 19.12
C PRO Q 110 -58.65 -19.83 19.35
N LYS Q 111 -59.82 -19.20 19.51
CA LYS Q 111 -61.03 -19.97 19.82
C LYS Q 111 -61.39 -20.92 18.68
N ASP Q 112 -61.26 -20.46 17.44
CA ASP Q 112 -61.63 -21.31 16.30
C ASP Q 112 -60.53 -22.28 15.90
N ALA Q 113 -59.35 -22.19 16.50
CA ALA Q 113 -58.25 -23.09 16.20
C ALA Q 113 -57.41 -23.29 17.44
N PRO Q 114 -57.90 -24.09 18.40
CA PRO Q 114 -57.15 -24.28 19.65
C PRO Q 114 -55.80 -24.93 19.47
N TRP Q 115 -55.58 -25.67 18.37
CA TRP Q 115 -54.28 -26.26 18.11
C TRP Q 115 -53.22 -25.22 17.74
N ASP Q 116 -53.63 -24.00 17.41
CA ASP Q 116 -52.70 -22.96 17.01
C ASP Q 116 -52.18 -22.22 18.24
N VAL Q 117 -51.41 -22.95 19.05
CA VAL Q 117 -50.92 -22.40 20.30
C VAL Q 117 -49.96 -21.24 20.05
N ILE Q 118 -49.17 -21.32 18.97
CA ILE Q 118 -48.31 -20.21 18.57
C ILE Q 118 -49.10 -19.03 18.02
N GLY Q 119 -50.39 -19.22 17.77
CA GLY Q 119 -51.17 -18.15 17.18
C GLY Q 119 -50.73 -17.82 15.77
N MET Q 120 -50.31 -18.83 15.01
CA MET Q 120 -49.85 -18.61 13.65
C MET Q 120 -50.94 -18.09 12.74
N SER Q 121 -52.21 -18.25 13.11
CA SER Q 121 -53.31 -17.81 12.28
C SER Q 121 -53.48 -16.30 12.27
N ASP Q 122 -52.71 -15.55 13.07
CA ASP Q 122 -52.78 -14.11 13.05
C ASP Q 122 -51.78 -13.47 12.09
N VAL Q 123 -50.82 -14.23 11.55
CA VAL Q 123 -49.90 -13.69 10.57
C VAL Q 123 -49.99 -14.38 9.21
N LEU Q 124 -50.54 -15.58 9.12
CA LEU Q 124 -50.74 -16.22 7.84
C LEU Q 124 -52.09 -15.80 7.26
N GLU Q 125 -52.16 -15.73 5.93
CA GLU Q 125 -53.41 -15.28 5.30
C GLU Q 125 -54.40 -16.43 5.17
N GLU Q 126 -54.13 -17.35 4.23
CA GLU Q 126 -54.90 -18.55 3.98
C GLU Q 126 -54.31 -19.21 2.75
N ASP Q 127 -54.79 -20.38 2.36
CA ASP Q 127 -54.58 -20.86 1.01
C ASP Q 127 -55.62 -20.22 0.09
N THR Q 128 -55.15 -19.55 -0.97
CA THR Q 128 -56.02 -18.90 -1.92
C THR Q 128 -55.64 -19.33 -3.32
N ASP Q 129 -56.57 -19.13 -4.26
CA ASP Q 129 -56.35 -19.53 -5.64
C ASP Q 129 -55.42 -18.57 -6.38
N GLU Q 130 -55.31 -17.33 -5.94
CA GLU Q 130 -54.38 -16.40 -6.56
C GLU Q 130 -52.93 -16.75 -6.25
N ASN Q 131 -52.68 -17.63 -5.29
CA ASN Q 131 -51.33 -17.94 -4.84
C ASN Q 131 -50.84 -19.18 -5.58
N PRO Q 132 -49.89 -19.07 -6.51
CA PRO Q 132 -49.35 -20.27 -7.17
C PRO Q 132 -48.65 -21.22 -6.22
N MET Q 133 -48.15 -20.73 -5.09
CA MET Q 133 -47.42 -21.56 -4.13
C MET Q 133 -48.21 -21.80 -2.85
N ALA Q 134 -49.54 -21.75 -2.93
CA ALA Q 134 -50.38 -21.97 -1.76
C ALA Q 134 -50.28 -23.42 -1.31
N GLU Q 135 -49.74 -23.64 -0.11
CA GLU Q 135 -49.58 -25.00 0.41
C GLU Q 135 -49.93 -25.09 1.89
N TYR Q 136 -50.64 -24.10 2.43
CA TYR Q 136 -50.92 -24.10 3.87
C TYR Q 136 -51.81 -25.27 4.26
N LYS Q 137 -52.84 -25.57 3.47
CA LYS Q 137 -53.62 -26.77 3.72
C LYS Q 137 -52.78 -28.02 3.52
N LYS Q 138 -51.89 -28.00 2.53
CA LYS Q 138 -51.01 -29.15 2.31
C LYS Q 138 -50.09 -29.39 3.49
N ILE Q 139 -49.50 -28.33 4.06
CA ILE Q 139 -48.62 -28.53 5.20
C ILE Q 139 -49.44 -28.87 6.45
N GLN Q 140 -50.67 -28.37 6.56
CA GLN Q 140 -51.53 -28.81 7.65
C GLN Q 140 -51.78 -30.30 7.56
N MET Q 141 -52.04 -30.80 6.35
CA MET Q 141 -52.25 -32.23 6.17
C MET Q 141 -50.96 -33.03 6.40
N GLN Q 142 -49.81 -32.48 6.01
CA GLN Q 142 -48.54 -33.13 6.33
C GLN Q 142 -48.37 -33.26 7.83
N GLU Q 143 -48.63 -32.18 8.56
CA GLU Q 143 -48.53 -32.22 10.01
C GLU Q 143 -49.50 -33.24 10.60
N LEU Q 144 -50.73 -33.26 10.10
CA LEU Q 144 -51.73 -34.18 10.64
C LEU Q 144 -51.37 -35.63 10.34
N ASN Q 145 -50.90 -35.92 9.13
CA ASN Q 145 -50.60 -37.29 8.76
C ASN Q 145 -49.36 -37.80 9.50
N ASN Q 146 -48.30 -37.00 9.55
CA ASN Q 146 -47.15 -37.39 10.35
C ASN Q 146 -47.50 -37.47 11.83
N SER Q 147 -48.43 -36.63 12.30
CA SER Q 147 -48.89 -36.72 13.67
C SER Q 147 -49.56 -38.05 13.94
N ARG Q 148 -50.53 -38.41 13.10
CA ARG Q 148 -51.25 -39.66 13.28
C ARG Q 148 -50.33 -40.87 13.15
N LEU Q 149 -49.34 -40.80 12.26
CA LEU Q 149 -48.42 -41.91 12.13
C LEU Q 149 -47.47 -42.01 13.31
N ALA Q 150 -46.93 -40.89 13.77
CA ALA Q 150 -46.00 -40.93 14.89
C ALA Q 150 -46.71 -41.28 16.19
N MET Q 151 -48.00 -40.99 16.29
CA MET Q 151 -48.75 -41.34 17.50
C MET Q 151 -48.79 -42.85 17.69
N VAL Q 152 -48.92 -43.61 16.61
CA VAL Q 152 -48.87 -45.06 16.75
C VAL Q 152 -47.42 -45.56 16.73
N ALA Q 153 -46.52 -44.84 16.07
CA ALA Q 153 -45.11 -45.27 16.02
C ALA Q 153 -44.46 -45.19 17.39
N ILE Q 154 -44.71 -44.11 18.14
CA ILE Q 154 -44.09 -43.96 19.44
C ILE Q 154 -44.63 -45.02 20.41
N ILE Q 155 -45.92 -45.35 20.29
CA ILE Q 155 -46.47 -46.42 21.11
C ILE Q 155 -45.87 -47.76 20.71
N GLY Q 156 -45.65 -47.97 19.42
CA GLY Q 156 -44.95 -49.18 19.00
C GLY Q 156 -43.58 -49.28 19.63
N LEU Q 157 -42.84 -48.17 19.65
CA LEU Q 157 -41.53 -48.16 20.29
C LEU Q 157 -41.62 -48.43 21.78
N ILE Q 158 -42.59 -47.81 22.45
CA ILE Q 158 -42.65 -47.89 23.91
C ILE Q 158 -43.14 -49.27 24.36
N VAL Q 159 -44.19 -49.79 23.73
CA VAL Q 159 -44.73 -51.08 24.13
C VAL Q 159 -43.88 -52.23 23.58
N GLN Q 160 -43.25 -52.04 22.42
CA GLN Q 160 -42.29 -53.02 21.94
C GLN Q 160 -41.15 -53.19 22.93
N ALA Q 161 -40.61 -52.07 23.42
CA ALA Q 161 -39.71 -52.12 24.55
C ALA Q 161 -40.50 -52.36 25.83
N THR Q 162 -39.79 -52.61 26.92
CA THR Q 162 -40.38 -52.89 28.23
C THR Q 162 -41.25 -54.14 28.22
N THR Q 163 -41.34 -54.81 27.06
CA THR Q 163 -42.01 -56.09 26.94
C THR Q 163 -41.22 -57.09 26.12
N THR Q 164 -40.20 -56.65 25.38
CA THR Q 164 -39.37 -57.55 24.60
C THR Q 164 -37.89 -57.29 24.87
N GLY Q 165 -37.57 -56.09 25.30
CA GLY Q 165 -36.19 -55.72 25.57
C GLY Q 165 -35.42 -55.29 24.34
N PHE R 1 -57.26 -38.07 -25.61
CA PHE R 1 -56.69 -37.22 -24.56
C PHE R 1 -55.55 -37.93 -23.85
N ALA R 2 -55.89 -39.05 -23.20
CA ALA R 2 -54.89 -39.90 -22.57
C ALA R 2 -54.25 -40.78 -23.65
N GLY R 3 -53.54 -41.82 -23.24
CA GLY R 3 -52.97 -42.75 -24.20
C GLY R 3 -53.98 -43.42 -25.10
N GLY R 4 -55.27 -43.31 -24.80
CA GLY R 4 -56.32 -43.91 -25.60
C GLY R 4 -56.56 -45.37 -25.25
N LEU R 5 -55.48 -46.11 -25.03
CA LEU R 5 -55.57 -47.49 -24.60
C LEU R 5 -56.19 -47.57 -23.21
N THR R 6 -56.50 -48.80 -22.79
CA THR R 6 -57.10 -48.98 -21.47
C THR R 6 -56.10 -48.58 -20.39
N GLY R 7 -55.01 -49.34 -20.29
CA GLY R 7 -53.96 -49.07 -19.32
C GLY R 7 -54.47 -48.69 -17.95
N SER R 8 -53.70 -47.87 -17.23
CA SER R 8 -54.09 -47.17 -16.01
C SER R 8 -55.21 -47.87 -15.24
N ASP R 9 -56.24 -47.11 -14.87
CA ASP R 9 -57.51 -47.62 -14.35
C ASP R 9 -57.37 -48.42 -13.06
N TYR R 10 -58.48 -48.55 -12.32
CA TYR R 10 -58.54 -49.33 -11.08
C TYR R 10 -57.28 -49.14 -10.24
N GLY R 11 -56.79 -47.91 -10.16
CA GLY R 11 -55.54 -47.64 -9.49
C GLY R 11 -55.71 -47.32 -8.03
N GLY R 12 -54.66 -47.60 -7.26
CA GLY R 12 -54.65 -47.25 -5.86
C GLY R 12 -54.75 -45.75 -5.66
N PHE R 13 -55.06 -45.37 -4.43
CA PHE R 13 -55.27 -43.97 -4.05
C PHE R 13 -56.46 -43.36 -4.79
N GLY R 14 -57.30 -44.19 -5.40
CA GLY R 14 -58.41 -43.71 -6.19
C GLY R 14 -57.97 -43.18 -7.55
N GLY R 15 -58.95 -42.83 -8.36
CA GLY R 15 -58.69 -42.23 -9.65
C GLY R 15 -57.96 -43.18 -10.59
N LYS R 16 -57.08 -42.59 -11.40
CA LYS R 16 -56.33 -43.33 -12.40
C LYS R 16 -54.85 -42.99 -12.29
N TYR R 17 -54.01 -43.87 -12.83
CA TYR R 17 -52.56 -43.72 -12.81
C TYR R 17 -52.08 -43.64 -14.26
N GLU R 18 -51.86 -42.43 -14.75
CA GLU R 18 -51.46 -42.17 -16.13
C GLU R 18 -49.95 -42.23 -16.32
N TRP R 19 -49.22 -42.81 -15.36
CA TRP R 19 -47.77 -42.74 -15.26
C TRP R 19 -47.08 -42.97 -16.60
N ASP R 20 -46.35 -41.95 -17.05
CA ASP R 20 -45.57 -41.97 -18.28
C ASP R 20 -44.56 -40.83 -18.25
N PRO R 21 -43.49 -40.95 -17.46
CA PRO R 21 -42.56 -39.82 -17.33
C PRO R 21 -41.89 -39.40 -18.63
N VAL R 22 -41.29 -40.35 -19.35
CA VAL R 22 -40.63 -40.01 -20.62
C VAL R 22 -41.63 -39.52 -21.65
N GLY R 23 -42.91 -39.86 -21.49
CA GLY R 23 -43.91 -39.46 -22.45
C GLY R 23 -43.77 -40.15 -23.79
N PHE R 24 -43.47 -41.46 -23.77
CA PHE R 24 -43.38 -42.21 -25.03
C PHE R 24 -44.67 -42.15 -25.81
N SER R 25 -45.81 -41.98 -25.13
CA SER R 25 -47.09 -41.87 -25.83
C SER R 25 -47.16 -40.56 -26.62
N THR R 26 -46.78 -39.44 -25.99
CA THR R 26 -46.89 -38.16 -26.67
C THR R 26 -45.80 -37.99 -27.72
N ARG R 27 -44.57 -38.38 -27.41
CA ARG R 27 -43.48 -38.17 -28.36
C ARG R 27 -43.62 -39.04 -29.60
N TRP R 28 -44.04 -40.30 -29.42
CA TRP R 28 -44.21 -41.22 -30.54
C TRP R 28 -45.59 -41.86 -30.46
N PRO R 29 -46.64 -41.10 -30.79
CA PRO R 29 -47.99 -41.68 -30.74
C PRO R 29 -48.25 -42.72 -31.80
N GLU R 30 -47.51 -42.72 -32.92
CA GLU R 30 -47.75 -43.72 -33.95
C GLU R 30 -47.34 -45.11 -33.49
N HIS R 31 -46.32 -45.20 -32.65
CA HIS R 31 -45.87 -46.47 -32.11
C HIS R 31 -46.53 -46.83 -30.79
N LEU R 32 -47.64 -46.16 -30.45
CA LEU R 32 -48.32 -46.46 -29.19
C LEU R 32 -48.92 -47.84 -29.21
N ALA R 33 -49.47 -48.27 -30.35
CA ALA R 33 -49.98 -49.63 -30.45
C ALA R 33 -48.86 -50.65 -30.35
N TRP R 34 -47.70 -50.34 -30.94
CA TRP R 34 -46.55 -51.21 -30.78
C TRP R 34 -46.13 -51.31 -29.32
N TYR R 35 -46.16 -50.18 -28.61
CA TYR R 35 -45.83 -50.19 -27.19
C TYR R 35 -46.81 -51.03 -26.39
N ARG R 36 -48.11 -50.93 -26.73
CA ARG R 36 -49.11 -51.74 -26.03
C ARG R 36 -48.91 -53.22 -26.31
N GLU R 37 -48.64 -53.58 -27.57
CA GLU R 37 -48.38 -54.97 -27.91
C GLU R 37 -47.17 -55.49 -27.17
N ALA R 38 -46.10 -54.68 -27.13
CA ALA R 38 -44.90 -55.08 -26.40
C ALA R 38 -45.18 -55.27 -24.92
N GLU R 39 -45.93 -54.35 -24.32
CA GLU R 39 -46.24 -54.44 -22.89
C GLU R 39 -47.05 -55.70 -22.60
N LEU R 40 -48.10 -55.95 -23.38
CA LEU R 40 -48.94 -57.12 -23.15
C LEU R 40 -48.15 -58.41 -23.36
N LYS R 41 -47.37 -58.49 -24.44
CA LYS R 41 -46.60 -59.69 -24.70
C LYS R 41 -45.56 -59.92 -23.61
N HIS R 42 -44.87 -58.86 -23.18
CA HIS R 42 -43.89 -58.98 -22.12
C HIS R 42 -44.54 -59.43 -20.82
N GLY R 43 -45.69 -58.86 -20.48
CA GLY R 43 -46.37 -59.25 -19.26
C GLY R 43 -46.84 -60.70 -19.29
N ARG R 44 -47.43 -61.12 -20.40
CA ARG R 44 -47.87 -62.51 -20.52
C ARG R 44 -46.68 -63.46 -20.44
N ILE R 45 -45.59 -63.14 -21.13
CA ILE R 45 -44.41 -64.00 -21.10
C ILE R 45 -43.80 -64.03 -19.71
N ALA R 46 -43.83 -62.91 -18.99
CA ALA R 46 -43.28 -62.87 -17.65
C ALA R 46 -44.13 -63.68 -16.67
N MET R 47 -45.46 -63.60 -16.82
CA MET R 47 -46.32 -64.44 -15.97
C MET R 47 -46.11 -65.92 -16.27
N LEU R 48 -46.01 -66.28 -17.55
CA LEU R 48 -45.68 -67.66 -17.89
C LEU R 48 -44.31 -68.05 -17.36
N ALA R 49 -43.37 -67.11 -17.32
CA ALA R 49 -42.04 -67.41 -16.79
C ALA R 49 -42.08 -67.63 -15.29
N PHE R 50 -42.91 -66.87 -14.58
CA PHE R 50 -43.10 -67.14 -13.16
C PHE R 50 -43.71 -68.50 -12.94
N ALA R 51 -44.70 -68.86 -13.76
CA ALA R 51 -45.29 -70.19 -13.67
C ALA R 51 -44.27 -71.28 -13.99
N GLY R 52 -43.36 -71.01 -14.93
CA GLY R 52 -42.29 -71.94 -15.26
C GLY R 52 -41.13 -71.95 -14.30
N LEU R 53 -41.06 -70.95 -13.42
CA LEU R 53 -40.15 -71.03 -12.29
C LEU R 53 -40.75 -71.83 -11.15
N LEU R 54 -42.08 -71.79 -11.01
CA LEU R 54 -42.73 -72.47 -9.89
C LEU R 54 -43.07 -73.94 -10.20
N ALA R 55 -43.84 -74.18 -11.25
CA ALA R 55 -44.36 -75.53 -11.51
C ALA R 55 -43.29 -76.57 -11.74
N PRO R 56 -42.23 -76.34 -12.53
CA PRO R 56 -41.18 -77.36 -12.67
C PRO R 56 -40.55 -77.76 -11.35
N ASP R 57 -40.50 -76.84 -10.38
CA ASP R 57 -40.07 -77.23 -9.04
C ASP R 57 -40.99 -78.29 -8.45
N LEU R 58 -42.23 -78.37 -8.91
CA LEU R 58 -43.22 -79.29 -8.35
C LEU R 58 -43.36 -80.57 -9.17
N PHE R 59 -43.72 -80.45 -10.45
CA PHE R 59 -44.17 -81.60 -11.24
C PHE R 59 -43.07 -82.25 -12.06
N ARG R 60 -42.32 -81.46 -12.83
CA ARG R 60 -41.18 -81.85 -13.67
C ARG R 60 -41.56 -82.53 -14.99
N LEU R 61 -42.85 -82.60 -15.35
CA LEU R 61 -43.30 -82.89 -16.71
C LEU R 61 -42.97 -84.30 -17.20
N PRO R 62 -43.76 -84.87 -18.11
CA PRO R 62 -43.43 -86.19 -18.66
C PRO R 62 -42.18 -86.20 -19.53
N TRP R 63 -41.92 -87.34 -20.16
CA TRP R 63 -40.78 -87.58 -21.04
C TRP R 63 -39.47 -87.68 -20.26
N ALA R 64 -38.35 -87.44 -20.92
CA ALA R 64 -37.03 -87.73 -20.35
C ALA R 64 -36.77 -86.98 -19.06
N GLU R 65 -36.68 -85.64 -19.15
CA GLU R 65 -36.42 -84.68 -18.08
C GLU R 65 -36.33 -85.31 -16.68
N PHE R 66 -37.31 -85.01 -15.82
CA PHE R 66 -37.56 -85.77 -14.59
C PHE R 66 -36.31 -85.95 -13.73
N GLN R 67 -35.29 -85.09 -13.86
CA GLN R 67 -33.95 -85.45 -13.36
C GLN R 67 -33.77 -85.06 -11.90
N ASP R 68 -33.75 -83.74 -11.62
CA ASP R 68 -33.68 -83.07 -10.32
C ASP R 68 -32.85 -81.80 -10.44
N SER R 69 -31.54 -81.92 -10.70
CA SER R 69 -30.70 -80.75 -10.86
C SER R 69 -31.03 -79.97 -12.12
N SER R 70 -31.76 -80.58 -13.05
CA SER R 70 -32.21 -79.89 -14.26
C SER R 70 -33.52 -79.16 -14.01
N LEU R 71 -33.57 -78.39 -12.93
CA LEU R 71 -34.66 -77.46 -12.68
C LEU R 71 -34.16 -76.12 -12.18
N ASP R 72 -32.84 -75.95 -12.07
CA ASP R 72 -32.26 -74.76 -11.44
C ASP R 72 -32.64 -73.48 -12.18
N PHE R 73 -33.08 -73.59 -13.43
CA PHE R 73 -33.57 -72.52 -14.30
C PHE R 73 -32.51 -71.44 -14.52
N ALA R 74 -31.35 -71.60 -13.90
CA ALA R 74 -30.13 -70.95 -14.33
C ALA R 74 -29.31 -71.87 -15.21
N ASN R 75 -29.78 -73.09 -15.42
CA ASN R 75 -29.06 -74.13 -16.14
C ASN R 75 -29.95 -74.79 -17.19
N ALA R 76 -31.26 -74.82 -16.92
CA ALA R 76 -32.17 -75.66 -17.70
C ALA R 76 -32.24 -75.24 -19.16
N HIS R 77 -31.98 -73.97 -19.45
CA HIS R 77 -32.06 -73.49 -20.83
C HIS R 77 -31.06 -74.21 -21.73
N ASP R 78 -29.82 -74.38 -21.24
CA ASP R 78 -28.75 -74.87 -22.08
C ASP R 78 -28.96 -76.32 -22.49
N LYS R 79 -29.47 -77.15 -21.58
CA LYS R 79 -29.66 -78.57 -21.91
C LYS R 79 -30.66 -78.74 -23.05
N PHE R 80 -31.83 -78.12 -22.92
CA PHE R 80 -32.87 -78.29 -23.92
C PHE R 80 -32.62 -77.45 -25.17
N VAL R 81 -31.68 -76.50 -25.13
CA VAL R 81 -31.28 -75.84 -26.38
C VAL R 81 -30.15 -76.60 -27.06
N ALA R 82 -29.34 -77.33 -26.30
CA ALA R 82 -28.25 -78.09 -26.90
C ALA R 82 -28.78 -79.31 -27.64
N GLY R 83 -28.05 -79.73 -28.66
CA GLY R 83 -28.46 -80.89 -29.43
C GLY R 83 -29.68 -80.68 -30.29
N PHE R 84 -30.02 -79.42 -30.60
CA PHE R 84 -31.17 -79.09 -31.44
C PHE R 84 -32.45 -79.71 -30.86
N GLY R 85 -32.70 -79.40 -29.59
CA GLY R 85 -33.73 -80.08 -28.84
C GLY R 85 -34.97 -79.26 -28.58
N PRO R 86 -35.59 -79.47 -27.41
CA PRO R 86 -36.90 -78.87 -27.14
C PRO R 86 -36.94 -77.35 -27.17
N MET R 87 -35.85 -76.67 -26.78
CA MET R 87 -35.87 -75.21 -26.85
C MET R 87 -36.02 -74.73 -28.29
N TRP R 88 -35.37 -75.41 -29.24
CA TRP R 88 -35.54 -75.05 -30.63
C TRP R 88 -36.98 -75.27 -31.09
N TRP R 89 -37.61 -76.36 -30.64
CA TRP R 89 -39.00 -76.60 -31.00
C TRP R 89 -39.91 -75.52 -30.41
N GLY R 90 -39.64 -75.10 -29.18
CA GLY R 90 -40.42 -74.01 -28.60
C GLY R 90 -40.21 -72.70 -29.33
N PHE R 91 -38.97 -72.46 -29.80
CA PHE R 91 -38.71 -71.29 -30.62
C PHE R 91 -39.51 -71.34 -31.91
N ILE R 92 -39.57 -72.51 -32.54
CA ILE R 92 -40.37 -72.67 -33.76
C ILE R 92 -41.85 -72.45 -33.47
N ALA R 93 -42.33 -72.95 -32.34
CA ALA R 93 -43.74 -72.78 -31.98
C ALA R 93 -44.07 -71.32 -31.75
N CYS R 94 -43.21 -70.59 -31.03
CA CYS R 94 -43.43 -69.17 -30.82
C CYS R 94 -43.40 -68.41 -32.14
N GLY R 95 -42.46 -68.78 -33.02
CA GLY R 95 -42.42 -68.16 -34.33
C GLY R 95 -43.69 -68.41 -35.12
N GLY R 96 -44.25 -69.61 -35.02
CA GLY R 96 -45.50 -69.90 -35.70
C GLY R 96 -46.67 -69.11 -35.13
N ILE R 97 -46.74 -69.01 -33.80
CA ILE R 97 -47.81 -68.24 -33.17
C ILE R 97 -47.74 -66.78 -33.60
N GLU R 98 -46.53 -66.21 -33.60
CA GLU R 98 -46.42 -64.82 -34.01
C GLU R 98 -46.50 -64.66 -35.52
N TYR R 99 -46.32 -65.73 -36.29
CA TYR R 99 -46.68 -65.67 -37.70
C TYR R 99 -48.19 -65.59 -37.87
N GLN R 100 -48.94 -66.31 -37.04
CA GLN R 100 -50.39 -66.13 -37.01
C GLN R 100 -50.73 -64.69 -36.64
N ARG R 101 -49.98 -64.12 -35.70
CA ARG R 101 -50.16 -62.71 -35.37
C ARG R 101 -49.90 -61.81 -36.57
N PHE R 102 -48.83 -62.09 -37.32
CA PHE R 102 -48.55 -61.36 -38.56
C PHE R 102 -49.75 -61.43 -39.50
N ARG R 103 -50.24 -62.65 -39.73
CA ARG R 103 -51.33 -62.85 -40.69
C ARG R 103 -52.58 -62.10 -40.26
N LYS R 104 -52.93 -62.17 -38.97
CA LYS R 104 -54.09 -61.44 -38.48
C LYS R 104 -53.91 -59.94 -38.63
N LEU R 105 -52.71 -59.43 -38.32
CA LEU R 105 -52.47 -58.00 -38.45
C LEU R 105 -52.30 -57.61 -39.91
N GLY R 106 -51.65 -58.44 -40.71
CA GLY R 106 -51.55 -58.19 -42.13
C GLY R 106 -50.15 -57.94 -42.64
N LEU R 107 -49.15 -58.51 -41.96
CA LEU R 107 -47.74 -58.43 -42.33
C LEU R 107 -47.19 -57.02 -42.15
N GLY R 108 -45.92 -56.92 -41.73
CA GLY R 108 -45.31 -55.63 -41.52
C GLY R 108 -45.98 -54.82 -40.42
N MET R 109 -46.81 -55.49 -39.63
CA MET R 109 -47.63 -54.83 -38.60
C MET R 109 -48.44 -53.70 -39.20
N GLU R 110 -48.98 -53.92 -40.41
CA GLU R 110 -49.82 -52.92 -41.05
C GLU R 110 -51.15 -52.74 -40.35
N GLY R 111 -51.50 -53.61 -39.42
CA GLY R 111 -52.63 -53.38 -38.56
C GLY R 111 -52.18 -52.66 -37.31
N LEU R 112 -52.29 -53.31 -36.16
CA LEU R 112 -51.82 -52.76 -34.88
C LEU R 112 -52.36 -51.35 -34.66
N THR R 113 -53.68 -51.26 -34.53
CA THR R 113 -54.34 -50.04 -34.10
C THR R 113 -54.64 -50.14 -32.61
N LEU R 114 -55.16 -49.06 -32.03
CA LEU R 114 -55.40 -49.08 -30.58
C LEU R 114 -56.71 -49.77 -30.20
N GLU R 115 -56.99 -50.92 -30.79
CA GLU R 115 -57.95 -51.87 -30.22
C GLU R 115 -57.53 -53.32 -30.36
N ASN R 116 -56.68 -53.67 -31.32
CA ASN R 116 -56.24 -55.05 -31.53
C ASN R 116 -54.86 -55.31 -30.95
N ALA R 117 -54.24 -54.32 -30.31
CA ALA R 117 -52.92 -54.49 -29.73
C ALA R 117 -53.02 -55.50 -28.58
N GLY R 118 -52.51 -56.70 -28.82
CA GLY R 118 -52.62 -57.78 -27.86
C GLY R 118 -53.86 -58.65 -28.02
N ASN R 119 -54.82 -58.24 -28.85
CA ASN R 119 -56.08 -58.97 -28.95
C ASN R 119 -55.86 -60.42 -29.37
N LEU R 120 -54.89 -60.66 -30.26
CA LEU R 120 -54.27 -61.96 -30.49
C LEU R 120 -55.24 -63.13 -30.55
N GLY R 121 -56.46 -62.91 -31.04
CA GLY R 121 -57.43 -63.97 -31.15
C GLY R 121 -57.69 -64.71 -29.85
N TRP R 122 -57.33 -66.01 -29.83
CA TRP R 122 -57.46 -66.90 -28.68
C TRP R 122 -58.68 -66.61 -27.81
N PHE R 123 -58.45 -66.17 -26.58
CA PHE R 123 -59.53 -65.98 -25.62
C PHE R 123 -60.43 -64.82 -26.05
N ASP R 124 -61.67 -64.85 -25.57
CA ASP R 124 -62.70 -63.91 -25.97
C ASP R 124 -62.94 -62.89 -24.86
N LEU R 125 -62.90 -61.61 -25.22
CA LEU R 125 -63.14 -60.56 -24.26
C LEU R 125 -64.57 -60.62 -23.73
N PRO R 126 -64.78 -60.26 -22.46
CA PRO R 126 -66.15 -60.23 -21.92
C PRO R 126 -66.89 -59.01 -22.44
N LYS R 127 -68.07 -59.23 -23.01
CA LYS R 127 -68.82 -58.15 -23.64
C LYS R 127 -69.29 -57.09 -22.64
N ASN R 128 -69.40 -57.44 -21.36
CA ASN R 128 -69.79 -56.48 -20.34
C ASN R 128 -68.67 -55.45 -20.13
N SER R 129 -69.07 -54.18 -20.03
CA SER R 129 -68.08 -53.10 -20.02
C SER R 129 -67.24 -53.12 -18.75
N GLU R 130 -67.88 -53.16 -17.58
CA GLU R 130 -67.13 -53.09 -16.33
C GLU R 130 -66.29 -54.34 -16.12
N GLU R 131 -66.85 -55.51 -16.44
CA GLU R 131 -66.06 -56.73 -16.43
C GLU R 131 -64.83 -56.56 -17.31
N ARG R 132 -65.05 -56.35 -18.61
CA ARG R 132 -63.96 -56.10 -19.55
C ARG R 132 -62.88 -55.18 -19.00
N LEU R 133 -63.28 -54.03 -18.46
CA LEU R 133 -62.29 -53.08 -17.96
C LEU R 133 -61.51 -53.65 -16.78
N PHE R 134 -62.21 -54.22 -15.80
CA PHE R 134 -61.53 -54.77 -14.62
C PHE R 134 -60.60 -55.90 -15.01
N TYR R 135 -61.06 -56.79 -15.90
CA TYR R 135 -60.28 -57.93 -16.34
C TYR R 135 -59.05 -57.50 -17.15
N GLU R 136 -59.21 -56.51 -18.03
CA GLU R 136 -58.09 -56.01 -18.81
C GLU R 136 -57.05 -55.33 -17.92
N THR R 137 -57.51 -54.48 -17.00
CA THR R 137 -56.58 -53.83 -16.09
C THR R 137 -55.92 -54.85 -15.18
N ALA R 138 -56.63 -55.92 -14.82
CA ALA R 138 -56.01 -56.99 -14.05
C ALA R 138 -54.91 -57.66 -14.84
N GLU R 139 -55.16 -57.94 -16.13
CA GLU R 139 -54.11 -58.52 -16.96
C GLU R 139 -52.91 -57.59 -17.03
N LEU R 140 -53.15 -56.30 -17.24
CA LEU R 140 -52.05 -55.35 -17.38
C LEU R 140 -51.24 -55.23 -16.08
N LYS R 141 -51.92 -55.14 -14.94
CA LYS R 141 -51.23 -55.03 -13.67
C LYS R 141 -50.45 -56.29 -13.35
N ASN R 142 -51.10 -57.46 -13.48
CA ASN R 142 -50.40 -58.72 -13.27
C ASN R 142 -49.21 -58.85 -14.21
N GLY R 143 -49.38 -58.42 -15.46
CA GLY R 143 -48.32 -58.43 -16.43
C GLY R 143 -47.12 -57.64 -15.97
N ARG R 144 -47.29 -56.33 -15.80
CA ARG R 144 -46.17 -55.48 -15.38
C ARG R 144 -45.55 -55.97 -14.09
N LEU R 145 -46.38 -56.40 -13.13
CA LEU R 145 -45.86 -56.83 -11.84
C LEU R 145 -45.03 -58.11 -11.98
N ALA R 146 -45.48 -59.04 -12.81
CA ALA R 146 -44.69 -60.23 -13.07
C ALA R 146 -43.43 -59.91 -13.86
N MET R 147 -43.46 -58.89 -14.72
CA MET R 147 -42.24 -58.50 -15.42
C MET R 147 -41.19 -58.03 -14.43
N LEU R 148 -41.57 -57.10 -13.55
CA LEU R 148 -40.67 -56.61 -12.51
C LEU R 148 -40.23 -57.75 -11.59
N ALA R 149 -41.17 -58.61 -11.20
CA ALA R 149 -40.87 -59.72 -10.31
C ALA R 149 -39.88 -60.69 -10.94
N VAL R 150 -40.23 -61.24 -12.11
CA VAL R 150 -39.41 -62.21 -12.80
C VAL R 150 -38.02 -61.63 -13.06
N SER R 151 -37.94 -60.34 -13.36
CA SER R 151 -36.63 -59.70 -13.44
C SER R 151 -35.90 -59.77 -12.10
N GLY R 152 -36.60 -59.47 -11.01
CA GLY R 152 -35.99 -59.54 -9.70
C GLY R 152 -35.48 -60.92 -9.36
N ILE R 153 -36.24 -61.95 -9.75
CA ILE R 153 -35.82 -63.32 -9.50
C ILE R 153 -34.60 -63.65 -10.34
N PHE R 154 -34.64 -63.33 -11.64
CA PHE R 154 -33.55 -63.66 -12.53
C PHE R 154 -32.29 -62.84 -12.24
N THR R 155 -32.37 -61.85 -11.36
CA THR R 155 -31.15 -61.24 -10.83
C THR R 155 -30.75 -61.83 -9.47
N ALA R 156 -31.70 -61.92 -8.54
CA ALA R 156 -31.38 -62.30 -7.17
C ALA R 156 -31.05 -63.79 -7.07
N GLY R 157 -31.93 -64.65 -7.57
CA GLY R 157 -31.67 -66.08 -7.56
C GLY R 157 -30.65 -66.46 -8.61
N ILE R 158 -29.86 -65.47 -9.04
CA ILE R 158 -28.64 -65.70 -9.80
C ILE R 158 -27.41 -65.26 -9.03
N PHE R 159 -27.47 -64.09 -8.39
CA PHE R 159 -26.33 -63.67 -7.59
C PHE R 159 -26.17 -64.52 -6.33
N TRP R 160 -27.27 -65.05 -5.77
CA TRP R 160 -27.22 -65.82 -4.54
C TRP R 160 -27.76 -67.23 -4.71
N ASP R 161 -27.58 -67.81 -5.90
CA ASP R 161 -28.02 -69.18 -6.17
C ASP R 161 -29.51 -69.32 -5.92
N GLN R 162 -29.89 -69.77 -4.71
CA GLN R 162 -31.28 -69.96 -4.35
C GLN R 162 -31.97 -70.92 -5.30
N HIS R 163 -32.54 -70.40 -6.38
CA HIS R 163 -33.14 -71.18 -7.46
C HIS R 163 -34.38 -71.95 -7.02
N HIS R 164 -35.03 -71.52 -5.95
CA HIS R 164 -36.28 -72.12 -5.52
C HIS R 164 -37.19 -71.02 -4.98
N PHE R 165 -38.50 -71.29 -5.01
CA PHE R 165 -39.57 -70.29 -4.81
C PHE R 165 -39.28 -69.24 -3.74
N PRO R 166 -38.71 -69.59 -2.58
CA PRO R 166 -38.32 -68.51 -1.65
C PRO R 166 -37.40 -67.48 -2.26
N PHE R 167 -36.43 -67.91 -3.07
CA PHE R 167 -35.49 -67.01 -3.75
C PHE R 167 -34.78 -66.08 -2.77
N ILE R 168 -34.70 -66.45 -1.51
CA ILE R 168 -34.12 -65.60 -0.48
C ILE R 168 -33.60 -66.43 0.68
N ALA S 1 -29.34 -39.62 -63.71
CA ALA S 1 -29.10 -38.20 -63.43
C ALA S 1 -28.23 -38.04 -62.20
N ARG S 2 -26.94 -38.36 -62.33
CA ARG S 2 -26.01 -38.25 -61.21
C ARG S 2 -25.64 -36.80 -60.92
N ARG S 3 -25.80 -35.90 -61.89
CA ARG S 3 -25.54 -34.47 -61.67
C ARG S 3 -24.10 -34.24 -61.23
N GLU S 4 -23.15 -34.33 -62.18
CA GLU S 4 -21.71 -34.21 -61.96
C GLU S 4 -21.36 -33.25 -60.83
N LEU S 5 -20.49 -33.69 -59.93
CA LEU S 5 -20.33 -33.07 -58.62
C LEU S 5 -20.03 -31.58 -58.71
N ALA S 6 -19.36 -31.14 -59.78
CA ALA S 6 -19.03 -29.72 -59.91
C ALA S 6 -20.28 -28.86 -59.94
N VAL S 7 -21.31 -29.28 -60.69
CA VAL S 7 -22.57 -28.57 -60.69
C VAL S 7 -23.47 -29.02 -59.54
N ALA S 8 -23.21 -30.20 -58.97
CA ALA S 8 -24.00 -30.64 -57.83
C ALA S 8 -23.75 -29.80 -56.59
N TYR S 9 -22.52 -29.33 -56.41
CA TYR S 9 -22.20 -28.54 -55.22
C TYR S 9 -22.88 -27.18 -55.20
N GLU S 10 -23.50 -26.76 -56.32
CA GLU S 10 -24.18 -25.48 -56.34
C GLU S 10 -25.36 -25.43 -55.37
N ASP S 11 -25.90 -26.59 -54.99
CA ASP S 11 -27.02 -26.67 -54.06
C ASP S 11 -26.60 -27.31 -52.74
N ALA S 12 -25.33 -27.16 -52.37
CA ALA S 12 -24.81 -27.75 -51.15
C ALA S 12 -25.24 -26.94 -49.94
N GLY S 13 -24.68 -27.26 -48.77
CA GLY S 13 -25.04 -26.58 -47.54
C GLY S 13 -26.15 -27.29 -46.81
N ILE S 14 -26.50 -26.73 -45.65
CA ILE S 14 -27.54 -27.28 -44.80
C ILE S 14 -28.88 -26.76 -45.31
N ASP S 15 -29.62 -27.63 -46.01
CA ASP S 15 -30.92 -27.23 -46.55
C ASP S 15 -31.92 -27.04 -45.42
N LEU S 16 -32.62 -25.91 -45.44
CA LEU S 16 -33.57 -25.58 -44.38
C LEU S 16 -35.00 -25.96 -44.69
N MET S 17 -35.34 -26.15 -45.96
CA MET S 17 -36.70 -26.50 -46.32
C MET S 17 -36.90 -28.02 -46.23
N ASP S 18 -38.11 -28.46 -46.54
CA ASP S 18 -38.47 -29.87 -46.53
C ASP S 18 -39.01 -30.24 -47.89
N ASN S 19 -38.49 -31.32 -48.47
CA ASN S 19 -38.92 -31.73 -49.80
C ASN S 19 -40.37 -32.24 -49.81
N GLY S 20 -40.90 -32.62 -48.66
CA GLY S 20 -42.22 -33.21 -48.57
C GLY S 20 -42.25 -34.71 -48.79
N LYS S 21 -41.14 -35.29 -49.24
CA LYS S 21 -41.02 -36.73 -49.44
C LYS S 21 -40.70 -37.44 -48.14
N PHE S 22 -40.19 -38.66 -48.25
CA PHE S 22 -39.54 -39.36 -47.15
C PHE S 22 -38.21 -38.66 -46.94
N ALA S 23 -37.20 -39.32 -46.37
CA ALA S 23 -36.09 -38.56 -45.80
C ALA S 23 -35.37 -37.81 -46.89
N GLN S 24 -35.97 -36.69 -47.29
CA GLN S 24 -35.46 -35.78 -48.32
C GLN S 24 -35.25 -36.50 -49.65
N GLY S 25 -36.13 -37.45 -49.96
CA GLY S 25 -36.05 -38.14 -51.23
C GLY S 25 -34.85 -39.03 -51.40
N LEU S 26 -34.18 -39.38 -50.30
CA LEU S 26 -33.04 -40.26 -50.37
C LEU S 26 -33.42 -41.61 -50.96
N VAL S 27 -32.56 -42.14 -51.82
CA VAL S 27 -32.67 -43.54 -52.22
C VAL S 27 -32.41 -44.42 -51.01
N GLY S 28 -33.14 -45.52 -50.89
CA GLY S 28 -32.87 -46.43 -49.81
C GLY S 28 -34.06 -47.13 -49.19
N ALA S 29 -35.26 -46.54 -49.27
CA ALA S 29 -36.42 -47.25 -48.76
C ALA S 29 -36.63 -48.52 -49.57
N GLU S 30 -37.05 -48.37 -50.83
CA GLU S 30 -36.83 -49.31 -51.92
C GLU S 30 -36.79 -50.78 -51.49
N ALA S 31 -37.80 -51.24 -50.76
CA ALA S 31 -37.77 -52.61 -50.25
C ALA S 31 -38.17 -53.59 -51.34
N ALA S 32 -38.26 -54.86 -50.97
CA ALA S 32 -38.69 -55.89 -51.90
C ALA S 32 -40.12 -55.65 -52.36
N PHE S 33 -41.06 -55.67 -51.41
CA PHE S 33 -42.47 -55.40 -51.69
C PHE S 33 -42.75 -53.95 -51.30
N GLY S 34 -42.79 -53.08 -52.30
CA GLY S 34 -43.04 -51.68 -52.00
C GLY S 34 -41.82 -51.02 -51.37
N ARG S 35 -42.08 -49.92 -50.66
CA ARG S 35 -41.04 -49.11 -50.05
C ARG S 35 -41.15 -49.20 -48.53
N TYR S 36 -40.03 -49.51 -47.88
CA TYR S 36 -39.97 -49.64 -46.43
C TYR S 36 -39.41 -48.34 -45.87
N GLU S 37 -40.29 -47.35 -45.75
CA GLU S 37 -39.92 -46.05 -45.17
C GLU S 37 -39.76 -46.24 -43.67
N PHE S 38 -38.61 -46.80 -43.28
CA PHE S 38 -38.47 -47.35 -41.94
C PHE S 38 -38.58 -46.31 -40.84
N ASP S 39 -37.52 -45.51 -40.64
CA ASP S 39 -37.44 -44.34 -39.76
C ASP S 39 -38.41 -44.38 -38.58
N PRO S 40 -38.34 -45.39 -37.70
CA PRO S 40 -39.35 -45.46 -36.64
C PRO S 40 -39.18 -44.40 -35.57
N ILE S 41 -37.94 -44.12 -35.16
CA ILE S 41 -37.71 -43.11 -34.13
C ILE S 41 -38.11 -41.73 -34.63
N GLY S 42 -37.73 -41.39 -35.85
CA GLY S 42 -38.02 -40.11 -36.42
C GLY S 42 -36.83 -39.20 -36.67
N PHE S 43 -35.63 -39.76 -36.84
CA PHE S 43 -34.47 -38.93 -37.13
C PHE S 43 -34.62 -38.21 -38.47
N SER S 44 -35.38 -38.80 -39.40
CA SER S 44 -35.58 -38.15 -40.69
C SER S 44 -36.46 -36.91 -40.58
N LYS S 45 -37.21 -36.78 -39.50
CA LYS S 45 -37.95 -35.54 -39.26
C LYS S 45 -37.00 -34.37 -39.12
N TYR S 46 -35.79 -34.62 -38.63
CA TYR S 46 -34.72 -33.62 -38.58
C TYR S 46 -34.16 -33.47 -39.98
N THR S 47 -34.90 -32.74 -40.82
CA THR S 47 -34.65 -32.78 -42.26
C THR S 47 -33.30 -32.17 -42.64
N GLU S 48 -32.83 -31.16 -41.90
CA GLU S 48 -31.61 -30.47 -42.31
C GLU S 48 -30.39 -31.39 -42.24
N LEU S 49 -30.38 -32.34 -41.30
CA LEU S 49 -29.26 -33.26 -41.15
C LEU S 49 -29.50 -34.60 -41.82
N VAL S 50 -30.55 -34.71 -42.63
CA VAL S 50 -30.76 -35.95 -43.40
C VAL S 50 -29.58 -36.25 -44.32
N PRO S 51 -29.01 -35.28 -45.06
CA PRO S 51 -27.77 -35.60 -45.79
C PRO S 51 -26.65 -36.05 -44.88
N TRP S 52 -26.55 -35.49 -43.69
CA TRP S 52 -25.57 -35.97 -42.72
C TRP S 52 -25.83 -37.42 -42.36
N PHE S 53 -27.10 -37.77 -42.14
CA PHE S 53 -27.44 -39.15 -41.80
C PHE S 53 -27.09 -40.09 -42.95
N ARG S 54 -27.34 -39.67 -44.19
CA ARG S 54 -26.98 -40.50 -45.32
C ARG S 54 -25.48 -40.68 -45.44
N GLU S 55 -24.72 -39.61 -45.22
CA GLU S 55 -23.26 -39.73 -45.24
C GLU S 55 -22.78 -40.68 -44.16
N ALA S 56 -23.35 -40.56 -42.96
CA ALA S 56 -22.96 -41.47 -41.88
C ALA S 56 -23.31 -42.91 -42.20
N GLU S 57 -24.50 -43.13 -42.76
CA GLU S 57 -24.90 -44.50 -43.11
C GLU S 57 -24.00 -45.09 -44.17
N LEU S 58 -23.67 -44.31 -45.20
CA LEU S 58 -22.81 -44.80 -46.26
C LEU S 58 -21.41 -45.10 -45.74
N LYS S 59 -20.85 -44.20 -44.92
CA LYS S 59 -19.52 -44.44 -44.36
C LYS S 59 -19.52 -45.67 -43.48
N HIS S 60 -20.55 -45.82 -42.64
CA HIS S 60 -20.63 -46.99 -41.77
C HIS S 60 -20.77 -48.27 -42.60
N GLY S 61 -21.59 -48.24 -43.64
CA GLY S 61 -21.76 -49.43 -44.46
C GLY S 61 -20.49 -49.81 -45.19
N ARG S 62 -19.74 -48.83 -45.69
CA ARG S 62 -18.49 -49.12 -46.38
C ARG S 62 -17.46 -49.69 -45.42
N ILE S 63 -17.29 -49.05 -44.26
CA ILE S 63 -16.36 -49.56 -43.26
C ILE S 63 -16.77 -50.97 -42.83
N ALA S 64 -18.08 -51.20 -42.69
CA ALA S 64 -18.57 -52.51 -42.34
C ALA S 64 -18.19 -53.54 -43.39
N MET S 65 -18.70 -53.36 -44.62
CA MET S 65 -18.36 -54.25 -45.72
C MET S 65 -16.89 -54.62 -45.71
N LEU S 66 -16.01 -53.62 -45.62
CA LEU S 66 -14.59 -53.90 -45.58
C LEU S 66 -14.21 -54.72 -44.35
N ALA S 67 -14.81 -54.43 -43.19
CA ALA S 67 -14.40 -55.10 -41.96
C ALA S 67 -14.89 -56.54 -41.90
N TRP S 68 -16.11 -56.79 -42.35
CA TRP S 68 -16.61 -58.16 -42.45
C TRP S 68 -15.75 -58.96 -43.42
N LEU S 69 -15.43 -58.37 -44.58
CA LEU S 69 -14.57 -59.07 -45.51
C LEU S 69 -13.19 -59.32 -44.90
N GLY S 70 -12.70 -58.38 -44.10
CA GLY S 70 -11.39 -58.45 -43.50
C GLY S 70 -11.28 -59.18 -42.20
N LEU S 71 -12.38 -59.69 -41.67
CA LEU S 71 -12.33 -60.74 -40.66
C LEU S 71 -12.87 -62.06 -41.16
N VAL S 72 -13.34 -62.11 -42.41
CA VAL S 72 -13.61 -63.39 -43.06
C VAL S 72 -12.38 -63.92 -43.78
N VAL S 73 -11.76 -63.09 -44.64
CA VAL S 73 -10.64 -63.54 -45.45
C VAL S 73 -9.44 -63.99 -44.61
N PRO S 74 -8.97 -63.24 -43.61
CA PRO S 74 -7.75 -63.67 -42.90
C PRO S 74 -7.86 -65.02 -42.22
N ASP S 75 -9.07 -65.46 -41.87
CA ASP S 75 -9.23 -66.80 -41.32
C ASP S 75 -8.89 -67.89 -42.32
N PHE S 76 -8.63 -67.53 -43.58
CA PHE S 76 -8.20 -68.48 -44.60
C PHE S 76 -6.77 -68.25 -45.04
N VAL S 77 -6.41 -67.00 -45.37
CA VAL S 77 -5.08 -66.66 -45.85
C VAL S 77 -4.60 -65.42 -45.11
N ARG S 78 -3.31 -65.42 -44.76
CA ARG S 78 -2.70 -64.30 -44.05
C ARG S 78 -1.66 -63.61 -44.92
N ILE S 79 -1.33 -62.39 -44.55
CA ILE S 79 -0.29 -61.63 -45.24
C ILE S 79 1.06 -62.29 -45.00
N PRO S 80 1.92 -62.43 -46.01
CA PRO S 80 3.26 -62.98 -45.77
C PRO S 80 3.99 -62.16 -44.73
N GLY S 81 4.65 -62.85 -43.80
CA GLY S 81 5.33 -62.22 -42.69
C GLY S 81 5.04 -63.01 -41.41
N GLU S 82 6.03 -63.04 -40.52
CA GLU S 82 5.90 -63.83 -39.31
C GLU S 82 4.87 -63.23 -38.36
N ALA S 83 4.77 -61.90 -38.32
CA ALA S 83 3.86 -61.25 -37.38
C ALA S 83 2.40 -61.47 -37.72
N TYR S 84 2.10 -61.90 -38.93
CA TYR S 84 0.72 -62.08 -39.33
C TYR S 84 0.39 -63.54 -39.52
N SER S 85 1.34 -64.43 -39.27
CA SER S 85 1.15 -65.85 -39.51
C SER S 85 -0.01 -66.40 -38.68
N PHE S 86 -0.52 -67.56 -39.11
CA PHE S 86 -1.60 -68.21 -38.37
C PHE S 86 -1.16 -68.66 -36.99
N GLU S 87 0.15 -68.76 -36.74
CA GLU S 87 0.64 -69.16 -35.42
C GLU S 87 0.89 -67.98 -34.50
N ALA S 88 1.34 -66.84 -35.03
CA ALA S 88 1.58 -65.67 -34.19
C ALA S 88 0.28 -65.04 -33.74
N VAL S 89 -0.71 -64.98 -34.62
CA VAL S 89 -2.04 -64.46 -34.30
C VAL S 89 -3.05 -65.55 -34.58
N PRO S 90 -3.38 -66.39 -33.60
CA PRO S 90 -4.24 -67.56 -33.89
C PRO S 90 -5.60 -67.21 -34.45
N ARG S 91 -6.21 -66.11 -34.01
CA ARG S 91 -7.54 -65.73 -34.45
C ARG S 91 -7.52 -64.31 -34.99
N VAL S 92 -8.49 -64.01 -35.85
CA VAL S 92 -8.55 -62.70 -36.50
C VAL S 92 -8.87 -61.62 -35.48
N ILE S 93 -9.74 -61.91 -34.51
CA ILE S 93 -10.04 -60.91 -33.48
C ILE S 93 -8.81 -60.60 -32.64
N ASP S 94 -7.87 -61.54 -32.55
CA ASP S 94 -6.61 -61.28 -31.86
C ASP S 94 -5.73 -60.30 -32.64
N ALA S 95 -6.00 -60.10 -33.93
CA ALA S 95 -5.12 -59.25 -34.74
C ALA S 95 -5.14 -57.81 -34.26
N HIS S 96 -6.25 -57.36 -33.69
CA HIS S 96 -6.26 -56.03 -33.09
C HIS S 96 -5.26 -55.98 -31.95
N ASP S 97 -5.52 -56.76 -30.89
CA ASP S 97 -4.60 -56.79 -29.76
C ASP S 97 -3.47 -57.80 -30.00
N ALA S 98 -2.89 -57.72 -31.18
CA ALA S 98 -1.68 -58.46 -31.50
C ALA S 98 -0.61 -57.56 -32.08
N LEU S 99 -0.96 -56.60 -32.94
CA LEU S 99 0.03 -55.68 -33.47
C LEU S 99 0.06 -54.38 -32.68
N ASN S 100 -1.04 -53.62 -32.73
CA ASN S 100 -1.20 -52.33 -32.07
C ASN S 100 0.06 -51.48 -32.00
N ALA S 101 0.09 -50.59 -31.01
CA ALA S 101 1.27 -50.00 -30.41
C ALA S 101 2.47 -49.84 -31.34
N ASP S 102 3.60 -50.42 -30.94
CA ASP S 102 4.87 -50.24 -31.62
C ASP S 102 5.18 -51.36 -32.58
N ALA S 103 4.22 -52.23 -32.90
CA ALA S 103 4.42 -53.19 -33.96
C ALA S 103 4.29 -52.56 -35.34
N GLY S 104 3.66 -51.39 -35.43
CA GLY S 104 3.50 -50.68 -36.68
C GLY S 104 2.17 -50.76 -37.42
N PRO S 105 1.75 -51.94 -37.88
CA PRO S 105 0.72 -51.97 -38.94
C PRO S 105 -0.58 -51.27 -38.57
N ASN S 106 -1.19 -51.65 -37.45
CA ASN S 106 -2.49 -51.07 -37.09
C ASN S 106 -2.37 -49.58 -36.86
N PHE S 107 -1.27 -49.13 -36.25
CA PHE S 107 -1.07 -47.70 -36.06
C PHE S 107 -0.96 -46.99 -37.40
N GLN S 108 -0.28 -47.59 -38.38
CA GLN S 108 -0.19 -46.98 -39.70
C GLN S 108 -1.56 -46.89 -40.35
N ILE S 109 -2.37 -47.95 -40.22
CA ILE S 109 -3.71 -47.91 -40.80
C ILE S 109 -4.53 -46.80 -40.15
N ILE S 110 -4.43 -46.67 -38.83
CA ILE S 110 -5.15 -45.60 -38.14
C ILE S 110 -4.67 -44.24 -38.61
N LEU S 111 -3.35 -44.08 -38.77
CA LEU S 111 -2.80 -42.81 -39.21
C LEU S 111 -3.31 -42.43 -40.60
N PHE S 112 -3.30 -43.38 -41.53
CA PHE S 112 -3.72 -43.08 -42.89
C PHE S 112 -5.24 -42.86 -42.96
N ILE S 113 -6.01 -43.60 -42.16
CA ILE S 113 -7.44 -43.34 -42.09
C ILE S 113 -7.70 -41.94 -41.55
N SER S 114 -6.96 -41.55 -40.53
CA SER S 114 -7.12 -40.20 -39.98
C SER S 114 -6.78 -39.14 -41.02
N ILE S 115 -5.71 -39.34 -41.78
CA ILE S 115 -5.33 -38.37 -42.79
C ILE S 115 -6.39 -38.28 -43.88
N VAL S 116 -6.86 -39.43 -44.38
CA VAL S 116 -7.82 -39.41 -45.48
C VAL S 116 -9.18 -38.91 -45.00
N GLU S 117 -9.47 -39.04 -43.70
CA GLU S 117 -10.74 -38.56 -43.18
C GLU S 117 -10.69 -37.06 -42.87
N LEU S 118 -9.55 -36.58 -42.38
CA LEU S 118 -9.37 -35.14 -42.21
C LEU S 118 -9.39 -34.43 -43.55
N CYS S 119 -8.78 -35.03 -44.57
CA CYS S 119 -8.78 -34.42 -45.90
C CYS S 119 -10.18 -34.40 -46.50
N CYS S 120 -11.02 -35.38 -46.16
CA CYS S 120 -12.38 -35.43 -46.67
C CYS S 120 -13.40 -34.92 -45.67
N ALA S 121 -12.95 -34.24 -44.61
CA ALA S 121 -13.89 -33.66 -43.65
C ALA S 121 -14.62 -32.47 -44.24
N LYS S 122 -13.99 -31.75 -45.17
CA LYS S 122 -14.65 -30.66 -45.87
C LYS S 122 -15.81 -31.15 -46.72
N LYS S 123 -15.84 -32.44 -47.07
CA LYS S 123 -16.97 -32.98 -47.80
C LYS S 123 -18.17 -33.19 -46.89
N VAL S 124 -17.94 -33.62 -45.65
CA VAL S 124 -19.05 -33.87 -44.73
C VAL S 124 -19.60 -32.56 -44.19
N PHE S 125 -18.77 -31.80 -43.49
CA PHE S 125 -19.14 -30.44 -43.10
C PHE S 125 -18.95 -29.53 -44.30
N GLU S 126 -20.04 -28.89 -44.75
CA GLU S 126 -20.08 -28.15 -46.00
C GLU S 126 -19.90 -29.09 -47.19
N TRP S 127 -20.34 -28.65 -48.38
CA TRP S 127 -20.25 -29.47 -49.59
C TRP S 127 -20.91 -30.83 -49.40
N ASN S 128 -22.03 -30.84 -48.69
CA ASN S 128 -22.80 -32.06 -48.47
C ASN S 128 -24.28 -31.74 -48.60
N SER S 129 -24.91 -32.31 -49.61
CA SER S 129 -26.33 -32.08 -49.84
C SER S 129 -27.07 -33.40 -49.88
N VAL S 130 -28.35 -33.36 -50.23
CA VAL S 130 -29.15 -34.58 -50.33
C VAL S 130 -28.59 -35.49 -51.42
N GLU S 131 -28.29 -34.91 -52.59
CA GLU S 131 -27.83 -35.72 -53.71
C GLU S 131 -26.39 -36.18 -53.53
N THR S 132 -25.51 -35.31 -53.03
CA THR S 132 -24.11 -35.67 -52.88
C THR S 132 -23.94 -36.74 -51.80
N ALA S 133 -24.31 -36.42 -50.56
CA ALA S 133 -24.31 -37.37 -49.45
C ALA S 133 -22.97 -38.06 -49.32
N GLY S 134 -22.84 -39.26 -49.85
CA GLY S 134 -21.60 -40.02 -49.84
C GLY S 134 -20.84 -40.01 -51.14
N ASP S 135 -21.16 -39.12 -52.06
CA ASP S 135 -20.52 -39.08 -53.38
C ASP S 135 -19.13 -38.48 -53.23
N TYR S 136 -18.11 -39.34 -53.20
CA TYR S 136 -16.72 -38.90 -53.17
C TYR S 136 -16.10 -38.89 -54.56
N ASN S 137 -16.92 -38.84 -55.61
CA ASN S 137 -16.45 -38.81 -56.99
C ASN S 137 -15.58 -40.02 -57.31
N LEU S 138 -15.97 -41.18 -56.79
CA LEU S 138 -15.37 -42.45 -57.15
C LEU S 138 -16.32 -43.28 -58.02
N THR S 139 -17.14 -42.60 -58.82
CA THR S 139 -18.18 -43.26 -59.59
C THR S 139 -17.60 -44.30 -60.55
N ARG S 140 -16.84 -43.84 -61.54
CA ARG S 140 -16.22 -44.70 -62.54
C ARG S 140 -17.21 -45.74 -63.07
N LEU S 141 -17.27 -46.89 -62.42
CA LEU S 141 -18.21 -47.94 -62.79
C LEU S 141 -19.58 -47.72 -62.14
N PHE S 142 -20.08 -46.50 -62.28
CA PHE S 142 -21.43 -46.15 -61.86
C PHE S 142 -22.29 -46.07 -63.10
N PRO S 143 -23.23 -47.00 -63.30
CA PRO S 143 -23.91 -47.07 -64.61
C PRO S 143 -24.70 -45.80 -64.89
N GLU S 144 -24.84 -45.51 -66.18
CA GLU S 144 -25.57 -44.32 -66.63
C GLU S 144 -27.06 -44.57 -66.56
N ASP S 145 -27.84 -43.71 -67.23
CA ASP S 145 -29.29 -43.64 -67.09
C ASP S 145 -29.62 -43.14 -65.69
N ASP S 146 -30.85 -43.38 -65.23
CA ASP S 146 -31.26 -42.96 -63.90
C ASP S 146 -31.67 -44.13 -63.02
N GLU S 147 -32.50 -45.04 -63.56
CA GLU S 147 -32.94 -46.18 -62.75
C GLU S 147 -31.80 -47.12 -62.42
N ALA S 148 -30.82 -47.26 -63.32
CA ALA S 148 -29.65 -48.07 -63.00
C ALA S 148 -28.86 -47.46 -61.86
N GLN S 149 -28.75 -46.12 -61.84
CA GLN S 149 -28.08 -45.46 -60.73
C GLN S 149 -28.82 -45.69 -59.43
N LYS S 150 -30.16 -45.63 -59.45
CA LYS S 150 -30.93 -45.93 -58.26
C LYS S 150 -30.73 -47.37 -57.81
N GLN S 151 -30.69 -48.30 -58.75
CA GLN S 151 -30.49 -49.70 -58.39
C GLN S 151 -29.12 -49.91 -57.76
N MET S 152 -28.09 -49.26 -58.29
CA MET S 152 -26.77 -49.42 -57.70
C MET S 152 -26.68 -48.74 -56.34
N ARG S 153 -27.34 -47.59 -56.17
CA ARG S 153 -27.36 -46.94 -54.87
C ARG S 153 -28.08 -47.80 -53.82
N ILE S 154 -29.21 -48.39 -54.20
CA ILE S 154 -29.93 -49.23 -53.24
C ILE S 154 -29.15 -50.52 -53.00
N ALA S 155 -28.42 -51.03 -54.00
CA ALA S 155 -27.56 -52.18 -53.77
C ALA S 155 -26.48 -51.85 -52.77
N GLU S 156 -25.83 -50.69 -52.93
CA GLU S 156 -24.81 -50.28 -51.97
C GLU S 156 -25.40 -50.13 -50.57
N LEU S 157 -26.57 -49.51 -50.47
CA LEU S 157 -27.17 -49.28 -49.16
C LEU S 157 -27.56 -50.60 -48.49
N LYS S 158 -28.22 -51.49 -49.22
CA LYS S 158 -28.62 -52.76 -48.65
C LYS S 158 -27.41 -53.60 -48.24
N ASN S 159 -26.38 -53.65 -49.10
CA ASN S 159 -25.18 -54.38 -48.75
C ASN S 159 -24.48 -53.77 -47.55
N GLY S 160 -24.46 -52.44 -47.46
CA GLY S 160 -23.80 -51.80 -46.34
C GLY S 160 -24.52 -52.04 -45.02
N ARG S 161 -25.85 -51.93 -45.02
CA ARG S 161 -26.62 -52.22 -43.82
C ARG S 161 -26.46 -53.68 -43.41
N LEU S 162 -26.55 -54.58 -44.40
CA LEU S 162 -26.37 -55.99 -44.14
C LEU S 162 -25.00 -56.28 -43.57
N ALA S 163 -23.97 -55.61 -44.08
CA ALA S 163 -22.62 -55.82 -43.59
C ALA S 163 -22.42 -55.23 -42.21
N MET S 164 -23.08 -54.11 -41.90
CA MET S 164 -23.03 -53.58 -40.54
C MET S 164 -23.59 -54.59 -39.54
N ILE S 165 -24.79 -55.09 -39.83
CA ILE S 165 -25.41 -56.07 -38.93
C ILE S 165 -24.58 -57.35 -38.88
N ALA S 166 -24.06 -57.78 -40.03
CA ALA S 166 -23.26 -58.99 -40.08
C ALA S 166 -21.97 -58.85 -39.28
N PHE S 167 -21.28 -57.71 -39.42
CA PHE S 167 -20.06 -57.49 -38.67
C PHE S 167 -20.34 -57.46 -37.18
N GLY S 168 -21.45 -56.82 -36.78
CA GLY S 168 -21.85 -56.86 -35.38
C GLY S 168 -21.93 -58.28 -34.90
N GLY S 169 -22.80 -59.07 -35.54
CA GLY S 169 -22.82 -60.48 -35.20
C GLY S 169 -21.81 -61.22 -36.05
N ALA S 170 -20.60 -61.30 -35.51
CA ALA S 170 -19.39 -61.76 -36.20
C ALA S 170 -18.24 -61.42 -35.27
N VAL S 171 -18.06 -60.14 -34.95
CA VAL S 171 -17.22 -59.83 -33.80
C VAL S 171 -17.86 -60.40 -32.53
N THR S 172 -19.19 -60.27 -32.40
CA THR S 172 -19.86 -60.91 -31.27
C THR S 172 -19.72 -62.42 -31.35
N GLN S 173 -19.98 -63.00 -32.53
CA GLN S 173 -19.93 -64.45 -32.68
C GLN S 173 -18.52 -65.01 -32.54
N ALA S 174 -17.49 -64.16 -32.64
CA ALA S 174 -16.11 -64.60 -32.49
C ALA S 174 -15.58 -64.41 -31.08
N VAL S 175 -16.00 -63.35 -30.38
CA VAL S 175 -15.56 -63.20 -29.01
C VAL S 175 -16.16 -64.27 -28.11
N ILE S 176 -17.45 -64.58 -28.29
CA ILE S 176 -18.10 -65.61 -27.48
C ILE S 176 -17.78 -67.02 -27.95
N THR S 177 -17.14 -67.18 -29.09
CA THR S 177 -16.90 -68.52 -29.59
C THR S 177 -15.44 -68.80 -29.92
N GLY S 178 -14.73 -67.81 -30.47
CA GLY S 178 -13.33 -68.00 -30.83
C GLY S 178 -13.13 -69.08 -31.88
N LYS S 179 -13.67 -68.86 -33.07
CA LYS S 179 -13.65 -69.86 -34.13
C LYS S 179 -13.35 -69.22 -35.48
N PRO S 180 -13.04 -70.01 -36.51
CA PRO S 180 -12.82 -69.44 -37.85
C PRO S 180 -14.11 -68.93 -38.49
N PHE S 181 -14.02 -68.56 -39.77
CA PHE S 181 -15.10 -67.87 -40.49
C PHE S 181 -16.51 -68.34 -40.15
N PRO S 182 -16.82 -69.64 -40.07
CA PRO S 182 -18.11 -70.01 -39.48
C PRO S 182 -18.01 -69.91 -37.96
N TRP S 183 -18.58 -68.85 -37.39
CA TRP S 183 -18.42 -68.56 -35.97
C TRP S 183 -19.47 -69.24 -35.11
N THR S 184 -20.10 -70.30 -35.63
CA THR S 184 -21.02 -71.10 -34.83
C THR S 184 -20.26 -71.86 -33.76
N PHE S 185 -20.95 -72.20 -32.68
CA PHE S 185 -20.34 -72.98 -31.61
C PHE S 185 -20.02 -74.39 -32.08
N PHE T 1 54.79 78.03 -7.35
CA PHE T 1 54.19 78.01 -6.03
C PHE T 1 55.00 78.81 -5.03
N GLU T 2 54.55 80.04 -4.74
CA GLU T 2 55.16 80.90 -3.74
C GLU T 2 54.10 81.32 -2.74
N ASN T 3 54.55 81.89 -1.62
CA ASN T 3 53.74 82.42 -0.52
C ASN T 3 53.23 81.32 0.43
N GLU T 4 53.49 80.05 0.15
CA GLU T 4 52.86 78.99 0.95
C GLU T 4 53.69 78.62 2.18
N LEU T 5 54.12 79.63 2.95
CA LEU T 5 54.77 79.41 4.24
C LEU T 5 56.01 78.51 4.11
N GLY T 6 56.72 78.58 3.00
CA GLY T 6 57.82 77.68 2.77
C GLY T 6 59.15 78.37 2.50
N VAL T 7 59.09 79.64 2.09
CA VAL T 7 60.30 80.38 1.81
C VAL T 7 60.76 81.12 3.05
N GLN T 8 62.01 80.92 3.44
CA GLN T 8 62.48 81.54 4.67
C GLN T 8 63.66 82.45 4.48
N ALA T 9 64.43 82.66 5.54
CA ALA T 9 65.53 83.60 5.47
C ALA T 9 66.75 83.15 4.68
N PRO T 10 67.39 82.04 5.07
CA PRO T 10 68.58 81.73 4.29
C PRO T 10 68.28 80.95 3.01
N THR T 11 67.01 80.78 2.66
CA THR T 11 66.68 80.00 1.48
C THR T 11 65.40 80.42 0.80
N GLY T 12 65.26 80.09 -0.47
CA GLY T 12 64.05 80.39 -1.21
C GLY T 12 63.22 79.17 -1.51
N PHE T 13 62.79 79.05 -2.77
CA PHE T 13 62.04 77.88 -3.24
C PHE T 13 63.04 76.75 -3.46
N PHE T 14 63.44 76.12 -2.35
CA PHE T 14 64.52 75.15 -2.38
C PHE T 14 64.08 73.84 -3.01
N ASP T 15 64.16 73.76 -4.33
CA ASP T 15 63.78 72.58 -5.09
C ASP T 15 64.86 72.24 -6.10
N PRO T 16 65.91 71.53 -5.69
CA PRO T 16 66.85 70.99 -6.69
C PRO T 16 66.15 70.11 -7.70
N LEU T 17 65.20 69.28 -7.26
CA LEU T 17 64.28 68.61 -8.16
C LEU T 17 62.87 68.51 -7.56
N GLY T 18 62.64 69.10 -6.39
CA GLY T 18 61.34 68.97 -5.75
C GLY T 18 60.25 69.65 -6.55
N LEU T 19 59.03 69.14 -6.37
CA LEU T 19 57.88 69.55 -7.17
C LEU T 19 58.20 69.37 -8.65
N SER T 20 58.39 68.10 -9.03
CA SER T 20 59.02 67.77 -10.31
C SER T 20 58.26 68.37 -11.49
N SER T 21 56.95 68.46 -11.41
CA SER T 21 56.17 69.09 -12.48
C SER T 21 55.98 70.59 -12.28
N ASP T 22 56.39 71.12 -11.13
CA ASP T 22 56.17 72.53 -10.79
C ASP T 22 54.70 72.90 -10.93
N GLY T 23 53.84 71.98 -10.52
CA GLY T 23 52.40 72.15 -10.55
C GLY T 23 51.71 71.11 -9.70
N SER T 24 50.58 70.57 -10.17
CA SER T 24 49.88 69.49 -9.50
C SER T 24 49.57 69.85 -8.04
N ILE T 25 48.69 70.85 -7.90
CA ILE T 25 48.39 71.41 -6.59
C ILE T 25 47.92 70.35 -5.62
N ASP T 26 47.27 69.29 -6.10
CA ASP T 26 46.88 68.19 -5.23
C ASP T 26 48.10 67.48 -4.65
N ASN T 27 49.09 67.20 -5.50
CA ASN T 27 50.34 66.61 -5.02
C ASN T 27 51.00 67.52 -4.01
N PHE T 28 50.98 68.83 -4.26
CA PHE T 28 51.63 69.76 -3.34
C PHE T 28 50.90 69.85 -2.00
N LYS T 29 49.56 69.79 -2.02
CA LYS T 29 48.83 69.80 -0.77
C LYS T 29 49.10 68.53 0.04
N ARG T 30 49.15 67.38 -0.64
CA ARG T 30 49.52 66.15 0.04
C ARG T 30 50.93 66.25 0.63
N ARG T 31 51.86 66.83 -0.13
CA ARG T 31 53.21 67.00 0.37
C ARG T 31 53.27 67.99 1.53
N ARG T 32 52.40 69.01 1.53
CA ARG T 32 52.36 69.95 2.66
C ARG T 32 51.89 69.26 3.93
N ALA T 33 50.80 68.49 3.83
CA ALA T 33 50.35 67.71 4.98
C ALA T 33 51.44 66.75 5.44
N SER T 34 52.11 66.09 4.48
CA SER T 34 53.18 65.16 4.78
C SER T 34 54.32 65.85 5.53
N GLU T 35 54.75 67.01 5.03
CA GLU T 35 55.89 67.69 5.62
C GLU T 35 55.55 68.22 6.99
N ILE T 36 54.34 68.77 7.17
CA ILE T 36 54.00 69.33 8.47
C ILE T 36 53.85 68.22 9.51
N LYS T 37 53.26 67.08 9.13
CA LYS T 37 53.15 65.97 10.06
C LYS T 37 54.53 65.38 10.39
N HIS T 38 55.37 65.21 9.36
CA HIS T 38 56.73 64.77 9.58
C HIS T 38 57.45 65.69 10.55
N GLY T 39 57.32 66.99 10.35
CA GLY T 39 58.02 67.95 11.20
C GLY T 39 57.54 67.91 12.64
N ARG T 40 56.23 67.84 12.84
CA ARG T 40 55.70 67.76 14.19
C ARG T 40 56.19 66.51 14.90
N VAL T 41 56.09 65.36 14.21
CA VAL T 41 56.56 64.11 14.80
C VAL T 41 58.04 64.18 15.11
N ALA T 42 58.83 64.72 14.19
CA ALA T 42 60.26 64.83 14.42
C ALA T 42 60.55 65.69 15.64
N MET T 43 59.98 66.90 15.68
CA MET T 43 60.17 67.77 16.83
C MET T 43 59.89 67.03 18.13
N LEU T 44 58.78 66.29 18.17
CA LEU T 44 58.49 65.48 19.36
C LEU T 44 59.59 64.46 19.61
N ALA T 45 60.12 63.85 18.56
CA ALA T 45 61.07 62.75 18.75
C ALA T 45 62.45 63.25 19.21
N THR T 46 62.93 64.34 18.62
CA THR T 46 64.15 64.97 19.13
C THR T 46 63.95 65.46 20.56
N MET T 47 62.77 66.03 20.83
CA MET T 47 62.41 66.43 22.19
C MET T 47 62.53 65.27 23.15
N GLY T 48 62.02 64.10 22.76
CA GLY T 48 62.09 62.91 23.59
C GLY T 48 63.41 62.18 23.56
N TYR T 49 64.31 62.56 22.65
CA TYR T 49 65.68 62.09 22.74
C TYR T 49 66.48 62.91 23.73
N MET T 50 66.22 64.21 23.80
CA MET T 50 66.98 65.09 24.68
C MET T 50 66.29 65.37 26.00
N THR T 51 65.09 64.84 26.24
CA THR T 51 64.50 65.00 27.56
C THR T 51 65.05 63.98 28.56
N PRO T 52 65.06 62.67 28.25
CA PRO T 52 65.56 61.71 29.26
C PRO T 52 67.02 61.93 29.64
N GLU T 53 67.86 62.36 28.71
CA GLU T 53 69.27 62.56 29.03
C GLU T 53 69.45 63.76 29.95
N ILE T 54 68.81 64.88 29.62
CA ILE T 54 68.98 66.09 30.40
C ILE T 54 68.07 66.09 31.63
N THR T 55 66.94 65.38 31.56
CA THR T 55 66.08 65.17 32.73
C THR T 55 65.87 63.67 32.89
N GLY T 56 66.37 63.11 33.98
CA GLY T 56 66.38 61.68 34.21
C GLY T 56 65.11 60.94 33.84
N LYS T 57 65.26 59.70 33.37
CA LYS T 57 64.13 58.92 32.90
C LYS T 57 63.05 58.83 33.98
N PHE T 58 61.80 58.65 33.54
CA PHE T 58 60.61 58.69 34.37
C PHE T 58 60.76 57.83 35.62
N PRO T 59 60.10 58.20 36.73
CA PRO T 59 60.30 57.44 37.97
C PRO T 59 59.50 56.16 38.08
N GLY T 60 58.47 55.97 37.25
CA GLY T 60 57.57 54.83 37.40
C GLY T 60 58.14 53.54 36.89
N TYR T 61 57.26 52.67 36.39
CA TYR T 61 57.63 51.37 35.86
C TYR T 61 57.36 51.21 34.38
N LEU T 62 56.21 51.70 33.90
CA LEU T 62 55.76 51.60 32.52
C LEU T 62 55.27 50.18 32.21
N SER T 63 55.55 49.23 33.10
CA SER T 63 54.98 47.89 32.97
C SER T 63 55.08 47.21 34.34
N TYR T 64 53.96 47.17 35.06
CA TYR T 64 53.94 46.42 36.31
C TYR T 64 53.84 44.92 36.06
N SER T 65 53.16 44.51 34.99
CA SER T 65 53.02 43.09 34.70
C SER T 65 54.34 42.47 34.26
N GLN T 66 55.08 43.17 33.39
CA GLN T 66 56.34 42.66 32.86
C GLN T 66 57.54 43.12 33.67
N SER T 67 57.33 43.80 34.79
CA SER T 67 58.39 44.22 35.70
C SER T 67 59.43 45.11 35.04
N ILE T 68 59.04 45.80 33.97
CA ILE T 68 59.91 46.77 33.33
C ILE T 68 59.87 48.08 34.12
N LYS T 69 60.98 48.81 34.10
CA LYS T 69 61.05 50.13 34.72
C LYS T 69 61.45 51.17 33.68
N PHE T 70 60.95 52.39 33.86
CA PHE T 70 61.36 53.49 33.00
C PHE T 70 62.88 53.67 33.04
N ALA T 71 63.47 53.59 34.23
CA ALA T 71 64.91 53.75 34.39
C ALA T 71 65.68 52.56 33.86
N ASP T 72 65.02 51.52 33.36
CA ASP T 72 65.69 50.36 32.80
C ASP T 72 65.50 50.24 31.29
N VAL T 73 64.70 51.11 30.68
CA VAL T 73 64.53 51.15 29.23
C VAL T 73 65.62 52.07 28.66
N PRO T 74 66.52 51.57 27.82
CA PRO T 74 67.56 52.44 27.27
C PRO T 74 66.95 53.53 26.39
N ASN T 75 67.62 54.67 26.33
CA ASN T 75 67.15 55.82 25.56
C ASN T 75 67.76 55.77 24.17
N GLY T 76 66.91 55.71 23.15
CA GLY T 76 67.34 55.66 21.78
C GLY T 76 66.61 54.56 21.03
N LEU T 77 67.22 54.12 19.93
CA LEU T 77 66.61 53.08 19.11
C LEU T 77 66.48 51.76 19.85
N ALA T 78 67.29 51.53 20.88
CA ALA T 78 67.20 50.29 21.64
C ALA T 78 65.91 50.19 22.44
N ALA T 79 65.23 51.31 22.68
CA ALA T 79 64.00 51.29 23.46
C ALA T 79 62.88 50.58 22.73
N MET T 80 62.90 50.57 21.39
CA MET T 80 61.85 49.91 20.64
C MET T 80 61.79 48.42 20.95
N SER T 81 62.93 47.81 21.27
CA SER T 81 62.99 46.41 21.61
C SER T 81 62.86 46.16 23.11
N LYS T 82 62.70 47.20 23.91
CA LYS T 82 62.56 47.08 25.36
C LYS T 82 61.19 47.45 25.86
N VAL T 83 60.59 48.51 25.32
CA VAL T 83 59.22 48.88 25.72
C VAL T 83 58.29 47.72 25.38
N PRO T 84 57.44 47.26 26.31
CA PRO T 84 56.55 46.14 25.99
C PRO T 84 55.69 46.45 24.79
N VAL T 85 55.53 45.46 23.91
CA VAL T 85 54.90 45.72 22.62
C VAL T 85 53.43 46.06 22.78
N LEU T 86 52.81 45.68 23.90
CA LEU T 86 51.49 46.20 24.20
C LEU T 86 51.53 47.72 24.36
N GLY T 87 52.62 48.24 24.90
CA GLY T 87 52.79 49.68 24.97
C GLY T 87 52.89 50.33 23.61
N TRP T 88 53.64 49.72 22.70
CA TRP T 88 53.70 50.25 21.34
C TRP T 88 52.37 50.13 20.63
N ALA T 89 51.60 49.09 20.94
CA ALA T 89 50.24 48.99 20.39
C ALA T 89 49.35 50.10 20.91
N GLN T 90 49.50 50.46 22.18
CA GLN T 90 48.74 51.58 22.73
C GLN T 90 49.20 52.90 22.14
N VAL T 91 50.50 53.05 21.87
CA VAL T 91 50.97 54.23 21.14
C VAL T 91 50.36 54.28 19.75
N ALA T 92 50.26 53.13 19.10
CA ALA T 92 49.58 53.06 17.81
C ALA T 92 48.11 53.46 17.93
N ALA T 93 47.45 53.03 19.00
CA ALA T 93 46.06 53.41 19.21
C ALA T 93 45.92 54.91 19.41
N TYR T 94 46.84 55.52 20.16
CA TYR T 94 46.81 56.97 20.31
C TYR T 94 47.07 57.66 18.98
N GLY T 95 47.98 57.13 18.18
CA GLY T 95 48.19 57.68 16.84
C GLY T 95 46.95 57.56 15.98
N ALA T 96 46.20 56.47 16.15
CA ALA T 96 44.97 56.28 15.39
C ALA T 96 43.91 57.29 15.81
N VAL T 97 43.71 57.47 17.11
CA VAL T 97 42.74 58.45 17.59
C VAL T 97 43.23 59.87 17.32
N CYS T 98 44.51 60.04 17.02
CA CYS T 98 45.05 61.33 16.66
C CYS T 98 45.03 61.59 15.16
N GLU T 99 44.89 60.54 14.35
CA GLU T 99 44.84 60.65 12.89
C GLU T 99 43.45 60.46 12.32
N LEU T 100 42.61 59.64 12.94
CA LEU T 100 41.30 59.31 12.40
C LEU T 100 40.15 59.99 13.10
N SER T 101 40.39 60.70 14.20
CA SER T 101 39.31 61.44 14.86
C SER T 101 38.81 62.56 13.97
N GLN T 102 39.70 63.45 13.56
CA GLN T 102 39.38 64.52 12.62
C GLN T 102 39.89 64.14 11.24
N ASP T 103 39.06 64.39 10.23
CA ASP T 103 39.40 64.03 8.87
C ASP T 103 40.56 64.90 8.35
N GLN T 104 41.40 64.29 7.52
CA GLN T 104 42.49 64.99 6.86
C GLN T 104 42.55 64.65 5.38
N SER T 105 41.38 64.43 4.77
CA SER T 105 41.29 64.21 3.33
C SER T 105 41.64 65.51 2.61
N PRO T 106 42.08 65.42 1.35
CA PRO T 106 42.42 66.64 0.60
C PRO T 106 41.27 67.63 0.57
N GLY T 107 41.60 68.91 0.74
CA GLY T 107 40.63 69.97 0.84
C GLY T 107 40.22 70.29 2.27
N THR T 108 40.13 69.28 3.13
CA THR T 108 39.75 69.50 4.51
C THR T 108 40.85 70.22 5.27
N PRO T 109 40.52 70.91 6.37
CA PRO T 109 41.56 71.55 7.17
C PRO T 109 42.58 70.58 7.72
N GLY T 110 42.21 69.33 7.93
CA GLY T 110 43.16 68.33 8.40
C GLY T 110 44.31 68.12 7.43
N ALA T 111 44.08 68.36 6.14
CA ALA T 111 45.12 68.24 5.14
C ALA T 111 46.06 69.43 5.10
N ALA T 112 45.92 70.37 6.03
CA ALA T 112 46.81 71.52 6.11
C ALA T 112 47.36 71.71 7.52
N GLY T 113 47.39 70.65 8.32
CA GLY T 113 47.85 70.77 9.69
C GLY T 113 46.87 71.45 10.62
N ASP T 114 45.64 71.67 10.19
CA ASP T 114 44.64 72.37 10.98
C ASP T 114 43.77 71.33 11.69
N PHE T 115 44.30 70.82 12.81
CA PHE T 115 43.59 69.85 13.64
C PHE T 115 42.94 70.50 14.86
N GLY T 116 42.77 71.82 14.83
CA GLY T 116 42.08 72.50 15.92
C GLY T 116 42.78 72.41 17.26
N PHE T 117 44.10 72.61 17.28
CA PHE T 117 44.88 72.57 18.50
C PHE T 117 45.07 73.95 19.13
N LYS T 118 45.38 74.95 18.32
CA LYS T 118 45.54 76.33 18.77
C LYS T 118 46.63 76.47 19.83
N VAL T 119 46.22 76.48 21.10
CA VAL T 119 47.05 76.69 22.29
C VAL T 119 48.16 77.73 22.08
N ILE T 120 49.00 77.57 21.07
CA ILE T 120 50.04 78.54 20.78
C ILE T 120 49.71 79.27 19.49
N THR T 121 48.42 79.43 19.22
CA THR T 121 47.97 80.22 18.09
C THR T 121 48.27 81.70 18.32
N SER T 122 47.92 82.53 17.35
CA SER T 122 48.11 83.97 17.44
C SER T 122 46.83 84.65 16.96
N GLU T 123 46.89 85.96 16.77
CA GLU T 123 45.70 86.74 16.46
C GLU T 123 45.74 87.43 15.10
N ASP T 124 46.90 87.90 14.66
CA ASP T 124 47.03 88.64 13.41
C ASP T 124 47.58 87.73 12.33
N GLU T 125 47.05 87.89 11.11
CA GLU T 125 47.44 87.02 10.01
C GLU T 125 48.95 87.02 9.78
N GLU T 126 49.62 88.16 10.04
CA GLU T 126 51.07 88.18 9.97
C GLU T 126 51.68 87.42 11.16
N THR T 127 51.10 87.56 12.34
CA THR T 127 51.54 86.74 13.47
C THR T 127 51.22 85.28 13.23
N LEU T 128 50.09 84.99 12.57
CA LEU T 128 49.80 83.63 12.13
C LEU T 128 50.90 83.12 11.21
N LYS T 129 51.33 83.96 10.26
CA LYS T 129 52.42 83.61 9.36
C LYS T 129 53.69 83.31 10.14
N ARG T 130 54.01 84.17 11.11
CA ARG T 130 55.20 83.98 11.93
C ARG T 130 55.16 82.65 12.67
N LYS T 131 54.04 82.37 13.35
CA LYS T 131 53.93 81.12 14.11
C LYS T 131 54.00 79.91 13.20
N LEU T 132 53.28 79.94 12.08
CA LEU T 132 53.26 78.79 11.18
C LEU T 132 54.63 78.53 10.58
N ASN T 133 55.33 79.58 10.13
CA ASN T 133 56.64 79.37 9.55
C ASN T 133 57.66 78.97 10.60
N SER T 134 57.50 79.46 11.84
CA SER T 134 58.36 78.99 12.92
C SER T 134 58.18 77.50 13.13
N GLU T 135 56.92 77.04 13.19
CA GLU T 135 56.66 75.62 13.34
C GLU T 135 57.25 74.82 12.19
N LEU T 136 57.09 75.31 10.97
CA LEU T 136 57.55 74.56 9.81
C LEU T 136 59.08 74.49 9.74
N ALA T 137 59.77 75.61 9.99
CA ALA T 137 61.22 75.60 10.00
C ALA T 137 61.77 74.74 11.12
N ASN T 138 61.18 74.84 12.31
CA ASN T 138 61.59 73.98 13.41
C ASN T 138 61.34 72.52 13.08
N GLY T 139 60.26 72.22 12.35
CA GLY T 139 60.00 70.84 11.95
C GLY T 139 61.01 70.32 10.96
N ARG T 140 61.44 71.16 10.01
CA ARG T 140 62.47 70.75 9.07
C ARG T 140 63.79 70.48 9.79
N LEU T 141 64.21 71.42 10.64
CA LEU T 141 65.42 71.21 11.42
C LEU T 141 65.28 69.98 12.30
N ALA T 142 64.09 69.76 12.84
CA ALA T 142 63.82 68.55 13.60
C ALA T 142 64.09 67.32 12.76
N MET T 143 63.32 67.13 11.68
CA MET T 143 63.52 65.99 10.79
C MET T 143 64.99 65.71 10.54
N MET T 144 65.75 66.76 10.22
CA MET T 144 67.19 66.59 10.01
C MET T 144 67.85 66.03 11.26
N ALA T 145 67.62 66.66 12.42
CA ALA T 145 68.30 66.23 13.64
C ALA T 145 67.83 64.87 14.12
N ILE T 146 66.56 64.53 13.87
CA ILE T 146 66.02 63.27 14.33
C ILE T 146 66.62 62.12 13.53
N ILE T 147 66.74 62.27 12.21
CA ILE T 147 67.39 61.20 11.47
C ILE T 147 68.88 61.16 11.79
N GLY T 148 69.48 62.32 12.09
CA GLY T 148 70.86 62.32 12.55
C GLY T 148 71.05 61.56 13.84
N LEU T 149 70.15 61.76 14.80
CA LEU T 149 70.23 61.02 16.06
C LEU T 149 69.92 59.55 15.87
N PHE T 150 69.00 59.23 14.95
CA PHE T 150 68.78 57.84 14.55
C PHE T 150 70.09 57.19 14.13
N PHE T 151 70.83 57.84 13.24
CA PHE T 151 72.07 57.27 12.76
C PHE T 151 73.16 57.27 13.82
N GLN T 152 73.18 58.27 14.70
CA GLN T 152 74.14 58.27 15.80
C GLN T 152 73.91 57.07 16.71
N ASP T 153 72.65 56.78 17.05
CA ASP T 153 72.33 55.61 17.85
C ASP T 153 72.67 54.33 17.11
N GLY T 154 72.38 54.27 15.81
CA GLY T 154 72.64 53.06 15.06
C GLY T 154 74.12 52.74 14.91
N LEU T 155 74.95 53.78 14.76
CA LEU T 155 76.37 53.58 14.51
C LEU T 155 77.18 53.53 15.80
N THR T 156 77.07 54.56 16.64
CA THR T 156 77.84 54.61 17.88
C THR T 156 77.41 53.54 18.88
N GLY T 157 76.25 52.92 18.69
CA GLY T 157 75.79 51.88 19.58
C GLY T 157 75.09 52.37 20.84
N GLY T 158 74.97 53.67 21.03
CA GLY T 158 74.32 54.22 22.21
C GLY T 158 73.59 55.50 21.85
N ALA T 159 72.98 56.10 22.87
CA ALA T 159 72.22 57.33 22.66
C ALA T 159 73.09 58.44 22.10
N TYR T 160 74.35 58.52 22.51
CA TYR T 160 75.27 59.52 22.01
C TYR T 160 76.69 58.97 21.93
N VAL U 1 0.42 63.60 43.96
CA VAL U 1 0.93 64.75 44.71
C VAL U 1 0.50 64.66 46.16
N LYS U 2 -0.06 63.52 46.54
CA LYS U 2 -0.52 63.36 47.93
C LYS U 2 0.66 63.26 48.89
N MET U 3 1.78 62.70 48.46
CA MET U 3 3.06 62.82 49.17
C MET U 3 2.96 62.28 50.60
N SER U 4 2.83 60.95 50.68
CA SER U 4 2.58 60.20 51.91
C SER U 4 3.29 60.79 53.12
N PRO U 5 2.56 61.06 54.20
CA PRO U 5 3.16 61.79 55.33
C PRO U 5 4.31 61.08 56.00
N SER U 6 4.37 59.75 55.92
CA SER U 6 5.49 59.04 56.53
C SER U 6 6.78 59.32 55.79
N VAL U 7 6.86 58.92 54.53
CA VAL U 7 8.02 59.22 53.69
C VAL U 7 7.67 60.41 52.80
N PRO U 8 8.04 61.61 53.18
CA PRO U 8 7.53 62.81 52.47
C PRO U 8 7.91 62.87 51.00
N TYR U 9 9.06 62.31 50.63
CA TYR U 9 9.51 62.37 49.24
C TYR U 9 8.84 61.33 48.36
N LEU U 10 8.06 60.42 48.91
CA LEU U 10 7.40 59.41 48.12
C LEU U 10 5.92 59.74 47.93
N PRO U 11 5.35 59.41 46.78
CA PRO U 11 3.91 59.59 46.59
C PRO U 11 3.13 58.67 47.51
N TYR U 12 1.93 59.10 47.87
CA TYR U 12 1.08 58.33 48.75
C TYR U 12 0.69 57.02 48.08
N PRO U 13 0.80 55.88 48.76
CA PRO U 13 0.30 54.63 48.19
C PRO U 13 -1.22 54.64 48.16
N GLU U 14 -1.80 54.81 46.97
CA GLU U 14 -3.18 55.26 46.86
C GLU U 14 -4.16 54.28 47.48
N ARG U 15 -3.90 52.98 47.34
CA ARG U 15 -4.85 51.99 47.84
C ARG U 15 -4.89 51.92 49.36
N LEU U 16 -3.95 52.56 50.05
CA LEU U 16 -3.99 52.59 51.50
C LEU U 16 -5.02 53.58 52.03
N GLU U 17 -5.54 54.46 51.18
CA GLU U 17 -6.53 55.42 51.64
C GLU U 17 -7.83 54.71 51.99
N GLY U 18 -8.43 55.10 53.11
CA GLY U 18 -9.64 54.49 53.60
C GLY U 18 -9.43 53.37 54.59
N TRP U 19 -8.23 52.79 54.64
CA TRP U 19 -7.94 51.76 55.61
C TRP U 19 -7.54 52.39 56.93
N VAL U 20 -7.54 51.57 57.99
CA VAL U 20 -7.43 52.10 59.34
C VAL U 20 -6.11 52.82 59.55
N GLY U 21 -5.02 52.21 59.14
CA GLY U 21 -3.71 52.81 59.32
C GLY U 21 -3.21 53.64 58.16
N GLY U 22 -4.08 53.92 57.17
CA GLY U 22 -3.65 54.59 55.97
C GLY U 22 -3.38 56.07 56.09
N GLU U 23 -3.74 56.69 57.20
CA GLU U 23 -3.49 58.12 57.35
C GLU U 23 -2.01 58.46 57.42
N LYS U 24 -1.17 57.51 57.82
CA LYS U 24 0.27 57.70 57.78
C LYS U 24 0.86 57.33 56.44
N GLY U 25 0.17 56.53 55.64
CA GLY U 25 0.60 56.23 54.29
C GLY U 25 1.98 55.61 54.20
N PHE U 26 2.33 54.73 55.14
CA PHE U 26 3.65 54.13 55.15
C PHE U 26 3.62 52.85 54.35
N ASP U 27 3.94 52.98 53.08
CA ASP U 27 4.13 51.81 52.26
C ASP U 27 5.14 52.24 51.25
N PRO U 28 6.41 52.34 51.64
CA PRO U 28 7.41 52.61 50.62
C PRO U 28 7.51 51.30 49.91
N LEU U 29 8.30 51.09 48.86
CA LEU U 29 8.33 49.75 48.26
C LEU U 29 6.91 49.46 48.13
N ARG U 30 6.17 50.39 47.57
CA ARG U 30 4.72 50.28 47.59
C ARG U 30 4.23 48.90 47.17
N THR U 31 3.66 48.15 48.09
CA THR U 31 3.15 46.83 47.80
C THR U 31 1.64 46.75 47.83
N SER U 32 0.95 47.82 48.22
CA SER U 32 -0.49 47.87 48.05
C SER U 32 -0.87 47.92 46.58
N ASP U 33 0.03 48.44 45.74
CA ASP U 33 -0.24 48.50 44.31
C ASP U 33 -0.21 47.10 43.68
N ILE U 34 0.68 46.25 44.14
CA ILE U 34 0.81 44.92 43.55
C ILE U 34 -0.10 43.91 44.24
N ILE U 35 -0.20 43.97 45.57
CA ILE U 35 -0.99 43.03 46.36
C ILE U 35 -2.23 43.75 46.86
N ASP U 36 -3.36 43.05 46.88
CA ASP U 36 -4.59 43.63 47.40
C ASP U 36 -4.42 44.00 48.86
N VAL U 37 -4.88 45.20 49.22
CA VAL U 37 -4.76 45.66 50.60
C VAL U 37 -5.58 44.81 51.55
N TYR U 38 -6.61 44.12 51.04
CA TYR U 38 -7.34 43.17 51.88
C TYR U 38 -6.40 42.08 52.39
N TRP U 39 -5.64 41.46 51.49
CA TRP U 39 -4.69 40.43 51.89
C TRP U 39 -3.60 40.99 52.77
N LEU U 40 -3.08 42.18 52.44
CA LEU U 40 -2.01 42.77 53.23
C LEU U 40 -2.49 43.08 54.65
N ARG U 41 -3.70 43.59 54.78
CA ARG U 41 -4.22 43.93 56.11
C ARG U 41 -4.57 42.68 56.89
N GLU U 42 -5.09 41.65 56.21
CA GLU U 42 -5.34 40.38 56.90
C GLU U 42 -4.03 39.80 57.43
N ALA U 43 -2.98 39.83 56.61
CA ALA U 43 -1.68 39.33 57.05
C ALA U 43 -1.11 40.18 58.18
N GLU U 44 -1.25 41.50 58.09
CA GLU U 44 -0.75 42.37 59.15
C GLU U 44 -1.45 42.10 60.46
N LEU U 45 -2.78 41.97 60.42
CA LEU U 45 -3.53 41.72 61.64
C LEU U 45 -3.21 40.34 62.20
N LYS U 46 -3.06 39.33 61.33
CA LYS U 46 -2.71 38.00 61.81
C LYS U 46 -1.35 38.00 62.48
N HIS U 47 -0.36 38.64 61.84
CA HIS U 47 0.96 38.74 62.44
C HIS U 47 0.90 39.50 63.76
N GLY U 48 0.15 40.60 63.80
CA GLY U 48 0.07 41.39 65.01
C GLY U 48 -0.58 40.64 66.16
N ARG U 49 -1.65 39.89 65.87
CA ARG U 49 -2.30 39.12 66.92
C ARG U 49 -1.43 37.97 67.40
N ILE U 50 -0.82 37.24 66.45
CA ILE U 50 0.08 36.16 66.83
C ILE U 50 1.22 36.68 67.67
N CYS U 51 1.74 37.88 67.34
CA CYS U 51 2.84 38.42 68.12
C CYS U 51 2.38 39.00 69.45
N MET U 52 1.18 39.59 69.51
CA MET U 52 0.65 40.05 70.79
C MET U 52 0.44 38.90 71.75
N LEU U 53 0.13 37.71 71.22
CA LEU U 53 0.01 36.55 72.10
C LEU U 53 1.37 35.93 72.40
N ALA U 54 2.24 35.84 71.39
CA ALA U 54 3.54 35.20 71.57
C ALA U 54 4.44 35.99 72.49
N THR U 55 4.32 37.32 72.48
CA THR U 55 5.07 38.15 73.40
C THR U 55 4.74 37.78 74.84
N LEU U 56 3.45 37.87 75.19
CA LEU U 56 3.00 37.51 76.53
C LEU U 56 3.38 36.07 76.88
N GLY U 57 3.27 35.17 75.91
CA GLY U 57 3.65 33.78 76.17
C GLY U 57 5.11 33.65 76.55
N TRP U 58 5.99 34.27 75.75
CA TRP U 58 7.42 34.20 76.04
C TRP U 58 7.72 34.83 77.39
N ILE U 59 7.11 35.97 77.70
CA ILE U 59 7.38 36.65 78.96
C ILE U 59 6.92 35.80 80.14
N SER U 60 5.68 35.29 80.07
CA SER U 60 5.13 34.53 81.18
C SER U 60 5.90 33.24 81.40
N VAL U 61 6.27 32.54 80.33
CA VAL U 61 6.98 31.28 80.49
C VAL U 61 8.45 31.49 80.83
N ASP U 62 9.03 32.63 80.46
CA ASP U 62 10.40 32.92 80.86
C ASP U 62 10.48 33.36 82.32
N ALA U 63 9.44 34.04 82.81
CA ALA U 63 9.39 34.42 84.22
C ALA U 63 9.20 33.22 85.14
N GLY U 64 8.62 32.14 84.64
CA GLY U 64 8.45 30.95 85.46
C GLY U 64 7.03 30.64 85.87
N TRP U 65 6.08 30.90 84.97
CA TRP U 65 4.66 30.62 85.23
C TRP U 65 4.20 29.36 84.49
N ARG U 66 5.04 28.32 84.46
CA ARG U 66 4.69 27.08 83.77
C ARG U 66 3.32 26.57 84.19
N PHE U 67 2.68 25.82 83.28
CA PHE U 67 1.37 25.24 83.53
C PHE U 67 1.44 24.22 84.66
N GLU U 68 0.28 23.70 85.07
CA GLU U 68 0.23 22.77 86.20
C GLU U 68 0.96 21.47 85.88
N ALA U 69 0.75 20.93 84.68
CA ALA U 69 1.17 19.57 84.37
C ALA U 69 2.69 19.45 84.37
N GLU U 70 3.18 18.31 84.87
CA GLU U 70 4.53 17.90 84.56
C GLU U 70 4.60 17.58 83.07
N MET U 71 5.80 17.71 82.51
CA MET U 71 6.14 17.91 81.08
C MET U 71 6.01 19.38 80.71
N PHE U 72 5.52 20.23 81.61
CA PHE U 72 5.56 21.66 81.44
C PHE U 72 6.49 22.35 82.42
N GLN U 73 6.99 21.62 83.43
CA GLN U 73 7.82 22.19 84.49
C GLN U 73 9.29 21.97 84.17
N GLY U 74 10.09 23.00 84.39
CA GLY U 74 11.51 22.92 84.15
C GLY U 74 11.93 23.09 82.70
N VAL U 75 11.00 23.43 81.82
CA VAL U 75 11.27 23.60 80.40
C VAL U 75 11.35 25.08 80.10
N SER U 76 12.50 25.53 79.58
CA SER U 76 12.69 26.93 79.26
C SER U 76 11.92 27.30 78.00
N VAL U 77 11.82 28.62 77.74
CA VAL U 77 11.11 29.10 76.56
C VAL U 77 11.81 28.66 75.28
N ILE U 78 13.14 28.63 75.30
CA ILE U 78 13.89 28.30 74.08
C ILE U 78 13.67 26.84 73.72
N ASN U 79 14.05 25.92 74.60
CA ASN U 79 13.86 24.50 74.33
C ASN U 79 12.47 24.07 74.79
N ALA U 80 11.46 24.82 74.39
CA ALA U 80 10.07 24.50 74.70
C ALA U 80 9.35 23.89 73.52
N HIS U 81 9.48 24.50 72.34
CA HIS U 81 8.80 23.99 71.16
C HIS U 81 9.30 22.59 70.81
N ASN U 82 10.61 22.39 70.83
CA ASN U 82 11.16 21.07 70.54
C ASN U 82 10.78 20.04 71.60
N LYS U 83 10.33 20.49 72.77
CA LYS U 83 9.91 19.58 73.82
C LYS U 83 8.44 19.20 73.67
N MET U 84 7.55 20.19 73.58
CA MET U 84 6.13 19.87 73.45
C MET U 84 5.79 19.27 72.10
N VAL U 85 6.69 19.34 71.12
CA VAL U 85 6.44 18.68 69.84
C VAL U 85 6.61 17.16 69.97
N GLU U 86 7.40 16.70 70.94
CA GLU U 86 7.52 15.27 71.21
C GLU U 86 6.63 14.82 72.36
N MET U 87 6.13 15.75 73.17
CA MET U 87 5.16 15.43 74.21
C MET U 87 3.74 15.33 73.66
N GLY U 88 3.53 15.64 72.39
CA GLY U 88 2.21 15.62 71.81
C GLY U 88 1.40 16.87 72.02
N VAL U 89 1.98 17.92 72.59
CA VAL U 89 1.23 19.14 72.89
C VAL U 89 1.22 20.09 71.70
N MET U 90 2.31 20.17 70.95
CA MET U 90 2.32 21.07 69.79
C MET U 90 1.44 20.54 68.67
N GLN U 91 1.21 19.21 68.63
CA GLN U 91 0.34 18.65 67.60
C GLN U 91 -1.10 19.11 67.78
N GLN U 92 -1.61 19.07 69.00
CA GLN U 92 -3.00 19.48 69.24
C GLN U 92 -3.17 20.98 69.09
N MET U 93 -2.18 21.76 69.53
CA MET U 93 -2.23 23.20 69.28
C MET U 93 -2.19 23.47 67.79
N LEU U 94 -1.43 22.68 67.05
CA LEU U 94 -1.43 22.79 65.60
C LEU U 94 -2.78 22.43 65.02
N SER U 95 -3.47 21.46 65.64
CA SER U 95 -4.81 21.10 65.19
C SER U 95 -5.79 22.25 65.39
N ILE U 96 -5.77 22.87 66.56
CA ILE U 96 -6.66 23.99 66.82
C ILE U 96 -6.33 25.17 65.93
N VAL U 97 -5.04 25.49 65.79
CA VAL U 97 -4.63 26.56 64.88
C VAL U 97 -4.97 26.20 63.45
N GLY U 98 -4.95 24.91 63.12
CA GLY U 98 -5.29 24.50 61.77
C GLY U 98 -6.76 24.71 61.45
N VAL U 99 -7.64 24.41 62.39
CA VAL U 99 -9.06 24.67 62.14
C VAL U 99 -9.32 26.18 62.12
N CYS U 100 -8.64 26.93 62.99
CA CYS U 100 -8.77 28.39 62.95
C CYS U 100 -8.29 28.94 61.62
N GLU U 101 -7.20 28.40 61.10
CA GLU U 101 -6.64 28.87 59.84
C GLU U 101 -7.38 28.34 58.62
N ILE U 102 -8.11 27.22 58.74
CA ILE U 102 -9.01 26.82 57.68
C ILE U 102 -10.20 27.77 57.62
N PHE U 103 -10.73 28.15 58.80
CA PHE U 103 -11.70 29.24 58.87
C PHE U 103 -11.13 30.49 58.20
N SER U 104 -9.87 30.81 58.51
CA SER U 104 -9.22 31.98 57.93
C SER U 104 -9.08 31.85 56.42
N LEU U 105 -8.73 30.67 55.93
CA LEU U 105 -8.60 30.45 54.50
C LEU U 105 -9.93 30.65 53.79
N TYR U 106 -11.00 30.09 54.35
CA TYR U 106 -12.32 30.31 53.76
C TYR U 106 -12.67 31.79 53.75
N LEU U 107 -12.41 32.48 54.87
CA LEU U 107 -12.76 33.90 54.94
C LEU U 107 -11.98 34.71 53.92
N ILE U 108 -10.66 34.51 53.85
CA ILE U 108 -9.84 35.26 52.91
C ILE U 108 -10.23 34.97 51.48
N LYS U 109 -10.44 33.69 51.16
CA LYS U 109 -10.80 33.32 49.79
C LYS U 109 -12.12 33.95 49.39
N GLU U 110 -13.14 33.82 50.23
CA GLU U 110 -14.45 34.36 49.88
C GLU U 110 -14.43 35.87 49.84
N GLY U 111 -13.68 36.52 50.74
CA GLY U 111 -13.60 37.97 50.72
C GLY U 111 -12.89 38.50 49.50
N LEU U 112 -11.76 37.90 49.13
CA LEU U 112 -11.03 38.34 47.95
C LEU U 112 -11.81 38.05 46.67
N LEU U 113 -12.49 36.91 46.61
CA LEU U 113 -13.35 36.64 45.47
C LEU U 113 -14.58 37.54 45.44
N GLY U 114 -14.85 38.26 46.52
CA GLY U 114 -15.99 39.15 46.58
C GLY U 114 -17.29 38.53 47.01
N LYS U 115 -17.30 37.23 47.30
CA LYS U 115 -18.54 36.56 47.70
C LYS U 115 -19.06 37.12 49.03
N ILE U 116 -18.30 36.91 50.10
CA ILE U 116 -18.66 37.48 51.40
C ILE U 116 -18.18 38.92 51.45
N GLN U 117 -18.63 39.67 52.45
CA GLN U 117 -18.23 41.07 52.59
C GLN U 117 -17.67 41.37 53.98
N ARG U 118 -16.98 40.39 54.58
CA ARG U 118 -16.31 40.66 55.84
C ARG U 118 -15.14 41.61 55.63
N LYS U 119 -14.73 42.25 56.72
CA LYS U 119 -13.57 43.12 56.67
C LYS U 119 -12.31 42.32 57.02
N ALA U 120 -11.18 42.79 56.51
CA ALA U 120 -9.92 42.09 56.73
C ALA U 120 -9.60 42.02 58.21
N GLY U 121 -9.30 40.81 58.68
CA GLY U 121 -9.03 40.57 60.08
C GLY U 121 -10.24 40.33 60.94
N ASP U 122 -11.44 40.52 60.41
CA ASP U 122 -12.67 40.29 61.15
C ASP U 122 -13.01 38.81 61.08
N TYR U 123 -12.87 38.11 62.21
CA TYR U 123 -13.26 36.71 62.31
C TYR U 123 -14.59 36.53 63.04
N PHE U 124 -15.32 37.62 63.28
CA PHE U 124 -16.62 37.62 63.94
C PHE U 124 -16.56 37.19 65.39
N ILE U 125 -15.38 37.22 66.01
CA ILE U 125 -15.24 37.01 67.44
C ILE U 125 -15.17 38.38 68.08
N GLY U 126 -16.18 38.70 68.90
CA GLY U 126 -16.30 40.04 69.44
C GLY U 126 -17.58 40.70 69.00
N LYS U 127 -17.47 41.93 68.50
CA LYS U 127 -18.59 42.70 67.95
C LYS U 127 -19.54 43.15 69.06
N ASN U 128 -19.32 42.68 70.28
CA ASN U 128 -19.98 43.20 71.46
C ASN U 128 -19.02 43.97 72.35
N PHE U 129 -17.75 44.04 71.98
CA PHE U 129 -16.78 44.91 72.63
C PHE U 129 -16.35 46.06 71.73
N LEU U 130 -16.77 46.08 70.47
CA LEU U 130 -16.49 47.20 69.60
C LEU U 130 -17.18 48.45 70.14
N PRO U 131 -16.51 49.61 70.11
CA PRO U 131 -17.10 50.82 70.74
C PRO U 131 -18.41 51.27 70.13
N LYS U 132 -18.80 50.74 68.97
CA LYS U 132 -20.10 50.99 68.34
C LYS U 132 -20.21 52.40 67.78
N GLU U 133 -19.21 53.23 68.01
CA GLU U 133 -19.14 54.56 67.41
C GLU U 133 -18.07 54.51 66.31
N GLU U 134 -18.45 54.99 65.11
CA GLU U 134 -17.61 54.74 63.94
C GLU U 134 -16.22 55.34 64.11
N ASP U 135 -16.14 56.58 64.60
CA ASP U 135 -14.84 57.14 64.93
C ASP U 135 -14.16 56.33 66.02
N LYS U 136 -14.92 55.95 67.06
CA LYS U 136 -14.35 55.14 68.13
C LYS U 136 -14.04 53.73 67.65
N ALA U 137 -14.83 53.18 66.74
CA ALA U 137 -14.52 51.86 66.20
C ALA U 137 -13.21 51.88 65.41
N LYS U 138 -13.04 52.90 64.56
CA LYS U 138 -11.78 53.03 63.83
C LYS U 138 -10.62 53.30 64.78
N ASP U 139 -10.86 54.03 65.87
CA ASP U 139 -9.83 54.25 66.87
C ASP U 139 -9.44 52.92 67.53
N MET U 140 -10.41 52.07 67.83
CA MET U 140 -10.12 50.78 68.42
C MET U 140 -9.33 49.90 67.45
N GLN U 141 -9.71 49.93 66.17
CA GLN U 141 -8.97 49.17 65.17
C GLN U 141 -7.53 49.68 65.05
N LEU U 142 -7.35 51.00 65.11
CA LEU U 142 -6.00 51.56 65.06
C LEU U 142 -5.20 51.17 66.29
N LYS U 143 -5.84 51.15 67.47
CA LYS U 143 -5.17 50.67 68.67
C LYS U 143 -4.70 49.23 68.49
N GLU U 144 -5.58 48.38 67.95
CA GLU U 144 -5.20 46.99 67.69
C GLU U 144 -4.01 46.92 66.76
N LEU U 145 -4.03 47.68 65.66
CA LEU U 145 -2.96 47.63 64.69
C LEU U 145 -1.64 48.12 65.27
N GLU U 146 -1.67 49.25 65.99
CA GLU U 146 -0.42 49.79 66.54
C GLU U 146 0.15 48.86 67.61
N ASN U 147 -0.72 48.31 68.46
CA ASN U 147 -0.23 47.34 69.44
C ASN U 147 0.32 46.10 68.77
N GLY U 148 -0.32 45.67 67.68
CA GLY U 148 0.19 44.51 66.96
C GLY U 148 1.54 44.76 66.32
N ARG U 149 1.75 45.95 65.76
CA ARG U 149 3.05 46.28 65.20
C ARG U 149 4.12 46.34 66.27
N LEU U 150 3.81 47.02 67.38
CA LEU U 150 4.76 47.07 68.49
C LEU U 150 5.06 45.68 69.00
N ALA U 151 4.06 44.81 69.04
CA ALA U 151 4.27 43.45 69.52
C ALA U 151 5.06 42.61 68.54
N MET U 152 4.86 42.83 67.24
CA MET U 152 5.68 42.14 66.24
C MET U 152 7.15 42.47 66.45
N LEU U 153 7.46 43.77 66.51
CA LEU U 153 8.85 44.16 66.72
C LEU U 153 9.35 43.69 68.08
N ALA U 154 8.50 43.74 69.11
CA ALA U 154 8.91 43.35 70.44
C ALA U 154 9.20 41.87 70.54
N PHE U 155 8.36 41.03 69.94
CA PHE U 155 8.62 39.59 69.98
C PHE U 155 9.85 39.25 69.15
N SER U 156 10.00 39.90 67.99
CA SER U 156 11.23 39.69 67.22
C SER U 156 12.44 39.96 68.08
N GLY U 157 12.46 41.12 68.73
CA GLY U 157 13.50 41.46 69.67
C GLY U 157 13.69 40.39 70.72
N ILE U 158 12.71 40.24 71.61
CA ILE U 158 12.74 39.30 72.72
C ILE U 158 13.28 37.95 72.30
N CYS U 159 12.76 37.39 71.20
CA CYS U 159 13.20 36.07 70.76
C CYS U 159 14.67 36.09 70.34
N THR U 160 15.05 37.06 69.51
CA THR U 160 16.43 37.10 69.04
C THR U 160 17.41 37.33 70.20
N GLN U 161 17.06 38.25 71.10
CA GLN U 161 17.92 38.55 72.24
C GLN U 161 18.03 37.36 73.17
N ALA U 162 16.94 36.62 73.37
CA ALA U 162 16.98 35.44 74.22
C ALA U 162 17.86 34.35 73.60
N ASN U 163 17.65 34.07 72.32
CA ASN U 163 18.39 32.98 71.69
C ASN U 163 19.86 33.34 71.46
N LEU U 164 20.19 34.63 71.34
CA LEU U 164 21.59 35.02 71.25
C LEU U 164 22.29 34.95 72.60
N PHE U 165 21.56 35.22 73.67
CA PHE U 165 22.11 35.22 75.03
C PHE U 165 21.23 34.30 75.87
N PRO U 166 21.42 32.99 75.76
CA PRO U 166 20.50 32.06 76.43
C PRO U 166 20.42 32.24 77.93
N GLU U 167 21.52 32.61 78.59
CA GLU U 167 21.52 32.82 80.04
C GLU U 167 21.05 34.25 80.32
N SER U 168 19.73 34.42 80.28
CA SER U 168 19.10 35.71 80.55
C SER U 168 17.61 35.46 80.76
N HIS U 169 16.90 36.54 81.09
CA HIS U 169 15.44 36.50 81.24
C HIS U 169 14.87 37.81 80.69
N PHE U 170 13.56 37.96 80.82
CA PHE U 170 12.82 38.91 79.98
C PHE U 170 13.42 40.31 79.88
N PRO U 171 13.92 40.95 80.95
CA PRO U 171 14.51 42.28 80.75
C PRO U 171 15.62 42.32 79.72
N TYR U 172 16.43 41.26 79.62
CA TYR U 172 17.52 41.17 78.64
C TYR U 172 18.42 42.40 78.67
N PHE V 1 -81.25 -28.03 41.03
CA PHE V 1 -82.09 -29.22 41.02
C PHE V 1 -82.38 -29.68 42.45
N GLU V 2 -83.65 -29.76 42.82
CA GLU V 2 -84.02 -30.10 44.19
C GLU V 2 -85.21 -31.04 44.28
N SER V 3 -85.58 -31.72 43.18
CA SER V 3 -86.76 -32.58 43.21
C SER V 3 -86.59 -33.90 42.46
N GLU V 4 -85.37 -34.29 42.12
CA GLU V 4 -85.15 -35.48 41.30
C GLU V 4 -85.35 -36.74 42.13
N LEU V 5 -85.04 -37.90 41.53
CA LEU V 5 -85.28 -39.18 42.18
C LEU V 5 -84.41 -39.37 43.43
N GLY V 6 -83.30 -38.66 43.54
CA GLY V 6 -82.35 -38.94 44.61
C GLY V 6 -82.88 -38.60 45.99
N VAL V 7 -83.63 -37.51 46.12
CA VAL V 7 -84.05 -37.03 47.42
C VAL V 7 -85.14 -37.92 47.99
N GLN V 8 -84.77 -38.83 48.90
CA GLN V 8 -85.72 -39.82 49.40
C GLN V 8 -86.60 -39.27 50.51
N ALA V 9 -85.99 -38.98 51.67
CA ALA V 9 -86.69 -38.60 52.91
C ALA V 9 -85.75 -38.53 54.10
N PRO V 10 -84.96 -39.58 54.42
CA PRO V 10 -84.11 -39.49 55.62
C PRO V 10 -83.14 -38.33 55.56
N THR V 11 -82.62 -38.02 54.37
CA THR V 11 -81.90 -36.79 54.11
C THR V 11 -82.55 -36.13 52.91
N GLY V 12 -82.63 -34.81 52.92
CA GLY V 12 -83.22 -34.08 51.83
C GLY V 12 -82.26 -33.97 50.67
N PHE V 13 -82.13 -32.77 50.10
CA PHE V 13 -81.11 -32.57 49.08
C PHE V 13 -79.74 -32.58 49.74
N TRP V 14 -79.12 -33.76 49.80
CA TRP V 14 -77.87 -33.93 50.54
C TRP V 14 -76.71 -33.69 49.59
N ASP V 15 -76.26 -32.44 49.52
CA ASP V 15 -75.07 -32.05 48.77
C ASP V 15 -74.18 -31.25 49.70
N PRO V 16 -73.54 -31.91 50.68
CA PRO V 16 -72.75 -31.16 51.66
C PRO V 16 -71.63 -30.32 51.07
N LEU V 17 -70.97 -30.80 50.02
CA LEU V 17 -69.83 -30.10 49.44
C LEU V 17 -70.22 -29.24 48.24
N GLY V 18 -71.51 -28.96 48.07
CA GLY V 18 -71.96 -27.97 47.11
C GLY V 18 -71.59 -28.23 45.66
N PHE V 19 -71.81 -29.46 45.19
CA PHE V 19 -71.61 -29.74 43.77
C PHE V 19 -72.79 -29.26 42.92
N ALA V 20 -73.83 -28.75 43.54
CA ALA V 20 -75.05 -28.37 42.84
C ALA V 20 -75.23 -26.86 42.70
N LYS V 21 -74.50 -26.06 43.48
CA LYS V 21 -74.63 -24.62 43.40
C LYS V 21 -74.36 -24.14 41.97
N ASP V 22 -75.25 -23.33 41.44
CA ASP V 22 -75.29 -23.00 40.02
C ASP V 22 -75.31 -24.29 39.19
N GLY V 23 -76.42 -25.01 39.35
CA GLY V 23 -76.59 -26.30 38.70
C GLY V 23 -76.27 -26.28 37.22
N SER V 24 -75.18 -26.94 36.85
CA SER V 24 -74.73 -26.99 35.48
C SER V 24 -75.56 -27.94 34.62
N MET V 25 -76.63 -28.51 35.18
CA MET V 25 -77.52 -29.41 34.47
C MET V 25 -76.76 -30.57 33.85
N LYS V 26 -76.12 -30.32 32.70
CA LYS V 26 -75.38 -31.38 32.02
C LYS V 26 -74.40 -32.07 32.96
N ALA V 27 -73.71 -31.29 33.80
CA ALA V 27 -72.89 -31.88 34.84
C ALA V 27 -73.73 -32.76 35.76
N PHE V 28 -74.85 -32.22 36.25
CA PHE V 28 -75.71 -33.01 37.13
C PHE V 28 -76.31 -34.20 36.39
N LYS V 29 -76.69 -34.02 35.13
CA LYS V 29 -77.27 -35.14 34.37
C LYS V 29 -76.28 -36.28 34.25
N ARG V 30 -75.03 -35.98 33.90
CA ARG V 30 -74.05 -37.04 33.74
C ARG V 30 -73.61 -37.61 35.09
N ARG V 31 -73.63 -36.80 36.15
CA ARG V 31 -73.34 -37.34 37.46
C ARG V 31 -74.44 -38.26 37.94
N ARG V 32 -75.70 -37.97 37.59
CA ARG V 32 -76.79 -38.88 37.88
C ARG V 32 -76.65 -40.17 37.07
N ALA V 33 -76.24 -40.06 35.81
CA ALA V 33 -76.00 -41.26 35.02
C ALA V 33 -74.89 -42.12 35.65
N SER V 34 -73.82 -41.47 36.09
CA SER V 34 -72.73 -42.18 36.76
C SER V 34 -73.21 -42.81 38.06
N GLU V 35 -74.07 -42.11 38.80
CA GLU V 35 -74.60 -42.66 40.04
C GLU V 35 -75.43 -43.91 39.76
N ILE V 36 -76.28 -43.85 38.73
CA ILE V 36 -77.11 -45.01 38.40
C ILE V 36 -76.24 -46.19 38.00
N LYS V 37 -75.26 -45.95 37.13
CA LYS V 37 -74.41 -47.04 36.65
C LYS V 37 -73.57 -47.62 37.79
N HIS V 38 -72.98 -46.75 38.60
CA HIS V 38 -72.18 -47.22 39.73
C HIS V 38 -73.02 -48.00 40.72
N GLY V 39 -74.25 -47.55 40.97
CA GLY V 39 -75.11 -48.28 41.87
C GLY V 39 -75.48 -49.65 41.35
N ARG V 40 -75.79 -49.73 40.05
CA ARG V 40 -76.10 -51.03 39.46
C ARG V 40 -74.92 -51.98 39.55
N ILE V 41 -73.72 -51.48 39.23
CA ILE V 41 -72.53 -52.31 39.31
C ILE V 41 -72.26 -52.72 40.75
N ALA V 42 -72.48 -51.81 41.70
CA ALA V 42 -72.26 -52.14 43.10
C ALA V 42 -73.23 -53.20 43.59
N MET V 43 -74.50 -53.12 43.16
CA MET V 43 -75.45 -54.18 43.49
C MET V 43 -75.00 -55.52 42.92
N LEU V 44 -74.58 -55.54 41.66
CA LEU V 44 -74.11 -56.77 41.05
C LEU V 44 -72.91 -57.32 41.79
N ALA V 45 -71.98 -56.45 42.19
CA ALA V 45 -70.76 -56.92 42.82
C ALA V 45 -71.02 -57.38 44.26
N THR V 46 -71.91 -56.69 44.99
CA THR V 46 -72.28 -57.16 46.31
C THR V 46 -72.92 -58.54 46.23
N MET V 47 -73.72 -58.77 45.19
CA MET V 47 -74.14 -60.14 44.91
C MET V 47 -72.93 -61.04 44.68
N GLY V 48 -72.02 -60.62 43.81
CA GLY V 48 -70.85 -61.41 43.47
C GLY V 48 -69.92 -61.71 44.62
N TYR V 49 -70.12 -61.06 45.77
CA TYR V 49 -69.42 -61.41 46.99
C TYR V 49 -70.28 -62.26 47.93
N ILE V 50 -71.49 -61.80 48.25
CA ILE V 50 -72.26 -62.48 49.29
C ILE V 50 -72.91 -63.76 48.81
N THR V 51 -73.13 -63.94 47.51
CA THR V 51 -73.71 -65.18 47.02
C THR V 51 -72.68 -66.31 46.91
N PRO V 52 -71.45 -66.08 46.42
CA PRO V 52 -70.47 -67.18 46.43
C PRO V 52 -70.04 -67.59 47.82
N GLU V 53 -70.32 -66.78 48.84
CA GLU V 53 -69.99 -67.19 50.21
C GLU V 53 -70.98 -68.23 50.71
N ILE V 54 -72.28 -67.95 50.62
CA ILE V 54 -73.29 -68.91 51.06
C ILE V 54 -73.46 -70.02 50.03
N THR V 55 -73.85 -69.65 48.81
CA THR V 55 -73.89 -70.62 47.73
C THR V 55 -72.47 -71.01 47.36
N GLY V 56 -72.25 -72.32 47.22
CA GLY V 56 -70.91 -72.80 46.92
C GLY V 56 -70.41 -72.28 45.59
N LYS V 57 -69.08 -72.26 45.45
CA LYS V 57 -68.46 -71.86 44.19
C LYS V 57 -68.98 -72.76 43.07
N PHE V 58 -69.21 -72.15 41.90
CA PHE V 58 -69.91 -72.77 40.76
C PHE V 58 -69.53 -74.24 40.58
N PRO V 59 -70.50 -75.13 40.42
CA PRO V 59 -70.15 -76.49 39.98
C PRO V 59 -69.73 -76.47 38.53
N GLY V 60 -68.43 -76.57 38.28
CA GLY V 60 -67.92 -76.43 36.93
C GLY V 60 -66.42 -76.31 36.92
N TYR V 61 -65.90 -75.86 35.77
CA TYR V 61 -64.46 -75.87 35.52
C TYR V 61 -63.93 -74.52 35.06
N LEU V 62 -64.78 -73.51 34.91
CA LEU V 62 -64.39 -72.17 34.47
C LEU V 62 -63.56 -72.22 33.19
N SER V 63 -62.25 -72.41 33.34
CA SER V 63 -61.38 -72.53 32.19
C SER V 63 -61.17 -74.01 31.89
N PRO V 64 -61.69 -74.53 30.78
CA PRO V 64 -61.54 -75.96 30.49
C PRO V 64 -60.10 -76.40 30.32
N SER V 65 -59.17 -75.48 30.10
CA SER V 65 -57.78 -75.83 29.82
C SER V 65 -56.81 -75.55 30.95
N THR V 66 -57.24 -74.85 32.02
CA THR V 66 -56.30 -74.48 33.07
C THR V 66 -56.84 -74.71 34.48
N LEU V 67 -57.75 -75.69 34.64
CA LEU V 67 -58.12 -76.28 35.93
C LEU V 67 -58.51 -75.22 36.98
N LEU V 68 -59.63 -74.57 36.73
CA LEU V 68 -60.21 -73.61 37.67
C LEU V 68 -61.57 -74.11 38.14
N LYS V 69 -61.57 -74.89 39.22
CA LYS V 69 -62.79 -75.47 39.78
C LYS V 69 -63.67 -74.44 40.48
N TYR V 70 -63.31 -73.16 40.43
CA TYR V 70 -63.97 -72.07 41.15
C TYR V 70 -63.67 -72.14 42.64
N ASP V 71 -63.04 -73.23 43.08
CA ASP V 71 -62.67 -73.39 44.47
C ASP V 71 -61.27 -72.88 44.77
N ASP V 72 -60.39 -72.86 43.76
CA ASP V 72 -59.08 -72.23 43.91
C ASP V 72 -59.14 -70.72 43.75
N ILE V 73 -60.26 -70.17 43.26
CA ILE V 73 -60.46 -68.73 43.18
C ILE V 73 -61.17 -68.30 44.46
N PRO V 74 -60.52 -67.56 45.36
CA PRO V 74 -61.20 -67.14 46.58
C PRO V 74 -62.13 -65.96 46.36
N ASN V 75 -63.18 -65.90 47.17
CA ASN V 75 -64.15 -64.82 47.07
C ASN V 75 -63.61 -63.58 47.77
N GLY V 76 -63.37 -62.52 46.98
CA GLY V 76 -62.86 -61.27 47.48
C GLY V 76 -61.69 -60.81 46.65
N LEU V 77 -60.96 -59.83 47.18
CA LEU V 77 -59.77 -59.34 46.50
C LEU V 77 -58.72 -60.43 46.44
N GLY V 78 -57.94 -60.42 45.36
CA GLY V 78 -57.03 -61.49 45.02
C GLY V 78 -57.54 -62.38 43.90
N ALA V 79 -58.86 -62.47 43.75
CA ALA V 79 -59.44 -63.13 42.59
C ALA V 79 -59.15 -62.39 41.29
N ILE V 80 -58.70 -61.13 41.39
CA ILE V 80 -58.30 -60.40 40.20
C ILE V 80 -57.14 -61.08 39.50
N SER V 81 -56.22 -61.64 40.28
CA SER V 81 -55.09 -62.39 39.74
C SER V 81 -55.37 -63.88 39.58
N LYS V 82 -56.52 -64.36 40.05
CA LYS V 82 -56.85 -65.77 39.96
C LYS V 82 -57.67 -66.08 38.71
N VAL V 83 -58.69 -65.28 38.44
CA VAL V 83 -59.47 -65.43 37.20
C VAL V 83 -58.54 -65.19 36.01
N PRO V 84 -58.63 -65.97 34.94
CA PRO V 84 -57.68 -65.80 33.83
C PRO V 84 -57.73 -64.40 33.25
N ALA V 85 -56.57 -63.93 32.82
CA ALA V 85 -56.52 -62.64 32.11
C ALA V 85 -57.41 -62.66 30.88
N LEU V 86 -57.54 -63.82 30.23
CA LEU V 86 -58.47 -63.95 29.12
C LEU V 86 -59.91 -63.85 29.59
N GLY V 87 -60.22 -64.47 30.74
CA GLY V 87 -61.56 -64.33 31.30
C GLY V 87 -61.88 -62.90 31.69
N TRP V 88 -60.90 -62.20 32.27
CA TRP V 88 -61.07 -60.79 32.57
C TRP V 88 -61.28 -60.00 31.29
N ALA V 89 -60.53 -60.33 30.23
CA ALA V 89 -60.72 -59.66 28.95
C ALA V 89 -62.13 -59.89 28.42
N GLN V 90 -62.66 -61.10 28.60
CA GLN V 90 -63.97 -61.42 28.06
C GLN V 90 -65.09 -60.73 28.84
N ILE V 91 -64.99 -60.67 30.17
CA ILE V 91 -66.00 -59.94 30.93
C ILE V 91 -65.89 -58.44 30.63
N PHE V 92 -64.66 -57.96 30.45
CA PHE V 92 -64.46 -56.57 30.03
C PHE V 92 -65.12 -56.32 28.68
N VAL V 93 -65.00 -57.27 27.75
CA VAL V 93 -65.61 -57.14 26.44
C VAL V 93 -67.14 -57.16 26.55
N TYR V 94 -67.68 -57.99 27.46
CA TYR V 94 -69.13 -58.00 27.66
C TYR V 94 -69.62 -56.64 28.13
N CYS V 95 -68.97 -56.07 29.15
CA CYS V 95 -69.38 -54.76 29.64
C CYS V 95 -69.20 -53.70 28.56
N GLY V 96 -68.09 -53.78 27.81
CA GLY V 96 -67.84 -52.81 26.77
C GLY V 96 -68.87 -52.86 25.66
N TYR V 97 -69.31 -54.07 25.29
CA TYR V 97 -70.37 -54.17 24.30
C TYR V 97 -71.70 -53.67 24.87
N ALA V 98 -71.98 -54.00 26.13
CA ALA V 98 -73.23 -53.55 26.73
C ALA V 98 -73.33 -52.03 26.76
N GLU V 99 -72.20 -51.35 26.90
CA GLU V 99 -72.24 -49.89 26.84
C GLU V 99 -72.15 -49.36 25.41
N LEU V 100 -71.22 -49.91 24.61
CA LEU V 100 -71.08 -49.60 23.19
C LEU V 100 -72.27 -50.07 22.37
N SER V 101 -73.28 -50.64 23.03
CA SER V 101 -74.61 -50.84 22.47
C SER V 101 -75.30 -49.48 22.50
N GLN V 102 -76.64 -49.50 22.61
CA GLN V 102 -77.44 -48.26 22.70
C GLN V 102 -76.67 -47.15 23.33
N ASP V 103 -76.62 -45.98 22.69
CA ASP V 103 -75.72 -44.99 23.23
C ASP V 103 -76.24 -44.38 24.53
N GLN V 104 -75.30 -44.05 25.41
CA GLN V 104 -75.57 -43.24 26.60
C GLN V 104 -74.97 -41.85 26.46
N THR V 105 -74.86 -41.36 25.22
CA THR V 105 -74.31 -40.04 24.96
C THR V 105 -75.21 -38.98 25.59
N PRO V 106 -74.65 -37.81 25.92
CA PRO V 106 -75.45 -36.76 26.58
C PRO V 106 -76.74 -36.44 25.83
N GLY V 107 -77.87 -36.61 26.50
CA GLY V 107 -79.18 -36.38 25.93
C GLY V 107 -79.86 -37.62 25.39
N SER V 108 -79.11 -38.70 25.14
CA SER V 108 -79.70 -39.91 24.62
C SER V 108 -80.49 -40.63 25.71
N PRO V 109 -81.41 -41.51 25.33
CA PRO V 109 -82.13 -42.31 26.35
C PRO V 109 -81.22 -43.13 27.24
N GLY V 110 -80.00 -43.42 26.81
CA GLY V 110 -79.05 -44.08 27.68
C GLY V 110 -78.39 -43.18 28.71
N ALA V 111 -78.56 -41.87 28.58
CA ALA V 111 -77.88 -40.91 29.45
C ALA V 111 -78.59 -40.69 30.78
N GLU V 112 -79.80 -41.20 30.96
CA GLU V 112 -80.52 -41.07 32.22
C GLU V 112 -80.65 -42.40 32.94
N GLY V 113 -79.81 -43.39 32.59
CA GLY V 113 -79.89 -44.71 33.17
C GLY V 113 -80.84 -45.65 32.47
N ASN V 114 -81.69 -45.14 31.58
CA ASN V 114 -82.61 -46.00 30.83
C ASN V 114 -81.82 -46.78 29.78
N PHE V 115 -81.97 -48.10 29.78
CA PHE V 115 -81.29 -48.92 28.79
C PHE V 115 -82.23 -49.91 28.12
N GLY V 116 -83.27 -50.35 28.82
CA GLY V 116 -84.20 -51.29 28.22
C GLY V 116 -84.29 -52.65 28.87
N PHE V 117 -84.16 -52.68 30.20
CA PHE V 117 -84.34 -53.92 30.95
C PHE V 117 -85.83 -54.23 31.15
N LYS V 118 -86.54 -53.31 31.80
CA LYS V 118 -87.99 -53.42 32.01
C LYS V 118 -88.40 -54.69 32.73
N VAL V 119 -87.59 -55.16 33.69
CA VAL V 119 -87.99 -56.32 34.47
C VAL V 119 -89.18 -56.00 35.34
N LEU V 120 -89.19 -54.83 35.96
CA LEU V 120 -90.29 -54.36 36.80
C LEU V 120 -90.78 -53.06 36.19
N THR V 121 -91.69 -53.18 35.22
CA THR V 121 -92.41 -52.03 34.68
C THR V 121 -93.82 -52.04 35.28
N SER V 122 -93.92 -51.59 36.53
CA SER V 122 -95.23 -51.47 37.15
C SER V 122 -96.09 -50.52 36.33
N SER V 123 -97.36 -50.89 36.15
CA SER V 123 -98.19 -50.24 35.15
C SER V 123 -98.59 -48.83 35.58
N ASP V 124 -97.58 -47.95 35.69
CA ASP V 124 -97.71 -46.56 36.14
C ASP V 124 -98.62 -46.42 37.35
N PRO V 125 -98.50 -47.26 38.40
CA PRO V 125 -99.38 -47.15 39.57
C PRO V 125 -98.81 -46.24 40.65
N ASP V 126 -98.41 -45.03 40.26
CA ASP V 126 -97.67 -44.13 41.14
C ASP V 126 -96.43 -44.82 41.67
N SER V 127 -95.80 -45.67 40.85
CA SER V 127 -94.72 -46.53 41.29
C SER V 127 -93.49 -46.50 40.39
N LEU V 128 -93.52 -45.76 39.28
CA LEU V 128 -92.29 -45.55 38.52
C LEU V 128 -91.27 -44.82 39.38
N GLU V 129 -91.73 -43.82 40.13
CA GLU V 129 -90.85 -43.18 41.12
C GLU V 129 -90.41 -44.19 42.18
N LYS V 130 -91.31 -45.10 42.56
CA LYS V 130 -90.94 -46.10 43.57
C LYS V 130 -89.74 -46.90 43.11
N LYS V 131 -89.82 -47.48 41.90
CA LYS V 131 -88.74 -48.33 41.42
C LYS V 131 -87.48 -47.52 41.12
N LEU V 132 -87.63 -46.35 40.50
CA LEU V 132 -86.46 -45.53 40.20
C LEU V 132 -85.72 -45.12 41.46
N ALA V 133 -86.46 -44.54 42.42
CA ALA V 133 -85.85 -44.08 43.67
C ALA V 133 -85.32 -45.24 44.49
N SER V 134 -86.01 -46.39 44.46
CA SER V 134 -85.49 -47.56 45.15
C SER V 134 -84.17 -48.02 44.54
N GLU V 135 -84.09 -48.02 43.20
CA GLU V 135 -82.83 -48.38 42.55
C GLU V 135 -81.73 -47.41 42.94
N ILE V 136 -82.02 -46.12 42.99
CA ILE V 136 -80.98 -45.15 43.31
C ILE V 136 -80.54 -45.28 44.77
N ALA V 137 -81.50 -45.41 45.69
CA ALA V 137 -81.16 -45.53 47.11
C ALA V 137 -80.40 -46.82 47.38
N ASN V 138 -80.86 -47.93 46.80
CA ASN V 138 -80.12 -49.18 46.91
C ASN V 138 -78.76 -49.09 46.24
N GLY V 139 -78.64 -48.27 45.20
CA GLY V 139 -77.33 -48.07 44.59
C GLY V 139 -76.36 -47.37 45.53
N ARG V 140 -76.82 -46.30 46.18
CA ARG V 140 -75.98 -45.63 47.18
C ARG V 140 -75.60 -46.59 48.30
N LEU V 141 -76.60 -47.31 48.82
CA LEU V 141 -76.36 -48.22 49.93
C LEU V 141 -75.43 -49.34 49.52
N ALA V 142 -75.58 -49.86 48.30
CA ALA V 142 -74.73 -50.95 47.83
C ALA V 142 -73.33 -50.48 47.55
N MET V 143 -73.15 -49.24 47.07
CA MET V 143 -71.80 -48.71 46.91
C MET V 143 -71.11 -48.57 48.26
N MET V 144 -71.82 -48.04 49.26
CA MET V 144 -71.22 -47.92 50.59
C MET V 144 -70.94 -49.30 51.19
N ALA V 145 -71.88 -50.23 51.03
CA ALA V 145 -71.67 -51.60 51.52
C ALA V 145 -70.50 -52.25 50.81
N PHE V 146 -70.34 -51.98 49.51
CA PHE V 146 -69.21 -52.51 48.77
C PHE V 146 -67.90 -51.96 49.28
N THR V 147 -67.85 -50.65 49.54
CA THR V 147 -66.62 -50.07 50.07
C THR V 147 -66.27 -50.68 51.42
N GLY V 148 -67.25 -50.79 52.30
CA GLY V 148 -67.02 -51.44 53.58
C GLY V 148 -66.59 -52.89 53.42
N MET V 149 -67.21 -53.59 52.47
CA MET V 149 -66.92 -55.00 52.26
C MET V 149 -65.50 -55.20 51.73
N ALA V 150 -65.08 -54.35 50.80
CA ALA V 150 -63.72 -54.45 50.28
C ALA V 150 -62.70 -54.07 51.34
N THR V 151 -63.02 -53.07 52.17
CA THR V 151 -62.12 -52.71 53.27
C THR V 151 -61.99 -53.86 54.26
N GLN V 152 -63.10 -54.55 54.54
CA GLN V 152 -63.02 -55.74 55.41
C GLN V 152 -62.25 -56.86 54.73
N ASP V 153 -62.44 -57.03 53.41
CA ASP V 153 -61.79 -58.11 52.69
C ASP V 153 -60.28 -57.93 52.65
N GLY V 154 -59.82 -56.70 52.47
CA GLY V 154 -58.38 -56.44 52.43
C GLY V 154 -57.76 -56.26 53.79
N LEU V 155 -58.37 -55.39 54.61
CA LEU V 155 -57.89 -55.10 55.95
C LEU V 155 -57.77 -56.38 56.79
N THR V 156 -58.88 -57.09 56.95
CA THR V 156 -58.84 -58.34 57.71
C THR V 156 -57.98 -59.39 57.01
N GLY V 157 -58.08 -59.47 55.68
CA GLY V 157 -57.19 -60.34 54.94
C GLY V 157 -57.86 -61.15 53.84
N SER V 158 -59.11 -61.56 54.05
CA SER V 158 -59.80 -62.39 53.07
C SER V 158 -61.29 -62.39 53.37
N ALA V 159 -62.10 -62.44 52.31
CA ALA V 159 -63.55 -62.60 52.40
C ALA V 159 -64.18 -61.57 53.33
N TRP V 160 -64.47 -61.97 54.56
CA TRP V 160 -65.07 -61.06 55.54
C TRP V 160 -64.28 -61.08 56.84
N PHE W 1 -88.97 -56.59 4.33
CA PHE W 1 -87.82 -57.48 4.18
C PHE W 1 -88.25 -58.78 3.52
N GLU W 2 -88.56 -58.73 2.23
CA GLU W 2 -89.05 -59.90 1.51
C GLU W 2 -88.10 -60.37 0.43
N ASN W 3 -87.74 -59.50 -0.51
CA ASN W 3 -86.93 -59.90 -1.66
C ASN W 3 -85.46 -59.56 -1.44
N GLU W 4 -84.84 -60.28 -0.50
CA GLU W 4 -83.40 -60.15 -0.28
C GLU W 4 -82.82 -61.53 0.06
N LEU W 5 -82.04 -62.08 -0.88
CA LEU W 5 -81.09 -63.14 -0.58
C LEU W 5 -81.74 -64.42 -0.07
N GLY W 6 -82.29 -64.37 1.15
CA GLY W 6 -82.68 -65.57 1.84
C GLY W 6 -83.76 -66.38 1.13
N VAL W 7 -84.59 -65.72 0.34
CA VAL W 7 -85.67 -66.42 -0.34
C VAL W 7 -85.10 -67.32 -1.41
N GLN W 8 -85.48 -68.59 -1.39
CA GLN W 8 -84.96 -69.61 -2.30
C GLN W 8 -85.98 -70.74 -2.38
N ALA W 9 -85.55 -71.90 -2.89
CA ALA W 9 -86.53 -72.93 -3.23
C ALA W 9 -87.07 -73.70 -2.03
N PRO W 10 -86.26 -74.41 -1.24
CA PRO W 10 -86.86 -75.18 -0.11
C PRO W 10 -87.49 -74.29 0.94
N VAL W 11 -86.82 -73.21 1.31
CA VAL W 11 -87.25 -72.30 2.37
C VAL W 11 -87.08 -70.88 1.85
N GLY W 12 -87.15 -69.89 2.75
CA GLY W 12 -87.16 -68.51 2.35
C GLY W 12 -87.91 -67.64 3.35
N PHE W 13 -88.55 -68.30 4.32
CA PHE W 13 -89.06 -67.63 5.51
C PHE W 13 -88.47 -68.21 6.79
N TRP W 14 -87.30 -68.85 6.70
CA TRP W 14 -86.81 -69.63 7.84
C TRP W 14 -86.42 -68.69 8.97
N ASP W 15 -87.30 -68.58 9.96
CA ASP W 15 -87.07 -67.74 11.11
C ASP W 15 -88.01 -68.16 12.23
N PRO W 16 -87.71 -69.25 12.93
CA PRO W 16 -88.59 -69.67 14.03
C PRO W 16 -88.66 -68.69 15.19
N VAL W 17 -87.57 -67.99 15.51
CA VAL W 17 -87.56 -67.16 16.72
C VAL W 17 -87.04 -65.75 16.43
N GLY W 18 -86.40 -65.55 15.29
CA GLY W 18 -85.87 -64.24 14.96
C GLY W 18 -86.96 -63.26 14.57
N PHE W 19 -86.59 -62.19 13.87
CA PHE W 19 -87.53 -61.11 13.54
C PHE W 19 -88.33 -60.71 14.77
N THR W 20 -87.61 -60.40 15.85
CA THR W 20 -88.22 -60.26 17.16
C THR W 20 -89.37 -59.25 17.15
N ALA W 21 -89.14 -58.10 16.53
CA ALA W 21 -90.20 -57.12 16.33
C ALA W 21 -90.80 -57.18 14.94
N ASP W 22 -90.28 -58.06 14.07
CA ASP W 22 -90.67 -58.15 12.66
C ASP W 22 -90.33 -56.86 11.91
N GLY W 23 -89.75 -55.89 12.60
CA GLY W 23 -89.34 -54.64 12.00
C GLY W 23 -87.85 -54.41 12.13
N ASN W 24 -87.47 -53.44 12.96
CA ASN W 24 -86.09 -53.08 13.27
C ASN W 24 -85.19 -53.15 12.03
N VAL W 25 -85.49 -52.25 11.08
CA VAL W 25 -84.77 -52.20 9.82
C VAL W 25 -83.27 -52.22 10.05
N ALA W 26 -82.79 -51.43 11.01
CA ALA W 26 -81.36 -51.41 11.31
C ALA W 26 -80.88 -52.77 11.79
N SER W 27 -81.68 -53.45 12.62
CA SER W 27 -81.31 -54.78 13.08
C SER W 27 -81.20 -55.75 11.91
N PHE W 28 -82.15 -55.70 10.96
CA PHE W 28 -82.08 -56.62 9.84
C PHE W 28 -80.92 -56.29 8.91
N ARG W 29 -80.60 -55.01 8.74
CA ARG W 29 -79.43 -54.66 7.94
C ARG W 29 -78.14 -55.17 8.59
N ARG W 30 -78.02 -54.97 9.91
CA ARG W 30 -76.87 -55.51 10.63
C ARG W 30 -76.84 -57.03 10.51
N ARG W 31 -78.00 -57.66 10.51
CA ARG W 31 -78.05 -59.13 10.45
C ARG W 31 -77.65 -59.64 9.08
N ARG W 32 -78.04 -58.94 8.01
CA ARG W 32 -77.55 -59.31 6.69
C ARG W 32 -76.04 -59.06 6.58
N THR W 33 -75.54 -58.08 7.29
CA THR W 33 -74.11 -57.86 7.28
C THR W 33 -73.46 -59.08 7.89
N VAL W 34 -73.76 -59.35 9.15
CA VAL W 34 -73.12 -60.49 9.80
C VAL W 34 -73.32 -61.74 8.97
N GLU W 35 -74.45 -61.83 8.25
CA GLU W 35 -74.66 -62.98 7.38
C GLU W 35 -73.59 -63.07 6.31
N LEU W 36 -73.39 -61.99 5.56
CA LEU W 36 -72.39 -62.02 4.49
C LEU W 36 -71.00 -62.24 5.06
N LYS W 37 -70.66 -61.58 6.17
CA LYS W 37 -69.34 -61.75 6.74
C LYS W 37 -69.11 -63.19 7.19
N HIS W 38 -69.90 -63.66 8.15
CA HIS W 38 -69.77 -65.03 8.64
C HIS W 38 -69.78 -66.03 7.50
N GLY W 39 -70.60 -65.80 6.47
CA GLY W 39 -70.57 -66.66 5.31
C GLY W 39 -69.21 -66.72 4.64
N ARG W 40 -68.63 -65.55 4.35
CA ARG W 40 -67.34 -65.52 3.68
C ARG W 40 -66.26 -66.19 4.54
N ILE W 41 -66.24 -65.87 5.83
CA ILE W 41 -65.22 -66.43 6.72
C ILE W 41 -65.38 -67.93 6.83
N SER W 42 -66.63 -68.41 6.90
CA SER W 42 -66.88 -69.84 6.97
C SER W 42 -66.44 -70.54 5.70
N MET W 43 -66.66 -69.91 4.54
CA MET W 43 -66.21 -70.52 3.29
C MET W 43 -64.70 -70.62 3.24
N LEU W 44 -64.01 -69.54 3.63
CA LEU W 44 -62.54 -69.59 3.64
C LEU W 44 -62.04 -70.64 4.63
N ALA W 45 -62.70 -70.76 5.78
CA ALA W 45 -62.31 -71.75 6.77
C ALA W 45 -62.56 -73.17 6.26
N ALA W 46 -63.68 -73.40 5.59
CA ALA W 46 -63.97 -74.72 5.06
C ALA W 46 -62.98 -75.09 3.96
N MET W 47 -62.59 -74.12 3.12
CA MET W 47 -61.57 -74.40 2.13
C MET W 47 -60.22 -74.69 2.79
N GLY W 48 -59.87 -73.93 3.84
CA GLY W 48 -58.64 -74.18 4.56
C GLY W 48 -58.65 -75.47 5.35
N TYR W 49 -59.83 -76.04 5.59
CA TYR W 49 -59.95 -77.40 6.08
C TYR W 49 -60.13 -78.42 4.97
N MET W 50 -60.28 -77.97 3.73
CA MET W 50 -60.58 -78.83 2.60
C MET W 50 -59.41 -78.98 1.64
N THR W 51 -58.64 -77.93 1.44
CA THR W 51 -57.41 -77.91 0.64
C THR W 51 -56.24 -78.67 1.27
N PRO W 52 -56.09 -78.72 2.61
CA PRO W 52 -54.95 -79.44 3.17
C PRO W 52 -54.94 -80.95 2.92
N GLU W 53 -56.03 -81.65 3.27
CA GLU W 53 -55.98 -83.11 3.28
C GLU W 53 -55.91 -83.69 1.86
N ILE W 54 -56.71 -83.16 0.94
CA ILE W 54 -56.63 -83.51 -0.48
C ILE W 54 -55.92 -82.36 -1.19
N THR W 55 -55.01 -82.70 -2.10
CA THR W 55 -54.03 -81.75 -2.62
C THR W 55 -53.18 -81.22 -1.47
N GLY W 56 -52.37 -82.14 -0.95
CA GLY W 56 -51.65 -81.99 0.32
C GLY W 56 -50.97 -80.66 0.58
N LYS W 57 -50.76 -80.37 1.86
CA LYS W 57 -50.27 -79.10 2.38
C LYS W 57 -49.06 -78.56 1.62
N PHE W 58 -48.91 -77.24 1.61
CA PHE W 58 -47.94 -76.59 0.74
C PHE W 58 -46.52 -77.06 1.05
N PRO W 59 -45.63 -77.07 0.05
CA PRO W 59 -44.21 -77.25 0.33
C PRO W 59 -43.52 -75.92 0.55
N GLY W 60 -42.73 -75.81 1.61
CA GLY W 60 -42.06 -74.56 1.93
C GLY W 60 -41.68 -74.51 3.40
N TYR W 61 -41.55 -73.30 3.91
CA TYR W 61 -41.08 -73.09 5.27
C TYR W 61 -42.07 -72.36 6.17
N LEU W 62 -42.68 -71.27 5.69
CA LEU W 62 -43.66 -70.48 6.41
C LEU W 62 -43.01 -69.71 7.56
N SER W 63 -41.79 -70.07 7.91
CA SER W 63 -40.99 -69.37 8.91
C SER W 63 -39.56 -69.85 8.83
N PRO W 64 -38.79 -69.42 7.82
CA PRO W 64 -37.42 -69.91 7.69
C PRO W 64 -36.55 -69.62 8.90
N SER W 65 -36.86 -68.58 9.66
CA SER W 65 -36.14 -68.34 10.91
C SER W 65 -36.40 -69.45 11.91
N THR W 66 -37.64 -69.93 12.01
CA THR W 66 -38.00 -70.94 12.99
C THR W 66 -38.29 -72.32 12.39
N LEU W 67 -38.16 -72.48 11.07
CA LEU W 67 -38.17 -73.79 10.43
C LEU W 67 -39.47 -74.54 10.70
N LEU W 68 -40.55 -74.01 10.12
CA LEU W 68 -41.89 -74.52 10.38
C LEU W 68 -42.60 -74.93 9.09
N LYS W 69 -41.95 -75.79 8.30
CA LYS W 69 -42.46 -76.25 7.00
C LYS W 69 -43.97 -76.42 7.01
N TYR W 70 -44.63 -75.85 5.99
CA TYR W 70 -46.09 -75.79 5.91
C TYR W 70 -46.77 -77.11 6.25
N ASP W 71 -46.15 -78.23 5.88
CA ASP W 71 -46.81 -79.52 6.00
C ASP W 71 -46.89 -79.98 7.46
N ASP W 72 -45.82 -79.79 8.24
CA ASP W 72 -45.76 -80.39 9.56
C ASP W 72 -46.75 -79.78 10.54
N ILE W 73 -47.30 -78.60 10.24
CA ILE W 73 -48.31 -78.01 11.11
C ILE W 73 -49.57 -78.87 11.07
N PRO W 74 -50.20 -79.18 12.21
CA PRO W 74 -51.41 -80.00 12.18
C PRO W 74 -52.51 -79.31 11.40
N ASN W 75 -53.32 -80.12 10.71
CA ASN W 75 -54.33 -79.60 9.80
C ASN W 75 -55.38 -78.77 10.54
N GLY W 76 -56.14 -79.39 11.42
CA GLY W 76 -57.23 -78.73 12.10
C GLY W 76 -56.88 -78.24 13.48
N LEU W 77 -57.65 -77.26 13.94
CA LEU W 77 -57.56 -76.67 15.27
C LEU W 77 -56.13 -76.48 15.76
N GLY W 78 -55.43 -77.57 16.05
CA GLY W 78 -54.10 -77.54 16.64
C GLY W 78 -53.12 -76.59 15.99
N ALA W 79 -53.40 -76.19 14.75
CA ALA W 79 -52.57 -75.20 14.07
C ALA W 79 -52.60 -73.85 14.78
N ILE W 80 -53.58 -73.60 15.64
CA ILE W 80 -53.68 -72.31 16.33
C ILE W 80 -52.48 -72.06 17.23
N SER W 81 -51.73 -73.10 17.58
CA SER W 81 -50.61 -72.98 18.49
C SER W 81 -49.25 -73.01 17.80
N LYS W 82 -49.05 -73.92 16.85
CA LYS W 82 -47.72 -74.13 16.29
C LYS W 82 -47.33 -73.03 15.31
N VAL W 83 -48.28 -72.49 14.55
CA VAL W 83 -47.96 -71.34 13.70
C VAL W 83 -47.52 -70.18 14.60
N PRO W 84 -46.43 -69.50 14.28
CA PRO W 84 -45.87 -68.53 15.23
C PRO W 84 -46.80 -67.34 15.45
N ALA W 85 -46.69 -66.75 16.65
CA ALA W 85 -47.48 -65.58 16.99
C ALA W 85 -47.18 -64.40 16.09
N LEU W 86 -45.99 -64.37 15.47
CA LEU W 86 -45.71 -63.35 14.46
C LEU W 86 -46.66 -63.48 13.27
N GLY W 87 -46.77 -64.70 12.72
CA GLY W 87 -47.68 -64.92 11.62
C GLY W 87 -49.13 -64.70 12.01
N TRP W 88 -49.51 -65.11 13.21
CA TRP W 88 -50.87 -64.87 13.68
C TRP W 88 -51.16 -63.38 13.80
N ALA W 89 -50.18 -62.62 14.30
CA ALA W 89 -50.35 -61.17 14.39
C ALA W 89 -50.50 -60.55 13.00
N GLN W 90 -49.75 -61.07 12.03
CA GLN W 90 -49.90 -60.56 10.67
C GLN W 90 -51.26 -60.92 10.08
N ILE W 91 -51.77 -62.12 10.37
CA ILE W 91 -53.12 -62.48 9.96
C ILE W 91 -54.13 -61.52 10.57
N PHE W 92 -53.96 -61.23 11.86
CA PHE W 92 -54.89 -60.35 12.56
C PHE W 92 -54.84 -58.93 12.01
N VAL W 93 -53.64 -58.45 11.68
CA VAL W 93 -53.54 -57.11 11.12
C VAL W 93 -54.14 -57.07 9.72
N TYR W 94 -54.00 -58.14 8.94
CA TYR W 94 -54.68 -58.20 7.64
C TYR W 94 -56.19 -58.13 7.83
N CYS W 95 -56.72 -58.88 8.80
CA CYS W 95 -58.16 -58.85 9.05
C CYS W 95 -58.60 -57.46 9.50
N GLY W 96 -57.83 -56.82 10.38
CA GLY W 96 -58.16 -55.49 10.84
C GLY W 96 -58.16 -54.47 9.72
N TYR W 97 -57.18 -54.56 8.82
CA TYR W 97 -57.17 -53.68 7.66
C TYR W 97 -58.37 -53.94 6.77
N ALA W 98 -58.67 -55.22 6.51
CA ALA W 98 -59.76 -55.57 5.61
C ALA W 98 -61.10 -55.10 6.15
N GLU W 99 -61.25 -55.04 7.48
CA GLU W 99 -62.50 -54.56 8.04
C GLU W 99 -62.55 -53.05 8.19
N LEU W 100 -61.43 -52.42 8.58
CA LEU W 100 -61.41 -51.00 8.89
C LEU W 100 -61.02 -50.14 7.69
N SER W 101 -60.70 -50.74 6.55
CA SER W 101 -60.45 -49.94 5.36
C SER W 101 -61.72 -49.27 4.89
N GLN W 102 -62.73 -50.06 4.54
CA GLN W 102 -64.05 -49.54 4.21
C GLN W 102 -64.87 -49.42 5.48
N ASP W 103 -65.69 -48.37 5.54
CA ASP W 103 -66.43 -48.07 6.76
C ASP W 103 -67.54 -49.09 6.97
N GLN W 104 -67.54 -49.72 8.15
CA GLN W 104 -68.54 -50.71 8.51
C GLN W 104 -69.73 -50.10 9.25
N THR W 105 -69.73 -48.79 9.46
CA THR W 105 -70.84 -48.14 10.17
C THR W 105 -72.13 -48.35 9.38
N PRO W 106 -73.24 -48.72 10.03
CA PRO W 106 -74.48 -48.98 9.29
C PRO W 106 -74.92 -47.78 8.47
N GLY W 107 -75.43 -48.06 7.27
CA GLY W 107 -75.83 -47.02 6.35
C GLY W 107 -74.92 -46.96 5.13
N SER W 108 -73.64 -47.22 5.33
CA SER W 108 -72.67 -47.16 4.25
C SER W 108 -72.87 -48.34 3.29
N PRO W 109 -72.42 -48.20 2.03
CA PRO W 109 -72.48 -49.35 1.12
C PRO W 109 -71.69 -50.55 1.61
N GLY W 110 -70.58 -50.33 2.32
CA GLY W 110 -69.87 -51.43 2.93
C GLY W 110 -70.59 -52.05 4.10
N ALA W 111 -71.52 -51.31 4.70
CA ALA W 111 -72.27 -51.86 5.81
C ALA W 111 -73.13 -53.02 5.34
N GLU W 112 -73.82 -52.85 4.23
CA GLU W 112 -74.74 -53.89 3.77
C GLU W 112 -74.03 -55.11 3.20
N GLY W 113 -72.73 -55.03 2.96
CA GLY W 113 -71.99 -56.21 2.53
C GLY W 113 -71.02 -56.00 1.39
N ASN W 114 -71.27 -54.99 0.56
CA ASN W 114 -70.42 -54.72 -0.60
C ASN W 114 -69.12 -54.09 -0.12
N PHE W 115 -68.05 -54.87 -0.12
CA PHE W 115 -66.74 -54.42 0.34
C PHE W 115 -65.86 -53.89 -0.78
N GLY W 116 -66.36 -53.82 -2.01
CA GLY W 116 -65.53 -53.39 -3.12
C GLY W 116 -64.57 -54.44 -3.61
N PHE W 117 -64.92 -55.71 -3.50
CA PHE W 117 -64.13 -56.83 -4.01
C PHE W 117 -64.70 -57.35 -5.31
N LYS W 118 -65.12 -56.44 -6.18
CA LYS W 118 -65.84 -56.78 -7.40
C LYS W 118 -64.89 -57.46 -8.38
N VAL W 119 -64.62 -58.74 -8.09
CA VAL W 119 -63.79 -59.55 -8.99
C VAL W 119 -64.49 -59.71 -10.34
N LEU W 120 -65.69 -60.29 -10.32
CA LEU W 120 -66.51 -60.35 -11.52
C LEU W 120 -67.18 -59.02 -11.83
N THR W 121 -67.21 -58.10 -10.86
CA THR W 121 -67.76 -56.74 -11.01
C THR W 121 -69.01 -56.73 -11.89
N SER W 122 -69.95 -57.60 -11.55
CA SER W 122 -71.20 -57.70 -12.29
C SER W 122 -71.85 -56.33 -12.42
N SER W 123 -71.97 -55.84 -13.65
CA SER W 123 -72.39 -54.47 -13.91
C SER W 123 -73.90 -54.31 -13.70
N ASP W 124 -74.31 -54.61 -12.48
CA ASP W 124 -75.71 -54.60 -12.08
C ASP W 124 -76.64 -55.33 -13.07
N PRO W 125 -76.32 -56.57 -13.45
CA PRO W 125 -77.23 -57.32 -14.33
C PRO W 125 -78.22 -58.14 -13.53
N ASP W 126 -79.05 -58.93 -14.20
CA ASP W 126 -79.84 -59.93 -13.51
C ASP W 126 -78.95 -60.96 -12.84
N SER W 127 -77.72 -61.14 -13.33
CA SER W 127 -76.78 -62.05 -12.68
C SER W 127 -76.47 -61.63 -11.25
N LEU W 128 -76.60 -60.33 -10.95
CA LEU W 128 -76.23 -59.83 -9.63
C LEU W 128 -76.94 -60.58 -8.52
N GLU W 129 -78.26 -60.66 -8.60
CA GLU W 129 -79.04 -61.26 -7.52
C GLU W 129 -78.80 -62.75 -7.40
N LYS W 130 -78.65 -63.45 -8.53
CA LYS W 130 -78.42 -64.89 -8.45
C LYS W 130 -77.04 -65.20 -7.88
N LYS W 131 -76.03 -64.39 -8.24
CA LYS W 131 -74.73 -64.54 -7.60
C LYS W 131 -74.82 -64.28 -6.11
N LEU W 132 -75.57 -63.23 -5.72
CA LEU W 132 -75.75 -62.93 -4.30
C LEU W 132 -76.40 -64.11 -3.58
N ALA W 133 -77.45 -64.68 -4.17
CA ALA W 133 -78.16 -65.78 -3.54
C ALA W 133 -77.29 -67.02 -3.43
N SER W 134 -76.53 -67.34 -4.47
CA SER W 134 -75.61 -68.46 -4.38
C SER W 134 -74.56 -68.22 -3.29
N GLU W 135 -74.06 -66.99 -3.21
CA GLU W 135 -73.08 -66.67 -2.18
C GLU W 135 -73.65 -66.86 -0.79
N ILE W 136 -74.87 -66.38 -0.55
CA ILE W 136 -75.43 -66.45 0.79
C ILE W 136 -75.83 -67.89 1.14
N ALA W 137 -76.31 -68.66 0.16
CA ALA W 137 -76.67 -70.05 0.43
C ALA W 137 -75.43 -70.87 0.75
N ASN W 138 -74.38 -70.73 -0.06
CA ASN W 138 -73.13 -71.39 0.27
C ASN W 138 -72.54 -70.87 1.56
N GLY W 139 -72.83 -69.61 1.92
CA GLY W 139 -72.37 -69.09 3.19
C GLY W 139 -73.02 -69.79 4.38
N ARG W 140 -74.33 -69.97 4.31
CA ARG W 140 -75.02 -70.70 5.37
C ARG W 140 -74.54 -72.14 5.45
N LEU W 141 -74.40 -72.79 4.28
CA LEU W 141 -73.90 -74.16 4.26
C LEU W 141 -72.49 -74.24 4.82
N ALA W 142 -71.65 -73.24 4.53
CA ALA W 142 -70.28 -73.23 5.00
C ALA W 142 -70.21 -72.98 6.50
N MET W 143 -71.10 -72.14 7.03
CA MET W 143 -71.14 -71.94 8.47
C MET W 143 -71.50 -73.23 9.18
N MET W 144 -72.55 -73.92 8.71
CA MET W 144 -72.91 -75.20 9.29
C MET W 144 -71.75 -76.19 9.16
N ALA W 145 -71.13 -76.24 7.98
CA ALA W 145 -70.07 -77.21 7.71
C ALA W 145 -68.85 -76.97 8.58
N PHE W 146 -68.46 -75.70 8.76
CA PHE W 146 -67.27 -75.45 9.56
C PHE W 146 -67.55 -75.64 11.04
N THR W 147 -68.77 -75.35 11.51
CA THR W 147 -69.07 -75.72 12.88
C THR W 147 -68.99 -77.22 13.07
N GLY W 148 -69.50 -77.99 12.10
CA GLY W 148 -69.39 -79.44 12.16
C GLY W 148 -67.94 -79.91 12.17
N MET W 149 -67.10 -79.33 11.31
CA MET W 149 -65.70 -79.75 11.23
C MET W 149 -64.93 -79.36 12.49
N ALA W 150 -65.19 -78.16 13.02
CA ALA W 150 -64.56 -77.75 14.26
C ALA W 150 -64.97 -78.66 15.41
N THR W 151 -66.24 -79.02 15.48
CA THR W 151 -66.67 -80.00 16.48
C THR W 151 -65.96 -81.33 16.28
N GLN W 152 -65.87 -81.78 15.02
CA GLN W 152 -65.29 -83.10 14.75
C GLN W 152 -63.83 -83.18 15.17
N ASP W 153 -63.04 -82.17 14.82
CA ASP W 153 -61.64 -82.21 15.24
C ASP W 153 -61.44 -81.73 16.66
N GLY W 154 -62.47 -81.17 17.31
CA GLY W 154 -62.41 -81.00 18.74
C GLY W 154 -62.72 -82.26 19.52
N LEU W 155 -63.43 -83.21 18.91
CA LEU W 155 -63.73 -84.47 19.55
C LEU W 155 -62.94 -85.66 19.01
N THR W 156 -62.32 -85.54 17.83
CA THR W 156 -61.52 -86.62 17.25
C THR W 156 -60.31 -86.02 16.55
N GLY W 157 -59.20 -85.91 17.28
CA GLY W 157 -57.90 -85.56 16.72
C GLY W 157 -57.88 -84.45 15.69
N SER W 158 -57.41 -84.76 14.49
CA SER W 158 -57.34 -83.78 13.40
C SER W 158 -58.71 -83.66 12.75
N ALA W 159 -58.77 -83.00 11.58
CA ALA W 159 -60.05 -82.63 11.00
C ALA W 159 -60.96 -83.82 10.76
N TRP W 160 -60.39 -85.02 10.61
CA TRP W 160 -61.19 -86.24 10.55
C TRP W 160 -60.47 -87.38 11.27
N GLU X 1 19.55 -24.97 -90.93
CA GLU X 1 20.61 -24.85 -89.94
C GLU X 1 21.87 -25.56 -90.41
N SER X 2 21.82 -26.07 -91.65
CA SER X 2 22.97 -26.78 -92.20
C SER X 2 24.15 -25.85 -92.48
N GLU X 3 23.90 -24.54 -92.60
CA GLU X 3 24.95 -23.56 -92.82
C GLU X 3 25.44 -22.92 -91.52
N ARG X 4 24.90 -23.34 -90.38
CA ARG X 4 25.33 -22.87 -89.08
C ARG X 4 26.48 -23.73 -88.55
N GLY X 5 27.19 -23.20 -87.56
CA GLY X 5 28.18 -23.98 -86.86
C GLY X 5 29.57 -23.92 -87.46
N ALA X 6 30.26 -25.07 -87.49
CA ALA X 6 31.63 -25.13 -87.95
C ALA X 6 31.78 -25.94 -89.23
N GLN X 7 31.39 -27.22 -89.21
CA GLN X 7 31.62 -28.20 -90.28
C GLN X 7 33.01 -28.03 -90.90
N PRO X 8 34.09 -28.25 -90.14
CA PRO X 8 35.44 -28.08 -90.69
C PRO X 8 35.71 -29.01 -91.86
N PRO X 9 35.33 -30.29 -91.81
CA PRO X 9 35.55 -31.14 -93.00
C PRO X 9 34.76 -30.73 -94.22
N PHE X 10 33.82 -29.79 -94.07
CA PHE X 10 33.04 -29.20 -95.17
C PHE X 10 32.03 -30.19 -95.72
N GLY X 11 30.82 -29.71 -96.02
CA GLY X 11 29.76 -30.59 -96.48
C GLY X 11 29.46 -31.70 -95.51
N PHE X 12 29.52 -31.40 -94.22
CA PHE X 12 29.45 -32.42 -93.18
C PHE X 12 28.37 -32.10 -92.15
N TRP X 13 27.31 -31.42 -92.58
CA TRP X 13 26.13 -31.26 -91.74
C TRP X 13 25.59 -32.64 -91.41
N ASP X 14 25.64 -33.03 -90.14
CA ASP X 14 25.45 -34.42 -89.73
C ASP X 14 24.31 -34.51 -88.72
N PRO X 15 23.04 -34.62 -89.22
CA PRO X 15 21.99 -34.85 -88.24
C PRO X 15 21.89 -36.35 -88.02
N LEU X 16 22.49 -37.21 -88.83
CA LEU X 16 22.56 -38.66 -88.65
C LEU X 16 21.24 -39.24 -88.17
N GLY X 17 20.96 -39.08 -86.88
CA GLY X 17 19.73 -39.58 -86.30
C GLY X 17 18.56 -38.62 -86.49
N LEU X 18 18.72 -37.68 -87.43
CA LEU X 18 17.69 -36.68 -87.71
C LEU X 18 17.31 -35.91 -86.45
N SER X 19 18.31 -35.60 -85.62
CA SER X 19 18.05 -35.04 -84.30
C SER X 19 17.29 -33.72 -84.39
N ALA X 20 17.71 -32.83 -85.28
CA ALA X 20 17.07 -31.54 -85.46
C ALA X 20 16.13 -31.62 -86.66
N ASP X 21 14.83 -31.73 -86.38
CA ASP X 21 13.84 -31.64 -87.45
C ASP X 21 13.55 -30.21 -87.85
N GLY X 22 14.12 -29.24 -87.14
CA GLY X 22 13.89 -27.83 -87.36
C GLY X 22 13.16 -27.19 -86.19
N ASP X 23 13.93 -26.59 -85.29
CA ASP X 23 13.39 -25.80 -84.19
C ASP X 23 14.55 -25.00 -83.62
N VAL X 24 14.46 -23.67 -83.72
CA VAL X 24 15.61 -22.84 -83.39
C VAL X 24 15.93 -22.92 -81.89
N ALA X 25 14.90 -23.03 -81.04
CA ALA X 25 15.13 -23.05 -79.60
C ALA X 25 15.89 -24.31 -79.18
N THR X 26 15.43 -25.48 -79.63
CA THR X 26 16.10 -26.72 -79.26
C THR X 26 17.50 -26.77 -79.84
N PHE X 27 17.68 -26.29 -81.07
CA PHE X 27 19.01 -26.28 -81.67
C PHE X 27 19.96 -25.37 -80.88
N LYS X 28 19.48 -24.21 -80.46
CA LYS X 28 20.33 -23.31 -79.68
C LYS X 28 20.65 -23.90 -78.32
N ARG X 29 19.68 -24.58 -77.70
CA ARG X 29 19.95 -25.26 -76.44
C ARG X 29 21.04 -26.32 -76.61
N ARG X 30 20.92 -27.13 -77.67
CA ARG X 30 21.92 -28.16 -77.91
C ARG X 30 23.26 -27.55 -78.32
N ARG X 31 23.26 -26.39 -78.96
CA ARG X 31 24.51 -25.73 -79.31
C ARG X 31 25.22 -25.24 -78.06
N ALA X 32 24.49 -24.63 -77.14
CA ALA X 32 25.08 -24.26 -75.86
C ALA X 32 25.59 -25.49 -75.13
N SER X 33 24.82 -26.57 -75.15
CA SER X 33 25.24 -27.81 -74.50
C SER X 33 26.53 -28.35 -75.13
N GLU X 34 26.61 -28.34 -76.46
CA GLU X 34 27.78 -28.89 -77.13
C GLU X 34 29.01 -28.02 -76.91
N ILE X 35 28.84 -26.70 -76.94
CA ILE X 35 29.98 -25.82 -76.74
C ILE X 35 30.49 -25.95 -75.31
N LYS X 36 29.58 -26.04 -74.33
CA LYS X 36 29.99 -26.23 -72.95
C LYS X 36 30.67 -27.58 -72.76
N HIS X 37 30.11 -28.62 -73.37
CA HIS X 37 30.70 -29.95 -73.31
C HIS X 37 32.10 -29.96 -73.90
N GLY X 38 32.28 -29.28 -75.04
CA GLY X 38 33.60 -29.23 -75.65
C GLY X 38 34.62 -28.50 -74.80
N ARG X 39 34.22 -27.37 -74.22
CA ARG X 39 35.13 -26.66 -73.32
C ARG X 39 35.52 -27.53 -72.14
N ILE X 40 34.53 -28.22 -71.54
CA ILE X 40 34.81 -29.10 -70.41
C ILE X 40 35.75 -30.22 -70.83
N ALA X 41 35.52 -30.80 -72.00
CA ALA X 41 36.34 -31.91 -72.46
C ALA X 41 37.77 -31.48 -72.71
N MET X 42 37.96 -30.32 -73.34
CA MET X 42 39.32 -29.84 -73.57
C MET X 42 40.03 -29.57 -72.26
N LEU X 43 39.35 -28.92 -71.31
CA LEU X 43 39.98 -28.64 -70.02
C LEU X 43 40.32 -29.93 -69.28
N ALA X 44 39.41 -30.91 -69.30
CA ALA X 44 39.63 -32.16 -68.60
C ALA X 44 40.75 -32.97 -69.23
N ALA X 45 40.80 -33.01 -70.57
CA ALA X 45 41.87 -33.73 -71.24
C ALA X 45 43.23 -33.07 -70.99
N MET X 46 43.25 -31.74 -70.86
CA MET X 46 44.48 -31.08 -70.44
C MET X 46 44.87 -31.50 -69.02
N GLY X 47 43.92 -31.48 -68.11
CA GLY X 47 44.20 -31.88 -66.74
C GLY X 47 44.46 -33.37 -66.58
N TYR X 48 44.24 -34.13 -67.64
CA TYR X 48 44.55 -35.55 -67.70
C TYR X 48 45.91 -35.84 -68.32
N MET X 49 46.30 -35.09 -69.35
CA MET X 49 47.62 -35.25 -69.96
C MET X 49 48.72 -34.59 -69.12
N THR X 50 48.41 -33.45 -68.50
CA THR X 50 49.44 -32.70 -67.76
C THR X 50 50.06 -33.49 -66.62
N PRO X 51 49.30 -34.19 -65.76
CA PRO X 51 49.95 -34.92 -64.66
C PRO X 51 50.93 -35.98 -65.12
N GLU X 52 50.82 -36.45 -66.36
CA GLU X 52 51.72 -37.48 -66.87
C GLU X 52 52.93 -36.90 -67.60
N ILE X 53 52.72 -35.88 -68.44
CA ILE X 53 53.82 -35.30 -69.20
C ILE X 53 54.78 -34.58 -68.26
N THR X 54 54.28 -33.52 -67.60
CA THR X 54 55.02 -32.84 -66.55
C THR X 54 54.35 -33.20 -65.23
N GLY X 55 54.93 -34.16 -64.51
CA GLY X 55 54.37 -34.64 -63.27
C GLY X 55 53.97 -33.50 -62.37
N LYS X 56 54.96 -32.78 -61.87
CA LYS X 56 54.77 -31.48 -61.20
C LYS X 56 53.64 -31.55 -60.17
N PHE X 57 53.89 -32.35 -59.13
CA PHE X 57 52.98 -32.47 -58.01
C PHE X 57 53.60 -31.90 -56.75
N PRO X 58 53.91 -30.60 -56.69
CA PRO X 58 54.68 -30.08 -55.57
C PRO X 58 53.82 -29.69 -54.38
N GLY X 59 54.14 -30.24 -53.21
CA GLY X 59 53.44 -29.86 -52.00
C GLY X 59 52.22 -30.71 -51.71
N TYR X 60 51.53 -30.34 -50.64
CA TYR X 60 50.34 -31.02 -50.18
C TYR X 60 49.09 -30.32 -50.70
N LEU X 61 48.18 -31.10 -51.30
CA LEU X 61 46.87 -30.54 -51.62
C LEU X 61 46.10 -30.19 -50.35
N SER X 62 46.26 -30.99 -49.30
CA SER X 62 45.69 -30.69 -47.99
C SER X 62 46.81 -30.64 -46.96
N PRO X 63 47.31 -29.45 -46.62
CA PRO X 63 48.35 -29.36 -45.58
C PRO X 63 47.89 -29.89 -44.24
N SER X 64 46.61 -29.73 -43.90
CA SER X 64 46.11 -30.20 -42.61
C SER X 64 45.85 -31.70 -42.62
N THR X 65 45.03 -32.17 -43.56
CA THR X 65 44.72 -33.59 -43.62
C THR X 65 45.96 -34.42 -43.96
N GLY X 66 46.81 -33.89 -44.83
CA GLY X 66 47.98 -34.62 -45.30
C GLY X 66 47.90 -35.11 -46.73
N VAL X 67 46.93 -34.66 -47.50
CA VAL X 67 46.79 -35.09 -48.89
C VAL X 67 47.82 -34.35 -49.72
N LYS X 68 48.75 -35.10 -50.31
CA LYS X 68 49.83 -34.56 -51.12
C LYS X 68 49.43 -34.58 -52.59
N TYR X 69 49.86 -33.56 -53.33
CA TYR X 69 49.62 -33.54 -54.77
C TYR X 69 50.13 -34.81 -55.43
N ALA X 70 51.19 -35.39 -54.89
CA ALA X 70 51.84 -36.56 -55.47
C ALA X 70 51.26 -37.88 -55.00
N ASP X 71 50.22 -37.87 -54.15
CA ASP X 71 49.57 -39.12 -53.77
C ASP X 71 48.24 -39.35 -54.45
N ILE X 72 47.62 -38.33 -55.03
CA ILE X 72 46.39 -38.53 -55.79
C ILE X 72 46.76 -39.18 -57.11
N PRO X 73 46.28 -40.39 -57.40
CA PRO X 73 46.56 -40.99 -58.71
C PRO X 73 45.90 -40.20 -59.81
N ASN X 74 46.59 -40.10 -60.94
CA ASN X 74 46.04 -39.39 -62.09
C ASN X 74 44.93 -40.23 -62.72
N GLY X 75 43.75 -39.63 -62.87
CA GLY X 75 42.63 -40.29 -63.51
C GLY X 75 41.43 -40.41 -62.58
N LEU X 76 40.67 -41.48 -62.78
CA LEU X 76 39.41 -41.64 -62.06
C LEU X 76 39.62 -41.85 -60.56
N ALA X 77 40.76 -42.42 -60.17
CA ALA X 77 41.04 -42.61 -58.74
C ALA X 77 41.13 -41.28 -58.00
N ALA X 78 41.09 -40.16 -58.72
CA ALA X 78 41.16 -38.86 -58.06
C ALA X 78 39.93 -38.59 -57.21
N ILE X 79 38.75 -39.07 -57.61
CA ILE X 79 37.59 -38.81 -56.78
C ILE X 79 37.45 -39.91 -55.73
N SER X 80 38.43 -40.00 -54.85
CA SER X 80 38.25 -40.56 -53.51
C SER X 80 39.24 -39.88 -52.57
N LYS X 81 40.25 -39.23 -53.17
CA LYS X 81 41.43 -38.78 -52.45
C LYS X 81 41.62 -37.27 -52.48
N VAL X 82 41.21 -36.60 -53.55
CA VAL X 82 41.19 -35.13 -53.51
C VAL X 82 40.28 -34.70 -52.37
N PRO X 83 40.73 -33.82 -51.48
CA PRO X 83 40.01 -33.61 -50.21
C PRO X 83 38.54 -33.25 -50.42
N VAL X 84 37.77 -33.53 -49.37
CA VAL X 84 36.32 -33.36 -49.41
C VAL X 84 35.95 -31.95 -49.81
N VAL X 85 36.34 -30.96 -48.99
CA VAL X 85 36.07 -29.58 -49.35
C VAL X 85 36.94 -29.14 -50.52
N GLY X 86 37.99 -29.89 -50.86
CA GLY X 86 38.67 -29.63 -52.11
C GLY X 86 37.75 -29.84 -53.31
N TRP X 87 37.04 -30.97 -53.32
CA TRP X 87 36.04 -31.19 -54.36
C TRP X 87 34.90 -30.20 -54.24
N LEU X 88 34.52 -29.85 -53.00
CA LEU X 88 33.47 -28.86 -52.82
C LEU X 88 33.87 -27.51 -53.44
N GLN X 89 35.12 -27.11 -53.27
CA GLN X 89 35.57 -25.83 -53.80
C GLN X 89 35.75 -25.89 -55.31
N ILE X 90 36.18 -27.03 -55.85
CA ILE X 90 36.22 -27.18 -57.31
C ILE X 90 34.82 -27.04 -57.89
N PHE X 91 33.85 -27.70 -57.25
CA PHE X 91 32.46 -27.56 -57.64
C PHE X 91 31.99 -26.11 -57.52
N ALA X 92 32.44 -25.42 -56.46
CA ALA X 92 32.06 -24.02 -56.27
C ALA X 92 32.63 -23.12 -57.36
N TRP X 93 33.86 -23.40 -57.81
CA TRP X 93 34.41 -22.61 -58.90
C TRP X 93 33.68 -22.88 -60.21
N THR X 94 33.26 -24.13 -60.43
CA THR X 94 32.41 -24.40 -61.58
C THR X 94 31.09 -23.64 -61.46
N ALA X 95 30.55 -23.56 -60.24
CA ALA X 95 29.33 -22.80 -60.02
C ALA X 95 29.53 -21.32 -60.33
N VAL X 96 30.67 -20.76 -59.93
CA VAL X 96 30.98 -19.37 -60.24
C VAL X 96 31.09 -19.18 -61.74
N CYS X 97 31.77 -20.10 -62.42
CA CYS X 97 31.93 -20.01 -63.86
C CYS X 97 30.60 -20.14 -64.60
N GLU X 98 29.61 -20.82 -64.01
CA GLU X 98 28.35 -21.03 -64.71
C GLU X 98 27.23 -20.10 -64.24
N LEU X 99 27.40 -19.41 -63.12
CA LEU X 99 26.34 -18.62 -62.52
C LEU X 99 26.68 -17.14 -62.40
N TRP X 100 27.85 -16.70 -62.87
CA TRP X 100 28.17 -15.28 -62.77
C TRP X 100 27.28 -14.45 -63.67
N GLU X 101 27.10 -14.88 -64.92
CA GLU X 101 26.21 -14.24 -65.86
C GLU X 101 25.12 -15.22 -66.29
N ASP X 102 24.19 -14.74 -67.11
CA ASP X 102 23.00 -15.50 -67.45
C ASP X 102 23.25 -16.38 -68.66
N GLN X 103 22.82 -17.64 -68.58
CA GLN X 103 22.93 -18.60 -69.67
C GLN X 103 21.55 -19.06 -70.14
N VAL X 104 20.55 -18.21 -70.00
CA VAL X 104 19.16 -18.57 -70.29
C VAL X 104 18.87 -18.23 -71.75
N PRO X 105 17.96 -18.95 -72.41
CA PRO X 105 17.56 -18.55 -73.76
C PRO X 105 17.10 -17.12 -73.81
N GLY X 106 17.56 -16.40 -74.84
CA GLY X 106 17.34 -14.97 -74.94
C GLY X 106 18.47 -14.11 -74.42
N THR X 107 19.59 -14.70 -74.03
CA THR X 107 20.75 -13.99 -73.49
C THR X 107 22.00 -14.49 -74.18
N PRO X 108 23.06 -13.69 -74.19
CA PRO X 108 24.31 -14.12 -74.84
C PRO X 108 24.88 -15.41 -74.25
N GLY X 109 24.63 -15.69 -72.98
CA GLY X 109 25.13 -16.93 -72.40
C GLY X 109 24.55 -18.17 -73.06
N HIS X 110 23.31 -18.07 -73.54
CA HIS X 110 22.70 -19.19 -74.27
C HIS X 110 23.42 -19.47 -75.58
N GLU X 111 24.21 -18.53 -76.08
CA GLU X 111 24.99 -18.73 -77.30
C GLU X 111 26.45 -19.03 -76.99
N GLY X 112 26.82 -19.15 -75.72
CA GLY X 112 28.20 -19.33 -75.33
C GLY X 112 28.97 -18.05 -75.14
N GLU X 113 28.38 -16.90 -75.44
CA GLU X 113 29.04 -15.61 -75.27
C GLU X 113 29.22 -15.31 -73.80
N PHE X 114 30.45 -15.41 -73.30
CA PHE X 114 30.73 -15.24 -71.89
C PHE X 114 31.69 -14.06 -71.68
N CYS X 115 32.15 -13.91 -70.44
CA CYS X 115 32.95 -12.76 -70.02
C CYS X 115 34.44 -13.05 -70.03
N PHE X 116 34.86 -14.19 -70.58
CA PHE X 116 36.28 -14.52 -70.60
C PHE X 116 37.07 -13.52 -71.42
N LYS X 117 36.74 -13.41 -72.71
CA LYS X 117 37.36 -12.43 -73.61
C LYS X 117 38.88 -12.57 -73.67
N ALA X 118 39.38 -13.80 -73.62
CA ALA X 118 40.81 -14.05 -73.67
C ALA X 118 41.30 -14.33 -75.09
N PHE X 119 40.48 -14.06 -76.10
CA PHE X 119 40.93 -14.18 -77.48
C PHE X 119 40.65 -12.90 -78.26
N LYS X 120 39.59 -12.18 -77.87
CA LYS X 120 39.29 -10.83 -78.37
C LYS X 120 39.46 -10.71 -79.88
N VAL X 121 38.57 -11.36 -80.63
CA VAL X 121 38.72 -11.53 -82.07
C VAL X 121 38.68 -10.19 -82.84
N THR X 122 38.51 -9.08 -82.12
CA THR X 122 38.63 -7.77 -82.77
C THR X 122 37.58 -7.57 -83.87
N SER X 123 36.36 -7.25 -83.45
CA SER X 123 35.16 -7.17 -84.28
C SER X 123 35.38 -6.55 -85.66
N ASP X 124 36.38 -5.67 -85.81
CA ASP X 124 36.68 -5.13 -87.14
C ASP X 124 36.96 -6.23 -88.14
N ALA X 125 37.40 -7.40 -87.67
CA ALA X 125 37.58 -8.56 -88.52
C ALA X 125 36.56 -9.64 -88.15
N PRO X 126 35.30 -9.52 -88.58
CA PRO X 126 34.31 -10.54 -88.24
C PRO X 126 34.36 -11.71 -89.22
N GLU X 127 35.57 -12.15 -89.53
CA GLU X 127 35.79 -13.34 -90.36
C GLU X 127 36.70 -14.34 -89.68
N THR X 128 37.73 -13.87 -88.97
CA THR X 128 38.45 -14.76 -88.07
C THR X 128 37.63 -15.15 -86.86
N ARG X 129 36.51 -14.44 -86.60
CA ARG X 129 35.61 -14.84 -85.52
C ARG X 129 35.01 -16.22 -85.80
N GLU X 130 34.51 -16.42 -87.01
CA GLU X 130 33.95 -17.70 -87.38
C GLU X 130 35.01 -18.79 -87.34
N THR X 131 36.23 -18.47 -87.79
CA THR X 131 37.30 -19.46 -87.73
C THR X 131 37.65 -19.84 -86.30
N LYS X 132 37.75 -18.84 -85.41
CA LYS X 132 38.08 -19.12 -84.02
C LYS X 132 37.00 -19.96 -83.36
N LEU X 133 35.73 -19.60 -83.56
CA LEU X 133 34.65 -20.36 -82.92
C LEU X 133 34.49 -21.74 -83.54
N ALA X 134 34.70 -21.87 -84.85
CA ALA X 134 34.64 -23.17 -85.49
C ALA X 134 35.75 -24.08 -85.01
N SER X 135 36.97 -23.54 -84.88
CA SER X 135 38.06 -24.31 -84.32
C SER X 135 37.78 -24.71 -82.88
N GLU X 136 37.20 -23.80 -82.10
CA GLU X 136 36.83 -24.12 -80.73
C GLU X 136 35.84 -25.28 -80.69
N LEU X 137 34.82 -25.22 -81.54
CA LEU X 137 33.80 -26.27 -81.56
C LEU X 137 34.37 -27.61 -81.99
N ALA X 138 35.15 -27.61 -83.08
CA ALA X 138 35.72 -28.87 -83.58
C ALA X 138 36.70 -29.46 -82.57
N ASN X 139 37.54 -28.62 -81.98
CA ASN X 139 38.48 -29.10 -80.97
C ASN X 139 37.74 -29.62 -79.74
N GLY X 140 36.63 -28.98 -79.38
CA GLY X 140 35.82 -29.47 -78.28
C GLY X 140 35.25 -30.84 -78.57
N ARG X 141 34.78 -31.05 -79.79
CA ARG X 141 34.26 -32.38 -80.17
C ARG X 141 35.37 -33.43 -80.15
N LEU X 142 36.54 -33.08 -80.68
CA LEU X 142 37.66 -34.02 -80.68
C LEU X 142 38.06 -34.40 -79.27
N ALA X 143 38.25 -33.40 -78.40
CA ALA X 143 38.56 -33.68 -77.01
C ALA X 143 37.39 -34.32 -76.27
N MET X 144 36.17 -34.18 -76.79
CA MET X 144 35.03 -34.88 -76.22
C MET X 144 35.20 -36.39 -76.37
N MET X 145 35.34 -36.84 -77.62
CA MET X 145 35.61 -38.24 -77.86
C MET X 145 36.88 -38.68 -77.14
N ALA X 146 37.88 -37.80 -77.11
CA ALA X 146 39.14 -38.13 -76.44
C ALA X 146 38.93 -38.38 -74.95
N ILE X 147 38.23 -37.48 -74.27
CA ILE X 147 38.11 -37.59 -72.81
C ILE X 147 37.24 -38.78 -72.43
N ILE X 148 36.19 -39.06 -73.21
CA ILE X 148 35.38 -40.23 -72.86
C ILE X 148 36.18 -41.51 -73.11
N GLY X 149 36.96 -41.55 -74.20
CA GLY X 149 37.83 -42.71 -74.41
C GLY X 149 38.88 -42.86 -73.33
N LEU X 150 39.41 -41.74 -72.84
CA LEU X 150 40.39 -41.78 -71.76
C LEU X 150 39.77 -42.31 -70.48
N PHE X 151 38.54 -41.88 -70.17
CA PHE X 151 37.86 -42.41 -68.99
C PHE X 151 37.61 -43.90 -69.12
N PHE X 152 37.20 -44.35 -70.32
CA PHE X 152 36.99 -45.78 -70.51
C PHE X 152 38.29 -46.56 -70.40
N GLN X 153 39.39 -46.01 -70.94
CA GLN X 153 40.69 -46.66 -70.79
C GLN X 153 41.09 -46.74 -69.33
N ASP X 154 40.83 -45.67 -68.57
CA ASP X 154 41.14 -45.68 -67.14
C ASP X 154 40.33 -46.75 -66.42
N GLY X 155 39.04 -46.86 -66.73
CA GLY X 155 38.22 -47.87 -66.10
C GLY X 155 38.65 -49.28 -66.44
N LEU X 156 38.95 -49.53 -67.71
CA LEU X 156 39.29 -50.89 -68.14
C LEU X 156 40.68 -51.30 -67.66
N THR X 157 41.70 -50.48 -67.94
CA THR X 157 43.06 -50.85 -67.62
C THR X 157 43.32 -50.85 -66.11
N GLY X 158 42.62 -50.01 -65.37
CA GLY X 158 42.82 -49.88 -63.94
C GLY X 158 43.59 -48.64 -63.52
N SER X 159 44.23 -47.95 -64.46
CA SER X 159 44.91 -46.70 -64.17
C SER X 159 44.71 -45.77 -65.35
N ALA X 160 45.30 -44.58 -65.27
CA ALA X 160 45.07 -43.56 -66.30
C ALA X 160 45.40 -44.07 -67.69
N TYR X 161 46.60 -44.63 -67.87
CA TYR X 161 46.99 -45.17 -69.17
C TYR X 161 47.37 -46.64 -69.06
N GLU Y 2 50.52 -0.94 -92.33
CA GLU Y 2 50.72 -0.47 -90.96
C GLU Y 2 52.19 -0.60 -90.56
N SER Y 3 53.02 0.35 -90.99
CA SER Y 3 54.45 0.34 -90.70
C SER Y 3 54.78 1.57 -89.87
N GLU Y 4 54.65 1.44 -88.56
CA GLU Y 4 54.92 2.53 -87.62
C GLU Y 4 55.55 1.97 -86.36
N LEU Y 5 56.09 2.87 -85.54
CA LEU Y 5 56.67 2.51 -84.24
C LEU Y 5 57.76 1.46 -84.39
N GLY Y 6 57.36 0.18 -84.40
CA GLY Y 6 58.31 -0.90 -84.55
C GLY Y 6 58.95 -1.00 -85.92
N ALA Y 7 58.45 -0.24 -86.88
CA ALA Y 7 59.04 -0.24 -88.23
C ALA Y 7 60.43 0.36 -88.26
N GLN Y 8 60.86 1.03 -87.19
CA GLN Y 8 62.21 1.57 -87.11
C GLN Y 8 63.28 0.49 -87.05
N ALA Y 9 62.88 -0.77 -86.84
CA ALA Y 9 63.84 -1.84 -86.63
C ALA Y 9 64.77 -1.97 -87.83
N PRO Y 10 66.03 -2.33 -87.61
CA PRO Y 10 66.93 -2.58 -88.74
C PRO Y 10 66.43 -3.65 -89.68
N LEU Y 11 65.67 -4.63 -89.17
CA LEU Y 11 65.03 -5.60 -90.04
C LEU Y 11 63.92 -4.95 -90.85
N GLY Y 12 63.05 -4.19 -90.20
CA GLY Y 12 61.96 -3.52 -90.86
C GLY Y 12 60.61 -3.94 -90.30
N PHE Y 13 59.61 -3.96 -91.19
CA PHE Y 13 58.25 -4.38 -90.83
C PHE Y 13 58.25 -5.90 -90.68
N PHE Y 14 58.77 -6.35 -89.55
CA PHE Y 14 58.99 -7.78 -89.30
C PHE Y 14 57.65 -8.48 -89.13
N ASP Y 15 57.24 -9.23 -90.15
CA ASP Y 15 56.01 -10.02 -90.11
C ASP Y 15 56.25 -11.44 -90.60
N PRO Y 16 57.03 -12.24 -89.85
CA PRO Y 16 57.01 -13.68 -90.11
C PRO Y 16 55.70 -14.28 -89.63
N LEU Y 17 55.31 -15.38 -90.24
CA LEU Y 17 53.99 -15.97 -90.02
C LEU Y 17 52.88 -14.97 -90.33
N LYS Y 18 53.17 -14.02 -91.22
CA LYS Y 18 52.29 -12.90 -91.56
C LYS Y 18 51.82 -12.19 -90.30
N LEU Y 19 50.53 -12.32 -89.97
CA LEU Y 19 49.89 -11.68 -88.83
C LEU Y 19 49.80 -10.17 -89.03
N THR Y 20 48.69 -9.57 -88.57
CA THR Y 20 48.38 -8.15 -88.72
C THR Y 20 48.28 -7.73 -90.19
N GLY Y 21 48.35 -8.69 -91.11
CA GLY Y 21 48.10 -8.40 -92.50
C GLY Y 21 46.64 -8.28 -92.87
N ASP Y 22 45.74 -8.74 -91.99
CA ASP Y 22 44.30 -8.72 -92.25
C ASP Y 22 43.64 -7.48 -91.68
N GLY Y 23 44.20 -6.30 -91.98
CA GLY Y 23 43.64 -5.03 -91.55
C GLY Y 23 43.21 -4.96 -90.10
N SER Y 24 43.90 -5.71 -89.24
CA SER Y 24 43.52 -5.85 -87.83
C SER Y 24 44.05 -4.65 -87.04
N VAL Y 25 43.37 -3.52 -87.22
CA VAL Y 25 43.87 -2.25 -86.69
C VAL Y 25 43.81 -2.23 -85.16
N GLU Y 26 42.66 -2.60 -84.58
CA GLU Y 26 42.61 -2.63 -83.12
C GLU Y 26 43.25 -3.88 -82.55
N ALA Y 27 43.35 -4.96 -83.32
CA ALA Y 27 44.25 -6.04 -82.92
C ALA Y 27 45.68 -5.54 -82.88
N PHE Y 28 46.06 -4.71 -83.85
CA PHE Y 28 47.38 -4.10 -83.84
C PHE Y 28 47.57 -3.24 -82.59
N LYS Y 29 46.56 -2.45 -82.23
CA LYS Y 29 46.68 -1.61 -81.04
C LYS Y 29 46.73 -2.44 -79.77
N ARG Y 30 45.92 -3.50 -79.68
CA ARG Y 30 45.96 -4.37 -78.52
C ARG Y 30 47.31 -5.08 -78.40
N ARG Y 31 47.86 -5.52 -79.52
CA ARG Y 31 49.20 -6.10 -79.51
C ARG Y 31 50.25 -5.06 -79.15
N ARG Y 32 50.01 -3.80 -79.50
CA ARG Y 32 50.88 -2.72 -79.05
C ARG Y 32 50.84 -2.60 -77.52
N GLN Y 33 49.64 -2.65 -76.94
CA GLN Y 33 49.51 -2.61 -75.49
C GLN Y 33 50.23 -3.80 -74.85
N SER Y 34 50.00 -5.00 -75.40
CA SER Y 34 50.63 -6.19 -74.87
C SER Y 34 52.14 -6.11 -74.97
N GLU Y 35 52.65 -5.63 -76.10
CA GLU Y 35 54.08 -5.52 -76.29
C GLU Y 35 54.68 -4.50 -75.33
N ILE Y 36 54.01 -3.37 -75.13
CA ILE Y 36 54.53 -2.35 -74.22
C ILE Y 36 54.56 -2.88 -72.79
N LYS Y 37 53.46 -3.51 -72.36
CA LYS Y 37 53.40 -4.01 -70.99
C LYS Y 37 54.40 -5.14 -70.75
N HIS Y 38 54.49 -6.08 -71.71
CA HIS Y 38 55.46 -7.17 -71.60
C HIS Y 38 56.87 -6.62 -71.60
N GLY Y 39 57.14 -5.62 -72.43
CA GLY Y 39 58.48 -5.03 -72.43
C GLY Y 39 58.82 -4.38 -71.12
N ARG Y 40 57.89 -3.61 -70.56
CA ARG Y 40 58.14 -2.94 -69.29
C ARG Y 40 58.41 -3.95 -68.18
N ILE Y 41 57.55 -4.99 -68.09
CA ILE Y 41 57.75 -5.98 -67.03
C ILE Y 41 59.02 -6.79 -67.26
N SER Y 42 59.35 -7.09 -68.52
CA SER Y 42 60.55 -7.85 -68.80
C SER Y 42 61.81 -7.05 -68.48
N MET Y 43 61.79 -5.75 -68.78
CA MET Y 43 62.93 -4.90 -68.42
C MET Y 43 63.07 -4.80 -66.91
N LEU Y 44 61.95 -4.63 -66.19
CA LEU Y 44 62.00 -4.62 -64.74
C LEU Y 44 62.58 -5.93 -64.21
N ALA Y 45 62.13 -7.06 -64.75
CA ALA Y 45 62.62 -8.36 -64.31
C ALA Y 45 64.11 -8.51 -64.59
N ALA Y 46 64.54 -8.18 -65.81
CA ALA Y 46 65.94 -8.34 -66.17
C ALA Y 46 66.84 -7.47 -65.29
N MET Y 47 66.41 -6.22 -65.03
CA MET Y 47 67.17 -5.37 -64.13
C MET Y 47 67.20 -5.95 -62.72
N GLY Y 48 66.08 -6.50 -62.26
CA GLY Y 48 66.06 -7.11 -60.94
C GLY Y 48 66.75 -8.45 -60.85
N TYR Y 49 67.16 -9.01 -61.99
CA TYR Y 49 68.03 -10.18 -61.97
C TYR Y 49 69.50 -9.78 -62.06
N MET Y 50 69.81 -8.74 -62.84
CA MET Y 50 71.21 -8.32 -63.00
C MET Y 50 71.73 -7.63 -61.75
N THR Y 51 70.89 -6.77 -61.14
CA THR Y 51 71.35 -6.00 -59.98
C THR Y 51 71.78 -6.85 -58.78
N PRO Y 52 71.11 -7.95 -58.41
CA PRO Y 52 71.51 -8.68 -57.20
C PRO Y 52 72.86 -9.39 -57.28
N GLU Y 53 73.55 -9.39 -58.42
CA GLU Y 53 74.91 -9.93 -58.44
C GLU Y 53 75.98 -8.85 -58.40
N ILE Y 54 75.84 -7.80 -59.18
CA ILE Y 54 76.72 -6.64 -59.11
C ILE Y 54 76.08 -5.65 -58.15
N THR Y 55 76.74 -5.38 -57.02
CA THR Y 55 76.13 -4.73 -55.87
C THR Y 55 74.95 -5.57 -55.36
N GLY Y 56 75.30 -6.74 -54.82
CA GLY Y 56 74.35 -7.74 -54.39
C GLY Y 56 73.36 -7.31 -53.33
N LYS Y 57 72.58 -8.27 -52.82
CA LYS Y 57 71.43 -8.02 -51.96
C LYS Y 57 71.70 -6.89 -50.98
N PHE Y 58 70.89 -5.82 -51.05
CA PHE Y 58 71.25 -4.70 -50.21
C PHE Y 58 70.86 -4.96 -48.75
N PRO Y 59 71.69 -4.56 -47.80
CA PRO Y 59 71.51 -5.01 -46.42
C PRO Y 59 70.19 -4.54 -45.83
N GLY Y 60 69.63 -5.37 -44.99
CA GLY Y 60 68.37 -5.05 -44.37
C GLY Y 60 67.68 -6.30 -43.86
N TYR Y 61 66.36 -6.24 -43.87
CA TYR Y 61 65.52 -7.22 -43.18
C TYR Y 61 64.21 -7.31 -43.94
N LEU Y 62 63.59 -8.49 -43.93
CA LEU Y 62 62.49 -8.70 -44.86
C LEU Y 62 61.16 -9.08 -44.21
N SER Y 63 61.21 -9.74 -43.04
CA SER Y 63 59.99 -10.25 -42.41
C SER Y 63 60.14 -10.20 -40.90
N PRO Y 64 59.54 -9.20 -40.23
CA PRO Y 64 59.66 -9.04 -38.78
C PRO Y 64 59.53 -10.32 -37.95
N SER Y 65 58.40 -11.01 -38.06
CA SER Y 65 58.21 -12.23 -37.27
C SER Y 65 59.00 -13.41 -37.81
N LEU Y 66 59.16 -13.50 -39.13
CA LEU Y 66 59.76 -14.67 -39.78
C LEU Y 66 61.27 -14.69 -39.70
N ASN Y 67 61.91 -13.58 -39.31
CA ASN Y 67 63.37 -13.44 -39.27
C ASN Y 67 64.00 -13.52 -40.65
N LEU Y 68 63.22 -13.33 -41.71
CA LEU Y 68 63.77 -13.31 -43.05
C LEU Y 68 64.45 -11.98 -43.31
N LYS Y 69 65.70 -12.02 -43.78
CA LYS Y 69 66.45 -10.83 -44.13
C LYS Y 69 66.37 -10.60 -45.64
N PHE Y 70 66.94 -9.48 -46.08
CA PHE Y 70 67.15 -9.28 -47.52
C PHE Y 70 68.26 -10.16 -48.05
N ALA Y 71 69.17 -10.60 -47.20
CA ALA Y 71 70.25 -11.50 -47.61
C ALA Y 71 69.86 -12.97 -47.59
N ASP Y 72 68.73 -13.30 -46.95
CA ASP Y 72 68.30 -14.70 -46.92
C ASP Y 72 67.72 -15.14 -48.27
N VAL Y 73 66.90 -14.29 -48.88
CA VAL Y 73 66.19 -14.64 -50.11
C VAL Y 73 67.19 -14.70 -51.27
N PRO Y 74 67.32 -15.85 -51.93
CA PRO Y 74 68.25 -15.95 -53.06
C PRO Y 74 67.74 -15.24 -54.29
N ASN Y 75 68.42 -15.41 -55.43
CA ASN Y 75 68.01 -14.82 -56.69
C ASN Y 75 67.43 -15.88 -57.61
N GLY Y 76 66.88 -15.44 -58.73
CA GLY Y 76 66.36 -16.35 -59.73
C GLY Y 76 65.06 -17.00 -59.32
N LEU Y 77 64.75 -18.09 -60.03
CA LEU Y 77 63.53 -18.85 -59.75
C LEU Y 77 63.53 -19.46 -58.36
N ALA Y 78 64.70 -19.56 -57.72
CA ALA Y 78 64.74 -20.02 -56.34
C ALA Y 78 63.92 -19.09 -55.44
N ALA Y 79 64.11 -17.79 -55.59
CA ALA Y 79 63.50 -16.79 -54.72
C ALA Y 79 61.97 -16.84 -54.70
N VAL Y 80 61.35 -17.63 -55.58
CA VAL Y 80 59.89 -17.67 -55.63
C VAL Y 80 59.30 -18.13 -54.32
N SER Y 81 59.85 -19.20 -53.75
CA SER Y 81 59.30 -19.82 -52.55
C SER Y 81 60.01 -19.36 -51.27
N LYS Y 82 60.59 -18.16 -51.28
CA LYS Y 82 61.26 -17.63 -50.10
C LYS Y 82 60.61 -16.37 -49.55
N VAL Y 83 60.18 -15.45 -50.40
CA VAL Y 83 59.44 -14.29 -49.93
C VAL Y 83 58.16 -14.76 -49.24
N PRO Y 84 57.83 -14.27 -48.05
CA PRO Y 84 56.67 -14.79 -47.33
C PRO Y 84 55.37 -14.50 -48.07
N ALA Y 85 54.29 -15.10 -47.57
CA ALA Y 85 52.98 -14.92 -48.19
C ALA Y 85 52.56 -13.46 -48.18
N ALA Y 86 52.81 -12.76 -47.08
CA ALA Y 86 52.48 -11.35 -47.01
C ALA Y 86 53.29 -10.53 -48.00
N GLY Y 87 54.58 -10.84 -48.16
CA GLY Y 87 55.40 -10.10 -49.10
C GLY Y 87 54.93 -10.26 -50.54
N TRP Y 88 54.66 -11.51 -50.94
CA TRP Y 88 54.11 -11.74 -52.28
C TRP Y 88 52.75 -11.07 -52.42
N ALA Y 89 51.96 -11.07 -51.35
CA ALA Y 89 50.67 -10.39 -51.40
C ALA Y 89 50.84 -8.91 -51.68
N GLN Y 90 51.80 -8.28 -51.02
CA GLN Y 90 52.04 -6.84 -51.26
C GLN Y 90 52.57 -6.59 -52.66
N ILE Y 91 53.46 -7.46 -53.15
CA ILE Y 91 53.98 -7.28 -54.51
C ILE Y 91 52.85 -7.40 -55.54
N LEU Y 92 52.02 -8.43 -55.41
CA LEU Y 92 50.92 -8.60 -56.34
C LEU Y 92 49.87 -7.52 -56.18
N GLY Y 93 49.71 -6.98 -54.96
CA GLY Y 93 48.81 -5.86 -54.78
C GLY Y 93 49.32 -4.59 -55.46
N TYR Y 94 50.63 -4.37 -55.43
CA TYR Y 94 51.20 -3.28 -56.19
C TYR Y 94 50.98 -3.48 -57.68
N MET Y 95 51.14 -4.71 -58.16
CA MET Y 95 50.83 -5.02 -59.55
C MET Y 95 49.37 -4.68 -59.87
N ALA Y 96 48.45 -5.10 -58.99
CA ALA Y 96 47.02 -4.89 -59.24
C ALA Y 96 46.68 -3.40 -59.21
N TYR Y 97 47.26 -2.64 -58.28
CA TYR Y 97 47.00 -1.21 -58.23
C TYR Y 97 47.53 -0.52 -59.48
N CYS Y 98 48.74 -0.88 -59.93
CA CYS Y 98 49.26 -0.28 -61.15
C CYS Y 98 48.40 -0.63 -62.35
N GLU Y 99 47.87 -1.85 -62.39
CA GLU Y 99 47.03 -2.26 -63.50
C GLU Y 99 45.68 -1.54 -63.48
N THR Y 100 45.07 -1.40 -62.31
CA THR Y 100 43.72 -0.90 -62.17
C THR Y 100 43.62 0.60 -61.94
N SER Y 101 44.76 1.30 -61.87
CA SER Y 101 44.72 2.73 -61.59
C SER Y 101 44.02 3.49 -62.71
N GLN Y 102 44.43 3.26 -63.95
CA GLN Y 102 43.82 3.89 -65.11
C GLN Y 102 43.13 2.84 -65.97
N ASP Y 103 42.20 3.30 -66.80
CA ASP Y 103 41.44 2.41 -67.68
C ASP Y 103 42.33 2.00 -68.85
N GLN Y 104 42.47 0.69 -69.06
CA GLN Y 104 43.25 0.15 -70.17
C GLN Y 104 42.38 -0.31 -71.33
N SER Y 105 41.09 0.04 -71.31
CA SER Y 105 40.20 -0.34 -72.40
C SER Y 105 40.61 0.35 -73.70
N ALA Y 106 40.14 -0.21 -74.82
CA ALA Y 106 40.56 0.28 -76.12
C ALA Y 106 40.17 1.73 -76.33
N GLY Y 107 41.06 2.50 -76.94
CA GLY Y 107 40.84 3.90 -77.22
C GLY Y 107 41.32 4.85 -76.14
N THR Y 108 41.44 4.37 -74.90
CA THR Y 108 41.88 5.20 -73.81
C THR Y 108 43.39 5.46 -73.91
N PRO Y 109 43.89 6.50 -73.23
CA PRO Y 109 45.35 6.65 -73.13
C PRO Y 109 46.03 5.43 -72.54
N GLY Y 110 45.38 4.73 -71.63
CA GLY Y 110 45.91 3.48 -71.13
C GLY Y 110 45.97 2.36 -72.16
N ALA Y 111 45.31 2.54 -73.30
CA ALA Y 111 45.35 1.59 -74.39
C ALA Y 111 46.55 1.80 -75.31
N ALA Y 112 47.51 2.63 -74.89
CA ALA Y 112 48.76 2.75 -75.64
C ALA Y 112 49.96 2.87 -74.72
N GLY Y 113 49.84 2.46 -73.46
CA GLY Y 113 50.90 2.58 -72.49
C GLY Y 113 51.00 3.93 -71.82
N GLU Y 114 50.07 4.85 -72.09
CA GLU Y 114 50.10 6.18 -71.49
C GLU Y 114 49.37 6.12 -70.14
N PHE Y 115 50.14 6.03 -69.07
CA PHE Y 115 49.59 6.04 -67.71
C PHE Y 115 50.06 7.25 -66.91
N GLY Y 116 50.68 8.24 -67.55
CA GLY Y 116 51.13 9.41 -66.85
C GLY Y 116 52.45 9.27 -66.13
N PHE Y 117 53.16 8.14 -66.31
CA PHE Y 117 54.45 7.98 -65.66
C PHE Y 117 55.45 9.01 -66.16
N LYS Y 118 55.50 9.22 -67.47
CA LYS Y 118 56.32 10.27 -68.08
C LYS Y 118 57.79 10.16 -67.70
N VAL Y 119 58.14 10.73 -66.54
CA VAL Y 119 59.51 10.86 -66.02
C VAL Y 119 60.52 11.10 -67.13
N ILE Y 120 60.88 10.05 -67.87
CA ILE Y 120 61.78 10.20 -69.03
C ILE Y 120 60.88 10.42 -70.22
N THR Y 121 60.49 11.68 -70.41
CA THR Y 121 59.53 12.06 -71.43
C THR Y 121 60.14 13.11 -72.35
N SER Y 122 59.55 13.21 -73.54
CA SER Y 122 60.00 14.16 -74.54
C SER Y 122 59.68 15.59 -74.13
N ASP Y 123 60.39 16.53 -74.75
CA ASP Y 123 60.06 17.95 -74.67
C ASP Y 123 59.16 18.38 -75.83
N ASP Y 124 58.43 17.44 -76.43
CA ASP Y 124 57.54 17.71 -77.56
C ASP Y 124 58.31 18.31 -78.74
N ASP Y 125 59.46 17.73 -79.06
CA ASP Y 125 60.31 18.18 -80.15
C ASP Y 125 60.76 16.99 -80.99
N GLU Y 126 59.80 16.14 -81.36
CA GLU Y 126 59.96 15.01 -82.28
C GLU Y 126 60.72 13.86 -81.63
N VAL Y 127 61.28 14.08 -80.44
CA VAL Y 127 61.99 13.00 -79.76
C VAL Y 127 61.04 12.08 -79.01
N LEU Y 128 59.74 12.37 -79.04
CA LEU Y 128 58.76 11.47 -78.44
C LEU Y 128 58.75 10.12 -79.14
N LYS Y 129 58.82 10.13 -80.48
CA LYS Y 129 58.88 8.87 -81.22
C LYS Y 129 60.18 8.13 -80.92
N ARG Y 130 61.29 8.87 -80.79
CA ARG Y 130 62.56 8.24 -80.43
C ARG Y 130 62.46 7.55 -79.07
N LYS Y 131 61.88 8.23 -78.08
CA LYS Y 131 61.74 7.63 -76.76
C LYS Y 131 60.83 6.42 -76.78
N LEU Y 132 59.68 6.52 -77.47
CA LEU Y 132 58.76 5.40 -77.54
C LEU Y 132 59.41 4.19 -78.21
N ALA Y 133 60.11 4.42 -79.32
CA ALA Y 133 60.74 3.33 -80.04
C ALA Y 133 61.87 2.72 -79.22
N SER Y 134 62.62 3.55 -78.49
CA SER Y 134 63.68 3.01 -77.64
C SER Y 134 63.10 2.14 -76.54
N GLU Y 135 62.01 2.57 -75.92
CA GLU Y 135 61.35 1.75 -74.91
C GLU Y 135 60.88 0.44 -75.52
N LEU Y 136 60.27 0.51 -76.70
CA LEU Y 136 59.74 -0.69 -77.35
C LEU Y 136 60.86 -1.67 -77.68
N ALA Y 137 61.96 -1.18 -78.23
CA ALA Y 137 63.08 -2.05 -78.59
C ALA Y 137 63.72 -2.66 -77.35
N ASN Y 138 63.92 -1.85 -76.30
CA ASN Y 138 64.49 -2.39 -75.07
C ASN Y 138 63.60 -3.46 -74.48
N GLY Y 139 62.29 -3.25 -74.49
CA GLY Y 139 61.39 -4.27 -73.98
C GLY Y 139 61.38 -5.53 -74.82
N ARG Y 140 61.40 -5.38 -76.14
CA ARG Y 140 61.47 -6.54 -77.02
C ARG Y 140 62.71 -7.38 -76.73
N LEU Y 141 63.87 -6.73 -76.61
CA LEU Y 141 65.10 -7.44 -76.29
C LEU Y 141 65.01 -8.08 -74.91
N ALA Y 142 64.52 -7.33 -73.92
CA ALA Y 142 64.47 -7.84 -72.56
C ALA Y 142 63.52 -9.02 -72.41
N MET Y 143 62.53 -9.14 -73.29
CA MET Y 143 61.64 -10.29 -73.20
C MET Y 143 62.38 -11.60 -73.48
N MET Y 144 63.13 -11.66 -74.59
CA MET Y 144 63.93 -12.84 -74.87
C MET Y 144 65.03 -13.01 -73.84
N ALA Y 145 65.63 -11.90 -73.39
CA ALA Y 145 66.66 -12.01 -72.37
C ALA Y 145 66.12 -12.63 -71.09
N ILE Y 146 64.91 -12.22 -70.68
CA ILE Y 146 64.32 -12.71 -69.44
C ILE Y 146 63.92 -14.18 -69.59
N ILE Y 147 63.41 -14.56 -70.77
CA ILE Y 147 63.07 -15.97 -70.96
C ILE Y 147 64.33 -16.83 -70.97
N GLY Y 148 65.41 -16.33 -71.56
CA GLY Y 148 66.66 -17.07 -71.53
C GLY Y 148 67.21 -17.23 -70.14
N MET Y 149 67.13 -16.18 -69.32
CA MET Y 149 67.58 -16.28 -67.94
C MET Y 149 66.67 -17.25 -67.15
N PHE Y 150 65.38 -17.24 -67.44
CA PHE Y 150 64.47 -18.22 -66.86
C PHE Y 150 64.94 -19.64 -67.16
N TYR Y 151 65.23 -19.91 -68.43
CA TYR Y 151 65.66 -21.25 -68.82
C TYR Y 151 67.00 -21.61 -68.19
N GLN Y 152 67.92 -20.65 -68.11
CA GLN Y 152 69.21 -20.92 -67.47
C GLN Y 152 69.02 -21.30 -66.01
N ASP Y 153 68.20 -20.55 -65.28
CA ASP Y 153 67.95 -20.87 -63.88
C ASP Y 153 67.24 -22.21 -63.74
N GLY Y 154 66.29 -22.50 -64.63
CA GLY Y 154 65.56 -23.76 -64.54
C GLY Y 154 66.42 -24.97 -64.80
N LEU Y 155 67.29 -24.90 -65.81
CA LEU Y 155 68.12 -26.05 -66.16
C LEU Y 155 69.32 -26.17 -65.24
N THR Y 156 70.14 -25.11 -65.17
CA THR Y 156 71.35 -25.16 -64.36
C THR Y 156 71.01 -25.30 -62.89
N GLY Y 157 69.98 -24.60 -62.42
CA GLY Y 157 69.61 -24.64 -61.02
C GLY Y 157 70.11 -23.41 -60.27
N SER Y 158 71.30 -22.94 -60.63
CA SER Y 158 71.86 -21.74 -60.03
C SER Y 158 71.18 -20.50 -60.57
N ALA Y 159 71.40 -19.38 -59.90
CA ALA Y 159 70.86 -18.10 -60.35
C ALA Y 159 71.46 -17.64 -61.68
N TRP Y 160 72.56 -18.24 -62.11
CA TRP Y 160 73.18 -17.88 -63.38
C TRP Y 160 73.19 -19.08 -64.34
N PHE Z 1 51.53 25.95 -62.55
CA PHE Z 1 52.33 25.96 -61.34
C PHE Z 1 53.79 26.24 -61.64
N GLU Z 2 54.08 26.67 -62.85
CA GLU Z 2 55.46 26.91 -63.27
C GLU Z 2 55.93 28.33 -62.97
N ASN Z 3 55.06 29.19 -62.44
CA ASN Z 3 55.44 30.57 -62.13
C ASN Z 3 55.62 30.83 -60.65
N GLU Z 4 55.40 29.84 -59.79
CA GLU Z 4 55.46 30.02 -58.35
C GLU Z 4 56.91 30.15 -57.90
N ARG Z 5 57.11 30.26 -56.58
CA ARG Z 5 58.43 30.09 -56.02
C ARG Z 5 58.87 28.63 -56.21
N GLY Z 6 60.10 28.32 -55.84
CA GLY Z 6 60.57 27.00 -56.20
C GLY Z 6 61.33 27.01 -57.51
N VAL Z 7 60.61 26.79 -58.61
CA VAL Z 7 61.18 26.65 -59.96
C VAL Z 7 62.30 27.67 -60.16
N GLN Z 8 63.44 27.20 -60.67
CA GLN Z 8 64.68 27.94 -60.53
C GLN Z 8 65.56 27.65 -61.74
N ALA Z 9 66.84 27.99 -61.62
CA ALA Z 9 67.83 27.85 -62.69
C ALA Z 9 68.29 26.41 -62.92
N PRO Z 10 68.70 25.65 -61.89
CA PRO Z 10 69.29 24.32 -62.18
C PRO Z 10 68.33 23.40 -62.90
N VAL Z 11 67.13 23.21 -62.36
CA VAL Z 11 66.07 22.49 -63.04
C VAL Z 11 64.84 23.40 -63.03
N GLY Z 12 64.00 23.24 -64.05
CA GLY Z 12 62.81 24.06 -64.16
C GLY Z 12 61.72 23.57 -63.23
N TYR Z 13 60.48 23.57 -63.71
CA TYR Z 13 59.38 23.02 -62.93
C TYR Z 13 59.60 21.52 -62.81
N TRP Z 14 60.10 21.09 -61.67
CA TRP Z 14 60.53 19.71 -61.47
C TRP Z 14 59.33 18.85 -61.08
N ASP Z 15 59.08 17.81 -61.86
CA ASP Z 15 57.96 16.92 -61.60
C ASP Z 15 58.17 15.59 -62.32
N PRO Z 16 59.18 14.79 -61.93
CA PRO Z 16 59.36 13.50 -62.59
C PRO Z 16 58.16 12.60 -62.50
N LEU Z 17 57.47 12.62 -61.36
CA LEU Z 17 56.27 11.82 -61.18
C LEU Z 17 55.05 12.69 -61.53
N GLY Z 18 53.86 12.20 -61.21
CA GLY Z 18 52.64 12.87 -61.63
C GLY Z 18 52.00 13.78 -60.60
N PHE Z 19 52.76 14.16 -59.57
CA PHE Z 19 52.23 15.04 -58.56
C PHE Z 19 52.00 16.43 -59.13
N ALA Z 20 50.95 17.09 -58.64
CA ALA Z 20 50.41 18.29 -59.27
C ALA Z 20 50.09 17.98 -60.72
N ARG Z 21 50.38 18.92 -61.63
CA ARG Z 21 50.25 18.70 -63.07
C ARG Z 21 48.81 18.47 -63.49
N ASP Z 22 47.88 18.52 -62.54
CA ASP Z 22 46.46 18.31 -62.80
C ASP Z 22 45.64 19.43 -62.17
N GLY Z 23 46.16 20.65 -62.20
CA GLY Z 23 45.52 21.73 -61.48
C GLY Z 23 45.59 21.47 -59.99
N ASN Z 24 44.42 21.47 -59.33
CA ASN Z 24 44.33 21.22 -57.90
C ASN Z 24 45.18 22.22 -57.11
N VAL Z 25 44.77 23.49 -57.22
CA VAL Z 25 45.53 24.57 -56.59
C VAL Z 25 45.58 24.38 -55.08
N ALA Z 26 44.47 23.92 -54.49
CA ALA Z 26 44.45 23.69 -53.04
C ALA Z 26 45.45 22.61 -52.64
N LEU Z 27 45.53 21.54 -53.43
CA LEU Z 27 46.52 20.50 -53.14
C LEU Z 27 47.94 21.06 -53.25
N PHE Z 28 48.18 21.94 -54.23
CA PHE Z 28 49.49 22.55 -54.34
C PHE Z 28 49.79 23.46 -53.16
N LYS Z 29 48.78 24.16 -52.65
CA LYS Z 29 48.99 24.98 -51.46
C LYS Z 29 49.36 24.10 -50.27
N ILE Z 30 48.66 22.97 -50.11
CA ILE Z 30 49.00 22.04 -49.03
C ILE Z 30 50.42 21.54 -49.18
N ARG Z 31 50.80 21.16 -50.40
CA ARG Z 31 52.14 20.62 -50.63
C ARG Z 31 53.21 21.69 -50.43
N ARG Z 32 52.91 22.94 -50.79
CA ARG Z 32 53.89 24.01 -50.59
C ARG Z 32 54.06 24.30 -49.11
N ALA Z 33 52.97 24.35 -48.34
CA ALA Z 33 53.10 24.53 -46.91
C ALA Z 33 53.87 23.40 -46.28
N THR Z 34 53.59 22.16 -46.70
CA THR Z 34 54.32 21.01 -46.21
C THR Z 34 55.80 21.12 -46.53
N GLU Z 35 56.13 21.51 -47.78
CA GLU Z 35 57.52 21.65 -48.18
C GLU Z 35 58.23 22.72 -47.37
N ILE Z 36 57.57 23.86 -47.15
CA ILE Z 36 58.19 24.96 -46.42
C ILE Z 36 58.44 24.55 -44.97
N LYS Z 37 57.44 23.96 -44.31
CA LYS Z 37 57.61 23.57 -42.92
C LYS Z 37 58.66 22.47 -42.78
N HIS Z 38 58.66 21.51 -43.69
CA HIS Z 38 59.68 20.46 -43.64
C HIS Z 38 61.07 21.03 -43.86
N GLY Z 39 61.20 21.97 -44.80
CA GLY Z 39 62.49 22.59 -45.02
C GLY Z 39 62.98 23.35 -43.80
N ARG Z 40 62.06 24.07 -43.14
CA ARG Z 40 62.44 24.81 -41.94
C ARG Z 40 62.91 23.88 -40.83
N ILE Z 41 62.09 22.86 -40.51
CA ILE Z 41 62.47 21.91 -39.48
C ILE Z 41 63.75 21.19 -39.84
N SER Z 42 63.93 20.90 -41.13
CA SER Z 42 65.13 20.26 -41.60
C SER Z 42 66.34 21.14 -41.35
N MET Z 43 66.37 22.33 -41.95
CA MET Z 43 67.45 23.30 -41.73
C MET Z 43 67.82 23.38 -40.27
N LEU Z 44 66.81 23.42 -39.39
CA LEU Z 44 67.10 23.42 -37.97
C LEU Z 44 67.83 22.16 -37.53
N ALA Z 45 67.39 20.99 -38.02
CA ALA Z 45 68.04 19.74 -37.64
C ALA Z 45 69.47 19.65 -38.19
N ALA Z 46 69.66 20.12 -39.42
CA ALA Z 46 70.98 20.17 -40.04
C ALA Z 46 71.93 20.98 -39.17
N MET Z 47 71.50 22.18 -38.77
CA MET Z 47 72.31 22.96 -37.85
C MET Z 47 72.53 22.22 -36.54
N GLY Z 48 71.49 21.57 -36.03
CA GLY Z 48 71.61 20.84 -34.78
C GLY Z 48 72.56 19.67 -34.83
N TYR Z 49 72.92 19.23 -36.03
CA TYR Z 49 73.99 18.24 -36.17
C TYR Z 49 75.35 18.90 -36.38
N ILE Z 50 75.42 19.91 -37.24
CA ILE Z 50 76.71 20.50 -37.60
C ILE Z 50 77.30 21.27 -36.42
N THR Z 51 76.48 22.07 -35.74
CA THR Z 51 76.98 22.92 -34.66
C THR Z 51 77.61 22.14 -33.51
N PRO Z 52 77.01 21.07 -32.98
CA PRO Z 52 77.67 20.34 -31.87
C PRO Z 52 78.99 19.71 -32.25
N GLU Z 53 79.36 19.74 -33.52
CA GLU Z 53 80.65 19.23 -33.97
C GLU Z 53 81.62 20.34 -34.38
N VAL Z 54 81.13 21.38 -35.05
CA VAL Z 54 82.01 22.47 -35.47
C VAL Z 54 82.47 23.31 -34.28
N THR Z 55 81.54 23.64 -33.38
CA THR Z 55 81.88 24.41 -32.19
C THR Z 55 82.03 23.55 -30.95
N GLY Z 56 81.03 22.73 -30.64
CA GLY Z 56 81.06 21.92 -29.45
C GLY Z 56 79.76 22.00 -28.68
N LYS Z 57 79.52 21.02 -27.82
CA LYS Z 57 78.27 20.96 -27.09
C LYS Z 57 78.18 22.10 -26.08
N PHE Z 58 76.94 22.50 -25.77
CA PHE Z 58 76.64 23.69 -25.00
C PHE Z 58 77.29 23.66 -23.63
N PRO Z 59 77.73 24.82 -23.11
CA PRO Z 59 78.31 24.90 -21.75
C PRO Z 59 77.27 25.03 -20.64
N GLY Z 60 76.68 23.90 -20.25
CA GLY Z 60 75.68 23.90 -19.22
C GLY Z 60 75.35 22.51 -18.71
N TYR Z 61 74.11 22.29 -18.27
CA TYR Z 61 73.71 21.02 -17.66
C TYR Z 61 72.63 20.30 -18.44
N LEU Z 62 71.53 20.99 -18.77
CA LEU Z 62 70.34 20.43 -19.40
C LEU Z 62 69.56 19.58 -18.40
N SER Z 63 70.15 19.34 -17.24
CA SER Z 63 69.47 18.62 -16.16
C SER Z 63 70.24 18.85 -14.88
N PRO Z 64 70.10 20.01 -14.23
CA PRO Z 64 70.84 20.24 -12.97
C PRO Z 64 70.54 19.21 -11.91
N SER Z 65 69.33 18.64 -11.91
CA SER Z 65 69.02 17.55 -10.98
C SER Z 65 69.78 16.28 -11.34
N MET Z 66 69.68 15.86 -12.61
CA MET Z 66 70.30 14.62 -13.05
C MET Z 66 71.75 14.80 -13.46
N GLY Z 67 72.21 16.03 -13.65
CA GLY Z 67 73.60 16.29 -13.97
C GLY Z 67 74.07 15.73 -15.29
N LEU Z 68 73.28 15.91 -16.35
CA LEU Z 68 73.67 15.42 -17.66
C LEU Z 68 74.74 16.28 -18.33
N LYS Z 69 74.83 17.56 -17.97
CA LYS Z 69 75.95 18.42 -18.32
C LYS Z 69 76.17 18.54 -19.83
N PHE Z 70 75.07 18.52 -20.60
CA PHE Z 70 75.12 18.76 -22.03
C PHE Z 70 76.14 17.88 -22.75
N ALA Z 71 77.43 18.16 -22.52
CA ALA Z 71 78.50 17.53 -23.28
C ALA Z 71 78.54 16.01 -23.13
N ASP Z 72 78.02 15.48 -22.03
CA ASP Z 72 77.95 14.03 -21.90
C ASP Z 72 77.08 13.41 -22.97
N ILE Z 73 76.06 14.13 -23.42
CA ILE Z 73 75.11 13.61 -24.39
C ILE Z 73 75.76 13.57 -25.77
N PRO Z 74 75.69 12.45 -26.50
CA PRO Z 74 76.24 12.41 -27.87
C PRO Z 74 75.41 13.23 -28.84
N ASN Z 75 75.77 13.18 -30.13
CA ASN Z 75 75.16 14.03 -31.14
C ASN Z 75 74.59 13.16 -32.27
N GLY Z 76 73.28 12.98 -32.29
CA GLY Z 76 72.62 12.40 -33.45
C GLY Z 76 72.13 10.97 -33.30
N LEU Z 77 70.81 10.80 -33.26
CA LEU Z 77 70.16 9.49 -33.17
C LEU Z 77 70.64 8.69 -31.96
N ALA Z 78 71.37 9.35 -31.07
CA ALA Z 78 71.80 8.76 -29.81
C ALA Z 78 71.45 9.61 -28.61
N ALA Z 79 71.15 10.90 -28.81
CA ALA Z 79 70.60 11.74 -27.77
C ALA Z 79 69.13 11.45 -27.51
N ILE Z 80 68.49 10.65 -28.37
CA ILE Z 80 67.08 10.31 -28.18
C ILE Z 80 66.87 9.62 -26.85
N SER Z 81 67.85 8.85 -26.38
CA SER Z 81 67.78 8.18 -25.10
C SER Z 81 68.47 8.95 -23.98
N LYS Z 82 69.46 9.78 -24.30
CA LYS Z 82 70.22 10.47 -23.26
C LYS Z 82 69.46 11.68 -22.73
N VAL Z 83 68.96 12.53 -23.63
CA VAL Z 83 68.23 13.73 -23.21
C VAL Z 83 67.02 13.30 -22.38
N PRO Z 84 66.78 13.91 -21.22
CA PRO Z 84 65.74 13.40 -20.33
C PRO Z 84 64.36 13.47 -20.98
N GLY Z 85 63.50 12.53 -20.58
CA GLY Z 85 62.18 12.43 -21.18
C GLY Z 85 61.39 13.72 -21.04
N TYR Z 86 61.50 14.39 -19.90
CA TYR Z 86 60.84 15.67 -19.74
C TYR Z 86 61.44 16.73 -20.66
N GLY Z 87 62.74 16.64 -20.94
CA GLY Z 87 63.33 17.56 -21.91
C GLY Z 87 62.76 17.38 -23.31
N TRP Z 88 62.63 16.12 -23.74
CA TRP Z 88 61.98 15.86 -25.02
C TRP Z 88 60.53 16.30 -25.00
N ALA Z 89 59.85 16.11 -23.87
CA ALA Z 89 58.48 16.57 -23.75
C ALA Z 89 58.38 18.07 -23.91
N GLN Z 90 59.32 18.81 -23.31
CA GLN Z 90 59.32 20.26 -23.44
C GLN Z 90 59.64 20.70 -24.87
N ILE Z 91 60.56 20.00 -25.53
CA ILE Z 91 60.87 20.34 -26.92
C ILE Z 91 59.66 20.12 -27.81
N LEU Z 92 59.01 18.97 -27.67
CA LEU Z 92 57.81 18.69 -28.43
C LEU Z 92 56.68 19.64 -28.05
N GLY Z 93 56.64 20.09 -26.80
CA GLY Z 93 55.65 21.07 -26.41
C GLY Z 93 55.86 22.42 -27.07
N TRP Z 94 57.12 22.85 -27.17
CA TRP Z 94 57.40 24.08 -27.90
C TRP Z 94 57.04 23.94 -29.37
N MET Z 95 57.35 22.78 -29.96
CA MET Z 95 56.96 22.56 -31.36
C MET Z 95 55.44 22.58 -31.52
N ALA Z 96 54.72 21.96 -30.58
CA ALA Z 96 53.26 21.95 -30.64
C ALA Z 96 52.69 23.35 -30.45
N PHE Z 97 53.31 24.15 -29.58
CA PHE Z 97 52.89 25.54 -29.41
C PHE Z 97 53.11 26.33 -30.69
N CYS Z 98 54.24 26.11 -31.35
CA CYS Z 98 54.48 26.76 -32.64
C CYS Z 98 53.44 26.33 -33.66
N GLU Z 99 53.00 25.08 -33.59
CA GLU Z 99 52.00 24.61 -34.55
C GLU Z 99 50.62 25.16 -34.27
N ILE Z 100 50.21 25.22 -33.00
CA ILE Z 100 48.83 25.54 -32.67
C ILE Z 100 48.59 27.04 -32.45
N SER Z 101 49.63 27.81 -32.13
CA SER Z 101 49.44 29.25 -31.98
C SER Z 101 49.00 29.87 -33.30
N VAL Z 102 49.60 29.44 -34.41
CA VAL Z 102 49.13 29.79 -35.74
C VAL Z 102 48.00 28.85 -36.13
N ASP Z 103 47.32 29.16 -37.23
CA ASP Z 103 46.09 28.48 -37.62
C ASP Z 103 46.17 27.98 -39.06
N GLN Z 104 47.23 27.23 -39.38
CA GLN Z 104 47.38 26.63 -40.71
C GLN Z 104 46.10 25.93 -41.14
N SER Z 105 45.47 26.45 -42.20
CA SER Z 105 44.24 25.92 -42.79
C SER Z 105 43.94 26.71 -44.05
N PRO Z 106 43.02 26.23 -44.93
CA PRO Z 106 42.78 26.91 -46.20
C PRO Z 106 42.64 28.42 -46.13
N GLY Z 107 43.38 29.12 -46.99
CA GLY Z 107 43.22 30.56 -47.18
C GLY Z 107 43.96 31.47 -46.23
N LYS Z 108 43.94 31.15 -44.94
CA LYS Z 108 44.50 32.04 -43.94
C LYS Z 108 46.03 32.10 -44.07
N PRO Z 109 46.65 33.22 -43.68
CA PRO Z 109 48.07 33.43 -44.00
C PRO Z 109 49.02 32.40 -43.40
N GLY Z 110 48.55 31.57 -42.47
CA GLY Z 110 49.40 30.53 -41.94
C GLY Z 110 49.62 29.34 -42.86
N ALA Z 111 48.87 29.26 -43.95
CA ALA Z 111 48.94 28.14 -44.87
C ALA Z 111 49.92 28.35 -46.01
N ALA Z 112 50.62 29.48 -46.04
CA ALA Z 112 51.61 29.76 -47.08
C ALA Z 112 53.01 29.89 -46.52
N GLY Z 113 53.21 29.62 -45.24
CA GLY Z 113 54.51 29.73 -44.59
C GLY Z 113 54.60 30.85 -43.57
N ASP Z 114 53.74 31.85 -43.66
CA ASP Z 114 53.75 32.95 -42.70
C ASP Z 114 53.20 32.45 -41.37
N MET Z 115 54.09 32.15 -40.44
CA MET Z 115 53.71 31.67 -39.11
C MET Z 115 53.83 32.76 -38.06
N GLY Z 116 53.71 34.03 -38.46
CA GLY Z 116 53.82 35.15 -37.55
C GLY Z 116 55.23 35.46 -37.09
N PHE Z 117 56.17 34.54 -37.25
CA PHE Z 117 57.56 34.77 -36.87
C PHE Z 117 58.18 35.73 -37.88
N LYS Z 118 58.23 37.01 -37.51
CA LYS Z 118 58.67 38.07 -38.41
C LYS Z 118 60.13 38.45 -38.21
N ALA Z 119 60.94 37.54 -37.69
CA ALA Z 119 62.39 37.73 -37.71
C ALA Z 119 62.87 37.54 -39.14
N PHE Z 120 64.19 37.57 -39.33
CA PHE Z 120 64.76 37.73 -40.66
C PHE Z 120 64.10 38.95 -41.33
N LYS Z 121 64.20 40.07 -40.62
CA LYS Z 121 63.38 41.24 -40.89
C LYS Z 121 63.49 41.68 -42.34
N VAL Z 122 62.39 41.55 -43.07
CA VAL Z 122 62.30 41.98 -44.47
C VAL Z 122 61.20 43.04 -44.55
N THR Z 123 61.47 44.08 -45.32
CA THR Z 123 60.61 45.24 -45.33
C THR Z 123 59.47 45.10 -46.33
N ALA Z 124 58.41 45.88 -46.10
CA ALA Z 124 57.36 46.04 -47.08
C ALA Z 124 57.86 46.95 -48.21
N ASP Z 125 56.98 47.16 -49.19
CA ASP Z 125 57.22 48.00 -50.37
C ASP Z 125 58.56 47.70 -51.06
N ALA Z 126 59.15 46.55 -50.76
CA ALA Z 126 60.34 46.08 -51.45
C ALA Z 126 60.18 44.59 -51.77
N PRO Z 127 59.25 44.25 -52.67
CA PRO Z 127 59.20 42.86 -53.16
C PRO Z 127 60.40 42.57 -54.02
N GLU Z 128 60.44 41.40 -54.67
CA GLU Z 128 61.54 40.94 -55.51
C GLU Z 128 62.86 41.00 -54.75
N THR Z 129 62.77 41.26 -53.45
CA THR Z 129 63.78 41.04 -52.44
C THR Z 129 63.25 40.17 -51.31
N THR Z 130 61.98 40.37 -50.95
CA THR Z 130 61.27 39.37 -50.15
C THR Z 130 61.15 38.05 -50.91
N GLU Z 131 60.84 38.13 -52.21
CA GLU Z 131 60.68 36.93 -53.01
C GLU Z 131 61.99 36.17 -53.14
N LYS Z 132 63.10 36.88 -53.30
CA LYS Z 132 64.41 36.21 -53.35
C LYS Z 132 64.70 35.50 -52.03
N LYS Z 133 64.37 36.14 -50.90
CA LYS Z 133 64.57 35.49 -49.61
C LYS Z 133 63.69 34.26 -49.47
N LEU Z 134 62.43 34.33 -49.91
CA LEU Z 134 61.56 33.16 -49.82
C LEU Z 134 62.04 32.03 -50.72
N ALA Z 135 62.51 32.35 -51.92
CA ALA Z 135 63.05 31.33 -52.81
C ALA Z 135 64.29 30.70 -52.21
N SER Z 136 65.14 31.50 -51.59
CA SER Z 136 66.31 30.96 -50.91
C SER Z 136 65.90 30.07 -49.75
N GLU Z 137 64.85 30.45 -49.02
CA GLU Z 137 64.34 29.61 -47.95
C GLU Z 137 63.89 28.26 -48.49
N LEU Z 138 63.17 28.28 -49.61
CA LEU Z 138 62.72 27.03 -50.22
C LEU Z 138 63.89 26.17 -50.66
N ALA Z 139 64.87 26.76 -51.35
CA ALA Z 139 65.98 25.99 -51.86
C ALA Z 139 66.84 25.42 -50.74
N ASN Z 140 67.13 26.24 -49.73
CA ASN Z 140 67.88 25.75 -48.59
C ASN Z 140 67.10 24.70 -47.81
N GLY Z 141 65.78 24.81 -47.77
CA GLY Z 141 64.99 23.79 -47.13
C GLY Z 141 65.05 22.46 -47.86
N ARG Z 142 64.98 22.49 -49.19
CA ARG Z 142 65.11 21.27 -49.97
C ARG Z 142 66.48 20.63 -49.78
N LEU Z 143 67.53 21.44 -49.92
CA LEU Z 143 68.88 20.93 -49.73
C LEU Z 143 69.06 20.36 -48.33
N ALA Z 144 68.54 21.06 -47.33
CA ALA Z 144 68.67 20.59 -45.95
C ALA Z 144 67.84 19.35 -45.71
N MET Z 145 66.70 19.19 -46.37
CA MET Z 145 65.92 17.96 -46.21
C MET Z 145 66.71 16.75 -46.70
N MET Z 146 67.23 16.85 -47.93
CA MET Z 146 68.06 15.75 -48.42
C MET Z 146 69.28 15.55 -47.54
N ALA Z 147 69.91 16.65 -47.09
CA ALA Z 147 71.10 16.56 -46.27
C ALA Z 147 70.81 15.89 -44.93
N ILE Z 148 69.70 16.26 -44.29
CA ILE Z 148 69.40 15.72 -42.97
C ILE Z 148 69.03 14.25 -43.06
N ILE Z 149 68.36 13.84 -44.15
CA ILE Z 149 68.13 12.41 -44.32
C ILE Z 149 69.47 11.69 -44.52
N GLY Z 150 70.37 12.29 -45.31
CA GLY Z 150 71.68 11.69 -45.48
C GLY Z 150 72.46 11.60 -44.18
N MET Z 151 72.31 12.60 -43.31
CA MET Z 151 73.00 12.59 -42.03
C MET Z 151 72.40 11.54 -41.09
N PHE Z 152 71.07 11.40 -41.11
CA PHE Z 152 70.43 10.29 -40.41
C PHE Z 152 71.05 8.97 -40.83
N PHE Z 153 71.13 8.74 -42.14
CA PHE Z 153 71.66 7.47 -42.63
C PHE Z 153 73.14 7.31 -42.30
N GLN Z 154 73.91 8.40 -42.37
CA GLN Z 154 75.32 8.33 -42.04
C GLN Z 154 75.52 7.92 -40.59
N ASP Z 155 74.77 8.55 -39.68
CA ASP Z 155 74.87 8.18 -38.28
C ASP Z 155 74.42 6.74 -38.05
N GLY Z 156 73.33 6.33 -38.69
CA GLY Z 156 72.82 4.99 -38.47
C GLY Z 156 73.79 3.91 -38.95
N LEU Z 157 74.32 4.07 -40.16
CA LEU Z 157 75.21 3.06 -40.72
C LEU Z 157 76.57 3.10 -40.04
N THR Z 158 77.15 4.29 -39.88
CA THR Z 158 78.46 4.40 -39.24
C THR Z 158 78.39 4.21 -37.72
N GLY Z 159 77.19 4.19 -37.14
CA GLY Z 159 77.03 3.96 -35.73
C GLY Z 159 77.26 5.15 -34.84
N SER Z 160 77.60 6.31 -35.40
CA SER Z 160 77.88 7.49 -34.59
C SER Z 160 77.92 8.72 -35.49
N ALA Z 161 77.27 9.79 -35.02
CA ALA Z 161 77.25 11.12 -35.63
C ALA Z 161 77.72 11.18 -37.08
N TRP Z 162 79.01 11.41 -37.29
CA TRP Z 162 79.55 11.57 -38.63
C TRP Z 162 80.63 10.52 -38.92
N PHE AA 1 71.96 58.49 -49.27
CA PHE AA 1 71.85 58.19 -47.84
C PHE AA 1 73.05 58.73 -47.06
N GLU AA 2 73.71 59.75 -47.61
CA GLU AA 2 74.90 60.29 -46.96
C GLU AA 2 74.55 61.16 -45.77
N SER AA 3 73.40 61.84 -45.80
CA SER AA 3 73.11 62.92 -44.86
C SER AA 3 72.36 62.48 -43.61
N GLU AA 4 72.02 61.19 -43.48
CA GLU AA 4 71.23 60.72 -42.34
C GLU AA 4 72.16 60.19 -41.26
N LEU AA 5 72.67 61.12 -40.45
CA LEU AA 5 73.57 60.81 -39.33
C LEU AA 5 74.76 59.98 -39.80
N GLY AA 6 75.47 59.36 -38.86
CA GLY AA 6 76.64 58.57 -39.18
C GLY AA 6 77.58 59.34 -40.09
N ALA AA 7 78.15 58.62 -41.06
CA ALA AA 7 78.94 59.20 -42.14
C ALA AA 7 79.92 60.24 -41.62
N GLN AA 8 80.69 59.83 -40.62
CA GLN AA 8 81.61 60.74 -39.94
C GLN AA 8 82.81 61.04 -40.84
N ALA AA 9 83.72 61.88 -40.32
CA ALA AA 9 84.92 62.23 -41.08
C ALA AA 9 85.77 61.02 -41.44
N PRO AA 10 86.07 60.08 -40.54
CA PRO AA 10 86.73 58.86 -40.99
C PRO AA 10 85.84 58.11 -41.96
N LEU AA 11 86.44 57.65 -43.06
CA LEU AA 11 85.73 57.06 -44.20
C LEU AA 11 84.52 57.91 -44.61
N GLY AA 12 83.64 57.34 -45.44
CA GLY AA 12 82.45 58.06 -45.86
C GLY AA 12 81.17 57.37 -45.45
N PHE AA 13 80.48 56.80 -46.42
CA PHE AA 13 79.25 56.05 -46.21
C PHE AA 13 79.61 54.57 -46.27
N PHE AA 14 79.97 54.00 -45.12
CA PHE AA 14 80.49 52.64 -45.06
C PHE AA 14 79.37 51.64 -45.29
N ASP AA 15 79.34 51.04 -46.49
CA ASP AA 15 78.40 49.96 -46.79
C ASP AA 15 78.99 49.09 -47.91
N PRO AA 16 80.03 48.32 -47.60
CA PRO AA 16 80.60 47.44 -48.64
C PRO AA 16 79.59 46.51 -49.28
N LEU AA 17 78.69 45.92 -48.49
CA LEU AA 17 77.52 45.24 -49.05
C LEU AA 17 76.34 45.49 -48.10
N LYS AA 18 75.65 46.60 -48.32
CA LYS AA 18 74.39 46.89 -47.62
C LYS AA 18 73.80 48.20 -48.13
N LEU AA 19 72.47 48.31 -48.06
CA LEU AA 19 71.74 49.51 -48.46
C LEU AA 19 71.90 49.81 -49.94
N THR AA 20 72.68 48.97 -50.63
CA THR AA 20 72.88 49.11 -52.06
C THR AA 20 71.80 48.42 -52.86
N GLY AA 21 70.92 47.65 -52.22
CA GLY AA 21 69.86 46.97 -52.92
C GLY AA 21 68.88 47.93 -53.57
N ASP AA 22 68.10 48.65 -52.76
CA ASP AA 22 67.13 49.59 -53.31
C ASP AA 22 67.00 50.87 -52.49
N GLY AA 23 67.84 51.07 -51.48
CA GLY AA 23 67.63 52.17 -50.55
C GLY AA 23 66.65 51.78 -49.46
N SER AA 24 65.36 51.74 -49.81
CA SER AA 24 64.31 51.27 -48.89
C SER AA 24 64.41 51.96 -47.54
N VAL AA 25 64.15 53.27 -47.57
CA VAL AA 25 64.37 54.18 -46.45
C VAL AA 25 63.88 53.59 -45.13
N GLU AA 26 62.80 52.82 -45.17
CA GLU AA 26 62.28 52.23 -43.94
C GLU AA 26 63.15 51.08 -43.45
N ALA AA 27 63.76 50.32 -44.36
CA ALA AA 27 64.74 49.33 -43.93
C ALA AA 27 65.93 50.00 -43.26
N PHE AA 28 66.38 51.13 -43.81
CA PHE AA 28 67.45 51.88 -43.18
C PHE AA 28 67.01 52.42 -41.81
N LYS AA 29 65.74 52.83 -41.70
CA LYS AA 29 65.24 53.29 -40.40
C LYS AA 29 65.24 52.16 -39.38
N ARG AA 30 64.82 50.96 -39.78
CA ARG AA 30 64.84 49.82 -38.88
C ARG AA 30 66.27 49.48 -38.47
N ARG AA 31 67.20 49.50 -39.42
CA ARG AA 31 68.59 49.22 -39.09
C ARG AA 31 69.19 50.31 -38.23
N ARG AA 32 68.76 51.56 -38.38
CA ARG AA 32 69.22 52.61 -37.50
C ARG AA 32 68.67 52.44 -36.09
N GLN AA 33 67.40 52.03 -35.98
CA GLN AA 33 66.84 51.72 -34.67
C GLN AA 33 67.65 50.61 -33.99
N SER AA 34 67.93 49.55 -34.75
CA SER AA 34 68.73 48.45 -34.23
C SER AA 34 70.14 48.91 -33.87
N GLU AA 35 70.72 49.79 -34.67
CA GLU AA 35 72.07 50.28 -34.41
C GLU AA 35 72.11 51.11 -33.14
N ILE AA 36 71.14 52.02 -32.97
CA ILE AA 36 71.11 52.83 -31.76
C ILE AA 36 70.90 51.96 -30.53
N LYS AA 37 69.99 51.00 -30.62
CA LYS AA 37 69.73 50.11 -29.49
C LYS AA 37 70.96 49.28 -29.15
N HIS AA 38 71.59 48.68 -30.16
CA HIS AA 38 72.80 47.89 -29.93
C HIS AA 38 73.92 48.76 -29.39
N GLY AA 39 74.02 49.99 -29.88
CA GLY AA 39 75.06 50.88 -29.38
C GLY AA 39 74.88 51.22 -27.92
N ARG AA 40 73.65 51.53 -27.52
CA ARG AA 40 73.38 51.80 -26.11
C ARG AA 40 73.65 50.56 -25.25
N ILE AA 41 73.19 49.39 -25.70
CA ILE AA 41 73.41 48.17 -24.96
C ILE AA 41 74.89 47.87 -24.82
N SER AA 42 75.65 48.05 -25.91
CA SER AA 42 77.07 47.75 -25.89
C SER AA 42 77.86 48.78 -25.12
N MET AA 43 77.43 50.05 -25.12
CA MET AA 43 78.07 51.04 -24.26
C MET AA 43 77.90 50.67 -22.80
N LEU AA 44 76.67 50.30 -22.41
CA LEU AA 44 76.44 49.85 -21.05
C LEU AA 44 77.28 48.61 -20.74
N ALA AA 45 77.35 47.68 -21.68
CA ALA AA 45 78.08 46.44 -21.47
C ALA AA 45 79.58 46.68 -21.30
N ALA AA 46 80.16 47.53 -22.15
CA ALA AA 46 81.58 47.83 -22.03
C ALA AA 46 81.88 48.55 -20.73
N MET AA 47 81.02 49.52 -20.36
CA MET AA 47 81.22 50.23 -19.11
C MET AA 47 81.14 49.27 -17.92
N GLY AA 48 80.17 48.37 -17.93
CA GLY AA 48 80.02 47.42 -16.83
C GLY AA 48 80.93 46.22 -16.88
N TYR AA 49 81.68 46.07 -17.96
CA TYR AA 49 82.71 45.05 -18.04
C TYR AA 49 84.10 45.61 -17.74
N MET AA 50 84.29 46.92 -17.85
CA MET AA 50 85.54 47.55 -17.46
C MET AA 50 85.49 48.18 -16.07
N THR AA 51 84.33 48.63 -15.60
CA THR AA 51 84.24 49.24 -14.28
C THR AA 51 84.60 48.29 -13.14
N PRO AA 52 84.16 47.01 -13.11
CA PRO AA 52 84.57 46.13 -12.01
C PRO AA 52 86.07 45.92 -11.93
N GLU AA 53 86.81 46.48 -12.89
CA GLU AA 53 88.27 46.50 -12.86
C GLU AA 53 88.83 47.85 -12.47
N ILE AA 54 88.32 48.94 -13.05
CA ILE AA 54 88.73 50.28 -12.63
C ILE AA 54 88.36 50.52 -11.17
N THR AA 55 87.14 50.16 -10.80
CA THR AA 55 86.64 50.31 -9.45
C THR AA 55 86.29 48.93 -8.91
N GLY AA 56 86.52 48.73 -7.62
CA GLY AA 56 86.18 47.47 -7.00
C GLY AA 56 84.70 47.15 -7.13
N LYS AA 57 84.39 45.86 -7.07
CA LYS AA 57 83.01 45.42 -7.16
C LYS AA 57 82.20 46.03 -6.02
N PHE AA 58 80.95 46.38 -6.34
CA PHE AA 58 80.05 47.12 -5.45
C PHE AA 58 80.08 46.59 -4.03
N PRO AA 59 80.01 47.46 -3.02
CA PRO AA 59 79.99 47.00 -1.63
C PRO AA 59 78.59 46.53 -1.24
N GLY AA 60 78.45 45.22 -1.06
CA GLY AA 60 77.15 44.67 -0.70
C GLY AA 60 77.10 43.17 -0.88
N TYR AA 61 75.88 42.67 -1.09
CA TYR AA 61 75.62 41.24 -1.19
C TYR AA 61 75.03 40.83 -2.52
N LEU AA 62 74.02 41.54 -3.01
CA LEU AA 62 73.32 41.21 -4.25
C LEU AA 62 72.47 39.96 -4.06
N SER AA 63 72.64 39.27 -2.94
CA SER AA 63 71.82 38.12 -2.58
C SER AA 63 72.01 37.78 -1.12
N PRO AA 64 71.42 38.55 -0.19
CA PRO AA 64 71.61 38.24 1.24
C PRO AA 64 71.11 36.86 1.61
N SER AA 65 70.02 36.40 1.01
CA SER AA 65 69.49 35.08 1.35
C SER AA 65 70.44 33.97 0.91
N LEU AA 66 71.00 34.08 -0.29
CA LEU AA 66 71.93 33.08 -0.80
C LEU AA 66 73.37 33.36 -0.38
N ASN AA 67 73.60 34.42 0.40
CA ASN AA 67 74.89 34.78 0.96
C ASN AA 67 75.91 35.20 -0.08
N LEU AA 68 75.49 35.45 -1.32
CA LEU AA 68 76.41 35.94 -2.32
C LEU AA 68 76.83 37.38 -2.00
N LYS AA 69 77.88 37.84 -2.68
CA LYS AA 69 78.34 39.21 -2.57
C LYS AA 69 78.68 39.73 -3.96
N PHE AA 70 78.66 41.04 -4.11
CA PHE AA 70 79.15 41.62 -5.37
C PHE AA 70 80.63 41.32 -5.58
N ALA AA 71 81.37 41.04 -4.50
CA ALA AA 71 82.81 40.84 -4.59
C ALA AA 71 83.19 39.39 -4.84
N ASP AA 72 82.29 38.43 -4.64
CA ASP AA 72 82.60 37.03 -4.90
C ASP AA 72 81.86 36.48 -6.11
N VAL AA 73 81.38 37.34 -6.99
CA VAL AA 73 80.86 36.95 -8.29
C VAL AA 73 81.88 37.37 -9.34
N PRO AA 74 82.47 36.43 -10.07
CA PRO AA 74 83.54 36.79 -11.01
C PRO AA 74 83.04 37.72 -12.10
N ASN AA 75 83.85 38.74 -12.40
CA ASN AA 75 83.50 39.69 -13.44
C ASN AA 75 83.60 39.05 -14.82
N GLY AA 76 82.69 39.42 -15.71
CA GLY AA 76 82.76 38.98 -17.08
C GLY AA 76 81.83 37.83 -17.44
N LEU AA 77 82.24 37.04 -18.43
CA LEU AA 77 81.41 35.93 -18.91
C LEU AA 77 81.26 34.83 -17.88
N ALA AA 78 82.04 34.84 -16.80
CA ALA AA 78 81.86 33.88 -15.73
C ALA AA 78 80.72 34.26 -14.79
N ALA AA 79 80.17 35.46 -14.93
CA ALA AA 79 79.10 35.92 -14.04
C ALA AA 79 77.72 35.42 -14.46
N VAL AA 80 77.58 34.89 -15.67
CA VAL AA 80 76.26 34.46 -16.14
C VAL AA 80 75.73 33.31 -15.29
N SER AA 81 76.63 32.42 -14.85
CA SER AA 81 76.25 31.30 -14.01
C SER AA 81 76.44 31.58 -12.52
N LYS AA 82 76.84 32.80 -12.16
CA LYS AA 82 77.06 33.17 -10.77
C LYS AA 82 76.03 34.15 -10.23
N VAL AA 83 75.64 35.14 -11.03
CA VAL AA 83 74.55 36.03 -10.59
C VAL AA 83 73.30 35.19 -10.39
N PRO AA 84 72.54 35.39 -9.32
CA PRO AA 84 71.39 34.53 -9.06
C PRO AA 84 70.40 34.54 -10.22
N ALA AA 85 69.77 33.38 -10.46
CA ALA AA 85 68.86 33.26 -11.58
C ALA AA 85 67.72 34.27 -11.48
N ALA AA 86 67.22 34.51 -10.26
CA ALA AA 86 66.22 35.55 -10.09
C ALA AA 86 66.80 36.93 -10.37
N GLY AA 87 68.08 37.13 -10.10
CA GLY AA 87 68.70 38.40 -10.46
C GLY AA 87 68.73 38.62 -11.96
N TRP AA 88 69.10 37.59 -12.72
CA TRP AA 88 69.04 37.68 -14.18
C TRP AA 88 67.61 37.90 -14.64
N ALA AA 89 66.65 37.24 -14.00
CA ALA AA 89 65.25 37.43 -14.35
C ALA AA 89 64.83 38.88 -14.14
N GLN AA 90 65.26 39.49 -13.04
CA GLN AA 90 64.91 40.89 -12.78
C GLN AA 90 65.61 41.83 -13.75
N ILE AA 91 66.86 41.53 -14.12
CA ILE AA 91 67.55 42.36 -15.11
C ILE AA 91 66.81 42.29 -16.45
N LEU AA 92 66.43 41.08 -16.85
CA LEU AA 92 65.67 40.93 -18.09
C LEU AA 92 64.29 41.59 -17.97
N GLY AA 93 63.71 41.61 -16.77
CA GLY AA 93 62.45 42.30 -16.58
C GLY AA 93 62.57 43.80 -16.75
N TYR AA 94 63.64 44.39 -16.22
CA TYR AA 94 63.86 45.81 -16.45
C TYR AA 94 64.12 46.09 -17.92
N MET AA 95 64.86 45.22 -18.59
CA MET AA 95 65.05 45.38 -20.03
C MET AA 95 63.73 45.31 -20.77
N ALA AA 96 62.85 44.39 -20.36
CA ALA AA 96 61.54 44.27 -21.00
C ALA AA 96 60.68 45.49 -20.72
N TYR AA 97 60.79 46.07 -19.53
CA TYR AA 97 60.08 47.32 -19.26
C TYR AA 97 60.60 48.43 -20.16
N CYS AA 98 61.91 48.49 -20.37
CA CYS AA 98 62.47 49.48 -21.29
C CYS AA 98 61.96 49.26 -22.71
N GLU AA 99 61.84 48.00 -23.12
CA GLU AA 99 61.49 47.67 -24.50
C GLU AA 99 60.00 47.65 -24.78
N THR AA 100 59.15 47.62 -23.75
CA THR AA 100 57.71 47.48 -23.94
C THR AA 100 56.90 48.64 -23.41
N SER AA 101 57.46 49.49 -22.56
CA SER AA 101 56.71 50.63 -22.05
C SER AA 101 56.33 51.58 -23.17
N GLN AA 102 57.31 52.12 -23.87
CA GLN AA 102 57.07 53.00 -25.01
C GLN AA 102 57.10 52.19 -26.30
N ASP AA 103 56.23 52.56 -27.23
CA ASP AA 103 56.15 51.86 -28.51
C ASP AA 103 57.43 52.04 -29.31
N GLN AA 104 57.86 50.96 -29.97
CA GLN AA 104 59.03 50.99 -30.83
C GLN AA 104 58.69 50.63 -32.27
N SER AA 105 57.42 50.70 -32.65
CA SER AA 105 57.02 50.37 -34.01
C SER AA 105 57.49 51.45 -34.97
N ALA AA 106 57.32 51.18 -36.27
CA ALA AA 106 57.78 52.10 -37.30
C ALA AA 106 56.99 53.42 -37.25
N GLY AA 107 57.65 54.49 -37.71
CA GLY AA 107 57.03 55.79 -37.74
C GLY AA 107 56.68 56.35 -36.38
N THR AA 108 57.45 56.03 -35.36
CA THR AA 108 57.24 56.47 -34.00
C THR AA 108 58.57 56.97 -33.43
N PRO AA 109 58.53 57.80 -32.38
CA PRO AA 109 59.78 58.20 -31.74
C PRO AA 109 60.61 57.01 -31.25
N GLY AA 110 59.95 55.94 -30.80
CA GLY AA 110 60.68 54.74 -30.41
C GLY AA 110 61.43 54.08 -31.55
N ALA AA 111 61.06 54.37 -32.80
CA ALA AA 111 61.73 53.81 -33.94
C ALA AA 111 63.04 54.51 -34.26
N ALA AA 112 63.32 55.66 -33.63
CA ALA AA 112 64.57 56.38 -33.84
C ALA AA 112 65.37 56.49 -32.54
N GLY AA 113 65.07 55.66 -31.56
CA GLY AA 113 65.71 55.75 -30.26
C GLY AA 113 65.19 56.87 -29.39
N GLU AA 114 64.11 57.55 -29.81
CA GLU AA 114 63.55 58.68 -29.08
C GLU AA 114 62.55 58.16 -28.06
N PHE AA 115 63.03 57.88 -26.85
CA PHE AA 115 62.16 57.44 -25.77
C PHE AA 115 61.88 58.53 -24.74
N GLY AA 116 62.79 59.47 -24.55
CA GLY AA 116 62.58 60.54 -23.61
C GLY AA 116 63.59 60.60 -22.49
N PHE AA 117 64.81 60.10 -22.75
CA PHE AA 117 65.85 60.14 -21.73
C PHE AA 117 66.22 61.58 -21.37
N LYS AA 118 66.53 62.39 -22.39
CA LYS AA 118 66.63 63.84 -22.33
C LYS AA 118 67.73 64.36 -21.40
N VAL AA 119 68.56 63.51 -20.80
CA VAL AA 119 69.52 64.02 -19.83
C VAL AA 119 70.73 64.63 -20.54
N ILE AA 120 71.28 63.92 -21.54
CA ILE AA 120 72.35 64.47 -22.36
C ILE AA 120 71.69 65.03 -23.61
N THR AA 121 71.49 66.35 -23.63
CA THR AA 121 70.74 66.98 -24.71
C THR AA 121 71.14 68.45 -24.77
N SER AA 122 70.46 69.18 -25.64
CA SER AA 122 70.61 70.62 -25.79
C SER AA 122 69.39 71.14 -26.53
N ASP AA 123 69.44 72.41 -26.95
CA ASP AA 123 68.38 72.98 -27.76
C ASP AA 123 68.83 73.43 -29.15
N ASP AA 124 70.14 73.57 -29.37
CA ASP AA 124 70.66 73.96 -30.68
C ASP AA 124 70.65 72.75 -31.60
N ASP AA 125 69.79 72.78 -32.62
CA ASP AA 125 69.58 71.60 -33.46
C ASP AA 125 70.88 71.06 -34.02
N GLU AA 126 71.82 71.95 -34.37
CA GLU AA 126 73.12 71.50 -34.82
C GLU AA 126 73.83 70.72 -33.71
N VAL AA 127 73.78 71.22 -32.47
CA VAL AA 127 74.38 70.50 -31.36
C VAL AA 127 73.62 69.21 -31.10
N LEU AA 128 72.31 69.21 -31.28
CA LEU AA 128 71.54 67.97 -31.16
C LEU AA 128 72.04 66.91 -32.14
N LYS AA 129 72.23 67.30 -33.39
CA LYS AA 129 72.74 66.38 -34.40
C LYS AA 129 74.14 65.91 -34.05
N ARG AA 130 75.00 66.83 -33.58
CA ARG AA 130 76.35 66.45 -33.21
C ARG AA 130 76.36 65.44 -32.08
N LYS AA 131 75.51 65.65 -31.07
CA LYS AA 131 75.45 64.72 -29.95
C LYS AA 131 74.86 63.38 -30.37
N LEU AA 132 73.86 63.39 -31.26
CA LEU AA 132 73.33 62.12 -31.77
C LEU AA 132 74.39 61.35 -32.54
N ALA AA 133 75.15 62.04 -33.39
CA ALA AA 133 76.21 61.37 -34.14
C ALA AA 133 77.29 60.86 -33.19
N SER AA 134 77.59 61.62 -32.14
CA SER AA 134 78.55 61.16 -31.14
C SER AA 134 78.05 59.91 -30.44
N GLU AA 135 76.76 59.86 -30.11
CA GLU AA 135 76.19 58.66 -29.52
C GLU AA 135 76.30 57.48 -30.45
N LEU AA 136 76.00 57.68 -31.74
CA LEU AA 136 76.10 56.59 -32.70
C LEU AA 136 77.54 56.08 -32.84
N ALA AA 137 78.50 57.01 -32.91
CA ALA AA 137 79.90 56.60 -33.04
C ALA AA 137 80.38 55.87 -31.80
N ASN AA 138 80.06 56.39 -30.62
CA ASN AA 138 80.42 55.70 -29.39
C ASN AA 138 79.76 54.34 -29.30
N GLY AA 139 78.52 54.24 -29.80
CA GLY AA 139 77.83 52.96 -29.79
C GLY AA 139 78.49 51.93 -30.68
N ARG AA 140 78.89 52.34 -31.89
CA ARG AA 140 79.60 51.42 -32.79
C ARG AA 140 80.93 50.98 -32.18
N LEU AA 141 81.68 51.95 -31.64
CA LEU AA 141 82.94 51.63 -30.98
C LEU AA 141 82.72 50.67 -29.83
N ALA AA 142 81.65 50.88 -29.06
CA ALA AA 142 81.35 50.00 -27.93
C ALA AA 142 80.90 48.62 -28.39
N MET AA 143 80.19 48.54 -29.52
CA MET AA 143 79.84 47.23 -30.07
C MET AA 143 81.10 46.42 -30.35
N MET AA 144 82.02 47.00 -31.11
CA MET AA 144 83.24 46.28 -31.43
C MET AA 144 84.05 46.00 -30.17
N ALA AA 145 84.10 46.97 -29.26
CA ALA AA 145 84.88 46.80 -28.04
C ALA AA 145 84.34 45.69 -27.17
N ILE AA 146 83.01 45.64 -27.00
CA ILE AA 146 82.43 44.63 -26.13
C ILE AA 146 82.54 43.24 -26.76
N ILE AA 147 82.44 43.15 -28.09
CA ILE AA 147 82.66 41.85 -28.72
C ILE AA 147 84.10 41.39 -28.50
N GLY AA 148 85.06 42.31 -28.69
CA GLY AA 148 86.45 41.97 -28.43
C GLY AA 148 86.71 41.59 -26.98
N MET AA 149 86.05 42.29 -26.05
CA MET AA 149 86.21 41.98 -24.64
C MET AA 149 85.62 40.61 -24.31
N PHE AA 150 84.46 40.29 -24.89
CA PHE AA 150 83.88 38.96 -24.71
C PHE AA 150 84.83 37.88 -25.21
N TYR AA 151 85.43 38.10 -26.38
CA TYR AA 151 86.32 37.09 -26.92
C TYR AA 151 87.63 37.00 -26.14
N GLN AA 152 88.10 38.12 -25.60
CA GLN AA 152 89.28 38.07 -24.72
C GLN AA 152 88.97 37.29 -23.46
N ASP AA 153 87.77 37.48 -22.90
CA ASP AA 153 87.38 36.71 -21.72
C ASP AA 153 87.24 35.23 -22.04
N GLY AA 154 86.70 34.91 -23.22
CA GLY AA 154 86.49 33.52 -23.57
C GLY AA 154 87.79 32.79 -23.89
N LEU AA 155 88.58 33.32 -24.82
CA LEU AA 155 89.82 32.65 -25.21
C LEU AA 155 90.79 32.56 -24.04
N THR AA 156 90.93 33.65 -23.28
CA THR AA 156 91.79 33.63 -22.11
C THR AA 156 91.00 33.04 -20.93
N GLY AA 157 91.58 33.09 -19.74
CA GLY AA 157 90.93 32.50 -18.59
C GLY AA 157 89.96 33.41 -17.87
N SER AA 158 90.09 34.71 -18.06
CA SER AA 158 89.26 35.67 -17.34
C SER AA 158 89.23 36.97 -18.14
N ALA AA 159 88.68 38.01 -17.52
CA ALA AA 159 88.62 39.32 -18.14
C ALA AA 159 90.03 39.91 -18.25
N TRP AA 160 90.41 40.30 -19.46
CA TRP AA 160 91.68 40.97 -19.71
C TRP AA 160 92.87 40.12 -19.26
N PHE BA 1 -25.77 -52.92 -81.26
CA PHE BA 1 -24.50 -52.54 -80.65
C PHE BA 1 -23.44 -53.59 -80.95
N GLU BA 2 -22.96 -53.60 -82.19
CA GLU BA 2 -22.13 -54.69 -82.67
C GLU BA 2 -20.86 -54.25 -83.37
N ASN BA 3 -20.90 -53.11 -84.05
CA ASN BA 3 -19.93 -52.83 -85.10
C ASN BA 3 -18.56 -52.47 -84.57
N GLU BA 4 -18.46 -51.90 -83.37
CA GLU BA 4 -17.17 -51.42 -82.86
C GLU BA 4 -16.35 -52.61 -82.39
N LEU BA 5 -15.70 -53.28 -83.36
CA LEU BA 5 -14.75 -54.35 -83.11
C LEU BA 5 -15.38 -55.50 -82.32
N GLY BA 6 -14.55 -56.44 -81.88
CA GLY BA 6 -14.98 -57.52 -81.03
C GLY BA 6 -15.84 -58.57 -81.70
N VAL BA 7 -16.14 -58.42 -82.99
CA VAL BA 7 -17.01 -59.34 -83.72
C VAL BA 7 -16.16 -60.09 -84.75
N GLN BA 8 -16.34 -61.40 -84.80
CA GLN BA 8 -15.53 -62.24 -85.67
C GLN BA 8 -16.32 -63.49 -86.03
N ALA BA 9 -15.70 -64.34 -86.85
CA ALA BA 9 -16.39 -65.53 -87.36
C ALA BA 9 -16.85 -66.50 -86.28
N PRO BA 10 -16.05 -66.85 -85.26
CA PRO BA 10 -16.53 -67.81 -84.26
C PRO BA 10 -17.83 -67.40 -83.60
N THR BA 11 -17.98 -66.13 -83.26
CA THR BA 11 -19.21 -65.59 -82.71
C THR BA 11 -19.16 -64.08 -82.75
N GLY BA 12 -20.27 -63.46 -83.15
CA GLY BA 12 -20.34 -62.01 -83.23
C GLY BA 12 -20.47 -61.36 -81.86
N PHE BA 13 -21.58 -61.62 -81.18
CA PHE BA 13 -21.86 -61.04 -79.87
C PHE BA 13 -22.06 -62.17 -78.88
N TRP BA 14 -20.99 -62.50 -78.14
CA TRP BA 14 -21.04 -63.53 -77.11
C TRP BA 14 -21.07 -62.85 -75.75
N ASP BA 15 -22.28 -62.72 -75.19
CA ASP BA 15 -22.44 -62.25 -73.81
C ASP BA 15 -23.80 -62.67 -73.28
N PRO BA 16 -23.91 -63.87 -72.71
CA PRO BA 16 -25.18 -64.26 -72.07
C PRO BA 16 -25.60 -63.33 -70.95
N LEU BA 17 -24.67 -63.01 -70.06
CA LEU BA 17 -24.96 -62.06 -68.99
C LEU BA 17 -24.05 -60.84 -69.16
N GLY BA 18 -23.65 -60.20 -68.06
CA GLY BA 18 -22.75 -59.06 -68.12
C GLY BA 18 -23.29 -57.86 -68.87
N PHE BA 19 -23.19 -57.89 -70.20
CA PHE BA 19 -23.73 -56.80 -71.01
C PHE BA 19 -25.12 -57.20 -71.45
N ALA BA 20 -25.68 -58.21 -70.80
CA ALA BA 20 -27.01 -58.68 -71.15
C ALA BA 20 -28.05 -57.56 -71.28
N LYS BA 21 -27.95 -56.54 -70.43
CA LYS BA 21 -28.95 -55.47 -70.45
C LYS BA 21 -28.80 -54.52 -71.63
N ASP BA 22 -27.68 -54.60 -72.35
CA ASP BA 22 -27.44 -53.81 -73.55
C ASP BA 22 -27.43 -52.30 -73.27
N GLY BA 23 -27.34 -51.49 -74.32
CA GLY BA 23 -27.19 -50.05 -74.14
C GLY BA 23 -25.88 -49.74 -73.45
N SER BA 24 -25.95 -48.82 -72.48
CA SER BA 24 -24.86 -48.57 -71.53
C SER BA 24 -23.54 -48.24 -72.25
N MET BA 25 -23.55 -47.07 -72.90
CA MET BA 25 -22.39 -46.63 -73.67
C MET BA 25 -21.14 -46.53 -72.79
N LYS BA 26 -21.25 -45.85 -71.65
CA LYS BA 26 -20.10 -45.69 -70.77
C LYS BA 26 -19.67 -47.02 -70.17
N ALA BA 27 -20.65 -47.87 -69.83
CA ALA BA 27 -20.32 -49.19 -69.31
C ALA BA 27 -19.53 -50.00 -70.33
N PHE BA 28 -19.95 -49.95 -71.60
CA PHE BA 28 -19.18 -50.68 -72.60
C PHE BA 28 -17.83 -50.02 -72.85
N LYS BA 29 -17.73 -48.70 -72.72
CA LYS BA 29 -16.43 -48.05 -72.84
C LYS BA 29 -15.45 -48.59 -71.80
N ARG BA 30 -15.87 -48.59 -70.53
CA ARG BA 30 -14.98 -49.09 -69.48
C ARG BA 30 -14.72 -50.58 -69.64
N ARG BA 31 -15.74 -51.35 -70.04
CA ARG BA 31 -15.55 -52.79 -70.21
C ARG BA 31 -14.60 -53.09 -71.37
N ARG BA 32 -14.68 -52.32 -72.46
CA ARG BA 32 -13.77 -52.53 -73.58
C ARG BA 32 -12.35 -52.13 -73.21
N ALA BA 33 -12.19 -51.02 -72.48
CA ALA BA 33 -10.86 -50.66 -72.00
C ALA BA 33 -10.29 -51.76 -71.10
N SER BA 34 -11.12 -52.29 -70.21
CA SER BA 34 -10.68 -53.37 -69.33
C SER BA 34 -10.31 -54.61 -70.13
N GLU BA 35 -11.11 -54.96 -71.13
CA GLU BA 35 -10.81 -56.14 -71.93
C GLU BA 35 -9.50 -55.98 -72.69
N ILE BA 36 -9.30 -54.81 -73.31
CA ILE BA 36 -8.08 -54.60 -74.09
C ILE BA 36 -6.85 -54.62 -73.18
N LYS BA 37 -6.89 -53.88 -72.06
CA LYS BA 37 -5.74 -53.87 -71.17
C LYS BA 37 -5.50 -55.24 -70.55
N HIS BA 38 -6.57 -55.93 -70.14
CA HIS BA 38 -6.43 -57.26 -69.59
C HIS BA 38 -5.80 -58.21 -70.60
N GLY BA 39 -6.21 -58.10 -71.86
CA GLY BA 39 -5.60 -58.91 -72.90
C GLY BA 39 -4.12 -58.63 -73.06
N ARG BA 40 -3.74 -57.34 -73.02
CA ARG BA 40 -2.32 -57.00 -73.11
C ARG BA 40 -1.53 -57.59 -71.95
N ILE BA 41 -2.06 -57.45 -70.73
CA ILE BA 41 -1.36 -57.97 -69.56
C ILE BA 41 -1.25 -59.48 -69.63
N ALA BA 42 -2.32 -60.14 -70.07
CA ALA BA 42 -2.33 -61.59 -70.19
C ALA BA 42 -1.33 -62.06 -71.23
N MET BA 43 -1.24 -61.35 -72.37
CA MET BA 43 -0.25 -61.68 -73.37
C MET BA 43 1.15 -61.61 -72.79
N LEU BA 44 1.45 -60.50 -72.11
CA LEU BA 44 2.78 -60.33 -71.53
C LEU BA 44 3.08 -61.43 -70.51
N ALA BA 45 2.10 -61.74 -69.66
CA ALA BA 45 2.33 -62.73 -68.61
C ALA BA 45 2.49 -64.14 -69.20
N THR BA 46 1.72 -64.47 -70.23
CA THR BA 46 1.88 -65.77 -70.89
C THR BA 46 3.26 -65.89 -71.53
N MET BA 47 3.71 -64.83 -72.21
CA MET BA 47 5.04 -64.87 -72.80
C MET BA 47 6.12 -64.96 -71.73
N GLY BA 48 5.95 -64.26 -70.62
CA GLY BA 48 6.89 -64.37 -69.52
C GLY BA 48 6.82 -65.69 -68.79
N TYR BA 49 5.74 -66.45 -68.98
CA TYR BA 49 5.66 -67.80 -68.44
C TYR BA 49 6.25 -68.85 -69.38
N ILE BA 50 6.28 -68.59 -70.68
CA ILE BA 50 6.84 -69.59 -71.59
C ILE BA 50 8.33 -69.33 -71.84
N THR BA 51 8.75 -68.07 -71.75
CA THR BA 51 10.16 -67.74 -72.02
C THR BA 51 11.15 -68.46 -71.11
N PRO BA 52 10.93 -68.61 -69.79
CA PRO BA 52 11.95 -69.27 -68.96
C PRO BA 52 12.24 -70.70 -69.36
N GLU BA 53 11.36 -71.33 -70.14
CA GLU BA 53 11.55 -72.71 -70.57
C GLU BA 53 11.87 -72.83 -72.05
N LEU BA 54 11.16 -72.10 -72.92
CA LEU BA 54 11.49 -72.11 -74.34
C LEU BA 54 12.83 -71.45 -74.61
N THR BA 55 13.21 -70.49 -73.78
CA THR BA 55 14.47 -69.76 -73.95
C THR BA 55 15.27 -69.84 -72.67
N GLY BA 56 16.58 -69.66 -72.79
CA GLY BA 56 17.44 -69.59 -71.63
C GLY BA 56 17.10 -68.41 -70.76
N LYS BA 57 16.83 -68.66 -69.48
CA LYS BA 57 16.56 -67.58 -68.55
C LYS BA 57 17.77 -66.66 -68.46
N PHE BA 58 17.48 -65.36 -68.29
CA PHE BA 58 18.49 -64.31 -68.29
C PHE BA 58 19.71 -64.72 -67.47
N PRO BA 59 20.90 -64.75 -68.07
CA PRO BA 59 22.11 -65.15 -67.34
C PRO BA 59 22.71 -64.05 -66.48
N GLY BA 60 22.03 -62.91 -66.34
CA GLY BA 60 22.57 -61.79 -65.60
C GLY BA 60 22.50 -61.94 -64.09
N LEU BA 61 22.26 -60.83 -63.40
CA LEU BA 61 22.27 -60.81 -61.95
C LEU BA 61 20.96 -60.38 -61.31
N LEU BA 62 20.07 -59.70 -62.04
CA LEU BA 62 18.84 -59.15 -61.51
C LEU BA 62 19.09 -58.33 -60.24
N SER BA 63 19.57 -59.00 -59.19
CA SER BA 63 20.09 -58.31 -58.00
C SER BA 63 21.57 -58.62 -57.88
N PRO BA 64 22.45 -57.75 -58.38
CA PRO BA 64 23.90 -58.03 -58.25
C PRO BA 64 24.35 -58.17 -56.82
N SER BA 65 23.73 -57.43 -55.89
CA SER BA 65 24.08 -57.56 -54.48
C SER BA 65 23.67 -58.93 -53.94
N MET BA 66 22.48 -59.41 -54.31
CA MET BA 66 21.97 -60.67 -53.80
C MET BA 66 22.13 -61.83 -54.78
N GLY BA 67 22.77 -61.60 -55.93
CA GLY BA 67 23.08 -62.67 -56.85
C GLY BA 67 21.89 -63.42 -57.42
N LEU BA 68 20.88 -62.68 -57.88
CA LEU BA 68 19.65 -63.29 -58.41
C LEU BA 68 19.85 -63.60 -59.89
N LYS BA 69 20.51 -64.74 -60.14
CA LYS BA 69 20.95 -65.11 -61.49
C LYS BA 69 19.80 -65.41 -62.44
N TYR BA 70 18.55 -65.26 -62.02
CA TYR BA 70 17.30 -65.50 -62.74
C TYR BA 70 16.97 -66.99 -62.86
N GLU BA 71 17.85 -67.90 -62.45
CA GLU BA 71 17.56 -69.33 -62.53
C GLU BA 71 17.16 -69.93 -61.19
N ASP BA 72 17.59 -69.34 -60.08
CA ASP BA 72 17.20 -69.85 -58.77
C ASP BA 72 15.72 -69.66 -58.52
N ILE BA 73 15.16 -68.55 -59.00
CA ILE BA 73 13.74 -68.26 -58.79
C ILE BA 73 12.91 -68.98 -59.85
N PRO BA 74 11.70 -69.44 -59.50
CA PRO BA 74 10.91 -70.23 -60.46
C PRO BA 74 10.12 -69.38 -61.43
N ASN BA 75 9.28 -70.03 -62.23
CA ASN BA 75 8.42 -69.37 -63.20
C ASN BA 75 6.98 -69.57 -62.74
N GLY BA 76 6.43 -68.54 -62.07
CA GLY BA 76 5.08 -68.60 -61.55
C GLY BA 76 4.99 -68.22 -60.09
N LEU BA 77 4.27 -69.02 -59.31
CA LEU BA 77 4.15 -68.75 -57.88
C LEU BA 77 5.50 -68.90 -57.20
N GLY BA 78 5.69 -68.14 -56.13
CA GLY BA 78 6.96 -68.11 -55.43
C GLY BA 78 7.88 -67.03 -55.92
N ALA BA 79 8.00 -66.90 -57.25
CA ALA BA 79 8.84 -65.86 -57.83
C ALA BA 79 8.39 -64.46 -57.39
N ILE BA 80 7.11 -64.32 -57.04
CA ILE BA 80 6.65 -63.06 -56.47
C ILE BA 80 7.39 -62.76 -55.18
N SER BA 81 7.51 -63.77 -54.32
CA SER BA 81 8.27 -63.63 -53.08
C SER BA 81 9.77 -63.75 -53.28
N LYS BA 82 10.21 -64.21 -54.44
CA LYS BA 82 11.63 -64.40 -54.70
C LYS BA 82 12.28 -63.17 -55.32
N VAL BA 83 11.64 -62.56 -56.30
CA VAL BA 83 12.14 -61.28 -56.85
C VAL BA 83 12.14 -60.24 -55.73
N PRO BA 84 13.22 -59.47 -55.56
CA PRO BA 84 13.30 -58.57 -54.41
C PRO BA 84 12.18 -57.54 -54.42
N ALA BA 85 11.71 -57.18 -53.23
CA ALA BA 85 10.67 -56.17 -53.11
C ALA BA 85 11.12 -54.84 -53.69
N VAL BA 86 12.41 -54.53 -53.58
CA VAL BA 86 12.95 -53.31 -54.18
C VAL BA 86 13.01 -53.39 -55.70
N GLY BA 87 12.75 -54.56 -56.28
CA GLY BA 87 12.64 -54.69 -57.73
C GLY BA 87 11.20 -54.77 -58.16
N TRP BA 88 10.36 -55.45 -57.35
CA TRP BA 88 8.93 -55.40 -57.57
C TRP BA 88 8.41 -53.98 -57.51
N ALA BA 89 9.02 -53.14 -56.65
CA ALA BA 89 8.62 -51.74 -56.57
C ALA BA 89 8.87 -51.03 -57.90
N GLN BA 90 10.00 -51.29 -58.54
CA GLN BA 90 10.28 -50.64 -59.82
C GLN BA 90 9.43 -51.23 -60.94
N ILE BA 91 9.11 -52.53 -60.87
CA ILE BA 91 8.18 -53.10 -61.85
C ILE BA 91 6.82 -52.42 -61.76
N LEU BA 92 6.29 -52.31 -60.52
CA LEU BA 92 5.03 -51.62 -60.33
C LEU BA 92 5.15 -50.14 -60.66
N ALA BA 93 6.34 -49.56 -60.55
CA ALA BA 93 6.53 -48.16 -60.92
C ALA BA 93 6.46 -47.97 -62.43
N TYR BA 94 7.03 -48.91 -63.19
CA TYR BA 94 6.87 -48.87 -64.64
C TYR BA 94 5.41 -49.02 -65.02
N THR BA 95 4.71 -49.94 -64.34
CA THR BA 95 3.26 -50.04 -64.57
C THR BA 95 2.55 -48.74 -64.23
N PHE BA 96 2.96 -48.10 -63.14
CA PHE BA 96 2.37 -46.85 -62.70
C PHE BA 96 2.54 -45.76 -63.75
N TYR BA 97 3.76 -45.64 -64.29
CA TYR BA 97 4.00 -44.62 -65.31
C TYR BA 97 3.22 -44.94 -66.58
N CYS BA 98 3.22 -46.20 -67.01
CA CYS BA 98 2.51 -46.55 -68.23
C CYS BA 98 1.00 -46.44 -68.08
N GLU BA 99 0.48 -46.33 -66.86
CA GLU BA 99 -0.93 -46.16 -66.62
C GLU BA 99 -1.27 -44.77 -66.10
N GLN BA 100 -0.29 -43.86 -66.04
CA GLN BA 100 -0.54 -42.48 -65.67
C GLN BA 100 0.15 -41.47 -66.56
N SER BA 101 0.98 -41.91 -67.51
CA SER BA 101 1.54 -40.97 -68.49
C SER BA 101 0.44 -40.36 -69.35
N GLN BA 102 -0.46 -41.20 -69.86
CA GLN BA 102 -1.64 -40.75 -70.56
C GLN BA 102 -2.87 -41.00 -69.69
N ASP BA 103 -3.94 -40.27 -70.00
CA ASP BA 103 -5.19 -40.42 -69.27
C ASP BA 103 -5.83 -41.77 -69.58
N GLN BA 104 -6.76 -42.17 -68.71
CA GLN BA 104 -7.55 -43.37 -68.94
C GLN BA 104 -9.01 -43.20 -68.53
N SER BA 105 -9.47 -41.97 -68.34
CA SER BA 105 -10.80 -41.73 -67.82
C SER BA 105 -11.84 -41.81 -68.94
N GLU BA 106 -13.09 -41.51 -68.58
CA GLU BA 106 -14.18 -41.55 -69.55
C GLU BA 106 -14.03 -40.43 -70.57
N GLY BA 107 -14.29 -40.77 -71.84
CA GLY BA 107 -14.18 -39.82 -72.92
C GLY BA 107 -12.77 -39.58 -73.41
N SER BA 108 -11.76 -40.14 -72.77
CA SER BA 108 -10.38 -39.96 -73.16
C SER BA 108 -9.95 -41.06 -74.13
N ALA BA 109 -8.81 -40.83 -74.79
CA ALA BA 109 -8.22 -41.87 -75.62
C ALA BA 109 -7.71 -43.04 -74.80
N GLY BA 110 -7.58 -42.87 -73.48
CA GLY BA 110 -7.09 -43.95 -72.64
C GLY BA 110 -8.03 -45.13 -72.58
N GLU BA 111 -9.34 -44.89 -72.61
CA GLU BA 111 -10.28 -46.00 -72.59
C GLU BA 111 -10.50 -46.52 -74.00
N ALA BA 112 -9.40 -46.71 -74.74
CA ALA BA 112 -9.43 -47.37 -76.02
C ALA BA 112 -8.19 -48.22 -76.28
N GLY BA 113 -7.27 -48.32 -75.33
CA GLY BA 113 -5.97 -48.90 -75.59
C GLY BA 113 -5.03 -47.98 -76.34
N ASP BA 114 -5.43 -46.73 -76.58
CA ASP BA 114 -4.63 -45.77 -77.33
C ASP BA 114 -3.72 -45.05 -76.37
N PHE BA 115 -2.48 -45.53 -76.26
CA PHE BA 115 -1.47 -44.90 -75.43
C PHE BA 115 -0.25 -44.46 -76.24
N GLY BA 116 -0.42 -44.32 -77.55
CA GLY BA 116 0.66 -43.86 -78.41
C GLY BA 116 1.84 -44.81 -78.52
N PHE BA 117 1.57 -46.10 -78.70
CA PHE BA 117 2.62 -47.10 -78.87
C PHE BA 117 2.82 -47.50 -80.32
N LYS BA 118 1.73 -47.68 -81.08
CA LYS BA 118 1.78 -47.93 -82.51
C LYS BA 118 2.58 -49.18 -82.86
N VAL BA 119 3.86 -48.99 -83.20
CA VAL BA 119 4.79 -50.01 -83.71
C VAL BA 119 4.09 -51.01 -84.63
N LEU BA 120 3.33 -51.95 -84.05
CA LEU BA 120 2.72 -53.00 -84.84
C LEU BA 120 1.41 -52.56 -85.47
N THR BA 121 1.43 -51.43 -86.17
CA THR BA 121 0.25 -50.93 -86.87
C THR BA 121 0.09 -51.69 -88.18
N SER BA 122 -0.81 -51.21 -89.02
CA SER BA 122 -0.87 -51.57 -90.43
C SER BA 122 -0.62 -50.30 -91.25
N LYS BA 123 -0.80 -50.40 -92.55
CA LYS BA 123 -0.62 -49.27 -93.44
C LYS BA 123 -1.85 -48.36 -93.48
N ASP BA 124 -2.71 -48.43 -92.46
CA ASP BA 124 -3.96 -47.67 -92.40
C ASP BA 124 -4.89 -48.02 -93.56
N GLU BA 125 -4.81 -49.26 -94.05
CA GLU BA 125 -5.65 -49.73 -95.13
C GLU BA 125 -7.00 -50.25 -94.64
N GLU BA 126 -7.42 -49.84 -93.45
CA GLU BA 126 -8.58 -50.36 -92.74
C GLU BA 126 -8.44 -51.85 -92.42
N GLY BA 127 -7.28 -52.43 -92.70
CA GLY BA 127 -6.92 -53.71 -92.12
C GLY BA 127 -6.57 -53.62 -90.65
N LEU BA 128 -6.44 -52.40 -90.12
CA LEU BA 128 -6.38 -52.21 -88.69
C LEU BA 128 -7.66 -52.68 -88.00
N LYS BA 129 -8.77 -52.80 -88.74
CA LYS BA 129 -9.92 -53.49 -88.21
C LYS BA 129 -9.58 -54.95 -87.93
N ARG BA 130 -8.91 -55.60 -88.87
CA ARG BA 130 -8.43 -56.97 -88.65
C ARG BA 130 -7.41 -57.01 -87.53
N LYS BA 131 -6.50 -56.04 -87.49
CA LYS BA 131 -5.46 -56.03 -86.45
C LYS BA 131 -6.07 -55.83 -85.06
N LEU BA 132 -7.09 -54.98 -84.94
CA LEU BA 132 -7.72 -54.75 -83.64
C LEU BA 132 -8.66 -55.87 -83.23
N ASN BA 133 -9.33 -56.51 -84.20
CA ASN BA 133 -10.05 -57.73 -83.86
C ASN BA 133 -9.09 -58.83 -83.42
N SER BA 134 -7.90 -58.87 -84.03
CA SER BA 134 -6.84 -59.73 -83.53
C SER BA 134 -6.45 -59.35 -82.12
N GLU BA 135 -6.32 -58.05 -81.86
CA GLU BA 135 -6.12 -57.56 -80.50
C GLU BA 135 -7.09 -58.23 -79.54
N LEU BA 136 -8.39 -58.04 -79.80
CA LEU BA 136 -9.40 -58.50 -78.85
C LEU BA 136 -9.41 -60.02 -78.72
N ALA BA 137 -9.44 -60.74 -79.84
CA ALA BA 137 -9.55 -62.20 -79.78
C ALA BA 137 -8.27 -62.82 -79.21
N ASN BA 138 -7.12 -62.35 -79.69
CA ASN BA 138 -5.84 -62.81 -79.18
C ASN BA 138 -5.71 -62.54 -77.69
N GLY BA 139 -6.19 -61.38 -77.23
CA GLY BA 139 -6.16 -61.09 -75.81
C GLY BA 139 -7.10 -61.97 -75.01
N ARG BA 140 -8.28 -62.26 -75.55
CA ARG BA 140 -9.20 -63.18 -74.89
C ARG BA 140 -8.57 -64.55 -74.73
N LEU BA 141 -7.96 -65.06 -75.81
CA LEU BA 141 -7.29 -66.36 -75.73
C LEU BA 141 -6.11 -66.30 -74.77
N ALA BA 142 -5.33 -65.23 -74.81
CA ALA BA 142 -4.18 -65.10 -73.92
C ALA BA 142 -4.61 -65.00 -72.48
N MET BA 143 -5.79 -64.46 -72.20
CA MET BA 143 -6.25 -64.35 -70.82
C MET BA 143 -6.82 -65.67 -70.31
N MET BA 144 -7.59 -66.36 -71.16
CA MET BA 144 -7.98 -67.72 -70.83
C MET BA 144 -6.74 -68.55 -70.53
N ALA BA 145 -5.70 -68.39 -71.35
CA ALA BA 145 -4.47 -69.15 -71.15
C ALA BA 145 -3.73 -68.70 -69.89
N ILE BA 146 -3.71 -67.41 -69.61
CA ILE BA 146 -2.94 -66.92 -68.47
C ILE BA 146 -3.56 -67.42 -67.17
N ILE BA 147 -4.89 -67.40 -67.07
CA ILE BA 147 -5.47 -67.93 -65.84
C ILE BA 147 -5.44 -69.46 -65.86
N GLY BA 148 -5.50 -70.08 -67.04
CA GLY BA 148 -5.34 -71.53 -67.09
C GLY BA 148 -4.00 -71.99 -66.55
N MET BA 149 -2.93 -71.30 -66.96
CA MET BA 149 -1.60 -71.64 -66.44
C MET BA 149 -1.42 -71.17 -65.00
N PHE BA 150 -2.11 -70.10 -64.59
CA PHE BA 150 -2.17 -69.76 -63.17
C PHE BA 150 -2.66 -70.94 -62.35
N PHE BA 151 -3.83 -71.48 -62.72
CA PHE BA 151 -4.38 -72.63 -62.02
C PHE BA 151 -3.44 -73.82 -62.13
N GLN BA 152 -3.08 -74.18 -63.35
CA GLN BA 152 -2.12 -75.27 -63.55
C GLN BA 152 -0.95 -75.19 -62.58
N ASP BA 153 -0.31 -74.04 -62.51
CA ASP BA 153 0.82 -73.85 -61.59
C ASP BA 153 0.39 -74.07 -60.15
N GLY BA 154 -0.71 -73.45 -59.72
CA GLY BA 154 -1.10 -73.54 -58.32
C GLY BA 154 -1.47 -74.95 -57.90
N LEU BA 155 -2.29 -75.62 -58.70
CA LEU BA 155 -2.71 -76.98 -58.40
C LEU BA 155 -1.56 -77.98 -58.52
N THR BA 156 -0.60 -77.76 -59.42
CA THR BA 156 0.54 -78.69 -59.48
C THR BA 156 1.66 -78.28 -58.55
N GLY BA 157 1.53 -77.10 -57.94
CA GLY BA 157 2.53 -76.62 -57.00
C GLY BA 157 3.61 -75.76 -57.61
N SER BA 158 4.13 -76.15 -58.76
CA SER BA 158 5.20 -75.45 -59.45
C SER BA 158 4.75 -75.10 -60.86
N ALA BA 159 5.70 -74.66 -61.69
CA ALA BA 159 5.41 -74.15 -63.03
C ALA BA 159 4.44 -75.03 -63.80
N TRP BA 160 4.64 -76.34 -63.76
CA TRP BA 160 3.70 -77.28 -64.35
C TRP BA 160 3.56 -78.52 -63.49
N VAL CA 1 -36.78 23.90 48.39
CA VAL CA 1 -35.62 23.27 47.78
C VAL CA 1 -34.39 23.46 48.66
N ALA CA 2 -34.62 23.80 49.93
CA ALA CA 2 -33.51 24.01 50.85
C ALA CA 2 -32.73 22.72 51.06
N GLY CA 3 -33.42 21.59 51.15
CA GLY CA 3 -32.75 20.31 51.36
C GLY CA 3 -32.58 19.48 50.11
N VAL CA 4 -33.33 19.79 49.07
CA VAL CA 4 -33.30 19.03 47.84
C VAL CA 4 -32.13 19.51 46.98
N CYS CA 5 -31.18 18.61 46.70
CA CYS CA 5 -29.97 18.98 45.99
C CYS CA 5 -29.85 18.36 44.61
N ALA CA 6 -29.81 17.02 44.51
CA ALA CA 6 -29.49 16.43 43.20
C ALA CA 6 -29.67 14.92 43.13
N PRO CA 7 -29.27 14.13 44.13
CA PRO CA 7 -29.66 12.71 44.09
C PRO CA 7 -31.16 12.58 44.00
N LEU CA 8 -31.89 13.44 44.70
CA LEU CA 8 -33.32 13.57 44.53
C LEU CA 8 -33.63 14.51 43.38
N THR CA 9 -34.92 14.79 43.21
CA THR CA 9 -35.38 15.96 42.49
C THR CA 9 -36.51 16.67 43.21
N GLU CA 10 -37.03 16.08 44.29
CA GLU CA 10 -38.20 16.58 44.99
C GLU CA 10 -38.01 16.32 46.48
N LYS CA 11 -39.00 16.74 47.27
CA LYS CA 11 -38.97 16.48 48.70
C LYS CA 11 -39.07 14.98 48.95
N PHE CA 12 -38.25 14.49 49.89
CA PHE CA 12 -38.25 13.07 50.26
C PHE CA 12 -39.19 12.91 51.45
N ASP CA 13 -40.48 12.72 51.16
CA ASP CA 13 -41.50 12.49 52.17
C ASP CA 13 -42.31 11.25 51.83
N PRO CA 14 -41.71 10.06 51.91
CA PRO CA 14 -42.45 8.83 51.62
C PRO CA 14 -43.65 8.67 52.55
N LEU CA 15 -43.37 8.65 53.85
CA LEU CA 15 -44.42 8.81 54.85
C LEU CA 15 -44.65 10.31 54.99
N GLY CA 16 -45.65 10.83 54.29
CA GLY CA 16 -45.87 12.26 54.24
C GLY CA 16 -45.96 12.85 55.62
N LEU CA 17 -44.91 13.56 56.03
CA LEU CA 17 -44.73 13.93 57.42
C LEU CA 17 -44.55 15.42 57.67
N GLY CA 18 -44.12 16.19 56.67
CA GLY CA 18 -44.05 17.63 56.87
C GLY CA 18 -45.42 18.26 56.75
N THR CA 19 -45.98 18.24 55.54
CA THR CA 19 -47.33 18.75 55.24
C THR CA 19 -47.59 20.09 55.93
N GLU CA 20 -46.71 21.05 55.63
CA GLU CA 20 -46.82 22.41 56.15
C GLU CA 20 -46.73 22.42 57.67
N GLU CA 21 -46.93 23.59 58.29
CA GLU CA 21 -46.86 23.81 59.74
C GLU CA 21 -45.70 23.08 60.40
N LYS CA 22 -45.76 21.75 60.47
CA LYS CA 22 -44.68 20.98 61.08
C LYS CA 22 -43.35 21.21 60.38
N MET CA 23 -43.38 21.51 59.08
CA MET CA 23 -42.18 21.57 58.26
C MET CA 23 -41.08 22.45 58.85
N GLU CA 24 -41.46 23.62 59.37
CA GLU CA 24 -40.46 24.53 59.93
C GLU CA 24 -39.80 23.95 61.17
N GLN CA 25 -40.60 23.43 62.10
CA GLN CA 25 -40.06 22.86 63.31
C GLN CA 25 -39.21 21.63 63.00
N PHE CA 26 -39.66 20.82 62.05
CA PHE CA 26 -38.87 19.67 61.62
C PHE CA 26 -37.56 20.11 60.98
N THR CA 27 -37.57 21.23 60.27
CA THR CA 27 -36.34 21.75 59.69
C THR CA 27 -35.37 22.17 60.78
N ALA CA 28 -35.87 22.86 61.80
CA ALA CA 28 -35.02 23.20 62.94
C ALA CA 28 -34.43 21.95 63.58
N ALA CA 29 -35.27 20.93 63.78
CA ALA CA 29 -34.81 19.69 64.40
C ALA CA 29 -33.75 19.01 63.54
N GLU CA 30 -33.97 18.93 62.23
CA GLU CA 30 -33.02 18.28 61.34
C GLU CA 30 -31.70 19.02 61.31
N ILE CA 31 -31.74 20.36 61.22
CA ILE CA 31 -30.50 21.12 61.16
C ILE CA 31 -29.71 20.97 62.45
N LYS CA 32 -30.40 21.05 63.60
CA LYS CA 32 -29.70 20.85 64.87
C LYS CA 32 -29.11 19.45 64.98
N HIS CA 33 -29.88 18.44 64.56
CA HIS CA 33 -29.38 17.08 64.59
C HIS CA 33 -28.17 16.91 63.69
N GLY CA 34 -28.20 17.53 62.51
CA GLY CA 34 -27.07 17.43 61.61
C GLY CA 34 -25.82 18.10 62.15
N ARG CA 35 -25.99 19.26 62.78
CA ARG CA 35 -24.83 19.92 63.40
C ARG CA 35 -24.26 19.06 64.52
N CYS CA 36 -25.13 18.54 65.40
CA CYS CA 36 -24.66 17.69 66.48
C CYS CA 36 -23.98 16.44 65.93
N ALA CA 37 -24.51 15.88 64.85
CA ALA CA 37 -23.94 14.66 64.29
C ALA CA 37 -22.60 14.91 63.63
N MET CA 38 -22.45 16.06 62.96
CA MET CA 38 -21.17 16.40 62.37
C MET CA 38 -20.09 16.54 63.45
N ILE CA 39 -20.39 17.32 64.49
CA ILE CA 39 -19.40 17.46 65.55
C ILE CA 39 -19.19 16.13 66.28
N ALA CA 40 -20.21 15.28 66.33
CA ALA CA 40 -20.06 14.00 67.01
C ALA CA 40 -19.20 13.03 66.20
N CYS CA 41 -19.31 13.06 64.88
CA CYS CA 41 -18.42 12.24 64.05
C CYS CA 41 -16.98 12.72 64.20
N LEU CA 42 -16.77 14.03 64.20
CA LEU CA 42 -15.44 14.55 64.45
C LEU CA 42 -14.93 14.08 65.81
N GLY CA 43 -15.80 14.09 66.82
CA GLY CA 43 -15.46 13.59 68.13
C GLY CA 43 -15.08 12.12 68.13
N TYR CA 44 -15.84 11.29 67.46
CA TYR CA 44 -15.48 9.87 67.40
C TYR CA 44 -14.11 9.68 66.77
N VAL CA 45 -13.83 10.43 65.71
CA VAL CA 45 -12.58 10.20 64.99
C VAL CA 45 -11.38 10.69 65.80
N LEU CA 46 -11.46 11.87 66.41
CA LEU CA 46 -10.20 12.50 66.85
C LEU CA 46 -9.64 12.05 68.20
N PRO CA 47 -10.43 11.98 69.30
CA PRO CA 47 -9.91 11.40 70.55
C PRO CA 47 -9.14 10.12 70.40
N GLU CA 48 -9.40 9.34 69.35
CA GLU CA 48 -8.59 8.16 69.11
C GLU CA 48 -7.18 8.50 68.65
N TRP CA 49 -6.90 9.77 68.32
CA TRP CA 49 -5.59 10.15 67.81
C TRP CA 49 -4.89 11.24 68.62
N PHE CA 50 -5.61 12.03 69.41
CA PHE CA 50 -5.01 12.90 70.40
C PHE CA 50 -6.00 13.09 71.54
N ARG CA 51 -5.49 13.50 72.71
CA ARG CA 51 -6.29 13.28 73.91
C ARG CA 51 -6.34 14.44 74.90
N PHE CA 52 -5.98 15.68 74.49
CA PHE CA 52 -6.34 16.84 75.31
C PHE CA 52 -5.80 16.79 76.74
N PRO CA 53 -4.50 17.07 76.97
CA PRO CA 53 -3.85 16.74 78.24
C PRO CA 53 -4.70 17.00 79.47
N GLY CA 54 -4.84 15.97 80.30
CA GLY CA 54 -5.81 15.93 81.38
C GLY CA 54 -6.91 14.90 81.14
N CYS CA 55 -7.17 14.57 79.88
CA CYS CA 55 -8.15 13.56 79.52
C CYS CA 55 -7.51 12.26 79.06
N GLU CA 56 -6.21 12.08 79.25
CA GLU CA 56 -5.56 10.88 78.75
C GLU CA 56 -5.73 9.72 79.71
N SER CA 57 -6.94 9.50 80.19
CA SER CA 57 -7.32 8.30 80.91
C SER CA 57 -8.63 7.71 80.42
N TYR CA 58 -9.59 8.56 80.05
CA TYR CA 58 -10.93 8.11 79.72
C TYR CA 58 -10.94 7.33 78.41
N GLU CA 59 -11.88 6.40 78.30
CA GLU CA 59 -12.07 5.66 77.06
C GLU CA 59 -13.02 6.42 76.14
N SER CA 60 -12.78 6.29 74.84
CA SER CA 60 -13.56 7.01 73.84
C SER CA 60 -14.86 6.29 73.56
N GLY CA 61 -15.61 6.77 72.57
CA GLY CA 61 -16.85 6.14 72.18
C GLY CA 61 -17.91 6.24 73.27
N LEU CA 62 -18.79 5.26 73.29
CA LEU CA 62 -19.85 5.23 74.29
C LEU CA 62 -19.31 4.97 75.69
N GLY CA 63 -18.12 4.36 75.78
CA GLY CA 63 -17.53 4.14 77.09
C GLY CA 63 -17.27 5.43 77.83
N ALA CA 64 -17.08 6.54 77.12
CA ALA CA 64 -16.92 7.84 77.76
C ALA CA 64 -18.13 8.20 78.59
N LEU CA 65 -19.31 7.69 78.24
CA LEU CA 65 -20.47 7.87 79.09
C LEU CA 65 -20.26 7.22 80.46
N GLY CA 66 -19.69 6.01 80.46
CA GLY CA 66 -19.36 5.37 81.72
C GLY CA 66 -18.22 6.08 82.46
N SER CA 67 -17.19 6.46 81.73
CA SER CA 67 -16.05 7.19 82.30
C SER CA 67 -16.41 8.66 82.43
N LEU CA 68 -15.40 9.52 82.63
CA LEU CA 68 -15.62 10.96 82.63
C LEU CA 68 -16.61 11.36 83.72
N PRO CA 69 -16.15 11.45 84.99
CA PRO CA 69 -17.06 11.53 86.14
C PRO CA 69 -18.36 12.29 85.90
N ALA CA 70 -19.47 11.68 86.31
CA ALA CA 70 -20.80 12.18 85.96
C ALA CA 70 -20.96 13.67 86.23
N GLU CA 71 -20.19 14.21 87.19
CA GLU CA 71 -20.17 15.66 87.38
C GLU CA 71 -19.66 16.37 86.13
N GLY CA 72 -18.60 15.83 85.52
CA GLY CA 72 -18.10 16.42 84.29
C GLY CA 72 -19.07 16.29 83.13
N TRP CA 73 -19.72 15.14 83.02
CA TRP CA 73 -20.77 14.98 82.02
C TRP CA 73 -21.87 16.01 82.23
N PHE CA 74 -22.25 16.24 83.48
CA PHE CA 74 -23.28 17.23 83.78
C PHE CA 74 -22.80 18.64 83.47
N GLN CA 75 -21.51 18.91 83.63
CA GLN CA 75 -20.99 20.21 83.25
C GLN CA 75 -21.03 20.42 81.73
N LEU CA 76 -20.70 19.38 80.98
CA LEU CA 76 -20.83 19.45 79.52
C LEU CA 76 -22.29 19.69 79.13
N VAL CA 77 -23.20 18.95 79.76
CA VAL CA 77 -24.63 19.13 79.50
C VAL CA 77 -25.07 20.52 79.91
N ALA CA 78 -24.49 21.06 80.97
CA ALA CA 78 -24.83 22.41 81.42
C ALA CA 78 -24.40 23.45 80.40
N LEU CA 79 -23.21 23.30 79.83
CA LEU CA 79 -22.77 24.21 78.76
C LEU CA 79 -23.71 24.12 77.57
N ILE CA 80 -24.05 22.89 77.17
CA ILE CA 80 -24.94 22.68 76.03
C ILE CA 80 -26.30 23.32 76.28
N GLY CA 81 -26.87 23.08 77.46
CA GLY CA 81 -28.18 23.62 77.78
C GLY CA 81 -28.17 25.13 77.94
N ALA CA 82 -27.11 25.67 78.53
CA ALA CA 82 -26.99 27.12 78.65
C ALA CA 82 -27.00 27.76 77.28
N HIS CA 83 -26.26 27.19 76.33
CA HIS CA 83 -26.34 27.68 74.97
C HIS CA 83 -27.75 27.54 74.42
N GLU CA 84 -28.33 26.34 74.53
CA GLU CA 84 -29.59 26.06 73.86
C GLU CA 84 -30.71 26.97 74.35
N VAL CA 85 -30.78 27.23 75.65
CA VAL CA 85 -31.86 28.06 76.18
C VAL CA 85 -31.51 29.54 76.09
N LEU CA 86 -30.23 29.90 76.12
CA LEU CA 86 -29.82 31.29 76.23
C LEU CA 86 -29.30 31.87 74.92
N VAL CA 87 -29.45 31.18 73.80
CA VAL CA 87 -29.00 31.75 72.53
C VAL CA 87 -30.19 32.36 71.80
N LYS CA 88 -31.23 31.56 71.56
CA LYS CA 88 -32.44 31.94 70.82
C LYS CA 88 -32.12 32.28 69.38
N PRO CA 89 -33.06 32.04 68.45
CA PRO CA 89 -32.85 32.50 67.06
C PRO CA 89 -32.69 34.01 67.02
N ARG CA 90 -32.04 34.48 65.96
CA ARG CA 90 -31.55 35.86 66.00
C ARG CA 90 -32.69 36.88 65.96
N GLU CA 91 -33.40 36.97 64.82
CA GLU CA 91 -34.42 37.98 64.58
C GLU CA 91 -35.02 37.77 63.19
N GLY CA 92 -34.37 38.32 62.18
CA GLY CA 92 -34.78 38.14 60.80
C GLY CA 92 -34.14 36.92 60.19
N GLY CA 93 -33.97 35.88 61.00
CA GLY CA 93 -33.35 34.67 60.52
C GLY CA 93 -34.23 33.89 59.56
N LEU CA 94 -33.58 33.01 58.79
CA LEU CA 94 -34.30 32.18 57.84
C LEU CA 94 -35.16 31.12 58.53
N GLY CA 95 -35.01 30.94 59.83
CA GLY CA 95 -35.82 29.97 60.55
C GLY CA 95 -35.34 29.87 61.98
N ALA CA 96 -35.69 28.75 62.63
CA ALA CA 96 -35.21 28.49 63.98
C ALA CA 96 -33.78 27.98 63.99
N PHE CA 97 -33.24 27.59 62.83
CA PHE CA 97 -31.85 27.20 62.72
C PHE CA 97 -30.91 28.39 62.66
N ASP CA 98 -31.43 29.59 62.40
CA ASP CA 98 -30.60 30.78 62.29
C ASP CA 98 -30.38 31.36 63.68
N PHE CA 99 -29.35 30.84 64.34
CA PHE CA 99 -28.94 31.34 65.65
C PHE CA 99 -27.94 32.48 65.54
N GLY CA 100 -27.74 33.03 64.34
CA GLY CA 100 -26.90 34.18 64.14
C GLY CA 100 -25.43 33.89 63.95
N LEU CA 101 -24.97 32.70 64.34
CA LEU CA 101 -23.55 32.40 64.26
C LEU CA 101 -23.14 32.22 62.80
N GLY CA 102 -22.24 33.09 62.34
CA GLY CA 102 -21.81 33.05 60.96
C GLY CA 102 -22.77 33.65 59.96
N SER CA 103 -23.93 34.13 60.42
CA SER CA 103 -24.91 34.72 59.51
C SER CA 103 -24.38 35.97 58.82
N GLU CA 104 -23.30 36.57 59.34
CA GLU CA 104 -22.68 37.69 58.64
C GLU CA 104 -22.16 37.27 57.28
N LEU CA 105 -21.75 36.01 57.14
CA LEU CA 105 -21.26 35.50 55.86
C LEU CA 105 -22.35 35.37 54.83
N LEU CA 106 -23.61 35.45 55.22
CA LEU CA 106 -24.73 35.39 54.28
C LEU CA 106 -25.20 36.75 53.80
N GLU CA 107 -24.62 37.83 54.32
CA GLU CA 107 -25.07 39.18 53.98
C GLU CA 107 -24.81 39.47 52.51
N GLY CA 108 -25.88 39.69 51.75
CA GLY CA 108 -25.76 39.97 50.33
C GLY CA 108 -25.10 38.85 49.57
N GLN CA 109 -25.66 37.64 49.65
CA GLN CA 109 -25.05 36.45 49.06
C GLN CA 109 -25.85 35.83 47.94
N SER CA 110 -26.97 36.45 47.54
CA SER CA 110 -27.85 35.93 46.48
C SER CA 110 -28.61 34.69 46.95
N ALA CA 111 -29.82 34.51 46.42
CA ALA CA 111 -30.66 33.41 46.89
C ALA CA 111 -30.03 32.06 46.59
N GLU CA 112 -29.42 31.90 45.40
CA GLU CA 112 -28.84 30.61 45.04
C GLU CA 112 -27.73 30.22 45.99
N GLU CA 113 -26.85 31.16 46.34
CA GLU CA 113 -25.71 30.81 47.18
C GLU CA 113 -26.12 30.62 48.64
N VAL CA 114 -27.05 31.42 49.14
CA VAL CA 114 -27.57 31.21 50.49
C VAL CA 114 -28.20 29.82 50.58
N GLU CA 115 -29.06 29.49 49.62
CA GLU CA 115 -29.68 28.18 49.60
C GLU CA 115 -28.65 27.06 49.41
N ARG CA 116 -27.61 27.31 48.63
CA ARG CA 116 -26.57 26.30 48.44
C ARG CA 116 -25.83 26.03 49.73
N LYS CA 117 -25.50 27.08 50.49
CA LYS CA 117 -24.87 26.89 51.79
C LYS CA 117 -25.81 26.12 52.72
N GLN CA 118 -27.10 26.48 52.70
CA GLN CA 118 -28.08 25.75 53.50
C GLN CA 118 -28.11 24.27 53.15
N THR CA 119 -28.14 23.97 51.85
CA THR CA 119 -28.23 22.59 51.41
C THR CA 119 -26.95 21.82 51.70
N VAL CA 120 -25.79 22.46 51.57
CA VAL CA 120 -24.54 21.82 51.93
C VAL CA 120 -24.55 21.47 53.41
N GLU CA 121 -24.95 22.42 54.25
CA GLU CA 121 -25.04 22.15 55.68
C GLU CA 121 -25.97 20.99 55.96
N ARG CA 122 -27.15 20.99 55.36
CA ARG CA 122 -28.15 19.98 55.69
C ARG CA 122 -27.73 18.60 55.18
N ASN CA 123 -27.19 18.52 53.97
CA ASN CA 123 -26.77 17.23 53.43
C ASN CA 123 -25.56 16.68 54.18
N ASN CA 124 -24.60 17.54 54.54
CA ASN CA 124 -23.49 17.09 55.37
C ASN CA 124 -24.01 16.63 56.73
N GLY CA 125 -25.00 17.32 57.28
CA GLY CA 125 -25.58 16.88 58.53
C GLY CA 125 -26.29 15.54 58.42
N ARG CA 126 -26.95 15.31 57.28
CA ARG CA 126 -27.61 14.02 57.07
C ARG CA 126 -26.59 12.89 56.96
N LEU CA 127 -25.54 13.12 56.18
CA LEU CA 127 -24.48 12.12 56.06
C LEU CA 127 -23.84 11.87 57.42
N ALA CA 128 -23.66 12.92 58.22
CA ALA CA 128 -23.06 12.75 59.53
C ALA CA 128 -24.02 12.08 60.51
N MET CA 129 -25.33 12.29 60.34
CA MET CA 129 -26.29 11.59 61.17
C MET CA 129 -26.23 10.09 60.92
N VAL CA 130 -26.24 9.69 59.65
CA VAL CA 130 -26.11 8.26 59.36
C VAL CA 130 -24.73 7.76 59.77
N GLY CA 131 -23.70 8.58 59.64
CA GLY CA 131 -22.37 8.17 60.05
C GLY CA 131 -22.26 7.93 61.53
N PHE CA 132 -22.81 8.83 62.35
CA PHE CA 132 -22.80 8.62 63.79
C PHE CA 132 -23.67 7.43 64.16
N ALA CA 133 -24.81 7.25 63.50
CA ALA CA 133 -25.63 6.08 63.80
C ALA CA 133 -24.83 4.81 63.57
N GLY CA 134 -24.12 4.74 62.44
CA GLY CA 134 -23.26 3.59 62.19
C GLY CA 134 -22.17 3.44 63.23
N LEU CA 135 -21.53 4.56 63.60
CA LEU CA 135 -20.43 4.51 64.57
C LEU CA 135 -20.92 4.00 65.92
N VAL CA 136 -22.02 4.56 66.42
CA VAL CA 136 -22.51 4.18 67.74
C VAL CA 136 -23.00 2.74 67.74
N SER CA 137 -23.76 2.35 66.71
CA SER CA 137 -24.26 0.98 66.67
C SER CA 137 -23.12 -0.02 66.53
N GLN CA 138 -22.11 0.30 65.72
CA GLN CA 138 -20.98 -0.59 65.54
C GLN CA 138 -20.16 -0.72 66.82
N GLU CA 139 -19.90 0.40 67.49
CA GLU CA 139 -19.15 0.35 68.74
C GLU CA 139 -19.89 -0.44 69.81
N LEU CA 140 -21.21 -0.26 69.90
CA LEU CA 140 -21.99 -0.98 70.90
C LEU CA 140 -22.06 -2.47 70.58
N MET CA 141 -22.62 -2.81 69.42
CA MET CA 141 -22.90 -4.21 69.12
C MET CA 141 -21.63 -4.99 68.85
N PHE CA 142 -20.87 -4.58 67.82
CA PHE CA 142 -19.63 -5.29 67.48
C PHE CA 142 -18.41 -4.39 67.61
#